data_3H0M
#
_entry.id   3H0M
#
_cell.length_a   128.248
_cell.length_b   129.856
_cell.length_c   155.069
_cell.angle_alpha   90.01
_cell.angle_beta   89.96
_cell.angle_gamma   90.11
#
_symmetry.space_group_name_H-M   'P 1'
#
loop_
_entity.id
_entity.type
_entity.pdbx_description
1 polymer 'Glutamyl-tRNA(Gln) amidotransferase subunit A'
2 polymer 'Aspartyl/glutamyl-tRNA(Asn/Gln) amidotransferase subunit B'
3 polymer 'Glutamyl-tRNA(Gln) amidotransferase subunit C'
4 non-polymer GLUTAMINE
5 non-polymer 'MAGNESIUM ION'
6 non-polymer 'ZINC ION'
#
loop_
_entity_poly.entity_id
_entity_poly.type
_entity_poly.pdbx_seq_one_letter_code
_entity_poly.pdbx_strand_id
1 'polypeptide(L)'
;MLWKKSLSELRELLKRGEVSPKEVVESFYDRYNQTEEKVKAYITPLYGKALKQAESLKERELPLFGIPIAVKDNILVEGE
KTTCASKILENFVAPYDATVIERLKKAGALIVGKTNLDEFAMGSSTEYSAFFPTKNPWDLERVPGGSSGGSAASVAVLSA
PVSLGSDTGGSIRQPASFCGVIGIKPTYGRVSRYGLVAFASSLDQIGVFGRRTEDVALVLEVISGWDEKDSTSAKVPVPE
WSEEVKKEVKGLKIGLPKEFFEYELQPQVKEAFENFIKELEKEGFEIKEVSLPHVKYSIPTYYIIAPSEASSNLARYDGV
RYGYRAKEYKDIFEMYARTRDEGFGPEVKRRIMLGTFALSAGYYDAYYLKAQKVRRLITNDFLKAFEEVDVIASPTTPTL
PFKFGERLENPIEMYLSDILTVPANLAGLPAISIPIAWKDGLPVGGQLIGKHWDETTLLQISYLWEQKFKHYEKIPLT
;
A,D,G,J,M,P,S,V
2 'polypeptide(L)'
;MNEKYEAVIGLEIHVQMDTKTKMFCGCKVEFGAEPNTNVCPVCLGMPGALPIVNKRAVEYAIRASLALNCEVHEESVFAR
KHYFYPDLPKGYQISQYEKPLATNGWVELNLPNGEKKKVRIRRLHIEEDAGKNIHEGDKTLVDLNRAGTPLMEIVTEPDI
RTPEEARLFLEKLRNIMRYAGVSKADMEKGQLRCDINVSIRPKGSKEFGTRVEIKNVNSFRFVQKALEYEIERQINVVEE
GGEVVQETRTFDPQTGKTYPMRTKEEAEDYRYFPDPDLVPLKVKKEWIEEIKKNMPELPDQRFERLIKEYGLSEYEAGIL
VNHKEVGDFFEEAVRHFKEPKGIVNWLINDLLGLLRDKGISIEESPVKPEHLAELVKLIKEKVISTKIGKEVIKEMVETG
KTPSQIVEEKGLKQITDENQIKELVKKIFEKHPKEVERLKQGEEKLIGFFVGQVMRETRGKANPQVVNKVIRELVKEV
;
B,E,H,K,N,Q,T,W
3 'polypeptide(L)'
;MVDREWVLKIAKLARLELKEEEIEVFQKQLSDILDFIDQLKELDTENVEPYIQEFEETPMREDEPHPSLDREKALMNAPE
RKDGFFVVPRVVEV
;
C,F,I,L,O,R,U,X
#
loop_
_chem_comp.id
_chem_comp.type
_chem_comp.name
_chem_comp.formula
MG non-polymer 'MAGNESIUM ION' 'Mg 2'
ZN non-polymer 'ZINC ION' 'Zn 2'
#
# COMPACT_ATOMS: atom_id res chain seq x y z
N MET A 1 41.54 44.23 -20.73
CA MET A 1 40.33 43.68 -21.43
C MET A 1 40.11 42.19 -21.10
N LEU A 2 40.66 41.75 -19.97
CA LEU A 2 40.45 40.40 -19.38
C LEU A 2 41.35 39.30 -19.97
N TRP A 3 41.18 39.00 -21.26
CA TRP A 3 42.10 38.10 -21.90
C TRP A 3 43.48 38.77 -22.04
N LYS A 4 43.49 40.08 -21.85
CA LYS A 4 44.73 40.87 -21.86
C LYS A 4 45.42 40.84 -20.51
N LYS A 5 44.80 40.20 -19.52
CA LYS A 5 45.36 40.18 -18.17
C LYS A 5 46.17 38.92 -17.85
N SER A 6 47.15 39.06 -16.96
CA SER A 6 47.99 37.94 -16.56
C SER A 6 47.26 37.09 -15.54
N LEU A 7 47.85 35.95 -15.18
CA LEU A 7 47.23 35.03 -14.22
C LEU A 7 47.20 35.58 -12.82
N SER A 8 48.11 36.53 -12.54
CA SER A 8 48.14 37.21 -11.25
C SER A 8 46.96 38.18 -11.18
N GLU A 9 46.78 38.93 -12.25
CA GLU A 9 45.66 39.86 -12.39
C GLU A 9 44.34 39.07 -12.38
N LEU A 10 44.29 37.96 -13.12
CA LEU A 10 43.09 37.12 -13.17
C LEU A 10 42.78 36.43 -11.85
N ARG A 11 43.80 35.94 -11.16
CA ARG A 11 43.60 35.25 -9.89
C ARG A 11 42.99 36.18 -8.84
N GLU A 12 43.57 37.36 -8.68
CA GLU A 12 43.06 38.32 -7.69
C GLU A 12 41.58 38.68 -7.94
N LEU A 13 41.23 38.88 -9.21
CA LEU A 13 39.84 39.11 -9.64
C LEU A 13 38.90 37.91 -9.36
N LEU A 14 39.41 36.69 -9.48
CA LEU A 14 38.60 35.49 -9.31
C LEU A 14 38.42 35.15 -7.85
N LYS A 15 39.48 35.38 -7.07
CA LYS A 15 39.49 35.10 -5.65
C LYS A 15 38.52 36.01 -4.89
N ARG A 16 38.41 37.26 -5.35
CA ARG A 16 37.51 38.26 -4.75
C ARG A 16 36.17 38.39 -5.50
N GLY A 17 35.87 37.39 -6.32
CA GLY A 17 34.56 37.29 -6.99
C GLY A 17 34.23 38.37 -7.99
N GLU A 18 35.15 39.33 -8.17
CA GLU A 18 34.93 40.41 -9.15
C GLU A 18 34.66 39.84 -10.53
N VAL A 19 35.20 38.64 -10.78
CA VAL A 19 34.91 37.91 -12.00
C VAL A 19 34.67 36.43 -11.68
N SER A 20 34.00 35.74 -12.61
CA SER A 20 33.76 34.31 -12.48
C SER A 20 34.53 33.53 -13.55
N PRO A 21 34.79 32.25 -13.28
CA PRO A 21 35.47 31.36 -14.21
C PRO A 21 34.87 31.42 -15.62
N LYS A 22 33.53 31.47 -15.67
CA LYS A 22 32.77 31.51 -16.91
C LYS A 22 33.13 32.74 -17.75
N GLU A 23 33.28 33.89 -17.11
CA GLU A 23 33.59 35.14 -17.80
C GLU A 23 34.98 35.08 -18.40
N VAL A 24 35.95 34.61 -17.60
CA VAL A 24 37.33 34.40 -18.03
C VAL A 24 37.35 33.58 -19.31
N VAL A 25 36.67 32.43 -19.29
CA VAL A 25 36.57 31.56 -20.45
C VAL A 25 35.94 32.29 -21.64
N GLU A 26 34.84 33.02 -21.37
CA GLU A 26 34.12 33.82 -22.39
C GLU A 26 35.05 34.85 -23.04
N SER A 27 35.85 35.52 -22.21
CA SER A 27 36.83 36.50 -22.67
C SER A 27 37.78 35.92 -23.72
N PHE A 28 38.47 34.83 -23.33
CA PHE A 28 39.42 34.17 -24.20
C PHE A 28 38.74 33.53 -25.41
N TYR A 29 37.51 33.06 -25.21
CA TYR A 29 36.68 32.54 -26.28
C TYR A 29 36.47 33.60 -27.39
N ASP A 30 36.15 34.84 -26.97
CA ASP A 30 35.94 35.91 -27.92
C ASP A 30 37.21 36.21 -28.71
N ARG A 31 38.32 36.34 -27.97
CA ARG A 31 39.66 36.54 -28.53
C ARG A 31 40.03 35.41 -29.48
N TYR A 32 39.60 34.19 -29.10
CA TYR A 32 39.70 33.02 -29.96
C TYR A 32 38.94 33.32 -31.26
N ASN A 33 37.68 33.77 -31.13
CA ASN A 33 36.81 34.07 -32.29
C ASN A 33 37.35 35.20 -33.18
N GLN A 34 37.98 36.18 -32.53
CA GLN A 34 38.71 37.26 -33.24
C GLN A 34 39.83 36.72 -34.14
N THR A 35 40.60 35.73 -33.62
CA THR A 35 41.93 35.42 -34.15
C THR A 35 41.92 34.11 -34.93
N GLU A 36 41.18 33.13 -34.51
CA GLU A 36 41.38 31.77 -34.97
C GLU A 36 41.38 31.56 -36.46
N GLU A 37 40.56 32.30 -37.18
CA GLU A 37 40.46 32.12 -38.63
C GLU A 37 41.77 32.46 -39.34
N LYS A 38 42.52 33.38 -38.74
CA LYS A 38 43.82 33.78 -39.25
C LYS A 38 44.91 32.79 -38.75
N VAL A 39 44.91 32.57 -37.44
CA VAL A 39 45.95 31.79 -36.71
C VAL A 39 45.87 30.28 -36.88
N LYS A 40 44.70 29.69 -36.55
CA LYS A 40 44.45 28.25 -36.61
C LYS A 40 45.30 27.48 -35.58
N ALA A 41 45.22 27.93 -34.33
CA ALA A 41 45.94 27.31 -33.24
C ALA A 41 45.38 25.92 -32.87
N TYR A 42 44.07 25.73 -32.98
CA TYR A 42 43.43 24.54 -32.38
C TYR A 42 42.99 23.48 -33.37
N ILE A 43 43.05 22.22 -32.90
CA ILE A 43 42.41 21.12 -33.63
C ILE A 43 40.99 20.96 -33.08
N THR A 44 40.86 20.99 -31.76
CA THR A 44 39.61 20.76 -31.15
C THR A 44 39.48 21.83 -30.10
N PRO A 45 38.65 22.86 -30.40
CA PRO A 45 38.38 23.92 -29.44
C PRO A 45 37.39 23.38 -28.43
N LEU A 46 37.59 23.68 -27.16
CA LEU A 46 36.72 23.12 -26.15
C LEU A 46 36.25 24.21 -25.22
N TYR A 47 36.19 25.44 -25.73
CA TYR A 47 35.69 26.58 -24.96
C TYR A 47 34.24 26.35 -24.55
N GLY A 48 33.47 25.80 -25.49
CA GLY A 48 32.09 25.35 -25.25
C GLY A 48 32.00 24.50 -24.00
N LYS A 49 32.79 23.42 -23.97
CA LYS A 49 32.73 22.49 -22.85
C LYS A 49 33.33 23.08 -21.57
N ALA A 50 34.32 23.98 -21.75
CA ALA A 50 34.96 24.65 -20.62
C ALA A 50 33.97 25.60 -19.96
N LEU A 51 33.17 26.28 -20.78
CA LEU A 51 32.06 27.12 -20.31
C LEU A 51 31.16 26.40 -19.33
N LYS A 52 30.72 25.19 -19.70
CA LYS A 52 29.89 24.36 -18.83
C LYS A 52 30.61 23.88 -17.56
N GLN A 53 31.89 23.51 -17.70
CA GLN A 53 32.67 23.01 -16.56
C GLN A 53 32.95 24.12 -15.58
N ALA A 54 32.95 25.34 -16.09
CA ALA A 54 33.16 26.53 -15.29
C ALA A 54 32.04 26.77 -14.26
N GLU A 55 30.80 26.44 -14.65
CA GLU A 55 29.64 26.66 -13.79
C GLU A 55 29.77 25.90 -12.47
N SER A 56 30.34 24.69 -12.52
CA SER A 56 30.47 23.85 -11.34
C SER A 56 31.78 24.09 -10.57
N LEU A 57 32.62 24.97 -11.11
CA LEU A 57 33.89 25.31 -10.48
C LEU A 57 33.64 26.30 -9.34
N LYS A 58 33.99 25.92 -8.12
CA LYS A 58 33.66 26.79 -6.99
C LYS A 58 34.79 27.14 -6.04
N GLU A 59 35.62 26.18 -5.64
CA GLU A 59 36.69 26.50 -4.66
C GLU A 59 37.78 27.40 -5.26
N ARG A 60 37.78 28.66 -4.82
CA ARG A 60 38.61 29.71 -5.42
C ARG A 60 40.10 29.59 -5.07
N GLU A 61 40.42 28.93 -3.95
CA GLU A 61 41.81 28.83 -3.48
C GLU A 61 42.68 27.80 -4.24
N LEU A 62 42.05 27.07 -5.16
CA LEU A 62 42.79 26.19 -6.06
C LEU A 62 43.80 26.99 -6.88
N PRO A 63 45.09 26.54 -6.89
CA PRO A 63 46.20 27.28 -7.48
C PRO A 63 45.98 27.79 -8.90
N LEU A 64 45.19 27.09 -9.70
CA LEU A 64 44.88 27.58 -11.04
C LEU A 64 43.37 27.82 -11.23
N PHE A 65 42.72 28.21 -10.13
CA PHE A 65 41.24 28.22 -10.02
C PHE A 65 40.42 28.42 -11.30
N GLY A 66 40.59 29.53 -12.01
CA GLY A 66 39.72 29.75 -13.15
C GLY A 66 40.45 29.83 -14.47
N ILE A 67 41.67 29.30 -14.51
CA ILE A 67 42.56 29.58 -15.62
C ILE A 67 42.31 28.67 -16.81
N PRO A 68 42.00 29.27 -17.96
CA PRO A 68 42.01 28.54 -19.23
C PRO A 68 43.43 28.06 -19.57
N ILE A 69 43.53 26.90 -20.20
CA ILE A 69 44.83 26.35 -20.60
C ILE A 69 44.65 25.54 -21.87
N ALA A 70 45.44 25.87 -22.90
CA ALA A 70 45.45 25.07 -24.10
C ALA A 70 46.40 23.89 -23.87
N VAL A 71 46.18 22.84 -24.64
CA VAL A 71 46.90 21.61 -24.49
C VAL A 71 47.21 21.05 -25.85
N LYS A 72 48.46 20.65 -26.03
CA LYS A 72 48.92 20.09 -27.28
C LYS A 72 48.19 18.77 -27.54
N ASP A 73 47.86 18.50 -28.80
CA ASP A 73 47.01 17.35 -29.08
C ASP A 73 47.77 16.02 -29.21
N ASN A 74 48.86 15.92 -28.46
CA ASN A 74 49.50 14.63 -28.20
C ASN A 74 49.48 14.33 -26.70
N ILE A 75 48.78 15.18 -25.93
CA ILE A 75 48.57 14.93 -24.52
C ILE A 75 47.11 14.53 -24.38
N LEU A 76 46.84 13.39 -23.74
CA LEU A 76 45.49 12.81 -23.68
C LEU A 76 44.60 13.55 -22.71
N VAL A 77 43.44 13.96 -23.23
CA VAL A 77 42.36 14.52 -22.43
C VAL A 77 41.15 13.60 -22.58
N GLU A 78 40.68 13.03 -21.48
CA GLU A 78 39.66 11.98 -21.56
C GLU A 78 38.29 12.45 -22.04
N GLY A 79 37.71 11.67 -22.93
CA GLY A 79 36.41 12.01 -23.44
C GLY A 79 36.52 12.80 -24.71
N GLU A 80 37.68 13.44 -24.95
CA GLU A 80 37.86 14.22 -26.19
C GLU A 80 38.90 13.60 -27.07
N LYS A 81 38.81 13.89 -28.36
CA LYS A 81 39.75 13.39 -29.35
C LYS A 81 41.21 13.78 -29.02
N THR A 82 42.11 12.81 -29.16
CA THR A 82 43.53 13.10 -29.18
C THR A 82 44.04 12.56 -30.50
N THR A 83 44.37 13.49 -31.40
CA THR A 83 44.69 13.20 -32.79
C THR A 83 46.18 13.07 -33.13
N CYS A 84 47.02 13.68 -32.27
CA CYS A 84 48.44 13.91 -32.57
C CYS A 84 48.58 14.48 -33.97
N ALA A 85 47.53 15.18 -34.41
CA ALA A 85 47.45 15.78 -35.72
C ALA A 85 47.73 14.74 -36.78
N SER A 86 47.23 13.52 -36.54
CA SER A 86 47.36 12.42 -37.49
C SER A 86 46.03 11.90 -38.01
N LYS A 87 46.03 11.49 -39.28
CA LYS A 87 44.88 10.75 -39.83
C LYS A 87 44.67 9.42 -39.08
N ILE A 88 45.78 8.80 -38.65
CA ILE A 88 45.71 7.48 -38.00
C ILE A 88 45.05 7.57 -36.63
N LEU A 89 44.89 8.79 -36.14
CA LEU A 89 44.30 9.00 -34.84
C LEU A 89 43.20 10.05 -34.78
N GLU A 90 42.69 10.47 -35.94
CA GLU A 90 41.48 11.32 -35.91
C GLU A 90 40.34 10.41 -35.51
N ASN A 91 39.46 10.91 -34.65
CA ASN A 91 38.35 10.06 -34.12
C ASN A 91 38.78 9.11 -33.01
N PHE A 92 40.06 9.15 -32.62
CA PHE A 92 40.45 8.46 -31.41
C PHE A 92 40.01 9.27 -30.21
N VAL A 93 39.03 8.76 -29.47
CA VAL A 93 38.61 9.39 -28.23
C VAL A 93 39.43 8.86 -27.07
N ALA A 94 40.05 9.76 -26.34
CA ALA A 94 40.95 9.39 -25.28
C ALA A 94 40.20 8.77 -24.13
N PRO A 95 40.56 7.53 -23.76
CA PRO A 95 40.00 6.74 -22.65
C PRO A 95 40.53 7.07 -21.27
N TYR A 96 41.52 7.96 -21.16
CA TYR A 96 42.06 8.33 -19.85
C TYR A 96 42.76 9.70 -19.92
N ASP A 97 42.97 10.33 -18.75
CA ASP A 97 43.71 11.58 -18.65
C ASP A 97 45.21 11.32 -18.57
N ALA A 98 46.00 12.06 -19.34
CA ALA A 98 47.42 12.19 -19.07
C ALA A 98 47.58 12.66 -17.63
N THR A 99 48.66 12.27 -16.97
CA THR A 99 48.87 12.65 -15.57
C THR A 99 48.88 14.16 -15.36
N VAL A 100 49.45 14.90 -16.32
CA VAL A 100 49.50 16.35 -16.23
C VAL A 100 48.08 16.97 -16.26
N ILE A 101 47.21 16.44 -17.12
CA ILE A 101 45.84 16.92 -17.25
C ILE A 101 45.05 16.63 -15.97
N GLU A 102 45.30 15.47 -15.37
CA GLU A 102 44.72 15.14 -14.07
C GLU A 102 45.12 16.18 -13.05
N ARG A 103 46.39 16.57 -13.08
CA ARG A 103 46.93 17.48 -12.07
C ARG A 103 46.49 18.93 -12.31
N LEU A 104 46.33 19.31 -13.56
CA LEU A 104 45.77 20.61 -13.89
C LEU A 104 44.29 20.70 -13.47
N LYS A 105 43.50 19.69 -13.85
CA LYS A 105 42.08 19.62 -13.48
C LYS A 105 41.94 19.73 -11.98
N LYS A 106 42.79 19.03 -11.25
CA LYS A 106 42.71 19.05 -9.80
C LYS A 106 43.12 20.41 -9.27
N ALA A 107 43.80 21.21 -10.10
CA ALA A 107 44.28 22.53 -9.68
C ALA A 107 43.29 23.64 -10.06
N GLY A 108 42.17 23.24 -10.64
CA GLY A 108 41.11 24.17 -11.05
C GLY A 108 41.21 24.66 -12.48
N ALA A 109 42.28 24.30 -13.20
CA ALA A 109 42.43 24.78 -14.57
C ALA A 109 41.27 24.36 -15.46
N LEU A 110 41.12 25.01 -16.60
CA LEU A 110 40.06 24.64 -17.51
C LEU A 110 40.58 24.41 -18.89
N ILE A 111 40.55 23.16 -19.32
CA ILE A 111 41.13 22.85 -20.62
C ILE A 111 40.24 23.45 -21.69
N VAL A 112 40.82 24.34 -22.48
CA VAL A 112 40.06 25.13 -23.41
C VAL A 112 40.21 24.66 -24.85
N GLY A 113 41.10 23.70 -25.08
CA GLY A 113 41.23 23.14 -26.42
C GLY A 113 42.47 22.32 -26.72
N LYS A 114 42.43 21.65 -27.86
CA LYS A 114 43.52 20.79 -28.24
C LYS A 114 44.16 21.43 -29.42
N THR A 115 45.46 21.62 -29.25
CA THR A 115 46.29 22.51 -30.02
C THR A 115 46.95 21.84 -31.22
N ASN A 116 47.11 22.55 -32.33
CA ASN A 116 47.66 21.94 -33.54
C ASN A 116 49.18 21.65 -33.35
N LEU A 117 49.72 20.75 -34.16
CA LEU A 117 51.11 20.31 -34.06
C LEU A 117 51.56 19.69 -35.35
N ASP A 118 52.88 19.52 -35.50
CA ASP A 118 53.35 18.60 -36.53
C ASP A 118 52.85 17.19 -36.13
N GLU A 119 52.54 16.39 -37.15
CA GLU A 119 52.01 15.04 -36.91
C GLU A 119 53.00 14.21 -36.07
N PHE A 120 52.48 13.73 -34.94
CA PHE A 120 53.20 12.95 -33.95
C PHE A 120 54.41 13.71 -33.42
N ALA A 121 54.33 15.04 -33.49
CA ALA A 121 55.30 15.94 -32.86
C ALA A 121 56.66 15.94 -33.58
N MET A 122 56.65 15.60 -34.86
CA MET A 122 57.85 15.48 -35.64
C MET A 122 57.90 16.57 -36.71
N GLY A 123 58.70 17.61 -36.43
CA GLY A 123 58.86 18.75 -37.32
C GLY A 123 59.17 20.01 -36.53
N SER A 124 59.54 21.07 -37.26
CA SER A 124 59.93 22.36 -36.65
C SER A 124 59.09 23.58 -37.09
N SER A 125 57.88 23.36 -37.59
CA SER A 125 57.13 24.45 -38.24
C SER A 125 55.61 24.29 -38.16
N THR A 126 55.13 23.08 -37.84
CA THR A 126 53.68 22.75 -37.76
C THR A 126 53.05 22.46 -39.11
N GLU A 127 53.79 22.76 -40.17
CA GLU A 127 53.33 22.43 -41.50
C GLU A 127 52.96 20.96 -41.67
N TYR A 128 53.51 20.08 -40.83
CA TYR A 128 53.27 18.63 -40.96
C TYR A 128 52.06 18.12 -40.18
N SER A 129 51.29 19.04 -39.59
CA SER A 129 49.93 18.74 -39.14
C SER A 129 49.18 18.16 -40.32
N ALA A 130 48.55 17.01 -40.12
CA ALA A 130 47.85 16.31 -41.21
C ALA A 130 46.55 17.03 -41.58
N PHE A 131 46.20 18.03 -40.79
CA PHE A 131 44.94 18.73 -40.96
C PHE A 131 45.06 20.12 -41.63
N PHE A 132 45.95 20.95 -41.09
CA PHE A 132 46.15 22.32 -41.55
C PHE A 132 47.32 22.98 -40.84
N PRO A 133 48.02 23.91 -41.53
CA PRO A 133 49.07 24.73 -40.92
C PRO A 133 48.52 25.73 -39.92
N THR A 134 49.20 25.88 -38.77
CA THR A 134 49.02 27.03 -37.91
C THR A 134 49.96 28.11 -38.43
N LYS A 135 49.56 29.37 -38.26
CA LYS A 135 50.30 30.54 -38.81
C LYS A 135 50.82 31.46 -37.70
N ASN A 136 51.99 32.06 -37.94
CA ASN A 136 52.59 33.03 -37.01
C ASN A 136 51.75 34.31 -36.92
N PRO A 137 51.16 34.56 -35.74
CA PRO A 137 50.40 35.78 -35.45
C PRO A 137 51.17 37.10 -35.66
N TRP A 138 52.49 37.06 -35.77
CA TRP A 138 53.24 38.28 -36.03
C TRP A 138 53.51 38.45 -37.52
N ASP A 139 53.26 37.40 -38.30
CA ASP A 139 53.27 37.54 -39.75
C ASP A 139 52.72 36.21 -40.31
N LEU A 140 51.47 36.25 -40.76
CA LEU A 140 50.77 35.04 -41.19
C LEU A 140 51.35 34.44 -42.48
N GLU A 141 52.35 35.10 -43.07
CA GLU A 141 53.15 34.48 -44.14
C GLU A 141 54.24 33.57 -43.53
N ARG A 142 54.38 33.62 -42.20
CA ARG A 142 55.46 32.92 -41.49
C ARG A 142 55.00 31.77 -40.54
N VAL A 143 55.89 30.79 -40.37
CA VAL A 143 55.58 29.61 -39.54
C VAL A 143 55.71 29.97 -38.06
N PRO A 144 54.90 29.33 -37.20
CA PRO A 144 54.98 29.62 -35.76
C PRO A 144 56.03 28.74 -35.07
N GLY A 145 56.71 27.93 -35.87
CA GLY A 145 57.62 26.91 -35.35
C GLY A 145 56.93 25.56 -35.14
N GLY A 146 57.70 24.59 -34.65
CA GLY A 146 57.16 23.27 -34.34
C GLY A 146 58.02 22.45 -33.41
N SER A 147 57.46 21.39 -32.83
CA SER A 147 56.13 20.88 -33.20
C SER A 147 54.95 21.50 -32.41
N SER A 148 55.18 22.02 -31.21
CA SER A 148 54.10 22.76 -30.51
C SER A 148 53.63 24.10 -31.14
N GLY A 149 53.41 24.13 -32.45
CA GLY A 149 52.98 25.35 -33.15
C GLY A 149 51.79 26.11 -32.54
N GLY A 150 50.65 25.41 -32.42
CA GLY A 150 49.43 25.97 -31.94
C GLY A 150 49.48 26.37 -30.49
N SER A 151 50.32 25.73 -29.71
CA SER A 151 50.32 26.03 -28.28
C SER A 151 51.06 27.33 -28.04
N ALA A 152 52.03 27.59 -28.92
CA ALA A 152 52.83 28.81 -28.87
C ALA A 152 51.95 29.92 -29.37
N ALA A 153 51.45 29.75 -30.59
CA ALA A 153 50.60 30.72 -31.27
C ALA A 153 49.42 31.21 -30.41
N SER A 154 48.70 30.29 -29.79
CA SER A 154 47.51 30.67 -29.03
C SER A 154 47.90 31.46 -27.81
N VAL A 155 49.09 31.19 -27.29
CA VAL A 155 49.59 31.98 -26.17
C VAL A 155 50.07 33.37 -26.66
N ALA A 156 50.56 33.41 -27.90
CA ALA A 156 51.02 34.65 -28.49
C ALA A 156 49.83 35.63 -28.74
N VAL A 157 48.76 35.15 -29.37
CA VAL A 157 47.54 35.97 -29.61
C VAL A 157 46.72 36.13 -28.34
N LEU A 158 47.04 35.34 -27.33
CA LEU A 158 46.29 35.33 -26.07
C LEU A 158 44.83 34.83 -26.22
N SER A 159 44.60 33.93 -27.15
CA SER A 159 43.41 33.07 -27.14
C SER A 159 43.45 32.06 -25.96
N ALA A 160 44.63 31.86 -25.37
CA ALA A 160 44.77 31.33 -23.99
C ALA A 160 46.00 31.95 -23.38
N PRO A 161 45.99 32.12 -22.05
CA PRO A 161 47.11 32.81 -21.38
C PRO A 161 48.34 31.92 -21.24
N VAL A 162 48.11 30.62 -21.13
CA VAL A 162 49.15 29.68 -20.77
C VAL A 162 48.86 28.37 -21.51
N SER A 163 49.88 27.55 -21.74
CA SER A 163 49.73 26.44 -22.65
C SER A 163 50.69 25.30 -22.28
N LEU A 164 50.31 24.06 -22.61
CA LEU A 164 51.18 22.91 -22.49
C LEU A 164 51.64 22.50 -23.88
N GLY A 165 52.93 22.24 -24.03
CA GLY A 165 53.49 21.63 -25.24
C GLY A 165 54.35 20.42 -24.85
N SER A 166 55.05 19.83 -25.82
CA SER A 166 56.09 18.86 -25.49
C SER A 166 57.39 19.19 -26.26
N ASP A 167 58.54 18.79 -25.72
CA ASP A 167 59.86 19.13 -26.27
C ASP A 167 60.71 17.84 -26.39
N THR A 168 60.93 17.38 -27.61
CA THR A 168 61.78 16.20 -27.82
C THR A 168 63.17 16.66 -28.31
N GLY A 169 63.20 17.74 -29.08
CA GLY A 169 64.44 18.29 -29.62
C GLY A 169 64.27 19.77 -29.84
N GLY A 170 63.48 20.41 -28.99
CA GLY A 170 63.27 21.84 -29.10
C GLY A 170 61.84 22.30 -29.36
N SER A 171 60.87 21.39 -29.18
CA SER A 171 59.49 21.62 -29.64
C SER A 171 58.63 22.54 -28.80
N ILE A 172 59.17 22.95 -27.67
CA ILE A 172 58.62 24.06 -26.94
C ILE A 172 59.44 25.31 -27.26
N ARG A 173 60.75 25.21 -27.09
CA ARG A 173 61.64 26.36 -27.18
C ARG A 173 61.60 27.08 -28.53
N GLN A 174 61.68 26.35 -29.62
CA GLN A 174 61.75 27.00 -30.91
C GLN A 174 60.45 27.75 -31.25
N PRO A 175 59.27 27.11 -30.97
CA PRO A 175 57.99 27.79 -31.08
C PRO A 175 57.90 29.04 -30.21
N ALA A 176 58.41 28.94 -28.98
CA ALA A 176 58.42 30.08 -28.09
C ALA A 176 59.21 31.20 -28.71
N SER A 177 60.34 30.87 -29.32
CA SER A 177 61.21 31.87 -29.94
C SER A 177 60.44 32.57 -31.07
N PHE A 178 59.98 31.77 -32.05
CA PHE A 178 59.25 32.26 -33.22
C PHE A 178 57.95 33.06 -32.89
N CYS A 179 57.27 32.71 -31.81
CA CYS A 179 56.00 33.39 -31.51
C CYS A 179 56.18 34.43 -30.42
N GLY A 180 57.40 34.68 -30.01
CA GLY A 180 57.66 35.80 -29.09
C GLY A 180 57.02 35.58 -27.74
N VAL A 181 57.21 34.37 -27.23
CA VAL A 181 56.59 33.91 -25.99
C VAL A 181 57.63 33.13 -25.18
N ILE A 182 57.43 33.04 -23.85
CA ILE A 182 58.28 32.21 -22.98
C ILE A 182 57.90 30.73 -23.11
N GLY A 183 58.89 29.86 -23.25
CA GLY A 183 58.65 28.42 -23.25
C GLY A 183 59.75 27.63 -22.58
N ILE A 184 59.35 26.75 -21.67
CA ILE A 184 60.30 25.95 -20.90
C ILE A 184 60.08 24.46 -21.13
N LYS A 185 61.17 23.73 -21.35
CA LYS A 185 61.18 22.28 -21.13
C LYS A 185 62.08 21.91 -19.96
N PRO A 186 61.47 21.37 -18.90
CA PRO A 186 62.19 21.09 -17.65
C PRO A 186 63.17 19.93 -17.81
N THR A 187 63.85 19.59 -16.73
CA THR A 187 64.78 18.45 -16.73
C THR A 187 64.05 17.18 -17.12
N TYR A 188 64.71 16.33 -17.91
CA TYR A 188 64.10 15.03 -18.21
C TYR A 188 63.83 14.27 -16.92
N GLY A 189 62.56 13.91 -16.72
CA GLY A 189 62.13 13.22 -15.51
C GLY A 189 61.35 14.12 -14.59
N ARG A 190 61.32 15.42 -14.86
CA ARG A 190 60.59 16.30 -13.95
C ARG A 190 59.06 16.24 -14.12
N VAL A 191 58.63 15.95 -15.34
CA VAL A 191 57.20 15.90 -15.62
C VAL A 191 56.87 14.54 -16.23
N SER A 192 55.80 13.91 -15.74
CA SER A 192 55.41 12.57 -16.18
C SER A 192 55.12 12.50 -17.67
N ARG A 193 55.41 11.36 -18.28
CA ARG A 193 55.14 11.21 -19.69
C ARG A 193 53.98 10.24 -19.83
N TYR A 194 53.26 10.04 -18.72
CA TYR A 194 52.06 9.24 -18.73
C TYR A 194 50.91 9.97 -19.40
N GLY A 195 50.49 9.50 -20.55
CA GLY A 195 49.44 10.14 -21.29
C GLY A 195 49.99 11.06 -22.35
N LEU A 196 51.31 11.04 -22.52
CA LEU A 196 51.95 11.81 -23.55
C LEU A 196 52.22 10.84 -24.67
N VAL A 197 51.61 11.04 -25.81
CA VAL A 197 51.84 10.13 -26.91
C VAL A 197 53.33 10.15 -27.23
N ALA A 198 53.99 9.03 -26.95
CA ALA A 198 55.46 8.92 -27.07
C ALA A 198 55.98 9.03 -28.50
N PHE A 199 57.02 9.85 -28.62
CA PHE A 199 57.78 10.06 -29.83
C PHE A 199 59.14 9.38 -29.58
N ALA A 200 59.98 10.02 -28.78
CA ALA A 200 61.25 9.45 -28.34
C ALA A 200 61.25 9.47 -26.84
N SER A 201 60.98 8.30 -26.26
CA SER A 201 60.80 8.15 -24.82
C SER A 201 61.94 8.72 -24.02
N SER A 202 63.17 8.58 -24.53
CA SER A 202 64.37 9.01 -23.79
C SER A 202 64.68 10.52 -23.92
N LEU A 203 63.91 11.22 -24.73
CA LEU A 203 64.07 12.65 -25.06
C LEU A 203 62.84 13.52 -24.72
N ASP A 204 61.63 12.96 -24.83
CA ASP A 204 60.33 13.66 -24.66
C ASP A 204 60.23 14.33 -23.29
N GLN A 205 59.70 15.54 -23.25
CA GLN A 205 59.21 16.09 -22.00
C GLN A 205 58.07 17.11 -22.24
N ILE A 206 57.01 17.00 -21.45
CA ILE A 206 56.00 18.03 -21.48
C ILE A 206 56.62 19.28 -20.88
N GLY A 207 56.20 20.44 -21.39
CA GLY A 207 56.61 21.73 -20.86
C GLY A 207 55.53 22.79 -21.04
N VAL A 208 55.89 24.04 -20.80
CA VAL A 208 54.92 25.11 -20.64
C VAL A 208 55.23 26.37 -21.47
N PHE A 209 54.18 26.95 -22.07
CA PHE A 209 54.30 28.29 -22.69
C PHE A 209 53.54 29.29 -21.86
N GLY A 210 54.07 30.50 -21.79
CA GLY A 210 53.43 31.65 -21.14
C GLY A 210 54.05 32.98 -21.63
N ARG A 211 53.54 34.08 -21.10
CA ARG A 211 54.03 35.39 -21.50
C ARG A 211 54.71 36.08 -20.33
N ARG A 212 54.36 35.66 -19.13
CA ARG A 212 55.02 36.14 -17.94
C ARG A 212 55.67 34.95 -17.21
N THR A 213 56.86 35.17 -16.68
CA THR A 213 57.64 34.11 -16.05
C THR A 213 56.91 33.46 -14.88
N GLU A 214 56.09 34.21 -14.17
CA GLU A 214 55.32 33.63 -13.07
C GLU A 214 54.23 32.67 -13.55
N ASP A 215 53.60 33.01 -14.68
CA ASP A 215 52.59 32.16 -15.29
C ASP A 215 53.20 30.79 -15.55
N VAL A 216 54.37 30.81 -16.22
CA VAL A 216 55.10 29.62 -16.60
C VAL A 216 55.57 28.84 -15.37
N ALA A 217 56.10 29.53 -14.39
CA ALA A 217 56.61 28.87 -13.19
C ALA A 217 55.50 28.14 -12.42
N LEU A 218 54.29 28.68 -12.45
CA LEU A 218 53.17 28.10 -11.68
C LEU A 218 52.61 26.86 -12.38
N VAL A 219 52.39 26.97 -13.68
CA VAL A 219 51.83 25.84 -14.42
C VAL A 219 52.79 24.64 -14.32
N LEU A 220 54.09 24.92 -14.44
CA LEU A 220 55.13 23.91 -14.30
C LEU A 220 55.13 23.28 -12.92
N GLU A 221 55.03 24.08 -11.87
CA GLU A 221 55.00 23.53 -10.52
C GLU A 221 53.84 22.55 -10.37
N VAL A 222 52.70 22.90 -10.94
CA VAL A 222 51.50 22.11 -10.77
C VAL A 222 51.63 20.75 -11.44
N ILE A 223 52.11 20.74 -12.68
CA ILE A 223 52.21 19.52 -13.45
C ILE A 223 53.44 18.63 -13.15
N SER A 224 54.41 19.16 -12.44
CA SER A 224 55.68 18.45 -12.20
C SER A 224 55.57 17.49 -11.04
N GLY A 225 56.60 16.66 -10.88
CA GLY A 225 56.67 15.75 -9.75
C GLY A 225 56.45 14.30 -10.09
N TRP A 226 56.87 13.43 -9.16
CA TRP A 226 56.84 11.98 -9.32
C TRP A 226 55.50 11.42 -9.72
N ASP A 227 55.51 10.49 -10.67
CA ASP A 227 54.30 9.75 -11.04
C ASP A 227 54.62 8.25 -11.04
N GLU A 228 53.83 7.50 -10.28
CA GLU A 228 54.00 6.03 -10.18
C GLU A 228 53.67 5.32 -11.49
N LYS A 229 52.93 6.00 -12.36
CA LYS A 229 52.55 5.47 -13.64
C LYS A 229 53.67 5.67 -14.67
N ASP A 230 54.76 6.32 -14.24
CA ASP A 230 55.91 6.60 -15.12
C ASP A 230 57.24 6.21 -14.48
N SER A 231 57.90 5.20 -15.06
CA SER A 231 59.14 4.66 -14.48
C SER A 231 60.33 5.65 -14.58
N THR A 232 60.26 6.55 -15.56
CA THR A 232 61.37 7.44 -15.85
C THR A 232 61.23 8.76 -15.08
N SER A 233 60.08 8.94 -14.42
CA SER A 233 59.81 10.15 -13.67
C SER A 233 60.61 10.11 -12.38
N ALA A 234 61.21 11.22 -12.00
CA ALA A 234 62.13 11.26 -10.87
C ALA A 234 61.44 11.40 -9.54
N LYS A 235 61.95 10.70 -8.54
CA LYS A 235 61.51 10.86 -7.15
C LYS A 235 62.28 12.02 -6.54
N VAL A 236 62.02 13.23 -7.04
CA VAL A 236 62.68 14.45 -6.56
C VAL A 236 61.57 15.45 -6.26
N PRO A 237 61.64 16.10 -5.08
CA PRO A 237 60.59 17.08 -4.75
C PRO A 237 60.57 18.26 -5.70
N VAL A 238 59.36 18.77 -5.97
CA VAL A 238 59.18 19.92 -6.86
C VAL A 238 59.48 21.20 -6.06
N PRO A 239 60.44 22.02 -6.53
CA PRO A 239 60.69 23.29 -5.87
C PRO A 239 59.51 24.26 -6.02
N GLU A 240 59.32 25.11 -5.02
CA GLU A 240 58.25 26.08 -5.03
C GLU A 240 58.60 27.22 -5.97
N TRP A 241 58.46 26.96 -7.27
CA TRP A 241 58.92 27.89 -8.30
C TRP A 241 58.20 29.26 -8.31
N SER A 242 56.91 29.26 -7.98
CA SER A 242 56.13 30.49 -7.94
C SER A 242 56.70 31.47 -6.90
N GLU A 243 57.24 30.92 -5.82
CA GLU A 243 57.88 31.72 -4.80
C GLU A 243 59.37 31.95 -5.05
N GLU A 244 59.91 31.35 -6.10
CA GLU A 244 61.35 31.38 -6.29
C GLU A 244 61.81 32.26 -7.45
N VAL A 245 60.95 32.42 -8.45
CA VAL A 245 61.27 33.21 -9.66
C VAL A 245 61.64 34.65 -9.35
N LYS A 246 60.97 35.19 -8.34
CA LYS A 246 61.07 36.60 -7.97
C LYS A 246 62.39 36.93 -7.26
N LYS A 247 63.00 35.92 -6.64
CA LYS A 247 64.29 36.06 -5.96
C LYS A 247 65.46 36.33 -6.92
N GLU A 248 66.57 36.80 -6.37
CA GLU A 248 67.73 37.19 -7.15
C GLU A 248 68.99 36.62 -6.53
N VAL A 249 69.75 35.86 -7.32
CA VAL A 249 70.98 35.26 -6.82
C VAL A 249 72.22 35.99 -7.40
N LYS A 250 73.11 36.38 -6.49
CA LYS A 250 74.29 37.16 -6.86
C LYS A 250 75.41 36.36 -7.49
N GLY A 251 76.08 36.99 -8.47
CA GLY A 251 77.30 36.47 -9.05
C GLY A 251 77.13 35.22 -9.89
N LEU A 252 76.01 35.13 -10.59
CA LEU A 252 75.79 34.04 -11.51
C LEU A 252 76.70 34.18 -12.75
N LYS A 253 76.92 33.07 -13.44
CA LYS A 253 77.84 33.05 -14.58
C LYS A 253 77.22 32.45 -15.85
N ILE A 254 77.53 33.03 -16.99
CA ILE A 254 76.96 32.58 -18.25
C ILE A 254 78.06 32.17 -19.18
N GLY A 255 77.91 30.96 -19.73
CA GLY A 255 78.87 30.40 -20.63
C GLY A 255 78.44 30.60 -22.06
N LEU A 256 79.38 31.03 -22.89
CA LEU A 256 79.13 31.16 -24.30
C LEU A 256 79.96 30.13 -25.01
N PRO A 257 79.34 29.03 -25.42
CA PRO A 257 80.08 27.97 -26.10
C PRO A 257 80.89 28.46 -27.29
N LYS A 258 82.21 28.29 -27.23
CA LYS A 258 83.12 28.65 -28.35
C LYS A 258 82.74 27.99 -29.64
N GLU A 259 82.18 26.78 -29.54
CA GLU A 259 81.89 25.99 -30.70
C GLU A 259 80.64 26.55 -31.40
N PHE A 260 79.86 27.34 -30.66
CA PHE A 260 78.68 28.00 -31.24
C PHE A 260 79.04 29.22 -32.15
N PHE A 261 80.25 29.78 -31.99
CA PHE A 261 80.70 30.87 -32.85
C PHE A 261 80.75 30.43 -34.30
N GLU A 262 81.01 29.15 -34.51
CA GLU A 262 81.17 28.64 -35.86
C GLU A 262 79.83 28.36 -36.53
N TYR A 263 78.74 28.56 -35.80
CA TYR A 263 77.39 28.28 -36.28
C TYR A 263 76.89 29.44 -37.11
N GLU A 264 76.44 29.17 -38.33
CA GLU A 264 75.81 30.22 -39.15
C GLU A 264 74.53 30.84 -38.49
N LEU A 265 74.64 32.10 -38.08
CA LEU A 265 73.50 32.87 -37.55
C LEU A 265 73.07 33.96 -38.53
N GLN A 266 71.77 34.23 -38.59
CA GLN A 266 71.31 35.47 -39.23
C GLN A 266 71.78 36.67 -38.41
N PRO A 267 72.33 37.70 -39.10
CA PRO A 267 72.84 38.94 -38.51
C PRO A 267 71.90 39.57 -37.51
N GLN A 268 70.59 39.55 -37.79
CA GLN A 268 69.57 40.05 -36.88
C GLN A 268 69.57 39.28 -35.55
N VAL A 269 69.71 37.96 -35.64
CA VAL A 269 69.73 37.09 -34.47
C VAL A 269 71.00 37.36 -33.66
N LYS A 270 72.14 37.40 -34.38
CA LYS A 270 73.45 37.69 -33.81
C LYS A 270 73.43 38.99 -32.99
N GLU A 271 72.97 40.06 -33.64
CA GLU A 271 72.77 41.40 -33.05
C GLU A 271 71.90 41.38 -31.81
N ALA A 272 70.73 40.75 -31.92
CA ALA A 272 69.78 40.57 -30.81
C ALA A 272 70.40 39.84 -29.63
N PHE A 273 71.17 38.80 -29.95
CA PHE A 273 71.80 37.98 -28.91
C PHE A 273 72.93 38.72 -28.20
N GLU A 274 73.82 39.34 -29.00
CA GLU A 274 74.89 40.19 -28.44
C GLU A 274 74.39 41.26 -27.48
N ASN A 275 73.26 41.87 -27.84
CA ASN A 275 72.64 42.90 -27.04
C ASN A 275 72.06 42.32 -25.74
N PHE A 276 71.45 41.14 -25.85
CA PHE A 276 70.90 40.40 -24.72
C PHE A 276 72.00 40.15 -23.68
N ILE A 277 73.16 39.72 -24.17
CA ILE A 277 74.34 39.43 -23.32
C ILE A 277 74.97 40.69 -22.69
N LYS A 278 75.19 41.73 -23.51
CA LYS A 278 75.69 43.02 -23.01
C LYS A 278 74.82 43.54 -21.89
N GLU A 279 73.51 43.47 -22.08
CA GLU A 279 72.55 44.01 -21.14
C GLU A 279 72.56 43.15 -19.86
N LEU A 280 72.78 41.86 -20.02
CA LEU A 280 72.96 40.94 -18.89
C LEU A 280 74.26 41.22 -18.14
N GLU A 281 75.32 41.45 -18.91
CA GLU A 281 76.59 41.90 -18.33
C GLU A 281 76.42 43.13 -17.46
N LYS A 282 75.72 44.14 -17.98
CA LYS A 282 75.44 45.39 -17.24
C LYS A 282 74.76 45.14 -15.91
N GLU A 283 73.93 44.11 -15.86
CA GLU A 283 73.18 43.76 -14.64
C GLU A 283 74.01 42.94 -13.65
N GLY A 284 75.23 42.57 -14.06
CA GLY A 284 76.17 41.96 -13.12
C GLY A 284 76.48 40.49 -13.31
N PHE A 285 76.02 39.94 -14.42
CA PHE A 285 76.33 38.58 -14.77
C PHE A 285 77.75 38.56 -15.31
N GLU A 286 78.55 37.61 -14.83
CA GLU A 286 79.87 37.36 -15.42
C GLU A 286 79.73 36.51 -16.68
N ILE A 287 80.37 36.93 -17.75
CA ILE A 287 80.23 36.31 -19.06
C ILE A 287 81.55 35.63 -19.41
N LYS A 288 81.50 34.29 -19.61
CA LYS A 288 82.70 33.48 -19.88
C LYS A 288 82.55 32.62 -21.11
N GLU A 289 83.61 32.48 -21.88
CA GLU A 289 83.62 31.53 -22.99
C GLU A 289 83.79 30.12 -22.43
N VAL A 290 82.97 29.16 -22.88
CA VAL A 290 83.16 27.77 -22.49
C VAL A 290 83.38 26.90 -23.70
N SER A 291 83.88 25.67 -23.46
CA SER A 291 84.04 24.67 -24.51
C SER A 291 83.03 23.54 -24.33
N LEU A 292 82.48 23.11 -25.46
CA LEU A 292 81.69 21.89 -25.56
C LEU A 292 82.21 21.21 -26.80
N PRO A 293 83.36 20.53 -26.69
CA PRO A 293 84.02 20.03 -27.91
C PRO A 293 83.17 19.11 -28.77
N HIS A 294 82.09 18.55 -28.22
CA HIS A 294 81.26 17.57 -28.94
C HIS A 294 79.92 18.09 -29.46
N VAL A 295 79.42 19.24 -28.98
CA VAL A 295 78.10 19.75 -29.41
C VAL A 295 77.82 19.69 -30.90
N LYS A 296 78.83 19.93 -31.72
CA LYS A 296 78.54 20.01 -33.15
C LYS A 296 77.93 18.71 -33.60
N TYR A 297 78.19 17.66 -32.84
CA TYR A 297 77.65 16.34 -33.13
C TYR A 297 76.20 16.10 -32.67
N SER A 298 75.60 17.06 -31.97
CA SER A 298 74.22 16.94 -31.46
C SER A 298 73.16 16.57 -32.49
N ILE A 299 73.20 17.24 -33.64
CA ILE A 299 72.22 17.02 -34.69
C ILE A 299 72.24 15.58 -35.22
N PRO A 300 73.42 15.08 -35.63
CA PRO A 300 73.45 13.71 -36.19
C PRO A 300 73.10 12.67 -35.11
N THR A 301 73.54 12.94 -33.90
CA THR A 301 73.22 12.10 -32.77
C THR A 301 71.69 12.03 -32.60
N TYR A 302 71.04 13.20 -32.63
CA TYR A 302 69.59 13.31 -32.41
C TYR A 302 68.83 12.62 -33.51
N TYR A 303 69.31 12.79 -34.73
CA TYR A 303 68.58 12.28 -35.85
C TYR A 303 68.88 10.84 -36.14
N ILE A 304 69.49 10.20 -35.14
CA ILE A 304 69.60 8.75 -35.09
C ILE A 304 68.73 8.27 -33.95
N ILE A 305 68.97 8.79 -32.76
CA ILE A 305 68.18 8.41 -31.60
C ILE A 305 66.67 8.60 -31.75
N ALA A 306 66.24 9.83 -32.03
CA ALA A 306 64.82 10.17 -32.16
C ALA A 306 64.04 9.29 -33.15
N PRO A 307 64.47 9.22 -34.43
CA PRO A 307 63.82 8.31 -35.38
C PRO A 307 63.79 6.86 -34.94
N SER A 308 64.82 6.41 -34.22
CA SER A 308 64.88 5.04 -33.74
C SER A 308 63.75 4.78 -32.76
N GLU A 309 63.76 5.52 -31.66
CA GLU A 309 62.74 5.36 -30.64
C GLU A 309 61.35 5.59 -31.24
N ALA A 310 61.27 6.50 -32.20
CA ALA A 310 60.00 6.78 -32.86
C ALA A 310 59.47 5.58 -33.65
N SER A 311 60.33 4.84 -34.34
CA SER A 311 59.83 3.68 -35.08
C SER A 311 59.29 2.62 -34.09
N SER A 312 59.88 2.57 -32.91
CA SER A 312 59.44 1.60 -31.93
C SER A 312 58.13 2.04 -31.35
N ASN A 313 58.08 3.29 -30.92
CA ASN A 313 56.90 3.84 -30.28
C ASN A 313 55.66 3.98 -31.17
N LEU A 314 55.86 3.90 -32.49
CA LEU A 314 54.75 4.04 -33.40
C LEU A 314 54.37 2.71 -34.03
N ALA A 315 54.94 1.64 -33.50
CA ALA A 315 54.63 0.28 -33.94
C ALA A 315 53.18 -0.11 -33.61
N ARG A 316 52.61 0.54 -32.61
CA ARG A 316 51.31 0.20 -32.09
C ARG A 316 50.14 0.69 -32.93
N TYR A 317 50.40 1.59 -33.86
CA TYR A 317 49.32 2.16 -34.65
C TYR A 317 49.15 1.25 -35.83
N ASP A 318 48.13 0.41 -35.73
CA ASP A 318 48.03 -0.84 -36.51
C ASP A 318 46.62 -1.21 -36.95
N GLY A 319 45.60 -0.47 -36.52
CA GLY A 319 44.22 -0.75 -36.97
C GLY A 319 43.53 -1.86 -36.20
N VAL A 320 44.16 -2.32 -35.13
CA VAL A 320 43.61 -3.43 -34.36
C VAL A 320 42.78 -2.93 -33.21
N ARG A 321 43.34 -2.14 -32.30
CA ARG A 321 42.62 -1.82 -31.06
C ARG A 321 41.88 -0.47 -31.05
N TYR A 322 42.29 0.45 -31.94
CA TYR A 322 41.78 1.82 -31.97
C TYR A 322 42.20 2.54 -33.25
N GLY A 323 41.66 3.73 -33.47
CA GLY A 323 42.06 4.59 -34.57
C GLY A 323 41.75 4.10 -35.96
N TYR A 324 42.43 4.69 -36.92
CA TYR A 324 42.18 4.46 -38.32
C TYR A 324 42.49 3.04 -38.77
N ARG A 325 41.65 2.53 -39.66
CA ARG A 325 41.93 1.29 -40.34
C ARG A 325 41.52 1.43 -41.78
N ALA A 326 42.43 1.07 -42.68
CA ALA A 326 42.17 1.11 -44.10
C ALA A 326 40.90 0.36 -44.46
N LYS A 327 40.25 0.79 -45.52
CA LYS A 327 38.99 0.17 -45.94
C LYS A 327 39.18 -1.12 -46.72
N GLU A 328 40.21 -1.16 -47.58
CA GLU A 328 40.44 -2.33 -48.46
C GLU A 328 41.68 -3.12 -48.07
N TYR A 329 41.51 -4.42 -47.83
CA TYR A 329 42.63 -5.30 -47.52
C TYR A 329 42.29 -6.78 -47.67
N LYS A 330 43.25 -7.55 -48.19
CA LYS A 330 43.01 -8.98 -48.46
C LYS A 330 43.50 -9.91 -47.34
N ASP A 331 44.37 -9.40 -46.45
CA ASP A 331 44.95 -10.13 -45.34
C ASP A 331 45.37 -9.19 -44.22
N ILE A 332 45.71 -9.74 -43.07
CA ILE A 332 46.18 -8.91 -41.95
C ILE A 332 47.43 -8.10 -42.33
N PHE A 333 48.28 -8.65 -43.19
CA PHE A 333 49.47 -7.93 -43.60
C PHE A 333 49.08 -6.64 -44.32
N GLU A 334 48.20 -6.75 -45.31
CA GLU A 334 47.70 -5.55 -46.00
C GLU A 334 46.96 -4.64 -45.05
N MET A 335 46.17 -5.20 -44.16
CA MET A 335 45.45 -4.34 -43.24
C MET A 335 46.46 -3.46 -42.54
N TYR A 336 47.52 -4.08 -42.04
CA TYR A 336 48.59 -3.42 -41.30
C TYR A 336 49.26 -2.34 -42.15
N ALA A 337 49.81 -2.78 -43.28
CA ALA A 337 50.68 -1.95 -44.11
C ALA A 337 49.94 -0.81 -44.77
N ARG A 338 48.64 -1.00 -45.05
CA ARG A 338 47.81 0.02 -45.70
C ARG A 338 47.29 1.02 -44.69
N THR A 339 46.80 0.53 -43.57
CA THR A 339 46.40 1.41 -42.50
C THR A 339 47.52 2.40 -42.22
N ARG A 340 48.76 1.92 -42.20
CA ARG A 340 49.90 2.73 -41.78
C ARG A 340 50.38 3.67 -42.87
N ASP A 341 50.50 3.18 -44.09
CA ASP A 341 50.87 4.08 -45.17
C ASP A 341 49.86 5.19 -45.34
N GLU A 342 48.59 4.88 -45.12
CA GLU A 342 47.53 5.85 -45.34
C GLU A 342 47.30 6.76 -44.15
N GLY A 343 47.59 6.26 -42.96
CA GLY A 343 47.30 7.02 -41.74
C GLY A 343 48.43 7.89 -41.27
N PHE A 344 49.67 7.53 -41.65
CA PHE A 344 50.87 8.29 -41.31
C PHE A 344 51.26 9.31 -42.38
N GLY A 345 51.59 10.53 -41.93
CA GLY A 345 52.16 11.58 -42.79
C GLY A 345 53.59 11.31 -43.27
N PRO A 346 54.14 12.19 -44.13
CA PRO A 346 55.41 11.83 -44.76
C PRO A 346 56.63 11.97 -43.86
N GLU A 347 56.63 12.96 -42.97
CA GLU A 347 57.77 13.15 -42.09
C GLU A 347 57.81 11.96 -41.14
N VAL A 348 56.64 11.59 -40.65
CA VAL A 348 56.49 10.42 -39.78
C VAL A 348 56.98 9.16 -40.49
N LYS A 349 56.54 8.96 -41.71
CA LYS A 349 56.98 7.78 -42.46
C LYS A 349 58.49 7.73 -42.63
N ARG A 350 59.09 8.89 -42.89
CA ARG A 350 60.56 9.04 -43.04
C ARG A 350 61.35 8.63 -41.79
N ARG A 351 60.87 8.99 -40.61
CA ARG A 351 61.58 8.65 -39.40
C ARG A 351 61.33 7.21 -38.99
N ILE A 352 60.17 6.67 -39.35
CA ILE A 352 59.91 5.24 -39.15
C ILE A 352 60.88 4.40 -39.96
N MET A 353 61.05 4.72 -41.23
CA MET A 353 61.98 3.96 -42.08
C MET A 353 63.40 4.07 -41.51
N LEU A 354 63.82 5.30 -41.27
CA LEU A 354 65.14 5.57 -40.71
C LEU A 354 65.36 4.80 -39.40
N GLY A 355 64.38 4.86 -38.51
CA GLY A 355 64.48 4.18 -37.23
C GLY A 355 64.72 2.70 -37.38
N THR A 356 63.86 2.03 -38.14
CA THR A 356 63.89 0.58 -38.22
C THR A 356 65.14 0.09 -38.95
N PHE A 357 65.80 1.00 -39.66
CA PHE A 357 67.16 0.76 -40.14
C PHE A 357 68.17 0.85 -39.00
N ALA A 358 68.11 1.94 -38.25
CA ALA A 358 69.12 2.23 -37.23
C ALA A 358 69.13 1.16 -36.14
N LEU A 359 68.02 0.43 -36.04
CA LEU A 359 67.87 -0.59 -35.01
C LEU A 359 68.10 -1.99 -35.57
N SER A 360 68.10 -2.08 -36.89
CA SER A 360 68.35 -3.35 -37.52
C SER A 360 69.73 -3.90 -37.12
N ALA A 361 69.77 -5.21 -36.88
CA ALA A 361 71.00 -5.89 -36.51
C ALA A 361 71.95 -5.73 -37.67
N GLY A 362 73.22 -5.50 -37.37
CA GLY A 362 74.14 -5.20 -38.46
C GLY A 362 74.41 -3.70 -38.58
N TYR A 363 73.42 -2.87 -38.20
CA TYR A 363 73.62 -1.42 -38.19
C TYR A 363 73.39 -0.80 -36.82
N TYR A 364 72.80 -1.55 -35.90
CA TYR A 364 72.49 -1.05 -34.59
C TYR A 364 73.72 -0.46 -33.88
N ASP A 365 74.85 -1.18 -33.98
CA ASP A 365 76.13 -0.85 -33.34
C ASP A 365 76.72 0.47 -33.82
N ALA A 366 76.66 0.67 -35.13
CA ALA A 366 77.17 1.87 -35.77
C ALA A 366 76.20 3.07 -35.70
N TYR A 367 74.90 2.80 -35.52
CA TYR A 367 73.89 3.84 -35.46
C TYR A 367 73.40 4.11 -34.05
N TYR A 368 72.34 3.43 -33.61
CA TYR A 368 71.73 3.72 -32.30
C TYR A 368 72.72 3.60 -31.15
N LEU A 369 73.44 2.48 -31.07
CA LEU A 369 74.36 2.28 -29.94
C LEU A 369 75.48 3.34 -29.97
N LYS A 370 76.08 3.53 -31.13
CA LYS A 370 77.04 4.61 -31.32
C LYS A 370 76.54 5.98 -30.84
N ALA A 371 75.33 6.35 -31.29
CA ALA A 371 74.72 7.63 -30.96
C ALA A 371 74.50 7.77 -29.46
N GLN A 372 74.18 6.67 -28.80
CA GLN A 372 73.88 6.72 -27.39
C GLN A 372 75.15 6.93 -26.65
N LYS A 373 76.27 6.56 -27.29
CA LYS A 373 77.61 6.80 -26.72
C LYS A 373 78.06 8.25 -26.90
N VAL A 374 78.03 8.71 -28.15
CA VAL A 374 78.27 10.13 -28.44
C VAL A 374 77.39 11.04 -27.58
N ARG A 375 76.19 10.56 -27.22
CA ARG A 375 75.26 11.30 -26.40
C ARG A 375 75.79 11.49 -25.00
N ARG A 376 76.55 10.52 -24.52
CA ARG A 376 77.19 10.64 -23.22
C ARG A 376 78.40 11.58 -23.27
N LEU A 377 79.14 11.52 -24.37
CA LEU A 377 80.20 12.49 -24.59
C LEU A 377 79.67 13.93 -24.50
N ILE A 378 78.52 14.17 -25.15
CA ILE A 378 77.91 15.48 -25.22
C ILE A 378 77.39 15.92 -23.86
N THR A 379 76.77 14.99 -23.16
CA THR A 379 76.29 15.25 -21.82
C THR A 379 77.46 15.68 -20.95
N ASN A 380 78.60 14.99 -21.12
CA ASN A 380 79.80 15.22 -20.31
C ASN A 380 80.44 16.60 -20.56
N ASP A 381 80.52 17.02 -21.83
CA ASP A 381 80.84 18.41 -22.16
C ASP A 381 80.08 19.34 -21.23
N PHE A 382 78.76 19.15 -21.14
CA PHE A 382 77.94 20.06 -20.37
C PHE A 382 78.28 20.02 -18.90
N LEU A 383 78.36 18.82 -18.34
CA LEU A 383 78.65 18.64 -16.91
C LEU A 383 79.96 19.31 -16.53
N LYS A 384 80.94 19.28 -17.45
CA LYS A 384 82.25 19.88 -17.21
C LYS A 384 82.17 21.42 -17.31
N ALA A 385 81.55 21.91 -18.38
CA ALA A 385 81.26 23.34 -18.53
C ALA A 385 80.48 23.89 -17.34
N PHE A 386 79.60 23.09 -16.75
CA PHE A 386 78.80 23.56 -15.62
C PHE A 386 79.62 23.66 -14.37
N GLU A 387 80.88 23.23 -14.43
CA GLU A 387 81.80 23.34 -13.29
C GLU A 387 82.29 24.79 -13.16
N GLU A 388 82.37 25.47 -14.30
CA GLU A 388 82.84 26.84 -14.38
C GLU A 388 81.73 27.90 -14.44
N VAL A 389 80.56 27.50 -14.93
CA VAL A 389 79.48 28.43 -15.31
C VAL A 389 78.13 27.93 -14.78
N ASP A 390 77.12 28.79 -14.65
CA ASP A 390 75.84 28.34 -14.10
C ASP A 390 74.73 28.07 -15.13
N VAL A 391 74.78 28.78 -16.25
CA VAL A 391 73.83 28.56 -17.31
C VAL A 391 74.61 28.75 -18.58
N ILE A 392 74.09 28.23 -19.67
CA ILE A 392 74.77 28.33 -20.94
C ILE A 392 73.80 29.03 -21.85
N ALA A 393 74.26 30.06 -22.56
CA ALA A 393 73.33 30.85 -23.35
C ALA A 393 73.68 30.83 -24.81
N SER A 394 72.64 30.92 -25.63
CA SER A 394 72.82 31.10 -27.05
C SER A 394 71.49 31.59 -27.62
N PRO A 395 71.49 31.95 -28.92
CA PRO A 395 70.20 32.11 -29.57
C PRO A 395 69.43 30.79 -29.50
N THR A 396 68.10 30.86 -29.47
CA THR A 396 67.25 29.67 -29.46
C THR A 396 67.24 29.10 -30.86
N THR A 397 67.38 29.98 -31.84
CA THR A 397 67.24 29.64 -33.26
C THR A 397 68.28 30.39 -34.07
N PRO A 398 68.84 29.76 -35.11
CA PRO A 398 69.79 30.43 -35.98
C PRO A 398 69.19 31.54 -36.86
N THR A 399 67.88 31.48 -37.07
CA THR A 399 67.20 32.42 -37.94
C THR A 399 65.95 33.00 -37.32
N LEU A 400 65.44 34.05 -37.96
CA LEU A 400 64.09 34.57 -37.74
C LEU A 400 63.06 33.58 -38.32
N PRO A 401 61.82 33.56 -37.77
CA PRO A 401 60.71 32.80 -38.32
C PRO A 401 60.72 32.79 -39.82
N PHE A 402 60.76 31.60 -40.41
CA PHE A 402 60.85 31.49 -41.86
C PHE A 402 59.48 31.32 -42.54
N LYS A 403 59.47 31.27 -43.86
CA LYS A 403 58.22 31.22 -44.60
C LYS A 403 57.72 29.80 -44.81
N PHE A 404 56.39 29.64 -44.92
CA PHE A 404 55.77 28.40 -45.35
C PHE A 404 56.39 27.91 -46.63
N GLY A 405 56.56 26.60 -46.73
CA GLY A 405 57.15 25.99 -47.93
C GLY A 405 58.66 26.11 -48.04
N GLU A 406 59.28 26.86 -47.13
CA GLU A 406 60.69 27.19 -47.28
C GLU A 406 61.61 26.02 -46.92
N ARG A 407 61.14 25.13 -46.05
CA ARG A 407 61.95 24.03 -45.54
C ARG A 407 61.23 22.69 -45.72
N LEU A 408 60.38 22.62 -46.74
CA LEU A 408 59.66 21.40 -47.10
C LEU A 408 60.30 20.72 -48.30
N GLU A 409 61.12 21.47 -49.03
CA GLU A 409 61.81 20.94 -50.21
C GLU A 409 62.70 19.73 -49.84
N ASN A 410 63.82 20.01 -49.15
CA ASN A 410 64.66 18.97 -48.54
C ASN A 410 64.33 18.86 -47.04
N PRO A 411 63.91 17.65 -46.59
CA PRO A 411 63.56 17.41 -45.19
C PRO A 411 64.69 17.87 -44.26
N ILE A 412 65.92 17.78 -44.75
CA ILE A 412 67.11 18.19 -43.98
C ILE A 412 67.09 19.64 -43.55
N GLU A 413 66.60 20.50 -44.43
CA GLU A 413 66.56 21.92 -44.15
C GLU A 413 65.65 22.17 -42.97
N MET A 414 64.67 21.29 -42.76
CA MET A 414 63.82 21.36 -41.58
C MET A 414 64.59 21.02 -40.29
N TYR A 415 65.44 20.01 -40.38
CA TYR A 415 66.21 19.53 -39.23
C TYR A 415 67.16 20.57 -38.70
N LEU A 416 67.78 21.28 -39.65
CA LEU A 416 68.72 22.36 -39.33
C LEU A 416 68.15 23.52 -38.49
N SER A 417 66.82 23.56 -38.30
CA SER A 417 66.20 24.51 -37.39
C SER A 417 66.54 24.21 -35.94
N ASP A 418 66.95 22.96 -35.68
CA ASP A 418 67.04 22.40 -34.33
C ASP A 418 68.45 22.45 -33.73
N ILE A 419 69.40 22.92 -34.54
CA ILE A 419 70.83 22.91 -34.20
C ILE A 419 71.19 23.49 -32.85
N LEU A 420 70.39 24.41 -32.33
CA LEU A 420 70.76 25.02 -31.04
C LEU A 420 69.89 24.50 -29.94
N THR A 421 68.94 23.63 -30.31
CA THR A 421 67.90 23.17 -29.36
C THR A 421 68.06 21.73 -28.90
N VAL A 422 68.56 20.88 -29.78
CA VAL A 422 68.66 19.44 -29.53
C VAL A 422 69.71 19.14 -28.47
N PRO A 423 70.82 19.90 -28.36
CA PRO A 423 71.77 19.52 -27.31
C PRO A 423 71.12 19.37 -25.92
N ALA A 424 70.14 20.21 -25.58
CA ALA A 424 69.58 20.14 -24.21
C ALA A 424 68.80 18.83 -23.95
N ASN A 425 68.15 18.31 -24.99
CA ASN A 425 67.40 17.08 -24.86
C ASN A 425 68.33 15.87 -24.72
N LEU A 426 69.39 15.85 -25.53
CA LEU A 426 70.42 14.85 -25.46
C LEU A 426 70.98 14.75 -24.05
N ALA A 427 71.31 15.87 -23.46
CA ALA A 427 71.94 15.81 -22.16
C ALA A 427 70.90 15.71 -21.03
N GLY A 428 69.61 15.72 -21.41
CA GLY A 428 68.51 15.65 -20.45
C GLY A 428 68.32 16.88 -19.58
N LEU A 429 68.84 18.01 -20.07
CA LEU A 429 68.89 19.24 -19.28
C LEU A 429 67.66 20.14 -19.45
N PRO A 430 67.33 20.94 -18.43
CA PRO A 430 66.29 21.95 -18.66
C PRO A 430 66.79 23.08 -19.56
N ALA A 431 65.89 23.66 -20.34
CA ALA A 431 66.25 24.76 -21.22
C ALA A 431 65.04 25.67 -21.47
N ILE A 432 65.27 26.97 -21.41
CA ILE A 432 64.19 27.93 -21.59
C ILE A 432 64.46 28.80 -22.80
N SER A 433 63.40 29.17 -23.52
CA SER A 433 63.48 30.19 -24.56
C SER A 433 62.69 31.43 -24.15
N ILE A 434 63.36 32.57 -24.07
CA ILE A 434 62.68 33.82 -23.73
C ILE A 434 62.88 34.84 -24.83
N PRO A 435 61.89 35.73 -25.00
CA PRO A 435 61.96 36.71 -26.11
C PRO A 435 62.93 37.85 -25.77
N ILE A 436 63.88 38.09 -26.67
CA ILE A 436 64.98 39.03 -26.39
C ILE A 436 64.97 40.32 -27.26
N ALA A 437 64.29 40.26 -28.40
CA ALA A 437 64.17 41.40 -29.29
C ALA A 437 63.09 41.15 -30.33
N TRP A 438 62.79 42.19 -31.11
CA TRP A 438 61.95 42.11 -32.31
C TRP A 438 62.75 42.68 -33.42
N LYS A 439 62.94 41.91 -34.47
CA LYS A 439 63.84 42.33 -35.52
C LYS A 439 63.13 42.18 -36.84
N ASP A 440 62.90 43.31 -37.52
CA ASP A 440 62.15 43.32 -38.78
C ASP A 440 60.71 42.82 -38.59
N GLY A 441 60.18 43.09 -37.40
CA GLY A 441 58.80 42.75 -37.02
C GLY A 441 58.61 41.38 -36.36
N LEU A 442 59.70 40.63 -36.25
CA LEU A 442 59.66 39.22 -35.89
C LEU A 442 60.35 38.95 -34.56
N PRO A 443 59.76 38.07 -33.71
CA PRO A 443 60.38 37.76 -32.43
C PRO A 443 61.72 37.05 -32.59
N VAL A 444 62.59 37.24 -31.59
CA VAL A 444 63.86 36.53 -31.50
C VAL A 444 63.95 36.01 -30.07
N GLY A 445 64.26 34.71 -29.96
CA GLY A 445 64.42 34.05 -28.67
C GLY A 445 65.87 33.88 -28.22
N GLY A 446 66.08 34.16 -26.94
CA GLY A 446 67.33 33.80 -26.29
C GLY A 446 67.16 32.54 -25.45
N GLN A 447 68.13 31.62 -25.55
CA GLN A 447 68.07 30.33 -24.85
C GLN A 447 69.03 30.27 -23.69
N LEU A 448 68.55 29.73 -22.56
CA LEU A 448 69.42 29.37 -21.45
C LEU A 448 69.28 27.90 -21.09
N ILE A 449 70.40 27.18 -21.11
CA ILE A 449 70.43 25.80 -20.68
C ILE A 449 70.94 25.67 -19.25
N GLY A 450 70.19 24.94 -18.43
CA GLY A 450 70.48 24.86 -17.00
C GLY A 450 71.05 23.52 -16.60
N LYS A 451 71.53 23.43 -15.37
CA LYS A 451 71.95 22.15 -14.80
C LYS A 451 70.72 21.27 -14.52
N HIS A 452 70.93 19.96 -14.44
CA HIS A 452 69.85 19.05 -14.09
C HIS A 452 69.21 19.56 -12.81
N TRP A 453 67.88 19.69 -12.85
CA TRP A 453 67.05 20.08 -11.69
C TRP A 453 67.09 21.56 -11.37
N ASP A 454 67.79 22.35 -12.19
CA ASP A 454 67.94 23.79 -11.95
C ASP A 454 67.04 24.66 -12.84
N GLU A 455 65.75 24.34 -12.84
CA GLU A 455 64.78 25.15 -13.57
C GLU A 455 64.60 26.50 -12.88
N THR A 456 64.82 26.52 -11.56
CA THR A 456 64.77 27.74 -10.77
C THR A 456 65.58 28.87 -11.41
N THR A 457 66.85 28.59 -11.65
CA THR A 457 67.76 29.61 -12.15
C THR A 457 67.32 30.10 -13.53
N LEU A 458 67.01 29.16 -14.41
CA LEU A 458 66.44 29.49 -15.72
C LEU A 458 65.24 30.42 -15.58
N LEU A 459 64.40 30.14 -14.59
CA LEU A 459 63.20 30.93 -14.40
C LEU A 459 63.54 32.31 -13.85
N GLN A 460 64.48 32.35 -12.91
CA GLN A 460 64.89 33.60 -12.29
C GLN A 460 65.42 34.60 -13.32
N ILE A 461 66.36 34.15 -14.14
CA ILE A 461 66.90 35.01 -15.18
C ILE A 461 65.82 35.44 -16.17
N SER A 462 64.83 34.57 -16.39
CA SER A 462 63.72 34.93 -17.28
C SER A 462 62.89 36.07 -16.67
N TYR A 463 62.69 35.99 -15.36
CA TYR A 463 61.97 37.03 -14.63
C TYR A 463 62.73 38.36 -14.64
N LEU A 464 64.05 38.31 -14.45
CA LEU A 464 64.85 39.52 -14.50
C LEU A 464 64.81 40.13 -15.90
N TRP A 465 64.92 39.30 -16.92
CA TRP A 465 64.94 39.83 -18.28
C TRP A 465 63.64 40.51 -18.67
N GLU A 466 62.50 40.01 -18.19
CA GLU A 466 61.21 40.60 -18.58
C GLU A 466 60.97 41.97 -17.96
N GLN A 467 61.55 42.19 -16.78
CA GLN A 467 61.53 43.50 -16.12
C GLN A 467 62.28 44.54 -16.94
N LYS A 468 63.44 44.17 -17.50
CA LYS A 468 64.18 45.07 -18.36
C LYS A 468 63.46 45.17 -19.69
N PHE A 469 62.87 44.06 -20.11
CA PHE A 469 62.31 44.00 -21.45
C PHE A 469 60.95 43.33 -21.45
N LYS A 470 59.90 44.15 -21.49
CA LYS A 470 58.52 43.72 -21.27
C LYS A 470 57.86 43.19 -22.55
N HIS A 471 58.28 42.00 -22.98
CA HIS A 471 57.79 41.36 -24.21
C HIS A 471 56.32 40.97 -24.12
N TYR A 472 55.80 40.90 -22.90
CA TYR A 472 54.44 40.47 -22.67
C TYR A 472 53.43 41.53 -23.09
N GLU A 473 53.92 42.73 -23.38
CA GLU A 473 53.09 43.84 -23.85
C GLU A 473 52.92 43.84 -25.36
N LYS A 474 53.85 43.20 -26.06
CA LYS A 474 53.74 43.08 -27.51
C LYS A 474 52.65 42.06 -27.86
N ILE A 475 51.48 42.55 -28.24
CA ILE A 475 50.35 41.69 -28.60
C ILE A 475 50.04 41.78 -30.08
N PRO A 476 50.10 40.63 -30.78
CA PRO A 476 49.86 40.67 -32.22
C PRO A 476 48.36 40.68 -32.51
N LEU A 477 48.02 40.83 -33.77
CA LEU A 477 46.61 40.88 -34.19
C LEU A 477 45.76 41.82 -33.34
N THR A 478 46.21 43.07 -33.24
CA THR A 478 45.48 44.17 -32.62
C THR A 478 44.96 43.81 -31.22
N GLU B 3 72.51 -48.37 -32.79
CA GLU B 3 72.20 -47.19 -33.63
C GLU B 3 73.46 -46.37 -33.96
N LYS B 4 73.56 -45.92 -35.21
CA LYS B 4 74.71 -45.13 -35.73
C LYS B 4 74.72 -43.67 -35.26
N TYR B 5 73.52 -43.13 -35.00
CA TYR B 5 73.35 -41.71 -34.76
C TYR B 5 73.16 -41.32 -33.31
N GLU B 6 72.86 -40.05 -33.13
CA GLU B 6 72.70 -39.43 -31.82
C GLU B 6 71.74 -38.25 -31.99
N ALA B 7 70.82 -38.10 -31.04
CA ALA B 7 69.88 -36.99 -31.10
C ALA B 7 70.38 -35.89 -30.19
N VAL B 8 70.53 -34.68 -30.75
CA VAL B 8 70.86 -33.52 -29.98
C VAL B 8 69.61 -32.67 -29.84
N ILE B 9 69.15 -32.51 -28.61
CA ILE B 9 67.86 -31.89 -28.30
C ILE B 9 68.05 -30.73 -27.34
N GLY B 10 67.49 -29.58 -27.71
CA GLY B 10 67.39 -28.42 -26.84
C GLY B 10 65.93 -27.99 -26.74
N LEU B 11 65.58 -27.35 -25.64
CA LEU B 11 64.21 -26.85 -25.42
C LEU B 11 64.20 -25.39 -24.99
N GLU B 12 63.18 -24.68 -25.44
CA GLU B 12 62.88 -23.29 -25.03
C GLU B 12 61.52 -23.30 -24.35
N ILE B 13 61.52 -22.97 -23.08
CA ILE B 13 60.34 -23.09 -22.25
C ILE B 13 59.89 -21.72 -21.77
N HIS B 14 58.60 -21.43 -21.84
CA HIS B 14 58.03 -20.22 -21.24
C HIS B 14 57.16 -20.62 -20.08
N VAL B 15 57.47 -20.07 -18.91
CA VAL B 15 56.77 -20.43 -17.70
C VAL B 15 56.06 -19.21 -17.17
N GLN B 16 54.78 -19.39 -16.89
CA GLN B 16 53.95 -18.33 -16.39
C GLN B 16 54.12 -18.21 -14.91
N MET B 17 54.42 -17.00 -14.46
CA MET B 17 54.67 -16.76 -13.06
C MET B 17 53.36 -16.59 -12.33
N ASP B 18 53.25 -17.23 -11.18
CA ASP B 18 52.04 -17.19 -10.38
C ASP B 18 51.97 -15.90 -9.55
N THR B 19 51.96 -14.76 -10.23
CA THR B 19 51.69 -13.49 -9.58
C THR B 19 50.17 -13.17 -9.59
N LYS B 20 49.75 -12.22 -8.75
CA LYS B 20 48.39 -11.68 -8.78
C LYS B 20 48.24 -10.75 -9.96
N THR B 21 49.33 -10.03 -10.28
CA THR B 21 49.34 -8.91 -11.21
C THR B 21 50.12 -9.22 -12.52
N LYS B 22 49.86 -8.47 -13.58
CA LYS B 22 50.67 -8.58 -14.80
C LYS B 22 52.12 -8.04 -14.61
N MET B 23 52.98 -8.19 -15.62
CA MET B 23 54.39 -7.81 -15.51
C MET B 23 54.61 -6.28 -15.43
N PHE B 24 53.82 -5.56 -16.20
CA PHE B 24 54.07 -4.13 -16.40
C PHE B 24 52.92 -3.19 -16.04
N CYS B 25 51.89 -3.74 -15.38
CA CYS B 25 50.69 -2.99 -14.92
C CYS B 25 49.92 -3.78 -13.88
N GLY B 26 49.02 -3.12 -13.18
CA GLY B 26 48.29 -3.73 -12.07
C GLY B 26 47.04 -4.56 -12.38
N CYS B 27 46.84 -4.93 -13.63
CA CYS B 27 45.74 -5.82 -13.98
C CYS B 27 45.96 -7.25 -13.50
N LYS B 28 44.86 -7.91 -13.13
CA LYS B 28 44.88 -9.24 -12.57
C LYS B 28 45.31 -10.27 -13.59
N VAL B 29 46.11 -11.22 -13.12
CA VAL B 29 46.36 -12.45 -13.86
C VAL B 29 45.36 -13.49 -13.35
N GLU B 30 44.48 -13.96 -14.22
CA GLU B 30 43.58 -15.07 -13.86
C GLU B 30 43.05 -15.82 -15.06
N PHE B 31 42.76 -17.10 -14.87
CA PHE B 31 42.35 -17.96 -15.98
C PHE B 31 40.84 -17.97 -16.26
N GLY B 32 40.50 -17.91 -17.55
CA GLY B 32 39.10 -17.94 -18.02
C GLY B 32 38.17 -16.81 -17.59
N ALA B 33 38.67 -15.57 -17.46
CA ALA B 33 37.79 -14.42 -17.26
C ALA B 33 37.12 -14.04 -18.58
N GLU B 34 36.12 -13.16 -18.51
CA GLU B 34 35.45 -12.60 -19.70
C GLU B 34 36.42 -11.81 -20.58
N PRO B 35 36.39 -12.05 -21.90
CA PRO B 35 37.37 -11.45 -22.81
C PRO B 35 37.54 -9.96 -22.61
N ASN B 36 38.80 -9.52 -22.54
CA ASN B 36 39.16 -8.12 -22.44
C ASN B 36 38.59 -7.40 -21.23
N THR B 37 38.55 -8.08 -20.08
CA THR B 37 38.13 -7.44 -18.85
C THR B 37 39.26 -7.09 -17.90
N ASN B 38 40.34 -7.88 -17.94
CA ASN B 38 41.50 -7.58 -17.10
C ASN B 38 42.59 -6.80 -17.85
N VAL B 39 42.28 -5.54 -18.17
CA VAL B 39 42.92 -4.86 -19.28
C VAL B 39 43.13 -3.38 -18.92
N CYS B 40 44.10 -2.74 -19.59
CA CYS B 40 44.64 -1.44 -19.19
C CYS B 40 44.88 -0.60 -20.41
N PRO B 41 45.18 0.69 -20.20
CA PRO B 41 45.91 1.47 -21.22
C PRO B 41 47.35 0.92 -21.48
N VAL B 42 48.03 0.51 -20.41
CA VAL B 42 49.37 -0.04 -20.52
C VAL B 42 49.37 -1.34 -21.33
N CYS B 43 48.69 -2.35 -20.82
CA CYS B 43 48.77 -3.69 -21.38
C CYS B 43 47.92 -3.81 -22.64
N LEU B 44 47.21 -2.75 -22.97
CA LEU B 44 46.45 -2.70 -24.22
C LEU B 44 47.25 -2.02 -25.33
N GLY B 45 48.44 -1.53 -24.98
CA GLY B 45 49.31 -0.87 -25.95
C GLY B 45 48.62 0.39 -26.45
N MET B 46 48.14 1.18 -25.50
CA MET B 46 47.46 2.39 -25.83
C MET B 46 48.44 3.56 -25.88
N PRO B 47 48.12 4.60 -26.68
CA PRO B 47 49.07 5.71 -26.81
C PRO B 47 49.30 6.37 -25.46
N GLY B 48 50.56 6.67 -25.12
CA GLY B 48 50.86 7.40 -23.92
C GLY B 48 51.00 6.57 -22.69
N ALA B 49 50.85 5.26 -22.83
CA ALA B 49 50.87 4.35 -21.66
C ALA B 49 52.27 3.74 -21.36
N LEU B 50 52.66 3.75 -20.08
CA LEU B 50 54.01 3.38 -19.70
C LEU B 50 54.09 2.14 -18.77
N PRO B 51 55.09 1.24 -19.02
CA PRO B 51 55.31 0.01 -18.24
C PRO B 51 55.92 0.26 -16.88
N ILE B 52 55.45 -0.47 -15.89
CA ILE B 52 56.01 -0.45 -14.53
C ILE B 52 56.30 -1.90 -14.03
N VAL B 53 57.58 -2.19 -13.74
CA VAL B 53 58.04 -3.53 -13.36
C VAL B 53 57.42 -4.04 -12.07
N ASN B 54 56.92 -5.29 -12.12
CA ASN B 54 56.36 -6.02 -10.98
C ASN B 54 57.46 -6.60 -10.07
N LYS B 55 57.47 -6.16 -8.81
CA LYS B 55 58.51 -6.57 -7.87
C LYS B 55 58.52 -8.09 -7.63
N ARG B 56 57.33 -8.66 -7.42
CA ARG B 56 57.21 -10.08 -7.14
C ARG B 56 57.63 -10.90 -8.34
N ALA B 57 57.27 -10.43 -9.53
CA ALA B 57 57.71 -11.11 -10.75
C ALA B 57 59.21 -11.22 -10.70
N VAL B 58 59.87 -10.13 -10.32
CA VAL B 58 61.31 -10.11 -10.28
C VAL B 58 61.82 -11.09 -9.22
N GLU B 59 61.25 -11.01 -8.02
CA GLU B 59 61.59 -11.90 -6.93
C GLU B 59 61.43 -13.36 -7.32
N TYR B 60 60.30 -13.70 -7.95
CA TYR B 60 60.07 -15.07 -8.38
C TYR B 60 61.07 -15.54 -9.43
N ALA B 61 61.48 -14.62 -10.31
CA ALA B 61 62.38 -14.99 -11.40
C ALA B 61 63.81 -15.21 -10.89
N ILE B 62 64.12 -14.58 -9.76
CA ILE B 62 65.41 -14.74 -9.14
C ILE B 62 65.43 -16.11 -8.46
N ARG B 63 64.43 -16.38 -7.63
CA ARG B 63 64.23 -17.67 -7.00
C ARG B 63 64.26 -18.81 -8.02
N ALA B 64 63.55 -18.67 -9.11
CA ALA B 64 63.61 -19.67 -10.17
C ALA B 64 65.03 -19.92 -10.65
N SER B 65 65.77 -18.83 -10.86
CA SER B 65 67.13 -18.89 -11.39
C SER B 65 68.07 -19.67 -10.47
N LEU B 66 68.03 -19.34 -9.19
CA LEU B 66 68.81 -20.00 -8.17
C LEU B 66 68.42 -21.47 -8.07
N ALA B 67 67.12 -21.75 -8.09
CA ALA B 67 66.66 -23.12 -7.99
C ALA B 67 67.16 -23.88 -9.20
N LEU B 68 67.42 -23.15 -10.30
CA LEU B 68 68.02 -23.78 -11.46
C LEU B 68 69.55 -23.66 -11.48
N ASN B 69 70.14 -23.31 -10.34
CA ASN B 69 71.61 -23.21 -10.20
C ASN B 69 72.31 -22.26 -11.18
N CYS B 70 71.60 -21.19 -11.53
CA CYS B 70 72.11 -20.19 -12.44
C CYS B 70 72.88 -19.15 -11.68
N GLU B 71 73.78 -18.49 -12.40
CA GLU B 71 74.39 -17.27 -11.94
C GLU B 71 73.40 -16.13 -12.22
N VAL B 72 72.99 -15.42 -11.17
CA VAL B 72 72.06 -14.29 -11.29
C VAL B 72 72.85 -12.99 -11.38
N HIS B 73 72.65 -12.29 -12.49
CA HIS B 73 73.37 -11.04 -12.75
C HIS B 73 72.75 -9.83 -12.14
N GLU B 74 73.57 -9.06 -11.45
CA GLU B 74 73.11 -7.97 -10.66
C GLU B 74 72.54 -6.82 -11.54
N GLU B 75 72.98 -6.75 -12.79
CA GLU B 75 72.39 -5.82 -13.73
C GLU B 75 71.91 -6.55 -14.99
N SER B 76 70.60 -6.48 -15.27
CA SER B 76 70.06 -6.94 -16.56
C SER B 76 69.20 -5.84 -17.13
N VAL B 77 68.87 -5.97 -18.41
CA VAL B 77 68.19 -4.92 -19.13
C VAL B 77 67.01 -5.48 -19.95
N PHE B 78 65.84 -4.87 -19.77
CA PHE B 78 64.69 -5.10 -20.64
C PHE B 78 64.92 -4.49 -22.01
N ALA B 79 64.67 -5.28 -23.04
CA ALA B 79 64.84 -4.85 -24.41
C ALA B 79 63.52 -5.00 -25.15
N ARG B 80 63.35 -4.27 -26.24
CA ARG B 80 62.13 -4.33 -26.98
C ARG B 80 62.32 -5.24 -28.15
N LYS B 81 61.44 -6.24 -28.23
CA LYS B 81 61.47 -7.22 -29.28
C LYS B 81 60.29 -6.95 -30.21
N HIS B 82 60.59 -6.60 -31.47
CA HIS B 82 59.61 -6.02 -32.39
C HIS B 82 59.06 -7.03 -33.38
N TYR B 83 57.73 -7.15 -33.46
CA TYR B 83 57.03 -7.85 -34.56
C TYR B 83 55.55 -7.48 -34.58
N PHE B 84 54.91 -7.62 -35.74
CA PHE B 84 53.51 -7.24 -35.86
C PHE B 84 52.63 -8.48 -35.81
N TYR B 85 51.79 -8.52 -34.78
CA TYR B 85 50.85 -9.61 -34.62
C TYR B 85 49.72 -9.19 -33.68
N PRO B 86 48.45 -9.44 -34.10
CA PRO B 86 47.20 -9.03 -33.49
C PRO B 86 47.11 -9.25 -32.00
N ASP B 87 47.71 -10.34 -31.50
CA ASP B 87 47.76 -10.59 -30.04
C ASP B 87 48.86 -9.84 -29.29
N LEU B 88 49.60 -8.99 -30.02
CA LEU B 88 50.69 -8.19 -29.46
C LEU B 88 50.48 -6.68 -29.63
N PRO B 89 49.90 -6.05 -28.60
CA PRO B 89 49.41 -4.68 -28.56
C PRO B 89 50.43 -3.57 -28.95
N LYS B 90 51.65 -3.60 -28.39
CA LYS B 90 52.62 -2.51 -28.61
C LYS B 90 53.36 -2.56 -29.94
N GLY B 91 53.41 -3.72 -30.57
CA GLY B 91 54.19 -3.88 -31.80
C GLY B 91 55.52 -4.46 -31.36
N TYR B 92 55.67 -4.55 -30.05
CA TYR B 92 56.84 -5.13 -29.47
C TYR B 92 56.53 -5.89 -28.18
N GLN B 93 57.33 -6.93 -27.92
CA GLN B 93 57.35 -7.61 -26.64
C GLN B 93 58.53 -7.12 -25.82
N ILE B 94 58.28 -6.81 -24.56
CA ILE B 94 59.36 -6.44 -23.66
C ILE B 94 59.90 -7.68 -22.99
N SER B 95 61.14 -8.05 -23.33
CA SER B 95 61.86 -9.15 -22.69
C SER B 95 63.28 -8.73 -22.31
N GLN B 96 64.20 -9.68 -22.34
CA GLN B 96 65.62 -9.45 -22.18
C GLN B 96 66.38 -10.14 -23.30
N TYR B 97 67.57 -9.63 -23.61
CA TYR B 97 68.32 -10.10 -24.77
C TYR B 97 69.80 -10.39 -24.42
N GLU B 98 70.74 -9.57 -24.90
CA GLU B 98 72.04 -9.50 -24.22
C GLU B 98 71.77 -8.89 -22.85
N LYS B 99 72.41 -9.41 -21.82
CA LYS B 99 72.10 -8.98 -20.45
C LYS B 99 70.74 -9.50 -19.93
N PRO B 100 70.58 -10.84 -19.88
CA PRO B 100 69.45 -11.47 -19.21
C PRO B 100 69.70 -11.60 -17.72
N LEU B 101 68.66 -11.88 -16.97
CA LEU B 101 68.74 -12.02 -15.53
C LEU B 101 69.69 -13.15 -15.06
N ALA B 102 69.64 -14.31 -15.68
CA ALA B 102 70.38 -15.47 -15.19
C ALA B 102 70.97 -16.30 -16.29
N THR B 103 72.03 -16.99 -15.93
CA THR B 103 72.89 -17.61 -16.91
C THR B 103 73.63 -18.79 -16.27
N ASN B 104 74.10 -19.73 -17.08
CA ASN B 104 75.00 -20.80 -16.62
C ASN B 104 74.45 -21.68 -15.47
N GLY B 105 73.36 -22.41 -15.74
CA GLY B 105 72.75 -23.25 -14.73
C GLY B 105 72.63 -24.70 -15.17
N TRP B 106 71.97 -25.51 -14.33
CA TRP B 106 71.78 -26.91 -14.65
C TRP B 106 70.61 -27.53 -13.91
N VAL B 107 69.98 -28.49 -14.58
CA VAL B 107 69.01 -29.39 -13.96
C VAL B 107 69.56 -30.81 -14.02
N GLU B 108 69.46 -31.52 -12.90
CA GLU B 108 69.84 -32.93 -12.85
C GLU B 108 68.64 -33.87 -13.04
N LEU B 109 68.76 -34.72 -14.05
CA LEU B 109 67.79 -35.78 -14.34
C LEU B 109 68.16 -37.14 -13.70
N ASN B 110 67.15 -37.83 -13.16
CA ASN B 110 67.32 -39.20 -12.70
C ASN B 110 66.69 -40.09 -13.74
N LEU B 111 67.55 -40.91 -14.34
CA LEU B 111 67.21 -41.71 -15.51
C LEU B 111 66.69 -43.05 -15.03
N PRO B 112 65.87 -43.74 -15.86
CA PRO B 112 65.16 -44.92 -15.36
C PRO B 112 66.06 -46.16 -15.30
N ASN B 113 67.32 -46.02 -15.72
CA ASN B 113 68.25 -47.13 -15.66
C ASN B 113 69.25 -46.92 -14.54
N GLY B 114 68.94 -45.96 -13.66
CA GLY B 114 69.75 -45.72 -12.47
C GLY B 114 70.62 -44.47 -12.49
N GLU B 115 71.05 -44.04 -13.67
CA GLU B 115 72.03 -42.96 -13.74
C GLU B 115 71.46 -41.55 -13.74
N LYS B 116 72.29 -40.63 -13.27
CA LYS B 116 71.92 -39.25 -13.16
C LYS B 116 72.70 -38.46 -14.22
N LYS B 117 71.97 -37.60 -14.92
CA LYS B 117 72.50 -36.79 -16.01
C LYS B 117 72.27 -35.30 -15.72
N LYS B 118 73.06 -34.43 -16.34
CA LYS B 118 72.81 -33.00 -16.25
C LYS B 118 72.42 -32.38 -17.57
N VAL B 119 71.40 -31.52 -17.52
CA VAL B 119 71.02 -30.64 -18.62
C VAL B 119 71.28 -29.21 -18.19
N ARG B 120 72.06 -28.48 -18.99
CA ARG B 120 72.41 -27.10 -18.70
C ARG B 120 71.28 -26.13 -19.05
N ILE B 121 71.08 -25.17 -18.17
CA ILE B 121 70.27 -24.02 -18.50
C ILE B 121 71.16 -22.91 -19.05
N ARG B 122 70.96 -22.61 -20.34
CA ARG B 122 71.68 -21.54 -21.04
C ARG B 122 71.31 -20.14 -20.54
N ARG B 123 70.00 -19.84 -20.42
CA ARG B 123 69.52 -18.57 -19.82
C ARG B 123 68.16 -18.69 -19.12
N LEU B 124 67.93 -17.83 -18.17
CA LEU B 124 66.60 -17.54 -17.72
C LEU B 124 66.39 -16.02 -17.81
N HIS B 125 65.48 -15.57 -18.68
CA HIS B 125 65.06 -14.16 -18.67
C HIS B 125 63.59 -13.82 -18.36
N ILE B 126 63.37 -12.62 -17.86
CA ILE B 126 62.01 -12.09 -17.62
C ILE B 126 61.41 -11.46 -18.86
N GLU B 127 60.15 -11.79 -19.14
CA GLU B 127 59.41 -11.21 -20.27
C GLU B 127 57.89 -11.23 -20.07
N GLU B 128 57.18 -10.59 -20.97
CA GLU B 128 55.75 -10.48 -20.83
C GLU B 128 55.06 -11.25 -21.93
N ASP B 129 53.86 -11.73 -21.63
CA ASP B 129 53.09 -12.54 -22.55
C ASP B 129 52.30 -11.69 -23.56
N ALA B 130 52.03 -12.28 -24.72
CA ALA B 130 51.06 -11.76 -25.65
C ALA B 130 49.65 -12.21 -25.22
N GLY B 131 48.61 -11.81 -25.96
CA GLY B 131 47.26 -12.30 -25.68
C GLY B 131 46.92 -13.54 -26.51
N LYS B 132 45.64 -13.92 -26.52
CA LYS B 132 45.21 -15.07 -27.31
C LYS B 132 44.25 -14.72 -28.44
N ASN B 133 44.48 -15.31 -29.59
CA ASN B 133 43.53 -15.27 -30.70
C ASN B 133 42.56 -16.47 -30.68
N ILE B 134 41.30 -16.19 -31.05
CA ILE B 134 40.30 -17.21 -31.40
C ILE B 134 39.93 -17.02 -32.88
N HIS B 135 39.88 -18.08 -33.66
CA HIS B 135 39.43 -17.97 -35.04
C HIS B 135 37.98 -18.35 -35.17
N GLU B 136 37.23 -17.55 -35.93
CA GLU B 136 35.79 -17.72 -36.09
C GLU B 136 35.40 -17.17 -37.45
N GLY B 137 35.20 -18.05 -38.42
CA GLY B 137 34.83 -17.61 -39.76
C GLY B 137 36.01 -16.97 -40.45
N ASP B 138 35.77 -15.85 -41.12
CA ASP B 138 36.84 -15.15 -41.86
C ASP B 138 37.54 -14.09 -40.97
N LYS B 139 37.32 -14.18 -39.67
CA LYS B 139 37.87 -13.22 -38.72
C LYS B 139 38.69 -13.87 -37.59
N THR B 140 39.54 -13.09 -36.92
CA THR B 140 40.20 -13.56 -35.71
C THR B 140 39.73 -12.66 -34.59
N LEU B 141 39.36 -13.24 -33.46
CA LEU B 141 38.92 -12.46 -32.33
C LEU B 141 40.01 -12.44 -31.28
N VAL B 142 40.28 -11.26 -30.71
CA VAL B 142 41.46 -11.07 -29.88
C VAL B 142 41.10 -10.79 -28.43
N ASP B 143 41.53 -11.65 -27.52
CA ASP B 143 41.40 -11.36 -26.08
C ASP B 143 42.79 -11.02 -25.56
N LEU B 144 42.95 -9.80 -25.06
CA LEU B 144 44.22 -9.34 -24.52
C LEU B 144 44.26 -9.46 -23.00
N ASN B 145 43.47 -10.36 -22.44
CA ASN B 145 43.55 -10.61 -21.00
C ASN B 145 44.93 -11.14 -20.58
N ARG B 146 45.53 -11.94 -21.44
CA ARG B 146 46.80 -12.59 -21.16
C ARG B 146 48.03 -11.70 -21.50
N ALA B 147 47.86 -10.73 -22.41
CA ALA B 147 48.91 -9.77 -22.77
C ALA B 147 49.51 -9.13 -21.52
N GLY B 148 50.84 -9.22 -21.39
CA GLY B 148 51.57 -8.62 -20.29
C GLY B 148 51.69 -9.48 -19.06
N THR B 149 51.31 -10.75 -19.18
CA THR B 149 51.44 -11.69 -18.08
C THR B 149 52.93 -12.03 -17.99
N PRO B 150 53.48 -12.13 -16.76
CA PRO B 150 54.90 -12.42 -16.58
C PRO B 150 55.28 -13.84 -16.96
N LEU B 151 56.32 -13.93 -17.80
CA LEU B 151 56.89 -15.20 -18.23
C LEU B 151 58.36 -15.26 -17.86
N MET B 152 58.84 -16.46 -17.54
CA MET B 152 60.28 -16.72 -17.48
C MET B 152 60.60 -17.46 -18.75
N GLU B 153 61.48 -16.94 -19.59
CA GLU B 153 61.86 -17.71 -20.71
C GLU B 153 63.11 -18.48 -20.31
N ILE B 154 63.07 -19.81 -20.43
CA ILE B 154 64.17 -20.70 -20.03
C ILE B 154 64.72 -21.46 -21.23
N VAL B 155 66.00 -21.31 -21.50
CA VAL B 155 66.58 -21.95 -22.68
C VAL B 155 67.62 -22.97 -22.23
N THR B 156 67.56 -24.13 -22.85
CA THR B 156 68.36 -25.29 -22.51
C THR B 156 69.54 -25.30 -23.46
N GLU B 157 70.72 -25.74 -23.00
CA GLU B 157 71.78 -26.12 -23.94
C GLU B 157 71.36 -27.42 -24.67
N PRO B 158 71.89 -27.68 -25.87
CA PRO B 158 71.43 -28.90 -26.55
C PRO B 158 72.00 -30.19 -25.92
N ASP B 159 71.73 -30.37 -24.62
CA ASP B 159 72.29 -31.44 -23.83
C ASP B 159 71.41 -32.69 -23.72
N ILE B 160 70.16 -32.58 -24.15
CA ILE B 160 69.23 -33.70 -24.10
C ILE B 160 69.49 -34.61 -25.27
N ARG B 161 69.39 -35.92 -25.01
CA ARG B 161 69.79 -36.98 -25.95
C ARG B 161 68.67 -37.92 -26.40
N THR B 162 67.53 -37.87 -25.72
CA THR B 162 66.49 -38.90 -25.84
C THR B 162 65.08 -38.33 -25.62
N PRO B 163 64.07 -38.83 -26.38
CA PRO B 163 62.69 -38.35 -26.18
C PRO B 163 62.28 -38.47 -24.73
N GLU B 164 62.54 -39.61 -24.11
CA GLU B 164 62.18 -39.81 -22.73
C GLU B 164 62.81 -38.74 -21.84
N GLU B 165 64.07 -38.42 -22.12
CA GLU B 165 64.84 -37.41 -21.37
C GLU B 165 64.22 -36.03 -21.49
N ALA B 166 63.71 -35.72 -22.69
CA ALA B 166 63.02 -34.45 -22.90
C ALA B 166 61.86 -34.35 -21.91
N ARG B 167 61.01 -35.39 -21.91
CA ARG B 167 59.88 -35.49 -20.99
C ARG B 167 60.33 -35.44 -19.54
N LEU B 168 61.32 -36.25 -19.21
CA LEU B 168 61.82 -36.26 -17.84
C LEU B 168 62.38 -34.90 -17.41
N PHE B 169 63.02 -34.19 -18.35
CA PHE B 169 63.46 -32.81 -18.09
C PHE B 169 62.29 -31.91 -17.74
N LEU B 170 61.28 -31.91 -18.60
CA LEU B 170 60.10 -31.08 -18.42
C LEU B 170 59.42 -31.34 -17.10
N GLU B 171 59.32 -32.61 -16.71
CA GLU B 171 58.69 -33.00 -15.45
C GLU B 171 59.44 -32.49 -14.25
N LYS B 172 60.77 -32.41 -14.37
CA LYS B 172 61.64 -32.00 -13.27
C LYS B 172 61.60 -30.49 -13.10
N LEU B 173 61.71 -29.78 -14.22
CA LEU B 173 61.48 -28.33 -14.27
C LEU B 173 60.15 -27.94 -13.64
N ARG B 174 59.08 -28.59 -14.09
CA ARG B 174 57.76 -28.34 -13.55
C ARG B 174 57.78 -28.48 -12.04
N ASN B 175 58.38 -29.56 -11.53
CA ASN B 175 58.41 -29.85 -10.11
C ASN B 175 59.28 -28.86 -9.32
N ILE B 176 60.41 -28.45 -9.91
CA ILE B 176 61.18 -27.37 -9.30
C ILE B 176 60.37 -26.06 -9.18
N MET B 177 59.79 -25.63 -10.29
CA MET B 177 58.92 -24.47 -10.32
C MET B 177 57.84 -24.54 -9.25
N ARG B 178 57.12 -25.66 -9.21
CA ARG B 178 56.10 -25.90 -8.21
C ARG B 178 56.63 -25.90 -6.79
N TYR B 179 57.74 -26.60 -6.53
CA TYR B 179 58.36 -26.64 -5.21
C TYR B 179 58.86 -25.27 -4.77
N ALA B 180 59.48 -24.54 -5.71
CA ALA B 180 59.93 -23.18 -5.42
C ALA B 180 58.75 -22.25 -5.17
N GLY B 181 57.62 -22.57 -5.79
CA GLY B 181 56.37 -21.88 -5.52
C GLY B 181 56.23 -20.71 -6.45
N VAL B 182 56.83 -20.81 -7.64
CA VAL B 182 56.90 -19.67 -8.53
C VAL B 182 55.86 -19.73 -9.62
N SER B 183 55.44 -20.95 -9.95
CA SER B 183 54.46 -21.15 -11.01
C SER B 183 53.75 -22.48 -10.80
N LYS B 184 52.51 -22.57 -11.30
CA LYS B 184 51.75 -23.83 -11.26
C LYS B 184 52.24 -24.75 -12.37
N ALA B 185 52.70 -24.16 -13.46
CA ALA B 185 53.47 -24.86 -14.49
C ALA B 185 52.77 -26.05 -15.13
N ASP B 186 51.44 -26.05 -15.16
CA ASP B 186 50.69 -27.11 -15.85
C ASP B 186 50.45 -26.69 -17.30
N MET B 187 50.90 -27.52 -18.24
CA MET B 187 50.68 -27.25 -19.67
C MET B 187 49.20 -27.15 -20.02
N GLU B 188 48.34 -27.83 -19.23
CA GLU B 188 46.88 -27.86 -19.42
C GLU B 188 46.28 -26.44 -19.44
N LYS B 189 46.75 -25.59 -18.52
CA LYS B 189 46.22 -24.24 -18.38
C LYS B 189 47.08 -23.22 -19.13
N GLY B 190 48.06 -23.71 -19.93
CA GLY B 190 49.09 -23.01 -20.69
C GLY B 190 49.99 -22.18 -19.81
N GLN B 191 50.23 -22.58 -18.60
CA GLN B 191 51.21 -22.01 -17.71
C GLN B 191 52.61 -22.47 -18.07
N LEU B 192 52.71 -23.35 -19.06
CA LEU B 192 53.99 -23.83 -19.50
C LEU B 192 53.90 -24.16 -20.97
N ARG B 193 54.76 -23.51 -21.75
CA ARG B 193 54.86 -23.77 -23.17
C ARG B 193 56.21 -24.40 -23.47
N CYS B 194 56.33 -25.09 -24.59
CA CYS B 194 57.60 -25.71 -24.91
C CYS B 194 57.81 -25.82 -26.40
N ASP B 195 58.87 -25.19 -26.90
CA ASP B 195 59.27 -25.37 -28.28
C ASP B 195 60.51 -26.24 -28.27
N ILE B 196 60.62 -27.09 -29.28
CA ILE B 196 61.65 -28.13 -29.32
C ILE B 196 62.60 -27.90 -30.46
N ASN B 197 63.90 -28.07 -30.19
CA ASN B 197 64.95 -27.99 -31.21
C ASN B 197 65.66 -29.32 -31.30
N VAL B 198 65.83 -29.81 -32.51
CA VAL B 198 66.41 -31.15 -32.66
C VAL B 198 67.27 -31.33 -33.89
N SER B 199 68.48 -31.84 -33.66
CA SER B 199 69.40 -32.27 -34.72
C SER B 199 69.91 -33.70 -34.46
N ILE B 200 70.37 -34.35 -35.52
CA ILE B 200 71.04 -35.65 -35.37
C ILE B 200 72.48 -35.57 -35.84
N ARG B 201 73.25 -36.56 -35.43
CA ARG B 201 74.69 -36.47 -35.43
C ARG B 201 75.23 -37.91 -35.42
N PRO B 202 76.12 -38.25 -36.37
CA PRO B 202 76.83 -39.54 -36.23
C PRO B 202 77.40 -39.72 -34.82
N LYS B 203 77.19 -40.89 -34.22
CA LYS B 203 77.51 -41.12 -32.80
C LYS B 203 78.95 -40.72 -32.47
N GLY B 204 79.12 -40.02 -31.36
CA GLY B 204 80.46 -39.63 -30.91
C GLY B 204 81.11 -38.44 -31.64
N SER B 205 80.48 -37.97 -32.72
CA SER B 205 80.92 -36.73 -33.39
C SER B 205 80.78 -35.51 -32.49
N LYS B 206 81.54 -34.46 -32.81
CA LYS B 206 81.49 -33.25 -32.00
C LYS B 206 80.87 -32.07 -32.72
N GLU B 207 80.67 -32.19 -34.04
CA GLU B 207 79.97 -31.14 -34.78
C GLU B 207 78.43 -31.28 -34.63
N PHE B 208 77.69 -30.21 -34.90
CA PHE B 208 76.23 -30.26 -34.81
C PHE B 208 75.62 -30.41 -36.18
N GLY B 209 74.51 -31.14 -36.22
CA GLY B 209 73.72 -31.29 -37.44
C GLY B 209 72.71 -30.18 -37.58
N THR B 210 72.06 -30.15 -38.74
CA THR B 210 71.02 -29.17 -39.07
C THR B 210 69.86 -29.27 -38.09
N ARG B 211 69.39 -28.10 -37.65
CA ARG B 211 68.38 -27.99 -36.59
C ARG B 211 66.96 -27.80 -37.10
N VAL B 212 66.03 -28.64 -36.60
CA VAL B 212 64.58 -28.47 -36.86
C VAL B 212 63.88 -28.05 -35.58
N GLU B 213 62.93 -27.13 -35.74
CA GLU B 213 62.18 -26.58 -34.62
C GLU B 213 60.76 -27.13 -34.65
N ILE B 214 60.24 -27.60 -33.51
CA ILE B 214 58.85 -28.03 -33.44
C ILE B 214 58.08 -27.20 -32.43
N LYS B 215 57.06 -26.49 -32.89
CA LYS B 215 56.36 -25.51 -32.06
C LYS B 215 54.99 -26.01 -31.66
N ASN B 216 54.48 -25.51 -30.53
CA ASN B 216 53.15 -25.87 -30.07
C ASN B 216 52.95 -27.38 -29.96
N VAL B 217 53.71 -28.00 -29.06
CA VAL B 217 53.29 -29.25 -28.44
C VAL B 217 52.89 -29.04 -26.98
N ASN B 218 51.85 -29.74 -26.54
CA ASN B 218 50.89 -29.19 -25.60
C ASN B 218 50.82 -30.01 -24.31
N SER B 219 51.37 -31.22 -24.35
CA SER B 219 51.60 -32.00 -23.14
C SER B 219 53.02 -32.56 -23.12
N PHE B 220 53.46 -33.00 -21.94
CA PHE B 220 54.76 -33.63 -21.79
C PHE B 220 54.80 -34.91 -22.63
N ARG B 221 53.67 -35.61 -22.67
CA ARG B 221 53.55 -36.83 -23.45
C ARG B 221 53.73 -36.53 -24.92
N PHE B 222 53.12 -35.44 -25.37
CA PHE B 222 53.19 -35.06 -26.78
C PHE B 222 54.61 -34.66 -27.23
N VAL B 223 55.42 -34.11 -26.33
CA VAL B 223 56.79 -33.78 -26.70
C VAL B 223 57.63 -35.04 -26.91
N GLN B 224 57.42 -36.04 -26.05
CA GLN B 224 58.05 -37.34 -26.24
C GLN B 224 57.65 -37.93 -27.59
N LYS B 225 56.37 -37.81 -27.93
CA LYS B 225 55.86 -38.40 -29.16
C LYS B 225 56.41 -37.70 -30.39
N ALA B 226 56.35 -36.36 -30.37
CA ALA B 226 56.86 -35.53 -31.44
C ALA B 226 58.32 -35.83 -31.69
N LEU B 227 59.09 -35.88 -30.61
CA LEU B 227 60.51 -36.18 -30.69
C LEU B 227 60.77 -37.57 -31.22
N GLU B 228 60.09 -38.56 -30.62
CA GLU B 228 60.17 -39.95 -31.08
C GLU B 228 60.06 -40.06 -32.58
N TYR B 229 59.01 -39.45 -33.13
CA TYR B 229 58.79 -39.50 -34.56
C TYR B 229 59.84 -38.73 -35.36
N GLU B 230 60.17 -37.53 -34.88
CA GLU B 230 61.05 -36.60 -35.62
C GLU B 230 62.47 -37.14 -35.77
N ILE B 231 63.01 -37.70 -34.70
CA ILE B 231 64.31 -38.40 -34.73
C ILE B 231 64.34 -39.46 -35.82
N GLU B 232 63.31 -40.33 -35.85
CA GLU B 232 63.14 -41.30 -36.92
C GLU B 232 63.05 -40.63 -38.28
N ARG B 233 62.27 -39.56 -38.37
CA ARG B 233 62.08 -38.85 -39.62
C ARG B 233 63.42 -38.40 -40.20
N GLN B 234 64.26 -37.81 -39.34
CA GLN B 234 65.57 -37.27 -39.73
C GLN B 234 66.58 -38.36 -40.07
N ILE B 235 66.57 -39.46 -39.30
CA ILE B 235 67.45 -40.59 -39.58
C ILE B 235 67.12 -41.20 -40.95
N ASN B 236 65.82 -41.35 -41.25
CA ASN B 236 65.38 -41.81 -42.56
C ASN B 236 65.97 -40.96 -43.68
N VAL B 237 65.81 -39.63 -43.54
CA VAL B 237 66.29 -38.66 -44.53
C VAL B 237 67.78 -38.84 -44.82
N VAL B 238 68.59 -38.80 -43.77
CA VAL B 238 70.05 -38.85 -43.89
C VAL B 238 70.56 -40.15 -44.48
N GLU B 239 69.94 -41.27 -44.10
CA GLU B 239 70.37 -42.57 -44.60
C GLU B 239 69.88 -42.88 -46.01
N GLU B 240 68.80 -42.22 -46.45
CA GLU B 240 68.36 -42.29 -47.84
C GLU B 240 69.26 -41.45 -48.76
N GLY B 241 70.26 -40.80 -48.17
CA GLY B 241 71.21 -39.95 -48.91
C GLY B 241 70.84 -38.47 -49.00
N GLY B 242 69.73 -38.10 -48.39
CA GLY B 242 69.25 -36.71 -48.41
C GLY B 242 69.88 -35.84 -47.35
N GLU B 243 69.59 -34.55 -47.42
CA GLU B 243 70.00 -33.61 -46.39
C GLU B 243 68.77 -33.16 -45.63
N VAL B 244 68.92 -33.01 -44.33
CA VAL B 244 67.83 -32.55 -43.49
C VAL B 244 67.78 -31.03 -43.55
N VAL B 245 66.60 -30.51 -43.88
CA VAL B 245 66.42 -29.08 -44.15
C VAL B 245 65.97 -28.30 -42.91
N GLN B 246 66.57 -27.13 -42.72
CA GLN B 246 66.33 -26.30 -41.56
C GLN B 246 65.01 -25.56 -41.67
N GLU B 247 64.08 -25.87 -40.74
CA GLU B 247 62.74 -25.27 -40.72
C GLU B 247 62.02 -25.45 -39.39
N THR B 248 60.85 -24.84 -39.28
CA THR B 248 59.94 -25.10 -38.17
C THR B 248 58.84 -26.08 -38.64
N ARG B 249 58.38 -26.94 -37.72
CA ARG B 249 57.35 -27.91 -38.02
C ARG B 249 56.30 -27.91 -36.94
N THR B 250 55.20 -28.60 -37.20
CA THR B 250 54.08 -28.73 -36.26
C THR B 250 53.79 -30.20 -35.98
N PHE B 251 53.14 -30.47 -34.85
CA PHE B 251 52.83 -31.84 -34.44
C PHE B 251 51.33 -32.01 -34.34
N ASP B 252 50.79 -33.02 -35.04
CA ASP B 252 49.38 -33.38 -34.83
C ASP B 252 49.24 -34.56 -33.89
N PRO B 253 48.63 -34.31 -32.71
CA PRO B 253 48.42 -35.32 -31.68
C PRO B 253 47.72 -36.56 -32.24
N GLN B 254 46.67 -36.34 -33.03
CA GLN B 254 45.86 -37.41 -33.63
C GLN B 254 46.66 -38.35 -34.52
N THR B 255 47.57 -37.81 -35.33
CA THR B 255 48.39 -38.65 -36.21
C THR B 255 49.75 -39.04 -35.61
N GLY B 256 50.15 -38.35 -34.55
CA GLY B 256 51.47 -38.56 -33.94
C GLY B 256 52.63 -38.27 -34.87
N LYS B 257 52.39 -37.41 -35.87
CA LYS B 257 53.40 -37.05 -36.88
C LYS B 257 53.73 -35.57 -36.83
N THR B 258 54.87 -35.21 -37.42
CA THR B 258 55.31 -33.81 -37.52
C THR B 258 55.28 -33.34 -38.96
N TYR B 259 54.79 -32.12 -39.18
CA TYR B 259 54.57 -31.60 -40.54
C TYR B 259 55.28 -30.28 -40.83
N PRO B 260 55.82 -30.15 -42.06
CA PRO B 260 56.35 -28.86 -42.51
C PRO B 260 55.21 -27.87 -42.62
N MET B 261 55.51 -26.62 -42.91
CA MET B 261 54.46 -25.60 -43.04
C MET B 261 54.29 -25.18 -44.48
N ARG B 262 53.04 -24.88 -44.85
CA ARG B 262 52.71 -24.44 -46.20
C ARG B 262 53.26 -23.04 -46.50
N THR B 263 53.33 -22.23 -45.44
CA THR B 263 53.81 -20.87 -45.52
C THR B 263 55.33 -20.81 -45.33
N LYS B 264 56.02 -20.36 -46.37
CA LYS B 264 57.49 -20.24 -46.38
C LYS B 264 57.94 -18.90 -45.79
N GLU B 265 57.43 -18.61 -44.59
CA GLU B 265 57.59 -17.29 -43.98
C GLU B 265 58.80 -17.21 -43.04
N GLU B 266 59.87 -16.59 -43.54
CA GLU B 266 61.09 -16.30 -42.77
C GLU B 266 60.82 -15.30 -41.63
N ALA B 267 61.54 -15.45 -40.54
CA ALA B 267 61.46 -14.51 -39.43
C ALA B 267 62.05 -13.16 -39.87
N GLU B 268 61.84 -12.16 -39.05
CA GLU B 268 62.29 -10.83 -39.36
C GLU B 268 63.06 -10.29 -38.18
N ASP B 269 64.13 -9.56 -38.47
CA ASP B 269 64.94 -8.87 -37.48
C ASP B 269 64.06 -8.31 -36.38
N TYR B 270 64.37 -8.64 -35.14
CA TYR B 270 63.60 -8.15 -34.02
C TYR B 270 63.96 -6.73 -33.58
N ARG B 271 64.96 -6.11 -34.21
CA ARG B 271 65.36 -4.72 -33.94
C ARG B 271 65.42 -4.47 -32.45
N TYR B 272 66.14 -5.34 -31.75
CA TYR B 272 66.31 -5.29 -30.31
C TYR B 272 67.01 -4.03 -29.81
N PHE B 273 66.56 -3.49 -28.69
CA PHE B 273 67.32 -2.44 -28.04
C PHE B 273 66.68 -2.12 -26.70
N PRO B 274 67.43 -1.51 -25.77
CA PRO B 274 66.88 -1.34 -24.42
C PRO B 274 65.62 -0.51 -24.45
N ASP B 275 64.59 -0.94 -23.73
CA ASP B 275 63.40 -0.15 -23.64
C ASP B 275 63.74 1.19 -22.96
N PRO B 276 63.56 2.30 -23.70
CA PRO B 276 63.81 3.61 -23.11
C PRO B 276 62.82 4.01 -22.06
N ASP B 277 61.73 3.24 -21.90
CA ASP B 277 60.75 3.51 -20.83
C ASP B 277 61.17 2.92 -19.52
N LEU B 278 62.20 2.09 -19.52
CA LEU B 278 62.65 1.41 -18.31
C LEU B 278 64.17 1.58 -18.08
N VAL B 279 64.53 1.88 -16.84
CA VAL B 279 65.93 1.80 -16.39
C VAL B 279 66.36 0.34 -16.23
N PRO B 280 67.68 0.06 -16.29
CA PRO B 280 68.17 -1.31 -16.11
C PRO B 280 67.73 -1.92 -14.79
N LEU B 281 67.52 -3.24 -14.81
CA LEU B 281 67.12 -3.96 -13.62
C LEU B 281 68.36 -4.19 -12.78
N LYS B 282 68.40 -3.57 -11.62
CA LYS B 282 69.54 -3.68 -10.73
C LYS B 282 69.15 -4.51 -9.52
N VAL B 283 69.81 -5.66 -9.38
CA VAL B 283 69.50 -6.62 -8.34
C VAL B 283 70.62 -6.56 -7.33
N LYS B 284 70.33 -6.01 -6.16
CA LYS B 284 71.27 -6.01 -5.05
C LYS B 284 71.72 -7.42 -4.71
N LYS B 285 72.99 -7.59 -4.34
CA LYS B 285 73.47 -8.89 -3.86
C LYS B 285 72.76 -9.32 -2.58
N GLU B 286 72.41 -8.34 -1.73
CA GLU B 286 71.74 -8.63 -0.46
C GLU B 286 70.37 -9.25 -0.65
N TRP B 287 69.76 -8.99 -1.80
CA TRP B 287 68.43 -9.53 -2.11
C TRP B 287 68.49 -10.97 -2.61
N ILE B 288 69.47 -11.25 -3.46
CA ILE B 288 69.82 -12.61 -3.88
C ILE B 288 70.16 -13.48 -2.64
N GLU B 289 71.00 -12.96 -1.76
CA GLU B 289 71.37 -13.64 -0.51
C GLU B 289 70.12 -14.01 0.29
N GLU B 290 69.16 -13.09 0.33
CA GLU B 290 67.94 -13.27 1.13
C GLU B 290 66.99 -14.31 0.52
N ILE B 291 66.91 -14.32 -0.80
CA ILE B 291 66.07 -15.30 -1.48
C ILE B 291 66.72 -16.68 -1.37
N LYS B 292 68.05 -16.70 -1.45
CA LYS B 292 68.87 -17.90 -1.27
C LYS B 292 68.64 -18.53 0.11
N LYS B 293 68.73 -17.72 1.14
CA LYS B 293 68.57 -18.14 2.53
C LYS B 293 67.17 -18.71 2.81
N ASN B 294 66.16 -18.12 2.15
CA ASN B 294 64.76 -18.47 2.40
C ASN B 294 64.13 -19.30 1.30
N MET B 295 64.96 -19.91 0.47
CA MET B 295 64.50 -20.80 -0.56
C MET B 295 63.64 -21.91 0.08
N PRO B 296 62.46 -22.19 -0.50
CA PRO B 296 61.70 -23.38 -0.07
C PRO B 296 62.47 -24.66 -0.39
N GLU B 297 62.06 -25.78 0.19
CA GLU B 297 62.76 -27.05 -0.07
C GLU B 297 62.45 -27.56 -1.47
N LEU B 298 63.48 -28.08 -2.12
CA LEU B 298 63.42 -28.48 -3.51
C LEU B 298 63.37 -29.99 -3.61
N PRO B 299 63.01 -30.53 -4.78
CA PRO B 299 62.75 -31.97 -4.87
C PRO B 299 63.91 -32.88 -4.47
N ASP B 300 65.12 -32.60 -4.97
CA ASP B 300 66.30 -33.44 -4.72
C ASP B 300 66.70 -33.43 -3.28
N GLN B 301 66.58 -32.28 -2.64
CA GLN B 301 66.78 -32.14 -1.21
C GLN B 301 65.73 -32.95 -0.43
N ARG B 302 64.44 -32.82 -0.79
CA ARG B 302 63.37 -33.50 -0.06
C ARG B 302 63.54 -35.02 -0.12
N PHE B 303 63.88 -35.51 -1.31
CA PHE B 303 64.15 -36.91 -1.55
C PHE B 303 65.13 -37.54 -0.58
N GLU B 304 66.29 -36.91 -0.37
CA GLU B 304 67.26 -37.42 0.59
C GLU B 304 66.78 -37.27 2.03
N ARG B 305 65.99 -36.24 2.30
CA ARG B 305 65.50 -36.00 3.65
C ARG B 305 64.51 -37.07 4.11
N LEU B 306 63.61 -37.50 3.22
CA LEU B 306 62.60 -38.50 3.56
C LEU B 306 63.22 -39.86 3.81
N ILE B 307 64.14 -40.26 2.92
CA ILE B 307 64.94 -41.48 3.08
C ILE B 307 65.62 -41.57 4.45
N LYS B 308 66.22 -40.46 4.86
CA LYS B 308 66.81 -40.33 6.19
C LYS B 308 65.77 -40.20 7.31
N GLU B 309 64.96 -39.15 7.29
CA GLU B 309 64.09 -38.79 8.41
C GLU B 309 62.98 -39.81 8.71
N TYR B 310 62.64 -40.62 7.71
CA TYR B 310 61.49 -41.52 7.81
C TYR B 310 61.82 -42.94 7.38
N GLY B 311 63.06 -43.16 6.95
CA GLY B 311 63.51 -44.49 6.54
C GLY B 311 62.80 -45.08 5.33
N LEU B 312 62.21 -44.23 4.49
CA LEU B 312 61.56 -44.68 3.27
C LEU B 312 62.52 -45.24 2.25
N SER B 313 62.00 -46.06 1.35
CA SER B 313 62.78 -46.57 0.24
C SER B 313 62.77 -45.55 -0.89
N GLU B 314 63.76 -45.63 -1.77
CA GLU B 314 63.84 -44.73 -2.93
C GLU B 314 62.61 -44.80 -3.83
N TYR B 315 61.92 -45.93 -3.77
CA TYR B 315 60.69 -46.10 -4.52
C TYR B 315 59.60 -45.25 -3.87
N GLU B 316 59.53 -45.35 -2.56
CA GLU B 316 58.53 -44.67 -1.77
C GLU B 316 58.71 -43.15 -1.81
N ALA B 317 59.89 -42.68 -1.44
CA ALA B 317 60.19 -41.24 -1.44
C ALA B 317 59.97 -40.60 -2.82
N GLY B 318 60.33 -41.31 -3.88
CA GLY B 318 60.15 -40.82 -5.26
C GLY B 318 58.70 -40.48 -5.57
N ILE B 319 57.80 -41.35 -5.16
CA ILE B 319 56.36 -41.13 -5.33
C ILE B 319 55.90 -39.87 -4.60
N LEU B 320 56.31 -39.73 -3.35
CA LEU B 320 55.90 -38.64 -2.48
C LEU B 320 56.49 -37.30 -2.89
N VAL B 321 57.55 -37.34 -3.69
CA VAL B 321 58.29 -36.15 -4.03
C VAL B 321 57.93 -35.69 -5.43
N ASN B 322 57.68 -36.64 -6.31
CA ASN B 322 57.24 -36.32 -7.67
C ASN B 322 55.85 -35.71 -7.72
N HIS B 323 55.03 -36.02 -6.72
CA HIS B 323 53.73 -35.41 -6.49
C HIS B 323 53.81 -34.77 -5.12
N LYS B 324 54.14 -33.48 -5.09
CA LYS B 324 54.46 -32.79 -3.84
C LYS B 324 53.37 -32.98 -2.80
N GLU B 325 52.10 -32.84 -3.22
CA GLU B 325 50.96 -32.85 -2.29
C GLU B 325 50.76 -34.19 -1.58
N VAL B 326 51.28 -35.26 -2.19
CA VAL B 326 51.31 -36.58 -1.58
C VAL B 326 52.31 -36.62 -0.44
N GLY B 327 53.51 -36.10 -0.69
CA GLY B 327 54.50 -35.95 0.37
C GLY B 327 53.97 -35.08 1.49
N ASP B 328 53.30 -34.00 1.13
CA ASP B 328 52.72 -33.08 2.10
C ASP B 328 51.69 -33.78 2.97
N PHE B 329 50.83 -34.58 2.35
CA PHE B 329 49.84 -35.40 3.03
C PHE B 329 50.55 -36.35 4.02
N PHE B 330 51.48 -37.15 3.49
CA PHE B 330 52.25 -38.08 4.28
C PHE B 330 52.82 -37.48 5.54
N GLU B 331 53.44 -36.32 5.41
CA GLU B 331 54.13 -35.72 6.53
C GLU B 331 53.18 -35.17 7.57
N GLU B 332 52.05 -34.63 7.13
CA GLU B 332 51.03 -34.14 8.06
C GLU B 332 50.37 -35.33 8.78
N ALA B 333 50.36 -36.48 8.12
CA ALA B 333 49.85 -37.71 8.72
C ALA B 333 50.83 -38.29 9.75
N VAL B 334 52.09 -38.47 9.33
CA VAL B 334 53.13 -38.97 10.23
C VAL B 334 53.22 -38.11 11.49
N ARG B 335 52.70 -36.88 11.41
CA ARG B 335 52.82 -35.95 12.50
C ARG B 335 51.82 -36.34 13.60
N HIS B 336 50.64 -36.81 13.18
CA HIS B 336 49.60 -37.26 14.10
C HIS B 336 49.89 -38.61 14.76
N PHE B 337 50.52 -39.51 14.00
CA PHE B 337 50.91 -40.81 14.53
C PHE B 337 52.25 -41.21 13.90
N LYS B 338 53.30 -41.23 14.72
CA LYS B 338 54.67 -41.42 14.22
C LYS B 338 54.98 -42.86 13.83
N GLU B 339 54.20 -43.37 12.89
CA GLU B 339 54.40 -44.70 12.30
C GLU B 339 54.55 -44.54 10.79
N PRO B 340 55.75 -44.12 10.35
CA PRO B 340 55.98 -43.84 8.93
C PRO B 340 55.80 -45.05 8.05
N LYS B 341 56.45 -46.16 8.37
CA LYS B 341 56.40 -47.36 7.53
C LYS B 341 54.96 -47.77 7.27
N GLY B 342 54.14 -47.73 8.31
CA GLY B 342 52.73 -48.09 8.21
C GLY B 342 51.93 -47.10 7.38
N ILE B 343 52.19 -45.81 7.57
CA ILE B 343 51.46 -44.76 6.85
C ILE B 343 51.76 -44.75 5.34
N VAL B 344 53.02 -44.93 4.95
CA VAL B 344 53.32 -45.01 3.52
C VAL B 344 52.65 -46.20 2.89
N ASN B 345 52.54 -47.29 3.64
CA ASN B 345 51.90 -48.48 3.13
C ASN B 345 50.44 -48.20 2.76
N TRP B 346 49.68 -47.70 3.73
CA TRP B 346 48.25 -47.45 3.59
C TRP B 346 47.90 -46.30 2.65
N LEU B 347 48.84 -45.34 2.54
CA LEU B 347 48.78 -44.26 1.56
C LEU B 347 48.96 -44.74 0.12
N ILE B 348 50.11 -45.36 -0.15
CA ILE B 348 50.47 -45.80 -1.49
C ILE B 348 49.63 -46.98 -1.96
N ASN B 349 49.47 -47.97 -1.09
CA ASN B 349 48.84 -49.22 -1.49
C ASN B 349 47.32 -49.16 -1.44
N ASP B 350 46.79 -48.26 -0.61
CA ASP B 350 45.35 -48.19 -0.40
C ASP B 350 44.67 -46.88 -0.83
N LEU B 351 44.94 -45.79 -0.10
CA LEU B 351 44.24 -44.52 -0.36
C LEU B 351 44.41 -43.96 -1.78
N LEU B 352 45.65 -43.88 -2.24
CA LEU B 352 45.93 -43.29 -3.54
C LEU B 352 45.09 -43.88 -4.66
N GLY B 353 45.01 -45.21 -4.72
CA GLY B 353 44.28 -45.86 -5.80
C GLY B 353 42.78 -45.72 -5.61
N LEU B 354 42.34 -45.58 -4.37
CA LEU B 354 40.92 -45.40 -4.07
C LEU B 354 40.40 -44.04 -4.58
N LEU B 355 41.19 -42.99 -4.34
CA LEU B 355 40.93 -41.63 -4.85
C LEU B 355 41.03 -41.55 -6.37
N ARG B 356 42.05 -42.19 -6.94
CA ARG B 356 42.19 -42.26 -8.40
C ARG B 356 40.90 -42.74 -9.06
N ASP B 357 40.32 -43.81 -8.51
CA ASP B 357 39.10 -44.46 -9.02
C ASP B 357 37.87 -43.55 -8.99
N LYS B 358 37.74 -42.76 -7.93
CA LYS B 358 36.70 -41.74 -7.83
C LYS B 358 37.03 -40.48 -8.65
N GLY B 359 38.32 -40.26 -8.93
CA GLY B 359 38.77 -39.14 -9.76
C GLY B 359 39.07 -37.90 -8.94
N ILE B 360 39.33 -38.11 -7.65
CA ILE B 360 39.60 -37.03 -6.71
C ILE B 360 41.10 -36.87 -6.39
N SER B 361 41.55 -35.62 -6.40
CA SER B 361 42.94 -35.28 -6.13
C SER B 361 43.21 -35.32 -4.64
N ILE B 362 44.45 -35.62 -4.26
CA ILE B 362 44.86 -35.76 -2.85
C ILE B 362 44.66 -34.49 -2.01
N GLU B 363 44.72 -33.33 -2.68
CA GLU B 363 44.48 -32.07 -2.01
C GLU B 363 43.06 -32.05 -1.45
N GLU B 364 42.14 -32.68 -2.18
CA GLU B 364 40.71 -32.62 -1.85
C GLU B 364 40.05 -33.90 -1.27
N SER B 365 40.87 -34.88 -0.86
CA SER B 365 40.38 -36.18 -0.40
C SER B 365 39.56 -36.06 0.88
N PRO B 366 38.47 -36.86 1.00
CA PRO B 366 37.69 -36.90 2.23
C PRO B 366 38.52 -37.42 3.40
N VAL B 367 39.43 -38.34 3.13
CA VAL B 367 40.31 -38.86 4.16
C VAL B 367 41.41 -37.85 4.39
N LYS B 368 41.35 -37.16 5.52
CA LYS B 368 42.36 -36.18 5.87
C LYS B 368 43.55 -36.89 6.49
N PRO B 369 44.75 -36.28 6.42
CA PRO B 369 45.92 -36.87 7.05
C PRO B 369 45.64 -37.43 8.45
N GLU B 370 44.73 -36.79 9.20
CA GLU B 370 44.39 -37.21 10.58
C GLU B 370 43.69 -38.57 10.60
N HIS B 371 42.88 -38.80 9.57
CA HIS B 371 42.06 -39.98 9.48
C HIS B 371 42.89 -41.20 9.11
N LEU B 372 43.87 -41.02 8.23
CA LEU B 372 44.76 -42.11 7.86
C LEU B 372 45.69 -42.47 9.02
N ALA B 373 46.18 -41.46 9.73
CA ALA B 373 47.03 -41.67 10.89
C ALA B 373 46.25 -42.38 11.99
N GLU B 374 44.96 -42.06 12.09
CA GLU B 374 44.07 -42.70 13.04
C GLU B 374 43.79 -44.15 12.66
N LEU B 375 43.47 -44.38 11.40
CA LEU B 375 43.20 -45.73 10.91
C LEU B 375 44.41 -46.65 11.13
N VAL B 376 45.59 -46.19 10.73
CA VAL B 376 46.82 -46.98 10.88
C VAL B 376 47.11 -47.25 12.35
N LYS B 377 46.67 -46.34 13.21
CA LYS B 377 46.80 -46.52 14.66
C LYS B 377 46.03 -47.75 15.14
N LEU B 378 44.80 -47.91 14.64
CA LEU B 378 43.95 -49.05 14.98
C LEU B 378 44.49 -50.38 14.46
N ILE B 379 45.19 -50.34 13.33
CA ILE B 379 45.85 -51.52 12.76
C ILE B 379 47.08 -51.93 13.57
N LYS B 380 47.88 -50.96 13.99
CA LYS B 380 49.06 -51.23 14.80
C LYS B 380 48.70 -51.73 16.21
N GLU B 381 47.68 -51.12 16.82
CA GLU B 381 47.26 -51.44 18.19
C GLU B 381 46.34 -52.65 18.27
N LYS B 382 46.13 -53.28 17.12
CA LYS B 382 45.34 -54.51 16.98
C LYS B 382 43.88 -54.35 17.41
N VAL B 383 43.35 -53.14 17.29
CA VAL B 383 41.92 -52.86 17.57
C VAL B 383 41.04 -53.45 16.46
N ILE B 384 41.49 -53.32 15.21
CA ILE B 384 40.87 -54.03 14.08
C ILE B 384 41.92 -54.77 13.24
N SER B 385 41.43 -55.65 12.37
CA SER B 385 42.29 -56.43 11.51
C SER B 385 42.54 -55.69 10.20
N THR B 386 43.61 -56.08 9.52
CA THR B 386 43.92 -55.60 8.18
C THR B 386 42.71 -55.74 7.27
N LYS B 387 42.03 -56.89 7.34
CA LYS B 387 40.83 -57.16 6.53
C LYS B 387 39.74 -56.12 6.77
N ILE B 388 39.49 -55.83 8.05
CA ILE B 388 38.47 -54.86 8.46
C ILE B 388 38.95 -53.44 8.12
N GLY B 389 40.25 -53.21 8.26
CA GLY B 389 40.89 -51.96 7.84
C GLY B 389 40.72 -51.61 6.37
N LYS B 390 40.73 -52.62 5.52
CA LYS B 390 40.56 -52.39 4.10
C LYS B 390 39.10 -52.14 3.73
N GLU B 391 38.20 -52.53 4.65
CA GLU B 391 36.76 -52.34 4.49
C GLU B 391 36.34 -50.95 4.96
N VAL B 392 36.98 -50.47 6.02
CA VAL B 392 36.67 -49.13 6.55
C VAL B 392 37.30 -47.99 5.73
N ILE B 393 38.46 -48.25 5.12
CA ILE B 393 39.12 -47.27 4.25
C ILE B 393 38.25 -46.99 3.02
N LYS B 394 37.62 -48.04 2.49
CA LYS B 394 36.75 -47.93 1.33
C LYS B 394 35.55 -47.02 1.62
N GLU B 395 35.07 -47.08 2.86
CA GLU B 395 33.92 -46.31 3.23
C GLU B 395 34.32 -44.91 3.69
N MET B 396 35.50 -44.81 4.29
CA MET B 396 36.12 -43.51 4.58
C MET B 396 36.16 -42.61 3.35
N VAL B 397 36.61 -43.17 2.24
CA VAL B 397 36.61 -42.48 0.95
C VAL B 397 35.17 -42.21 0.49
N GLU B 398 34.30 -43.19 0.70
CA GLU B 398 32.90 -43.14 0.28
C GLU B 398 32.08 -42.07 1.00
N THR B 399 32.28 -41.95 2.30
CA THR B 399 31.48 -41.08 3.13
C THR B 399 32.25 -39.84 3.49
N GLY B 400 33.30 -40.02 4.30
CA GLY B 400 34.06 -38.92 4.84
C GLY B 400 34.16 -39.01 6.34
N LYS B 401 33.63 -40.10 6.89
CA LYS B 401 33.60 -40.26 8.34
C LYS B 401 34.95 -40.73 8.87
N THR B 402 35.23 -40.45 10.14
CA THR B 402 36.49 -40.87 10.79
C THR B 402 36.55 -42.40 10.77
N PRO B 403 37.77 -42.97 10.80
CA PRO B 403 37.84 -44.42 11.03
C PRO B 403 37.11 -44.88 12.30
N SER B 404 37.36 -44.22 13.43
CA SER B 404 36.70 -44.61 14.69
C SER B 404 35.18 -44.35 14.71
N GLN B 405 34.73 -43.43 13.87
CA GLN B 405 33.29 -43.23 13.61
C GLN B 405 32.63 -44.49 13.07
N ILE B 406 33.14 -45.03 11.96
CA ILE B 406 32.56 -46.22 11.31
C ILE B 406 32.86 -47.57 12.00
N VAL B 407 33.87 -47.60 12.84
CA VAL B 407 34.14 -48.77 13.68
C VAL B 407 32.97 -48.98 14.66
N GLU B 408 32.58 -47.91 15.34
CA GLU B 408 31.48 -47.92 16.29
C GLU B 408 30.14 -48.13 15.60
N GLU B 409 29.91 -47.40 14.52
CA GLU B 409 28.67 -47.51 13.74
C GLU B 409 28.40 -48.94 13.24
N LYS B 410 29.44 -49.76 13.22
CA LYS B 410 29.34 -51.12 12.66
C LYS B 410 29.99 -52.14 13.58
N GLY B 411 30.32 -51.72 14.79
CA GLY B 411 30.79 -52.63 15.82
C GLY B 411 32.20 -53.13 15.56
N LEU B 412 32.98 -53.25 16.62
CA LEU B 412 34.40 -52.91 16.59
C LEU B 412 35.20 -53.98 15.86
N VAL C 2 70.94 4.74 -52.52
CA VAL C 2 70.48 3.46 -51.89
C VAL C 2 69.29 2.84 -52.65
N ASP C 3 69.32 1.52 -52.80
CA ASP C 3 68.45 0.77 -53.71
C ASP C 3 66.96 0.94 -53.53
N ARG C 4 66.21 0.59 -54.57
CA ARG C 4 64.76 0.43 -54.46
C ARG C 4 64.50 -0.74 -53.54
N GLU C 5 65.22 -1.84 -53.79
CA GLU C 5 65.15 -3.05 -52.97
C GLU C 5 65.30 -2.76 -51.49
N TRP C 6 66.18 -1.82 -51.16
CA TRP C 6 66.41 -1.41 -49.80
C TRP C 6 65.16 -0.75 -49.24
N VAL C 7 64.53 0.12 -50.03
CA VAL C 7 63.38 0.89 -49.58
C VAL C 7 62.18 -0.02 -49.23
N LEU C 8 61.91 -0.96 -50.13
CA LEU C 8 60.88 -2.00 -49.95
C LEU C 8 61.12 -2.91 -48.74
N LYS C 9 62.35 -3.41 -48.60
CA LYS C 9 62.74 -4.26 -47.47
C LYS C 9 62.49 -3.62 -46.12
N ILE C 10 62.80 -2.34 -46.02
CA ILE C 10 62.66 -1.60 -44.78
C ILE C 10 61.21 -1.28 -44.56
N ALA C 11 60.50 -0.97 -45.65
CA ALA C 11 59.06 -0.68 -45.58
C ALA C 11 58.28 -1.87 -45.05
N LYS C 12 58.61 -3.05 -45.58
CA LYS C 12 58.05 -4.33 -45.18
C LYS C 12 58.19 -4.53 -43.67
N LEU C 13 59.42 -4.43 -43.17
CA LEU C 13 59.65 -4.58 -41.72
C LEU C 13 58.81 -3.64 -40.91
N ALA C 14 58.52 -2.47 -41.48
CA ALA C 14 57.81 -1.40 -40.80
C ALA C 14 56.29 -1.42 -41.05
N ARG C 15 55.86 -2.34 -41.91
CA ARG C 15 54.46 -2.46 -42.34
C ARG C 15 53.94 -1.13 -42.89
N LEU C 16 54.56 -0.72 -43.99
CA LEU C 16 54.15 0.43 -44.77
C LEU C 16 54.09 -0.05 -46.19
N GLU C 17 52.90 -0.07 -46.76
CA GLU C 17 52.78 -0.40 -48.17
C GLU C 17 52.96 0.90 -48.95
N LEU C 18 54.19 1.14 -49.41
CA LEU C 18 54.49 2.39 -50.07
C LEU C 18 53.82 2.46 -51.43
N LYS C 19 53.26 3.64 -51.72
CA LYS C 19 52.71 3.94 -53.03
C LYS C 19 53.90 4.30 -53.89
N GLU C 20 53.82 4.01 -55.18
CA GLU C 20 54.97 4.14 -56.10
C GLU C 20 55.68 5.51 -56.11
N GLU C 21 54.91 6.56 -55.88
CA GLU C 21 55.42 7.93 -55.72
C GLU C 21 56.33 8.06 -54.50
N GLU C 22 55.93 7.43 -53.39
CA GLU C 22 56.72 7.44 -52.15
C GLU C 22 58.05 6.68 -52.29
N ILE C 23 58.05 5.59 -53.05
CA ILE C 23 59.26 4.79 -53.23
C ILE C 23 60.42 5.55 -53.89
N GLU C 24 60.13 6.30 -54.94
CA GLU C 24 61.17 7.11 -55.60
C GLU C 24 61.61 8.27 -54.72
N VAL C 25 60.63 8.99 -54.17
CA VAL C 25 60.92 10.13 -53.30
C VAL C 25 61.76 9.71 -52.09
N PHE C 26 61.40 8.59 -51.47
CA PHE C 26 62.10 8.14 -50.27
C PHE C 26 63.47 7.56 -50.57
N GLN C 27 63.74 7.22 -51.82
CA GLN C 27 65.09 6.79 -52.20
C GLN C 27 66.08 7.93 -52.05
N LYS C 28 65.76 9.09 -52.63
CA LYS C 28 66.62 10.27 -52.55
C LYS C 28 66.66 10.83 -51.12
N GLN C 29 65.51 11.16 -50.57
CA GLN C 29 65.45 11.76 -49.23
C GLN C 29 66.23 10.95 -48.18
N LEU C 30 66.04 9.63 -48.17
CA LEU C 30 66.74 8.76 -47.22
C LEU C 30 68.23 8.68 -47.51
N SER C 31 68.60 8.46 -48.76
CA SER C 31 70.01 8.55 -49.17
C SER C 31 70.67 9.83 -48.64
N ASP C 32 69.97 10.95 -48.81
CA ASP C 32 70.48 12.24 -48.34
C ASP C 32 70.61 12.28 -46.83
N ILE C 33 69.60 11.78 -46.13
CA ILE C 33 69.61 11.78 -44.67
C ILE C 33 70.71 10.86 -44.13
N LEU C 34 70.97 9.75 -44.82
CA LEU C 34 72.05 8.85 -44.38
C LEU C 34 73.43 9.48 -44.55
N ASP C 35 73.60 10.29 -45.58
CA ASP C 35 74.81 11.10 -45.72
C ASP C 35 74.83 12.18 -44.66
N PHE C 36 73.69 12.84 -44.48
CA PHE C 36 73.59 13.93 -43.52
C PHE C 36 74.03 13.53 -42.10
N ILE C 37 73.77 12.30 -41.70
CA ILE C 37 73.98 11.88 -40.32
C ILE C 37 75.25 11.09 -40.11
N ASP C 38 75.91 10.69 -41.20
CA ASP C 38 77.20 9.97 -41.15
C ASP C 38 78.39 10.83 -40.70
N GLN C 39 78.35 11.36 -39.50
CA GLN C 39 79.42 12.23 -39.00
C GLN C 39 80.19 11.56 -37.88
N LEU C 40 79.63 10.49 -37.32
CA LEU C 40 80.07 10.01 -36.01
C LEU C 40 81.25 9.00 -36.01
N LYS C 41 81.60 8.42 -37.15
CA LYS C 41 82.78 7.54 -37.26
C LYS C 41 84.03 8.21 -36.69
N GLU C 42 84.26 9.45 -37.13
CA GLU C 42 85.31 10.31 -36.62
C GLU C 42 85.58 10.16 -35.14
N LEU C 43 84.52 10.00 -34.34
CA LEU C 43 84.69 9.97 -32.91
C LEU C 43 85.07 8.59 -32.42
N ASP C 44 85.85 8.55 -31.34
CA ASP C 44 86.24 7.30 -30.71
C ASP C 44 85.31 7.08 -29.54
N THR C 45 84.60 5.95 -29.59
CA THR C 45 83.60 5.59 -28.57
C THR C 45 83.80 4.18 -27.98
N GLU C 46 84.87 3.49 -28.38
CA GLU C 46 85.48 2.47 -27.52
C GLU C 46 85.70 3.12 -26.17
N ASN C 47 85.37 2.42 -25.10
CA ASN C 47 85.59 2.98 -23.78
C ASN C 47 84.66 4.12 -23.42
N VAL C 48 83.60 4.33 -24.20
CA VAL C 48 82.46 5.16 -23.75
C VAL C 48 81.23 4.29 -23.48
N GLU C 49 80.67 4.43 -22.28
CA GLU C 49 79.38 3.82 -21.91
C GLU C 49 78.20 4.50 -22.62
N PRO C 50 77.30 3.72 -23.28
CA PRO C 50 76.05 4.29 -23.80
C PRO C 50 75.27 5.06 -22.73
N TYR C 51 74.61 6.13 -23.16
CA TYR C 51 73.84 7.03 -22.27
C TYR C 51 72.66 6.36 -21.52
N ILE C 52 72.60 6.52 -20.22
CA ILE C 52 71.36 6.19 -19.50
C ILE C 52 71.19 7.27 -18.48
N GLN C 53 69.94 7.66 -18.23
CA GLN C 53 69.66 8.60 -17.18
C GLN C 53 70.05 8.01 -15.83
N GLU C 54 70.50 8.88 -14.93
CA GLU C 54 70.97 8.45 -13.62
C GLU C 54 69.82 7.87 -12.80
N PHE C 55 70.15 6.99 -11.85
CA PHE C 55 69.15 6.35 -10.98
C PHE C 55 69.84 5.44 -9.98
N GLU C 56 69.35 5.44 -8.76
CA GLU C 56 70.01 4.72 -7.68
C GLU C 56 69.50 3.27 -7.59
N GLU C 57 68.18 3.10 -7.62
CA GLU C 57 67.56 1.78 -7.63
C GLU C 57 66.59 1.66 -8.78
N THR C 58 66.37 0.43 -9.22
CA THR C 58 65.31 0.19 -10.21
C THR C 58 63.93 0.41 -9.55
N PRO C 59 63.11 1.30 -10.15
CA PRO C 59 61.69 1.53 -9.83
C PRO C 59 60.80 0.30 -10.06
N MET C 60 60.25 -0.23 -8.98
CA MET C 60 59.42 -1.40 -9.05
C MET C 60 58.11 -1.10 -8.38
N ARG C 61 57.15 -2.00 -8.54
CA ARG C 61 55.80 -1.81 -8.06
C ARG C 61 55.36 -3.10 -7.35
N GLU C 62 54.67 -2.95 -6.22
CA GLU C 62 54.06 -4.07 -5.50
C GLU C 62 53.09 -4.89 -6.36
N ASP C 63 52.97 -6.19 -6.06
CA ASP C 63 52.07 -7.09 -6.79
C ASP C 63 50.61 -7.01 -6.30
N GLU C 64 50.01 -5.83 -6.46
CA GLU C 64 48.63 -5.56 -6.02
C GLU C 64 47.78 -5.14 -7.19
N PRO C 65 46.58 -5.74 -7.34
CA PRO C 65 45.67 -5.37 -8.43
C PRO C 65 45.17 -3.92 -8.42
N HIS C 66 45.16 -3.32 -9.61
CA HIS C 66 44.60 -1.99 -9.86
C HIS C 66 43.36 -2.17 -10.70
N PRO C 67 42.30 -1.37 -10.42
CA PRO C 67 41.07 -1.45 -11.20
C PRO C 67 41.39 -1.36 -12.68
N SER C 68 41.00 -2.38 -13.43
CA SER C 68 41.14 -2.35 -14.87
C SER C 68 40.25 -1.28 -15.52
N LEU C 69 40.52 -1.03 -16.78
CA LEU C 69 39.73 -0.14 -17.59
C LEU C 69 38.40 -0.82 -17.86
N ASP C 70 37.32 -0.07 -17.79
CA ASP C 70 36.01 -0.58 -18.14
C ASP C 70 36.06 -1.04 -19.62
N ARG C 71 35.51 -2.23 -19.87
CA ARG C 71 35.63 -2.91 -21.15
C ARG C 71 35.01 -2.13 -22.29
N GLU C 72 33.98 -1.37 -21.94
CA GLU C 72 33.28 -0.47 -22.84
C GLU C 72 34.24 0.61 -23.41
N LYS C 73 34.99 1.26 -22.52
CA LYS C 73 36.01 2.26 -22.90
C LYS C 73 37.20 1.63 -23.60
N ALA C 74 37.53 0.40 -23.18
CA ALA C 74 38.61 -0.34 -23.81
C ALA C 74 38.31 -0.73 -25.24
N LEU C 75 37.03 -0.84 -25.58
CA LEU C 75 36.64 -1.34 -26.87
C LEU C 75 36.07 -0.27 -27.78
N MET C 76 35.60 0.83 -27.18
CA MET C 76 34.93 1.92 -27.92
C MET C 76 35.63 2.43 -29.18
N ASN C 77 36.97 2.48 -29.17
CA ASN C 77 37.75 2.96 -30.30
C ASN C 77 38.00 1.92 -31.37
N ALA C 78 37.63 0.67 -31.09
CA ALA C 78 37.95 -0.44 -31.95
C ALA C 78 37.27 -0.34 -33.31
N PRO C 79 38.05 -0.46 -34.39
CA PRO C 79 37.47 -0.53 -35.74
C PRO C 79 36.32 -1.54 -35.85
N GLU C 80 36.46 -2.71 -35.24
CA GLU C 80 35.43 -3.76 -35.26
C GLU C 80 35.50 -4.57 -33.99
N ARG C 81 34.38 -4.74 -33.30
CA ARG C 81 34.36 -5.53 -32.08
C ARG C 81 33.24 -6.58 -32.01
N LYS C 82 33.41 -7.63 -31.20
CA LYS C 82 32.43 -8.73 -31.12
C LYS C 82 32.49 -9.54 -29.84
N ASP C 83 31.39 -9.51 -29.09
CA ASP C 83 31.24 -10.33 -27.89
C ASP C 83 32.34 -10.10 -26.85
N GLY C 84 32.93 -8.92 -26.87
CA GLY C 84 34.05 -8.59 -25.96
C GLY C 84 35.45 -8.70 -26.56
N PHE C 85 35.52 -9.02 -27.86
CA PHE C 85 36.76 -9.29 -28.56
C PHE C 85 37.07 -8.23 -29.60
N PHE C 86 38.34 -7.87 -29.75
CA PHE C 86 38.79 -7.11 -30.87
C PHE C 86 38.71 -7.99 -32.11
N VAL C 87 38.16 -7.45 -33.19
CA VAL C 87 37.95 -8.22 -34.40
C VAL C 87 38.90 -7.76 -35.52
N VAL C 88 39.71 -8.71 -36.00
CA VAL C 88 40.50 -8.48 -37.21
C VAL C 88 40.29 -9.60 -38.21
N PRO C 89 40.69 -9.35 -39.46
CA PRO C 89 40.73 -10.41 -40.48
C PRO C 89 41.53 -11.61 -40.00
N ARG C 90 41.03 -12.81 -40.31
CA ARG C 90 41.66 -14.04 -39.85
C ARG C 90 43.17 -14.12 -40.12
N VAL C 91 43.91 -14.65 -39.15
CA VAL C 91 45.34 -14.99 -39.28
C VAL C 91 45.54 -16.51 -39.28
N VAL C 92 46.51 -17.00 -40.04
CA VAL C 92 46.66 -18.46 -40.15
C VAL C 92 47.60 -19.04 -39.09
N MET D 1 -35.77 65.12 -82.43
CA MET D 1 -35.01 66.34 -82.03
C MET D 1 -33.55 66.03 -81.61
N LEU D 2 -33.05 64.87 -82.05
CA LEU D 2 -31.63 64.47 -81.89
C LEU D 2 -31.32 63.78 -80.56
N TRP D 3 -31.42 64.50 -79.46
CA TRP D 3 -31.32 63.87 -78.16
C TRP D 3 -32.52 62.95 -77.93
N LYS D 4 -33.56 63.14 -78.74
CA LYS D 4 -34.76 62.31 -78.71
C LYS D 4 -34.58 61.03 -79.52
N LYS D 5 -33.43 60.88 -80.15
CA LYS D 5 -33.19 59.75 -81.03
C LYS D 5 -32.38 58.62 -80.38
N SER D 6 -32.62 57.39 -80.82
CA SER D 6 -31.92 56.21 -80.29
C SER D 6 -30.51 56.11 -80.86
N LEU D 7 -29.73 55.18 -80.34
CA LEU D 7 -28.36 54.97 -80.80
C LEU D 7 -28.33 54.38 -82.20
N SER D 8 -29.41 53.71 -82.61
CA SER D 8 -29.54 53.20 -83.96
C SER D 8 -29.78 54.35 -84.93
N GLU D 9 -30.70 55.23 -84.55
CA GLU D 9 -30.99 56.42 -85.33
C GLU D 9 -29.76 57.32 -85.37
N LEU D 10 -29.11 57.49 -84.23
CA LEU D 10 -27.91 58.32 -84.14
C LEU D 10 -26.74 57.77 -84.97
N ARG D 11 -26.51 56.47 -84.88
CA ARG D 11 -25.41 55.82 -85.60
C ARG D 11 -25.54 56.00 -87.10
N GLU D 12 -26.73 55.67 -87.62
CA GLU D 12 -27.04 55.81 -89.03
C GLU D 12 -26.71 57.24 -89.52
N LEU D 13 -27.14 58.24 -88.76
CA LEU D 13 -26.86 59.65 -89.07
C LEU D 13 -25.37 60.03 -89.00
N LEU D 14 -24.63 59.39 -88.09
CA LEU D 14 -23.22 59.70 -87.90
C LEU D 14 -22.37 59.01 -88.94
N LYS D 15 -22.77 57.80 -89.30
CA LYS D 15 -22.03 57.01 -90.26
C LYS D 15 -22.10 57.60 -91.67
N ARG D 16 -23.24 58.20 -92.00
CA ARG D 16 -23.45 58.87 -93.30
C ARG D 16 -23.24 60.38 -93.23
N GLY D 17 -22.58 60.83 -92.17
CA GLY D 17 -22.13 62.22 -92.05
C GLY D 17 -23.22 63.27 -91.94
N GLU D 18 -24.48 62.83 -92.01
CA GLU D 18 -25.64 63.72 -91.86
C GLU D 18 -25.51 64.56 -90.58
N VAL D 19 -24.83 63.97 -89.58
CA VAL D 19 -24.56 64.63 -88.32
C VAL D 19 -23.10 64.35 -87.88
N SER D 20 -22.59 65.24 -87.03
CA SER D 20 -21.23 65.15 -86.48
C SER D 20 -21.31 64.82 -84.99
N PRO D 21 -20.27 64.15 -84.46
CA PRO D 21 -20.21 63.87 -83.03
C PRO D 21 -20.42 65.11 -82.18
N LYS D 22 -19.89 66.25 -82.64
CA LYS D 22 -20.02 67.52 -81.91
C LYS D 22 -21.49 67.95 -81.79
N GLU D 23 -22.26 67.76 -82.85
CA GLU D 23 -23.68 68.12 -82.87
C GLU D 23 -24.47 67.29 -81.86
N VAL D 24 -24.26 65.98 -81.92
CA VAL D 24 -24.85 65.02 -80.99
C VAL D 24 -24.61 65.45 -79.55
N VAL D 25 -23.35 65.77 -79.22
CA VAL D 25 -22.99 66.24 -77.89
C VAL D 25 -23.72 67.54 -77.55
N GLU D 26 -23.74 68.47 -78.52
CA GLU D 26 -24.44 69.76 -78.36
C GLU D 26 -25.94 69.56 -78.07
N SER D 27 -26.55 68.62 -78.80
CA SER D 27 -27.95 68.26 -78.59
C SER D 27 -28.25 67.87 -77.15
N PHE D 28 -27.51 66.87 -76.64
CA PHE D 28 -27.68 66.39 -75.27
C PHE D 28 -27.28 67.45 -74.25
N TYR D 29 -26.30 68.27 -74.61
CA TYR D 29 -25.88 69.40 -73.78
C TYR D 29 -27.06 70.38 -73.55
N ASP D 30 -27.78 70.69 -74.62
CA ASP D 30 -28.97 71.55 -74.58
C ASP D 30 -29.98 70.98 -73.60
N ARG D 31 -30.31 69.70 -73.84
CA ARG D 31 -31.25 68.94 -73.04
C ARG D 31 -30.82 68.89 -71.58
N TYR D 32 -29.50 68.77 -71.37
CA TYR D 32 -28.90 68.88 -70.04
C TYR D 32 -29.20 70.27 -69.46
N ASN D 33 -29.00 71.31 -70.27
CA ASN D 33 -29.28 72.70 -69.85
C ASN D 33 -30.76 72.96 -69.52
N GLN D 34 -31.64 72.33 -70.30
CA GLN D 34 -33.09 72.32 -70.06
C GLN D 34 -33.46 71.73 -68.69
N THR D 35 -32.80 70.60 -68.29
CA THR D 35 -33.35 69.75 -67.25
C THR D 35 -32.48 69.82 -65.98
N GLU D 36 -31.22 70.04 -66.06
CA GLU D 36 -30.32 69.81 -64.93
C GLU D 36 -30.68 70.55 -63.64
N GLU D 37 -31.20 71.76 -63.76
CA GLU D 37 -31.52 72.56 -62.58
C GLU D 37 -32.62 71.88 -61.74
N LYS D 38 -33.50 71.15 -62.42
CA LYS D 38 -34.58 70.41 -61.78
C LYS D 38 -34.10 69.03 -61.29
N VAL D 39 -33.44 68.29 -62.19
CA VAL D 39 -33.00 66.89 -61.99
C VAL D 39 -31.75 66.73 -61.10
N LYS D 40 -30.65 67.41 -61.47
CA LYS D 40 -29.36 67.31 -60.77
C LYS D 40 -28.74 65.88 -60.87
N ALA D 41 -28.66 65.38 -62.10
CA ALA D 41 -28.05 64.10 -62.37
C ALA D 41 -26.52 64.08 -62.14
N TYR D 42 -25.84 65.18 -62.45
CA TYR D 42 -24.39 65.17 -62.50
C TYR D 42 -23.65 65.80 -61.32
N ILE D 43 -22.49 65.22 -61.01
CA ILE D 43 -21.54 65.86 -60.11
C ILE D 43 -20.58 66.71 -60.97
N THR D 44 -20.10 66.14 -62.05
CA THR D 44 -19.13 66.80 -62.86
C THR D 44 -19.58 66.63 -64.28
N PRO D 45 -20.23 67.66 -64.84
CA PRO D 45 -20.59 67.67 -66.26
C PRO D 45 -19.32 67.82 -67.08
N LEU D 46 -19.21 67.09 -68.18
CA LEU D 46 -18.01 67.14 -69.00
C LEU D 46 -18.38 67.32 -70.47
N TYR D 47 -19.56 67.89 -70.72
CA TYR D 47 -20.04 68.15 -72.08
C TYR D 47 -19.09 69.10 -72.79
N GLY D 48 -18.60 70.10 -72.05
CA GLY D 48 -17.55 71.02 -72.51
C GLY D 48 -16.33 70.27 -73.06
N LYS D 49 -15.79 69.36 -72.25
CA LYS D 49 -14.60 68.61 -72.66
C LYS D 49 -14.93 67.61 -73.77
N ALA D 50 -16.15 67.06 -73.73
CA ALA D 50 -16.58 66.10 -74.72
C ALA D 50 -16.71 66.80 -76.07
N LEU D 51 -17.20 68.04 -76.05
CA LEU D 51 -17.27 68.92 -77.22
C LEU D 51 -15.92 68.98 -77.95
N LYS D 52 -14.85 69.27 -77.19
CA LYS D 52 -13.50 69.32 -77.75
C LYS D 52 -12.99 67.98 -78.26
N GLN D 53 -13.26 66.91 -77.49
CA GLN D 53 -12.81 65.56 -77.86
C GLN D 53 -13.50 65.09 -79.12
N ALA D 54 -14.70 65.62 -79.35
CA ALA D 54 -15.51 65.26 -80.47
C ALA D 54 -14.87 65.72 -81.79
N GLU D 55 -14.19 66.87 -81.75
CA GLU D 55 -13.53 67.44 -82.93
C GLU D 55 -12.51 66.49 -83.54
N SER D 56 -11.75 65.78 -82.69
CA SER D 56 -10.73 64.86 -83.18
C SER D 56 -11.24 63.44 -83.40
N LEU D 57 -12.52 63.21 -83.15
CA LEU D 57 -13.15 61.92 -83.40
C LEU D 57 -13.45 61.74 -84.89
N LYS D 58 -12.87 60.74 -85.49
CA LYS D 58 -12.93 60.61 -86.95
C LYS D 58 -13.47 59.30 -87.48
N GLU D 59 -12.94 58.17 -87.01
CA GLU D 59 -13.35 56.88 -87.55
C GLU D 59 -14.79 56.49 -87.17
N ARG D 60 -15.67 56.53 -88.15
CA ARG D 60 -17.12 56.38 -87.94
C ARG D 60 -17.53 54.93 -87.63
N GLU D 61 -16.74 53.96 -88.07
CA GLU D 61 -17.10 52.55 -87.93
C GLU D 61 -16.93 51.99 -86.51
N LEU D 62 -16.35 52.81 -85.63
CA LEU D 62 -16.25 52.47 -84.22
C LEU D 62 -17.65 52.20 -83.63
N PRO D 63 -17.80 51.09 -82.89
CA PRO D 63 -19.10 50.61 -82.42
C PRO D 63 -19.95 51.66 -81.70
N LEU D 64 -19.30 52.59 -81.01
CA LEU D 64 -19.98 53.63 -80.26
C LEU D 64 -19.61 55.02 -80.77
N PHE D 65 -19.31 55.10 -82.06
CA PHE D 65 -18.65 56.27 -82.67
C PHE D 65 -18.90 57.64 -82.04
N GLY D 66 -20.13 58.12 -82.02
CA GLY D 66 -20.32 59.48 -81.53
C GLY D 66 -21.14 59.59 -80.29
N ILE D 67 -21.28 58.48 -79.58
CA ILE D 67 -22.30 58.35 -78.56
C ILE D 67 -21.85 58.97 -77.23
N PRO D 68 -22.63 59.94 -76.72
CA PRO D 68 -22.42 60.43 -75.36
C PRO D 68 -22.77 59.32 -74.38
N ILE D 69 -22.06 59.28 -73.26
CA ILE D 69 -22.39 58.34 -72.20
C ILE D 69 -22.03 58.94 -70.86
N ALA D 70 -22.97 58.88 -69.93
CA ALA D 70 -22.71 59.36 -68.58
C ALA D 70 -22.15 58.18 -67.80
N VAL D 71 -21.44 58.50 -66.73
CA VAL D 71 -20.72 57.51 -65.99
C VAL D 71 -20.83 57.84 -64.52
N LYS D 72 -21.13 56.84 -63.72
CA LYS D 72 -21.33 57.01 -62.29
C LYS D 72 -20.00 57.43 -61.66
N ASP D 73 -20.06 58.31 -60.68
CA ASP D 73 -18.83 58.90 -60.14
C ASP D 73 -18.09 58.02 -59.10
N ASN D 74 -18.21 56.70 -59.27
CA ASN D 74 -17.33 55.78 -58.57
C ASN D 74 -16.60 54.91 -59.58
N ILE D 75 -16.71 55.28 -60.85
CA ILE D 75 -15.91 54.68 -61.90
C ILE D 75 -14.88 55.74 -62.31
N LEU D 76 -13.59 55.39 -62.27
CA LEU D 76 -12.47 56.33 -62.53
C LEU D 76 -12.36 56.74 -63.98
N VAL D 77 -12.44 58.06 -64.21
CA VAL D 77 -12.12 58.64 -65.53
C VAL D 77 -10.90 59.54 -65.35
N GLU D 78 -9.82 59.19 -66.05
CA GLU D 78 -8.53 59.84 -65.82
C GLU D 78 -8.47 61.35 -66.16
N GLY D 79 -7.86 62.11 -65.26
CA GLY D 79 -7.74 63.53 -65.46
C GLY D 79 -8.91 64.29 -64.88
N GLU D 80 -10.02 63.61 -64.61
CA GLU D 80 -11.18 64.27 -63.97
C GLU D 80 -11.43 63.74 -62.58
N LYS D 81 -12.11 64.54 -61.77
CA LYS D 81 -12.44 64.15 -60.43
C LYS D 81 -13.28 62.87 -60.39
N THR D 82 -12.96 62.01 -59.42
CA THR D 82 -13.77 60.87 -59.07
C THR D 82 -14.04 61.02 -57.57
N THR D 83 -15.28 61.38 -57.23
CA THR D 83 -15.61 61.77 -55.85
C THR D 83 -16.30 60.67 -55.03
N CYS D 84 -16.89 59.68 -55.73
CA CYS D 84 -17.82 58.72 -55.12
C CYS D 84 -18.85 59.45 -54.30
N ALA D 85 -19.11 60.70 -54.68
CA ALA D 85 -20.05 61.54 -54.01
C ALA D 85 -19.68 61.65 -52.54
N SER D 86 -18.38 61.69 -52.27
CA SER D 86 -17.86 61.80 -50.90
C SER D 86 -17.00 63.05 -50.67
N LYS D 87 -17.11 63.63 -49.47
CA LYS D 87 -16.20 64.69 -49.05
C LYS D 87 -14.76 64.20 -49.05
N ILE D 88 -14.57 62.92 -48.74
CA ILE D 88 -13.24 62.33 -48.56
C ILE D 88 -12.51 62.20 -49.89
N LEU D 89 -13.27 62.31 -50.97
CA LEU D 89 -12.68 62.20 -52.30
C LEU D 89 -13.08 63.33 -53.24
N GLU D 90 -13.61 64.44 -52.72
CA GLU D 90 -13.76 65.59 -53.62
C GLU D 90 -12.38 66.14 -53.86
N ASN D 91 -12.12 66.58 -55.07
CA ASN D 91 -10.76 67.03 -55.43
C ASN D 91 -9.74 65.89 -55.64
N PHE D 92 -10.20 64.63 -55.53
CA PHE D 92 -9.39 63.52 -56.01
C PHE D 92 -9.46 63.46 -57.53
N VAL D 93 -8.34 63.74 -58.18
CA VAL D 93 -8.23 63.59 -59.63
C VAL D 93 -7.76 62.18 -59.95
N ALA D 94 -8.54 61.49 -60.78
CA ALA D 94 -8.25 60.13 -61.12
C ALA D 94 -6.98 60.02 -61.95
N PRO D 95 -6.00 59.22 -61.48
CA PRO D 95 -4.71 58.91 -62.12
C PRO D 95 -4.72 57.87 -63.21
N TYR D 96 -5.84 57.18 -63.42
CA TYR D 96 -5.92 56.15 -64.47
C TYR D 96 -7.39 55.95 -64.88
N ASP D 97 -7.60 55.31 -66.03
CA ASP D 97 -8.92 54.92 -66.53
C ASP D 97 -9.37 53.60 -65.93
N ALA D 98 -10.61 53.52 -65.44
CA ALA D 98 -11.22 52.22 -65.18
C ALA D 98 -11.20 51.45 -66.49
N THR D 99 -11.10 50.12 -66.44
CA THR D 99 -11.02 49.31 -67.65
C THR D 99 -12.20 49.56 -68.59
N VAL D 100 -13.40 49.77 -68.03
CA VAL D 100 -14.59 50.00 -68.84
C VAL D 100 -14.51 51.32 -69.61
N ILE D 101 -14.01 52.36 -68.95
CA ILE D 101 -13.81 53.66 -69.58
C ILE D 101 -12.79 53.56 -70.71
N GLU D 102 -11.74 52.77 -70.50
CA GLU D 102 -10.74 52.51 -71.52
C GLU D 102 -11.40 51.91 -72.75
N ARG D 103 -12.30 50.96 -72.52
CA ARG D 103 -12.95 50.21 -73.59
C ARG D 103 -14.04 51.02 -74.29
N LEU D 104 -14.71 51.90 -73.55
CA LEU D 104 -15.66 52.82 -74.12
C LEU D 104 -14.95 53.83 -75.03
N LYS D 105 -13.87 54.44 -74.50
CA LYS D 105 -13.05 55.42 -75.24
C LYS D 105 -12.56 54.81 -76.53
N LYS D 106 -12.10 53.56 -76.44
CA LYS D 106 -11.61 52.86 -77.59
C LYS D 106 -12.74 52.59 -78.59
N ALA D 107 -13.99 52.62 -78.11
CA ALA D 107 -15.15 52.31 -78.96
C ALA D 107 -15.76 53.57 -79.57
N GLY D 108 -15.14 54.71 -79.29
CA GLY D 108 -15.59 55.99 -79.82
C GLY D 108 -16.52 56.78 -78.92
N ALA D 109 -16.92 56.19 -77.80
CA ALA D 109 -17.87 56.86 -76.93
C ALA D 109 -17.31 58.17 -76.41
N LEU D 110 -18.19 59.04 -75.93
CA LEU D 110 -17.75 60.29 -75.39
C LEU D 110 -18.29 60.51 -74.00
N ILE D 111 -17.41 60.49 -73.01
CA ILE D 111 -17.84 60.60 -71.63
C ILE D 111 -18.35 62.01 -71.41
N VAL D 112 -19.64 62.15 -71.13
CA VAL D 112 -20.21 63.49 -71.01
C VAL D 112 -20.42 63.96 -69.58
N GLY D 113 -20.09 63.11 -68.61
CA GLY D 113 -20.12 63.57 -67.22
C GLY D 113 -20.11 62.52 -66.14
N LYS D 114 -19.95 62.98 -64.92
CA LYS D 114 -19.84 62.12 -63.79
C LYS D 114 -21.06 62.32 -62.96
N THR D 115 -21.72 61.21 -62.72
CA THR D 115 -23.10 61.28 -62.33
C THR D 115 -23.31 61.02 -60.83
N ASN D 116 -24.37 61.62 -60.27
CA ASN D 116 -24.52 61.65 -58.81
C ASN D 116 -24.85 60.23 -58.26
N LEU D 117 -24.59 60.01 -56.98
CA LEU D 117 -24.79 58.71 -56.34
C LEU D 117 -24.91 58.86 -54.86
N ASP D 118 -25.40 57.81 -54.20
CA ASP D 118 -25.25 57.72 -52.75
C ASP D 118 -23.74 57.63 -52.51
N GLU D 119 -23.29 58.20 -51.40
CA GLU D 119 -21.88 58.22 -51.11
C GLU D 119 -21.33 56.80 -51.01
N PHE D 120 -20.32 56.55 -51.83
CA PHE D 120 -19.61 55.29 -51.91
C PHE D 120 -20.55 54.18 -52.29
N ALA D 121 -21.64 54.57 -52.94
CA ALA D 121 -22.59 53.67 -53.56
C ALA D 121 -23.46 52.93 -52.54
N MET D 122 -23.59 53.50 -51.35
CA MET D 122 -24.32 52.86 -50.28
C MET D 122 -25.64 53.59 -49.98
N GLY D 123 -26.74 53.01 -50.47
CA GLY D 123 -28.08 53.57 -50.27
C GLY D 123 -29.00 53.23 -51.42
N SER D 124 -30.28 53.55 -51.26
CA SER D 124 -31.28 53.20 -52.29
C SER D 124 -32.10 54.37 -52.90
N SER D 125 -31.58 55.60 -52.80
CA SER D 125 -32.36 56.81 -53.14
C SER D 125 -31.50 57.99 -53.61
N THR D 126 -30.19 57.93 -53.41
CA THR D 126 -29.25 58.99 -53.81
C THR D 126 -29.26 60.16 -52.83
N GLU D 127 -30.16 60.13 -51.86
CA GLU D 127 -30.17 61.12 -50.82
C GLU D 127 -28.83 61.22 -50.09
N TYR D 128 -28.06 60.14 -50.08
CA TYR D 128 -26.80 60.10 -49.32
C TYR D 128 -25.55 60.58 -50.07
N SER D 129 -25.76 61.10 -51.28
CA SER D 129 -24.78 61.95 -51.97
C SER D 129 -24.37 63.02 -51.00
N ALA D 130 -23.06 63.18 -50.80
CA ALA D 130 -22.54 64.18 -49.85
C ALA D 130 -22.70 65.60 -50.39
N PHE D 131 -23.10 65.71 -51.66
CA PHE D 131 -23.18 66.97 -52.35
C PHE D 131 -24.61 67.55 -52.49
N PHE D 132 -25.52 66.74 -53.03
CA PHE D 132 -26.91 67.12 -53.26
C PHE D 132 -27.72 65.91 -53.73
N PRO D 133 -29.05 65.93 -53.48
CA PRO D 133 -29.93 64.89 -54.01
C PRO D 133 -30.20 65.04 -55.48
N THR D 134 -30.20 63.93 -56.22
CA THR D 134 -30.82 63.87 -57.54
C THR D 134 -32.33 63.67 -57.35
N LYS D 135 -33.12 64.20 -58.29
CA LYS D 135 -34.59 64.20 -58.24
C LYS D 135 -35.19 63.33 -59.36
N ASN D 136 -36.29 62.63 -59.07
CA ASN D 136 -37.02 61.82 -60.06
C ASN D 136 -37.67 62.73 -61.11
N PRO D 137 -37.22 62.63 -62.37
CA PRO D 137 -37.80 63.42 -63.47
C PRO D 137 -39.30 63.20 -63.75
N TRP D 138 -39.91 62.20 -63.12
CA TRP D 138 -41.33 61.97 -63.29
C TRP D 138 -42.13 62.56 -62.15
N ASP D 139 -41.44 62.94 -61.08
CA ASP D 139 -42.04 63.76 -60.03
C ASP D 139 -40.91 64.18 -59.11
N LEU D 140 -40.51 65.45 -59.22
CA LEU D 140 -39.34 65.94 -58.50
C LEU D 140 -39.55 66.00 -56.99
N GLU D 141 -40.73 65.63 -56.52
CA GLU D 141 -40.96 65.38 -55.08
C GLU D 141 -40.49 63.96 -54.69
N ARG D 142 -40.11 63.19 -55.70
CA ARG D 142 -39.74 61.79 -55.52
C ARG D 142 -38.27 61.43 -55.88
N VAL D 143 -37.81 60.36 -55.23
CA VAL D 143 -36.47 59.85 -55.30
C VAL D 143 -36.26 59.12 -56.62
N PRO D 144 -35.07 59.24 -57.27
CA PRO D 144 -34.86 58.45 -58.50
C PRO D 144 -34.36 57.03 -58.22
N GLY D 145 -34.23 56.68 -56.94
CA GLY D 145 -33.58 55.45 -56.54
C GLY D 145 -32.10 55.61 -56.22
N GLY D 146 -31.48 54.50 -55.79
CA GLY D 146 -30.04 54.51 -55.55
C GLY D 146 -29.39 53.15 -55.54
N SER D 147 -28.05 53.11 -55.62
CA SER D 147 -27.22 54.31 -55.56
C SER D 147 -26.91 55.00 -56.92
N SER D 148 -27.04 54.30 -58.04
CA SER D 148 -26.91 54.96 -59.35
C SER D 148 -28.04 55.97 -59.73
N GLY D 149 -28.45 56.84 -58.80
CA GLY D 149 -29.52 57.81 -59.04
C GLY D 149 -29.39 58.69 -60.29
N GLY D 150 -28.25 59.37 -60.42
CA GLY D 150 -27.98 60.26 -61.53
C GLY D 150 -27.87 59.57 -62.86
N SER D 151 -27.40 58.32 -62.84
CA SER D 151 -27.18 57.61 -64.10
C SER D 151 -28.49 57.20 -64.70
N ALA D 152 -29.44 56.91 -63.81
CA ALA D 152 -30.80 56.53 -64.18
C ALA D 152 -31.50 57.77 -64.70
N ALA D 153 -31.54 58.78 -63.83
CA ALA D 153 -32.21 60.05 -64.10
C ALA D 153 -31.81 60.67 -65.43
N SER D 154 -30.51 60.76 -65.70
CA SER D 154 -30.05 61.41 -66.92
C SER D 154 -30.45 60.62 -68.13
N VAL D 155 -30.57 59.30 -68.01
CA VAL D 155 -31.08 58.53 -69.13
C VAL D 155 -32.60 58.68 -69.24
N ALA D 156 -33.26 58.89 -68.11
CA ALA D 156 -34.70 59.12 -68.12
C ALA D 156 -35.07 60.42 -68.86
N VAL D 157 -34.44 61.53 -68.50
CA VAL D 157 -34.68 62.82 -69.17
C VAL D 157 -33.98 62.91 -70.51
N LEU D 158 -33.10 61.96 -70.77
CA LEU D 158 -32.32 61.95 -71.99
C LEU D 158 -31.31 63.10 -72.13
N SER D 159 -30.76 63.57 -71.01
CA SER D 159 -29.52 64.35 -71.07
C SER D 159 -28.32 63.48 -71.46
N ALA D 160 -28.52 62.18 -71.45
CA ALA D 160 -27.61 61.22 -72.07
C ALA D 160 -28.46 60.03 -72.46
N PRO D 161 -28.13 59.40 -73.60
CA PRO D 161 -28.96 58.30 -74.11
C PRO D 161 -28.75 57.00 -73.33
N VAL D 162 -27.51 56.82 -72.86
CA VAL D 162 -27.10 55.58 -72.25
C VAL D 162 -26.15 55.91 -71.10
N SER D 163 -25.98 54.97 -70.18
CA SER D 163 -25.35 55.31 -68.90
C SER D 163 -24.66 54.09 -68.29
N LEU D 164 -23.57 54.32 -67.54
CA LEU D 164 -22.94 53.29 -66.71
C LEU D 164 -23.28 53.54 -65.26
N GLY D 165 -23.66 52.48 -64.56
CA GLY D 165 -23.88 52.50 -63.10
C GLY D 165 -23.12 51.31 -62.49
N SER D 166 -23.32 51.08 -61.21
CA SER D 166 -22.85 49.86 -60.58
C SER D 166 -23.95 49.25 -59.70
N ASP D 167 -23.89 47.92 -59.51
CA ASP D 167 -24.94 47.19 -58.78
C ASP D 167 -24.33 46.26 -57.72
N THR D 168 -24.49 46.60 -56.47
CA THR D 168 -23.96 45.78 -55.38
C THR D 168 -25.12 44.97 -54.73
N GLY D 169 -26.29 45.58 -54.67
CA GLY D 169 -27.49 44.91 -54.17
C GLY D 169 -28.74 45.51 -54.76
N GLY D 170 -28.64 45.98 -56.00
CA GLY D 170 -29.80 46.51 -56.71
C GLY D 170 -29.59 47.88 -57.36
N SER D 171 -28.36 48.37 -57.33
CA SER D 171 -28.08 49.80 -57.55
C SER D 171 -28.14 50.26 -58.99
N ILE D 172 -28.33 49.32 -59.90
CA ILE D 172 -28.72 49.63 -61.25
C ILE D 172 -30.25 49.41 -61.38
N ARG D 173 -30.71 48.20 -61.06
CA ARG D 173 -32.10 47.82 -61.30
C ARG D 173 -33.14 48.71 -60.56
N GLN D 174 -32.94 49.02 -59.29
CA GLN D 174 -34.03 49.76 -58.68
C GLN D 174 -34.12 51.23 -59.16
N PRO D 175 -32.97 51.90 -59.41
CA PRO D 175 -32.97 53.14 -60.15
C PRO D 175 -33.68 53.03 -61.51
N ALA D 176 -33.42 51.94 -62.23
CA ALA D 176 -34.05 51.76 -63.54
C ALA D 176 -35.54 51.71 -63.33
N SER D 177 -35.97 51.03 -62.26
CA SER D 177 -37.38 50.80 -62.02
C SER D 177 -38.05 52.16 -61.75
N PHE D 178 -37.51 52.87 -60.76
CA PHE D 178 -37.99 54.19 -60.36
C PHE D 178 -37.99 55.27 -61.48
N CYS D 179 -37.01 55.22 -62.38
CA CYS D 179 -36.93 56.26 -63.39
C CYS D 179 -37.53 55.80 -64.70
N GLY D 180 -38.06 54.60 -64.72
CA GLY D 180 -38.78 54.17 -65.91
C GLY D 180 -37.88 53.92 -67.08
N VAL D 181 -36.78 53.24 -66.79
CA VAL D 181 -35.71 53.03 -67.76
C VAL D 181 -35.24 51.58 -67.65
N ILE D 182 -34.61 51.06 -68.69
CA ILE D 182 -33.98 49.73 -68.66
C ILE D 182 -32.63 49.77 -67.94
N GLY D 183 -32.39 48.83 -67.04
CA GLY D 183 -31.10 48.73 -66.38
C GLY D 183 -30.68 47.29 -66.09
N ILE D 184 -29.45 46.95 -66.44
CA ILE D 184 -28.99 45.57 -66.28
C ILE D 184 -27.76 45.53 -65.42
N LYS D 185 -27.70 44.54 -64.53
CA LYS D 185 -26.44 44.14 -63.88
C LYS D 185 -26.14 42.75 -64.38
N PRO D 186 -25.02 42.59 -65.08
CA PRO D 186 -24.64 41.32 -65.67
C PRO D 186 -24.14 40.31 -64.64
N THR D 187 -23.80 39.10 -65.08
CA THR D 187 -23.26 38.09 -64.19
C THR D 187 -22.02 38.59 -63.47
N TYR D 188 -21.85 38.24 -62.21
CA TYR D 188 -20.63 38.61 -61.50
C TYR D 188 -19.41 38.01 -62.19
N GLY D 189 -18.47 38.85 -62.59
CA GLY D 189 -17.31 38.42 -63.34
C GLY D 189 -17.38 38.81 -64.81
N ARG D 190 -18.56 39.23 -65.30
CA ARG D 190 -18.62 39.59 -66.71
C ARG D 190 -18.00 40.97 -67.08
N VAL D 191 -17.98 41.88 -66.12
CA VAL D 191 -17.40 43.17 -66.37
C VAL D 191 -16.33 43.43 -65.31
N SER D 192 -15.20 43.99 -65.75
CA SER D 192 -14.09 44.26 -64.85
C SER D 192 -14.43 45.23 -63.72
N ARG D 193 -13.80 45.03 -62.58
CA ARG D 193 -14.01 45.89 -61.45
C ARG D 193 -12.78 46.76 -61.27
N TYR D 194 -11.92 46.76 -62.28
CA TYR D 194 -10.70 47.57 -62.27
C TYR D 194 -11.02 49.03 -62.56
N GLY D 195 -10.86 49.87 -61.55
CA GLY D 195 -11.22 51.27 -61.66
C GLY D 195 -12.62 51.52 -61.15
N LEU D 196 -13.24 50.49 -60.57
CA LEU D 196 -14.52 50.69 -59.91
C LEU D 196 -14.19 50.82 -58.44
N VAL D 197 -14.49 51.97 -57.85
CA VAL D 197 -14.20 52.12 -56.44
C VAL D 197 -14.98 51.03 -55.73
N ALA D 198 -14.26 50.11 -55.11
CA ALA D 198 -14.89 48.95 -54.45
C ALA D 198 -15.69 49.30 -53.19
N PHE D 199 -16.89 48.73 -53.15
CA PHE D 199 -17.78 48.78 -51.99
C PHE D 199 -17.76 47.35 -51.37
N ALA D 200 -18.34 46.38 -52.08
CA ALA D 200 -18.29 44.97 -51.69
C ALA D 200 -17.79 44.21 -52.89
N SER D 201 -16.52 43.83 -52.82
CA SER D 201 -15.81 43.20 -53.91
C SER D 201 -16.50 41.93 -54.43
N SER D 202 -17.08 41.14 -53.51
CA SER D 202 -17.73 39.89 -53.94
C SER D 202 -19.17 40.07 -54.52
N LEU D 203 -19.69 41.30 -54.51
CA LEU D 203 -21.05 41.63 -54.94
C LEU D 203 -21.13 42.71 -56.05
N ASP D 204 -20.13 43.60 -56.13
CA ASP D 204 -20.08 44.73 -57.08
C ASP D 204 -20.11 44.26 -58.54
N GLN D 205 -20.90 44.93 -59.39
CA GLN D 205 -20.66 44.91 -60.84
C GLN D 205 -21.09 46.20 -61.55
N ILE D 206 -20.26 46.65 -62.47
CA ILE D 206 -20.68 47.70 -63.34
C ILE D 206 -21.80 47.13 -64.20
N GLY D 207 -22.75 48.00 -64.54
CA GLY D 207 -23.81 47.67 -65.50
C GLY D 207 -24.28 48.90 -66.26
N VAL D 208 -25.38 48.76 -67.00
CA VAL D 208 -25.78 49.72 -68.00
C VAL D 208 -27.24 50.15 -67.90
N PHE D 209 -27.50 51.44 -68.08
CA PHE D 209 -28.87 51.97 -68.24
C PHE D 209 -29.08 52.42 -69.68
N GLY D 210 -30.28 52.16 -70.20
CA GLY D 210 -30.72 52.65 -71.50
C GLY D 210 -32.24 52.67 -71.60
N ARG D 211 -32.74 53.06 -72.76
CA ARG D 211 -34.18 53.16 -72.97
C ARG D 211 -34.66 52.14 -73.96
N ARG D 212 -33.76 51.77 -74.86
CA ARG D 212 -34.03 50.69 -75.79
C ARG D 212 -33.09 49.51 -75.51
N THR D 213 -33.60 48.30 -75.62
CA THR D 213 -32.84 47.11 -75.28
C THR D 213 -31.56 46.98 -76.09
N GLU D 214 -31.59 47.45 -77.34
CA GLU D 214 -30.38 47.41 -78.18
C GLU D 214 -29.27 48.33 -77.69
N ASP D 215 -29.66 49.52 -77.22
CA ASP D 215 -28.71 50.45 -76.64
C ASP D 215 -27.98 49.76 -75.50
N VAL D 216 -28.75 49.17 -74.57
CA VAL D 216 -28.20 48.49 -73.41
C VAL D 216 -27.34 47.26 -73.80
N ALA D 217 -27.78 46.47 -74.76
CA ALA D 217 -27.01 45.29 -75.17
C ALA D 217 -25.65 45.65 -75.80
N LEU D 218 -25.59 46.79 -76.49
CA LEU D 218 -24.35 47.19 -77.16
C LEU D 218 -23.33 47.76 -76.17
N VAL D 219 -23.78 48.64 -75.28
CA VAL D 219 -22.85 49.20 -74.32
C VAL D 219 -22.27 48.09 -73.46
N LEU D 220 -23.10 47.13 -73.07
CA LEU D 220 -22.68 45.95 -72.31
C LEU D 220 -21.65 45.13 -73.05
N GLU D 221 -21.91 44.83 -74.31
CA GLU D 221 -20.97 44.05 -75.09
C GLU D 221 -19.58 44.73 -75.12
N VAL D 222 -19.56 46.05 -75.27
CA VAL D 222 -18.31 46.78 -75.39
C VAL D 222 -17.50 46.72 -74.11
N ILE D 223 -18.14 46.94 -72.97
CA ILE D 223 -17.43 47.00 -71.69
C ILE D 223 -17.13 45.65 -71.04
N SER D 224 -17.76 44.59 -71.54
CA SER D 224 -17.65 43.27 -70.90
C SER D 224 -16.40 42.53 -71.35
N GLY D 225 -16.11 41.43 -70.67
CA GLY D 225 -15.01 40.57 -71.05
C GLY D 225 -13.83 40.60 -70.12
N TRP D 226 -12.99 39.57 -70.24
CA TRP D 226 -11.81 39.34 -69.38
C TRP D 226 -10.87 40.55 -69.29
N ASP D 227 -10.42 40.82 -68.08
CA ASP D 227 -9.45 41.85 -67.83
C ASP D 227 -8.34 41.28 -66.94
N GLU D 228 -7.11 41.35 -67.43
CA GLU D 228 -5.91 40.87 -66.70
C GLU D 228 -5.67 41.62 -65.40
N LYS D 229 -6.19 42.83 -65.31
CA LYS D 229 -6.01 43.66 -64.14
C LYS D 229 -7.04 43.32 -63.07
N ASP D 230 -7.90 42.33 -63.36
CA ASP D 230 -8.96 41.90 -62.43
C ASP D 230 -9.02 40.38 -62.23
N SER D 231 -8.68 39.92 -61.04
CA SER D 231 -8.59 38.48 -60.76
C SER D 231 -9.94 37.78 -60.81
N THR D 232 -11.00 38.54 -60.53
CA THR D 232 -12.33 37.97 -60.40
C THR D 232 -13.07 37.99 -61.73
N SER D 233 -12.46 38.62 -62.74
CA SER D 233 -13.10 38.75 -64.06
C SER D 233 -12.96 37.42 -64.76
N ALA D 234 -14.02 36.99 -65.45
CA ALA D 234 -14.10 35.66 -66.00
C ALA D 234 -13.45 35.56 -67.35
N LYS D 235 -12.75 34.46 -67.60
CA LYS D 235 -12.20 34.16 -68.91
C LYS D 235 -13.26 33.47 -69.73
N VAL D 236 -14.33 34.18 -70.05
CA VAL D 236 -15.45 33.66 -70.82
C VAL D 236 -15.66 34.64 -71.96
N PRO D 237 -15.82 34.15 -73.19
CA PRO D 237 -16.09 35.05 -74.31
C PRO D 237 -17.40 35.84 -74.18
N VAL D 238 -17.38 37.08 -74.65
CA VAL D 238 -18.55 37.96 -74.63
C VAL D 238 -19.46 37.60 -75.81
N PRO D 239 -20.72 37.22 -75.53
CA PRO D 239 -21.67 36.95 -76.61
C PRO D 239 -21.97 38.21 -77.41
N GLU D 240 -22.24 38.03 -78.69
CA GLU D 240 -22.57 39.14 -79.58
C GLU D 240 -24.01 39.58 -79.30
N TRP D 241 -24.18 40.32 -78.22
CA TRP D 241 -25.50 40.66 -77.73
C TRP D 241 -26.33 41.55 -78.65
N SER D 242 -25.68 42.47 -79.36
CA SER D 242 -26.38 43.37 -80.28
C SER D 242 -27.04 42.58 -81.43
N GLU D 243 -26.46 41.44 -81.77
CA GLU D 243 -27.03 40.57 -82.78
C GLU D 243 -27.98 39.53 -82.19
N GLU D 244 -28.07 39.47 -80.86
CA GLU D 244 -28.79 38.39 -80.22
C GLU D 244 -30.13 38.81 -79.60
N VAL D 245 -30.25 40.08 -79.19
CA VAL D 245 -31.47 40.60 -78.56
C VAL D 245 -32.71 40.48 -79.42
N LYS D 246 -32.52 40.65 -80.73
CA LYS D 246 -33.61 40.67 -81.70
C LYS D 246 -34.20 39.28 -81.97
N LYS D 247 -33.41 38.24 -81.71
CA LYS D 247 -33.85 36.85 -81.89
C LYS D 247 -34.93 36.44 -80.88
N GLU D 248 -35.64 35.35 -81.18
CA GLU D 248 -36.74 34.88 -80.36
C GLU D 248 -36.60 33.37 -80.09
N VAL D 249 -36.56 32.99 -78.82
CA VAL D 249 -36.42 31.57 -78.44
C VAL D 249 -37.77 31.02 -77.95
N LYS D 250 -38.19 29.91 -78.55
CA LYS D 250 -39.50 29.32 -78.26
C LYS D 250 -39.55 28.53 -76.96
N GLY D 251 -40.71 28.58 -76.30
CA GLY D 251 -41.01 27.73 -75.15
C GLY D 251 -40.23 28.06 -73.90
N LEU D 252 -39.88 29.33 -73.71
CA LEU D 252 -39.20 29.74 -72.49
C LEU D 252 -40.14 29.67 -71.29
N LYS D 253 -39.56 29.60 -70.08
CA LYS D 253 -40.36 29.42 -68.89
C LYS D 253 -40.02 30.45 -67.80
N ILE D 254 -41.05 30.91 -67.09
CA ILE D 254 -40.85 31.92 -66.08
C ILE D 254 -41.30 31.42 -64.74
N GLY D 255 -40.42 31.55 -63.75
CA GLY D 255 -40.70 31.10 -62.41
C GLY D 255 -41.18 32.23 -61.52
N LEU D 256 -42.26 31.98 -60.79
CA LEU D 256 -42.75 32.93 -59.81
C LEU D 256 -42.51 32.36 -58.45
N PRO D 257 -41.47 32.84 -57.77
CA PRO D 257 -41.16 32.30 -56.45
C PRO D 257 -42.33 32.39 -55.49
N LYS D 258 -42.77 31.25 -54.96
CA LYS D 258 -43.86 31.19 -54.00
C LYS D 258 -43.55 32.03 -52.78
N GLU D 259 -42.28 32.12 -52.41
CA GLU D 259 -41.90 32.82 -51.19
C GLU D 259 -42.09 34.32 -51.37
N PHE D 260 -42.14 34.76 -52.63
CA PHE D 260 -42.36 36.18 -52.92
C PHE D 260 -43.82 36.64 -52.74
N PHE D 261 -44.76 35.68 -52.71
CA PHE D 261 -46.16 36.00 -52.46
C PHE D 261 -46.32 36.56 -51.06
N GLU D 262 -45.46 36.16 -50.14
CA GLU D 262 -45.61 36.63 -48.78
C GLU D 262 -45.01 38.02 -48.57
N TYR D 263 -44.41 38.59 -49.63
CA TYR D 263 -43.75 39.90 -49.53
C TYR D 263 -44.79 41.02 -49.71
N GLU D 264 -44.80 41.97 -48.77
CA GLU D 264 -45.67 43.17 -48.88
C GLU D 264 -45.38 43.98 -50.15
N LEU D 265 -46.32 43.96 -51.09
CA LEU D 265 -46.31 44.80 -52.29
C LEU D 265 -47.37 45.90 -52.23
N GLN D 266 -47.03 47.07 -52.78
CA GLN D 266 -48.04 48.08 -53.11
C GLN D 266 -48.98 47.52 -54.19
N PRO D 267 -50.33 47.68 -54.01
CA PRO D 267 -51.38 47.24 -54.92
C PRO D 267 -51.14 47.63 -56.36
N GLN D 268 -50.68 48.86 -56.58
CA GLN D 268 -50.31 49.30 -57.93
C GLN D 268 -49.21 48.44 -58.56
N VAL D 269 -48.19 48.09 -57.75
CA VAL D 269 -47.07 47.27 -58.20
C VAL D 269 -47.57 45.86 -58.53
N LYS D 270 -48.33 45.29 -57.58
CA LYS D 270 -48.91 43.96 -57.74
C LYS D 270 -49.69 43.87 -59.05
N GLU D 271 -50.62 44.82 -59.25
CA GLU D 271 -51.44 44.95 -60.45
C GLU D 271 -50.61 45.03 -61.72
N ALA D 272 -49.61 45.92 -61.71
CA ALA D 272 -48.68 46.11 -62.81
C ALA D 272 -47.93 44.84 -63.15
N PHE D 273 -47.46 44.14 -62.12
CA PHE D 273 -46.73 42.89 -62.30
C PHE D 273 -47.58 41.76 -62.86
N GLU D 274 -48.78 41.57 -62.27
CA GLU D 274 -49.76 40.58 -62.75
C GLU D 274 -50.09 40.75 -64.21
N ASN D 275 -50.29 42.00 -64.64
CA ASN D 275 -50.57 42.27 -66.03
C ASN D 275 -49.38 41.96 -66.93
N PHE D 276 -48.18 42.27 -66.43
CA PHE D 276 -46.94 42.01 -67.14
C PHE D 276 -46.82 40.52 -67.45
N ILE D 277 -47.11 39.71 -66.44
CA ILE D 277 -47.07 38.25 -66.56
C ILE D 277 -48.18 37.68 -67.45
N LYS D 278 -49.42 38.17 -67.29
CA LYS D 278 -50.54 37.76 -68.15
C LYS D 278 -50.24 38.05 -69.60
N GLU D 279 -49.65 39.21 -69.86
CA GLU D 279 -49.32 39.60 -71.21
C GLU D 279 -48.19 38.74 -71.77
N LEU D 280 -47.26 38.34 -70.92
CA LEU D 280 -46.22 37.41 -71.34
C LEU D 280 -46.79 36.02 -71.57
N GLU D 281 -47.67 35.57 -70.68
CA GLU D 281 -48.41 34.33 -70.91
C GLU D 281 -49.07 34.30 -72.28
N LYS D 282 -49.77 35.38 -72.63
CA LYS D 282 -50.43 35.50 -73.93
C LYS D 282 -49.47 35.34 -75.10
N GLU D 283 -48.22 35.79 -74.93
CA GLU D 283 -47.19 35.71 -75.96
C GLU D 283 -46.52 34.33 -76.04
N GLY D 284 -46.86 33.44 -75.09
CA GLY D 284 -46.44 32.04 -75.19
C GLY D 284 -45.46 31.56 -74.13
N PHE D 285 -45.16 32.39 -73.16
CA PHE D 285 -44.30 31.99 -72.06
C PHE D 285 -45.10 31.07 -71.16
N GLU D 286 -44.49 29.96 -70.75
CA GLU D 286 -45.09 29.13 -69.72
C GLU D 286 -44.77 29.70 -68.35
N ILE D 287 -45.79 29.81 -67.51
CA ILE D 287 -45.64 30.45 -66.21
C ILE D 287 -45.81 29.42 -65.09
N LYS D 288 -44.75 29.25 -64.28
CA LYS D 288 -44.71 28.22 -63.24
C LYS D 288 -44.33 28.79 -61.89
N GLU D 289 -44.94 28.28 -60.84
CA GLU D 289 -44.51 28.69 -59.51
C GLU D 289 -43.26 27.90 -59.14
N VAL D 290 -42.27 28.57 -58.56
CA VAL D 290 -41.06 27.90 -58.07
C VAL D 290 -40.87 28.13 -56.59
N SER D 291 -39.99 27.34 -55.98
CA SER D 291 -39.61 27.52 -54.59
C SER D 291 -38.17 28.03 -54.49
N LEU D 292 -37.95 28.95 -53.57
CA LEU D 292 -36.63 29.38 -53.17
C LEU D 292 -36.72 29.45 -51.66
N PRO D 293 -36.62 28.30 -50.97
CA PRO D 293 -36.93 28.27 -49.55
C PRO D 293 -36.10 29.22 -48.68
N HIS D 294 -35.00 29.73 -49.23
CA HIS D 294 -34.04 30.53 -48.46
C HIS D 294 -34.06 32.04 -48.75
N VAL D 295 -34.63 32.46 -49.88
CA VAL D 295 -34.59 33.88 -50.28
C VAL D 295 -34.96 34.85 -49.22
N LYS D 296 -35.91 34.52 -48.37
CA LYS D 296 -36.34 35.48 -47.36
C LYS D 296 -35.16 35.90 -46.53
N TYR D 297 -34.10 35.09 -46.53
CA TYR D 297 -32.89 35.42 -45.76
C TYR D 297 -31.91 36.31 -46.51
N SER D 298 -32.22 36.65 -47.76
CA SER D 298 -31.30 37.41 -48.61
C SER D 298 -30.87 38.69 -47.92
N ILE D 299 -31.82 39.38 -47.29
CA ILE D 299 -31.60 40.74 -46.82
C ILE D 299 -30.62 40.78 -45.66
N PRO D 300 -30.89 39.98 -44.63
CA PRO D 300 -29.98 39.86 -43.49
C PRO D 300 -28.60 39.39 -43.92
N THR D 301 -28.55 38.47 -44.87
CA THR D 301 -27.28 37.98 -45.40
C THR D 301 -26.50 39.09 -46.08
N TYR D 302 -27.18 39.90 -46.87
CA TYR D 302 -26.54 41.00 -47.60
C TYR D 302 -26.07 42.07 -46.66
N TYR D 303 -26.85 42.32 -45.63
CA TYR D 303 -26.50 43.38 -44.71
C TYR D 303 -25.64 42.87 -43.58
N ILE D 304 -24.98 41.75 -43.80
CA ILE D 304 -23.75 41.42 -43.07
C ILE D 304 -22.59 41.48 -44.05
N ILE D 305 -22.74 40.82 -45.18
CA ILE D 305 -21.65 40.70 -46.12
C ILE D 305 -21.16 42.05 -46.64
N ALA D 306 -22.07 42.80 -47.27
CA ALA D 306 -21.75 44.13 -47.85
C ALA D 306 -21.06 45.07 -46.86
N PRO D 307 -21.70 45.39 -45.72
CA PRO D 307 -20.99 46.16 -44.68
C PRO D 307 -19.59 45.64 -44.31
N SER D 308 -19.38 44.32 -44.24
CA SER D 308 -18.06 43.77 -43.91
C SER D 308 -17.04 44.13 -44.98
N GLU D 309 -17.30 43.76 -46.21
CA GLU D 309 -16.36 44.01 -47.28
C GLU D 309 -16.14 45.52 -47.44
N ALA D 310 -17.20 46.29 -47.17
CA ALA D 310 -17.15 47.76 -47.20
C ALA D 310 -16.19 48.31 -46.17
N SER D 311 -16.16 47.75 -44.97
CA SER D 311 -15.29 48.31 -43.96
C SER D 311 -13.83 48.02 -44.33
N SER D 312 -13.61 46.89 -45.02
CA SER D 312 -12.25 46.54 -45.44
C SER D 312 -11.86 47.44 -46.59
N ASN D 313 -12.76 47.55 -47.56
CA ASN D 313 -12.48 48.29 -48.78
C ASN D 313 -12.31 49.79 -48.59
N LEU D 314 -12.79 50.31 -47.47
CA LEU D 314 -12.74 51.74 -47.23
C LEU D 314 -11.67 52.10 -46.20
N ALA D 315 -10.87 51.10 -45.82
CA ALA D 315 -9.75 51.28 -44.88
C ALA D 315 -8.66 52.22 -45.44
N ARG D 316 -8.60 52.30 -46.77
CA ARG D 316 -7.55 53.01 -47.45
C ARG D 316 -7.73 54.52 -47.50
N TYR D 317 -8.92 55.01 -47.13
CA TYR D 317 -9.21 56.43 -47.19
C TYR D 317 -8.81 57.00 -45.84
N ASP D 318 -7.63 57.61 -45.81
CA ASP D 318 -6.83 57.82 -44.59
C ASP D 318 -6.05 59.14 -44.54
N GLY D 319 -6.05 59.92 -45.61
CA GLY D 319 -5.36 61.22 -45.61
C GLY D 319 -3.87 61.14 -45.88
N VAL D 320 -3.40 59.97 -46.29
CA VAL D 320 -1.97 59.79 -46.47
C VAL D 320 -1.59 59.96 -47.91
N ARG D 321 -2.18 59.22 -48.84
CA ARG D 321 -1.67 59.30 -50.21
C ARG D 321 -2.52 60.16 -51.19
N TYR D 322 -3.77 60.47 -50.82
CA TYR D 322 -4.69 61.22 -51.68
C TYR D 322 -5.91 61.67 -50.90
N GLY D 323 -6.75 62.48 -51.56
CA GLY D 323 -8.01 62.93 -51.00
C GLY D 323 -7.94 63.78 -49.76
N TYR D 324 -9.04 63.82 -49.05
CA TYR D 324 -9.23 64.71 -47.93
C TYR D 324 -8.34 64.39 -46.75
N ARG D 325 -7.86 65.44 -46.10
CA ARG D 325 -7.17 65.31 -44.84
C ARG D 325 -7.65 66.39 -43.89
N ALA D 326 -8.06 66.00 -42.70
CA ALA D 326 -8.45 66.93 -41.66
C ALA D 326 -7.42 68.03 -41.47
N LYS D 327 -7.85 69.21 -41.07
CA LYS D 327 -6.92 70.33 -40.90
C LYS D 327 -6.24 70.35 -39.54
N GLU D 328 -6.93 69.88 -38.50
CA GLU D 328 -6.41 69.91 -37.12
C GLU D 328 -6.16 68.52 -36.55
N TYR D 329 -4.92 68.22 -36.17
CA TYR D 329 -4.58 66.93 -35.56
C TYR D 329 -3.27 66.95 -34.78
N LYS D 330 -3.23 66.28 -33.63
CA LYS D 330 -2.03 66.26 -32.77
C LYS D 330 -1.06 65.11 -33.05
N ASP D 331 -1.58 64.04 -33.68
CA ASP D 331 -0.82 62.83 -33.98
C ASP D 331 -1.43 62.09 -35.18
N ILE D 332 -0.70 61.12 -35.70
CA ILE D 332 -1.17 60.31 -36.82
C ILE D 332 -2.53 59.66 -36.54
N PHE D 333 -2.78 59.28 -35.28
CA PHE D 333 -4.05 58.68 -34.90
C PHE D 333 -5.21 59.64 -35.13
N GLU D 334 -5.12 60.85 -34.58
CA GLU D 334 -6.11 61.90 -34.83
C GLU D 334 -6.20 62.23 -36.29
N MET D 335 -5.07 62.28 -36.98
CA MET D 335 -5.12 62.56 -38.39
C MET D 335 -6.04 61.58 -39.07
N TYR D 336 -5.82 60.30 -38.76
CA TYR D 336 -6.59 59.18 -39.32
C TYR D 336 -8.06 59.32 -38.98
N ALA D 337 -8.34 59.37 -37.68
CA ALA D 337 -9.68 59.29 -37.14
C ALA D 337 -10.55 60.49 -37.47
N ARG D 338 -9.91 61.66 -37.66
CA ARG D 338 -10.63 62.89 -37.96
C ARG D 338 -10.87 63.04 -39.42
N THR D 339 -9.85 62.75 -40.22
CA THR D 339 -10.02 62.74 -41.65
C THR D 339 -11.25 61.91 -41.99
N ARG D 340 -11.39 60.76 -41.35
CA ARG D 340 -12.40 59.78 -41.69
C ARG D 340 -13.79 60.12 -41.13
N ASP D 341 -13.85 60.52 -39.87
CA ASP D 341 -15.13 61.00 -39.34
C ASP D 341 -15.69 62.20 -40.12
N GLU D 342 -14.79 63.06 -40.59
CA GLU D 342 -15.18 64.26 -41.31
C GLU D 342 -15.43 64.03 -42.79
N GLY D 343 -14.73 63.06 -43.36
CA GLY D 343 -14.82 62.83 -44.82
C GLY D 343 -15.91 61.88 -45.22
N PHE D 344 -16.31 60.98 -44.31
CA PHE D 344 -17.32 59.95 -44.56
C PHE D 344 -18.69 60.40 -44.13
N GLY D 345 -19.68 60.18 -45.02
CA GLY D 345 -21.09 60.39 -44.70
C GLY D 345 -21.67 59.41 -43.68
N PRO D 346 -22.94 59.60 -43.26
CA PRO D 346 -23.45 58.80 -42.13
C PRO D 346 -23.80 57.35 -42.48
N GLU D 347 -24.33 57.12 -43.67
CA GLU D 347 -24.64 55.76 -44.07
C GLU D 347 -23.33 54.98 -44.14
N VAL D 348 -22.32 55.62 -44.71
CA VAL D 348 -21.01 55.02 -44.86
C VAL D 348 -20.41 54.69 -43.50
N LYS D 349 -20.49 55.63 -42.57
CA LYS D 349 -19.99 55.39 -41.25
C LYS D 349 -20.67 54.21 -40.59
N ARG D 350 -21.97 54.08 -40.82
CA ARG D 350 -22.77 52.99 -40.24
C ARG D 350 -22.29 51.61 -40.69
N ARG D 351 -22.01 51.51 -41.99
CA ARG D 351 -21.64 50.23 -42.58
C ARG D 351 -20.19 49.87 -42.27
N ILE D 352 -19.36 50.87 -42.02
CA ILE D 352 -17.99 50.66 -41.57
C ILE D 352 -17.96 50.09 -40.15
N MET D 353 -18.74 50.68 -39.26
CA MET D 353 -18.86 50.19 -37.90
C MET D 353 -19.40 48.75 -37.88
N LEU D 354 -20.54 48.55 -38.52
CA LEU D 354 -21.12 47.22 -38.63
C LEU D 354 -20.10 46.21 -39.18
N GLY D 355 -19.38 46.62 -40.21
CA GLY D 355 -18.43 45.74 -40.88
C GLY D 355 -17.29 45.32 -39.97
N THR D 356 -16.71 46.28 -39.26
CA THR D 356 -15.55 45.98 -38.42
C THR D 356 -15.96 45.11 -37.23
N PHE D 357 -17.25 45.15 -36.88
CA PHE D 357 -17.82 44.22 -35.90
C PHE D 357 -18.00 42.81 -36.50
N ALA D 358 -18.71 42.75 -37.62
CA ALA D 358 -18.91 41.52 -38.40
C ALA D 358 -17.64 40.67 -38.60
N LEU D 359 -16.49 41.34 -38.73
CA LEU D 359 -15.23 40.67 -39.02
C LEU D 359 -14.39 40.48 -37.76
N SER D 360 -14.79 41.10 -36.67
CA SER D 360 -14.04 40.96 -35.44
C SER D 360 -14.06 39.50 -34.95
N ALA D 361 -12.91 39.06 -34.46
CA ALA D 361 -12.72 37.72 -33.94
C ALA D 361 -13.69 37.54 -32.79
N GLY D 362 -14.33 36.39 -32.72
CA GLY D 362 -15.38 36.21 -31.73
C GLY D 362 -16.77 36.41 -32.32
N TYR D 363 -16.85 37.17 -33.42
CA TYR D 363 -18.14 37.38 -34.08
C TYR D 363 -18.12 37.01 -35.54
N TYR D 364 -16.91 36.83 -36.08
CA TYR D 364 -16.73 36.49 -37.47
C TYR D 364 -17.53 35.25 -37.89
N ASP D 365 -17.49 34.24 -37.04
CA ASP D 365 -18.09 32.91 -37.26
C ASP D 365 -19.60 32.97 -37.37
N ALA D 366 -20.20 33.71 -36.45
CA ALA D 366 -21.64 33.93 -36.42
C ALA D 366 -22.17 34.97 -37.44
N TYR D 367 -21.30 35.90 -37.87
CA TYR D 367 -21.68 36.95 -38.81
C TYR D 367 -21.22 36.69 -40.23
N TYR D 368 -20.04 37.18 -40.61
CA TYR D 368 -19.56 37.09 -41.98
C TYR D 368 -19.52 35.65 -42.49
N LEU D 369 -18.91 34.75 -41.68
CA LEU D 369 -18.74 33.35 -42.12
C LEU D 369 -20.11 32.72 -42.34
N LYS D 370 -20.94 32.82 -41.31
CA LYS D 370 -22.30 32.34 -41.39
C LYS D 370 -23.03 32.81 -42.64
N ALA D 371 -22.95 34.13 -42.89
CA ALA D 371 -23.65 34.75 -44.01
C ALA D 371 -23.15 34.23 -45.34
N GLN D 372 -21.86 33.91 -45.40
CA GLN D 372 -21.26 33.46 -46.64
C GLN D 372 -21.72 32.02 -46.89
N LYS D 373 -22.11 31.35 -45.81
CA LYS D 373 -22.70 30.03 -45.89
C LYS D 373 -24.16 30.07 -46.34
N VAL D 374 -24.99 30.83 -45.62
CA VAL D 374 -26.38 31.08 -46.03
C VAL D 374 -26.47 31.55 -47.48
N ARG D 375 -25.42 32.24 -47.93
CA ARG D 375 -25.32 32.78 -49.26
C ARG D 375 -25.21 31.65 -50.27
N ARG D 376 -24.58 30.52 -49.87
CA ARG D 376 -24.50 29.35 -50.74
C ARG D 376 -25.83 28.63 -50.81
N LEU D 377 -26.50 28.55 -49.66
CA LEU D 377 -27.87 28.01 -49.61
C LEU D 377 -28.79 28.74 -50.62
N ILE D 378 -28.79 30.09 -50.58
CA ILE D 378 -29.59 30.95 -51.45
C ILE D 378 -29.20 30.72 -52.90
N THR D 379 -27.91 30.67 -53.18
CA THR D 379 -27.42 30.43 -54.51
C THR D 379 -27.98 29.11 -55.00
N ASN D 380 -27.95 28.08 -54.15
CA ASN D 380 -28.42 26.73 -54.50
C ASN D 380 -29.92 26.65 -54.76
N ASP D 381 -30.73 27.38 -53.99
CA ASP D 381 -32.16 27.55 -54.34
C ASP D 381 -32.28 27.92 -55.80
N PHE D 382 -31.51 28.92 -56.22
CA PHE D 382 -31.65 29.42 -57.57
C PHE D 382 -31.25 28.38 -58.58
N LEU D 383 -30.12 27.70 -58.33
CA LEU D 383 -29.60 26.71 -59.30
C LEU D 383 -30.58 25.57 -59.50
N LYS D 384 -31.27 25.21 -58.43
CA LYS D 384 -32.30 24.17 -58.44
C LYS D 384 -33.59 24.63 -59.16
N ALA D 385 -34.10 25.81 -58.81
CA ALA D 385 -35.20 26.41 -59.55
C ALA D 385 -34.89 26.59 -61.04
N PHE D 386 -33.63 26.85 -61.37
CA PHE D 386 -33.29 27.04 -62.78
C PHE D 386 -33.25 25.73 -63.56
N GLU D 387 -33.46 24.62 -62.85
CA GLU D 387 -33.60 23.31 -63.47
C GLU D 387 -34.96 23.18 -64.15
N GLU D 388 -35.97 23.82 -63.55
CA GLU D 388 -37.37 23.80 -64.03
C GLU D 388 -37.73 24.96 -64.96
N VAL D 389 -37.03 26.08 -64.81
CA VAL D 389 -37.47 27.38 -65.31
C VAL D 389 -36.27 28.12 -65.94
N ASP D 390 -36.51 29.08 -66.83
CA ASP D 390 -35.38 29.78 -67.47
C ASP D 390 -35.03 31.15 -66.89
N VAL D 391 -36.04 31.86 -66.41
CA VAL D 391 -35.82 33.13 -65.78
C VAL D 391 -36.74 33.15 -64.60
N ILE D 392 -36.44 34.00 -63.64
CA ILE D 392 -37.27 34.17 -62.48
C ILE D 392 -37.77 35.63 -62.47
N ALA D 393 -39.09 35.82 -62.38
CA ALA D 393 -39.65 37.17 -62.48
C ALA D 393 -40.26 37.63 -61.19
N SER D 394 -40.19 38.93 -60.96
CA SER D 394 -40.86 39.54 -59.84
C SER D 394 -40.88 41.03 -60.13
N PRO D 395 -41.63 41.81 -59.34
CA PRO D 395 -41.43 43.25 -59.34
C PRO D 395 -39.98 43.55 -58.96
N THR D 396 -39.42 44.64 -59.49
CA THR D 396 -38.06 45.05 -59.10
C THR D 396 -38.08 45.64 -57.71
N THR D 397 -39.20 46.26 -57.39
CA THR D 397 -39.35 47.02 -56.16
C THR D 397 -40.74 46.77 -55.57
N PRO D 398 -40.82 46.62 -54.26
CA PRO D 398 -42.13 46.46 -53.62
C PRO D 398 -43.07 47.68 -53.67
N THR D 399 -42.50 48.88 -53.89
CA THR D 399 -43.34 50.08 -53.97
C THR D 399 -43.02 50.92 -55.20
N LEU D 400 -43.88 51.91 -55.44
CA LEU D 400 -43.61 53.01 -56.36
C LEU D 400 -42.56 53.92 -55.72
N PRO D 401 -41.85 54.73 -56.55
CA PRO D 401 -40.91 55.76 -56.12
C PRO D 401 -41.43 56.51 -54.92
N PHE D 402 -40.68 56.49 -53.83
CA PHE D 402 -41.11 57.15 -52.61
C PHE D 402 -40.62 58.61 -52.48
N LYS D 403 -41.01 59.29 -51.42
CA LYS D 403 -40.67 60.69 -51.28
C LYS D 403 -39.36 60.92 -50.52
N PHE D 404 -38.70 62.05 -50.81
CA PHE D 404 -37.54 62.48 -50.07
C PHE D 404 -37.87 62.49 -48.58
N GLY D 405 -36.87 62.17 -47.76
CA GLY D 405 -37.05 62.15 -46.30
C GLY D 405 -37.84 60.96 -45.77
N GLU D 406 -38.45 60.18 -46.65
CA GLU D 406 -39.36 59.10 -46.22
C GLU D 406 -38.66 57.91 -45.57
N ARG D 407 -37.41 57.67 -45.97
CA ARG D 407 -36.68 56.48 -45.52
C ARG D 407 -35.32 56.88 -44.95
N LEU D 408 -35.28 58.09 -44.39
CA LEU D 408 -34.06 58.60 -43.76
C LEU D 408 -34.17 58.55 -42.24
N GLU D 409 -35.41 58.41 -41.75
CA GLU D 409 -35.63 58.35 -40.32
C GLU D 409 -34.95 57.12 -39.69
N ASN D 410 -35.44 55.92 -40.01
CA ASN D 410 -34.78 54.65 -39.64
C ASN D 410 -33.98 54.16 -40.85
N PRO D 411 -32.65 53.97 -40.69
CA PRO D 411 -31.82 53.51 -41.82
C PRO D 411 -32.38 52.22 -42.38
N ILE D 412 -32.99 51.41 -41.51
CA ILE D 412 -33.58 50.12 -41.88
C ILE D 412 -34.62 50.23 -42.98
N GLU D 413 -35.43 51.28 -42.92
CA GLU D 413 -36.49 51.52 -43.91
C GLU D 413 -35.89 51.69 -45.29
N MET D 414 -34.67 52.20 -45.33
CA MET D 414 -33.93 52.33 -46.59
C MET D 414 -33.51 50.94 -47.13
N TYR D 415 -33.06 50.07 -46.24
CA TYR D 415 -32.62 48.71 -46.63
C TYR D 415 -33.75 47.89 -47.24
N LEU D 416 -34.95 48.05 -46.69
CA LEU D 416 -36.13 47.34 -47.15
C LEU D 416 -36.53 47.61 -48.61
N SER D 417 -35.91 48.61 -49.24
CA SER D 417 -36.12 48.90 -50.65
C SER D 417 -35.51 47.82 -51.52
N ASP D 418 -34.56 47.08 -50.94
CA ASP D 418 -33.71 46.18 -51.71
C ASP D 418 -34.16 44.72 -51.69
N ILE D 419 -35.29 44.44 -51.02
CA ILE D 419 -35.73 43.05 -50.74
C ILE D 419 -35.91 42.18 -51.96
N LEU D 420 -36.12 42.80 -53.11
CA LEU D 420 -36.36 42.01 -54.28
C LEU D 420 -35.15 41.99 -55.17
N THR D 421 -34.14 42.78 -54.80
CA THR D 421 -32.94 43.04 -55.65
C THR D 421 -31.68 42.32 -55.19
N VAL D 422 -31.45 42.20 -53.89
CA VAL D 422 -30.19 41.67 -53.38
C VAL D 422 -30.07 40.18 -53.69
N PRO D 423 -31.13 39.39 -53.76
CA PRO D 423 -30.91 37.98 -54.07
C PRO D 423 -30.02 37.74 -55.30
N ALA D 424 -30.12 38.55 -56.33
CA ALA D 424 -29.36 38.27 -57.55
C ALA D 424 -27.86 38.56 -57.36
N ASN D 425 -27.51 39.48 -56.48
CA ASN D 425 -26.09 39.76 -56.23
C ASN D 425 -25.45 38.66 -55.38
N LEU D 426 -26.21 38.23 -54.38
CA LEU D 426 -25.85 37.11 -53.52
C LEU D 426 -25.49 35.87 -54.32
N ALA D 427 -26.31 35.55 -55.32
CA ALA D 427 -26.09 34.37 -56.14
C ALA D 427 -25.14 34.63 -57.29
N GLY D 428 -24.69 35.88 -57.44
CA GLY D 428 -23.85 36.27 -58.56
C GLY D 428 -24.50 36.23 -59.93
N LEU D 429 -25.83 36.30 -59.95
CA LEU D 429 -26.63 36.14 -61.18
C LEU D 429 -26.86 37.44 -61.95
N PRO D 430 -27.04 37.35 -63.28
CA PRO D 430 -27.48 38.54 -64.00
C PRO D 430 -28.94 38.87 -63.66
N ALA D 431 -29.31 40.14 -63.73
CA ALA D 431 -30.68 40.56 -63.44
C ALA D 431 -30.99 41.88 -64.15
N ILE D 432 -32.18 41.97 -64.72
CA ILE D 432 -32.55 43.14 -65.49
C ILE D 432 -33.81 43.77 -64.90
N SER D 433 -33.86 45.10 -64.87
CA SER D 433 -35.12 45.81 -64.57
C SER D 433 -35.64 46.50 -65.82
N ILE D 434 -36.89 46.20 -66.13
CA ILE D 434 -37.55 46.62 -67.36
C ILE D 434 -38.83 47.38 -66.95
N PRO D 435 -39.14 48.50 -67.63
CA PRO D 435 -40.35 49.24 -67.22
C PRO D 435 -41.62 48.54 -67.75
N ILE D 436 -42.60 48.33 -66.87
CA ILE D 436 -43.77 47.49 -67.19
C ILE D 436 -45.14 48.21 -67.16
N ALA D 437 -45.18 49.35 -66.47
CA ALA D 437 -46.38 50.14 -66.37
C ALA D 437 -46.03 51.51 -65.82
N TRP D 438 -47.01 52.42 -65.89
CA TRP D 438 -47.01 53.70 -65.20
C TRP D 438 -48.25 53.74 -64.35
N LYS D 439 -48.08 53.92 -63.06
CA LYS D 439 -49.20 53.85 -62.13
C LYS D 439 -49.17 55.10 -61.29
N ASP D 440 -50.27 55.86 -61.37
CA ASP D 440 -50.40 57.15 -60.68
C ASP D 440 -49.27 58.11 -61.07
N GLY D 441 -48.86 57.99 -62.34
CA GLY D 441 -47.84 58.87 -62.94
C GLY D 441 -46.39 58.43 -62.80
N LEU D 442 -46.18 57.29 -62.11
CA LEU D 442 -44.86 56.83 -61.74
C LEU D 442 -44.49 55.51 -62.42
N PRO D 443 -43.22 55.34 -62.83
CA PRO D 443 -42.80 54.08 -63.44
C PRO D 443 -42.84 52.91 -62.48
N VAL D 444 -43.10 51.73 -63.02
CA VAL D 444 -42.98 50.47 -62.29
C VAL D 444 -42.10 49.53 -63.10
N GLY D 445 -41.12 48.92 -62.41
CA GLY D 445 -40.19 48.00 -63.04
C GLY D 445 -40.53 46.54 -62.80
N GLY D 446 -40.42 45.74 -63.85
CA GLY D 446 -40.45 44.29 -63.72
C GLY D 446 -39.02 43.76 -63.76
N GLN D 447 -38.73 42.76 -62.93
CA GLN D 447 -37.39 42.19 -62.82
C GLN D 447 -37.33 40.78 -63.37
N LEU D 448 -36.28 40.49 -64.11
CA LEU D 448 -36.02 39.14 -64.56
C LEU D 448 -34.60 38.75 -64.13
N ILE D 449 -34.51 37.64 -63.41
CA ILE D 449 -33.22 37.09 -62.97
C ILE D 449 -32.90 35.92 -63.86
N GLY D 450 -31.70 35.92 -64.42
CA GLY D 450 -31.25 34.88 -65.33
C GLY D 450 -30.19 33.95 -64.74
N LYS D 451 -29.87 32.90 -65.46
CA LYS D 451 -28.80 31.98 -65.09
C LYS D 451 -27.45 32.67 -65.30
N HIS D 452 -26.43 32.20 -64.56
CA HIS D 452 -25.06 32.66 -64.79
C HIS D 452 -24.76 32.66 -66.29
N TRP D 453 -24.28 33.79 -66.78
CA TRP D 453 -23.84 33.97 -68.19
C TRP D 453 -24.98 34.12 -69.21
N ASP D 454 -26.23 34.09 -68.73
CA ASP D 454 -27.39 34.17 -69.61
C ASP D 454 -28.02 35.58 -69.68
N GLU D 455 -27.19 36.58 -69.91
CA GLU D 455 -27.64 37.94 -70.12
C GLU D 455 -28.45 38.03 -71.43
N THR D 456 -28.12 37.19 -72.39
CA THR D 456 -28.85 37.11 -73.66
C THR D 456 -30.36 37.01 -73.47
N THR D 457 -30.80 35.99 -72.74
CA THR D 457 -32.20 35.73 -72.50
C THR D 457 -32.90 36.94 -71.83
N LEU D 458 -32.32 37.43 -70.74
CA LEU D 458 -32.79 38.64 -70.08
C LEU D 458 -32.96 39.76 -71.08
N LEU D 459 -32.05 39.85 -72.03
CA LEU D 459 -32.09 40.93 -73.01
C LEU D 459 -33.18 40.70 -74.07
N GLN D 460 -33.32 39.44 -74.48
CA GLN D 460 -34.31 39.10 -75.49
C GLN D 460 -35.72 39.40 -74.98
N ILE D 461 -36.06 38.90 -73.81
CA ILE D 461 -37.37 39.21 -73.21
C ILE D 461 -37.57 40.71 -73.07
N SER D 462 -36.49 41.44 -72.78
CA SER D 462 -36.59 42.89 -72.65
C SER D 462 -36.97 43.51 -73.99
N TYR D 463 -36.37 42.99 -75.04
CA TYR D 463 -36.65 43.45 -76.39
C TYR D 463 -38.10 43.13 -76.82
N LEU D 464 -38.59 41.94 -76.47
CA LEU D 464 -39.95 41.58 -76.80
C LEU D 464 -40.93 42.46 -76.03
N TRP D 465 -40.64 42.71 -74.76
CA TRP D 465 -41.56 43.50 -73.97
C TRP D 465 -41.68 44.93 -74.46
N GLU D 466 -40.59 45.49 -74.99
CA GLU D 466 -40.61 46.90 -75.44
C GLU D 466 -41.45 47.09 -76.71
N GLN D 467 -41.52 46.03 -77.51
CA GLN D 467 -42.38 45.96 -78.70
C GLN D 467 -43.84 46.06 -78.31
N LYS D 468 -44.23 45.30 -77.29
CA LYS D 468 -45.61 45.33 -76.81
C LYS D 468 -45.84 46.65 -76.12
N PHE D 469 -44.80 47.09 -75.42
CA PHE D 469 -44.99 48.26 -74.57
C PHE D 469 -43.81 49.22 -74.69
N LYS D 470 -44.03 50.29 -75.46
CA LYS D 470 -42.99 51.22 -75.87
C LYS D 470 -42.72 52.30 -74.82
N HIS D 471 -42.05 51.91 -73.74
CA HIS D 471 -41.74 52.80 -72.61
C HIS D 471 -40.75 53.90 -72.99
N TYR D 472 -40.02 53.66 -74.07
CA TYR D 472 -38.99 54.58 -74.50
C TYR D 472 -39.57 55.87 -75.08
N GLU D 473 -40.89 55.88 -75.29
CA GLU D 473 -41.61 57.05 -75.81
C GLU D 473 -42.05 57.98 -74.67
N LYS D 474 -42.16 57.43 -73.47
CA LYS D 474 -42.55 58.23 -72.32
C LYS D 474 -41.36 59.08 -71.86
N ILE D 475 -41.40 60.37 -72.19
CA ILE D 475 -40.29 61.28 -71.91
C ILE D 475 -40.72 62.35 -70.92
N PRO D 476 -40.04 62.41 -69.77
CA PRO D 476 -40.47 63.35 -68.73
C PRO D 476 -39.94 64.75 -69.05
N LEU D 477 -40.36 65.71 -68.25
CA LEU D 477 -39.94 67.09 -68.40
C LEU D 477 -39.99 67.59 -69.86
N THR D 478 -41.17 67.39 -70.45
CA THR D 478 -41.59 67.92 -71.75
C THR D 478 -40.64 67.53 -72.89
N GLU E 3 23.34 25.01 -14.45
CA GLU E 3 22.20 25.96 -14.58
C GLU E 3 20.84 25.26 -14.34
N LYS E 4 20.01 25.85 -13.48
CA LYS E 4 18.65 25.35 -13.15
C LYS E 4 17.63 25.44 -14.30
N TYR E 5 17.72 26.51 -15.10
CA TYR E 5 16.70 26.85 -16.09
C TYR E 5 16.96 26.35 -17.50
N GLU E 6 16.10 26.80 -18.40
CA GLU E 6 16.11 26.37 -19.78
C GLU E 6 15.46 27.48 -20.58
N ALA E 7 16.03 27.79 -21.75
CA ALA E 7 15.48 28.84 -22.57
C ALA E 7 14.69 28.23 -23.70
N VAL E 8 13.46 28.73 -23.87
CA VAL E 8 12.62 28.31 -24.99
C VAL E 8 12.54 29.46 -25.99
N ILE E 9 12.99 29.23 -27.21
CA ILE E 9 13.13 30.29 -28.16
C ILE E 9 12.47 29.92 -29.45
N GLY E 10 11.57 30.78 -29.92
CA GLY E 10 10.95 30.65 -31.23
C GLY E 10 11.26 31.88 -32.05
N LEU E 11 11.19 31.74 -33.37
CA LEU E 11 11.50 32.84 -34.27
C LEU E 11 10.45 33.07 -35.37
N GLU E 12 10.19 34.33 -35.71
CA GLU E 12 9.33 34.69 -36.85
C GLU E 12 10.17 35.40 -37.88
N ILE E 13 10.38 34.74 -39.00
CA ILE E 13 11.32 35.22 -39.98
C ILE E 13 10.55 35.64 -41.22
N HIS E 14 10.84 36.84 -41.73
CA HIS E 14 10.28 37.25 -43.01
C HIS E 14 11.38 37.23 -44.05
N VAL E 15 11.10 36.63 -45.20
CA VAL E 15 12.15 36.42 -46.17
C VAL E 15 11.71 36.99 -47.50
N GLN E 16 12.52 37.90 -48.04
CA GLN E 16 12.15 38.59 -49.23
C GLN E 16 12.52 37.73 -50.40
N MET E 17 11.56 37.53 -51.29
CA MET E 17 11.76 36.65 -52.43
C MET E 17 12.43 37.39 -53.57
N ASP E 18 13.48 36.79 -54.11
CA ASP E 18 14.26 37.38 -55.19
C ASP E 18 13.51 37.31 -56.54
N THR E 19 12.33 37.92 -56.58
CA THR E 19 11.56 38.03 -57.83
C THR E 19 11.88 39.36 -58.55
N LYS E 20 11.63 39.40 -59.85
CA LYS E 20 11.75 40.64 -60.61
C LYS E 20 10.67 41.63 -60.19
N THR E 21 9.47 41.10 -59.93
CA THR E 21 8.21 41.88 -59.78
C THR E 21 7.67 41.79 -58.36
N LYS E 22 6.76 42.70 -58.00
CA LYS E 22 6.10 42.63 -56.69
C LYS E 22 5.05 41.51 -56.61
N MET E 23 4.54 41.27 -55.42
CA MET E 23 3.63 40.15 -55.20
C MET E 23 2.32 40.25 -56.00
N PHE E 24 1.75 41.46 -56.04
CA PHE E 24 0.40 41.68 -56.53
C PHE E 24 0.27 42.67 -57.68
N CYS E 25 1.39 43.10 -58.24
CA CYS E 25 1.44 43.98 -59.44
C CYS E 25 2.80 43.89 -60.09
N GLY E 26 2.90 44.31 -61.35
CA GLY E 26 4.15 44.22 -62.11
C GLY E 26 5.22 45.27 -61.88
N CYS E 27 5.17 45.99 -60.77
CA CYS E 27 6.25 46.91 -60.41
C CYS E 27 7.51 46.13 -60.03
N LYS E 28 8.66 46.74 -60.30
CA LYS E 28 9.95 46.10 -60.04
C LYS E 28 10.27 46.08 -58.57
N VAL E 29 10.85 44.96 -58.16
CA VAL E 29 11.54 44.83 -56.88
C VAL E 29 13.02 45.15 -57.14
N GLU E 30 13.56 46.14 -56.43
CA GLU E 30 14.98 46.52 -56.54
C GLU E 30 15.44 47.38 -55.38
N PHE E 31 16.73 47.34 -55.08
CA PHE E 31 17.25 48.01 -53.89
C PHE E 31 17.79 49.41 -54.23
N GLY E 32 17.46 50.38 -53.38
CA GLY E 32 17.95 51.74 -53.50
C GLY E 32 17.53 52.55 -54.72
N ALA E 33 16.27 52.44 -55.15
CA ALA E 33 15.81 53.36 -56.21
C ALA E 33 15.34 54.70 -55.61
N GLU E 34 15.06 55.66 -56.49
CA GLU E 34 14.47 56.96 -56.13
C GLU E 34 13.09 56.78 -55.48
N PRO E 35 12.84 57.46 -54.35
CA PRO E 35 11.64 57.21 -53.56
C PRO E 35 10.38 57.26 -54.40
N ASN E 36 9.47 56.31 -54.19
CA ASN E 36 8.22 56.19 -54.93
C ASN E 36 8.37 56.23 -56.46
N THR E 37 9.30 55.47 -57.01
CA THR E 37 9.38 55.35 -58.47
C THR E 37 8.87 54.03 -59.02
N ASN E 38 9.13 52.94 -58.30
CA ASN E 38 8.55 51.61 -58.65
C ASN E 38 7.19 51.35 -57.98
N VAL E 39 6.17 52.00 -58.51
CA VAL E 39 4.96 52.16 -57.77
C VAL E 39 3.83 52.36 -58.77
N CYS E 40 2.62 51.99 -58.35
CA CYS E 40 1.41 52.01 -59.22
C CYS E 40 0.11 51.97 -58.39
N PRO E 41 -1.07 52.05 -59.06
CA PRO E 41 -2.36 52.09 -58.37
C PRO E 41 -2.54 50.93 -57.40
N VAL E 42 -2.19 49.73 -57.88
CA VAL E 42 -2.22 48.52 -57.04
C VAL E 42 -1.39 48.69 -55.77
N CYS E 43 -0.07 48.78 -55.93
CA CYS E 43 0.81 48.88 -54.74
C CYS E 43 0.62 50.17 -53.95
N LEU E 44 -0.02 51.17 -54.55
CA LEU E 44 -0.19 52.44 -53.88
C LEU E 44 -1.46 52.55 -53.03
N GLY E 45 -2.28 51.50 -53.10
CA GLY E 45 -3.51 51.43 -52.33
C GLY E 45 -4.50 52.44 -52.88
N MET E 46 -4.60 52.51 -54.19
CA MET E 46 -5.45 53.52 -54.78
C MET E 46 -6.85 53.00 -55.01
N PRO E 47 -7.87 53.90 -55.01
CA PRO E 47 -9.24 53.41 -55.12
C PRO E 47 -9.41 52.71 -56.47
N GLY E 48 -10.10 51.56 -56.46
CA GLY E 48 -10.43 50.84 -57.68
C GLY E 48 -9.37 49.87 -58.16
N ALA E 49 -8.30 49.75 -57.39
CA ALA E 49 -7.13 48.98 -57.81
C ALA E 49 -7.13 47.52 -57.29
N LEU E 50 -6.81 46.56 -58.15
CA LEU E 50 -6.95 45.13 -57.80
C LEU E 50 -5.66 44.27 -57.83
N PRO E 51 -5.49 43.36 -56.83
CA PRO E 51 -4.27 42.54 -56.70
C PRO E 51 -4.27 41.37 -57.67
N ILE E 52 -3.12 41.08 -58.22
CA ILE E 52 -2.92 39.93 -59.09
C ILE E 52 -1.69 39.12 -58.66
N VAL E 53 -1.91 37.85 -58.39
CA VAL E 53 -0.87 36.97 -57.88
C VAL E 53 0.31 36.76 -58.85
N ASN E 54 1.51 37.00 -58.30
CA ASN E 54 2.80 36.67 -58.92
C ASN E 54 3.06 35.13 -58.95
N LYS E 55 3.09 34.55 -60.13
CA LYS E 55 3.28 33.11 -60.27
C LYS E 55 4.62 32.65 -59.68
N ARG E 56 5.70 33.37 -60.02
CA ARG E 56 7.05 33.01 -59.61
C ARG E 56 7.17 33.14 -58.11
N ALA E 57 6.52 34.14 -57.55
CA ALA E 57 6.51 34.23 -56.10
C ALA E 57 5.86 32.97 -55.50
N VAL E 58 4.87 32.41 -56.20
CA VAL E 58 4.19 31.23 -55.68
C VAL E 58 5.10 30.02 -55.87
N GLU E 59 5.74 29.93 -57.03
CA GLU E 59 6.78 28.93 -57.29
C GLU E 59 7.88 28.92 -56.20
N TYR E 60 8.49 30.07 -55.94
CA TYR E 60 9.57 30.15 -54.98
C TYR E 60 9.14 29.70 -53.62
N ALA E 61 7.92 30.08 -53.22
CA ALA E 61 7.43 29.81 -51.87
C ALA E 61 7.13 28.32 -51.67
N ILE E 62 6.73 27.67 -52.75
CA ILE E 62 6.55 26.23 -52.71
C ILE E 62 7.92 25.53 -52.56
N ARG E 63 8.87 25.92 -53.42
CA ARG E 63 10.22 25.38 -53.39
C ARG E 63 10.84 25.58 -52.02
N ALA E 64 10.73 26.78 -51.49
CA ALA E 64 11.27 27.02 -50.15
C ALA E 64 10.62 26.11 -49.10
N SER E 65 9.37 25.76 -49.35
CA SER E 65 8.54 25.10 -48.37
C SER E 65 8.95 23.64 -48.25
N LEU E 66 9.29 23.07 -49.42
CA LEU E 66 9.82 21.72 -49.59
C LEU E 66 11.26 21.59 -49.06
N ALA E 67 12.12 22.55 -49.41
CA ALA E 67 13.47 22.65 -48.86
C ALA E 67 13.44 22.67 -47.35
N LEU E 68 12.33 23.13 -46.79
CA LEU E 68 12.21 23.18 -45.34
C LEU E 68 11.38 21.99 -44.83
N ASN E 69 11.14 21.05 -45.75
CA ASN E 69 10.53 19.75 -45.42
C ASN E 69 9.10 19.84 -44.92
N CYS E 70 8.38 20.85 -45.40
CA CYS E 70 7.00 21.12 -45.04
C CYS E 70 6.00 20.34 -45.88
N GLU E 71 4.82 20.14 -45.31
CA GLU E 71 3.65 19.72 -46.08
C GLU E 71 3.10 20.95 -46.82
N VAL E 72 3.06 20.90 -48.14
CA VAL E 72 2.49 22.01 -48.93
C VAL E 72 1.04 21.66 -49.24
N HIS E 73 0.13 22.50 -48.75
CA HIS E 73 -1.31 22.32 -48.93
C HIS E 73 -1.83 22.79 -50.26
N GLU E 74 -2.56 21.92 -50.92
CA GLU E 74 -2.90 22.13 -52.30
C GLU E 74 -3.87 23.32 -52.44
N GLU E 75 -4.54 23.67 -51.36
CA GLU E 75 -5.39 24.85 -51.32
C GLU E 75 -5.05 25.72 -50.13
N SER E 76 -4.59 26.95 -50.41
CA SER E 76 -4.37 27.98 -49.36
C SER E 76 -5.11 29.24 -49.75
N VAL E 77 -5.40 30.06 -48.75
CA VAL E 77 -6.18 31.27 -48.99
C VAL E 77 -5.51 32.55 -48.51
N PHE E 78 -5.43 33.53 -49.40
CA PHE E 78 -4.98 34.88 -49.03
C PHE E 78 -6.06 35.57 -48.19
N ALA E 79 -5.66 36.08 -47.03
CA ALA E 79 -6.56 36.77 -46.14
C ALA E 79 -6.12 38.23 -45.92
N ARG E 80 -7.05 39.06 -45.44
CA ARG E 80 -6.73 40.46 -45.26
C ARG E 80 -6.40 40.71 -43.84
N LYS E 81 -5.26 41.33 -43.61
CA LYS E 81 -4.84 41.64 -42.25
C LYS E 81 -4.87 43.16 -42.04
N HIS E 82 -5.73 43.61 -41.13
CA HIS E 82 -6.09 45.01 -41.01
C HIS E 82 -5.33 45.71 -39.92
N TYR E 83 -4.63 46.81 -40.28
CA TYR E 83 -4.10 47.78 -39.30
C TYR E 83 -3.78 49.13 -39.99
N PHE E 84 -3.81 50.22 -39.23
CA PHE E 84 -3.57 51.55 -39.79
C PHE E 84 -2.14 51.98 -39.53
N TYR E 85 -1.41 52.25 -40.62
CA TYR E 85 0.00 52.63 -40.55
C TYR E 85 0.48 53.18 -41.89
N PRO E 86 1.15 54.34 -41.87
CA PRO E 86 1.52 55.11 -43.05
C PRO E 86 2.24 54.30 -44.09
N ASP E 87 3.03 53.31 -43.68
CA ASP E 87 3.72 52.49 -44.69
C ASP E 87 2.86 51.35 -45.26
N LEU E 88 1.57 51.35 -44.89
CA LEU E 88 0.65 50.33 -45.34
C LEU E 88 -0.52 50.95 -46.09
N PRO E 89 -0.37 51.03 -47.41
CA PRO E 89 -1.29 51.70 -48.32
C PRO E 89 -2.77 51.28 -48.26
N LYS E 90 -3.10 50.00 -48.06
CA LYS E 90 -4.52 49.58 -48.12
C LYS E 90 -5.24 49.60 -46.79
N GLY E 91 -4.52 49.72 -45.68
CA GLY E 91 -5.19 49.63 -44.38
C GLY E 91 -5.25 48.16 -44.01
N TYR E 92 -4.68 47.35 -44.88
CA TYR E 92 -4.50 45.94 -44.59
C TYR E 92 -3.35 45.35 -45.36
N GLN E 93 -2.71 44.32 -44.78
CA GLN E 93 -1.75 43.50 -45.49
C GLN E 93 -2.46 42.25 -46.02
N ILE E 94 -2.23 41.93 -47.28
CA ILE E 94 -2.65 40.64 -47.80
C ILE E 94 -1.61 39.57 -47.44
N SER E 95 -1.99 38.63 -46.59
CA SER E 95 -1.15 37.48 -46.29
C SER E 95 -1.98 36.18 -46.26
N GLN E 96 -1.64 35.27 -45.35
CA GLN E 96 -2.46 34.10 -45.08
C GLN E 96 -2.55 33.83 -43.58
N TYR E 97 -3.56 33.04 -43.20
CA TYR E 97 -3.94 32.93 -41.79
C TYR E 97 -4.14 31.48 -41.39
N GLU E 98 -5.40 31.11 -41.14
CA GLU E 98 -5.88 29.77 -41.46
C GLU E 98 -5.73 29.47 -42.94
N LYS E 99 -5.22 28.28 -43.25
CA LYS E 99 -4.94 27.89 -44.62
C LYS E 99 -3.68 28.58 -45.15
N PRO E 100 -2.56 28.34 -44.49
CA PRO E 100 -1.25 28.75 -45.01
C PRO E 100 -0.73 27.79 -46.07
N LEU E 101 0.29 28.22 -46.81
CA LEU E 101 0.79 27.43 -47.94
C LEU E 101 1.36 26.10 -47.47
N ALA E 102 2.08 26.12 -46.35
CA ALA E 102 2.83 24.97 -45.92
C ALA E 102 2.94 24.89 -44.42
N THR E 103 3.05 23.67 -43.93
CA THR E 103 2.96 23.40 -42.50
C THR E 103 3.89 22.23 -42.14
N ASN E 104 4.21 22.06 -40.85
CA ASN E 104 4.87 20.84 -40.35
C ASN E 104 6.18 20.52 -41.07
N GLY E 105 7.18 21.40 -40.93
CA GLY E 105 8.49 21.19 -41.54
C GLY E 105 9.57 21.20 -40.46
N TRP E 106 10.83 21.12 -40.92
CA TRP E 106 11.95 21.11 -39.99
C TRP E 106 13.25 21.58 -40.62
N VAL E 107 14.09 22.18 -39.79
CA VAL E 107 15.48 22.49 -40.16
C VAL E 107 16.45 21.68 -39.29
N GLU E 108 17.50 21.15 -39.89
CA GLU E 108 18.54 20.46 -39.12
C GLU E 108 19.79 21.30 -38.84
N LEU E 109 20.04 21.46 -37.55
CA LEU E 109 21.20 22.17 -37.03
C LEU E 109 22.41 21.28 -36.68
N ASN E 110 23.57 21.60 -37.24
CA ASN E 110 24.84 20.99 -36.80
C ASN E 110 25.51 21.85 -35.75
N LEU E 111 25.63 21.26 -34.56
CA LEU E 111 26.13 21.94 -33.38
C LEU E 111 27.67 21.81 -33.27
N PRO E 112 28.32 22.79 -32.60
CA PRO E 112 29.78 22.74 -32.38
C PRO E 112 30.24 21.59 -31.49
N ASN E 113 29.31 20.88 -30.87
CA ASN E 113 29.65 19.72 -30.04
C ASN E 113 29.84 18.46 -30.87
N GLY E 114 29.31 18.48 -32.08
CA GLY E 114 29.24 17.28 -32.91
C GLY E 114 27.81 16.86 -33.21
N GLU E 115 26.88 17.21 -32.32
CA GLU E 115 25.50 16.73 -32.44
C GLU E 115 24.58 17.52 -33.39
N LYS E 116 23.66 16.79 -34.00
CA LYS E 116 22.69 17.37 -34.90
C LYS E 116 21.37 17.52 -34.14
N LYS E 117 20.69 18.64 -34.37
CA LYS E 117 19.42 18.95 -33.71
C LYS E 117 18.37 19.32 -34.77
N LYS E 118 17.11 19.20 -34.41
CA LYS E 118 16.04 19.65 -35.29
C LYS E 118 15.24 20.79 -34.66
N VAL E 119 14.90 21.77 -35.50
CA VAL E 119 13.95 22.82 -35.16
C VAL E 119 12.84 22.76 -36.18
N ARG E 120 11.59 22.70 -35.70
CA ARG E 120 10.44 22.61 -36.59
C ARG E 120 10.02 23.95 -37.17
N ILE E 121 9.75 23.95 -38.46
CA ILE E 121 9.00 25.03 -39.07
C ILE E 121 7.49 24.78 -38.86
N ARG E 122 6.85 25.65 -38.08
CA ARG E 122 5.39 25.63 -37.83
C ARG E 122 4.54 26.02 -39.04
N ARG E 123 5.00 26.98 -39.84
CA ARG E 123 4.29 27.41 -41.06
C ARG E 123 5.19 28.20 -42.04
N LEU E 124 4.83 28.16 -43.30
CA LEU E 124 5.34 29.12 -44.23
C LEU E 124 4.12 29.69 -44.96
N HIS E 125 3.83 30.97 -44.79
CA HIS E 125 2.86 31.57 -45.68
C HIS E 125 3.44 32.65 -46.60
N ILE E 126 2.73 32.87 -47.70
CA ILE E 126 3.00 33.97 -48.62
C ILE E 126 2.30 35.24 -48.16
N GLU E 127 3.01 36.37 -48.25
CA GLU E 127 2.46 37.69 -47.93
C GLU E 127 3.27 38.82 -48.56
N GLU E 128 2.69 40.02 -48.60
CA GLU E 128 3.36 41.14 -49.23
C GLU E 128 3.91 42.07 -48.16
N ASP E 129 4.98 42.78 -48.52
CA ASP E 129 5.68 43.72 -47.63
C ASP E 129 5.00 45.08 -47.60
N ALA E 130 5.15 45.77 -46.47
CA ALA E 130 4.87 47.21 -46.37
C ALA E 130 5.97 48.11 -47.05
N GLY E 131 5.78 49.44 -47.06
CA GLY E 131 6.84 50.37 -47.51
C GLY E 131 7.74 50.79 -46.35
N LYS E 132 8.64 51.76 -46.59
CA LYS E 132 9.54 52.27 -45.53
C LYS E 132 9.33 53.72 -45.11
N ASN E 133 9.43 53.95 -43.82
CA ASN E 133 9.37 55.29 -43.24
C ASN E 133 10.74 55.83 -42.89
N ILE E 134 11.03 57.05 -43.37
CA ILE E 134 12.19 57.86 -42.93
C ILE E 134 11.65 58.97 -42.02
N HIS E 135 12.34 59.25 -40.92
CA HIS E 135 11.87 60.30 -40.03
C HIS E 135 12.78 61.53 -40.14
N GLU E 136 12.14 62.70 -40.25
CA GLU E 136 12.82 63.96 -40.57
C GLU E 136 12.12 65.11 -39.88
N GLY E 137 12.63 65.48 -38.72
CA GLY E 137 12.03 66.56 -37.98
C GLY E 137 10.75 66.07 -37.31
N ASP E 138 9.67 66.83 -37.49
CA ASP E 138 8.33 66.49 -36.93
C ASP E 138 7.47 65.75 -37.96
N LYS E 139 8.11 65.27 -39.02
CA LYS E 139 7.43 64.55 -40.09
C LYS E 139 8.00 63.14 -40.35
N THR E 140 7.17 62.25 -40.92
CA THR E 140 7.64 60.97 -41.43
C THR E 140 7.51 61.00 -42.95
N LEU E 141 8.57 60.59 -43.62
CA LEU E 141 8.59 60.53 -45.08
C LEU E 141 8.42 59.09 -45.52
N VAL E 142 7.47 58.86 -46.42
CA VAL E 142 7.04 57.52 -46.74
C VAL E 142 7.38 57.15 -48.18
N ASP E 143 8.27 56.19 -48.36
CA ASP E 143 8.56 55.63 -49.69
C ASP E 143 7.86 54.29 -49.77
N LEU E 144 6.99 54.12 -50.74
CA LEU E 144 6.28 52.85 -50.88
C LEU E 144 6.86 52.05 -52.05
N ASN E 145 8.15 52.24 -52.33
CA ASN E 145 8.85 51.37 -53.29
C ASN E 145 8.79 49.89 -52.89
N ARG E 146 8.75 49.63 -51.60
CA ARG E 146 8.86 48.28 -51.05
C ARG E 146 7.49 47.64 -50.70
N ALA E 147 6.45 48.46 -50.54
CA ALA E 147 5.07 47.97 -50.39
C ALA E 147 4.70 46.98 -51.50
N GLY E 148 4.27 45.77 -51.11
CA GLY E 148 3.83 44.73 -52.01
C GLY E 148 4.94 43.81 -52.51
N THR E 149 6.08 43.86 -51.84
CA THR E 149 7.21 43.03 -52.23
C THR E 149 6.95 41.68 -51.60
N PRO E 150 7.18 40.57 -52.33
CA PRO E 150 6.81 39.24 -51.84
C PRO E 150 7.64 38.76 -50.66
N LEU E 151 6.97 38.34 -49.60
CA LEU E 151 7.65 37.79 -48.43
C LEU E 151 7.16 36.37 -48.09
N MET E 152 8.05 35.59 -47.47
CA MET E 152 7.66 34.33 -46.90
C MET E 152 7.65 34.59 -45.42
N GLU E 153 6.49 34.48 -44.76
CA GLU E 153 6.56 34.51 -43.32
C GLU E 153 6.83 33.09 -42.88
N ILE E 154 7.81 32.92 -41.98
CA ILE E 154 8.30 31.61 -41.53
C ILE E 154 8.29 31.56 -40.02
N VAL E 155 7.48 30.68 -39.46
CA VAL E 155 7.33 30.61 -38.01
C VAL E 155 7.91 29.28 -37.51
N THR E 156 8.64 29.35 -36.41
CA THR E 156 9.35 28.23 -35.85
C THR E 156 8.55 27.81 -34.65
N GLU E 157 8.61 26.52 -34.30
CA GLU E 157 8.10 26.07 -33.01
C GLU E 157 9.13 26.46 -31.95
N PRO E 158 8.74 26.56 -30.68
CA PRO E 158 9.78 27.02 -29.76
C PRO E 158 10.84 25.93 -29.42
N ASP E 159 11.50 25.41 -30.46
CA ASP E 159 12.43 24.27 -30.35
C ASP E 159 13.89 24.65 -30.03
N ILE E 160 14.23 25.92 -30.30
CA ILE E 160 15.56 26.48 -30.09
C ILE E 160 15.79 26.69 -28.61
N ARG E 161 17.01 26.35 -28.16
CA ARG E 161 17.35 26.31 -26.74
C ARG E 161 18.46 27.26 -26.31
N THR E 162 19.18 27.84 -27.27
CA THR E 162 20.43 28.53 -26.99
C THR E 162 20.66 29.71 -27.94
N PRO E 163 21.23 30.82 -27.45
CA PRO E 163 21.54 31.96 -28.34
C PRO E 163 22.32 31.55 -29.57
N GLU E 164 23.29 30.65 -29.40
CA GLU E 164 24.13 30.22 -30.49
C GLU E 164 23.29 29.48 -31.51
N GLU E 165 22.40 28.62 -31.00
CA GLU E 165 21.48 27.83 -31.82
C GLU E 165 20.59 28.73 -32.66
N ALA E 166 20.13 29.81 -32.04
CA ALA E 166 19.32 30.80 -32.74
C ALA E 166 20.07 31.29 -33.97
N ARG E 167 21.32 31.73 -33.76
CA ARG E 167 22.18 32.19 -34.86
C ARG E 167 22.47 31.08 -35.86
N LEU E 168 22.81 29.91 -35.35
CA LEU E 168 23.09 28.79 -36.24
C LEU E 168 21.86 28.43 -37.09
N PHE E 169 20.67 28.53 -36.50
CA PHE E 169 19.39 28.36 -37.24
C PHE E 169 19.27 29.36 -38.38
N LEU E 170 19.42 30.63 -38.04
CA LEU E 170 19.37 31.73 -38.99
C LEU E 170 20.36 31.54 -40.13
N GLU E 171 21.57 31.09 -39.80
CA GLU E 171 22.62 30.88 -40.79
C GLU E 171 22.27 29.78 -41.77
N LYS E 172 21.62 28.74 -41.25
CA LYS E 172 21.24 27.58 -42.04
C LYS E 172 19.99 27.87 -42.89
N LEU E 173 19.01 28.55 -42.28
CA LEU E 173 17.89 29.10 -43.06
C LEU E 173 18.38 29.91 -44.23
N ARG E 174 19.24 30.89 -43.94
CA ARG E 174 19.86 31.70 -44.97
C ARG E 174 20.41 30.80 -46.07
N ASN E 175 21.25 29.85 -45.69
CA ASN E 175 21.98 29.05 -46.65
C ASN E 175 21.06 28.16 -47.49
N ILE E 176 20.00 27.62 -46.88
CA ILE E 176 18.97 26.89 -47.64
C ILE E 176 18.28 27.78 -48.69
N MET E 177 17.81 28.96 -48.25
CA MET E 177 17.22 29.94 -49.16
C MET E 177 18.15 30.25 -50.33
N ARG E 178 19.42 30.49 -50.02
CA ARG E 178 20.40 30.79 -51.07
C ARG E 178 20.64 29.64 -52.03
N TYR E 179 20.78 28.42 -51.50
CA TYR E 179 20.96 27.22 -52.32
C TYR E 179 19.72 26.94 -53.17
N ALA E 180 18.54 27.11 -52.56
CA ALA E 180 17.25 26.98 -53.27
C ALA E 180 17.13 27.94 -54.43
N GLY E 181 17.71 29.13 -54.26
CA GLY E 181 17.72 30.18 -55.28
C GLY E 181 16.49 31.05 -55.15
N VAL E 182 15.92 31.10 -53.95
CA VAL E 182 14.65 31.79 -53.75
C VAL E 182 14.85 33.21 -53.21
N SER E 183 15.91 33.42 -52.45
CA SER E 183 16.18 34.70 -51.83
C SER E 183 17.71 34.90 -51.62
N LYS E 184 18.17 36.15 -51.65
CA LYS E 184 19.54 36.50 -51.27
C LYS E 184 19.69 36.41 -49.74
N ALA E 185 18.62 36.75 -49.04
CA ALA E 185 18.48 36.48 -47.60
C ALA E 185 19.55 37.09 -46.74
N ASP E 186 20.16 38.19 -47.21
CA ASP E 186 21.15 38.94 -46.42
C ASP E 186 20.39 39.95 -45.54
N MET E 187 20.59 39.88 -44.23
CA MET E 187 19.96 40.86 -43.32
C MET E 187 20.34 42.32 -43.64
N GLU E 188 21.58 42.52 -44.09
CA GLU E 188 22.14 43.87 -44.42
C GLU E 188 21.22 44.69 -45.36
N LYS E 189 20.67 44.01 -46.37
CA LYS E 189 19.83 44.67 -47.36
C LYS E 189 18.35 44.55 -47.02
N GLY E 190 18.00 44.13 -45.79
CA GLY E 190 16.65 43.94 -45.29
C GLY E 190 15.93 42.81 -46.00
N GLN E 191 16.60 41.87 -46.62
CA GLN E 191 16.00 40.72 -47.30
C GLN E 191 15.67 39.59 -46.33
N LEU E 192 15.93 39.81 -45.05
CA LEU E 192 15.64 38.85 -44.03
C LEU E 192 15.52 39.60 -42.75
N ARG E 193 14.31 39.59 -42.20
CA ARG E 193 14.05 40.15 -40.89
C ARG E 193 13.76 39.01 -39.93
N CYS E 194 13.91 39.27 -38.64
CA CYS E 194 13.64 38.23 -37.67
C CYS E 194 13.20 38.81 -36.34
N ASP E 195 12.00 38.43 -35.91
CA ASP E 195 11.49 38.75 -34.59
C ASP E 195 11.73 37.55 -33.69
N ILE E 196 12.04 37.82 -32.44
CA ILE E 196 12.47 36.77 -31.53
C ILE E 196 11.46 36.64 -30.41
N ASN E 197 11.14 35.40 -30.02
CA ASN E 197 10.18 35.10 -28.96
C ASN E 197 10.87 34.20 -27.96
N VAL E 198 10.85 34.55 -26.68
CA VAL E 198 11.65 33.82 -25.69
C VAL E 198 11.07 33.74 -24.30
N SER E 199 11.02 32.52 -23.78
CA SER E 199 10.59 32.26 -22.41
C SER E 199 11.62 31.41 -21.68
N ILE E 200 11.60 31.43 -20.36
CA ILE E 200 12.41 30.51 -19.55
C ILE E 200 11.56 29.54 -18.72
N ARG E 201 12.20 28.46 -18.29
CA ARG E 201 11.50 27.29 -17.77
C ARG E 201 12.45 26.51 -16.84
N PRO E 202 11.95 26.07 -15.67
CA PRO E 202 12.74 25.13 -14.83
C PRO E 202 13.17 23.92 -15.69
N LYS E 203 14.46 23.56 -15.63
CA LYS E 203 15.01 22.49 -16.47
C LYS E 203 14.14 21.24 -16.44
N GLY E 204 13.94 20.63 -17.60
CA GLY E 204 13.19 19.38 -17.69
C GLY E 204 11.67 19.51 -17.58
N SER E 205 11.19 20.68 -17.13
CA SER E 205 9.74 20.95 -17.09
C SER E 205 9.12 20.99 -18.50
N LYS E 206 7.82 20.69 -18.59
CA LYS E 206 7.11 20.59 -19.88
C LYS E 206 6.13 21.73 -20.13
N GLU E 207 5.84 22.49 -19.07
CA GLU E 207 5.03 23.71 -19.18
C GLU E 207 5.81 24.86 -19.86
N PHE E 208 5.12 25.92 -20.27
CA PHE E 208 5.77 27.07 -20.93
C PHE E 208 5.72 28.31 -20.06
N GLY E 209 6.88 28.98 -19.94
CA GLY E 209 6.98 30.24 -19.22
C GLY E 209 6.45 31.38 -20.07
N THR E 210 6.30 32.54 -19.46
CA THR E 210 5.69 33.70 -20.14
C THR E 210 6.61 34.28 -21.19
N ARG E 211 6.02 34.74 -22.28
CA ARG E 211 6.73 35.05 -23.52
C ARG E 211 7.05 36.53 -23.73
N VAL E 212 8.32 36.82 -24.02
CA VAL E 212 8.77 38.16 -24.42
C VAL E 212 9.16 38.16 -25.88
N GLU E 213 8.77 39.21 -26.60
CA GLU E 213 9.17 39.34 -27.97
C GLU E 213 10.19 40.47 -28.15
N ILE E 214 11.27 40.20 -28.87
CA ILE E 214 12.27 41.24 -29.14
C ILE E 214 12.29 41.57 -30.62
N LYS E 215 12.12 42.85 -30.94
CA LYS E 215 11.81 43.26 -32.31
C LYS E 215 12.95 44.07 -32.91
N ASN E 216 13.07 44.03 -34.23
CA ASN E 216 14.17 44.70 -34.92
C ASN E 216 15.52 44.43 -34.26
N VAL E 217 16.01 43.20 -34.41
CA VAL E 217 17.44 42.94 -34.40
C VAL E 217 17.93 42.47 -35.77
N ASN E 218 19.11 42.94 -36.15
CA ASN E 218 19.35 43.38 -37.53
C ASN E 218 20.51 42.62 -38.18
N SER E 219 21.30 41.96 -37.36
CA SER E 219 22.25 40.96 -37.85
C SER E 219 22.13 39.66 -37.08
N PHE E 220 22.66 38.58 -37.65
CA PHE E 220 22.66 37.27 -36.98
C PHE E 220 23.39 37.35 -35.65
N ARG E 221 24.51 38.10 -35.64
CA ARG E 221 25.27 38.32 -34.42
C ARG E 221 24.45 39.06 -33.38
N PHE E 222 23.70 40.06 -33.83
CA PHE E 222 22.86 40.84 -32.94
C PHE E 222 21.73 40.01 -32.25
N VAL E 223 21.20 39.00 -32.96
CA VAL E 223 20.17 38.14 -32.35
C VAL E 223 20.77 37.27 -31.24
N GLN E 224 22.01 36.82 -31.46
CA GLN E 224 22.76 36.09 -30.43
C GLN E 224 22.95 36.94 -29.18
N LYS E 225 23.35 38.20 -29.37
CA LYS E 225 23.62 39.10 -28.24
C LYS E 225 22.34 39.43 -27.49
N ALA E 226 21.32 39.87 -28.24
CA ALA E 226 20.00 40.20 -27.68
C ALA E 226 19.52 39.06 -26.80
N LEU E 227 19.56 37.85 -27.35
CA LEU E 227 19.18 36.65 -26.64
C LEU E 227 20.05 36.36 -25.45
N GLU E 228 21.38 36.39 -25.64
CA GLU E 228 22.32 36.18 -24.53
C GLU E 228 21.92 36.98 -23.31
N TYR E 229 21.65 38.28 -23.54
CA TYR E 229 21.27 39.19 -22.48
C TYR E 229 19.87 38.92 -21.92
N GLU E 230 18.89 38.75 -22.82
CA GLU E 230 17.50 38.58 -22.42
C GLU E 230 17.34 37.40 -21.46
N ILE E 231 17.90 36.27 -21.83
CA ILE E 231 17.95 35.07 -20.98
C ILE E 231 18.50 35.43 -19.61
N GLU E 232 19.62 36.17 -19.59
CA GLU E 232 20.21 36.68 -18.35
C GLU E 232 19.17 37.49 -17.57
N ARG E 233 18.54 38.44 -18.25
CA ARG E 233 17.59 39.33 -17.60
C ARG E 233 16.43 38.54 -16.97
N GLN E 234 15.87 37.62 -17.75
CA GLN E 234 14.71 36.81 -17.31
C GLN E 234 15.03 35.90 -16.14
N ILE E 235 16.21 35.26 -16.18
CA ILE E 235 16.65 34.41 -15.07
C ILE E 235 16.79 35.22 -13.78
N ASN E 236 17.46 36.38 -13.89
CA ASN E 236 17.59 37.30 -12.77
C ASN E 236 16.24 37.53 -12.13
N VAL E 237 15.30 38.06 -12.92
CA VAL E 237 13.94 38.41 -12.50
C VAL E 237 13.26 37.30 -11.67
N VAL E 238 13.26 36.07 -12.21
CA VAL E 238 12.60 34.92 -11.58
C VAL E 238 13.25 34.53 -10.26
N GLU E 239 14.59 34.49 -10.23
CA GLU E 239 15.30 34.09 -9.02
C GLU E 239 15.39 35.21 -7.98
N GLU E 240 15.09 36.45 -8.38
CA GLU E 240 14.91 37.55 -7.43
C GLU E 240 13.46 37.58 -6.91
N GLY E 241 12.76 36.45 -7.06
CA GLY E 241 11.37 36.27 -6.59
C GLY E 241 10.28 36.98 -7.37
N GLY E 242 10.64 37.51 -8.55
CA GLY E 242 9.70 38.29 -9.38
C GLY E 242 9.13 37.55 -10.58
N GLU E 243 8.04 38.09 -11.13
CA GLU E 243 7.39 37.52 -12.30
C GLU E 243 7.93 38.19 -13.56
N VAL E 244 8.21 37.38 -14.58
CA VAL E 244 8.57 37.93 -15.89
C VAL E 244 7.28 38.34 -16.61
N VAL E 245 7.25 39.58 -17.10
CA VAL E 245 6.03 40.16 -17.68
C VAL E 245 6.02 40.07 -19.21
N GLN E 246 4.83 39.80 -19.76
CA GLN E 246 4.65 39.62 -21.18
C GLN E 246 4.61 40.95 -21.96
N GLU E 247 5.61 41.19 -22.81
CA GLU E 247 5.76 42.46 -23.53
C GLU E 247 6.54 42.30 -24.83
N THR E 248 6.60 43.37 -25.62
CA THR E 248 7.58 43.46 -26.70
C THR E 248 8.77 44.30 -26.21
N ARG E 249 9.99 43.98 -26.68
CA ARG E 249 11.21 44.70 -26.30
C ARG E 249 12.03 45.10 -27.52
N THR E 250 12.96 46.03 -27.33
CA THR E 250 13.87 46.44 -28.41
C THR E 250 15.31 46.18 -28.01
N PHE E 251 16.20 46.14 -28.99
CA PHE E 251 17.61 45.88 -28.75
C PHE E 251 18.51 46.99 -29.31
N ASP E 252 19.42 47.50 -28.47
CA ASP E 252 20.43 48.46 -28.91
C ASP E 252 21.79 47.80 -29.11
N PRO E 253 22.23 47.69 -30.38
CA PRO E 253 23.55 47.15 -30.73
C PRO E 253 24.64 47.74 -29.84
N GLN E 254 24.70 49.08 -29.80
CA GLN E 254 25.70 49.85 -29.03
C GLN E 254 25.84 49.41 -27.56
N THR E 255 24.71 49.23 -26.87
CA THR E 255 24.72 48.83 -25.47
C THR E 255 24.74 47.32 -25.25
N GLY E 256 24.26 46.58 -26.25
CA GLY E 256 24.08 45.12 -26.13
C GLY E 256 22.98 44.70 -25.17
N LYS E 257 21.99 45.58 -24.97
CA LYS E 257 20.92 45.34 -24.00
C LYS E 257 19.53 45.45 -24.64
N THR E 258 18.53 44.90 -23.96
CA THR E 258 17.15 44.98 -24.42
C THR E 258 16.31 45.86 -23.49
N TYR E 259 15.41 46.64 -24.08
CA TYR E 259 14.59 47.60 -23.33
C TYR E 259 13.09 47.42 -23.55
N PRO E 260 12.29 47.58 -22.48
CA PRO E 260 10.85 47.64 -22.65
C PRO E 260 10.52 48.92 -23.40
N MET E 261 9.25 49.10 -23.80
CA MET E 261 8.88 50.29 -24.54
C MET E 261 8.05 51.26 -23.71
N ARG E 262 8.21 52.54 -24.01
CA ARG E 262 7.51 53.60 -23.28
C ARG E 262 5.99 53.62 -23.53
N THR E 263 5.58 53.08 -24.68
CA THR E 263 4.16 53.03 -25.06
C THR E 263 3.51 51.67 -24.73
N LYS E 264 2.49 51.72 -23.86
CA LYS E 264 1.66 50.55 -23.50
C LYS E 264 0.58 50.25 -24.56
N GLU E 265 0.98 50.37 -25.83
CA GLU E 265 0.09 50.15 -26.97
C GLU E 265 -0.11 48.67 -27.28
N GLU E 266 -1.27 48.15 -26.86
CA GLU E 266 -1.67 46.76 -27.15
C GLU E 266 -1.94 46.58 -28.64
N ALA E 267 -1.91 45.34 -29.11
CA ALA E 267 -2.28 45.05 -30.49
C ALA E 267 -3.80 45.17 -30.67
N GLU E 268 -4.23 45.25 -31.92
CA GLU E 268 -5.65 45.35 -32.24
C GLU E 268 -6.04 44.22 -33.15
N ASP E 269 -7.18 43.59 -32.84
CA ASP E 269 -7.83 42.57 -33.64
C ASP E 269 -7.54 42.81 -35.12
N TYR E 270 -6.96 41.86 -35.82
CA TYR E 270 -6.62 42.06 -37.21
C TYR E 270 -7.79 41.89 -38.19
N ARG E 271 -8.97 41.51 -37.67
CA ARG E 271 -10.19 41.31 -38.48
C ARG E 271 -9.91 40.56 -39.78
N TYR E 272 -9.21 39.45 -39.68
CA TYR E 272 -8.90 38.56 -40.81
C TYR E 272 -10.14 38.04 -41.56
N PHE E 273 -10.00 37.85 -42.87
CA PHE E 273 -11.03 37.23 -43.66
C PHE E 273 -10.59 37.07 -45.11
N PRO E 274 -11.07 36.02 -45.80
CA PRO E 274 -10.53 35.87 -47.14
C PRO E 274 -10.65 37.15 -47.97
N ASP E 275 -9.57 37.59 -48.58
CA ASP E 275 -9.67 38.71 -49.47
C ASP E 275 -10.65 38.35 -50.55
N PRO E 276 -11.72 39.15 -50.71
CA PRO E 276 -12.65 38.90 -51.78
C PRO E 276 -12.18 39.31 -53.14
N ASP E 277 -10.97 39.89 -53.27
CA ASP E 277 -10.44 40.23 -54.61
C ASP E 277 -9.72 39.05 -55.25
N LEU E 278 -9.44 38.02 -54.44
CA LEU E 278 -8.69 36.84 -54.90
C LEU E 278 -9.43 35.53 -54.57
N VAL E 279 -9.44 34.63 -55.54
CA VAL E 279 -9.84 33.24 -55.33
C VAL E 279 -8.78 32.52 -54.48
N PRO E 280 -9.12 31.36 -53.87
CA PRO E 280 -8.10 30.59 -53.13
C PRO E 280 -6.97 30.12 -54.02
N LEU E 281 -5.77 30.08 -53.46
CA LEU E 281 -4.59 29.66 -54.18
C LEU E 281 -4.65 28.15 -54.29
N LYS E 282 -4.77 27.66 -55.50
CA LYS E 282 -4.94 26.25 -55.73
C LYS E 282 -3.70 25.68 -56.41
N VAL E 283 -2.93 24.91 -55.62
CA VAL E 283 -1.64 24.38 -56.07
C VAL E 283 -1.73 22.90 -56.50
N LYS E 284 -1.65 22.69 -57.80
CA LYS E 284 -1.73 21.35 -58.38
C LYS E 284 -0.66 20.42 -57.81
N LYS E 285 -1.04 19.16 -57.55
CA LYS E 285 -0.09 18.13 -57.11
C LYS E 285 1.03 17.96 -58.14
N GLU E 286 0.66 18.02 -59.41
CA GLU E 286 1.61 17.87 -60.50
C GLU E 286 2.71 18.93 -60.47
N TRP E 287 2.39 20.08 -59.91
CA TRP E 287 3.31 21.23 -59.84
C TRP E 287 4.31 21.09 -58.69
N ILE E 288 3.83 20.57 -57.57
CA ILE E 288 4.70 20.23 -56.45
C ILE E 288 5.74 19.18 -56.86
N GLU E 289 5.28 18.09 -57.49
CA GLU E 289 6.14 17.05 -58.06
C GLU E 289 7.21 17.62 -59.00
N GLU E 290 6.86 18.61 -59.80
CA GLU E 290 7.80 19.24 -60.76
C GLU E 290 8.89 20.10 -60.07
N ILE E 291 8.53 20.75 -58.99
CA ILE E 291 9.47 21.58 -58.24
C ILE E 291 10.39 20.69 -57.42
N LYS E 292 9.81 19.59 -56.92
CA LYS E 292 10.51 18.56 -56.15
C LYS E 292 11.63 17.92 -56.97
N LYS E 293 11.27 17.46 -58.17
CA LYS E 293 12.17 16.80 -59.10
C LYS E 293 13.34 17.70 -59.52
N ASN E 294 13.03 18.92 -59.82
CA ASN E 294 14.04 19.88 -60.30
C ASN E 294 14.60 20.74 -59.21
N MET E 295 14.47 20.30 -57.97
CA MET E 295 15.01 21.05 -56.86
C MET E 295 16.52 21.11 -57.01
N PRO E 296 17.11 22.33 -56.92
CA PRO E 296 18.58 22.52 -56.83
C PRO E 296 19.15 21.78 -55.63
N GLU E 297 20.44 21.43 -55.69
CA GLU E 297 21.12 20.76 -54.57
C GLU E 297 21.16 21.65 -53.33
N LEU E 298 20.85 21.05 -52.20
CA LEU E 298 20.74 21.76 -50.95
C LEU E 298 22.00 21.50 -50.13
N PRO E 299 22.25 22.33 -49.11
CA PRO E 299 23.49 22.24 -48.33
C PRO E 299 23.87 20.84 -47.81
N ASP E 300 22.95 20.17 -47.09
CA ASP E 300 23.23 18.85 -46.51
C ASP E 300 23.53 17.78 -47.54
N GLN E 301 22.86 17.85 -48.68
CA GLN E 301 23.18 16.98 -49.81
C GLN E 301 24.58 17.26 -50.35
N ARG E 302 24.92 18.52 -50.62
CA ARG E 302 26.24 18.87 -51.18
C ARG E 302 27.34 18.38 -50.24
N PHE E 303 27.19 18.67 -48.95
CA PHE E 303 28.14 18.27 -47.91
C PHE E 303 28.58 16.79 -47.96
N GLU E 304 27.62 15.86 -48.04
CA GLU E 304 27.96 14.44 -48.18
C GLU E 304 28.60 14.14 -49.53
N ARG E 305 28.09 14.78 -50.59
CA ARG E 305 28.61 14.56 -51.94
C ARG E 305 30.08 14.99 -52.10
N LEU E 306 30.46 16.11 -51.51
CA LEU E 306 31.85 16.56 -51.58
C LEU E 306 32.77 15.53 -50.91
N ILE E 307 32.46 15.19 -49.66
CA ILE E 307 33.14 14.14 -48.90
C ILE E 307 33.37 12.85 -49.70
N LYS E 308 32.36 12.37 -50.41
CA LYS E 308 32.52 11.19 -51.23
C LYS E 308 33.22 11.48 -52.55
N GLU E 309 32.65 12.35 -53.36
CA GLU E 309 33.17 12.60 -54.72
C GLU E 309 34.62 13.14 -54.77
N TYR E 310 35.12 13.67 -53.67
CA TYR E 310 36.41 14.38 -53.66
C TYR E 310 37.28 13.98 -52.47
N GLY E 311 36.70 13.19 -51.57
CA GLY E 311 37.44 12.73 -50.39
C GLY E 311 37.80 13.82 -49.41
N LEU E 312 37.09 14.93 -49.45
CA LEU E 312 37.35 16.04 -48.53
C LEU E 312 37.06 15.68 -47.08
N SER E 313 37.69 16.38 -46.17
CA SER E 313 37.38 16.21 -44.76
C SER E 313 36.10 16.98 -44.44
N GLU E 314 35.51 16.68 -43.29
CA GLU E 314 34.31 17.39 -42.82
C GLU E 314 34.59 18.86 -42.47
N TYR E 315 35.86 19.17 -42.19
CA TYR E 315 36.31 20.54 -41.99
C TYR E 315 36.34 21.29 -43.32
N GLU E 316 36.86 20.63 -44.34
CA GLU E 316 37.00 21.23 -45.64
C GLU E 316 35.65 21.48 -46.32
N ALA E 317 34.85 20.41 -46.44
CA ALA E 317 33.53 20.49 -47.08
C ALA E 317 32.60 21.52 -46.42
N GLY E 318 32.64 21.59 -45.09
CA GLY E 318 31.87 22.59 -44.33
C GLY E 318 32.14 24.01 -44.79
N ILE E 319 33.42 24.35 -44.89
CA ILE E 319 33.84 25.63 -45.45
C ILE E 319 33.25 25.83 -46.85
N LEU E 320 33.37 24.82 -47.69
CA LEU E 320 32.97 24.95 -49.10
C LEU E 320 31.47 25.06 -49.26
N VAL E 321 30.72 24.61 -48.26
CA VAL E 321 29.28 24.47 -48.36
C VAL E 321 28.59 25.61 -47.63
N ASN E 322 29.15 26.03 -46.50
CA ASN E 322 28.64 27.20 -45.80
C ASN E 322 28.72 28.51 -46.59
N HIS E 323 29.75 28.63 -47.43
CA HIS E 323 29.84 29.71 -48.38
C HIS E 323 29.78 29.09 -49.77
N LYS E 324 28.57 29.07 -50.35
CA LYS E 324 28.31 28.35 -51.60
C LYS E 324 29.30 28.68 -52.71
N GLU E 325 29.65 29.96 -52.81
CA GLU E 325 30.41 30.47 -53.95
C GLU E 325 31.87 29.96 -53.94
N VAL E 326 32.35 29.65 -52.73
CA VAL E 326 33.63 28.99 -52.51
C VAL E 326 33.57 27.57 -53.10
N GLY E 327 32.60 26.78 -52.65
CA GLY E 327 32.38 25.45 -53.20
C GLY E 327 32.25 25.40 -54.71
N ASP E 328 31.58 26.38 -55.31
CA ASP E 328 31.36 26.39 -56.76
C ASP E 328 32.64 26.75 -57.48
N PHE E 329 33.45 27.59 -56.83
CA PHE E 329 34.80 27.94 -57.31
C PHE E 329 35.64 26.64 -57.33
N PHE E 330 35.70 25.97 -56.20
CA PHE E 330 36.40 24.70 -56.07
C PHE E 330 36.03 23.70 -57.17
N GLU E 331 34.74 23.50 -57.41
CA GLU E 331 34.30 22.47 -58.35
C GLU E 331 34.62 22.83 -59.79
N GLU E 332 34.68 24.12 -60.10
CA GLU E 332 35.07 24.55 -61.45
C GLU E 332 36.58 24.46 -61.58
N ALA E 333 37.28 24.65 -60.48
CA ALA E 333 38.73 24.50 -60.47
C ALA E 333 39.12 23.03 -60.67
N VAL E 334 38.63 22.15 -59.79
CA VAL E 334 38.93 20.72 -59.87
C VAL E 334 38.54 20.14 -61.22
N ARG E 335 37.73 20.88 -61.96
CA ARG E 335 37.30 20.45 -63.27
C ARG E 335 38.47 20.60 -64.25
N HIS E 336 39.20 21.72 -64.14
CA HIS E 336 40.35 22.03 -65.02
C HIS E 336 41.61 21.17 -64.76
N PHE E 337 41.81 20.77 -63.51
CA PHE E 337 42.90 19.83 -63.15
C PHE E 337 42.43 18.95 -62.00
N LYS E 338 42.29 17.65 -62.26
CA LYS E 338 41.63 16.73 -61.31
C LYS E 338 42.46 16.38 -60.06
N GLU E 339 42.97 17.43 -59.39
CA GLU E 339 43.68 17.28 -58.13
C GLU E 339 42.89 17.96 -57.01
N PRO E 340 41.90 17.23 -56.44
CA PRO E 340 41.01 17.81 -55.45
C PRO E 340 41.74 18.23 -54.18
N LYS E 341 42.56 17.32 -53.63
CA LYS E 341 43.22 17.53 -52.34
C LYS E 341 44.27 18.64 -52.41
N GLY E 342 44.93 18.78 -53.55
CA GLY E 342 45.83 19.90 -53.80
C GLY E 342 45.05 21.21 -53.82
N ILE E 343 44.01 21.24 -54.64
CA ILE E 343 43.22 22.46 -54.82
C ILE E 343 42.56 22.99 -53.55
N VAL E 344 41.94 22.11 -52.75
CA VAL E 344 41.38 22.57 -51.47
C VAL E 344 42.42 23.23 -50.59
N ASN E 345 43.63 22.69 -50.61
CA ASN E 345 44.69 23.23 -49.79
C ASN E 345 45.01 24.67 -50.18
N TRP E 346 45.33 24.87 -51.45
CA TRP E 346 45.74 26.17 -51.98
C TRP E 346 44.64 27.23 -51.95
N LEU E 347 43.40 26.78 -52.12
CA LEU E 347 42.20 27.60 -51.95
C LEU E 347 41.97 28.05 -50.52
N ILE E 348 41.91 27.10 -49.59
CA ILE E 348 41.60 27.40 -48.19
C ILE E 348 42.75 28.12 -47.50
N ASN E 349 43.97 27.69 -47.80
CA ASN E 349 45.14 28.14 -47.04
C ASN E 349 45.86 29.35 -47.63
N ASP E 350 45.65 29.55 -48.92
CA ASP E 350 46.34 30.66 -49.61
C ASP E 350 45.40 31.74 -50.17
N LEU E 351 44.60 31.36 -51.15
CA LEU E 351 43.69 32.27 -51.88
C LEU E 351 42.69 33.05 -51.02
N LEU E 352 41.81 32.33 -50.33
CA LEU E 352 40.78 32.92 -49.49
C LEU E 352 41.29 33.98 -48.53
N GLY E 353 42.45 33.73 -47.91
CA GLY E 353 42.99 34.67 -46.93
C GLY E 353 43.59 35.88 -47.62
N LEU E 354 44.07 35.67 -48.85
CA LEU E 354 44.62 36.76 -49.64
C LEU E 354 43.52 37.70 -50.12
N LEU E 355 42.44 37.11 -50.64
CA LEU E 355 41.24 37.85 -51.06
C LEU E 355 40.57 38.57 -49.90
N ARG E 356 40.47 37.90 -48.75
CA ARG E 356 39.94 38.54 -47.56
C ARG E 356 40.66 39.83 -47.26
N ASP E 357 41.99 39.82 -47.41
CA ASP E 357 42.87 40.97 -47.07
C ASP E 357 42.70 42.18 -47.99
N LYS E 358 42.63 41.91 -49.29
CA LYS E 358 42.20 42.87 -50.32
C LYS E 358 40.74 43.37 -50.14
N GLY E 359 39.89 42.50 -49.58
CA GLY E 359 38.48 42.84 -49.34
C GLY E 359 37.59 42.45 -50.50
N ILE E 360 38.08 41.54 -51.34
CA ILE E 360 37.26 41.07 -52.47
C ILE E 360 36.60 39.70 -52.24
N SER E 361 35.43 39.54 -52.82
CA SER E 361 34.64 38.34 -52.72
C SER E 361 35.13 37.32 -53.73
N ILE E 362 35.00 36.04 -53.39
CA ILE E 362 35.39 34.92 -54.25
C ILE E 362 34.68 34.91 -55.62
N GLU E 363 33.54 35.61 -55.70
CA GLU E 363 32.82 35.81 -56.96
C GLU E 363 33.66 36.70 -57.85
N GLU E 364 34.24 37.74 -57.22
CA GLU E 364 34.96 38.80 -57.94
C GLU E 364 36.51 38.67 -58.00
N SER E 365 37.06 37.53 -57.59
CA SER E 365 38.52 37.34 -57.53
C SER E 365 39.21 37.30 -58.91
N PRO E 366 40.40 37.93 -59.02
CA PRO E 366 41.23 37.91 -60.22
C PRO E 366 41.73 36.50 -60.54
N VAL E 367 41.97 35.71 -59.50
CA VAL E 367 42.32 34.30 -59.71
C VAL E 367 41.03 33.56 -60.04
N LYS E 368 40.93 33.11 -61.27
CA LYS E 368 39.79 32.34 -61.72
C LYS E 368 40.10 30.86 -61.49
N PRO E 369 39.04 30.02 -61.31
CA PRO E 369 39.23 28.58 -61.13
C PRO E 369 40.28 27.93 -62.05
N GLU E 370 40.45 28.46 -63.27
CA GLU E 370 41.45 27.96 -64.21
C GLU E 370 42.86 28.21 -63.68
N HIS E 371 43.05 29.41 -63.13
CA HIS E 371 44.36 29.87 -62.66
C HIS E 371 44.86 29.09 -61.47
N LEU E 372 43.97 28.80 -60.53
CA LEU E 372 44.35 28.01 -59.36
C LEU E 372 44.67 26.58 -59.77
N ALA E 373 43.86 26.05 -60.68
CA ALA E 373 44.05 24.69 -61.19
C ALA E 373 45.38 24.58 -61.93
N GLU E 374 45.73 25.65 -62.65
CA GLU E 374 47.02 25.74 -63.34
C GLU E 374 48.18 25.85 -62.36
N LEU E 375 48.09 26.76 -61.41
CA LEU E 375 49.12 26.90 -60.38
C LEU E 375 49.35 25.59 -59.60
N VAL E 376 48.27 24.92 -59.21
CA VAL E 376 48.38 23.65 -58.48
C VAL E 376 48.98 22.54 -59.37
N LYS E 377 48.76 22.65 -60.67
CA LYS E 377 49.40 21.75 -61.64
C LYS E 377 50.94 21.84 -61.61
N LEU E 378 51.45 23.07 -61.68
CA LEU E 378 52.89 23.39 -61.60
C LEU E 378 53.58 22.90 -60.33
N ILE E 379 52.87 22.95 -59.20
CA ILE E 379 53.39 22.43 -57.92
C ILE E 379 53.43 20.90 -57.92
N LYS E 380 52.47 20.27 -58.59
CA LYS E 380 52.38 18.82 -58.65
C LYS E 380 53.45 18.25 -59.59
N GLU E 381 53.64 18.91 -60.73
CA GLU E 381 54.57 18.45 -61.76
C GLU E 381 56.01 18.91 -61.50
N LYS E 382 56.23 19.44 -60.29
CA LYS E 382 57.55 19.86 -59.82
C LYS E 382 58.19 20.98 -60.66
N VAL E 383 57.36 21.73 -61.37
CA VAL E 383 57.84 22.79 -62.26
C VAL E 383 58.31 24.01 -61.47
N ILE E 384 57.61 24.30 -60.37
CA ILE E 384 58.08 25.26 -59.37
C ILE E 384 57.90 24.72 -57.96
N SER E 385 58.52 25.43 -57.02
CA SER E 385 58.52 25.03 -55.63
C SER E 385 57.34 25.64 -54.89
N THR E 386 56.95 25.00 -53.80
CA THR E 386 55.95 25.51 -52.89
C THR E 386 56.30 26.94 -52.50
N LYS E 387 57.57 27.17 -52.11
CA LYS E 387 58.06 28.50 -51.77
C LYS E 387 57.79 29.53 -52.89
N ILE E 388 58.02 29.09 -54.13
CA ILE E 388 57.86 29.93 -55.31
C ILE E 388 56.37 30.09 -55.60
N GLY E 389 55.63 29.00 -55.46
CA GLY E 389 54.17 29.01 -55.59
C GLY E 389 53.52 30.07 -54.72
N LYS E 390 54.04 30.24 -53.51
CA LYS E 390 53.46 31.19 -52.58
C LYS E 390 53.75 32.63 -52.94
N GLU E 391 54.82 32.84 -53.72
CA GLU E 391 55.19 34.16 -54.23
C GLU E 391 54.36 34.54 -55.47
N VAL E 392 54.13 33.57 -56.35
CA VAL E 392 53.34 33.82 -57.55
C VAL E 392 51.82 33.97 -57.28
N ILE E 393 51.29 33.23 -56.31
CA ILE E 393 49.89 33.37 -55.94
C ILE E 393 49.62 34.78 -55.41
N LYS E 394 50.56 35.32 -54.62
CA LYS E 394 50.44 36.68 -54.11
C LYS E 394 50.33 37.73 -55.19
N GLU E 395 50.99 37.46 -56.30
CA GLU E 395 51.04 38.40 -57.41
C GLU E 395 49.93 38.11 -58.40
N MET E 396 49.49 36.85 -58.45
CA MET E 396 48.26 36.50 -59.16
C MET E 396 47.10 37.36 -58.64
N VAL E 397 46.96 37.42 -57.33
CA VAL E 397 45.98 38.29 -56.68
C VAL E 397 46.25 39.76 -57.01
N GLU E 398 47.52 40.16 -56.89
CA GLU E 398 47.94 41.54 -57.08
C GLU E 398 47.69 42.08 -58.48
N THR E 399 47.91 41.23 -59.48
CA THR E 399 47.75 41.65 -60.88
C THR E 399 46.51 41.06 -61.55
N GLY E 400 46.46 39.74 -61.64
CA GLY E 400 45.44 39.05 -62.41
C GLY E 400 46.03 38.21 -63.51
N LYS E 401 47.36 38.21 -63.61
CA LYS E 401 48.03 37.44 -64.65
C LYS E 401 48.05 35.95 -64.28
N THR E 402 48.09 35.10 -65.30
CA THR E 402 48.11 33.63 -65.15
C THR E 402 49.34 33.16 -64.34
N PRO E 403 49.23 32.00 -63.65
CA PRO E 403 50.45 31.44 -63.05
C PRO E 403 51.59 31.25 -64.05
N SER E 404 51.32 30.65 -65.21
CA SER E 404 52.36 30.46 -66.25
C SER E 404 52.88 31.78 -66.84
N GLN E 405 52.04 32.82 -66.82
CA GLN E 405 52.43 34.16 -67.26
C GLN E 405 53.58 34.74 -66.41
N ILE E 406 53.39 34.79 -65.10
CA ILE E 406 54.42 35.34 -64.20
C ILE E 406 55.61 34.40 -63.94
N VAL E 407 55.45 33.12 -64.30
CA VAL E 407 56.53 32.13 -64.26
C VAL E 407 57.61 32.46 -65.30
N GLU E 408 57.19 32.75 -66.53
CA GLU E 408 58.13 33.16 -67.57
C GLU E 408 58.66 34.57 -67.31
N GLU E 409 57.76 35.52 -67.07
CA GLU E 409 58.13 36.92 -66.95
C GLU E 409 59.31 37.09 -66.00
N LYS E 410 59.50 36.12 -65.11
CA LYS E 410 60.41 36.29 -63.98
C LYS E 410 61.30 35.06 -63.81
N GLY E 411 61.33 34.20 -64.83
CA GLY E 411 62.22 33.08 -64.85
C GLY E 411 61.72 31.91 -64.01
N LEU E 412 61.89 30.70 -64.53
CA LEU E 412 61.19 29.54 -63.99
C LEU E 412 61.88 29.02 -62.73
N VAL F 2 -27.09 48.44 -27.19
CA VAL F 2 -25.63 48.14 -27.07
C VAL F 2 -24.86 49.36 -26.56
N ASP F 3 -23.86 49.11 -25.72
CA ASP F 3 -23.10 50.15 -24.96
C ASP F 3 -22.59 51.40 -25.70
N ARG F 4 -22.35 52.45 -24.94
CA ARG F 4 -21.51 53.56 -25.40
C ARG F 4 -20.10 53.02 -25.66
N GLU F 5 -19.54 52.41 -24.61
CA GLU F 5 -18.26 51.73 -24.61
C GLU F 5 -18.03 50.88 -25.88
N TRP F 6 -19.06 50.14 -26.27
CA TRP F 6 -19.03 49.31 -27.46
C TRP F 6 -18.79 50.16 -28.70
N VAL F 7 -19.53 51.25 -28.80
CA VAL F 7 -19.46 52.16 -29.93
C VAL F 7 -18.08 52.83 -30.07
N LEU F 8 -17.48 53.21 -28.94
CA LEU F 8 -16.14 53.79 -28.90
C LEU F 8 -15.03 52.80 -29.28
N LYS F 9 -15.19 51.56 -28.81
CA LYS F 9 -14.27 50.47 -29.11
C LYS F 9 -14.25 50.21 -30.61
N ILE F 10 -15.43 50.11 -31.21
CA ILE F 10 -15.53 49.80 -32.63
C ILE F 10 -15.03 50.97 -33.46
N ALA F 11 -15.35 52.20 -33.03
CA ALA F 11 -14.93 53.43 -33.70
C ALA F 11 -13.42 53.56 -33.76
N LYS F 12 -12.79 53.23 -32.63
CA LYS F 12 -11.34 53.24 -32.51
C LYS F 12 -10.71 52.27 -33.50
N LEU F 13 -11.22 51.03 -33.51
CA LEU F 13 -10.69 50.01 -34.41
C LEU F 13 -10.78 50.49 -35.83
N ALA F 14 -11.86 51.22 -36.12
CA ALA F 14 -12.11 51.70 -37.48
C ALA F 14 -11.57 53.13 -37.76
N ARG F 15 -10.96 53.76 -36.76
CA ARG F 15 -10.37 55.11 -36.92
C ARG F 15 -11.42 56.13 -37.37
N LEU F 16 -12.46 56.27 -36.55
CA LEU F 16 -13.46 57.30 -36.69
C LEU F 16 -13.52 57.96 -35.34
N GLU F 17 -13.10 59.22 -35.28
CA GLU F 17 -13.23 59.97 -34.06
C GLU F 17 -14.64 60.55 -34.03
N LEU F 18 -15.54 59.87 -33.35
CA LEU F 18 -16.95 60.22 -33.40
C LEU F 18 -17.22 61.48 -32.59
N LYS F 19 -18.03 62.37 -33.18
CA LYS F 19 -18.57 63.54 -32.49
C LYS F 19 -19.70 63.04 -31.58
N GLU F 20 -19.85 63.70 -30.43
CA GLU F 20 -20.79 63.25 -29.39
C GLU F 20 -22.24 62.97 -29.86
N GLU F 21 -22.71 63.75 -30.84
CA GLU F 21 -24.03 63.56 -31.47
C GLU F 21 -24.16 62.19 -32.11
N GLU F 22 -23.11 61.80 -32.85
CA GLU F 22 -23.04 60.52 -33.58
C GLU F 22 -23.07 59.35 -32.63
N ILE F 23 -22.27 59.44 -31.57
CA ILE F 23 -22.22 58.41 -30.54
C ILE F 23 -23.61 57.99 -30.00
N GLU F 24 -24.50 58.96 -29.74
CA GLU F 24 -25.82 58.67 -29.22
C GLU F 24 -26.73 58.10 -30.30
N VAL F 25 -26.62 58.68 -31.50
CA VAL F 25 -27.42 58.27 -32.65
C VAL F 25 -27.06 56.86 -33.11
N PHE F 26 -25.75 56.60 -33.24
CA PHE F 26 -25.25 55.30 -33.68
C PHE F 26 -25.48 54.22 -32.63
N GLN F 27 -25.77 54.60 -31.41
CA GLN F 27 -26.14 53.63 -30.40
C GLN F 27 -27.47 52.97 -30.70
N LYS F 28 -28.50 53.78 -30.95
CA LYS F 28 -29.81 53.21 -31.24
C LYS F 28 -29.83 52.60 -32.63
N GLN F 29 -29.23 53.31 -33.58
CA GLN F 29 -29.26 52.87 -34.97
C GLN F 29 -28.58 51.52 -35.14
N LEU F 30 -27.44 51.34 -34.48
CA LEU F 30 -26.72 50.08 -34.61
C LEU F 30 -27.38 48.93 -33.83
N SER F 31 -27.87 49.19 -32.63
CA SER F 31 -28.72 48.21 -31.93
C SER F 31 -29.89 47.76 -32.79
N ASP F 32 -30.55 48.71 -33.44
CA ASP F 32 -31.70 48.41 -34.30
C ASP F 32 -31.28 47.48 -35.42
N ILE F 33 -30.19 47.82 -36.08
CA ILE F 33 -29.71 47.05 -37.23
C ILE F 33 -29.24 45.65 -36.79
N LEU F 34 -28.60 45.58 -35.63
CA LEU F 34 -28.16 44.29 -35.09
C LEU F 34 -29.33 43.36 -34.86
N ASP F 35 -30.45 43.90 -34.34
CA ASP F 35 -31.69 43.14 -34.18
C ASP F 35 -32.25 42.84 -35.55
N PHE F 36 -32.18 43.82 -36.43
CA PHE F 36 -32.67 43.65 -37.78
C PHE F 36 -32.06 42.43 -38.45
N ILE F 37 -30.74 42.28 -38.36
CA ILE F 37 -30.04 41.29 -39.15
C ILE F 37 -29.92 39.91 -38.48
N ASP F 38 -30.26 39.80 -37.20
CA ASP F 38 -30.13 38.52 -36.50
C ASP F 38 -31.28 37.54 -36.74
N GLN F 39 -31.44 37.12 -37.99
CA GLN F 39 -32.41 36.08 -38.34
C GLN F 39 -31.73 34.77 -38.75
N LEU F 40 -30.40 34.75 -38.81
CA LEU F 40 -29.70 33.64 -39.45
C LEU F 40 -29.48 32.39 -38.58
N LYS F 41 -29.48 32.55 -37.26
CA LYS F 41 -29.33 31.41 -36.34
C LYS F 41 -30.28 30.25 -36.69
N GLU F 42 -31.53 30.61 -36.97
CA GLU F 42 -32.57 29.63 -37.33
C GLU F 42 -32.07 28.56 -38.28
N LEU F 43 -31.13 28.92 -39.15
CA LEU F 43 -30.70 28.03 -40.23
C LEU F 43 -29.51 27.17 -39.79
N ASP F 44 -29.44 25.96 -40.33
CA ASP F 44 -28.34 25.06 -40.03
C ASP F 44 -27.30 25.07 -41.14
N THR F 45 -26.06 25.41 -40.77
CA THR F 45 -25.02 25.72 -41.76
C THR F 45 -23.71 25.04 -41.41
N GLU F 46 -23.71 24.29 -40.31
CA GLU F 46 -22.97 23.03 -40.24
C GLU F 46 -23.16 22.21 -41.51
N ASN F 47 -22.06 21.94 -42.20
CA ASN F 47 -22.09 21.11 -43.39
C ASN F 47 -22.51 21.90 -44.63
N VAL F 48 -22.44 23.23 -44.53
CA VAL F 48 -22.52 24.11 -45.72
C VAL F 48 -21.19 24.83 -45.95
N GLU F 49 -20.66 24.79 -47.17
CA GLU F 49 -19.41 25.51 -47.48
C GLU F 49 -19.67 27.01 -47.77
N PRO F 50 -18.87 27.91 -47.15
CA PRO F 50 -18.94 29.32 -47.45
C PRO F 50 -18.92 29.57 -48.94
N TYR F 51 -19.65 30.60 -49.37
CA TYR F 51 -19.78 30.92 -50.77
C TYR F 51 -18.45 31.39 -51.38
N ILE F 52 -18.06 30.77 -52.49
CA ILE F 52 -17.03 31.33 -53.35
C ILE F 52 -17.48 31.17 -54.78
N GLN F 53 -17.07 32.11 -55.63
CA GLN F 53 -17.36 32.01 -57.05
C GLN F 53 -16.58 30.83 -57.64
N GLU F 54 -17.17 30.16 -58.62
CA GLU F 54 -16.50 29.05 -59.31
C GLU F 54 -15.24 29.52 -60.04
N PHE F 55 -14.30 28.61 -60.26
CA PHE F 55 -13.04 28.93 -60.94
C PHE F 55 -12.18 27.69 -61.15
N GLU F 56 -11.69 27.50 -62.35
CA GLU F 56 -10.95 26.29 -62.69
C GLU F 56 -9.51 26.34 -62.17
N GLU F 57 -8.85 27.47 -62.39
CA GLU F 57 -7.47 27.68 -61.93
C GLU F 57 -7.32 29.01 -61.24
N THR F 58 -6.57 29.01 -60.14
CA THR F 58 -6.12 30.27 -59.57
C THR F 58 -5.43 31.14 -60.64
N PRO F 59 -6.03 32.30 -60.97
CA PRO F 59 -5.47 33.29 -61.90
C PRO F 59 -4.12 33.83 -61.40
N MET F 60 -3.12 33.76 -62.26
CA MET F 60 -1.78 34.15 -61.87
C MET F 60 -1.13 34.89 -63.00
N ARG F 61 -0.13 35.69 -62.67
CA ARG F 61 0.50 36.57 -63.64
C ARG F 61 2.01 36.25 -63.71
N GLU F 62 2.58 36.33 -64.91
CA GLU F 62 4.02 36.16 -65.11
C GLU F 62 4.84 37.22 -64.37
N ASP F 63 6.07 36.86 -64.01
CA ASP F 63 6.95 37.76 -63.25
C ASP F 63 7.73 38.69 -64.19
N GLU F 64 6.99 39.53 -64.93
CA GLU F 64 7.54 40.52 -65.86
C GLU F 64 7.13 41.89 -65.41
N PRO F 65 8.10 42.83 -65.34
CA PRO F 65 7.80 44.20 -64.93
C PRO F 65 6.85 44.97 -65.88
N HIS F 66 5.93 45.73 -65.30
CA HIS F 66 5.04 46.63 -66.04
C HIS F 66 5.41 48.07 -65.72
N PRO F 67 5.35 48.96 -66.73
CA PRO F 67 5.65 50.38 -66.54
C PRO F 67 4.94 50.90 -65.32
N SER F 68 5.71 51.34 -64.33
CA SER F 68 5.14 51.99 -63.16
C SER F 68 4.43 53.29 -63.48
N LEU F 69 3.77 53.82 -62.47
CA LEU F 69 3.06 55.08 -62.60
C LEU F 69 4.10 56.18 -62.48
N ASP F 70 4.03 57.18 -63.37
CA ASP F 70 4.84 58.39 -63.27
C ASP F 70 4.72 58.95 -61.86
N ARG F 71 5.85 59.25 -61.21
CA ARG F 71 5.83 59.67 -59.81
C ARG F 71 5.06 60.97 -59.57
N GLU F 72 4.90 61.78 -60.62
CA GLU F 72 4.12 63.02 -60.52
C GLU F 72 2.63 62.70 -60.29
N LYS F 73 2.06 61.83 -61.12
CA LYS F 73 0.68 61.32 -60.99
C LYS F 73 0.43 60.57 -59.70
N ALA F 74 1.46 59.85 -59.24
CA ALA F 74 1.39 59.09 -58.00
C ALA F 74 1.38 60.00 -56.78
N LEU F 75 1.89 61.22 -56.94
CA LEU F 75 2.01 62.15 -55.83
C LEU F 75 1.01 63.31 -55.93
N MET F 76 0.47 63.53 -57.13
CA MET F 76 -0.39 64.67 -57.40
C MET F 76 -1.52 64.89 -56.38
N ASN F 77 -2.12 63.81 -55.89
CA ASN F 77 -3.24 63.91 -54.98
C ASN F 77 -2.86 64.03 -53.51
N ALA F 78 -1.57 63.97 -53.22
CA ALA F 78 -1.10 63.91 -51.84
C ALA F 78 -1.35 65.18 -51.00
N PRO F 79 -2.05 65.04 -49.88
CA PRO F 79 -2.14 66.19 -48.96
C PRO F 79 -0.83 66.97 -48.74
N GLU F 80 0.29 66.25 -48.60
CA GLU F 80 1.61 66.84 -48.36
C GLU F 80 2.72 65.98 -48.97
N ARG F 81 3.59 66.56 -49.78
CA ARG F 81 4.69 65.80 -50.37
C ARG F 81 6.09 66.47 -50.23
N LYS F 82 7.16 65.66 -50.20
CA LYS F 82 8.55 66.18 -50.06
C LYS F 82 9.62 65.29 -50.67
N ASP F 83 10.35 65.84 -51.63
CA ASP F 83 11.49 65.15 -52.24
C ASP F 83 11.13 63.78 -52.81
N GLY F 84 9.92 63.62 -53.31
CA GLY F 84 9.43 62.31 -53.80
C GLY F 84 8.76 61.43 -52.75
N PHE F 85 8.62 61.92 -51.51
CA PHE F 85 8.03 61.17 -50.39
C PHE F 85 6.63 61.69 -50.01
N PHE F 86 5.74 60.79 -49.58
CA PHE F 86 4.49 61.21 -48.97
C PHE F 86 4.85 61.69 -47.59
N VAL F 87 4.19 62.76 -47.14
CA VAL F 87 4.52 63.39 -45.87
C VAL F 87 3.36 63.27 -44.88
N VAL F 88 3.65 62.67 -43.73
CA VAL F 88 2.71 62.70 -42.60
C VAL F 88 3.41 63.14 -41.33
N PRO F 89 2.62 63.50 -40.32
CA PRO F 89 3.15 63.74 -38.97
C PRO F 89 3.95 62.55 -38.45
N ARG F 90 5.06 62.83 -37.79
CA ARG F 90 5.97 61.78 -37.34
C ARG F 90 5.19 60.63 -36.71
N VAL F 91 5.66 59.40 -36.95
CA VAL F 91 5.25 58.23 -36.14
C VAL F 91 6.45 57.78 -35.27
N VAL F 92 6.20 57.44 -34.01
CA VAL F 92 7.35 57.13 -33.16
C VAL F 92 7.69 55.63 -33.13
N MET G 1 15.71 -35.55 -41.76
CA MET G 1 14.78 -36.37 -40.92
C MET G 1 13.30 -36.01 -41.19
N LEU G 2 13.04 -35.40 -42.34
CA LEU G 2 11.69 -35.07 -42.85
C LEU G 2 11.08 -33.77 -42.30
N TRP G 3 10.82 -33.72 -41.01
CA TRP G 3 10.45 -32.45 -40.39
C TRP G 3 11.61 -31.47 -40.42
N LYS G 4 12.81 -32.01 -40.66
CA LYS G 4 14.04 -31.24 -40.82
C LYS G 4 14.17 -30.69 -42.23
N LYS G 5 13.24 -31.05 -43.12
CA LYS G 5 13.32 -30.65 -44.52
C LYS G 5 12.50 -29.39 -44.84
N SER G 6 12.96 -28.66 -45.86
CA SER G 6 12.29 -27.46 -46.35
C SER G 6 11.09 -27.84 -47.21
N LEU G 7 10.24 -26.85 -47.54
CA LEU G 7 9.07 -27.07 -48.38
C LEU G 7 9.48 -27.42 -49.80
N SER G 8 10.68 -27.00 -50.21
CA SER G 8 11.23 -27.36 -51.51
C SER G 8 11.63 -28.82 -51.54
N GLU G 9 12.35 -29.24 -50.51
CA GLU G 9 12.72 -30.63 -50.33
C GLU G 9 11.47 -31.50 -50.15
N LEU G 10 10.51 -31.03 -49.35
CA LEU G 10 9.26 -31.74 -49.12
C LEU G 10 8.41 -31.88 -50.39
N ARG G 11 8.30 -30.79 -51.15
CA ARG G 11 7.49 -30.77 -52.37
C ARG G 11 7.98 -31.78 -53.38
N GLU G 12 9.28 -31.75 -53.66
CA GLU G 12 9.86 -32.64 -54.64
C GLU G 12 9.63 -34.11 -54.27
N LEU G 13 9.76 -34.43 -52.98
CA LEU G 13 9.47 -35.78 -52.49
C LEU G 13 7.97 -36.17 -52.57
N LEU G 14 7.08 -35.18 -52.44
CA LEU G 14 5.63 -35.43 -52.51
C LEU G 14 5.17 -35.56 -53.93
N LYS G 15 5.75 -34.74 -54.81
CA LYS G 15 5.39 -34.72 -56.22
C LYS G 15 5.74 -36.03 -56.91
N ARG G 16 6.87 -36.63 -56.51
CA ARG G 16 7.34 -37.91 -57.06
C ARG G 16 7.01 -39.12 -56.16
N GLY G 17 6.05 -38.92 -55.26
CA GLY G 17 5.47 -40.01 -54.47
C GLY G 17 6.40 -40.69 -53.49
N GLU G 18 7.65 -40.25 -53.45
CA GLU G 18 8.65 -40.81 -52.53
C GLU G 18 8.14 -40.71 -51.08
N VAL G 19 7.27 -39.73 -50.85
CA VAL G 19 6.61 -39.54 -49.57
C VAL G 19 5.11 -39.23 -49.78
N SER G 20 4.32 -39.51 -48.75
CA SER G 20 2.88 -39.21 -48.75
C SER G 20 2.58 -38.08 -47.76
N PRO G 21 1.51 -37.30 -48.01
CA PRO G 21 1.07 -36.26 -47.10
C PRO G 21 0.96 -36.75 -45.66
N LYS G 22 0.48 -37.99 -45.48
CA LYS G 22 0.29 -38.58 -44.16
C LYS G 22 1.63 -38.72 -43.41
N GLU G 23 2.68 -39.11 -44.14
CA GLU G 23 4.02 -39.29 -43.57
C GLU G 23 4.59 -37.97 -43.08
N VAL G 24 4.49 -36.95 -43.95
CA VAL G 24 4.88 -35.57 -43.64
C VAL G 24 4.24 -35.14 -42.32
N VAL G 25 2.93 -35.33 -42.21
CA VAL G 25 2.18 -34.97 -41.02
C VAL G 25 2.65 -35.79 -39.81
N GLU G 26 2.85 -37.10 -40.01
CA GLU G 26 3.39 -37.99 -38.96
C GLU G 26 4.75 -37.52 -38.46
N SER G 27 5.62 -37.13 -39.40
CA SER G 27 6.94 -36.58 -39.06
C SER G 27 6.87 -35.40 -38.09
N PHE G 28 6.13 -34.36 -38.50
CA PHE G 28 5.96 -33.15 -37.72
C PHE G 28 5.22 -33.44 -36.42
N TYR G 29 4.31 -34.42 -36.46
CA TYR G 29 3.58 -34.88 -35.29
C TYR G 29 4.50 -35.46 -34.22
N ASP G 30 5.49 -36.24 -34.67
CA ASP G 30 6.49 -36.80 -33.75
C ASP G 30 7.31 -35.70 -33.11
N ARG G 31 7.84 -34.81 -33.95
CA ARG G 31 8.59 -33.62 -33.51
C ARG G 31 7.78 -32.79 -32.53
N TYR G 32 6.46 -32.68 -32.79
CA TYR G 32 5.50 -32.08 -31.88
C TYR G 32 5.53 -32.80 -30.55
N ASN G 33 5.42 -34.12 -30.60
CA ASN G 33 5.46 -34.98 -29.39
C ASN G 33 6.77 -34.86 -28.63
N GLN G 34 7.89 -34.73 -29.36
CA GLN G 34 9.21 -34.45 -28.76
C GLN G 34 9.21 -33.14 -27.96
N THR G 35 8.59 -32.07 -28.52
CA THR G 35 8.89 -30.71 -28.07
C THR G 35 7.72 -30.12 -27.29
N GLU G 36 6.52 -30.42 -27.56
CA GLU G 36 5.38 -29.64 -27.05
C GLU G 36 5.34 -29.48 -25.54
N GLU G 37 5.76 -30.50 -24.79
CA GLU G 37 5.71 -30.46 -23.34
C GLU G 37 6.57 -29.33 -22.80
N LYS G 38 7.66 -29.05 -23.51
CA LYS G 38 8.60 -27.98 -23.16
C LYS G 38 8.13 -26.62 -23.69
N VAL G 39 7.79 -26.60 -24.98
CA VAL G 39 7.45 -25.38 -25.72
C VAL G 39 6.01 -24.85 -25.49
N LYS G 40 5.00 -25.71 -25.68
CA LYS G 40 3.57 -25.34 -25.55
C LYS G 40 3.12 -24.34 -26.64
N ALA G 41 3.37 -24.69 -27.90
CA ALA G 41 3.02 -23.83 -28.99
C ALA G 41 1.50 -23.79 -29.23
N TYR G 42 0.81 -24.89 -28.96
CA TYR G 42 -0.59 -25.05 -29.40
C TYR G 42 -1.66 -24.93 -28.32
N ILE G 43 -2.79 -24.38 -28.72
CA ILE G 43 -4.01 -24.50 -27.94
C ILE G 43 -4.76 -25.76 -28.35
N THR G 44 -4.90 -25.94 -29.66
CA THR G 44 -5.64 -27.04 -30.20
C THR G 44 -4.78 -27.68 -31.25
N PRO G 45 -4.13 -28.81 -30.90
CA PRO G 45 -3.38 -29.59 -31.88
C PRO G 45 -4.37 -30.29 -32.77
N LEU G 46 -4.11 -30.32 -34.07
CA LEU G 46 -5.04 -30.95 -34.98
C LEU G 46 -4.35 -31.93 -35.90
N TYR G 47 -3.20 -32.46 -35.45
CA TYR G 47 -2.42 -33.40 -36.26
C TYR G 47 -3.24 -34.67 -36.50
N GLY G 48 -3.99 -35.08 -35.46
CA GLY G 48 -4.95 -36.19 -35.54
C GLY G 48 -5.88 -36.01 -36.72
N LYS G 49 -6.54 -34.85 -36.77
CA LYS G 49 -7.49 -34.55 -37.83
C LYS G 49 -6.80 -34.38 -39.18
N ALA G 50 -5.60 -33.79 -39.17
CA ALA G 50 -4.84 -33.60 -40.40
C ALA G 50 -4.39 -34.93 -40.98
N LEU G 51 -4.01 -35.87 -40.11
CA LEU G 51 -3.71 -37.25 -40.52
C LEU G 51 -4.81 -37.83 -41.38
N LYS G 52 -6.05 -37.71 -40.89
CA LYS G 52 -7.23 -38.20 -41.63
C LYS G 52 -7.50 -37.44 -42.92
N GLN G 53 -7.35 -36.12 -42.90
CA GLN G 53 -7.58 -35.29 -44.10
C GLN G 53 -6.52 -35.56 -45.16
N ALA G 54 -5.36 -36.02 -44.71
CA ALA G 54 -4.24 -36.34 -45.58
C ALA G 54 -4.54 -37.54 -46.49
N GLU G 55 -5.28 -38.52 -45.97
CA GLU G 55 -5.65 -39.72 -46.72
C GLU G 55 -6.39 -39.38 -48.01
N SER G 56 -7.28 -38.38 -47.96
CA SER G 56 -8.07 -37.99 -49.14
C SER G 56 -7.41 -36.93 -50.02
N LEU G 57 -6.21 -36.50 -49.62
CA LEU G 57 -5.45 -35.53 -50.38
C LEU G 57 -4.72 -36.23 -51.52
N LYS G 58 -5.03 -35.85 -52.76
CA LYS G 58 -4.51 -36.58 -53.93
C LYS G 58 -3.77 -35.77 -54.98
N GLU G 59 -4.35 -34.64 -55.39
CA GLU G 59 -3.77 -33.78 -56.41
C GLU G 59 -2.40 -33.19 -56.00
N ARG G 60 -1.31 -33.72 -56.55
CA ARG G 60 0.05 -33.35 -56.13
C ARG G 60 0.51 -31.95 -56.58
N GLU G 61 -0.07 -31.47 -57.67
CA GLU G 61 0.33 -30.21 -58.29
C GLU G 61 -0.12 -28.95 -57.54
N LEU G 62 -0.96 -29.15 -56.53
CA LEU G 62 -1.41 -28.06 -55.68
C LEU G 62 -0.21 -27.40 -55.00
N PRO G 63 -0.15 -26.04 -55.01
CA PRO G 63 1.03 -25.28 -54.60
C PRO G 63 1.54 -25.62 -53.20
N LEU G 64 0.65 -26.02 -52.31
CA LEU G 64 1.06 -26.42 -50.96
C LEU G 64 0.68 -27.87 -50.65
N PHE G 65 0.69 -28.69 -51.69
CA PHE G 65 0.16 -30.06 -51.65
C PHE G 65 0.12 -30.79 -50.31
N GLY G 66 1.26 -31.03 -49.68
CA GLY G 66 1.19 -31.84 -48.47
C GLY G 66 1.64 -31.14 -47.23
N ILE G 67 1.63 -29.82 -47.28
CA ILE G 67 2.33 -29.02 -46.29
C ILE G 67 1.51 -28.78 -45.04
N PRO G 68 2.02 -29.24 -43.89
CA PRO G 68 1.43 -28.83 -42.61
C PRO G 68 1.60 -27.34 -42.40
N ILE G 69 0.64 -26.73 -41.72
CA ILE G 69 0.71 -25.31 -41.39
C ILE G 69 -0.02 -25.06 -40.09
N ALA G 70 0.67 -24.40 -39.17
CA ALA G 70 0.06 -23.96 -37.92
C ALA G 70 -0.65 -22.65 -38.19
N VAL G 71 -1.66 -22.38 -37.38
CA VAL G 71 -2.51 -21.23 -37.56
C VAL G 71 -2.78 -20.64 -36.19
N LYS G 72 -2.56 -19.32 -36.07
CA LYS G 72 -2.83 -18.58 -34.85
C LYS G 72 -4.32 -18.71 -34.45
N ASP G 73 -4.59 -18.87 -33.16
CA ASP G 73 -5.98 -19.11 -32.72
C ASP G 73 -6.86 -17.84 -32.63
N ASN G 74 -6.57 -16.87 -33.49
CA ASN G 74 -7.51 -15.79 -33.76
C ASN G 74 -7.87 -15.78 -35.23
N ILE G 75 -7.45 -16.82 -35.94
CA ILE G 75 -7.89 -17.02 -37.30
C ILE G 75 -8.88 -18.20 -37.30
N LEU G 76 -10.09 -18.00 -37.83
CA LEU G 76 -11.17 -18.99 -37.76
C LEU G 76 -10.95 -20.15 -38.69
N VAL G 77 -10.97 -21.36 -38.10
CA VAL G 77 -10.95 -22.63 -38.85
C VAL G 77 -12.23 -23.35 -38.49
N GLU G 78 -13.06 -23.59 -39.51
CA GLU G 78 -14.41 -24.08 -39.24
C GLU G 78 -14.49 -25.49 -38.68
N GLY G 79 -15.36 -25.67 -37.71
CA GLY G 79 -15.54 -26.95 -37.10
C GLY G 79 -14.69 -27.11 -35.86
N GLU G 80 -13.62 -26.30 -35.77
CA GLU G 80 -12.73 -26.38 -34.60
C GLU G 80 -12.81 -25.10 -33.82
N LYS G 81 -12.49 -25.21 -32.54
CA LYS G 81 -12.51 -24.07 -31.63
C LYS G 81 -11.57 -22.94 -32.09
N THR G 82 -12.05 -21.71 -31.96
CA THR G 82 -11.23 -20.52 -32.10
C THR G 82 -11.40 -19.75 -30.81
N THR G 83 -10.35 -19.76 -29.98
CA THR G 83 -10.47 -19.21 -28.63
C THR G 83 -9.90 -17.80 -28.43
N CYS G 84 -9.07 -17.34 -29.38
CA CYS G 84 -8.26 -16.12 -29.19
C CYS G 84 -7.57 -16.15 -27.86
N ALA G 85 -7.29 -17.35 -27.37
CA ALA G 85 -6.66 -17.58 -26.10
C ALA G 85 -7.42 -16.87 -25.01
N SER G 86 -8.75 -16.85 -25.16
CA SER G 86 -9.63 -16.18 -24.20
C SER G 86 -10.60 -17.15 -23.54
N LYS G 87 -10.86 -16.94 -22.25
CA LYS G 87 -11.95 -17.64 -21.54
C LYS G 87 -13.32 -17.31 -22.16
N ILE G 88 -13.46 -16.11 -22.74
CA ILE G 88 -14.72 -15.67 -23.29
C ILE G 88 -15.06 -16.39 -24.59
N LEU G 89 -14.07 -17.08 -25.15
CA LEU G 89 -14.24 -17.81 -26.40
C LEU G 89 -13.69 -19.24 -26.37
N GLU G 90 -13.45 -19.77 -25.18
CA GLU G 90 -13.14 -21.21 -25.16
C GLU G 90 -14.46 -21.90 -25.38
N ASN G 91 -14.45 -22.97 -26.16
CA ASN G 91 -15.73 -23.63 -26.49
C ASN G 91 -16.49 -22.95 -27.62
N PHE G 92 -15.99 -21.83 -28.12
CA PHE G 92 -16.55 -21.27 -29.32
C PHE G 92 -16.09 -22.08 -30.53
N VAL G 93 -17.00 -22.78 -31.18
CA VAL G 93 -16.67 -23.50 -32.41
C VAL G 93 -16.91 -22.61 -33.60
N ALA G 94 -15.89 -22.49 -34.44
CA ALA G 94 -15.96 -21.61 -35.58
C ALA G 94 -16.95 -22.09 -36.60
N PRO G 95 -17.96 -21.29 -36.92
CA PRO G 95 -18.97 -21.56 -37.95
C PRO G 95 -18.56 -21.34 -39.40
N TYR G 96 -17.37 -20.81 -39.66
CA TYR G 96 -16.94 -20.52 -41.03
C TYR G 96 -15.41 -20.46 -41.09
N ASP G 97 -14.86 -20.59 -42.30
CA ASP G 97 -13.44 -20.43 -42.53
C ASP G 97 -13.07 -18.97 -42.75
N ALA G 98 -12.00 -18.53 -42.11
CA ALA G 98 -11.34 -17.30 -42.52
C ALA G 98 -10.95 -17.44 -43.98
N THR G 99 -10.93 -16.35 -44.73
CA THR G 99 -10.62 -16.39 -46.15
C THR G 99 -9.24 -17.01 -46.44
N VAL G 100 -8.26 -16.75 -45.59
CA VAL G 100 -6.92 -17.32 -45.77
C VAL G 100 -6.92 -18.83 -45.61
N ILE G 101 -7.67 -19.32 -44.63
CA ILE G 101 -7.78 -20.75 -44.38
C ILE G 101 -8.44 -21.43 -45.58
N GLU G 102 -9.43 -20.78 -46.15
CA GLU G 102 -10.09 -21.31 -47.33
C GLU G 102 -9.08 -21.39 -48.47
N ARG G 103 -8.22 -20.40 -48.58
CA ARG G 103 -7.20 -20.33 -49.64
C ARG G 103 -6.06 -21.33 -49.44
N LEU G 104 -5.69 -21.56 -48.18
CA LEU G 104 -4.71 -22.57 -47.87
C LEU G 104 -5.25 -23.98 -48.17
N LYS G 105 -6.46 -24.28 -47.70
CA LYS G 105 -7.11 -25.58 -47.92
C LYS G 105 -7.19 -25.85 -49.39
N LYS G 106 -7.55 -24.84 -50.15
CA LYS G 106 -7.69 -24.97 -51.58
C LYS G 106 -6.32 -25.20 -52.22
N ALA G 107 -5.26 -24.83 -51.51
CA ALA G 107 -3.91 -24.98 -52.04
C ALA G 107 -3.23 -26.30 -51.60
N GLY G 108 -4.01 -27.13 -50.91
CA GLY G 108 -3.54 -28.42 -50.45
C GLY G 108 -2.93 -28.44 -49.07
N ALA G 109 -2.81 -27.29 -48.42
CA ALA G 109 -2.19 -27.26 -47.11
C ALA G 109 -2.98 -28.06 -46.08
N LEU G 110 -2.34 -28.41 -44.97
CA LEU G 110 -3.00 -29.17 -43.95
C LEU G 110 -2.89 -28.50 -42.60
N ILE G 111 -4.02 -28.04 -42.08
CA ILE G 111 -4.02 -27.30 -40.84
C ILE G 111 -3.70 -28.25 -39.69
N VAL G 112 -2.55 -28.06 -39.06
CA VAL G 112 -2.13 -29.01 -38.03
C VAL G 112 -2.34 -28.54 -36.62
N GLY G 113 -2.84 -27.31 -36.44
CA GLY G 113 -3.22 -26.88 -35.11
C GLY G 113 -3.45 -25.40 -34.91
N LYS G 114 -3.98 -25.08 -33.77
CA LYS G 114 -4.27 -23.72 -33.45
C LYS G 114 -3.34 -23.32 -32.37
N THR G 115 -2.67 -22.22 -32.62
CA THR G 115 -1.44 -21.85 -31.94
C THR G 115 -1.66 -20.83 -30.85
N ASN G 116 -0.87 -20.89 -29.78
CA ASN G 116 -1.11 -20.05 -28.60
C ASN G 116 -0.79 -18.59 -28.94
N LEU G 117 -1.36 -17.66 -28.16
CA LEU G 117 -1.21 -16.22 -28.36
C LEU G 117 -1.51 -15.49 -27.08
N ASP G 118 -1.13 -14.22 -27.00
CA ASP G 118 -1.68 -13.37 -25.97
C ASP G 118 -3.18 -13.26 -26.29
N GLU G 119 -3.98 -13.17 -25.24
CA GLU G 119 -5.44 -13.12 -25.39
C GLU G 119 -5.87 -11.91 -26.25
N PHE G 120 -6.64 -12.26 -27.27
CA PHE G 120 -7.13 -11.36 -28.29
C PHE G 120 -6.00 -10.61 -28.96
N ALA G 121 -4.80 -11.20 -28.95
CA ALA G 121 -3.64 -10.70 -29.71
C ALA G 121 -3.00 -9.44 -29.11
N MET G 122 -3.25 -9.23 -27.83
CA MET G 122 -2.80 -8.04 -27.15
C MET G 122 -1.69 -8.36 -26.19
N GLY G 123 -0.46 -8.07 -26.60
CA GLY G 123 0.74 -8.29 -25.77
C GLY G 123 1.96 -8.60 -26.61
N SER G 124 3.12 -8.68 -25.96
CA SER G 124 4.38 -8.84 -26.69
C SER G 124 5.23 -10.07 -26.28
N SER G 125 4.60 -11.07 -25.65
CA SER G 125 5.34 -12.17 -25.03
C SER G 125 4.56 -13.48 -24.92
N THR G 126 3.24 -13.42 -25.13
CA THR G 126 2.34 -14.59 -25.02
C THR G 126 1.95 -14.95 -23.58
N GLU G 127 2.58 -14.32 -22.62
CA GLU G 127 2.20 -14.57 -21.27
C GLU G 127 0.74 -14.28 -20.99
N TYR G 128 0.09 -13.45 -21.82
CA TYR G 128 -1.31 -13.07 -21.58
C TYR G 128 -2.33 -14.04 -22.19
N SER G 129 -1.83 -15.14 -22.77
CA SER G 129 -2.69 -16.28 -23.07
C SER G 129 -3.43 -16.67 -21.81
N ALA G 130 -4.76 -16.79 -21.93
CA ALA G 130 -5.61 -17.12 -20.78
C ALA G 130 -5.40 -18.55 -20.30
N PHE G 131 -4.72 -19.34 -21.11
CA PHE G 131 -4.57 -20.77 -20.84
C PHE G 131 -3.21 -21.22 -20.26
N PHE G 132 -2.11 -20.76 -20.88
CA PHE G 132 -0.75 -21.12 -20.50
C PHE G 132 0.26 -20.33 -21.34
N PRO G 133 1.47 -20.08 -20.79
CA PRO G 133 2.56 -19.45 -21.54
C PRO G 133 3.19 -20.40 -22.53
N THR G 134 3.48 -19.91 -23.73
CA THR G 134 4.41 -20.57 -24.65
C THR G 134 5.83 -20.15 -24.25
N LYS G 135 6.78 -21.07 -24.43
CA LYS G 135 8.18 -20.88 -24.02
C LYS G 135 9.14 -20.82 -25.21
N ASN G 136 10.16 -19.96 -25.12
CA ASN G 136 11.20 -19.83 -26.15
C ASN G 136 12.06 -21.09 -26.25
N PRO G 137 11.98 -21.79 -27.41
CA PRO G 137 12.77 -23.02 -27.65
C PRO G 137 14.29 -22.85 -27.58
N TRP G 138 14.79 -21.63 -27.54
CA TRP G 138 16.22 -21.42 -27.41
C TRP G 138 16.61 -21.20 -25.96
N ASP G 139 15.61 -20.94 -25.12
CA ASP G 139 15.84 -20.86 -23.69
C ASP G 139 14.46 -20.83 -23.03
N LEU G 140 14.04 -21.97 -22.49
CA LEU G 140 12.70 -22.08 -21.95
C LEU G 140 12.49 -21.20 -20.70
N GLU G 141 13.54 -20.52 -20.24
CA GLU G 141 13.35 -19.48 -19.24
C GLU G 141 12.89 -18.14 -19.86
N ARG G 142 12.86 -18.11 -21.19
CA ARG G 142 12.60 -16.89 -21.92
C ARG G 142 11.32 -16.92 -22.77
N VAL G 143 10.79 -15.74 -23.06
CA VAL G 143 9.54 -15.62 -23.81
C VAL G 143 9.78 -15.74 -25.31
N PRO G 144 8.80 -16.27 -26.05
CA PRO G 144 8.98 -16.37 -27.49
C PRO G 144 8.53 -15.12 -28.20
N GLY G 145 8.09 -14.14 -27.44
CA GLY G 145 7.51 -12.93 -28.01
C GLY G 145 5.99 -13.00 -28.08
N GLY G 146 5.38 -11.94 -28.60
CA GLY G 146 3.94 -11.91 -28.77
C GLY G 146 3.47 -10.85 -29.74
N SER G 147 2.23 -10.97 -30.20
CA SER G 147 1.29 -11.97 -29.66
C SER G 147 1.33 -13.34 -30.37
N SER G 148 1.81 -13.42 -31.60
CA SER G 148 1.97 -14.74 -32.27
C SER G 148 3.08 -15.66 -31.68
N GLY G 149 3.15 -15.78 -30.35
CA GLY G 149 4.13 -16.65 -29.68
C GLY G 149 4.25 -18.09 -30.20
N GLY G 150 3.13 -18.83 -30.19
CA GLY G 150 3.07 -20.21 -30.58
C GLY G 150 3.37 -20.43 -32.04
N SER G 151 3.02 -19.47 -32.88
CA SER G 151 3.21 -19.64 -34.30
C SER G 151 4.67 -19.48 -34.69
N ALA G 152 5.37 -18.65 -33.92
CA ALA G 152 6.82 -18.46 -34.07
C ALA G 152 7.56 -19.70 -33.53
N ALA G 153 7.25 -20.05 -32.29
CA ALA G 153 7.88 -21.16 -31.59
C ALA G 153 7.78 -22.47 -32.34
N SER G 154 6.58 -22.82 -32.79
CA SER G 154 6.39 -24.08 -33.48
C SER G 154 7.19 -24.10 -34.77
N VAL G 155 7.40 -22.94 -35.39
CA VAL G 155 8.23 -22.89 -36.61
C VAL G 155 9.74 -22.94 -36.23
N ALA G 156 10.06 -22.42 -35.06
CA ALA G 156 11.43 -22.51 -34.55
C ALA G 156 11.85 -23.96 -34.24
N VAL G 157 11.04 -24.70 -33.48
CA VAL G 157 11.32 -26.11 -33.16
C VAL G 157 11.01 -27.01 -34.33
N LEU G 158 10.33 -26.49 -35.33
CA LEU G 158 9.92 -27.25 -36.49
C LEU G 158 8.87 -28.38 -36.20
N SER G 159 8.01 -28.16 -35.21
CA SER G 159 6.76 -28.93 -35.13
C SER G 159 5.76 -28.54 -36.22
N ALA G 160 6.06 -27.45 -36.93
CA ALA G 160 5.48 -27.15 -38.23
C ALA G 160 6.51 -26.34 -38.99
N PRO G 161 6.56 -26.49 -40.32
CA PRO G 161 7.58 -25.81 -41.09
C PRO G 161 7.26 -24.33 -41.34
N VAL G 162 5.97 -24.02 -41.38
CA VAL G 162 5.51 -22.71 -41.79
C VAL G 162 4.23 -22.40 -40.99
N SER G 163 3.90 -21.13 -40.84
CA SER G 163 2.90 -20.74 -39.87
C SER G 163 2.22 -19.42 -40.27
N LEU G 164 0.99 -19.23 -39.79
CA LEU G 164 0.25 -17.99 -39.96
C LEU G 164 0.14 -17.31 -38.62
N GLY G 165 0.42 -16.01 -38.58
CA GLY G 165 0.18 -15.21 -37.39
C GLY G 165 -0.56 -13.95 -37.82
N SER G 166 -0.71 -12.99 -36.90
CA SER G 166 -1.18 -11.69 -37.28
C SER G 166 -0.33 -10.57 -36.66
N ASP G 167 -0.27 -9.41 -37.30
CA ASP G 167 0.58 -8.31 -36.85
C ASP G 167 -0.20 -6.99 -36.74
N THR G 168 -0.45 -6.52 -35.53
CA THR G 168 -1.18 -5.27 -35.32
C THR G 168 -0.19 -4.10 -34.99
N GLY G 169 0.86 -4.43 -34.25
CA GLY G 169 1.96 -3.51 -34.01
C GLY G 169 3.26 -4.25 -33.79
N GLY G 170 3.48 -5.29 -34.59
CA GLY G 170 4.70 -6.09 -34.48
C GLY G 170 4.53 -7.57 -34.11
N SER G 171 3.30 -8.07 -34.15
CA SER G 171 2.98 -9.42 -33.60
C SER G 171 3.43 -10.64 -34.38
N ILE G 172 3.95 -10.38 -35.58
CA ILE G 172 4.68 -11.39 -36.31
C ILE G 172 6.18 -11.14 -36.16
N ARG G 173 6.62 -9.91 -36.42
CA ARG G 173 8.03 -9.59 -36.48
C ARG G 173 8.76 -9.82 -35.17
N GLN G 174 8.20 -9.35 -34.07
CA GLN G 174 8.90 -9.49 -32.80
C GLN G 174 9.06 -10.95 -32.36
N PRO G 175 7.99 -11.78 -32.46
CA PRO G 175 8.18 -13.21 -32.26
C PRO G 175 9.16 -13.86 -33.23
N ALA G 176 9.16 -13.43 -34.50
CA ALA G 176 10.14 -13.95 -35.45
C ALA G 176 11.55 -13.61 -34.97
N SER G 177 11.74 -12.43 -34.40
CA SER G 177 13.08 -12.04 -33.97
C SER G 177 13.49 -12.91 -32.79
N PHE G 178 12.66 -12.95 -31.75
CA PHE G 178 12.88 -13.74 -30.54
C PHE G 178 13.07 -15.26 -30.76
N CYS G 179 12.41 -15.83 -31.76
CA CYS G 179 12.50 -17.27 -31.97
C CYS G 179 13.48 -17.62 -33.07
N GLY G 180 14.14 -16.61 -33.62
CA GLY G 180 15.14 -16.86 -34.63
C GLY G 180 14.56 -17.44 -35.90
N VAL G 181 13.44 -16.88 -36.35
CA VAL G 181 12.83 -17.29 -37.62
C VAL G 181 12.48 -16.07 -38.44
N ILE G 182 12.20 -16.28 -39.71
CA ILE G 182 11.68 -15.22 -40.57
C ILE G 182 10.17 -15.00 -40.33
N GLY G 183 9.76 -13.74 -40.27
CA GLY G 183 8.35 -13.40 -40.17
C GLY G 183 8.01 -12.13 -40.91
N ILE G 184 6.98 -12.17 -41.74
CA ILE G 184 6.60 -11.01 -42.53
C ILE G 184 5.18 -10.56 -42.19
N LYS G 185 4.98 -9.25 -42.10
CA LYS G 185 3.66 -8.63 -42.17
C LYS G 185 3.63 -7.83 -43.46
N PRO G 186 2.76 -8.22 -44.40
CA PRO G 186 2.66 -7.53 -45.69
C PRO G 186 1.95 -6.19 -45.60
N THR G 187 1.83 -5.50 -46.73
CA THR G 187 1.17 -4.20 -46.81
C THR G 187 -0.28 -4.30 -46.32
N TYR G 188 -0.73 -3.31 -45.55
CA TYR G 188 -2.11 -3.31 -45.10
C TYR G 188 -3.01 -3.32 -46.32
N GLY G 189 -3.88 -4.33 -46.40
CA GLY G 189 -4.73 -4.50 -47.56
C GLY G 189 -4.34 -5.69 -48.39
N ARG G 190 -3.12 -6.21 -48.21
CA ARG G 190 -2.72 -7.32 -49.07
C ARG G 190 -3.37 -8.67 -48.75
N VAL G 191 -3.74 -8.89 -47.49
CA VAL G 191 -4.29 -10.14 -47.04
C VAL G 191 -5.62 -9.84 -46.33
N SER G 192 -6.66 -10.61 -46.68
CA SER G 192 -7.99 -10.41 -46.15
C SER G 192 -8.05 -10.54 -44.65
N ARG G 193 -8.92 -9.74 -44.04
CA ARG G 193 -9.08 -9.78 -42.59
C ARG G 193 -10.41 -10.45 -42.27
N TYR G 194 -11.00 -11.11 -43.28
CA TYR G 194 -12.22 -11.88 -43.08
C TYR G 194 -11.93 -13.22 -42.37
N GLY G 195 -12.46 -13.36 -41.17
CA GLY G 195 -12.21 -14.52 -40.34
C GLY G 195 -11.03 -14.30 -39.41
N LEU G 196 -10.48 -13.09 -39.40
CA LEU G 196 -9.45 -12.72 -38.45
C LEU G 196 -10.15 -11.99 -37.32
N VAL G 197 -10.14 -12.56 -36.14
CA VAL G 197 -10.78 -11.88 -35.02
C VAL G 197 -10.11 -10.52 -34.86
N ALA G 198 -10.90 -9.48 -35.11
CA ALA G 198 -10.41 -8.11 -35.15
C ALA G 198 -10.02 -7.61 -33.77
N PHE G 199 -8.81 -7.04 -33.70
CA PHE G 199 -8.30 -6.28 -32.56
C PHE G 199 -8.34 -4.78 -32.99
N ALA G 200 -7.48 -4.39 -33.94
CA ALA G 200 -7.50 -3.02 -34.45
C ALA G 200 -7.60 -3.07 -35.95
N SER G 201 -8.82 -2.89 -36.45
CA SER G 201 -9.15 -3.08 -37.84
C SER G 201 -8.26 -2.31 -38.83
N SER G 202 -7.83 -1.11 -38.42
CA SER G 202 -7.02 -0.23 -39.27
C SER G 202 -5.50 -0.56 -39.26
N LEU G 203 -5.11 -1.50 -38.41
CA LEU G 203 -3.73 -1.90 -38.18
C LEU G 203 -3.44 -3.42 -38.41
N ASP G 204 -4.44 -4.29 -38.22
CA ASP G 204 -4.32 -5.76 -38.32
C ASP G 204 -3.86 -6.21 -39.72
N GLN G 205 -2.91 -7.14 -39.79
CA GLN G 205 -2.75 -8.01 -40.97
C GLN G 205 -2.30 -9.44 -40.59
N ILE G 206 -2.86 -10.39 -41.30
CA ILE G 206 -2.35 -11.74 -41.25
C ILE G 206 -1.00 -11.71 -41.94
N GLY G 207 -0.06 -12.49 -41.41
CA GLY G 207 1.25 -12.68 -42.03
C GLY G 207 1.78 -14.12 -41.85
N VAL G 208 3.03 -14.32 -42.23
CA VAL G 208 3.64 -15.66 -42.33
C VAL G 208 4.96 -15.76 -41.55
N PHE G 209 5.13 -16.91 -40.87
CA PHE G 209 6.42 -17.33 -40.32
C PHE G 209 6.97 -18.48 -41.12
N GLY G 210 8.29 -18.47 -41.32
CA GLY G 210 9.05 -19.56 -41.94
C GLY G 210 10.53 -19.50 -41.59
N ARG G 211 11.30 -20.45 -42.12
CA ARG G 211 12.74 -20.56 -41.86
C ARG G 211 13.53 -20.26 -43.10
N ARG G 212 12.91 -20.53 -44.24
CA ARG G 212 13.50 -20.18 -45.50
C ARG G 212 12.62 -19.16 -46.21
N THR G 213 13.26 -18.21 -46.88
CA THR G 213 12.56 -17.10 -47.51
C THR G 213 11.57 -17.60 -48.57
N GLU G 214 11.87 -18.73 -49.20
CA GLU G 214 10.98 -19.27 -50.23
C GLU G 214 9.70 -19.85 -49.60
N ASP G 215 9.85 -20.46 -48.44
CA ASP G 215 8.72 -20.92 -47.63
C ASP G 215 7.74 -19.77 -47.45
N VAL G 216 8.27 -18.68 -46.91
CA VAL G 216 7.48 -17.53 -46.54
C VAL G 216 6.86 -16.85 -47.75
N ALA G 217 7.63 -16.72 -48.83
CA ALA G 217 7.12 -16.09 -50.03
C ALA G 217 5.96 -16.85 -50.64
N LEU G 218 5.99 -18.18 -50.53
CA LEU G 218 4.96 -18.99 -51.17
C LEU G 218 3.67 -18.97 -50.37
N VAL G 219 3.77 -19.15 -49.06
CA VAL G 219 2.57 -19.13 -48.22
C VAL G 219 1.83 -17.78 -48.35
N LEU G 220 2.60 -16.69 -48.37
CA LEU G 220 2.07 -15.35 -48.57
C LEU G 220 1.41 -15.17 -49.92
N GLU G 221 2.04 -15.64 -50.98
CA GLU G 221 1.43 -15.55 -52.29
C GLU G 221 0.04 -16.23 -52.29
N VAL G 222 -0.07 -17.40 -51.65
CA VAL G 222 -1.31 -18.17 -51.65
C VAL G 222 -2.43 -17.44 -50.92
N ILE G 223 -2.14 -16.91 -49.73
CA ILE G 223 -3.16 -16.28 -48.89
C ILE G 223 -3.51 -14.82 -49.28
N SER G 224 -2.68 -14.20 -50.10
CA SER G 224 -2.84 -12.78 -50.40
C SER G 224 -3.84 -12.57 -51.51
N GLY G 225 -4.21 -11.31 -51.72
CA GLY G 225 -5.10 -10.94 -52.81
C GLY G 225 -6.49 -10.51 -52.37
N TRP G 226 -7.17 -9.82 -53.29
CA TRP G 226 -8.50 -9.23 -53.07
C TRP G 226 -9.54 -10.22 -52.53
N ASP G 227 -10.29 -9.79 -51.53
CA ASP G 227 -11.41 -10.56 -50.99
C ASP G 227 -12.67 -9.69 -50.97
N GLU G 228 -13.73 -10.17 -51.61
CA GLU G 228 -15.02 -9.45 -51.67
C GLU G 228 -15.69 -9.33 -50.31
N LYS G 229 -15.31 -10.21 -49.38
CA LYS G 229 -15.84 -10.21 -48.03
C LYS G 229 -15.10 -9.22 -47.15
N ASP G 230 -14.11 -8.52 -47.71
CA ASP G 230 -13.31 -7.53 -46.97
C ASP G 230 -13.18 -6.19 -47.69
N SER G 231 -13.78 -5.16 -47.12
CA SER G 231 -13.84 -3.82 -47.77
C SER G 231 -12.47 -3.18 -47.88
N THR G 232 -11.57 -3.55 -46.97
CA THR G 232 -10.29 -2.90 -46.84
C THR G 232 -9.20 -3.63 -47.64
N SER G 233 -9.54 -4.79 -48.19
CA SER G 233 -8.61 -5.60 -48.99
C SER G 233 -8.44 -4.93 -50.35
N ALA G 234 -7.21 -4.83 -50.84
CA ALA G 234 -6.95 -4.06 -52.05
C ALA G 234 -7.16 -4.84 -53.32
N LYS G 235 -7.67 -4.18 -54.34
CA LYS G 235 -7.84 -4.77 -55.66
C LYS G 235 -6.52 -4.57 -56.40
N VAL G 236 -5.47 -5.22 -55.90
CA VAL G 236 -4.14 -5.16 -56.49
C VAL G 236 -3.71 -6.61 -56.73
N PRO G 237 -3.19 -6.88 -57.95
CA PRO G 237 -2.71 -8.23 -58.25
C PRO G 237 -1.57 -8.68 -57.32
N VAL G 238 -1.57 -9.97 -56.98
CA VAL G 238 -0.54 -10.54 -56.12
C VAL G 238 0.68 -10.87 -57.00
N PRO G 239 1.86 -10.29 -56.65
CA PRO G 239 3.09 -10.63 -57.37
C PRO G 239 3.49 -12.10 -57.20
N GLU G 240 4.12 -12.67 -58.22
CA GLU G 240 4.60 -14.04 -58.18
C GLU G 240 5.84 -14.13 -57.32
N TRP G 241 5.66 -14.07 -56.01
CA TRP G 241 6.78 -13.93 -55.10
C TRP G 241 7.74 -15.12 -55.09
N SER G 242 7.20 -16.32 -55.27
CA SER G 242 8.02 -17.56 -55.29
C SER G 242 9.06 -17.52 -56.43
N GLU G 243 8.70 -16.85 -57.53
CA GLU G 243 9.61 -16.68 -58.64
C GLU G 243 10.42 -15.38 -58.53
N GLU G 244 10.15 -14.60 -57.51
CA GLU G 244 10.73 -13.28 -57.42
C GLU G 244 11.84 -13.15 -56.37
N VAL G 245 11.73 -13.92 -55.28
CA VAL G 245 12.70 -13.85 -54.17
C VAL G 245 14.14 -14.12 -54.61
N LYS G 246 14.27 -15.04 -55.56
CA LYS G 246 15.58 -15.52 -55.99
C LYS G 246 16.33 -14.50 -56.86
N LYS G 247 15.61 -13.60 -57.50
CA LYS G 247 16.25 -12.56 -58.32
C LYS G 247 17.00 -11.52 -57.49
N GLU G 248 17.84 -10.73 -58.15
CA GLU G 248 18.69 -9.76 -57.49
C GLU G 248 18.64 -8.43 -58.21
N VAL G 249 18.30 -7.37 -57.47
CA VAL G 249 18.21 -6.01 -58.04
C VAL G 249 19.43 -5.19 -57.63
N LYS G 250 20.10 -4.61 -58.61
CA LYS G 250 21.31 -3.85 -58.35
C LYS G 250 21.08 -2.42 -57.84
N GLY G 251 21.99 -2.01 -56.97
CA GLY G 251 22.06 -0.64 -56.48
C GLY G 251 20.91 -0.24 -55.57
N LEU G 252 20.45 -1.17 -54.74
CA LEU G 252 19.42 -0.85 -53.77
C LEU G 252 20.01 -0.01 -52.64
N LYS G 253 19.15 0.70 -51.93
CA LYS G 253 19.56 1.64 -50.89
C LYS G 253 18.90 1.37 -49.54
N ILE G 254 19.65 1.51 -48.46
CA ILE G 254 19.12 1.25 -47.14
C ILE G 254 19.23 2.50 -46.29
N GLY G 255 18.12 2.87 -45.68
CA GLY G 255 18.08 4.03 -44.83
C GLY G 255 18.20 3.64 -43.38
N LEU G 256 19.05 4.36 -42.67
CA LEU G 256 19.12 4.17 -41.24
C LEU G 256 18.60 5.43 -40.56
N PRO G 257 17.41 5.34 -39.99
CA PRO G 257 16.80 6.53 -39.42
C PRO G 257 17.65 7.12 -38.32
N LYS G 258 18.03 8.39 -38.48
CA LYS G 258 18.81 9.12 -37.48
C LYS G 258 18.15 9.13 -36.12
N GLU G 259 16.81 9.15 -36.10
CA GLU G 259 16.07 9.25 -34.85
C GLU G 259 16.17 7.94 -34.08
N PHE G 260 16.49 6.85 -34.79
CA PHE G 260 16.64 5.54 -34.12
C PHE G 260 17.96 5.41 -33.33
N PHE G 261 18.95 6.26 -33.60
CA PHE G 261 20.20 6.23 -32.86
C PHE G 261 19.96 6.63 -31.43
N GLU G 262 18.90 7.39 -31.20
CA GLU G 262 18.57 7.85 -29.86
C GLU G 262 17.89 6.77 -29.01
N TYR G 263 17.58 5.64 -29.65
CA TYR G 263 16.81 4.57 -29.01
C TYR G 263 17.72 3.70 -28.21
N GLU G 264 17.40 3.46 -26.95
CA GLU G 264 18.17 2.54 -26.11
C GLU G 264 18.15 1.10 -26.66
N LEU G 265 19.30 0.65 -27.15
CA LEU G 265 19.48 -0.74 -27.58
C LEU G 265 20.42 -1.49 -26.65
N GLN G 266 20.17 -2.79 -26.48
CA GLN G 266 21.15 -3.66 -25.85
C GLN G 266 22.38 -3.79 -26.76
N PRO G 267 23.59 -3.68 -26.17
CA PRO G 267 24.87 -3.71 -26.89
C PRO G 267 25.03 -4.90 -27.84
N GLN G 268 24.54 -6.07 -27.42
CA GLN G 268 24.52 -7.26 -28.28
C GLN G 268 23.69 -7.06 -29.53
N VAL G 269 22.55 -6.37 -29.39
CA VAL G 269 21.67 -6.12 -30.53
C VAL G 269 22.32 -5.11 -31.44
N LYS G 270 22.86 -4.03 -30.86
CA LYS G 270 23.53 -3.00 -31.65
C LYS G 270 24.67 -3.60 -32.47
N GLU G 271 25.52 -4.37 -31.80
CA GLU G 271 26.65 -5.12 -32.39
C GLU G 271 26.20 -6.01 -33.57
N ALA G 272 25.18 -6.83 -33.31
CA ALA G 272 24.55 -7.69 -34.31
C ALA G 272 24.03 -6.92 -35.52
N PHE G 273 23.37 -5.79 -35.24
CA PHE G 273 22.80 -4.95 -36.28
C PHE G 273 23.87 -4.29 -37.14
N GLU G 274 24.87 -3.71 -36.49
CA GLU G 274 25.99 -3.06 -37.20
C GLU G 274 26.70 -4.03 -38.13
N ASN G 275 26.88 -5.26 -37.67
CA ASN G 275 27.49 -6.30 -38.50
C ASN G 275 26.62 -6.67 -39.70
N PHE G 276 25.30 -6.75 -39.47
CA PHE G 276 24.33 -7.03 -40.53
C PHE G 276 24.47 -6.01 -41.63
N ILE G 277 24.56 -4.74 -41.24
CA ILE G 277 24.70 -3.61 -42.17
C ILE G 277 26.06 -3.55 -42.89
N LYS G 278 27.17 -3.74 -42.15
CA LYS G 278 28.50 -3.81 -42.77
C LYS G 278 28.53 -4.91 -43.81
N GLU G 279 27.93 -6.05 -43.47
CA GLU G 279 27.93 -7.20 -44.34
C GLU G 279 27.10 -6.95 -45.60
N LEU G 280 26.00 -6.20 -45.43
CA LEU G 280 25.19 -5.76 -46.56
C LEU G 280 25.92 -4.72 -47.40
N GLU G 281 26.56 -3.76 -46.75
CA GLU G 281 27.44 -2.83 -47.42
C GLU G 281 28.42 -3.57 -48.34
N LYS G 282 29.13 -4.58 -47.81
CA LYS G 282 30.08 -5.38 -48.60
C LYS G 282 29.48 -5.98 -49.85
N GLU G 283 28.21 -6.37 -49.77
CA GLU G 283 27.50 -6.98 -50.90
C GLU G 283 27.04 -5.95 -51.94
N GLY G 284 27.22 -4.66 -51.66
CA GLY G 284 26.93 -3.62 -52.66
C GLY G 284 25.73 -2.72 -52.38
N PHE G 285 25.14 -2.85 -51.20
CA PHE G 285 24.06 -1.97 -50.79
C PHE G 285 24.67 -0.65 -50.41
N GLU G 286 24.08 0.43 -50.90
CA GLU G 286 24.44 1.76 -50.45
C GLU G 286 23.70 2.06 -49.17
N ILE G 287 24.42 2.55 -48.18
CA ILE G 287 23.88 2.77 -46.85
C ILE G 287 23.81 4.28 -46.57
N LYS G 288 22.60 4.78 -46.27
CA LYS G 288 22.35 6.21 -46.08
C LYS G 288 21.60 6.46 -44.81
N GLU G 289 21.95 7.55 -44.12
CA GLU G 289 21.13 8.00 -42.99
C GLU G 289 19.90 8.73 -43.51
N VAL G 290 18.74 8.39 -42.96
CA VAL G 290 17.52 9.12 -43.29
C VAL G 290 16.93 9.78 -42.05
N SER G 291 15.98 10.68 -42.27
CA SER G 291 15.24 11.36 -41.22
C SER G 291 13.77 10.88 -41.21
N LEU G 292 13.26 10.61 -40.01
CA LEU G 292 11.84 10.40 -39.83
C LEU G 292 11.51 11.20 -38.59
N PRO G 293 11.29 12.52 -38.76
CA PRO G 293 11.24 13.40 -37.58
C PRO G 293 10.13 13.07 -36.60
N HIS G 294 9.14 12.27 -37.00
CA HIS G 294 7.98 11.98 -36.15
C HIS G 294 7.94 10.59 -35.52
N VAL G 295 8.76 9.66 -36.01
CA VAL G 295 8.70 8.27 -35.52
C VAL G 295 8.71 8.10 -34.04
N LYS G 296 9.41 8.95 -33.32
CA LYS G 296 9.45 8.75 -31.87
C LYS G 296 8.05 8.78 -31.28
N TYR G 297 7.13 9.35 -32.03
CA TYR G 297 5.74 9.46 -31.57
C TYR G 297 4.89 8.24 -31.94
N SER G 298 5.48 7.26 -32.62
CA SER G 298 4.79 6.01 -32.99
C SER G 298 4.13 5.22 -31.84
N ILE G 299 4.82 5.10 -30.71
CA ILE G 299 4.32 4.37 -29.56
C ILE G 299 3.05 4.97 -28.93
N PRO G 300 3.06 6.31 -28.62
CA PRO G 300 1.83 6.83 -28.00
C PRO G 300 0.71 6.95 -29.03
N THR G 301 1.06 7.17 -30.28
CA THR G 301 0.07 7.16 -31.34
C THR G 301 -0.64 5.80 -31.37
N TYR G 302 0.17 4.72 -31.31
CA TYR G 302 -0.32 3.35 -31.44
C TYR G 302 -1.12 2.95 -30.22
N TYR G 303 -0.68 3.37 -29.05
CA TYR G 303 -1.40 3.00 -27.85
C TYR G 303 -2.57 3.91 -27.53
N ILE G 304 -2.98 4.70 -28.52
CA ILE G 304 -4.30 5.33 -28.49
C ILE G 304 -5.15 4.67 -29.57
N ILE G 305 -4.63 4.58 -30.79
CA ILE G 305 -5.42 3.99 -31.85
C ILE G 305 -5.87 2.54 -31.56
N ALA G 306 -4.89 1.67 -31.26
CA ALA G 306 -5.11 0.25 -31.03
C ALA G 306 -6.15 -0.01 -29.94
N PRO G 307 -5.93 0.49 -28.73
CA PRO G 307 -6.95 0.30 -27.70
C PRO G 307 -8.34 0.83 -28.07
N SER G 308 -8.42 1.93 -28.81
CA SER G 308 -9.69 2.48 -29.24
C SER G 308 -10.43 1.50 -30.10
N GLU G 309 -9.85 1.15 -31.25
CA GLU G 309 -10.49 0.19 -32.15
C GLU G 309 -10.80 -1.13 -31.43
N ALA G 310 -9.92 -1.50 -30.50
CA ALA G 310 -10.09 -2.70 -29.69
C ALA G 310 -11.35 -2.66 -28.87
N SER G 311 -11.64 -1.52 -28.25
CA SER G 311 -12.83 -1.47 -27.38
C SER G 311 -14.11 -1.57 -28.24
N SER G 312 -14.02 -1.08 -29.46
CA SER G 312 -15.14 -1.16 -30.38
C SER G 312 -15.32 -2.60 -30.84
N ASN G 313 -14.23 -3.18 -31.33
CA ASN G 313 -14.26 -4.53 -31.85
C ASN G 313 -14.55 -5.61 -30.83
N LEU G 314 -14.35 -5.33 -29.56
CA LEU G 314 -14.63 -6.31 -28.52
C LEU G 314 -16.01 -6.12 -27.85
N ALA G 315 -16.80 -5.18 -28.35
CA ALA G 315 -18.13 -4.90 -27.79
C ALA G 315 -19.10 -6.07 -28.01
N ARG G 316 -18.80 -6.90 -29.00
CA ARG G 316 -19.68 -7.99 -29.39
C ARG G 316 -19.64 -9.20 -28.47
N TYR G 317 -18.63 -9.30 -27.62
CA TYR G 317 -18.46 -10.45 -26.74
C TYR G 317 -19.26 -10.17 -25.49
N ASP G 318 -20.46 -10.74 -25.45
CA ASP G 318 -21.52 -10.28 -24.53
C ASP G 318 -22.44 -11.37 -23.98
N GLY G 319 -22.21 -12.63 -24.33
CA GLY G 319 -22.99 -13.72 -23.73
C GLY G 319 -24.33 -13.96 -24.39
N VAL G 320 -24.58 -13.29 -25.50
CA VAL G 320 -25.87 -13.38 -26.16
C VAL G 320 -25.86 -14.41 -27.25
N ARG G 321 -24.97 -14.31 -28.22
CA ARG G 321 -25.07 -15.17 -29.40
C ARG G 321 -24.10 -16.36 -29.44
N TYR G 322 -23.06 -16.31 -28.63
CA TYR G 322 -21.99 -17.30 -28.65
C TYR G 322 -21.07 -17.12 -27.46
N GLY G 323 -20.17 -18.08 -27.26
CA GLY G 323 -19.17 -18.01 -26.21
C GLY G 323 -19.64 -18.02 -24.78
N TYR G 324 -18.75 -17.56 -23.91
CA TYR G 324 -18.96 -17.59 -22.48
C TYR G 324 -20.11 -16.73 -22.01
N ARG G 325 -20.82 -17.24 -21.01
CA ARG G 325 -21.79 -16.46 -20.30
C ARG G 325 -21.68 -16.76 -18.82
N ALA G 326 -21.57 -15.72 -18.02
CA ALA G 326 -21.50 -15.89 -16.58
C ALA G 326 -22.68 -16.72 -16.06
N LYS G 327 -22.46 -17.38 -14.93
CA LYS G 327 -23.47 -18.26 -14.35
C LYS G 327 -24.54 -17.52 -13.55
N GLU G 328 -24.12 -16.50 -12.82
CA GLU G 328 -25.02 -15.78 -11.91
C GLU G 328 -25.29 -14.32 -12.33
N TYR G 329 -26.56 -13.99 -12.52
CA TYR G 329 -26.94 -12.64 -12.90
C TYR G 329 -28.41 -12.30 -12.66
N LYS G 330 -28.68 -11.08 -12.18
CA LYS G 330 -30.05 -10.65 -11.83
C LYS G 330 -30.79 -9.98 -12.98
N ASP G 331 -30.03 -9.45 -13.95
CA ASP G 331 -30.58 -8.72 -15.10
C ASP G 331 -29.62 -8.78 -16.29
N ILE G 332 -30.07 -8.33 -17.44
CA ILE G 332 -29.24 -8.30 -18.64
C ILE G 332 -27.96 -7.47 -18.42
N PHE G 333 -28.04 -6.42 -17.60
CA PHE G 333 -26.88 -5.58 -17.33
C PHE G 333 -25.80 -6.42 -16.64
N GLU G 334 -26.16 -7.07 -15.55
CA GLU G 334 -25.22 -7.96 -14.86
C GLU G 334 -24.77 -9.09 -15.77
N MET G 335 -25.67 -9.64 -16.57
CA MET G 335 -25.27 -10.68 -17.49
C MET G 335 -24.12 -10.18 -18.33
N TYR G 336 -24.30 -8.99 -18.92
CA TYR G 336 -23.32 -8.37 -19.79
C TYR G 336 -22.01 -8.14 -19.04
N ALA G 337 -22.10 -7.41 -17.94
CA ALA G 337 -20.95 -6.90 -17.22
C ALA G 337 -20.13 -7.99 -16.54
N ARG G 338 -20.79 -9.08 -16.18
CA ARG G 338 -20.16 -10.22 -15.49
C ARG G 338 -19.53 -11.18 -16.46
N THR G 339 -20.24 -11.48 -17.55
CA THR G 339 -19.67 -12.28 -18.61
C THR G 339 -18.34 -11.71 -19.02
N ARG G 340 -18.29 -10.39 -19.21
CA ARG G 340 -17.11 -9.71 -19.71
C ARG G 340 -15.99 -9.57 -18.70
N ASP G 341 -16.31 -9.16 -17.48
CA ASP G 341 -15.26 -9.13 -16.47
C ASP G 341 -14.61 -10.48 -16.27
N GLU G 342 -15.42 -11.54 -16.35
CA GLU G 342 -14.95 -12.89 -16.10
C GLU G 342 -14.32 -13.51 -17.30
N GLY G 343 -14.77 -13.12 -18.50
CA GLY G 343 -14.28 -13.76 -19.73
C GLY G 343 -13.04 -13.12 -20.33
N PHE G 344 -12.83 -11.84 -20.04
CA PHE G 344 -11.69 -11.06 -20.55
C PHE G 344 -10.53 -11.06 -19.58
N GLY G 345 -9.33 -11.26 -20.11
CA GLY G 345 -8.09 -11.12 -19.34
C GLY G 345 -7.69 -9.69 -19.00
N PRO G 346 -6.59 -9.50 -18.23
CA PRO G 346 -6.36 -8.17 -17.68
C PRO G 346 -5.79 -7.17 -18.71
N GLU G 347 -4.93 -7.60 -19.61
CA GLU G 347 -4.44 -6.64 -20.59
C GLU G 347 -5.60 -6.22 -21.49
N VAL G 348 -6.45 -7.20 -21.84
CA VAL G 348 -7.64 -6.94 -22.63
C VAL G 348 -8.53 -5.93 -21.93
N LYS G 349 -8.77 -6.14 -20.65
CA LYS G 349 -9.62 -5.21 -19.92
C LYS G 349 -9.06 -3.80 -19.90
N ARG G 350 -7.73 -3.70 -19.77
CA ARG G 350 -7.02 -2.40 -19.77
C ARG G 350 -7.18 -1.61 -21.08
N ARG G 351 -7.12 -2.29 -22.21
CA ARG G 351 -7.24 -1.61 -23.48
C ARG G 351 -8.71 -1.26 -23.78
N ILE G 352 -9.63 -2.08 -23.29
CA ILE G 352 -11.05 -1.76 -23.41
C ILE G 352 -11.36 -0.48 -22.65
N MET G 353 -10.90 -0.37 -21.41
CA MET G 353 -11.12 0.84 -20.62
C MET G 353 -10.52 2.07 -21.31
N LEU G 354 -9.24 1.97 -21.65
CA LEU G 354 -8.54 3.01 -22.33
C LEU G 354 -9.24 3.43 -23.64
N GLY G 355 -9.65 2.43 -24.41
CA GLY G 355 -10.33 2.68 -25.67
C GLY G 355 -11.60 3.49 -25.50
N THR G 356 -12.48 3.01 -24.62
CA THR G 356 -13.79 3.63 -24.44
C THR G 356 -13.66 5.04 -23.88
N PHE G 357 -12.50 5.33 -23.29
CA PHE G 357 -12.15 6.70 -22.91
C PHE G 357 -11.71 7.52 -24.12
N ALA G 358 -10.74 7.00 -24.85
CA ALA G 358 -10.21 7.69 -26.03
C ALA G 358 -11.30 8.05 -27.07
N LEU G 359 -12.42 7.34 -27.05
CA LEU G 359 -13.51 7.55 -27.99
C LEU G 359 -14.63 8.37 -27.39
N SER G 360 -14.60 8.52 -26.07
CA SER G 360 -15.59 9.32 -25.40
C SER G 360 -15.60 10.77 -25.93
N ALA G 361 -16.80 11.32 -26.08
CA ALA G 361 -16.99 12.69 -26.52
C ALA G 361 -16.34 13.59 -25.49
N GLY G 362 -15.64 14.61 -25.95
CA GLY G 362 -14.89 15.43 -25.03
C GLY G 362 -13.42 15.05 -24.99
N TYR G 363 -13.11 13.79 -25.26
CA TYR G 363 -11.71 13.36 -25.36
C TYR G 363 -11.31 12.80 -26.71
N TYR G 364 -12.33 12.52 -27.53
CA TYR G 364 -12.12 11.97 -28.85
C TYR G 364 -11.15 12.82 -29.70
N ASP G 365 -11.35 14.15 -29.69
CA ASP G 365 -10.58 15.14 -30.45
C ASP G 365 -9.10 15.16 -30.08
N ALA G 366 -8.83 15.12 -28.78
CA ALA G 366 -7.46 15.09 -28.23
C ALA G 366 -6.77 13.68 -28.28
N TYR G 367 -7.55 12.61 -28.33
CA TYR G 367 -6.98 11.28 -28.35
C TYR G 367 -7.08 10.63 -29.72
N TYR G 368 -8.15 9.90 -30.00
CA TYR G 368 -8.27 9.16 -31.25
C TYR G 368 -8.05 10.03 -32.49
N LEU G 369 -8.75 11.17 -32.55
CA LEU G 369 -8.68 12.04 -33.73
C LEU G 369 -7.25 12.55 -33.90
N LYS G 370 -6.72 13.09 -32.82
CA LYS G 370 -5.34 13.55 -32.78
C LYS G 370 -4.36 12.52 -33.30
N ALA G 371 -4.49 11.30 -32.76
CA ALA G 371 -3.60 10.19 -33.07
C ALA G 371 -3.67 9.82 -34.52
N GLN G 372 -4.84 9.96 -35.12
CA GLN G 372 -5.03 9.57 -36.50
C GLN G 372 -4.38 10.59 -37.39
N LYS G 373 -4.23 11.79 -36.83
CA LYS G 373 -3.53 12.87 -37.53
C LYS G 373 -2.00 12.71 -37.48
N VAL G 374 -1.48 12.56 -36.26
CA VAL G 374 -0.08 12.25 -36.05
C VAL G 374 0.34 11.03 -36.84
N ARG G 375 -0.60 10.12 -37.04
CA ARG G 375 -0.34 8.92 -37.79
C ARG G 375 -0.09 9.24 -39.25
N ARG G 376 -0.70 10.33 -39.76
CA ARG G 376 -0.43 10.72 -41.14
C ARG G 376 0.90 11.45 -41.28
N LEU G 377 1.24 12.23 -40.26
CA LEU G 377 2.57 12.81 -40.15
C LEU G 377 3.63 11.72 -40.30
N ILE G 378 3.52 10.66 -39.46
CA ILE G 378 4.44 9.54 -39.44
C ILE G 378 4.48 8.84 -40.79
N THR G 379 3.32 8.64 -41.38
CA THR G 379 3.25 7.95 -42.66
C THR G 379 4.06 8.75 -43.64
N ASN G 380 3.90 10.07 -43.58
CA ASN G 380 4.51 11.03 -44.50
C ASN G 380 6.05 11.09 -44.38
N ASP G 381 6.57 11.04 -43.16
CA ASP G 381 7.99 10.78 -42.90
C ASP G 381 8.48 9.64 -43.79
N PHE G 382 7.80 8.50 -43.75
CA PHE G 382 8.25 7.36 -44.52
C PHE G 382 8.22 7.64 -46.00
N LEU G 383 7.11 8.17 -46.50
CA LEU G 383 6.97 8.36 -47.96
C LEU G 383 8.07 9.26 -48.53
N LYS G 384 8.47 10.22 -47.71
CA LYS G 384 9.52 11.20 -47.99
C LYS G 384 10.89 10.51 -48.00
N ALA G 385 11.19 9.79 -46.92
CA ALA G 385 12.41 8.97 -46.83
C ALA G 385 12.50 7.94 -47.94
N PHE G 386 11.37 7.43 -48.42
CA PHE G 386 11.38 6.45 -49.50
C PHE G 386 11.67 7.05 -50.85
N GLU G 387 11.79 8.37 -50.89
CA GLU G 387 12.19 9.08 -52.11
C GLU G 387 13.70 8.95 -52.34
N GLU G 388 14.44 8.81 -51.24
CA GLU G 388 15.90 8.71 -51.21
C GLU G 388 16.41 7.26 -51.14
N VAL G 389 15.66 6.37 -50.47
CA VAL G 389 16.11 5.00 -50.16
C VAL G 389 15.03 3.98 -50.50
N ASP G 390 15.40 2.70 -50.54
CA ASP G 390 14.51 1.66 -51.04
C ASP G 390 13.89 0.88 -49.87
N VAL G 391 14.69 0.60 -48.86
CA VAL G 391 14.19 0.03 -47.61
C VAL G 391 14.76 0.76 -46.40
N ILE G 392 14.07 0.66 -45.27
CA ILE G 392 14.55 1.22 -44.02
C ILE G 392 14.86 0.12 -43.01
N ALA G 393 16.04 0.18 -42.42
CA ALA G 393 16.55 -0.91 -41.60
C ALA G 393 16.74 -0.48 -40.15
N SER G 394 16.33 -1.34 -39.22
CA SER G 394 16.85 -1.30 -37.86
C SER G 394 16.97 -2.71 -37.29
N PRO G 395 17.24 -2.79 -35.99
CA PRO G 395 16.86 -3.98 -35.20
C PRO G 395 15.34 -4.11 -35.13
N THR G 396 14.84 -5.33 -35.03
CA THR G 396 13.42 -5.58 -34.89
C THR G 396 13.00 -5.24 -33.48
N THR G 397 13.95 -5.42 -32.57
CA THR G 397 13.70 -5.37 -31.14
C THR G 397 14.90 -4.72 -30.43
N PRO G 398 14.64 -3.83 -29.47
CA PRO G 398 15.70 -3.19 -28.70
C PRO G 398 16.53 -4.13 -27.83
N THR G 399 15.98 -5.29 -27.47
CA THR G 399 16.67 -6.24 -26.63
C THR G 399 16.63 -7.66 -27.14
N LEU G 400 17.43 -8.52 -26.52
CA LEU G 400 17.33 -9.97 -26.64
C LEU G 400 16.05 -10.44 -25.93
N PRO G 401 15.49 -11.61 -26.33
CA PRO G 401 14.43 -12.31 -25.62
C PRO G 401 14.53 -12.18 -24.12
N PHE G 402 13.52 -11.60 -23.50
CA PHE G 402 13.51 -11.35 -22.06
C PHE G 402 12.87 -12.50 -21.26
N LYS G 403 12.96 -12.42 -19.94
CA LYS G 403 12.49 -13.49 -19.10
C LYS G 403 11.00 -13.35 -18.74
N PHE G 404 10.35 -14.49 -18.44
CA PHE G 404 8.99 -14.53 -17.94
C PHE G 404 8.88 -13.64 -16.71
N GLY G 405 7.75 -12.96 -16.54
CA GLY G 405 7.52 -12.10 -15.37
C GLY G 405 8.25 -10.76 -15.43
N GLU G 406 9.13 -10.58 -16.41
CA GLU G 406 9.99 -9.39 -16.46
C GLU G 406 9.24 -8.11 -16.84
N ARG G 407 8.17 -8.25 -17.63
CA ARG G 407 7.45 -7.11 -18.15
C ARG G 407 5.95 -7.23 -17.83
N LEU G 408 5.65 -7.91 -16.73
CA LEU G 408 4.27 -8.04 -16.26
C LEU G 408 3.98 -7.10 -15.10
N GLU G 409 5.05 -6.60 -14.48
CA GLU G 409 4.91 -5.68 -13.34
C GLU G 409 4.16 -4.39 -13.76
N ASN G 410 4.82 -3.57 -14.57
CA ASN G 410 4.21 -2.41 -15.18
C ASN G 410 3.81 -2.75 -16.63
N PRO G 411 2.50 -2.71 -16.94
CA PRO G 411 2.01 -2.94 -18.30
C PRO G 411 2.85 -2.19 -19.34
N ILE G 412 3.30 -0.99 -18.99
CA ILE G 412 4.08 -0.11 -19.88
C ILE G 412 5.36 -0.77 -20.39
N GLU G 413 6.03 -1.49 -19.50
CA GLU G 413 7.26 -2.23 -19.82
C GLU G 413 7.03 -3.19 -20.97
N MET G 414 5.84 -3.77 -21.03
CA MET G 414 5.50 -4.62 -22.15
C MET G 414 5.37 -3.83 -23.46
N TYR G 415 4.79 -2.63 -23.39
CA TYR G 415 4.56 -1.83 -24.59
C TYR G 415 5.87 -1.41 -25.25
N LEU G 416 6.85 -1.11 -24.40
CA LEU G 416 8.21 -0.72 -24.82
C LEU G 416 8.92 -1.76 -25.72
N SER G 417 8.39 -2.98 -25.78
CA SER G 417 8.91 -4.00 -26.66
C SER G 417 8.69 -3.64 -28.12
N ASP G 418 7.70 -2.77 -28.36
CA ASP G 418 7.17 -2.54 -29.71
C ASP G 418 7.70 -1.31 -30.42
N ILE G 419 8.61 -0.59 -29.76
CA ILE G 419 9.11 0.71 -30.21
C ILE G 419 9.68 0.70 -31.62
N LEU G 420 10.15 -0.43 -32.09
CA LEU G 420 10.73 -0.47 -33.42
C LEU G 420 9.81 -1.09 -34.42
N THR G 421 8.70 -1.64 -33.94
CA THR G 421 7.76 -2.40 -34.79
C THR G 421 6.47 -1.68 -35.16
N VAL G 422 5.96 -0.85 -34.27
CA VAL G 422 4.66 -0.22 -34.46
C VAL G 422 4.68 0.77 -35.62
N PRO G 423 5.81 1.44 -35.88
CA PRO G 423 5.86 2.38 -36.98
C PRO G 423 5.32 1.81 -38.28
N ALA G 424 5.65 0.57 -38.59
CA ALA G 424 5.25 -0.01 -39.87
C ALA G 424 3.73 -0.26 -40.00
N ASN G 425 3.07 -0.54 -38.88
CA ASN G 425 1.62 -0.71 -38.90
C ASN G 425 0.89 0.63 -39.07
N LEU G 426 1.38 1.64 -38.35
CA LEU G 426 0.91 3.01 -38.47
C LEU G 426 0.92 3.48 -39.91
N ALA G 427 2.00 3.22 -40.61
CA ALA G 427 2.11 3.70 -41.98
C ALA G 427 1.49 2.75 -42.97
N GLY G 428 0.98 1.62 -42.47
CA GLY G 428 0.42 0.59 -43.32
C GLY G 428 1.39 -0.09 -44.25
N LEU G 429 2.68 -0.07 -43.89
CA LEU G 429 3.77 -0.57 -44.73
C LEU G 429 4.09 -2.06 -44.46
N PRO G 430 4.65 -2.76 -45.47
CA PRO G 430 5.15 -4.09 -45.23
C PRO G 430 6.43 -4.06 -44.40
N ALA G 431 6.67 -5.08 -43.60
CA ALA G 431 7.88 -5.13 -42.81
C ALA G 431 8.23 -6.58 -42.44
N ILE G 432 9.51 -6.91 -42.62
CA ILE G 432 9.99 -8.26 -42.33
C ILE G 432 10.99 -8.28 -41.19
N SER G 433 10.96 -9.34 -40.38
CA SER G 433 12.04 -9.59 -39.43
C SER G 433 12.77 -10.87 -39.81
N ILE G 434 14.10 -10.74 -39.85
CA ILE G 434 15.04 -11.67 -40.47
C ILE G 434 16.11 -11.92 -39.40
N PRO G 435 16.45 -13.20 -39.14
CA PRO G 435 17.45 -13.50 -38.09
C PRO G 435 18.86 -13.13 -38.58
N ILE G 436 19.59 -12.38 -37.76
CA ILE G 436 20.87 -11.79 -38.20
C ILE G 436 22.12 -12.22 -37.38
N ALA G 437 21.90 -12.77 -36.20
CA ALA G 437 22.95 -13.25 -35.33
C ALA G 437 22.36 -14.02 -34.16
N TRP G 438 23.24 -14.69 -33.42
CA TRP G 438 22.87 -15.33 -32.16
C TRP G 438 23.84 -14.78 -31.15
N LYS G 439 23.31 -14.22 -30.09
CA LYS G 439 24.13 -13.51 -29.16
C LYS G 439 23.78 -14.03 -27.79
N ASP G 440 24.78 -14.57 -27.10
CA ASP G 440 24.59 -15.18 -25.77
C ASP G 440 23.57 -16.32 -25.79
N GLY G 441 23.52 -17.02 -26.93
CA GLY G 441 22.62 -18.15 -27.12
C GLY G 441 21.24 -17.83 -27.72
N LEU G 442 20.93 -16.54 -27.88
CA LEU G 442 19.59 -16.08 -28.23
C LEU G 442 19.56 -15.42 -29.61
N PRO G 443 18.50 -15.69 -30.39
CA PRO G 443 18.36 -15.03 -31.70
C PRO G 443 18.19 -13.51 -31.65
N VAL G 444 18.66 -12.84 -32.70
CA VAL G 444 18.46 -11.41 -32.89
C VAL G 444 17.95 -11.22 -34.31
N GLY G 445 16.90 -10.41 -34.41
CA GLY G 445 16.28 -10.08 -35.69
C GLY G 445 16.66 -8.71 -36.21
N GLY G 446 16.88 -8.65 -37.52
CA GLY G 446 17.02 -7.40 -38.24
C GLY G 446 15.72 -7.15 -39.00
N GLN G 447 15.28 -5.88 -38.98
CA GLN G 447 14.01 -5.49 -39.61
C GLN G 447 14.25 -4.69 -40.86
N LEU G 448 13.50 -5.00 -41.89
CA LEU G 448 13.46 -4.17 -43.09
C LEU G 448 12.02 -3.72 -43.35
N ILE G 449 11.83 -2.39 -43.43
CA ILE G 449 10.54 -1.81 -43.75
C ILE G 449 10.56 -1.39 -45.19
N GLY G 450 9.56 -1.86 -45.95
CA GLY G 450 9.47 -1.55 -47.39
C GLY G 450 8.35 -0.58 -47.75
N LYS G 451 8.32 -0.18 -49.02
CA LYS G 451 7.28 0.68 -49.57
C LYS G 451 5.99 -0.09 -49.66
N HIS G 452 4.87 0.62 -49.70
CA HIS G 452 3.57 0.02 -49.95
C HIS G 452 3.66 -0.89 -51.17
N TRP G 453 3.26 -2.14 -50.98
CA TRP G 453 3.17 -3.15 -52.06
C TRP G 453 4.52 -3.74 -52.47
N ASP G 454 5.59 -3.37 -51.76
CA ASP G 454 6.93 -3.83 -52.10
C ASP G 454 7.46 -4.94 -51.17
N GLU G 455 6.63 -5.96 -50.98
CA GLU G 455 7.03 -7.13 -50.22
C GLU G 455 8.15 -7.90 -50.97
N THR G 456 8.14 -7.82 -52.29
CA THR G 456 9.16 -8.41 -53.11
C THR G 456 10.58 -8.07 -52.63
N THR G 457 10.88 -6.79 -52.54
CA THR G 457 12.21 -6.35 -52.16
C THR G 457 12.58 -6.88 -50.79
N LEU G 458 11.67 -6.74 -49.83
CA LEU G 458 11.86 -7.27 -48.48
C LEU G 458 12.22 -8.74 -48.57
N LEU G 459 11.54 -9.44 -49.46
CA LEU G 459 11.76 -10.87 -49.59
C LEU G 459 13.12 -11.17 -50.21
N GLN G 460 13.46 -10.44 -51.26
CA GLN G 460 14.73 -10.62 -51.93
C GLN G 460 15.92 -10.44 -50.98
N ILE G 461 15.97 -9.34 -50.26
CA ILE G 461 17.06 -9.11 -49.33
C ILE G 461 17.09 -10.21 -48.26
N SER G 462 15.91 -10.73 -47.90
CA SER G 462 15.84 -11.82 -46.94
C SER G 462 16.52 -13.06 -47.52
N TYR G 463 16.25 -13.32 -48.80
CA TYR G 463 16.83 -14.43 -49.52
C TYR G 463 18.36 -14.29 -49.62
N LEU G 464 18.83 -13.07 -49.93
CA LEU G 464 20.26 -12.85 -50.01
C LEU G 464 20.91 -13.06 -48.66
N TRP G 465 20.28 -12.55 -47.61
CA TRP G 465 20.92 -12.66 -46.32
C TRP G 465 21.05 -14.09 -45.83
N GLU G 466 20.10 -14.97 -46.19
CA GLU G 466 20.13 -16.35 -45.69
C GLU G 466 21.23 -17.17 -46.35
N GLN G 467 21.58 -16.81 -47.59
CA GLN G 467 22.74 -17.36 -48.30
C GLN G 467 24.03 -17.02 -47.57
N LYS G 468 24.19 -15.77 -47.15
CA LYS G 468 25.36 -15.38 -46.39
C LYS G 468 25.30 -16.03 -45.02
N PHE G 469 24.07 -16.14 -44.51
CA PHE G 469 23.97 -16.58 -43.12
C PHE G 469 22.76 -17.49 -42.93
N LYS G 470 23.09 -18.77 -42.80
CA LYS G 470 22.12 -19.86 -42.87
C LYS G 470 21.48 -20.17 -41.52
N HIS G 471 20.57 -19.30 -41.11
CA HIS G 471 19.91 -19.36 -39.80
C HIS G 471 18.96 -20.54 -39.72
N TYR G 472 18.61 -21.08 -40.88
CA TYR G 472 17.65 -22.18 -40.97
C TYR G 472 18.22 -23.51 -40.51
N GLU G 473 19.55 -23.53 -40.30
CA GLU G 473 20.25 -24.72 -39.82
C GLU G 473 20.31 -24.74 -38.30
N LYS G 474 20.17 -23.58 -37.68
CA LYS G 474 20.14 -23.50 -36.23
C LYS G 474 18.80 -24.05 -35.68
N ILE G 475 18.82 -25.29 -35.18
CA ILE G 475 17.61 -25.97 -34.72
C ILE G 475 17.66 -26.19 -33.22
N PRO G 476 16.70 -25.62 -32.47
CA PRO G 476 16.74 -25.76 -31.02
C PRO G 476 16.18 -27.12 -30.59
N LEU G 477 16.27 -27.41 -29.29
CA LEU G 477 15.83 -28.70 -28.76
C LEU G 477 16.28 -29.85 -29.66
N THR G 478 17.59 -30.01 -29.80
CA THR G 478 18.14 -31.19 -30.43
C THR G 478 17.36 -31.57 -31.70
N GLU H 3 -55.83 30.83 -28.18
CA GLU H 3 -54.76 30.24 -27.30
C GLU H 3 -53.46 31.07 -27.31
N LYS H 4 -52.89 31.22 -26.11
CA LYS H 4 -51.63 31.95 -25.85
C LYS H 4 -50.38 31.26 -26.42
N TYR H 5 -50.39 29.93 -26.43
CA TYR H 5 -49.19 29.13 -26.72
C TYR H 5 -49.01 28.68 -28.17
N GLU H 6 -47.93 27.95 -28.39
CA GLU H 6 -47.54 27.48 -29.70
C GLU H 6 -46.83 26.14 -29.50
N ALA H 7 -47.11 25.21 -30.38
CA ALA H 7 -46.43 23.93 -30.30
C ALA H 7 -45.24 23.95 -31.23
N VAL H 8 -44.06 23.58 -30.71
CA VAL H 8 -42.89 23.29 -31.55
C VAL H 8 -42.72 21.76 -31.62
N ILE H 9 -42.75 21.23 -32.83
CA ILE H 9 -42.73 19.78 -33.05
C ILE H 9 -41.68 19.41 -34.07
N GLY H 10 -40.83 18.46 -33.69
CA GLY H 10 -39.91 17.82 -34.61
C GLY H 10 -40.07 16.32 -34.61
N LEU H 11 -39.81 15.72 -35.76
CA LEU H 11 -39.91 14.27 -35.93
C LEU H 11 -38.59 13.62 -36.33
N GLU H 12 -38.40 12.37 -35.90
CA GLU H 12 -37.24 11.56 -36.29
C GLU H 12 -37.77 10.27 -36.85
N ILE H 13 -37.64 10.12 -38.15
CA ILE H 13 -38.27 9.03 -38.86
C ILE H 13 -37.21 8.03 -39.34
N HIS H 14 -37.49 6.75 -39.17
CA HIS H 14 -36.67 5.73 -39.80
C HIS H 14 -37.45 5.09 -40.90
N VAL H 15 -36.86 4.97 -42.07
CA VAL H 15 -37.55 4.44 -43.19
C VAL H 15 -36.80 3.23 -43.72
N GLN H 16 -37.46 2.08 -43.72
CA GLN H 16 -36.88 0.87 -44.20
C GLN H 16 -36.82 0.91 -45.71
N MET H 17 -35.65 0.62 -46.28
CA MET H 17 -35.49 0.64 -47.71
C MET H 17 -35.89 -0.69 -48.32
N ASP H 18 -36.64 -0.61 -49.40
CA ASP H 18 -37.09 -1.78 -50.14
C ASP H 18 -35.96 -2.33 -50.99
N THR H 19 -34.90 -2.74 -50.32
CA THR H 19 -33.87 -3.56 -50.96
C THR H 19 -34.18 -5.09 -50.86
N LYS H 20 -33.57 -5.87 -51.74
CA LYS H 20 -33.58 -7.33 -51.60
C LYS H 20 -32.75 -7.78 -50.39
N THR H 21 -31.65 -7.07 -50.16
CA THR H 21 -30.56 -7.51 -49.28
C THR H 21 -30.33 -6.54 -48.12
N LYS H 22 -29.66 -6.98 -47.07
CA LYS H 22 -29.38 -6.08 -45.95
C LYS H 22 -28.35 -4.99 -46.29
N MET H 23 -28.10 -4.09 -45.35
CA MET H 23 -27.18 -2.97 -45.58
C MET H 23 -25.72 -3.40 -45.76
N PHE H 24 -25.30 -4.40 -44.99
CA PHE H 24 -23.90 -4.73 -44.90
C PHE H 24 -23.51 -6.18 -45.18
N CYS H 25 -24.47 -6.95 -45.66
CA CYS H 25 -24.28 -8.36 -46.06
C CYS H 25 -25.39 -8.74 -46.99
N GLY H 26 -25.27 -9.87 -47.64
CA GLY H 26 -26.20 -10.28 -48.70
C GLY H 26 -27.41 -11.10 -48.23
N CYS H 27 -27.64 -11.19 -46.91
CA CYS H 27 -28.87 -11.79 -46.40
C CYS H 27 -30.11 -11.06 -46.88
N LYS H 28 -31.21 -11.80 -46.98
CA LYS H 28 -32.47 -11.28 -47.51
C LYS H 28 -33.19 -10.41 -46.52
N VAL H 29 -33.80 -9.35 -47.05
CA VAL H 29 -34.75 -8.53 -46.31
C VAL H 29 -36.13 -9.03 -46.72
N GLU H 30 -36.93 -9.45 -45.73
CA GLU H 30 -38.30 -9.94 -45.99
C GLU H 30 -39.11 -10.03 -44.72
N PHE H 31 -40.43 -9.89 -44.85
CA PHE H 31 -41.28 -9.80 -43.67
C PHE H 31 -41.82 -11.17 -43.22
N GLY H 32 -41.85 -11.33 -41.88
CA GLY H 32 -42.34 -12.52 -41.21
C GLY H 32 -41.76 -13.86 -41.62
N ALA H 33 -40.43 -13.99 -41.72
CA ALA H 33 -39.85 -15.32 -41.95
C ALA H 33 -39.62 -16.01 -40.61
N GLU H 34 -39.08 -17.23 -40.65
CA GLU H 34 -38.75 -17.97 -39.42
C GLU H 34 -37.56 -17.35 -38.66
N PRO H 35 -37.70 -17.22 -37.34
CA PRO H 35 -36.74 -16.48 -36.54
C PRO H 35 -35.29 -16.94 -36.76
N ASN H 36 -34.39 -15.97 -36.99
CA ASN H 36 -32.97 -16.23 -37.19
C ASN H 36 -32.68 -17.13 -38.40
N THR H 37 -33.39 -16.94 -39.50
CA THR H 37 -33.05 -17.73 -40.69
C THR H 37 -32.40 -16.92 -41.80
N ASN H 38 -32.69 -15.62 -41.84
CA ASN H 38 -32.02 -14.70 -42.80
C ASN H 38 -30.83 -14.01 -42.16
N VAL H 39 -29.83 -14.83 -41.82
CA VAL H 39 -28.82 -14.46 -40.87
C VAL H 39 -27.45 -15.00 -41.33
N CYS H 40 -26.35 -14.36 -40.92
CA CYS H 40 -24.97 -14.76 -41.31
C CYS H 40 -23.98 -14.17 -40.32
N PRO H 41 -22.67 -14.51 -40.46
CA PRO H 41 -21.64 -14.05 -39.51
C PRO H 41 -21.54 -12.52 -39.40
N VAL H 42 -21.75 -11.82 -40.52
CA VAL H 42 -21.77 -10.34 -40.52
C VAL H 42 -22.94 -9.77 -39.72
N CYS H 43 -24.17 -10.01 -40.15
CA CYS H 43 -25.32 -9.47 -39.41
C CYS H 43 -25.50 -10.04 -38.03
N LEU H 44 -24.80 -11.12 -37.75
CA LEU H 44 -24.93 -11.77 -36.45
C LEU H 44 -23.92 -11.26 -35.44
N GLY H 45 -22.96 -10.48 -35.93
CA GLY H 45 -21.94 -9.89 -35.09
C GLY H 45 -21.02 -10.96 -34.57
N MET H 46 -20.60 -11.80 -35.49
CA MET H 46 -19.70 -12.87 -35.15
C MET H 46 -18.26 -12.38 -35.27
N PRO H 47 -17.33 -12.99 -34.51
CA PRO H 47 -15.95 -12.49 -34.54
C PRO H 47 -15.37 -12.72 -35.92
N GLY H 48 -14.61 -11.73 -36.41
CA GLY H 48 -13.92 -11.82 -37.68
C GLY H 48 -14.78 -11.47 -38.87
N ALA H 49 -16.02 -11.08 -38.61
CA ALA H 49 -16.96 -10.79 -39.69
C ALA H 49 -16.95 -9.29 -40.11
N LEU H 50 -16.98 -9.02 -41.42
CA LEU H 50 -16.77 -7.67 -41.92
C LEU H 50 -17.93 -7.12 -42.77
N PRO H 51 -18.33 -5.84 -42.55
CA PRO H 51 -19.38 -5.14 -43.32
C PRO H 51 -19.02 -4.79 -44.74
N ILE H 52 -19.95 -5.00 -45.66
CA ILE H 52 -19.79 -4.64 -47.07
C ILE H 52 -21.03 -3.85 -47.53
N VAL H 53 -20.83 -2.60 -47.94
CA VAL H 53 -21.89 -1.66 -48.28
C VAL H 53 -22.73 -2.11 -49.47
N ASN H 54 -24.05 -2.10 -49.25
CA ASN H 54 -25.07 -2.32 -50.28
C ASN H 54 -25.23 -1.17 -51.30
N LYS H 55 -24.93 -1.43 -52.58
CA LYS H 55 -24.99 -0.37 -53.58
C LYS H 55 -26.36 0.28 -53.73
N ARG H 56 -27.39 -0.55 -53.86
CA ARG H 56 -28.77 -0.07 -54.03
C ARG H 56 -29.23 0.74 -52.82
N ALA H 57 -28.86 0.28 -51.63
CA ALA H 57 -29.10 1.04 -50.41
C ALA H 57 -28.59 2.47 -50.53
N VAL H 58 -27.41 2.62 -51.13
CA VAL H 58 -26.83 3.94 -51.33
C VAL H 58 -27.54 4.71 -52.42
N GLU H 59 -27.84 4.03 -53.53
CA GLU H 59 -28.61 4.62 -54.61
C GLU H 59 -29.95 5.15 -54.10
N TYR H 60 -30.66 4.32 -53.35
CA TYR H 60 -32.00 4.68 -52.87
C TYR H 60 -31.94 5.92 -51.98
N ALA H 61 -30.96 5.95 -51.08
CA ALA H 61 -30.88 7.01 -50.07
C ALA H 61 -30.49 8.34 -50.70
N ILE H 62 -29.75 8.27 -51.80
CA ILE H 62 -29.52 9.43 -52.64
C ILE H 62 -30.83 9.91 -53.28
N ARG H 63 -31.51 9.00 -53.96
CA ARG H 63 -32.80 9.31 -54.57
C ARG H 63 -33.74 9.98 -53.57
N ALA H 64 -33.94 9.33 -52.42
CA ALA H 64 -34.76 9.88 -51.37
C ALA H 64 -34.33 11.30 -51.01
N SER H 65 -33.02 11.50 -50.85
CA SER H 65 -32.44 12.79 -50.45
C SER H 65 -32.84 13.94 -51.40
N LEU H 66 -32.79 13.65 -52.69
CA LEU H 66 -33.11 14.61 -53.71
C LEU H 66 -34.59 14.92 -53.76
N ALA H 67 -35.41 13.86 -53.64
CA ALA H 67 -36.85 14.02 -53.62
C ALA H 67 -37.24 14.83 -52.42
N LEU H 68 -36.42 14.82 -51.37
CA LEU H 68 -36.65 15.68 -50.23
C LEU H 68 -35.84 16.99 -50.37
N ASN H 69 -35.39 17.25 -51.60
CA ASN H 69 -34.70 18.49 -51.97
C ASN H 69 -33.45 18.81 -51.14
N CYS H 70 -32.74 17.77 -50.68
CA CYS H 70 -31.55 17.95 -49.85
C CYS H 70 -30.34 18.18 -50.74
N GLU H 71 -29.30 18.74 -50.12
CA GLU H 71 -27.99 18.83 -50.73
C GLU H 71 -27.30 17.49 -50.41
N VAL H 72 -26.95 16.76 -51.47
CA VAL H 72 -26.25 15.50 -51.30
C VAL H 72 -24.73 15.70 -51.27
N HIS H 73 -24.12 15.30 -50.17
CA HIS H 73 -22.70 15.44 -49.96
C HIS H 73 -21.86 14.33 -50.60
N GLU H 74 -20.88 14.75 -51.39
CA GLU H 74 -20.08 13.85 -52.20
C GLU H 74 -19.28 12.88 -51.33
N GLU H 75 -18.99 13.28 -50.10
CA GLU H 75 -18.28 12.44 -49.18
C GLU H 75 -18.99 12.38 -47.84
N SER H 76 -19.43 11.17 -47.44
CA SER H 76 -19.96 10.91 -46.09
C SER H 76 -19.22 9.73 -45.48
N VAL H 77 -19.34 9.59 -44.18
CA VAL H 77 -18.59 8.60 -43.45
C VAL H 77 -19.50 7.79 -42.53
N PHE H 78 -19.37 6.47 -42.58
CA PHE H 78 -20.04 5.55 -41.64
C PHE H 78 -19.36 5.57 -40.28
N ALA H 79 -20.15 5.70 -39.23
CA ALA H 79 -19.60 5.80 -37.89
C ALA H 79 -20.22 4.75 -36.99
N ARG H 80 -19.54 4.38 -35.92
CA ARG H 80 -20.06 3.36 -35.08
C ARG H 80 -20.75 3.98 -33.90
N LYS H 81 -22.00 3.61 -33.70
CA LYS H 81 -22.81 4.07 -32.59
C LYS H 81 -22.92 2.97 -31.54
N HIS H 82 -22.31 3.19 -30.38
CA HIS H 82 -22.15 2.13 -29.39
C HIS H 82 -23.23 2.15 -28.34
N TYR H 83 -23.88 1.00 -28.11
CA TYR H 83 -24.71 0.75 -26.92
C TYR H 83 -24.95 -0.77 -26.75
N PHE H 84 -25.09 -1.21 -25.50
CA PHE H 84 -25.34 -2.63 -25.25
C PHE H 84 -26.86 -2.94 -25.18
N TYR H 85 -27.33 -3.80 -26.09
CA TYR H 85 -28.72 -4.24 -26.13
C TYR H 85 -28.88 -5.50 -26.96
N PRO H 86 -29.59 -6.50 -26.44
CA PRO H 86 -29.50 -7.87 -26.96
C PRO H 86 -29.87 -7.94 -28.44
N ASP H 87 -30.68 -6.99 -28.89
CA ASP H 87 -31.05 -6.91 -30.30
C ASP H 87 -30.05 -6.07 -31.08
N LEU H 88 -28.97 -5.69 -30.44
CA LEU H 88 -27.79 -5.17 -31.12
C LEU H 88 -26.63 -6.16 -31.05
N PRO H 89 -26.30 -6.77 -32.18
CA PRO H 89 -25.34 -7.88 -32.22
C PRO H 89 -23.93 -7.40 -31.85
N LYS H 90 -23.50 -6.30 -32.45
CA LYS H 90 -22.09 -5.97 -32.52
C LYS H 90 -21.66 -5.11 -31.33
N GLY H 91 -22.64 -4.61 -30.59
CA GLY H 91 -22.37 -3.71 -29.48
C GLY H 91 -22.28 -2.29 -30.03
N TYR H 92 -22.47 -2.19 -31.34
CA TYR H 92 -22.58 -0.91 -31.98
C TYR H 92 -23.54 -0.94 -33.14
N GLN H 93 -24.07 0.25 -33.50
CA GLN H 93 -24.85 0.44 -34.71
C GLN H 93 -24.02 1.22 -35.72
N ILE H 94 -23.95 0.74 -36.96
CA ILE H 94 -23.26 1.48 -38.00
C ILE H 94 -24.25 2.46 -38.65
N SER H 95 -24.06 3.76 -38.40
CA SER H 95 -24.79 4.83 -39.11
C SER H 95 -23.86 5.92 -39.67
N GLN H 96 -24.34 7.17 -39.68
CA GLN H 96 -23.51 8.32 -39.96
C GLN H 96 -23.74 9.30 -38.82
N TYR H 97 -22.79 10.22 -38.61
CA TYR H 97 -22.86 11.17 -37.48
C TYR H 97 -22.58 12.59 -37.99
N GLU H 98 -21.42 13.19 -37.66
CA GLU H 98 -20.91 14.31 -38.48
C GLU H 98 -20.69 13.69 -39.86
N LYS H 99 -20.77 14.44 -40.93
CA LYS H 99 -20.64 13.82 -42.28
C LYS H 99 -21.75 12.79 -42.68
N PRO H 100 -23.03 13.22 -42.69
CA PRO H 100 -24.13 12.42 -43.19
C PRO H 100 -24.30 12.62 -44.68
N LEU H 101 -25.04 11.74 -45.32
CA LEU H 101 -25.17 11.74 -46.78
C LEU H 101 -25.83 13.00 -47.38
N ALA H 102 -26.85 13.53 -46.70
CA ALA H 102 -27.61 14.67 -47.17
C ALA H 102 -28.16 15.57 -46.08
N THR H 103 -28.33 16.83 -46.47
CA THR H 103 -28.51 17.94 -45.55
C THR H 103 -29.37 19.03 -46.22
N ASN H 104 -30.00 19.87 -45.40
CA ASN H 104 -30.73 21.08 -45.88
C ASN H 104 -31.74 20.81 -46.99
N GLY H 105 -32.79 20.05 -46.66
CA GLY H 105 -33.92 19.81 -47.57
C GLY H 105 -35.24 20.31 -46.97
N TRP H 106 -36.33 20.11 -47.71
CA TRP H 106 -37.64 20.56 -47.27
C TRP H 106 -38.77 19.69 -47.83
N VAL H 107 -39.84 19.58 -47.06
CA VAL H 107 -41.10 19.03 -47.56
C VAL H 107 -42.24 20.07 -47.53
N GLU H 108 -42.98 20.15 -48.63
CA GLU H 108 -44.16 21.02 -48.73
C GLU H 108 -45.44 20.31 -48.28
N LEU H 109 -46.08 20.89 -47.29
CA LEU H 109 -47.42 20.46 -46.82
C LEU H 109 -48.59 21.27 -47.45
N ASN H 110 -49.64 20.57 -47.93
CA ASN H 110 -50.91 21.24 -48.29
C ASN H 110 -51.85 21.20 -47.12
N LEU H 111 -52.12 22.37 -46.57
CA LEU H 111 -52.96 22.48 -45.40
C LEU H 111 -54.44 22.40 -45.79
N PRO H 112 -55.30 21.95 -44.85
CA PRO H 112 -56.68 21.73 -45.25
C PRO H 112 -57.48 23.04 -45.35
N ASN H 113 -56.78 24.17 -45.22
CA ASN H 113 -57.40 25.49 -45.26
C ASN H 113 -56.95 26.30 -46.47
N GLY H 114 -56.41 25.61 -47.47
CA GLY H 114 -55.88 26.27 -48.67
C GLY H 114 -54.37 26.47 -48.69
N GLU H 115 -53.78 26.67 -47.51
CA GLU H 115 -52.37 27.09 -47.42
C GLU H 115 -51.28 26.00 -47.54
N LYS H 116 -50.15 26.41 -48.10
CA LYS H 116 -49.00 25.56 -48.27
C LYS H 116 -47.90 25.98 -47.27
N LYS H 117 -47.36 25.01 -46.54
CA LYS H 117 -46.31 25.26 -45.54
C LYS H 117 -45.05 24.42 -45.84
N LYS H 118 -43.89 24.84 -45.32
CA LYS H 118 -42.67 24.06 -45.50
C LYS H 118 -42.15 23.51 -44.20
N VAL H 119 -41.79 22.22 -44.22
CA VAL H 119 -41.10 21.55 -43.13
C VAL H 119 -39.70 21.19 -43.62
N ARG H 120 -38.68 21.69 -42.93
CA ARG H 120 -37.28 21.45 -43.32
C ARG H 120 -36.78 20.07 -42.91
N ILE H 121 -36.13 19.40 -43.83
CA ILE H 121 -35.33 18.25 -43.42
C ILE H 121 -33.89 18.65 -43.02
N ARG H 122 -33.59 18.45 -41.74
CA ARG H 122 -32.26 18.70 -41.18
C ARG H 122 -31.22 17.73 -41.75
N ARG H 123 -31.57 16.43 -41.86
CA ARG H 123 -30.63 15.43 -42.36
C ARG H 123 -31.25 14.16 -42.87
N LEU H 124 -30.62 13.57 -43.88
CA LEU H 124 -30.87 12.18 -44.21
C LEU H 124 -29.54 11.41 -44.12
N HIS H 125 -29.42 10.46 -43.18
CA HIS H 125 -28.30 9.53 -43.22
C HIS H 125 -28.64 8.04 -43.33
N ILE H 126 -27.68 7.27 -43.84
CA ILE H 126 -27.78 5.81 -43.96
C ILE H 126 -27.37 5.10 -42.69
N GLU H 127 -28.09 4.04 -42.37
CA GLU H 127 -27.83 3.21 -41.20
C GLU H 127 -28.54 1.85 -41.29
N GLU H 128 -28.22 0.96 -40.37
CA GLU H 128 -28.68 -0.40 -40.38
C GLU H 128 -29.60 -0.58 -39.19
N ASP H 129 -30.57 -1.47 -39.33
CA ASP H 129 -31.52 -1.71 -38.27
C ASP H 129 -30.97 -2.71 -37.24
N ALA H 130 -31.51 -2.64 -36.03
CA ALA H 130 -31.35 -3.69 -35.02
C ALA H 130 -32.32 -4.87 -35.32
N GLY H 131 -32.30 -5.90 -34.47
CA GLY H 131 -33.26 -7.01 -34.61
C GLY H 131 -34.45 -6.77 -33.70
N LYS H 132 -35.33 -7.79 -33.56
CA LYS H 132 -36.54 -7.67 -32.73
C LYS H 132 -36.56 -8.60 -31.53
N ASN H 133 -36.96 -8.04 -30.40
CA ASN H 133 -37.18 -8.78 -29.17
C ASN H 133 -38.64 -9.19 -28.99
N ILE H 134 -38.84 -10.41 -28.49
CA ILE H 134 -40.14 -10.90 -28.03
C ILE H 134 -39.99 -11.30 -26.56
N HIS H 135 -40.89 -10.87 -25.70
CA HIS H 135 -40.80 -11.28 -24.30
C HIS H 135 -41.76 -12.43 -23.97
N GLU H 136 -41.27 -13.41 -23.21
CA GLU H 136 -42.05 -14.55 -22.74
C GLU H 136 -41.60 -14.92 -21.35
N GLY H 137 -42.48 -14.70 -20.39
CA GLY H 137 -42.16 -15.03 -19.01
C GLY H 137 -41.05 -14.15 -18.51
N ASP H 138 -40.03 -14.76 -17.89
CA ASP H 138 -38.87 -14.03 -17.38
C ASP H 138 -37.67 -14.02 -18.37
N LYS H 139 -37.96 -14.28 -19.65
CA LYS H 139 -36.92 -14.29 -20.68
C LYS H 139 -37.29 -13.43 -21.91
N THR H 140 -36.27 -12.81 -22.55
CA THR H 140 -36.48 -12.14 -23.84
C THR H 140 -35.99 -13.08 -24.94
N LEU H 141 -36.72 -13.15 -26.03
CA LEU H 141 -36.37 -13.99 -27.15
C LEU H 141 -35.99 -13.10 -28.33
N VAL H 142 -34.81 -13.34 -28.88
CA VAL H 142 -34.22 -12.44 -29.86
C VAL H 142 -34.19 -13.04 -31.25
N ASP H 143 -34.94 -12.45 -32.17
CA ASP H 143 -34.79 -12.76 -33.59
C ASP H 143 -34.02 -11.64 -34.24
N LEU H 144 -32.90 -11.97 -34.89
CA LEU H 144 -32.05 -11.00 -35.55
C LEU H 144 -32.21 -11.06 -37.05
N ASN H 145 -33.37 -11.46 -37.56
CA ASN H 145 -33.61 -11.39 -39.03
C ASN H 145 -33.51 -9.97 -39.59
N ARG H 146 -33.86 -9.02 -38.75
CA ARG H 146 -34.03 -7.62 -39.16
C ARG H 146 -32.75 -6.80 -38.91
N ALA H 147 -31.86 -7.29 -38.03
CA ALA H 147 -30.57 -6.63 -37.81
C ALA H 147 -29.79 -6.49 -39.11
N GLY H 148 -29.31 -5.26 -39.36
CA GLY H 148 -28.55 -4.94 -40.56
C GLY H 148 -29.40 -4.47 -41.71
N THR H 149 -30.70 -4.37 -41.48
CA THR H 149 -31.62 -3.94 -42.54
C THR H 149 -31.39 -2.46 -42.78
N PRO H 150 -31.37 -2.05 -44.06
CA PRO H 150 -31.01 -0.68 -44.41
C PRO H 150 -32.09 0.32 -44.04
N LEU H 151 -31.69 1.36 -43.33
CA LEU H 151 -32.59 2.42 -42.90
C LEU H 151 -32.09 3.77 -43.36
N MET H 152 -33.05 4.66 -43.65
CA MET H 152 -32.81 6.06 -43.83
C MET H 152 -33.27 6.70 -42.57
N GLU H 153 -32.36 7.26 -41.78
CA GLU H 153 -32.84 8.03 -40.68
C GLU H 153 -33.06 9.47 -41.17
N ILE H 154 -34.27 10.00 -40.97
CA ILE H 154 -34.68 11.33 -41.47
C ILE H 154 -35.04 12.23 -40.29
N VAL H 155 -34.31 13.32 -40.12
CA VAL H 155 -34.56 14.23 -39.00
C VAL H 155 -35.10 15.55 -39.56
N THR H 156 -36.15 16.07 -38.94
CA THR H 156 -36.80 17.30 -39.36
C THR H 156 -36.32 18.43 -38.49
N GLU H 157 -36.35 19.66 -39.02
CA GLU H 157 -36.22 20.83 -38.15
C GLU H 157 -37.53 20.97 -37.34
N PRO H 158 -37.48 21.61 -36.17
CA PRO H 158 -38.72 21.71 -35.39
C PRO H 158 -39.71 22.73 -36.00
N ASP H 159 -40.08 22.46 -37.24
CA ASP H 159 -40.87 23.35 -38.08
C ASP H 159 -42.39 23.10 -38.00
N ILE H 160 -42.77 21.97 -37.40
CA ILE H 160 -44.17 21.57 -37.31
C ILE H 160 -44.85 22.24 -36.12
N ARG H 161 -46.10 22.67 -36.32
CA ARG H 161 -46.83 23.53 -35.38
C ARG H 161 -48.07 22.89 -34.78
N THR H 162 -48.57 21.86 -35.46
CA THR H 162 -49.90 21.30 -35.20
C THR H 162 -49.93 19.75 -35.31
N PRO H 163 -50.62 19.06 -34.38
CA PRO H 163 -50.79 17.61 -34.49
C PRO H 163 -51.22 17.19 -35.89
N GLU H 164 -52.16 17.92 -36.47
CA GLU H 164 -52.61 17.59 -37.80
C GLU H 164 -51.45 17.70 -38.78
N GLU H 165 -50.61 18.72 -38.59
CA GLU H 165 -49.47 19.00 -39.46
C GLU H 165 -48.49 17.86 -39.36
N ALA H 166 -48.27 17.36 -38.14
CA ALA H 166 -47.41 16.18 -37.94
C ALA H 166 -47.86 15.04 -38.83
N ARG H 167 -49.14 14.67 -38.72
CA ARG H 167 -49.68 13.58 -39.54
C ARG H 167 -49.62 13.91 -41.02
N LEU H 168 -49.99 15.13 -41.39
CA LEU H 168 -49.99 15.46 -42.81
C LEU H 168 -48.58 15.36 -43.40
N PHE H 169 -47.57 15.64 -42.57
CA PHE H 169 -46.16 15.51 -42.94
C PHE H 169 -45.83 14.07 -43.18
N LEU H 170 -46.13 13.25 -42.17
CA LEU H 170 -45.94 11.81 -42.27
C LEU H 170 -46.60 11.21 -43.50
N GLU H 171 -47.80 11.65 -43.84
CA GLU H 171 -48.48 11.13 -45.03
C GLU H 171 -47.77 11.59 -46.29
N LYS H 172 -47.24 12.81 -46.27
CA LYS H 172 -46.56 13.37 -47.44
C LYS H 172 -45.21 12.66 -47.66
N LEU H 173 -44.45 12.50 -46.57
CA LEU H 173 -43.20 11.72 -46.59
C LEU H 173 -43.41 10.31 -47.12
N ARG H 174 -44.40 9.60 -46.55
CA ARG H 174 -44.80 8.29 -47.01
C ARG H 174 -45.01 8.30 -48.50
N ASN H 175 -45.87 9.18 -48.96
CA ASN H 175 -46.22 9.24 -50.36
C ASN H 175 -45.02 9.55 -51.27
N ILE H 176 -44.16 10.46 -50.83
CA ILE H 176 -42.88 10.73 -51.52
C ILE H 176 -41.97 9.47 -51.67
N MET H 177 -41.81 8.73 -50.56
CA MET H 177 -41.05 7.48 -50.56
C MET H 177 -41.63 6.49 -51.53
N ARG H 178 -42.95 6.29 -51.47
CA ARG H 178 -43.64 5.38 -52.39
C ARG H 178 -43.51 5.77 -53.85
N TYR H 179 -43.63 7.06 -54.14
CA TYR H 179 -43.52 7.55 -55.51
C TYR H 179 -42.08 7.42 -56.05
N ALA H 180 -41.10 7.71 -55.20
CA ALA H 180 -39.68 7.56 -55.56
C ALA H 180 -39.32 6.13 -55.80
N GLY H 181 -40.00 5.23 -55.12
CA GLY H 181 -39.80 3.79 -55.28
C GLY H 181 -38.75 3.26 -54.32
N VAL H 182 -38.55 3.96 -53.20
CA VAL H 182 -37.43 3.62 -52.35
C VAL H 182 -37.87 2.80 -51.14
N SER H 183 -39.16 2.88 -50.80
CA SER H 183 -39.69 2.24 -49.60
C SER H 183 -41.20 2.07 -49.71
N LYS H 184 -41.74 1.03 -49.06
CA LYS H 184 -43.21 0.82 -48.96
C LYS H 184 -43.81 1.69 -47.85
N ALA H 185 -42.97 2.01 -46.87
CA ALA H 185 -43.25 3.05 -45.88
C ALA H 185 -44.57 2.94 -45.16
N ASP H 186 -45.05 1.72 -44.97
CA ASP H 186 -46.27 1.51 -44.18
C ASP H 186 -45.87 1.23 -42.74
N MET H 187 -46.42 1.99 -41.81
CA MET H 187 -46.12 1.77 -40.40
C MET H 187 -46.55 0.38 -39.87
N GLU H 188 -47.62 -0.17 -40.45
CA GLU H 188 -48.19 -1.46 -40.04
C GLU H 188 -47.15 -2.59 -40.09
N LYS H 189 -46.23 -2.50 -41.05
CA LYS H 189 -45.18 -3.50 -41.23
C LYS H 189 -43.83 -3.07 -40.63
N GLY H 190 -43.82 -1.99 -39.84
CA GLY H 190 -42.69 -1.29 -39.28
C GLY H 190 -41.70 -0.85 -40.34
N GLN H 191 -42.10 -0.62 -41.55
CA GLN H 191 -41.31 -0.03 -42.62
C GLN H 191 -41.07 1.46 -42.42
N LEU H 192 -41.65 2.00 -41.35
CA LEU H 192 -41.57 3.41 -41.05
C LEU H 192 -41.83 3.57 -39.59
N ARG H 193 -40.84 4.08 -38.88
CA ARG H 193 -40.95 4.36 -37.46
C ARG H 193 -40.82 5.85 -37.29
N CYS H 194 -41.33 6.36 -36.18
CA CYS H 194 -41.33 7.78 -35.96
C CYS H 194 -41.28 8.13 -34.48
N ASP H 195 -40.28 8.92 -34.09
CA ASP H 195 -40.20 9.40 -32.72
C ASP H 195 -40.52 10.88 -32.73
N ILE H 196 -41.18 11.34 -31.68
CA ILE H 196 -41.76 12.66 -31.67
C ILE H 196 -41.08 13.50 -30.62
N ASN H 197 -40.76 14.74 -30.99
CA ASN H 197 -40.14 15.70 -30.08
C ASN H 197 -40.99 16.95 -30.08
N VAL H 198 -41.29 17.45 -28.89
CA VAL H 198 -42.31 18.49 -28.75
C VAL H 198 -42.11 19.40 -27.56
N SER H 199 -42.16 20.71 -27.82
CA SER H 199 -42.08 21.72 -26.76
C SER H 199 -43.13 22.80 -27.02
N ILE H 200 -43.51 23.51 -25.96
CA ILE H 200 -44.47 24.62 -26.10
C ILE H 200 -43.78 25.95 -25.88
N ARG H 201 -44.45 27.02 -26.30
CA ARG H 201 -43.82 28.32 -26.46
C ARG H 201 -44.91 29.42 -26.43
N PRO H 202 -44.77 30.43 -25.55
CA PRO H 202 -45.56 31.67 -25.70
C PRO H 202 -45.63 32.15 -27.15
N LYS H 203 -46.83 32.40 -27.67
CA LYS H 203 -47.02 32.68 -29.11
C LYS H 203 -46.16 33.83 -29.61
N GLY H 204 -45.63 33.68 -30.82
CA GLY H 204 -44.73 34.66 -31.41
C GLY H 204 -43.37 34.83 -30.74
N SER H 205 -43.13 34.09 -29.64
CA SER H 205 -41.79 34.02 -29.02
C SER H 205 -40.77 33.33 -29.96
N LYS H 206 -39.49 33.67 -29.79
CA LYS H 206 -38.42 33.08 -30.61
C LYS H 206 -37.54 32.08 -29.85
N GLU H 207 -37.65 32.09 -28.52
CA GLU H 207 -36.98 31.11 -27.68
C GLU H 207 -37.58 29.70 -27.89
N PHE H 208 -36.84 28.66 -27.51
CA PHE H 208 -37.35 27.29 -27.54
C PHE H 208 -37.65 26.78 -26.12
N GLY H 209 -38.81 26.15 -25.94
CA GLY H 209 -39.20 25.58 -24.65
C GLY H 209 -38.55 24.22 -24.43
N THR H 210 -38.68 23.67 -23.23
CA THR H 210 -38.05 22.39 -22.92
C THR H 210 -38.75 21.23 -23.62
N ARG H 211 -37.94 20.27 -24.06
CA ARG H 211 -38.36 19.27 -25.03
C ARG H 211 -38.73 17.92 -24.43
N VAL H 212 -39.84 17.36 -24.90
CA VAL H 212 -40.21 16.00 -24.55
C VAL H 212 -40.20 15.13 -25.78
N GLU H 213 -39.81 13.87 -25.59
CA GLU H 213 -39.80 12.92 -26.67
C GLU H 213 -40.84 11.85 -26.38
N ILE H 214 -41.59 11.47 -27.42
CA ILE H 214 -42.55 10.38 -27.30
C ILE H 214 -42.18 9.26 -28.26
N LYS H 215 -41.66 8.16 -27.72
CA LYS H 215 -41.19 7.07 -28.56
C LYS H 215 -42.27 6.02 -28.80
N ASN H 216 -42.18 5.35 -29.95
CA ASN H 216 -43.05 4.23 -30.25
C ASN H 216 -44.52 4.65 -30.39
N VAL H 217 -44.79 5.47 -31.39
CA VAL H 217 -46.16 5.72 -31.78
C VAL H 217 -46.31 5.05 -33.13
N ASN H 218 -47.29 4.17 -33.24
CA ASN H 218 -47.24 3.10 -34.24
C ASN H 218 -48.09 3.33 -35.49
N SER H 219 -48.79 4.46 -35.55
CA SER H 219 -49.65 4.79 -36.70
C SER H 219 -49.69 6.30 -36.90
N PHE H 220 -50.00 6.72 -38.12
CA PHE H 220 -50.17 8.15 -38.42
C PHE H 220 -51.19 8.78 -37.47
N ARG H 221 -52.34 8.12 -37.30
CA ARG H 221 -53.39 8.59 -36.39
C ARG H 221 -52.94 8.70 -34.93
N PHE H 222 -52.21 7.71 -34.44
CA PHE H 222 -51.71 7.77 -33.06
C PHE H 222 -50.68 8.90 -32.84
N VAL H 223 -49.98 9.34 -33.88
CA VAL H 223 -49.07 10.48 -33.74
C VAL H 223 -49.87 11.74 -33.47
N GLN H 224 -50.93 11.94 -34.25
CA GLN H 224 -51.85 13.06 -34.03
C GLN H 224 -52.44 12.98 -32.63
N LYS H 225 -52.85 11.78 -32.22
CA LYS H 225 -53.46 11.57 -30.91
C LYS H 225 -52.48 11.86 -29.80
N ALA H 226 -51.31 11.21 -29.86
CA ALA H 226 -50.28 11.38 -28.84
C ALA H 226 -49.97 12.86 -28.68
N LEU H 227 -49.76 13.52 -29.82
CA LEU H 227 -49.52 14.96 -29.86
C LEU H 227 -50.66 15.77 -29.26
N GLU H 228 -51.88 15.59 -29.76
CA GLU H 228 -53.06 16.30 -29.24
C GLU H 228 -53.04 16.31 -27.72
N TYR H 229 -52.87 15.14 -27.14
CA TYR H 229 -52.84 15.03 -25.69
C TYR H 229 -51.66 15.78 -25.09
N GLU H 230 -50.46 15.49 -25.59
CA GLU H 230 -49.20 15.95 -24.97
C GLU H 230 -49.11 17.47 -24.90
N ILE H 231 -49.51 18.11 -26.00
CA ILE H 231 -49.61 19.56 -26.09
C ILE H 231 -50.52 20.09 -24.98
N GLU H 232 -51.70 19.48 -24.83
CA GLU H 232 -52.62 19.85 -23.77
C GLU H 232 -51.99 19.62 -22.39
N ARG H 233 -51.37 18.45 -22.21
CA ARG H 233 -50.73 18.08 -20.94
C ARG H 233 -49.68 19.11 -20.55
N GLN H 234 -48.88 19.55 -21.51
CA GLN H 234 -47.81 20.52 -21.26
C GLN H 234 -48.36 21.91 -20.96
N ILE H 235 -49.32 22.38 -21.76
CA ILE H 235 -49.98 23.67 -21.51
C ILE H 235 -50.55 23.71 -20.09
N ASN H 236 -51.34 22.68 -19.75
CA ASN H 236 -51.83 22.50 -18.39
C ASN H 236 -50.75 22.81 -17.36
N VAL H 237 -49.66 22.04 -17.42
CA VAL H 237 -48.56 22.13 -16.45
C VAL H 237 -48.00 23.55 -16.30
N VAL H 238 -47.72 24.22 -17.42
CA VAL H 238 -47.12 25.56 -17.41
C VAL H 238 -48.08 26.62 -16.85
N GLU H 239 -49.37 26.50 -17.18
CA GLU H 239 -50.40 27.45 -16.71
C GLU H 239 -50.83 27.18 -15.27
N GLU H 240 -50.52 25.98 -14.80
CA GLU H 240 -50.63 25.65 -13.38
C GLU H 240 -49.44 26.16 -12.58
N GLY H 241 -48.57 26.94 -13.23
CA GLY H 241 -47.36 27.48 -12.60
C GLY H 241 -46.17 26.53 -12.58
N GLY H 242 -46.34 25.34 -13.16
CA GLY H 242 -45.29 24.31 -13.17
C GLY H 242 -44.27 24.42 -14.30
N GLU H 243 -43.18 23.68 -14.14
CA GLU H 243 -42.14 23.56 -15.17
C GLU H 243 -42.25 22.23 -15.87
N VAL H 244 -42.23 22.26 -17.19
CA VAL H 244 -42.26 21.04 -17.98
C VAL H 244 -40.87 20.41 -17.91
N VAL H 245 -40.83 19.13 -17.52
CA VAL H 245 -39.59 18.38 -17.32
C VAL H 245 -39.18 17.62 -18.57
N GLN H 246 -37.87 17.64 -18.87
CA GLN H 246 -37.34 16.99 -20.05
C GLN H 246 -37.19 15.48 -19.86
N GLU H 247 -37.83 14.72 -20.73
CA GLU H 247 -37.88 13.26 -20.64
C GLU H 247 -38.33 12.59 -21.94
N THR H 248 -38.30 11.26 -21.92
CA THR H 248 -38.99 10.47 -22.91
C THR H 248 -40.27 9.92 -22.29
N ARG H 249 -41.33 9.81 -23.11
CA ARG H 249 -42.61 9.29 -22.65
C ARG H 249 -43.11 8.29 -23.66
N THR H 250 -44.13 7.52 -23.28
CA THR H 250 -44.75 6.57 -24.21
C THR H 250 -46.26 6.79 -24.33
N PHE H 251 -46.82 6.32 -25.42
CA PHE H 251 -48.23 6.53 -25.71
C PHE H 251 -48.99 5.21 -25.75
N ASP H 252 -50.04 5.13 -24.94
CA ASP H 252 -50.96 3.99 -24.88
C ASP H 252 -52.17 4.26 -25.78
N PRO H 253 -52.28 3.56 -26.92
CA PRO H 253 -53.37 3.79 -27.86
C PRO H 253 -54.75 3.67 -27.18
N GLN H 254 -54.94 2.63 -26.35
CA GLN H 254 -56.22 2.35 -25.66
C GLN H 254 -56.74 3.51 -24.78
N THR H 255 -55.84 4.13 -24.02
CA THR H 255 -56.22 5.26 -23.16
C THR H 255 -56.09 6.64 -23.84
N GLY H 256 -55.37 6.68 -24.96
CA GLY H 256 -55.11 7.93 -25.68
C GLY H 256 -54.31 8.95 -24.88
N LYS H 257 -53.45 8.45 -23.99
CA LYS H 257 -52.62 9.31 -23.11
C LYS H 257 -51.12 8.96 -23.17
N THR H 258 -50.28 9.90 -22.74
CA THR H 258 -48.83 9.70 -22.72
C THR H 258 -48.32 9.65 -21.29
N TYR H 259 -47.32 8.81 -21.08
CA TYR H 259 -46.90 8.47 -19.73
C TYR H 259 -45.39 8.62 -19.52
N PRO H 260 -45.00 9.09 -18.32
CA PRO H 260 -43.57 9.12 -18.02
C PRO H 260 -43.13 7.68 -17.93
N MET H 261 -41.83 7.45 -17.73
CA MET H 261 -41.32 6.10 -17.56
C MET H 261 -40.89 5.86 -16.11
N ARG H 262 -40.99 4.60 -15.68
CA ARG H 262 -40.63 4.21 -14.32
C ARG H 262 -39.12 4.26 -14.04
N THR H 263 -38.33 3.90 -15.07
CA THR H 263 -36.86 3.90 -15.00
C THR H 263 -36.25 5.27 -15.38
N LYS H 264 -35.47 5.81 -14.45
CA LYS H 264 -34.75 7.07 -14.66
C LYS H 264 -33.41 6.85 -15.40
N GLU H 265 -33.44 5.96 -16.39
CA GLU H 265 -32.23 5.54 -17.10
C GLU H 265 -31.79 6.57 -18.13
N GLU H 266 -30.74 7.33 -17.78
CA GLU H 266 -30.15 8.32 -18.69
C GLU H 266 -29.42 7.68 -19.87
N ALA H 267 -29.32 8.43 -20.96
CA ALA H 267 -28.56 8.01 -22.14
C ALA H 267 -27.05 7.95 -21.85
N GLU H 268 -26.34 7.15 -22.65
CA GLU H 268 -24.91 6.96 -22.48
C GLU H 268 -24.20 7.33 -23.78
N ASP H 269 -23.08 8.02 -23.64
CA ASP H 269 -22.20 8.43 -24.73
C ASP H 269 -22.10 7.33 -25.77
N TYR H 270 -22.42 7.65 -27.01
CA TYR H 270 -22.38 6.65 -28.05
C TYR H 270 -20.98 6.37 -28.56
N ARG H 271 -19.96 7.07 -28.04
CA ARG H 271 -18.56 6.89 -28.43
C ARG H 271 -18.38 6.80 -29.93
N TYR H 272 -19.01 7.71 -30.68
CA TYR H 272 -18.90 7.77 -32.13
C TYR H 272 -17.46 7.90 -32.66
N PHE H 273 -17.18 7.24 -33.77
CA PHE H 273 -15.93 7.39 -34.50
C PHE H 273 -16.03 6.63 -35.83
N PRO H 274 -15.32 7.09 -36.87
CA PRO H 274 -15.50 6.40 -38.16
C PRO H 274 -15.20 4.91 -38.08
N ASP H 275 -16.08 4.09 -38.65
CA ASP H 275 -15.88 2.67 -38.56
C ASP H 275 -14.63 2.35 -39.37
N PRO H 276 -13.61 1.76 -38.71
CA PRO H 276 -12.37 1.45 -39.41
C PRO H 276 -12.48 0.28 -40.33
N ASP H 277 -13.66 -0.37 -40.42
CA ASP H 277 -13.85 -1.47 -41.37
C ASP H 277 -14.26 -0.96 -42.73
N LEU H 278 -14.58 0.33 -42.81
CA LEU H 278 -15.17 0.92 -44.01
C LEU H 278 -14.47 2.23 -44.36
N VAL H 279 -14.17 2.43 -45.65
CA VAL H 279 -13.72 3.72 -46.15
C VAL H 279 -14.90 4.70 -46.30
N PRO H 280 -14.60 6.03 -46.32
CA PRO H 280 -15.63 7.04 -46.65
C PRO H 280 -16.47 6.73 -47.88
N LEU H 281 -17.75 7.08 -47.78
CA LEU H 281 -18.67 6.91 -48.89
C LEU H 281 -18.42 8.08 -49.83
N LYS H 282 -17.85 7.78 -50.97
CA LYS H 282 -17.56 8.79 -51.96
C LYS H 282 -18.59 8.64 -53.05
N VAL H 283 -19.42 9.67 -53.18
CA VAL H 283 -20.49 9.72 -54.15
C VAL H 283 -20.14 10.69 -55.29
N LYS H 284 -19.89 10.13 -56.45
CA LYS H 284 -19.55 10.90 -57.64
C LYS H 284 -20.68 11.83 -58.05
N LYS H 285 -20.32 13.06 -58.42
CA LYS H 285 -21.22 14.05 -59.00
C LYS H 285 -22.03 13.43 -60.13
N GLU H 286 -21.34 12.76 -61.05
CA GLU H 286 -21.95 12.14 -62.23
C GLU H 286 -23.09 11.15 -61.92
N TRP H 287 -23.09 10.63 -60.70
CA TRP H 287 -24.08 9.61 -60.28
C TRP H 287 -25.31 10.28 -59.68
N ILE H 288 -25.07 11.36 -58.94
CA ILE H 288 -26.11 12.25 -58.48
C ILE H 288 -26.88 12.81 -59.67
N GLU H 289 -26.17 13.34 -60.67
CA GLU H 289 -26.78 13.81 -61.91
C GLU H 289 -27.67 12.76 -62.55
N GLU H 290 -27.20 11.52 -62.59
CA GLU H 290 -27.88 10.41 -63.26
C GLU H 290 -29.16 10.00 -62.54
N ILE H 291 -29.12 10.00 -61.21
CA ILE H 291 -30.31 9.73 -60.40
C ILE H 291 -31.29 10.89 -60.47
N LYS H 292 -30.76 12.11 -60.45
CA LYS H 292 -31.56 13.31 -60.73
C LYS H 292 -32.30 13.17 -62.05
N LYS H 293 -31.58 12.79 -63.10
CA LYS H 293 -32.08 12.88 -64.46
C LYS H 293 -33.20 11.87 -64.71
N ASN H 294 -33.05 10.69 -64.13
CA ASN H 294 -34.03 9.62 -64.30
C ASN H 294 -34.96 9.48 -63.10
N MET H 295 -35.06 10.55 -62.31
CA MET H 295 -36.01 10.60 -61.21
C MET H 295 -37.43 10.33 -61.70
N PRO H 296 -38.10 9.37 -61.05
CA PRO H 296 -39.55 9.19 -61.22
C PRO H 296 -40.32 10.45 -60.87
N GLU H 297 -41.51 10.60 -61.43
CA GLU H 297 -42.37 11.72 -61.11
C GLU H 297 -42.82 11.69 -59.66
N LEU H 298 -42.79 12.86 -59.02
CA LEU H 298 -43.13 12.97 -57.61
C LEU H 298 -44.56 13.53 -57.47
N PRO H 299 -45.17 13.44 -56.27
CA PRO H 299 -46.60 13.78 -56.12
C PRO H 299 -46.99 15.18 -56.62
N ASP H 300 -46.30 16.21 -56.11
CA ASP H 300 -46.57 17.60 -56.45
C ASP H 300 -46.50 17.86 -57.96
N GLN H 301 -45.53 17.25 -58.63
CA GLN H 301 -45.44 17.34 -60.08
C GLN H 301 -46.67 16.74 -60.73
N ARG H 302 -47.08 15.55 -60.28
CA ARG H 302 -48.23 14.85 -60.87
C ARG H 302 -49.51 15.65 -60.68
N PHE H 303 -49.69 16.17 -59.48
CA PHE H 303 -50.82 17.02 -59.20
C PHE H 303 -51.02 18.12 -60.25
N GLU H 304 -49.98 18.88 -60.58
CA GLU H 304 -50.13 19.93 -61.59
C GLU H 304 -50.32 19.34 -62.96
N ARG H 305 -49.66 18.23 -63.24
CA ARG H 305 -49.73 17.63 -64.56
C ARG H 305 -51.13 17.09 -64.87
N LEU H 306 -51.79 16.50 -63.87
CA LEU H 306 -53.15 15.96 -64.05
C LEU H 306 -54.19 17.07 -64.26
N ILE H 307 -54.10 18.12 -63.44
CA ILE H 307 -54.89 19.34 -63.59
C ILE H 307 -54.79 19.94 -64.98
N LYS H 308 -53.57 19.98 -65.55
CA LYS H 308 -53.39 20.48 -66.90
C LYS H 308 -53.76 19.45 -67.95
N GLU H 309 -53.14 18.27 -67.88
CA GLU H 309 -53.28 17.26 -68.92
C GLU H 309 -54.72 16.74 -69.13
N TYR H 310 -55.53 16.81 -68.08
CA TYR H 310 -56.85 16.18 -68.08
C TYR H 310 -57.97 17.10 -67.60
N GLY H 311 -57.60 18.32 -67.21
CA GLY H 311 -58.58 19.29 -66.75
C GLY H 311 -59.32 18.90 -65.49
N LEU H 312 -58.70 18.06 -64.67
CA LEU H 312 -59.30 17.63 -63.42
C LEU H 312 -59.34 18.77 -62.44
N SER H 313 -60.26 18.70 -61.49
CA SER H 313 -60.32 19.69 -60.42
C SER H 313 -59.27 19.35 -59.37
N GLU H 314 -58.99 20.30 -58.48
CA GLU H 314 -58.04 20.04 -57.39
C GLU H 314 -58.51 18.95 -56.43
N TYR H 315 -59.83 18.77 -56.30
CA TYR H 315 -60.40 17.72 -55.48
C TYR H 315 -60.11 16.34 -56.08
N GLU H 316 -60.26 16.26 -57.39
CA GLU H 316 -60.11 15.02 -58.15
C GLU H 316 -58.66 14.52 -58.22
N ALA H 317 -57.78 15.40 -58.71
CA ALA H 317 -56.33 15.17 -58.75
C ALA H 317 -55.77 14.76 -57.40
N GLY H 318 -56.16 15.46 -56.34
CA GLY H 318 -55.77 15.14 -54.96
C GLY H 318 -56.01 13.68 -54.60
N ILE H 319 -57.21 13.18 -54.92
CA ILE H 319 -57.55 11.79 -54.65
C ILE H 319 -56.63 10.86 -55.43
N LEU H 320 -56.43 11.19 -56.70
CA LEU H 320 -55.67 10.34 -57.62
C LEU H 320 -54.16 10.34 -57.38
N VAL H 321 -53.67 11.32 -56.63
CA VAL H 321 -52.24 11.48 -56.38
C VAL H 321 -51.85 11.02 -54.97
N ASN H 322 -52.72 11.29 -53.98
CA ASN H 322 -52.58 10.76 -52.62
C ASN H 322 -52.61 9.24 -52.56
N HIS H 323 -53.29 8.62 -53.51
CA HIS H 323 -53.29 7.19 -53.67
C HIS H 323 -52.81 6.90 -55.09
N LYS H 324 -51.50 6.63 -55.22
CA LYS H 324 -50.83 6.57 -56.51
C LYS H 324 -51.51 5.62 -57.47
N GLU H 325 -51.90 4.45 -56.94
CA GLU H 325 -52.43 3.34 -57.75
C GLU H 325 -53.79 3.66 -58.37
N VAL H 326 -54.53 4.57 -57.73
CA VAL H 326 -55.79 5.09 -58.27
C VAL H 326 -55.54 6.00 -59.48
N GLY H 327 -54.59 6.93 -59.35
CA GLY H 327 -54.12 7.75 -60.48
C GLY H 327 -53.61 6.90 -61.63
N ASP H 328 -52.91 5.81 -61.31
CA ASP H 328 -52.33 4.91 -62.29
C ASP H 328 -53.43 4.19 -63.04
N PHE H 329 -54.46 3.78 -62.30
CA PHE H 329 -55.64 3.16 -62.88
C PHE H 329 -56.28 4.17 -63.83
N PHE H 330 -56.56 5.36 -63.33
CA PHE H 330 -57.12 6.43 -64.12
C PHE H 330 -56.42 6.62 -65.47
N GLU H 331 -55.11 6.82 -65.45
CA GLU H 331 -54.36 7.13 -66.67
C GLU H 331 -54.34 5.97 -67.67
N GLU H 332 -54.47 4.75 -67.17
CA GLU H 332 -54.51 3.55 -68.00
C GLU H 332 -55.89 3.42 -68.64
N ALA H 333 -56.91 3.87 -67.91
CA ALA H 333 -58.26 3.92 -68.44
C ALA H 333 -58.36 5.00 -69.52
N VAL H 334 -58.09 6.25 -69.14
CA VAL H 334 -58.16 7.41 -70.04
C VAL H 334 -57.32 7.23 -71.30
N ARG H 335 -56.52 6.17 -71.31
CA ARG H 335 -55.69 5.86 -72.47
C ARG H 335 -56.53 5.08 -73.50
N HIS H 336 -57.43 4.22 -72.99
CA HIS H 336 -58.34 3.41 -73.81
C HIS H 336 -59.50 4.20 -74.43
N PHE H 337 -60.13 5.04 -73.61
CA PHE H 337 -61.17 5.95 -74.07
C PHE H 337 -60.84 7.35 -73.58
N LYS H 338 -60.54 8.26 -74.51
CA LYS H 338 -60.09 9.61 -74.17
C LYS H 338 -61.21 10.52 -73.58
N GLU H 339 -61.87 10.05 -72.53
CA GLU H 339 -62.89 10.83 -71.83
C GLU H 339 -62.49 10.97 -70.36
N PRO H 340 -61.62 11.96 -70.07
CA PRO H 340 -61.12 12.09 -68.71
C PRO H 340 -62.25 12.37 -67.72
N LYS H 341 -63.12 13.33 -68.02
CA LYS H 341 -64.18 13.74 -67.08
C LYS H 341 -65.14 12.61 -66.75
N GLY H 342 -65.59 11.91 -67.79
CA GLY H 342 -66.45 10.74 -67.63
C GLY H 342 -65.80 9.72 -66.73
N ILE H 343 -64.55 9.38 -67.04
CA ILE H 343 -63.80 8.36 -66.29
C ILE H 343 -63.57 8.66 -64.79
N VAL H 344 -63.19 9.89 -64.46
CA VAL H 344 -62.99 10.25 -63.04
C VAL H 344 -64.24 10.12 -62.21
N ASN H 345 -65.38 10.50 -62.81
CA ASN H 345 -66.69 10.46 -62.13
C ASN H 345 -67.06 9.04 -61.69
N TRP H 346 -67.07 8.13 -62.65
CA TRP H 346 -67.37 6.73 -62.40
C TRP H 346 -66.34 5.99 -61.54
N LEU H 347 -65.07 6.42 -61.62
CA LEU H 347 -64.01 5.92 -60.74
C LEU H 347 -64.21 6.36 -59.29
N ILE H 348 -64.31 7.68 -59.08
CA ILE H 348 -64.42 8.26 -57.74
C ILE H 348 -65.79 8.04 -57.12
N ASN H 349 -66.84 8.25 -57.92
CA ASN H 349 -68.22 8.21 -57.41
C ASN H 349 -68.78 6.78 -57.34
N ASP H 350 -68.29 5.90 -58.20
CA ASP H 350 -68.83 4.54 -58.30
C ASP H 350 -67.87 3.44 -57.84
N LEU H 351 -66.84 3.17 -58.66
CA LEU H 351 -65.97 2.00 -58.51
C LEU H 351 -65.18 1.91 -57.21
N LEU H 352 -64.59 3.04 -56.81
CA LEU H 352 -63.83 3.11 -55.58
C LEU H 352 -64.60 2.64 -54.36
N GLY H 353 -65.84 3.09 -54.22
CA GLY H 353 -66.65 2.75 -53.04
C GLY H 353 -67.19 1.33 -53.09
N LEU H 354 -67.37 0.83 -54.29
CA LEU H 354 -67.80 -0.54 -54.47
C LEU H 354 -66.69 -1.51 -54.06
N LEU H 355 -65.46 -1.22 -54.55
CA LEU H 355 -64.26 -1.95 -54.17
C LEU H 355 -63.99 -1.85 -52.68
N ARG H 356 -64.17 -0.66 -52.12
CA ARG H 356 -63.94 -0.46 -50.71
C ARG H 356 -64.84 -1.35 -49.86
N ASP H 357 -66.04 -1.62 -50.37
CA ASP H 357 -67.04 -2.37 -49.61
C ASP H 357 -66.77 -3.89 -49.63
N LYS H 358 -66.31 -4.38 -50.79
CA LYS H 358 -65.82 -5.74 -50.96
C LYS H 358 -64.51 -6.04 -50.19
N GLY H 359 -63.75 -4.99 -49.88
CA GLY H 359 -62.47 -5.13 -49.19
C GLY H 359 -61.26 -5.31 -50.11
N ILE H 360 -61.42 -5.01 -51.39
CA ILE H 360 -60.31 -5.15 -52.34
C ILE H 360 -59.67 -3.85 -52.87
N SER H 361 -58.33 -3.88 -52.91
CA SER H 361 -57.52 -2.75 -53.33
C SER H 361 -57.59 -2.55 -54.85
N ILE H 362 -57.35 -1.32 -55.31
CA ILE H 362 -57.44 -0.98 -56.74
C ILE H 362 -56.42 -1.68 -57.66
N GLU H 363 -55.34 -2.22 -57.07
CA GLU H 363 -54.39 -3.07 -57.83
C GLU H 363 -55.09 -4.37 -58.18
N GLU H 364 -55.88 -4.85 -57.21
CA GLU H 364 -56.48 -6.18 -57.19
C GLU H 364 -57.88 -6.24 -57.87
N SER H 365 -58.39 -5.09 -58.33
CA SER H 365 -59.79 -5.00 -58.74
C SER H 365 -60.13 -5.79 -60.00
N PRO H 366 -61.33 -6.42 -60.01
CA PRO H 366 -61.80 -7.18 -61.17
C PRO H 366 -62.12 -6.26 -62.35
N VAL H 367 -62.50 -5.01 -62.06
CA VAL H 367 -62.70 -4.02 -63.11
C VAL H 367 -61.32 -3.48 -63.46
N LYS H 368 -60.89 -3.77 -64.69
CA LYS H 368 -59.61 -3.30 -65.18
C LYS H 368 -59.82 -1.95 -65.86
N PRO H 369 -58.76 -1.10 -65.93
CA PRO H 369 -58.90 0.16 -66.64
C PRO H 369 -59.59 0.07 -68.01
N GLU H 370 -59.47 -1.06 -68.70
CA GLU H 370 -60.13 -1.22 -70.01
C GLU H 370 -61.64 -1.29 -69.83
N HIS H 371 -62.07 -1.97 -68.77
CA HIS H 371 -63.48 -2.19 -68.49
C HIS H 371 -64.19 -0.91 -68.08
N LEU H 372 -63.53 -0.10 -67.26
CA LEU H 372 -64.10 1.19 -66.91
C LEU H 372 -64.18 2.09 -68.14
N ALA H 373 -63.09 2.16 -68.90
CA ALA H 373 -63.05 2.96 -70.12
C ALA H 373 -64.09 2.50 -71.14
N GLU H 374 -64.41 1.21 -71.11
CA GLU H 374 -65.46 0.62 -71.95
C GLU H 374 -66.88 0.95 -71.45
N LEU H 375 -67.10 0.83 -70.15
CA LEU H 375 -68.37 1.21 -69.54
C LEU H 375 -68.70 2.68 -69.83
N VAL H 376 -67.77 3.58 -69.52
CA VAL H 376 -67.92 5.02 -69.75
C VAL H 376 -68.17 5.33 -71.23
N LYS H 377 -67.79 4.43 -72.12
CA LYS H 377 -68.02 4.58 -73.57
C LYS H 377 -69.50 4.36 -73.91
N LEU H 378 -70.07 3.33 -73.28
CA LEU H 378 -71.49 2.99 -73.45
C LEU H 378 -72.45 4.07 -72.93
N ILE H 379 -72.07 4.75 -71.85
CA ILE H 379 -72.83 5.87 -71.30
C ILE H 379 -72.78 7.10 -72.22
N LYS H 380 -71.57 7.47 -72.64
CA LYS H 380 -71.33 8.66 -73.48
C LYS H 380 -72.00 8.57 -74.86
N GLU H 381 -71.92 7.39 -75.49
CA GLU H 381 -72.52 7.13 -76.81
C GLU H 381 -74.02 6.82 -76.71
N LYS H 382 -74.55 6.85 -75.48
CA LYS H 382 -75.98 6.66 -75.20
C LYS H 382 -76.47 5.23 -75.50
N VAL H 383 -75.54 4.26 -75.47
CA VAL H 383 -75.88 2.87 -75.68
C VAL H 383 -76.69 2.31 -74.49
N ILE H 384 -76.30 2.71 -73.28
CA ILE H 384 -77.09 2.42 -72.08
C ILE H 384 -77.26 3.67 -71.22
N SER H 385 -78.26 3.62 -70.34
CA SER H 385 -78.58 4.74 -69.47
C SER H 385 -77.70 4.70 -68.23
N THR H 386 -77.57 5.87 -67.59
CA THR H 386 -76.90 5.97 -66.28
C THR H 386 -77.49 4.95 -65.28
N LYS H 387 -78.81 4.82 -65.25
CA LYS H 387 -79.48 3.85 -64.37
C LYS H 387 -78.97 2.43 -64.59
N ILE H 388 -78.92 2.05 -65.85
CA ILE H 388 -78.44 0.75 -66.29
C ILE H 388 -76.94 0.64 -65.97
N GLY H 389 -76.20 1.68 -66.31
CA GLY H 389 -74.77 1.79 -66.02
C GLY H 389 -74.38 1.56 -64.57
N LYS H 390 -75.27 1.93 -63.65
CA LYS H 390 -75.00 1.74 -62.22
C LYS H 390 -75.34 0.32 -61.77
N GLU H 391 -76.12 -0.38 -62.59
CA GLU H 391 -76.49 -1.78 -62.33
C GLU H 391 -75.45 -2.75 -62.89
N VAL H 392 -74.88 -2.39 -64.05
CA VAL H 392 -73.84 -3.20 -64.67
C VAL H 392 -72.48 -3.10 -63.97
N ILE H 393 -72.14 -1.90 -63.48
CA ILE H 393 -70.91 -1.67 -62.70
C ILE H 393 -70.89 -2.52 -61.42
N LYS H 394 -72.06 -2.64 -60.78
CA LYS H 394 -72.19 -3.43 -59.56
C LYS H 394 -71.88 -4.90 -59.79
N GLU H 395 -72.24 -5.38 -60.97
CA GLU H 395 -72.02 -6.77 -61.31
C GLU H 395 -70.65 -7.00 -61.98
N MET H 396 -70.10 -5.95 -62.60
CA MET H 396 -68.69 -5.96 -63.02
C MET H 396 -67.78 -6.25 -61.83
N VAL H 397 -68.08 -5.61 -60.70
CA VAL H 397 -67.37 -5.83 -59.43
C VAL H 397 -67.64 -7.24 -58.90
N GLU H 398 -68.86 -7.73 -59.15
CA GLU H 398 -69.30 -9.03 -58.62
C GLU H 398 -68.71 -10.23 -59.35
N THR H 399 -68.59 -10.10 -60.67
CA THR H 399 -68.15 -11.20 -61.50
C THR H 399 -66.73 -10.98 -61.98
N GLY H 400 -66.53 -9.92 -62.74
CA GLY H 400 -65.26 -9.66 -63.41
C GLY H 400 -65.44 -9.61 -64.91
N LYS H 401 -66.69 -9.70 -65.35
CA LYS H 401 -66.99 -9.71 -66.78
C LYS H 401 -66.96 -8.29 -67.33
N THR H 402 -66.69 -8.17 -68.63
CA THR H 402 -66.66 -6.88 -69.32
C THR H 402 -68.03 -6.21 -69.26
N PRO H 403 -68.06 -4.86 -69.31
CA PRO H 403 -69.35 -4.16 -69.44
C PRO H 403 -70.21 -4.65 -70.60
N SER H 404 -69.63 -4.75 -71.80
CA SER H 404 -70.37 -5.20 -72.99
C SER H 404 -70.78 -6.68 -72.91
N GLN H 405 -70.05 -7.46 -72.11
CA GLN H 405 -70.42 -8.85 -71.84
C GLN H 405 -71.78 -8.94 -71.14
N ILE H 406 -71.92 -8.25 -70.02
CA ILE H 406 -73.18 -8.29 -69.24
C ILE H 406 -74.32 -7.46 -69.84
N VAL H 407 -73.98 -6.54 -70.75
CA VAL H 407 -74.99 -5.82 -71.51
C VAL H 407 -75.75 -6.77 -72.42
N GLU H 408 -75.01 -7.62 -73.15
CA GLU H 408 -75.63 -8.61 -74.03
C GLU H 408 -76.32 -9.74 -73.24
N GLU H 409 -75.62 -10.28 -72.25
CA GLU H 409 -76.13 -11.35 -71.39
C GLU H 409 -77.49 -11.03 -70.76
N LYS H 410 -77.78 -9.73 -70.54
CA LYS H 410 -79.03 -9.32 -69.91
C LYS H 410 -79.88 -8.33 -70.73
N GLY H 411 -79.61 -8.24 -72.03
CA GLY H 411 -80.38 -7.36 -72.93
C GLY H 411 -80.04 -5.89 -72.79
N LEU H 412 -79.85 -5.21 -73.92
CA LEU H 412 -79.36 -3.81 -73.93
C LEU H 412 -80.15 -2.87 -73.00
N VAL I 2 -6.12 9.36 -11.24
CA VAL I 2 -7.54 9.44 -11.67
C VAL I 2 -8.49 8.70 -10.69
N ASP I 3 -9.70 9.22 -10.52
CA ASP I 3 -10.64 8.79 -9.47
C ASP I 3 -11.00 7.30 -9.43
N ARG I 4 -11.52 6.87 -8.29
CA ARG I 4 -12.30 5.65 -8.20
C ARG I 4 -13.55 5.82 -9.08
N GLU I 5 -14.24 6.93 -8.90
CA GLU I 5 -15.44 7.29 -9.68
C GLU I 5 -15.21 7.14 -11.18
N TRP I 6 -14.05 7.59 -11.66
CA TRP I 6 -13.72 7.56 -13.07
C TRP I 6 -13.70 6.12 -13.56
N VAL I 7 -13.00 5.29 -12.81
CA VAL I 7 -12.82 3.88 -13.12
C VAL I 7 -14.17 3.14 -13.18
N LEU I 8 -15.04 3.40 -12.20
CA LEU I 8 -16.39 2.84 -12.18
C LEU I 8 -17.23 3.32 -13.38
N LYS I 9 -17.23 4.64 -13.59
CA LYS I 9 -17.94 5.29 -14.70
C LYS I 9 -17.56 4.69 -16.04
N ILE I 10 -16.25 4.52 -16.27
CA ILE I 10 -15.74 3.99 -17.52
C ILE I 10 -16.06 2.50 -17.63
N ALA I 11 -15.96 1.78 -16.50
CA ALA I 11 -16.30 0.34 -16.44
C ALA I 11 -17.74 0.09 -16.84
N LYS I 12 -18.64 0.90 -16.27
CA LYS I 12 -20.07 0.83 -16.55
C LYS I 12 -20.36 1.00 -18.03
N LEU I 13 -19.68 1.95 -18.66
CA LEU I 13 -19.93 2.23 -20.06
C LEU I 13 -19.54 1.06 -20.93
N ALA I 14 -18.53 0.31 -20.46
CA ALA I 14 -17.98 -0.84 -21.19
C ALA I 14 -18.49 -2.22 -20.71
N ARG I 15 -19.36 -2.21 -19.70
CA ARG I 15 -19.97 -3.44 -19.14
C ARG I 15 -18.92 -4.39 -18.59
N LEU I 16 -18.17 -3.88 -17.63
CA LEU I 16 -17.24 -4.67 -16.88
C LEU I 16 -17.61 -4.41 -15.46
N GLU I 17 -18.10 -5.46 -14.79
CA GLU I 17 -18.33 -5.35 -13.37
C GLU I 17 -17.00 -5.68 -12.70
N LEU I 18 -16.28 -4.64 -12.31
CA LEU I 18 -14.97 -4.85 -11.73
C LEU I 18 -15.08 -5.40 -10.32
N LYS I 19 -14.27 -6.41 -10.04
CA LYS I 19 -14.08 -6.90 -8.69
C LYS I 19 -13.22 -5.89 -7.94
N GLU I 20 -13.52 -5.72 -6.66
CA GLU I 20 -12.88 -4.72 -5.80
C GLU I 20 -11.35 -4.58 -5.96
N GLU I 21 -10.68 -5.70 -6.23
CA GLU I 21 -9.22 -5.74 -6.46
C GLU I 21 -8.78 -5.03 -7.76
N GLU I 22 -9.51 -5.28 -8.85
CA GLU I 22 -9.22 -4.71 -10.16
C GLU I 22 -9.38 -3.20 -10.17
N ILE I 23 -10.31 -2.70 -9.35
CA ILE I 23 -10.54 -1.26 -9.23
C ILE I 23 -9.29 -0.51 -8.72
N GLU I 24 -8.67 -1.02 -7.65
CA GLU I 24 -7.50 -0.38 -7.08
C GLU I 24 -6.30 -0.46 -8.03
N VAL I 25 -6.10 -1.64 -8.62
CA VAL I 25 -5.00 -1.86 -9.55
C VAL I 25 -5.19 -1.02 -10.82
N PHE I 26 -6.40 -1.01 -11.36
CA PHE I 26 -6.67 -0.27 -12.58
C PHE I 26 -6.58 1.24 -12.40
N GLN I 27 -6.73 1.72 -11.16
CA GLN I 27 -6.51 3.14 -10.87
C GLN I 27 -5.09 3.58 -11.16
N LYS I 28 -4.12 2.84 -10.62
CA LYS I 28 -2.70 3.17 -10.78
C LYS I 28 -2.23 2.85 -12.17
N GLN I 29 -2.65 1.70 -12.69
CA GLN I 29 -2.16 1.26 -13.99
C GLN I 29 -2.60 2.18 -15.10
N LEU I 30 -3.87 2.58 -15.06
CA LEU I 30 -4.44 3.46 -16.09
C LEU I 30 -3.93 4.90 -16.01
N SER I 31 -3.79 5.42 -14.78
CA SER I 31 -3.17 6.72 -14.58
C SER I 31 -1.78 6.77 -15.21
N ASP I 32 -0.99 5.73 -14.94
CA ASP I 32 0.37 5.59 -15.46
C ASP I 32 0.36 5.60 -16.97
N ILE I 33 -0.46 4.72 -17.56
CA ILE I 33 -0.59 4.64 -19.00
C ILE I 33 -1.05 5.96 -19.63
N LEU I 34 -1.92 6.68 -18.93
CA LEU I 34 -2.36 8.00 -19.38
C LEU I 34 -1.24 9.04 -19.42
N ASP I 35 -0.37 9.03 -18.42
CA ASP I 35 0.86 9.80 -18.43
C ASP I 35 1.81 9.30 -19.51
N PHE I 36 1.84 8.00 -19.70
CA PHE I 36 2.72 7.40 -20.65
C PHE I 36 2.44 7.85 -22.09
N ILE I 37 1.17 8.11 -22.42
CA ILE I 37 0.81 8.35 -23.81
C ILE I 37 0.56 9.83 -24.11
N ASP I 38 0.61 10.65 -23.06
CA ASP I 38 0.51 12.10 -23.16
C ASP I 38 1.72 12.81 -23.78
N GLN I 39 2.10 12.45 -24.99
CA GLN I 39 3.23 13.13 -25.65
C GLN I 39 2.78 13.97 -26.83
N LEU I 40 1.52 13.84 -27.22
CA LEU I 40 1.13 14.26 -28.56
C LEU I 40 0.69 15.73 -28.67
N LYS I 41 0.40 16.37 -27.54
CA LYS I 41 0.08 17.81 -27.54
C LYS I 41 1.16 18.63 -28.24
N GLU I 42 2.41 18.27 -27.92
CA GLU I 42 3.61 18.90 -28.48
C GLU I 42 3.56 19.14 -29.98
N LEU I 43 2.77 18.35 -30.69
CA LEU I 43 2.75 18.43 -32.14
C LEU I 43 1.58 19.26 -32.63
N ASP I 44 1.78 19.87 -33.80
CA ASP I 44 0.77 20.71 -34.40
C ASP I 44 0.02 19.88 -35.41
N THR I 45 -1.28 19.70 -35.17
CA THR I 45 -2.11 18.87 -36.05
C THR I 45 -3.31 19.63 -36.65
N GLU I 46 -3.44 20.92 -36.33
CA GLU I 46 -4.14 21.86 -37.20
C GLU I 46 -3.61 21.64 -38.60
N ASN I 47 -4.50 21.51 -39.58
CA ASN I 47 -4.03 21.37 -40.95
C ASN I 47 -3.41 20.04 -41.29
N VAL I 48 -3.53 19.08 -40.38
CA VAL I 48 -3.25 17.66 -40.73
C VAL I 48 -4.56 16.86 -40.90
N GLU I 49 -4.76 16.23 -42.05
CA GLU I 49 -5.90 15.33 -42.22
C GLU I 49 -5.67 14.01 -41.47
N PRO I 50 -6.64 13.59 -40.64
CA PRO I 50 -6.61 12.25 -40.04
C PRO I 50 -6.30 11.15 -41.06
N TYR I 51 -5.56 10.13 -40.63
CA TYR I 51 -5.12 9.03 -41.48
C TYR I 51 -6.26 8.16 -42.05
N ILE I 52 -6.32 8.02 -43.36
CA ILE I 52 -7.12 6.95 -43.95
C ILE I 52 -6.30 6.28 -45.00
N GLN I 53 -6.56 4.99 -45.22
CA GLN I 53 -5.88 4.27 -46.26
C GLN I 53 -6.31 4.81 -47.62
N GLU I 54 -5.47 4.60 -48.62
CA GLU I 54 -5.71 5.19 -49.92
C GLU I 54 -6.63 4.33 -50.76
N PHE I 55 -7.58 4.98 -51.44
CA PHE I 55 -8.51 4.25 -52.29
C PHE I 55 -9.08 5.14 -53.37
N GLU I 56 -9.33 4.56 -54.53
CA GLU I 56 -9.87 5.29 -55.66
C GLU I 56 -11.39 5.43 -55.58
N GLU I 57 -12.08 4.33 -55.29
CA GLU I 57 -13.54 4.35 -55.19
C GLU I 57 -14.01 3.63 -53.95
N THR I 58 -15.21 3.95 -53.49
CA THR I 58 -15.79 3.24 -52.36
C THR I 58 -16.24 1.85 -52.83
N PRO I 59 -15.73 0.79 -52.18
CA PRO I 59 -16.09 -0.59 -52.49
C PRO I 59 -17.52 -0.93 -52.07
N MET I 60 -18.31 -1.37 -53.04
CA MET I 60 -19.71 -1.65 -52.84
C MET I 60 -20.06 -2.98 -53.43
N ARG I 61 -21.24 -3.46 -53.09
CA ARG I 61 -21.69 -4.80 -53.35
C ARG I 61 -23.05 -4.71 -54.01
N GLU I 62 -23.30 -5.46 -55.08
CA GLU I 62 -24.65 -5.51 -55.65
C GLU I 62 -25.70 -6.01 -54.65
N ASP I 63 -26.96 -5.62 -54.87
CA ASP I 63 -28.08 -6.06 -54.04
C ASP I 63 -28.59 -7.45 -54.48
N GLU I 64 -27.74 -8.46 -54.26
CA GLU I 64 -28.00 -9.87 -54.62
C GLU I 64 -27.96 -10.70 -53.35
N PRO I 65 -28.99 -11.53 -53.12
CA PRO I 65 -28.95 -12.39 -51.93
C PRO I 65 -27.85 -13.47 -52.00
N HIS I 66 -27.18 -13.68 -50.87
CA HIS I 66 -26.18 -14.73 -50.69
C HIS I 66 -26.74 -15.70 -49.67
N PRO I 67 -26.47 -17.02 -49.86
CA PRO I 67 -26.96 -18.04 -48.93
C PRO I 67 -26.68 -17.69 -47.50
N SER I 68 -27.73 -17.65 -46.67
CA SER I 68 -27.54 -17.42 -45.26
C SER I 68 -26.88 -18.60 -44.58
N LEU I 69 -26.31 -18.33 -43.42
CA LEU I 69 -25.73 -19.35 -42.56
C LEU I 69 -26.85 -20.27 -42.08
N ASP I 70 -26.64 -21.57 -42.07
CA ASP I 70 -27.64 -22.50 -41.56
C ASP I 70 -27.95 -22.15 -40.10
N ARG I 71 -29.23 -22.22 -39.75
CA ARG I 71 -29.70 -21.74 -38.45
C ARG I 71 -29.12 -22.51 -37.25
N GLU I 72 -28.80 -23.78 -37.45
CA GLU I 72 -28.22 -24.60 -36.38
C GLU I 72 -26.79 -24.14 -36.03
N LYS I 73 -26.03 -23.77 -37.06
CA LYS I 73 -24.70 -23.18 -36.91
C LYS I 73 -24.77 -21.78 -36.34
N ALA I 74 -25.82 -21.05 -36.73
CA ALA I 74 -26.06 -19.72 -36.21
C ALA I 74 -26.37 -19.75 -34.74
N LEU I 75 -26.99 -20.83 -34.29
CA LEU I 75 -27.46 -20.94 -32.93
C LEU I 75 -26.56 -21.78 -32.03
N MET I 76 -25.83 -22.72 -32.61
CA MET I 76 -25.01 -23.70 -31.88
C MET I 76 -24.19 -23.20 -30.73
N ASN I 77 -23.68 -21.97 -30.85
CA ASN I 77 -22.82 -21.44 -29.82
C ASN I 77 -23.59 -20.72 -28.73
N ALA I 78 -24.90 -20.61 -28.89
CA ALA I 78 -25.71 -19.82 -27.97
C ALA I 78 -25.77 -20.40 -26.56
N PRO I 79 -25.44 -19.60 -25.55
CA PRO I 79 -25.66 -20.00 -24.15
C PRO I 79 -27.05 -20.62 -23.82
N GLU I 80 -28.10 -20.16 -24.51
CA GLU I 80 -29.49 -20.56 -24.30
C GLU I 80 -30.28 -20.26 -25.55
N ARG I 81 -30.84 -21.28 -26.20
CA ARG I 81 -31.73 -21.03 -27.35
C ARG I 81 -33.17 -21.58 -27.13
N LYS I 82 -34.16 -20.98 -27.79
CA LYS I 82 -35.56 -21.46 -27.76
C LYS I 82 -36.32 -21.19 -29.06
N ASP I 83 -36.90 -22.23 -29.63
CA ASP I 83 -37.75 -22.10 -30.83
C ASP I 83 -37.13 -21.31 -32.02
N GLY I 84 -35.81 -21.26 -32.10
CA GLY I 84 -35.12 -20.49 -33.15
C GLY I 84 -34.65 -19.08 -32.72
N PHE I 85 -34.78 -18.77 -31.43
CA PHE I 85 -34.49 -17.45 -30.88
C PHE I 85 -33.32 -17.55 -29.92
N PHE I 86 -32.54 -16.48 -29.81
CA PHE I 86 -31.55 -16.41 -28.74
C PHE I 86 -32.31 -16.10 -27.45
N VAL I 87 -31.84 -16.60 -26.33
CA VAL I 87 -32.58 -16.38 -25.10
C VAL I 87 -31.72 -15.65 -24.09
N VAL I 88 -32.25 -14.58 -23.56
CA VAL I 88 -31.56 -13.80 -22.53
C VAL I 88 -32.58 -13.49 -21.44
N PRO I 89 -32.12 -13.11 -20.24
CA PRO I 89 -33.11 -12.67 -19.25
C PRO I 89 -33.85 -11.46 -19.77
N ARG I 90 -35.17 -11.44 -19.53
CA ARG I 90 -36.08 -10.38 -19.95
C ARG I 90 -35.52 -8.98 -19.82
N VAL I 91 -35.69 -8.17 -20.88
CA VAL I 91 -35.45 -6.72 -20.84
C VAL I 91 -36.77 -5.94 -20.77
N VAL I 92 -36.77 -4.84 -20.02
CA VAL I 92 -37.97 -3.98 -19.95
C VAL I 92 -38.12 -3.08 -21.20
N MET J 1 9.32 -111.68 23.56
CA MET J 1 10.71 -111.51 23.01
C MET J 1 10.96 -110.07 22.48
N LEU J 2 10.16 -109.12 22.98
CA LEU J 2 10.31 -107.67 22.73
C LEU J 2 9.69 -107.14 21.43
N TRP J 3 10.19 -107.60 20.30
CA TRP J 3 9.52 -107.30 19.04
C TRP J 3 8.18 -108.03 18.97
N LYS J 4 8.01 -109.01 19.87
CA LYS J 4 6.78 -109.77 20.02
C LYS J 4 5.75 -109.03 20.88
N LYS J 5 6.17 -107.88 21.43
CA LYS J 5 5.33 -107.14 22.38
C LYS J 5 4.57 -105.98 21.73
N SER J 6 3.40 -105.68 22.30
CA SER J 6 2.54 -104.58 21.82
C SER J 6 3.10 -103.25 22.31
N LEU J 7 2.54 -102.16 21.79
CA LEU J 7 2.98 -100.81 22.17
C LEU J 7 2.62 -100.49 23.60
N SER J 8 1.61 -101.17 24.14
CA SER J 8 1.23 -101.04 25.54
C SER J 8 2.28 -101.69 26.42
N GLU J 9 2.64 -102.93 26.06
CA GLU J 9 3.70 -103.67 26.73
C GLU J 9 5.01 -102.92 26.62
N LEU J 10 5.31 -102.43 25.41
CA LEU J 10 6.53 -101.67 25.17
C LEU J 10 6.58 -100.34 25.93
N ARG J 11 5.48 -99.59 25.93
CA ARG J 11 5.44 -98.29 26.59
C ARG J 11 5.70 -98.41 28.07
N GLU J 12 5.01 -99.33 28.73
CA GLU J 12 5.15 -99.61 30.15
C GLU J 12 6.62 -99.88 30.51
N LEU J 13 7.28 -100.69 29.71
CA LEU J 13 8.70 -101.02 29.86
C LEU J 13 9.65 -99.83 29.62
N LEU J 14 9.27 -98.94 28.69
CA LEU J 14 10.09 -97.77 28.37
C LEU J 14 9.92 -96.68 29.41
N LYS J 15 8.70 -96.51 29.89
CA LYS J 15 8.37 -95.48 30.87
C LYS J 15 9.07 -95.75 32.19
N ARG J 16 9.19 -97.03 32.56
CA ARG J 16 9.86 -97.48 33.80
C ARG J 16 11.32 -97.87 33.59
N GLY J 17 11.89 -97.51 32.45
CA GLY J 17 13.31 -97.70 32.18
C GLY J 17 13.79 -99.13 32.08
N GLU J 18 12.87 -100.08 32.28
CA GLU J 18 13.18 -101.51 32.13
C GLU J 18 13.88 -101.77 30.81
N VAL J 19 13.52 -100.97 29.81
CA VAL J 19 14.10 -101.05 28.49
C VAL J 19 14.40 -99.63 27.94
N SER J 20 15.33 -99.55 27.00
CA SER J 20 15.69 -98.29 26.36
C SER J 20 15.20 -98.31 24.90
N PRO J 21 14.95 -97.11 24.33
CA PRO J 21 14.57 -96.98 22.93
C PRO J 21 15.50 -97.75 22.00
N LYS J 22 16.80 -97.73 22.32
CA LYS J 22 17.80 -98.38 21.51
C LYS J 22 17.60 -99.91 21.45
N GLU J 23 17.25 -100.50 22.59
CA GLU J 23 17.01 -101.95 22.67
C GLU J 23 15.81 -102.35 21.83
N VAL J 24 14.73 -101.60 21.99
CA VAL J 24 13.50 -101.75 21.19
C VAL J 24 13.85 -101.80 19.71
N VAL J 25 14.58 -100.79 19.23
CA VAL J 25 15.04 -100.71 17.84
C VAL J 25 15.91 -101.93 17.48
N GLU J 26 16.85 -102.29 18.36
CA GLU J 26 17.70 -103.49 18.19
C GLU J 26 16.87 -104.76 18.01
N SER J 27 15.85 -104.91 18.87
CA SER J 27 14.91 -106.03 18.81
C SER J 27 14.28 -106.20 17.43
N PHE J 28 13.62 -105.14 16.95
CA PHE J 28 12.95 -105.14 15.64
C PHE J 28 13.96 -105.29 14.51
N TYR J 29 15.16 -104.75 14.73
CA TYR J 29 16.27 -104.82 13.79
C TYR J 29 16.69 -106.27 13.57
N ASP J 30 16.79 -107.03 14.66
CA ASP J 30 17.12 -108.46 14.56
C ASP J 30 16.04 -109.20 13.81
N ARG J 31 14.77 -108.98 14.19
CA ARG J 31 13.68 -109.65 13.48
C ARG J 31 13.60 -109.23 12.02
N TYR J 32 14.00 -107.99 11.75
CA TYR J 32 14.20 -107.51 10.38
C TYR J 32 15.24 -108.39 9.70
N ASN J 33 16.37 -108.59 10.36
CA ASN J 33 17.47 -109.43 9.86
C ASN J 33 17.05 -110.88 9.65
N GLN J 34 16.22 -111.40 10.55
CA GLN J 34 15.64 -112.75 10.39
C GLN J 34 14.79 -112.88 9.13
N THR J 35 13.99 -111.84 8.81
CA THR J 35 12.85 -111.97 7.92
C THR J 35 13.12 -111.31 6.57
N GLU J 36 13.84 -110.24 6.51
CA GLU J 36 13.87 -109.37 5.34
C GLU J 36 14.25 -110.03 4.03
N GLU J 37 15.15 -111.02 4.07
CA GLU J 37 15.61 -111.68 2.85
C GLU J 37 14.46 -112.43 2.18
N LYS J 38 13.52 -112.93 2.99
CA LYS J 38 12.31 -113.64 2.50
C LYS J 38 11.21 -112.65 2.07
N VAL J 39 10.90 -111.71 2.96
CA VAL J 39 9.78 -110.78 2.79
C VAL J 39 10.04 -109.59 1.88
N LYS J 40 11.14 -108.85 2.11
CA LYS J 40 11.52 -107.66 1.33
C LYS J 40 10.54 -106.47 1.50
N ALA J 41 10.32 -106.11 2.75
CA ALA J 41 9.41 -105.05 3.11
C ALA J 41 9.96 -103.68 2.72
N TYR J 42 11.27 -103.51 2.82
CA TYR J 42 11.88 -102.17 2.76
C TYR J 42 12.60 -101.85 1.48
N ILE J 43 12.53 -100.56 1.13
CA ILE J 43 13.38 -99.98 0.09
C ILE J 43 14.62 -99.42 0.79
N THR J 44 14.41 -98.68 1.87
CA THR J 44 15.49 -98.08 2.60
C THR J 44 15.29 -98.37 4.05
N PRO J 45 16.08 -99.32 4.57
CA PRO J 45 16.07 -99.64 5.99
C PRO J 45 16.79 -98.53 6.71
N LEU J 46 16.27 -98.10 7.84
CA LEU J 46 16.89 -96.98 8.53
C LEU J 46 17.06 -97.28 10.00
N TYR J 47 17.15 -98.57 10.31
CA TYR J 47 17.35 -99.04 11.68
C TYR J 47 18.69 -98.54 12.22
N GLY J 48 19.72 -98.57 11.36
CA GLY J 48 21.02 -97.97 11.65
C GLY J 48 20.87 -96.55 12.18
N LYS J 49 20.18 -95.72 11.41
CA LYS J 49 20.02 -94.30 11.76
C LYS J 49 19.13 -94.14 12.98
N ALA J 50 18.14 -95.03 13.10
CA ALA J 50 17.20 -95.00 14.20
C ALA J 50 17.90 -95.35 15.51
N LEU J 51 18.83 -96.31 15.44
CA LEU J 51 19.69 -96.64 16.57
C LEU J 51 20.40 -95.42 17.11
N LYS J 52 20.98 -94.61 16.21
CA LYS J 52 21.66 -93.35 16.58
C LYS J 52 20.72 -92.31 17.18
N GLN J 53 19.54 -92.15 16.56
CA GLN J 53 18.55 -91.18 17.02
C GLN J 53 17.99 -91.55 18.38
N ALA J 54 18.00 -92.86 18.66
CA ALA J 54 17.50 -93.42 19.89
C ALA J 54 18.32 -92.96 21.10
N GLU J 55 19.64 -92.83 20.91
CA GLU J 55 20.57 -92.40 21.96
C GLU J 55 20.15 -91.06 22.57
N SER J 56 19.71 -90.13 21.72
CA SER J 56 19.35 -88.78 22.14
C SER J 56 17.87 -88.64 22.55
N LEU J 57 17.13 -89.73 22.45
CA LEU J 57 15.72 -89.73 22.85
C LEU J 57 15.62 -89.91 24.36
N LYS J 58 14.99 -88.95 25.03
CA LYS J 58 14.99 -88.94 26.49
C LYS J 58 13.64 -88.80 27.19
N GLU J 59 12.81 -87.89 26.73
CA GLU J 59 11.53 -87.63 27.39
C GLU J 59 10.55 -88.79 27.21
N ARG J 60 10.34 -89.57 28.27
CA ARG J 60 9.59 -90.83 28.20
C ARG J 60 8.08 -90.67 28.03
N GLU J 61 7.56 -89.54 28.49
CA GLU J 61 6.11 -89.31 28.48
C GLU J 61 5.52 -88.94 27.09
N LEU J 62 6.39 -88.81 26.10
CA LEU J 62 5.97 -88.62 24.73
C LEU J 62 5.14 -89.82 24.25
N PRO J 63 3.97 -89.53 23.64
CA PRO J 63 2.95 -90.52 23.28
C PRO J 63 3.47 -91.75 22.58
N LEU J 64 4.52 -91.59 21.76
CA LEU J 64 5.08 -92.73 21.06
C LEU J 64 6.56 -92.94 21.39
N PHE J 65 6.91 -92.60 22.62
CA PHE J 65 8.30 -92.47 23.08
C PHE J 65 9.38 -93.30 22.39
N GLY J 66 9.29 -94.62 22.41
CA GLY J 66 10.40 -95.36 21.83
C GLY J 66 10.01 -96.22 20.65
N ILE J 67 8.90 -95.88 20.02
CA ILE J 67 8.27 -96.79 19.09
C ILE J 67 8.82 -96.68 17.68
N PRO J 68 9.37 -97.79 17.17
CA PRO J 68 9.74 -97.88 15.76
C PRO J 68 8.49 -97.80 14.90
N ILE J 69 8.61 -97.17 13.74
CA ILE J 69 7.53 -97.10 12.76
C ILE J 69 8.07 -97.10 11.35
N ALA J 70 7.53 -98.00 10.53
CA ALA J 70 7.87 -98.04 9.13
C ALA J 70 6.97 -97.04 8.43
N VAL J 71 7.44 -96.55 7.30
CA VAL J 71 6.73 -95.52 6.55
C VAL J 71 6.83 -95.88 5.09
N LYS J 72 5.70 -95.78 4.41
CA LYS J 72 5.64 -96.05 2.99
C LYS J 72 6.52 -95.06 2.23
N ASP J 73 7.15 -95.50 1.15
CA ASP J 73 8.12 -94.64 0.47
C ASP J 73 7.52 -93.67 -0.53
N ASN J 74 6.29 -93.26 -0.26
CA ASN J 74 5.70 -92.10 -0.92
C ASN J 74 5.40 -91.02 0.12
N ILE J 75 5.86 -91.23 1.34
CA ILE J 75 5.74 -90.21 2.34
C ILE J 75 7.15 -89.68 2.60
N LEU J 76 7.35 -88.36 2.47
CA LEU J 76 8.68 -87.74 2.54
C LEU J 76 9.24 -87.70 3.96
N VAL J 77 10.44 -88.28 4.09
CA VAL J 77 11.22 -88.22 5.32
C VAL J 77 12.52 -87.50 4.98
N GLU J 78 12.77 -86.38 5.66
CA GLU J 78 13.86 -85.48 5.25
C GLU J 78 15.27 -86.04 5.42
N GLY J 79 16.09 -85.83 4.41
CA GLY J 79 17.47 -86.25 4.47
C GLY J 79 17.62 -87.64 3.90
N GLU J 80 16.50 -88.37 3.77
CA GLU J 80 16.53 -89.74 3.24
C GLU J 80 15.80 -89.82 1.93
N LYS J 81 16.19 -90.80 1.12
CA LYS J 81 15.57 -91.02 -0.17
C LYS J 81 14.05 -91.28 -0.06
N THR J 82 13.29 -90.67 -0.97
CA THR J 82 11.87 -90.92 -1.16
C THR J 82 11.73 -91.28 -2.64
N THR J 83 11.52 -92.58 -2.90
CA THR J 83 11.59 -93.12 -4.25
C THR J 83 10.24 -93.32 -4.95
N CYS J 84 9.16 -93.41 -4.14
CA CYS J 84 7.85 -93.89 -4.59
C CYS J 84 8.01 -95.17 -5.39
N ALA J 85 9.07 -95.91 -5.05
CA ALA J 85 9.45 -97.11 -5.74
C ALA J 85 9.49 -96.87 -7.24
N SER J 86 10.00 -95.71 -7.63
CA SER J 86 10.17 -95.34 -9.04
C SER J 86 11.63 -95.10 -9.42
N LYS J 87 12.01 -95.48 -10.63
CA LYS J 87 13.29 -95.09 -11.19
C LYS J 87 13.41 -93.57 -11.28
N ILE J 88 12.33 -92.92 -11.71
CA ILE J 88 12.35 -91.48 -11.97
C ILE J 88 12.69 -90.70 -10.70
N LEU J 89 12.92 -91.42 -9.61
CA LEU J 89 12.89 -90.82 -8.28
C LEU J 89 13.63 -91.70 -7.26
N GLU J 90 14.53 -92.54 -7.76
CA GLU J 90 15.59 -93.11 -6.93
C GLU J 90 16.69 -92.07 -6.89
N ASN J 91 17.33 -91.94 -5.74
CA ASN J 91 18.33 -90.87 -5.59
C ASN J 91 17.71 -89.51 -5.28
N PHE J 92 16.38 -89.41 -5.28
CA PHE J 92 15.74 -88.19 -4.79
C PHE J 92 15.81 -88.14 -3.28
N VAL J 93 16.59 -87.22 -2.75
CA VAL J 93 16.63 -87.01 -1.31
C VAL J 93 15.58 -85.99 -0.91
N ALA J 94 14.75 -86.36 0.06
CA ALA J 94 13.67 -85.51 0.48
C ALA J 94 14.22 -84.29 1.18
N PRO J 95 13.88 -83.07 0.69
CA PRO J 95 14.20 -81.75 1.28
C PRO J 95 13.34 -81.29 2.45
N TYR J 96 12.28 -82.02 2.79
CA TYR J 96 11.38 -81.62 3.89
C TYR J 96 10.67 -82.85 4.45
N ASP J 97 10.13 -82.71 5.66
CA ASP J 97 9.28 -83.74 6.27
C ASP J 97 7.83 -83.59 5.82
N ALA J 98 7.19 -84.69 5.48
CA ALA J 98 5.75 -84.72 5.41
C ALA J 98 5.21 -84.34 6.79
N THR J 99 4.02 -83.74 6.84
CA THR J 99 3.47 -83.27 8.10
C THR J 99 3.31 -84.41 9.12
N VAL J 100 2.91 -85.60 8.65
CA VAL J 100 2.74 -86.76 9.53
C VAL J 100 4.05 -87.20 10.18
N ILE J 101 5.13 -87.16 9.41
CA ILE J 101 6.45 -87.53 9.90
C ILE J 101 6.94 -86.52 10.92
N GLU J 102 6.63 -85.25 10.68
CA GLU J 102 6.90 -84.20 11.63
C GLU J 102 6.18 -84.48 12.96
N ARG J 103 4.93 -84.93 12.86
CA ARG J 103 4.08 -85.18 14.03
C ARG J 103 4.43 -86.46 14.77
N LEU J 104 4.88 -87.47 14.04
CA LEU J 104 5.41 -88.67 14.66
C LEU J 104 6.74 -88.40 15.37
N LYS J 105 7.66 -87.67 14.71
CA LYS J 105 8.97 -87.34 15.28
C LYS J 105 8.78 -86.57 16.55
N LYS J 106 7.82 -85.66 16.54
CA LYS J 106 7.54 -84.86 17.71
C LYS J 106 6.92 -85.70 18.82
N ALA J 107 6.36 -86.86 18.45
CA ALA J 107 5.72 -87.77 19.41
C ALA J 107 6.66 -88.85 19.95
N GLY J 108 7.93 -88.77 19.55
CA GLY J 108 8.95 -89.68 20.01
C GLY J 108 9.18 -90.87 19.12
N ALA J 109 8.38 -91.04 18.09
CA ALA J 109 8.51 -92.23 17.26
C ALA J 109 9.90 -92.28 16.59
N LEU J 110 10.29 -93.46 16.13
CA LEU J 110 11.55 -93.57 15.45
C LEU J 110 11.36 -94.23 14.10
N ILE J 111 11.59 -93.45 13.05
CA ILE J 111 11.39 -93.96 11.69
C ILE J 111 12.45 -94.98 11.36
N VAL J 112 11.98 -96.20 11.15
CA VAL J 112 12.83 -97.37 11.05
C VAL J 112 13.09 -97.77 9.59
N GLY J 113 12.36 -97.15 8.66
CA GLY J 113 12.62 -97.42 7.26
C GLY J 113 11.55 -97.02 6.26
N LYS J 114 11.90 -97.11 5.00
CA LYS J 114 11.02 -96.72 3.96
C LYS J 114 10.59 -97.94 3.19
N THR J 115 9.28 -98.13 3.12
CA THR J 115 8.68 -99.41 2.84
C THR J 115 8.29 -99.58 1.38
N ASN J 116 8.34 -100.80 0.89
CA ASN J 116 8.15 -101.03 -0.52
C ASN J 116 6.68 -100.76 -0.93
N LEU J 117 6.46 -100.43 -2.20
CA LEU J 117 5.11 -100.17 -2.73
C LEU J 117 5.06 -100.38 -4.23
N ASP J 118 3.85 -100.45 -4.78
CA ASP J 118 3.70 -100.34 -6.21
C ASP J 118 4.19 -98.93 -6.59
N GLU J 119 4.78 -98.81 -7.78
CA GLU J 119 5.35 -97.53 -8.23
C GLU J 119 4.26 -96.44 -8.22
N PHE J 120 4.55 -95.37 -7.48
CA PHE J 120 3.67 -94.23 -7.33
C PHE J 120 2.31 -94.64 -6.76
N ALA J 121 2.31 -95.75 -6.03
CA ALA J 121 1.14 -96.20 -5.27
C ALA J 121 0.00 -96.69 -6.16
N MET J 122 0.35 -97.08 -7.37
CA MET J 122 -0.63 -97.56 -8.32
C MET J 122 -0.54 -99.08 -8.55
N GLY J 123 -1.49 -99.81 -7.96
CA GLY J 123 -1.57 -101.26 -8.07
C GLY J 123 -2.07 -101.93 -6.81
N SER J 124 -2.29 -103.23 -6.89
CA SER J 124 -2.96 -103.96 -5.82
C SER J 124 -2.16 -105.16 -5.27
N SER J 125 -0.84 -105.19 -5.53
CA SER J 125 0.00 -106.35 -5.15
C SER J 125 1.47 -106.05 -4.83
N THR J 126 1.92 -104.82 -5.09
CA THR J 126 3.32 -104.40 -4.90
C THR J 126 4.29 -104.91 -5.98
N GLU J 127 3.80 -105.80 -6.82
CA GLU J 127 4.55 -106.24 -7.96
C GLU J 127 5.07 -105.10 -8.85
N TYR J 128 4.39 -103.95 -8.87
CA TYR J 128 4.82 -102.83 -9.73
C TYR J 128 5.87 -101.91 -9.12
N SER J 129 6.35 -102.27 -7.92
CA SER J 129 7.55 -101.67 -7.39
C SER J 129 8.63 -101.79 -8.48
N ALA J 130 9.26 -100.65 -8.82
CA ALA J 130 10.32 -100.63 -9.87
C ALA J 130 11.59 -101.38 -9.43
N PHE J 131 11.64 -101.75 -8.16
CA PHE J 131 12.85 -102.32 -7.57
C PHE J 131 12.80 -103.83 -7.33
N PHE J 132 11.74 -104.30 -6.68
CA PHE J 132 11.55 -105.71 -6.36
C PHE J 132 10.19 -105.94 -5.70
N PRO J 133 9.60 -107.13 -5.90
CA PRO J 133 8.38 -107.50 -5.16
C PRO J 133 8.59 -107.72 -3.67
N THR J 134 7.67 -107.24 -2.86
CA THR J 134 7.52 -107.71 -1.50
C THR J 134 6.63 -108.97 -1.49
N LYS J 135 6.92 -109.88 -0.56
CA LYS J 135 6.27 -111.20 -0.52
C LYS J 135 5.43 -111.37 0.74
N ASN J 136 4.28 -112.05 0.62
CA ASN J 136 3.40 -112.35 1.75
C ASN J 136 4.06 -113.30 2.75
N PRO J 137 4.29 -112.83 3.98
CA PRO J 137 4.89 -113.66 5.02
C PRO J 137 4.10 -114.91 5.43
N TRP J 138 2.85 -115.05 4.97
CA TRP J 138 2.08 -116.26 5.28
C TRP J 138 2.19 -117.27 4.15
N ASP J 139 2.69 -116.82 3.01
CA ASP J 139 3.08 -117.71 1.95
C ASP J 139 3.82 -116.87 0.91
N LEU J 140 5.13 -117.05 0.87
CA LEU J 140 5.98 -116.21 0.03
C LEU J 140 5.76 -116.51 -1.46
N GLU J 141 4.90 -117.47 -1.77
CA GLU J 141 4.46 -117.64 -3.17
C GLU J 141 3.35 -116.62 -3.50
N ARG J 142 2.92 -115.89 -2.49
CA ARG J 142 1.76 -114.99 -2.61
C ARG J 142 2.08 -113.52 -2.37
N VAL J 143 1.24 -112.66 -2.96
CA VAL J 143 1.41 -111.22 -2.87
C VAL J 143 0.91 -110.69 -1.53
N PRO J 144 1.53 -109.62 -1.00
CA PRO J 144 1.03 -109.09 0.29
C PRO J 144 -0.05 -108.03 0.06
N GLY J 145 -0.47 -107.86 -1.19
CA GLY J 145 -1.38 -106.78 -1.56
C GLY J 145 -0.67 -105.52 -2.05
N GLY J 146 -1.45 -104.51 -2.45
CA GLY J 146 -0.88 -103.20 -2.80
C GLY J 146 -1.86 -102.06 -2.74
N SER J 147 -1.37 -100.83 -2.72
CA SER J 147 0.06 -100.56 -2.94
C SER J 147 0.95 -100.53 -1.71
N SER J 148 0.40 -100.32 -0.51
CA SER J 148 1.22 -100.39 0.71
C SER J 148 1.69 -101.80 1.13
N GLY J 149 2.19 -102.58 0.17
CA GLY J 149 2.66 -103.96 0.43
C GLY J 149 3.64 -104.15 1.60
N GLY J 150 4.76 -103.42 1.56
CA GLY J 150 5.80 -103.50 2.57
C GLY J 150 5.36 -103.02 3.93
N SER J 151 4.44 -102.07 3.96
CA SER J 151 3.99 -101.52 5.23
C SER J 151 3.13 -102.51 5.99
N ALA J 152 2.38 -103.29 5.22
CA ALA J 152 1.53 -104.34 5.76
C ALA J 152 2.42 -105.51 6.19
N ALA J 153 3.23 -105.98 5.25
CA ALA J 153 4.18 -107.08 5.42
C ALA J 153 5.06 -106.92 6.68
N SER J 154 5.72 -105.78 6.81
CA SER J 154 6.60 -105.60 7.94
C SER J 154 5.83 -105.61 9.25
N VAL J 155 4.59 -105.17 9.25
CA VAL J 155 3.79 -105.22 10.47
C VAL J 155 3.33 -106.65 10.75
N ALA J 156 3.14 -107.41 9.69
CA ALA J 156 2.74 -108.81 9.78
C ALA J 156 3.85 -109.68 10.40
N VAL J 157 5.08 -109.59 9.89
CA VAL J 157 6.23 -110.30 10.45
C VAL J 157 6.72 -109.65 11.72
N LEU J 158 6.26 -108.43 11.97
CA LEU J 158 6.70 -107.67 13.14
C LEU J 158 8.17 -107.22 13.10
N SER J 159 8.71 -106.98 11.91
CA SER J 159 9.93 -106.16 11.79
C SER J 159 9.67 -104.67 12.10
N ALA J 160 8.40 -104.32 12.24
CA ALA J 160 7.95 -103.06 12.83
C ALA J 160 6.60 -103.36 13.40
N PRO J 161 6.28 -102.77 14.55
CA PRO J 161 5.01 -103.01 15.24
C PRO J 161 3.81 -102.35 14.54
N VAL J 162 4.10 -101.19 13.95
CA VAL J 162 3.08 -100.26 13.49
C VAL J 162 3.63 -99.61 12.22
N SER J 163 2.76 -99.12 11.37
CA SER J 163 3.16 -98.71 10.03
C SER J 163 2.27 -97.59 9.46
N LEU J 164 2.83 -96.74 8.61
CA LEU J 164 2.04 -95.79 7.86
C LEU J 164 1.98 -96.23 6.42
N GLY J 165 0.79 -96.17 5.83
CA GLY J 165 0.64 -96.40 4.40
C GLY J 165 -0.24 -95.29 3.84
N SER J 166 -0.66 -95.42 2.59
CA SER J 166 -1.70 -94.54 2.09
C SER J 166 -2.79 -95.31 1.33
N ASP J 167 -3.99 -94.76 1.27
CA ASP J 167 -5.12 -95.44 0.64
C ASP J 167 -5.81 -94.51 -0.35
N THR J 168 -5.75 -94.84 -1.62
CA THR J 168 -6.41 -94.06 -2.66
C THR J 168 -7.66 -94.81 -3.17
N GLY J 169 -7.56 -96.13 -3.23
CA GLY J 169 -8.70 -96.97 -3.56
C GLY J 169 -8.65 -98.31 -2.87
N GLY J 170 -8.13 -98.31 -1.65
CA GLY J 170 -7.98 -99.54 -0.88
C GLY J 170 -6.56 -99.94 -0.53
N SER J 171 -5.61 -99.00 -0.64
CA SER J 171 -4.17 -99.31 -0.53
C SER J 171 -3.62 -99.51 0.87
N ILE J 172 -4.44 -99.27 1.88
CA ILE J 172 -4.15 -99.78 3.21
C ILE J 172 -4.98 -101.06 3.48
N ARG J 173 -6.29 -100.97 3.27
CA ARG J 173 -7.21 -102.04 3.66
C ARG J 173 -6.92 -103.39 2.98
N GLN J 174 -6.65 -103.42 1.68
CA GLN J 174 -6.47 -104.71 1.05
C GLN J 174 -5.13 -105.39 1.40
N PRO J 175 -4.02 -104.61 1.48
CA PRO J 175 -2.83 -105.15 2.11
C PRO J 175 -3.03 -105.63 3.57
N ALA J 176 -3.83 -104.90 4.36
CA ALA J 176 -4.11 -105.37 5.71
C ALA J 176 -4.86 -106.71 5.67
N SER J 177 -5.79 -106.84 4.72
CA SER J 177 -6.55 -108.06 4.60
C SER J 177 -5.60 -109.22 4.27
N PHE J 178 -4.88 -109.08 3.15
CA PHE J 178 -3.90 -110.08 2.70
C PHE J 178 -2.80 -110.47 3.71
N CYS J 179 -2.34 -109.54 4.53
CA CYS J 179 -1.24 -109.88 5.46
C CYS J 179 -1.76 -110.14 6.85
N GLY J 180 -3.07 -110.15 7.03
CA GLY J 180 -3.64 -110.55 8.32
C GLY J 180 -3.32 -109.58 9.42
N VAL J 181 -3.56 -108.30 9.12
CA VAL J 181 -3.21 -107.19 9.98
C VAL J 181 -4.39 -106.23 9.96
N ILE J 182 -4.53 -105.41 11.02
CA ILE J 182 -5.46 -104.28 10.99
C ILE J 182 -4.92 -103.09 10.17
N GLY J 183 -5.74 -102.55 9.28
CA GLY J 183 -5.40 -101.31 8.57
C GLY J 183 -6.57 -100.35 8.42
N ILE J 184 -6.33 -99.08 8.71
CA ILE J 184 -7.39 -98.07 8.63
C ILE J 184 -7.05 -96.97 7.61
N LYS J 185 -8.04 -96.63 6.79
CA LYS J 185 -8.04 -95.36 6.06
C LYS J 185 -9.09 -94.44 6.67
N PRO J 186 -8.66 -93.34 7.30
CA PRO J 186 -9.59 -92.41 7.93
C PRO J 186 -10.41 -91.58 6.93
N THR J 187 -11.30 -90.75 7.46
CA THR J 187 -12.10 -89.85 6.62
C THR J 187 -11.22 -88.93 5.78
N TYR J 188 -11.58 -88.75 4.51
CA TYR J 188 -10.83 -87.82 3.67
C TYR J 188 -10.86 -86.44 4.30
N GLY J 189 -9.67 -85.93 4.61
CA GLY J 189 -9.53 -84.65 5.27
C GLY J 189 -8.99 -84.81 6.68
N ARG J 190 -9.03 -86.01 7.23
CA ARG J 190 -8.57 -86.16 8.60
C ARG J 190 -7.04 -86.11 8.81
N VAL J 191 -6.30 -86.55 7.78
CA VAL J 191 -4.83 -86.59 7.88
C VAL J 191 -4.26 -85.77 6.72
N SER J 192 -3.27 -84.92 7.02
CA SER J 192 -2.66 -84.05 6.04
C SER J 192 -2.05 -84.81 4.87
N ARG J 193 -2.17 -84.25 3.67
CA ARG J 193 -1.56 -84.84 2.50
C ARG J 193 -0.30 -84.09 2.12
N TYR J 194 0.16 -83.24 3.05
CA TYR J 194 1.40 -82.50 2.86
C TYR J 194 2.65 -83.38 3.05
N GLY J 195 3.35 -83.62 1.96
CA GLY J 195 4.48 -84.52 1.96
C GLY J 195 4.10 -85.93 1.54
N LEU J 196 2.85 -86.10 1.12
CA LEU J 196 2.44 -87.37 0.56
C LEU J 196 2.49 -87.20 -0.94
N VAL J 197 3.38 -87.93 -1.59
CA VAL J 197 3.49 -87.78 -3.04
C VAL J 197 2.12 -88.11 -3.59
N ALA J 198 1.51 -87.11 -4.22
CA ALA J 198 0.15 -87.18 -4.74
C ALA J 198 0.02 -88.13 -5.91
N PHE J 199 -0.99 -88.99 -5.80
CA PHE J 199 -1.50 -89.84 -6.87
C PHE J 199 -2.85 -89.23 -7.34
N ALA J 200 -3.88 -89.36 -6.50
CA ALA J 200 -5.18 -88.76 -6.78
C ALA J 200 -5.56 -87.93 -5.58
N SER J 201 -5.38 -86.62 -5.71
CA SER J 201 -5.50 -85.71 -4.58
C SER J 201 -6.89 -85.74 -3.92
N SER J 202 -7.94 -85.99 -4.71
CA SER J 202 -9.30 -86.04 -4.17
C SER J 202 -9.66 -87.38 -3.48
N LEU J 203 -8.76 -88.36 -3.55
CA LEU J 203 -8.99 -89.70 -3.04
C LEU J 203 -7.91 -90.17 -2.01
N ASP J 204 -6.67 -89.67 -2.11
CA ASP J 204 -5.52 -90.07 -1.24
C ASP J 204 -5.83 -89.82 0.25
N GLN J 205 -5.47 -90.76 1.12
CA GLN J 205 -5.31 -90.49 2.56
C GLN J 205 -4.19 -91.38 3.15
N ILE J 206 -3.33 -90.78 3.97
CA ILE J 206 -2.41 -91.57 4.75
C ILE J 206 -3.30 -92.30 5.76
N GLY J 207 -2.86 -93.52 6.11
CA GLY J 207 -3.50 -94.32 7.15
C GLY J 207 -2.48 -95.17 7.89
N VAL J 208 -2.99 -96.11 8.70
CA VAL J 208 -2.17 -96.85 9.65
C VAL J 208 -2.40 -98.37 9.60
N PHE J 209 -1.30 -99.10 9.73
CA PHE J 209 -1.33 -100.54 9.93
C PHE J 209 -0.87 -100.86 11.34
N GLY J 210 -1.51 -101.87 11.94
CA GLY J 210 -1.14 -102.40 13.25
C GLY J 210 -1.73 -103.78 13.49
N ARG J 211 -1.45 -104.35 14.65
CA ARG J 211 -1.91 -105.70 15.00
C ARG J 211 -2.92 -105.65 16.14
N ARG J 212 -2.80 -104.63 16.96
CA ARG J 212 -3.78 -104.37 18.00
C ARG J 212 -4.48 -103.04 17.74
N THR J 213 -5.76 -103.00 18.03
CA THR J 213 -6.60 -101.83 17.71
C THR J 213 -6.12 -100.59 18.45
N GLU J 214 -5.58 -100.76 19.65
CA GLU J 214 -5.03 -99.61 20.38
C GLU J 214 -3.78 -99.01 19.74
N ASP J 215 -2.93 -99.86 19.16
CA ASP J 215 -1.75 -99.40 18.43
C ASP J 215 -2.20 -98.51 17.28
N VAL J 216 -3.16 -99.00 16.51
CA VAL J 216 -3.69 -98.28 15.35
C VAL J 216 -4.36 -96.96 15.77
N ALA J 217 -5.18 -97.02 16.81
CA ALA J 217 -5.89 -95.84 17.28
C ALA J 217 -4.94 -94.72 17.71
N LEU J 218 -3.81 -95.12 18.30
CA LEU J 218 -2.87 -94.14 18.83
C LEU J 218 -2.07 -93.46 17.73
N VAL J 219 -1.53 -94.24 16.81
CA VAL J 219 -0.74 -93.68 15.71
C VAL J 219 -1.62 -92.72 14.90
N LEU J 220 -2.86 -93.11 14.65
CA LEU J 220 -3.83 -92.26 13.95
C LEU J 220 -4.11 -90.96 14.69
N GLU J 221 -4.34 -91.04 16.00
CA GLU J 221 -4.55 -89.83 16.78
C GLU J 221 -3.38 -88.85 16.60
N VAL J 222 -2.16 -89.37 16.65
CA VAL J 222 -0.96 -88.54 16.57
C VAL J 222 -0.85 -87.82 15.22
N ILE J 223 -1.02 -88.54 14.12
CA ILE J 223 -0.82 -87.96 12.80
C ILE J 223 -2.01 -87.15 12.26
N SER J 224 -3.17 -87.29 12.90
CA SER J 224 -4.40 -86.68 12.40
C SER J 224 -4.51 -85.23 12.81
N GLY J 225 -5.45 -84.52 12.18
CA GLY J 225 -5.74 -83.12 12.54
C GLY J 225 -5.34 -82.08 11.51
N TRP J 226 -5.88 -80.87 11.69
CA TRP J 226 -5.69 -79.75 10.76
C TRP J 226 -4.22 -79.44 10.43
N ASP J 227 -3.94 -79.23 9.16
CA ASP J 227 -2.64 -78.77 8.70
C ASP J 227 -2.82 -77.54 7.81
N GLU J 228 -2.18 -76.43 8.19
CA GLU J 228 -2.23 -75.18 7.42
C GLU J 228 -1.57 -75.31 6.05
N LYS J 229 -0.70 -76.30 5.90
CA LYS J 229 -0.01 -76.57 4.65
C LYS J 229 -0.88 -77.40 3.70
N ASP J 230 -2.08 -77.78 4.15
CA ASP J 230 -3.02 -78.60 3.36
C ASP J 230 -4.42 -77.98 3.29
N SER J 231 -4.81 -77.54 2.09
CA SER J 231 -6.13 -76.90 1.90
C SER J 231 -7.32 -77.81 2.16
N THR J 232 -7.11 -79.09 1.92
CA THR J 232 -8.17 -80.08 1.94
C THR J 232 -8.30 -80.71 3.32
N SER J 233 -7.34 -80.42 4.20
CA SER J 233 -7.38 -80.96 5.56
C SER J 233 -8.44 -80.23 6.37
N ALA J 234 -9.22 -80.97 7.15
CA ALA J 234 -10.40 -80.40 7.80
C ALA J 234 -10.08 -79.78 9.14
N LYS J 235 -10.75 -78.68 9.44
CA LYS J 235 -10.62 -78.00 10.72
C LYS J 235 -11.59 -78.63 11.67
N VAL J 236 -11.35 -79.90 11.99
CA VAL J 236 -12.21 -80.69 12.89
C VAL J 236 -11.29 -81.25 13.98
N PRO J 237 -11.70 -81.12 15.25
CA PRO J 237 -10.91 -81.68 16.35
C PRO J 237 -10.69 -83.19 16.23
N VAL J 238 -9.50 -83.65 16.63
CA VAL J 238 -9.18 -85.07 16.61
C VAL J 238 -9.74 -85.71 17.87
N PRO J 239 -10.63 -86.71 17.71
CA PRO J 239 -11.14 -87.47 18.86
C PRO J 239 -10.02 -88.22 19.62
N GLU J 240 -10.20 -88.35 20.92
CA GLU J 240 -9.24 -89.05 21.77
C GLU J 240 -9.39 -90.55 21.56
N TRP J 241 -8.91 -91.04 20.43
CA TRP J 241 -9.18 -92.41 20.03
C TRP J 241 -8.61 -93.49 20.94
N SER J 242 -7.44 -93.24 21.52
CA SER J 242 -6.78 -94.18 22.45
C SER J 242 -7.65 -94.46 23.69
N GLU J 243 -8.44 -93.46 24.08
CA GLU J 243 -9.38 -93.56 25.19
C GLU J 243 -10.76 -94.01 24.78
N GLU J 244 -10.98 -94.13 23.48
CA GLU J 244 -12.33 -94.37 22.99
C GLU J 244 -12.55 -95.79 22.45
N VAL J 245 -11.49 -96.43 21.96
CA VAL J 245 -11.59 -97.78 21.38
C VAL J 245 -12.13 -98.81 22.35
N LYS J 246 -11.75 -98.64 23.62
CA LYS J 246 -12.07 -99.60 24.68
C LYS J 246 -13.54 -99.56 25.10
N LYS J 247 -14.20 -98.42 24.87
CA LYS J 247 -15.62 -98.25 25.21
C LYS J 247 -16.54 -99.08 24.29
N GLU J 248 -17.79 -99.26 24.72
CA GLU J 248 -18.76 -100.11 24.02
C GLU J 248 -20.09 -99.38 23.90
N VAL J 249 -20.57 -99.22 22.68
CA VAL J 249 -21.85 -98.53 22.41
C VAL J 249 -22.93 -99.56 22.12
N LYS J 250 -24.05 -99.45 22.83
CA LYS J 250 -25.14 -100.41 22.68
C LYS J 250 -26.02 -100.17 21.47
N GLY J 251 -26.50 -101.29 20.92
CA GLY J 251 -27.51 -101.27 19.86
C GLY J 251 -27.04 -100.72 18.52
N LEU J 252 -25.77 -100.95 18.19
CA LEU J 252 -25.27 -100.56 16.90
C LEU J 252 -25.87 -101.43 15.79
N LYS J 253 -25.82 -100.91 14.56
CA LYS J 253 -26.45 -101.55 13.41
C LYS J 253 -25.50 -101.75 12.23
N ILE J 254 -25.59 -102.90 11.59
CA ILE J 254 -24.68 -103.21 10.51
C ILE J 254 -25.49 -103.48 9.23
N GLY J 255 -25.07 -102.81 8.16
CA GLY J 255 -25.76 -102.93 6.91
C GLY J 255 -25.01 -103.86 5.97
N LEU J 256 -25.76 -104.76 5.36
CA LEU J 256 -25.19 -105.63 4.38
C LEU J 256 -25.78 -105.22 3.06
N PRO J 257 -25.00 -104.51 2.23
CA PRO J 257 -25.51 -104.08 0.94
C PRO J 257 -25.98 -105.20 0.03
N LYS J 258 -27.27 -105.16 -0.32
CA LYS J 258 -27.90 -106.15 -1.20
C LYS J 258 -27.18 -106.29 -2.52
N GLU J 259 -26.60 -105.19 -2.99
CA GLU J 259 -25.93 -105.15 -4.27
C GLU J 259 -24.61 -105.93 -4.20
N PHE J 260 -24.10 -106.13 -2.99
CA PHE J 260 -22.86 -106.89 -2.79
C PHE J 260 -23.05 -108.42 -2.87
N PHE J 261 -24.29 -108.91 -2.77
CA PHE J 261 -24.56 -110.34 -2.92
C PHE J 261 -24.27 -110.77 -4.32
N GLU J 262 -24.40 -109.85 -5.26
CA GLU J 262 -24.18 -110.15 -6.67
C GLU J 262 -22.70 -110.27 -7.01
N TYR J 263 -21.84 -109.92 -6.06
CA TYR J 263 -20.39 -109.88 -6.30
C TYR J 263 -19.79 -111.27 -6.16
N GLU J 264 -19.03 -111.70 -7.18
CA GLU J 264 -18.27 -112.96 -7.12
C GLU J 264 -17.28 -112.99 -5.94
N LEU J 265 -17.60 -113.79 -4.92
CA LEU J 265 -16.70 -114.07 -3.80
C LEU J 265 -16.16 -115.50 -3.87
N GLN J 266 -14.90 -115.69 -3.46
CA GLN J 266 -14.40 -117.02 -3.15
C GLN J 266 -15.13 -117.57 -1.92
N PRO J 267 -15.50 -118.88 -1.97
CA PRO J 267 -16.29 -119.58 -0.96
C PRO J 267 -15.68 -119.46 0.43
N GLN J 268 -14.35 -119.54 0.50
CA GLN J 268 -13.64 -119.38 1.76
C GLN J 268 -13.88 -118.00 2.36
N VAL J 269 -13.90 -116.96 1.52
CA VAL J 269 -14.11 -115.59 1.98
C VAL J 269 -15.57 -115.46 2.44
N LYS J 270 -16.49 -115.95 1.60
CA LYS J 270 -17.92 -115.89 1.93
C LYS J 270 -18.17 -116.51 3.30
N GLU J 271 -17.68 -117.75 3.49
CA GLU J 271 -17.75 -118.49 4.76
C GLU J 271 -17.21 -117.71 5.95
N ALA J 272 -15.98 -117.22 5.79
CA ALA J 272 -15.29 -116.37 6.77
C ALA J 272 -16.12 -115.14 7.15
N PHE J 273 -16.70 -114.49 6.13
CA PHE J 273 -17.51 -113.31 6.34
C PHE J 273 -18.82 -113.59 7.07
N GLU J 274 -19.55 -114.59 6.60
CA GLU J 274 -20.83 -115.02 7.24
C GLU J 274 -20.64 -115.35 8.72
N ASN J 275 -19.53 -116.01 9.04
CA ASN J 275 -19.18 -116.33 10.41
C ASN J 275 -18.91 -115.11 11.26
N PHE J 276 -18.18 -114.14 10.67
CA PHE J 276 -17.87 -112.85 11.29
C PHE J 276 -19.16 -112.14 11.67
N ILE J 277 -20.11 -112.12 10.74
CA ILE J 277 -21.42 -111.50 10.96
C ILE J 277 -22.30 -112.25 11.98
N LYS J 278 -22.39 -113.58 11.88
CA LYS J 278 -23.11 -114.37 12.88
C LYS J 278 -22.54 -114.14 14.28
N GLU J 279 -21.21 -114.09 14.37
CA GLU J 279 -20.55 -113.87 15.65
C GLU J 279 -20.84 -112.48 16.20
N LEU J 280 -20.92 -111.50 15.31
CA LEU J 280 -21.32 -110.15 15.66
C LEU J 280 -22.77 -110.06 16.10
N GLU J 281 -23.66 -110.71 15.34
CA GLU J 281 -25.05 -110.84 15.77
C GLU J 281 -25.16 -111.37 17.20
N LYS J 282 -24.45 -112.47 17.50
CA LYS J 282 -24.51 -113.05 18.85
C LYS J 282 -24.11 -112.06 19.94
N GLU J 283 -23.19 -111.14 19.60
CA GLU J 283 -22.74 -110.11 20.53
C GLU J 283 -23.73 -108.94 20.67
N GLY J 284 -24.78 -108.93 19.85
CA GLY J 284 -25.88 -107.97 20.01
C GLY J 284 -26.03 -106.90 18.93
N PHE J 285 -25.25 -107.03 17.87
CA PHE J 285 -25.39 -106.13 16.73
C PHE J 285 -26.64 -106.54 15.97
N GLU J 286 -27.44 -105.54 15.62
CA GLU J 286 -28.55 -105.76 14.72
C GLU J 286 -28.04 -105.76 13.29
N ILE J 287 -28.41 -106.77 12.52
CA ILE J 287 -27.92 -106.91 11.15
C ILE J 287 -29.06 -106.66 10.17
N LYS J 288 -28.87 -105.70 9.26
CA LYS J 288 -29.91 -105.30 8.30
C LYS J 288 -29.37 -105.27 6.90
N GLU J 289 -30.22 -105.65 5.95
CA GLU J 289 -29.89 -105.51 4.54
C GLU J 289 -30.08 -104.05 4.15
N VAL J 290 -29.10 -103.44 3.47
CA VAL J 290 -29.30 -102.10 2.93
C VAL J 290 -29.15 -102.09 1.41
N SER J 291 -29.58 -100.98 0.79
CA SER J 291 -29.39 -100.75 -0.63
C SER J 291 -28.34 -99.67 -0.87
N LEU J 292 -27.52 -99.90 -1.89
CA LEU J 292 -26.65 -98.88 -2.44
C LEU J 292 -26.76 -99.06 -3.93
N PRO J 293 -27.85 -98.54 -4.51
CA PRO J 293 -28.18 -98.86 -5.91
C PRO J 293 -27.07 -98.53 -6.92
N HIS J 294 -26.11 -97.69 -6.53
CA HIS J 294 -25.08 -97.20 -7.46
C HIS J 294 -23.69 -97.80 -7.27
N VAL J 295 -23.44 -98.45 -6.13
CA VAL J 295 -22.08 -99.00 -5.87
C VAL J 295 -21.44 -99.78 -6.99
N LYS J 296 -22.21 -100.59 -7.71
CA LYS J 296 -21.59 -101.40 -8.74
C LYS J 296 -20.83 -100.53 -9.73
N TYR J 297 -21.15 -99.25 -9.75
CA TYR J 297 -20.49 -98.31 -10.64
C TYR J 297 -19.19 -97.71 -10.05
N SER J 298 -18.88 -98.05 -8.80
CA SER J 298 -17.72 -97.48 -8.12
C SER J 298 -16.46 -97.63 -8.96
N ILE J 299 -16.32 -98.80 -9.60
CA ILE J 299 -15.02 -99.24 -10.10
C ILE J 299 -14.64 -98.48 -11.37
N PRO J 300 -15.58 -98.41 -12.31
CA PRO J 300 -15.41 -97.55 -13.49
C PRO J 300 -15.25 -96.09 -13.12
N THR J 301 -16.02 -95.63 -12.15
CA THR J 301 -15.94 -94.27 -11.68
C THR J 301 -14.49 -94.00 -11.25
N TYR J 302 -13.94 -94.93 -10.47
CA TYR J 302 -12.64 -94.71 -9.83
C TYR J 302 -11.53 -94.82 -10.85
N TYR J 303 -11.71 -95.68 -11.82
CA TYR J 303 -10.66 -95.82 -12.80
C TYR J 303 -10.80 -94.84 -13.94
N ILE J 304 -11.60 -93.80 -13.70
CA ILE J 304 -11.55 -92.59 -14.49
C ILE J 304 -11.00 -91.48 -13.63
N ILE J 305 -11.54 -91.29 -12.45
CA ILE J 305 -11.07 -90.24 -11.59
C ILE J 305 -9.60 -90.36 -11.23
N ALA J 306 -9.18 -91.50 -10.69
CA ALA J 306 -7.78 -91.73 -10.25
C ALA J 306 -6.73 -91.53 -11.35
N PRO J 307 -6.83 -92.28 -12.47
CA PRO J 307 -5.92 -92.00 -13.58
C PRO J 307 -5.88 -90.53 -14.06
N SER J 308 -7.01 -89.83 -14.02
CA SER J 308 -7.06 -88.42 -14.42
C SER J 308 -6.20 -87.56 -13.51
N GLU J 309 -6.51 -87.60 -12.23
CA GLU J 309 -5.76 -86.82 -11.27
C GLU J 309 -4.29 -87.25 -11.27
N ALA J 310 -4.05 -88.54 -11.53
CA ALA J 310 -2.70 -89.07 -11.62
C ALA J 310 -1.91 -88.40 -12.73
N SER J 311 -2.53 -88.23 -13.88
CA SER J 311 -1.81 -87.69 -15.02
C SER J 311 -1.41 -86.23 -14.73
N SER J 312 -2.28 -85.53 -14.00
CA SER J 312 -1.96 -84.15 -13.65
C SER J 312 -0.87 -84.15 -12.60
N ASN J 313 -1.03 -84.92 -11.54
CA ASN J 313 -0.07 -84.90 -10.44
C ASN J 313 1.31 -85.40 -10.80
N LEU J 314 1.41 -86.11 -11.92
CA LEU J 314 2.67 -86.70 -12.32
C LEU J 314 3.35 -85.91 -13.44
N ALA J 315 2.75 -84.77 -13.81
CA ALA J 315 3.30 -83.89 -14.84
C ALA J 315 4.64 -83.28 -14.42
N ARG J 316 4.85 -83.19 -13.11
CA ARG J 316 6.02 -82.54 -12.55
C ARG J 316 7.32 -83.31 -12.65
N TYR J 317 7.25 -84.61 -12.94
CA TYR J 317 8.43 -85.47 -13.00
C TYR J 317 8.95 -85.36 -14.42
N ASP J 318 10.01 -84.57 -14.57
CA ASP J 318 10.39 -83.97 -15.87
C ASP J 318 11.88 -83.75 -16.10
N GLY J 319 12.70 -84.09 -15.11
CA GLY J 319 14.16 -84.02 -15.26
C GLY J 319 14.69 -82.59 -15.16
N VAL J 320 13.86 -81.67 -14.68
CA VAL J 320 14.31 -80.31 -14.57
C VAL J 320 14.82 -79.99 -13.19
N ARG J 321 14.00 -80.14 -12.16
CA ARG J 321 14.40 -79.65 -10.85
C ARG J 321 14.94 -80.72 -9.88
N TYR J 322 14.67 -81.99 -10.18
CA TYR J 322 15.07 -83.11 -9.31
C TYR J 322 14.92 -84.45 -10.03
N GLY J 323 15.42 -85.51 -9.38
CA GLY J 323 15.28 -86.88 -9.84
C GLY J 323 15.95 -87.24 -11.14
N TYR J 324 15.45 -88.31 -11.75
CA TYR J 324 16.04 -88.87 -12.94
C TYR J 324 15.98 -87.98 -14.14
N ARG J 325 17.05 -88.03 -14.92
CA ARG J 325 17.09 -87.38 -16.20
C ARG J 325 17.77 -88.31 -17.20
N ALA J 326 17.10 -88.57 -18.31
CA ALA J 326 17.68 -89.41 -19.35
C ALA J 326 19.07 -88.89 -19.78
N LYS J 327 19.93 -89.80 -20.21
CA LYS J 327 21.30 -89.45 -20.62
C LYS J 327 21.44 -88.85 -22.00
N GLU J 328 20.65 -89.32 -22.96
CA GLU J 328 20.72 -88.79 -24.33
C GLU J 328 19.45 -88.08 -24.80
N TYR J 329 19.65 -86.86 -25.29
CA TYR J 329 18.56 -86.08 -25.84
C TYR J 329 19.07 -84.92 -26.71
N LYS J 330 18.36 -84.65 -27.80
CA LYS J 330 18.76 -83.57 -28.71
C LYS J 330 18.07 -82.23 -28.44
N ASP J 331 16.96 -82.23 -27.68
CA ASP J 331 16.25 -81.02 -27.31
C ASP J 331 15.47 -81.20 -26.00
N ILE J 332 14.88 -80.13 -25.50
CA ILE J 332 14.10 -80.19 -24.28
C ILE J 332 12.93 -81.18 -24.39
N PHE J 333 12.34 -81.29 -25.59
CA PHE J 333 11.23 -82.22 -25.81
C PHE J 333 11.67 -83.65 -25.56
N GLU J 334 12.74 -84.06 -26.24
CA GLU J 334 13.30 -85.38 -26.02
C GLU J 334 13.71 -85.55 -24.59
N MET J 335 14.29 -84.52 -23.99
CA MET J 335 14.70 -84.63 -22.62
C MET J 335 13.51 -85.03 -21.78
N TYR J 336 12.39 -84.32 -21.99
CA TYR J 336 11.16 -84.52 -21.27
C TYR J 336 10.64 -85.93 -21.50
N ALA J 337 10.44 -86.25 -22.77
CA ALA J 337 9.74 -87.48 -23.18
C ALA J 337 10.51 -88.76 -22.89
N ARG J 338 11.84 -88.66 -22.87
CA ARG J 338 12.71 -89.81 -22.60
C ARG J 338 12.94 -90.02 -21.12
N THR J 339 13.14 -88.94 -20.38
CA THR J 339 13.22 -89.01 -18.94
C THR J 339 12.01 -89.78 -18.43
N ARG J 340 10.83 -89.46 -18.95
CA ARG J 340 9.57 -89.99 -18.44
C ARG J 340 9.32 -91.42 -18.90
N ASP J 341 9.50 -91.70 -20.18
CA ASP J 341 9.33 -93.07 -20.64
C ASP J 341 10.28 -94.03 -19.92
N GLU J 342 11.48 -93.55 -19.64
CA GLU J 342 12.48 -94.38 -18.96
C GLU J 342 12.30 -94.41 -17.46
N GLY J 343 11.77 -93.34 -16.88
CA GLY J 343 11.69 -93.24 -15.42
C GLY J 343 10.41 -93.80 -14.82
N PHE J 344 9.33 -93.82 -15.63
CA PHE J 344 8.03 -94.36 -15.20
C PHE J 344 7.86 -95.84 -15.57
N GLY J 345 7.35 -96.61 -14.60
CA GLY J 345 6.91 -97.98 -14.82
C GLY J 345 5.66 -98.12 -15.70
N PRO J 346 5.31 -99.38 -16.06
CA PRO J 346 4.22 -99.60 -17.04
C PRO J 346 2.80 -99.29 -16.52
N GLU J 347 2.49 -99.60 -15.27
CA GLU J 347 1.16 -99.30 -14.74
C GLU J 347 0.99 -97.78 -14.72
N VAL J 348 2.05 -97.11 -14.24
CA VAL J 348 2.11 -95.65 -14.16
C VAL J 348 1.92 -95.02 -15.55
N LYS J 349 2.64 -95.52 -16.54
CA LYS J 349 2.48 -95.01 -17.90
C LYS J 349 1.05 -95.17 -18.41
N ARG J 350 0.43 -96.30 -18.11
CA ARG J 350 -0.92 -96.58 -18.57
C ARG J 350 -1.92 -95.58 -17.98
N ARG J 351 -1.75 -95.29 -16.72
CA ARG J 351 -2.63 -94.42 -16.02
C ARG J 351 -2.47 -93.00 -16.48
N ILE J 352 -1.27 -92.62 -16.84
CA ILE J 352 -0.97 -91.28 -17.35
C ILE J 352 -1.59 -91.06 -18.73
N MET J 353 -1.54 -92.10 -19.56
CA MET J 353 -2.19 -92.06 -20.88
C MET J 353 -3.72 -91.92 -20.75
N LEU J 354 -4.30 -92.83 -19.98
CA LEU J 354 -5.72 -92.80 -19.67
C LEU J 354 -6.17 -91.44 -19.14
N GLY J 355 -5.42 -90.91 -18.17
CA GLY J 355 -5.75 -89.64 -17.54
C GLY J 355 -5.76 -88.48 -18.53
N THR J 356 -4.71 -88.37 -19.34
CA THR J 356 -4.61 -87.27 -20.29
C THR J 356 -5.71 -87.31 -21.34
N PHE J 357 -6.22 -88.50 -21.59
CA PHE J 357 -7.41 -88.68 -22.43
C PHE J 357 -8.68 -88.19 -21.70
N ALA J 358 -8.90 -88.74 -20.52
CA ALA J 358 -10.08 -88.41 -19.71
C ALA J 358 -10.26 -86.90 -19.47
N LEU J 359 -9.16 -86.15 -19.50
CA LEU J 359 -9.20 -84.71 -19.28
C LEU J 359 -9.18 -83.93 -20.57
N SER J 360 -8.89 -84.60 -21.67
CA SER J 360 -8.87 -83.93 -22.94
C SER J 360 -10.25 -83.33 -23.29
N ALA J 361 -10.23 -82.12 -23.87
CA ALA J 361 -11.44 -81.42 -24.30
C ALA J 361 -12.12 -82.30 -25.32
N GLY J 362 -13.43 -82.40 -25.26
CA GLY J 362 -14.13 -83.32 -26.14
C GLY J 362 -14.45 -84.63 -25.43
N TYR J 363 -13.66 -84.99 -24.42
CA TYR J 363 -13.93 -86.21 -23.65
C TYR J 363 -14.08 -85.96 -22.17
N TYR J 364 -13.71 -84.77 -21.74
CA TYR J 364 -13.79 -84.42 -20.34
C TYR J 364 -15.19 -84.61 -19.76
N ASP J 365 -16.21 -84.16 -20.51
CA ASP J 365 -17.63 -84.17 -20.13
C ASP J 365 -18.14 -85.57 -19.88
N ALA J 366 -17.83 -86.46 -20.81
CA ALA J 366 -18.23 -87.86 -20.76
C ALA J 366 -17.40 -88.71 -19.77
N TYR J 367 -16.19 -88.27 -19.45
CA TYR J 367 -15.30 -89.02 -18.60
C TYR J 367 -15.17 -88.43 -17.21
N TYR J 368 -14.21 -87.56 -17.00
CA TYR J 368 -13.94 -87.05 -15.66
C TYR J 368 -15.15 -86.35 -15.04
N LEU J 369 -15.78 -85.46 -15.81
CA LEU J 369 -16.93 -84.73 -15.29
C LEU J 369 -18.08 -85.69 -14.92
N LYS J 370 -18.42 -86.55 -15.86
CA LYS J 370 -19.41 -87.58 -15.60
C LYS J 370 -19.14 -88.37 -14.34
N ALA J 371 -17.88 -88.82 -14.21
CA ALA J 371 -17.44 -89.66 -13.11
C ALA J 371 -17.61 -88.96 -11.78
N GLN J 372 -17.39 -87.65 -11.79
CA GLN J 372 -17.41 -86.89 -10.58
C GLN J 372 -18.86 -86.68 -10.17
N LYS J 373 -19.76 -86.81 -11.16
CA LYS J 373 -21.19 -86.82 -10.88
C LYS J 373 -21.72 -88.16 -10.32
N VAL J 374 -21.40 -89.24 -11.04
CA VAL J 374 -21.69 -90.60 -10.57
C VAL J 374 -21.14 -90.84 -9.17
N ARG J 375 -20.04 -90.14 -8.84
CA ARG J 375 -19.39 -90.24 -7.56
C ARG J 375 -20.25 -89.60 -6.48
N ARG J 376 -21.04 -88.58 -6.85
CA ARG J 376 -22.00 -87.96 -5.92
C ARG J 376 -23.19 -88.85 -5.67
N LEU J 377 -23.67 -89.49 -6.73
CA LEU J 377 -24.72 -90.52 -6.61
C LEU J 377 -24.32 -91.59 -5.57
N ILE J 378 -23.09 -92.13 -5.74
CA ILE J 378 -22.57 -93.17 -4.89
C ILE J 378 -22.45 -92.69 -3.47
N THR J 379 -21.96 -91.47 -3.31
CA THR J 379 -21.79 -90.90 -1.97
C THR J 379 -23.15 -90.87 -1.34
N ASN J 380 -24.15 -90.46 -2.12
CA ASN J 380 -25.51 -90.28 -1.61
C ASN J 380 -26.19 -91.60 -1.21
N ASP J 381 -26.00 -92.67 -1.99
CA ASP J 381 -26.37 -94.04 -1.55
C ASP J 381 -25.93 -94.22 -0.11
N PHE J 382 -24.66 -93.95 0.17
CA PHE J 382 -24.13 -94.19 1.50
C PHE J 382 -24.82 -93.33 2.54
N LEU J 383 -24.91 -92.04 2.30
CA LEU J 383 -25.51 -91.13 3.27
C LEU J 383 -26.92 -91.55 3.65
N LYS J 384 -27.65 -92.08 2.68
CA LYS J 384 -29.02 -92.54 2.88
C LYS J 384 -29.05 -93.85 3.68
N ALA J 385 -28.21 -94.81 3.27
CA ALA J 385 -28.03 -96.06 4.00
C ALA J 385 -27.61 -95.80 5.44
N PHE J 386 -26.84 -94.74 5.66
CA PHE J 386 -26.38 -94.42 7.01
C PHE J 386 -27.48 -93.87 7.89
N GLU J 387 -28.64 -93.63 7.28
CA GLU J 387 -29.81 -93.17 8.00
C GLU J 387 -30.44 -94.32 8.81
N GLU J 388 -30.29 -95.53 8.27
CA GLU J 388 -30.84 -96.77 8.82
C GLU J 388 -29.83 -97.55 9.67
N VAL J 389 -28.53 -97.46 9.33
CA VAL J 389 -27.51 -98.31 9.96
C VAL J 389 -26.27 -97.49 10.35
N ASP J 390 -25.37 -98.06 11.14
CA ASP J 390 -24.21 -97.32 11.65
C ASP J 390 -22.89 -97.61 10.92
N VAL J 391 -22.73 -98.83 10.45
CA VAL J 391 -21.54 -99.16 9.67
C VAL J 391 -22.02 -100.08 8.61
N ILE J 392 -21.23 -100.21 7.55
CA ILE J 392 -21.57 -101.09 6.48
C ILE J 392 -20.44 -102.10 6.38
N ALA J 393 -20.80 -103.38 6.31
CA ALA J 393 -19.79 -104.43 6.37
C ALA J 393 -19.77 -105.24 5.09
N SER J 394 -18.57 -105.70 4.75
CA SER J 394 -18.40 -106.64 3.67
C SER J 394 -17.03 -107.31 3.82
N PRO J 395 -16.76 -108.37 3.04
CA PRO J 395 -15.36 -108.72 2.87
C PRO J 395 -14.56 -107.51 2.39
N THR J 396 -13.30 -107.43 2.81
CA THR J 396 -12.37 -106.43 2.30
C THR J 396 -12.04 -106.72 0.85
N THR J 397 -11.99 -108.01 0.52
CA THR J 397 -11.47 -108.48 -0.75
C THR J 397 -12.30 -109.68 -1.19
N PRO J 398 -12.60 -109.78 -2.48
CA PRO J 398 -13.36 -110.92 -2.99
C PRO J 398 -12.63 -112.28 -2.93
N THR J 399 -11.29 -112.26 -2.84
CA THR J 399 -10.49 -113.48 -2.81
C THR J 399 -9.49 -113.48 -1.68
N LEU J 400 -8.91 -114.66 -1.46
CA LEU J 400 -7.70 -114.86 -0.66
C LEU J 400 -6.51 -114.29 -1.45
N PRO J 401 -5.40 -113.92 -0.75
CA PRO J 401 -4.11 -113.57 -1.36
C PRO J 401 -3.78 -114.39 -2.58
N PHE J 402 -3.63 -113.74 -3.73
CA PHE J 402 -3.34 -114.44 -4.96
C PHE J 402 -1.82 -114.62 -5.24
N LYS J 403 -1.48 -115.32 -6.30
CA LYS J 403 -0.07 -115.61 -6.60
C LYS J 403 0.56 -114.56 -7.49
N PHE J 404 1.90 -114.41 -7.36
CA PHE J 404 2.69 -113.53 -8.21
C PHE J 404 2.44 -113.88 -9.66
N GLY J 405 2.39 -112.87 -10.53
CA GLY J 405 2.15 -113.07 -11.96
C GLY J 405 0.69 -113.35 -12.33
N GLU J 406 -0.17 -113.52 -11.33
CA GLU J 406 -1.54 -113.97 -11.58
C GLU J 406 -2.43 -112.85 -12.16
N ARG J 407 -2.07 -111.60 -11.85
CA ARG J 407 -2.88 -110.45 -12.26
C ARG J 407 -2.03 -109.42 -13.02
N LEU J 408 -0.98 -109.91 -13.68
CA LEU J 408 -0.09 -109.06 -14.46
C LEU J 408 -0.37 -109.21 -15.95
N GLU J 409 -1.05 -110.29 -16.32
CA GLU J 409 -1.38 -110.52 -17.72
C GLU J 409 -2.25 -109.40 -18.33
N ASN J 410 -3.51 -109.33 -17.87
CA ASN J 410 -4.39 -108.22 -18.19
C ASN J 410 -4.44 -107.25 -16.99
N PRO J 411 -4.03 -105.99 -17.24
CA PRO J 411 -4.02 -104.97 -16.18
C PRO J 411 -5.36 -104.94 -15.43
N ILE J 412 -6.46 -105.17 -16.16
CA ILE J 412 -7.83 -105.15 -15.65
C ILE J 412 -8.03 -106.09 -14.48
N GLU J 413 -7.42 -107.28 -14.56
CA GLU J 413 -7.54 -108.29 -13.50
C GLU J 413 -6.98 -107.76 -12.21
N MET J 414 -6.01 -106.85 -12.30
CA MET J 414 -5.46 -106.22 -11.12
C MET J 414 -6.48 -105.25 -10.51
N TYR J 415 -7.21 -104.54 -11.38
CA TYR J 415 -8.19 -103.53 -10.96
C TYR J 415 -9.32 -104.14 -10.16
N LEU J 416 -9.74 -105.34 -10.60
CA LEU J 416 -10.83 -106.09 -9.96
C LEU J 416 -10.56 -106.51 -8.51
N SER J 417 -9.33 -106.33 -8.05
CA SER J 417 -8.98 -106.57 -6.67
C SER J 417 -9.65 -105.56 -5.78
N ASP J 418 -10.02 -104.42 -6.37
CA ASP J 418 -10.42 -103.23 -5.63
C ASP J 418 -11.92 -103.02 -5.47
N ILE J 419 -12.70 -103.97 -6.02
CA ILE J 419 -14.15 -103.82 -6.15
C ILE J 419 -14.89 -103.59 -4.83
N LEU J 420 -14.31 -103.98 -3.70
CA LEU J 420 -14.98 -103.78 -2.44
C LEU J 420 -14.39 -102.65 -1.66
N THR J 421 -13.31 -102.08 -2.19
CA THR J 421 -12.50 -101.06 -1.47
C THR J 421 -12.68 -99.63 -1.94
N VAL J 422 -12.83 -99.44 -3.25
CA VAL J 422 -12.88 -98.11 -3.86
C VAL J 422 -14.13 -97.36 -3.40
N PRO J 423 -15.29 -98.01 -3.16
CA PRO J 423 -16.47 -97.22 -2.75
C PRO J 423 -16.19 -96.25 -1.62
N ALA J 424 -15.40 -96.65 -0.62
CA ALA J 424 -15.20 -95.77 0.51
C ALA J 424 -14.29 -94.54 0.18
N ASN J 425 -13.41 -94.65 -0.82
CA ASN J 425 -12.61 -93.49 -1.22
C ASN J 425 -13.45 -92.50 -2.00
N LEU J 426 -14.27 -93.04 -2.90
CA LEU J 426 -15.22 -92.25 -3.66
C LEU J 426 -16.07 -91.41 -2.74
N ALA J 427 -16.59 -91.99 -1.67
CA ALA J 427 -17.50 -91.25 -0.83
C ALA J 427 -16.77 -90.47 0.23
N GLY J 428 -15.44 -90.55 0.21
CA GLY J 428 -14.61 -89.89 1.22
C GLY J 428 -14.75 -90.43 2.64
N LEU J 429 -15.22 -91.66 2.76
CA LEU J 429 -15.60 -92.28 4.03
C LEU J 429 -14.43 -93.00 4.74
N PRO J 430 -14.40 -93.04 6.09
CA PRO J 430 -13.46 -93.93 6.77
C PRO J 430 -13.77 -95.39 6.49
N ALA J 431 -12.74 -96.23 6.42
CA ALA J 431 -12.95 -97.67 6.25
C ALA J 431 -11.80 -98.47 6.87
N ILE J 432 -12.16 -99.54 7.57
CA ILE J 432 -11.15 -100.37 8.24
C ILE J 432 -11.18 -101.79 7.70
N SER J 433 -9.99 -102.41 7.63
CA SER J 433 -9.91 -103.86 7.37
C SER J 433 -9.37 -104.57 8.57
N ILE J 434 -10.12 -105.55 9.05
CA ILE J 434 -9.81 -106.27 10.28
C ILE J 434 -9.81 -107.76 10.01
N PRO J 435 -8.80 -108.48 10.54
CA PRO J 435 -8.62 -109.91 10.22
C PRO J 435 -9.72 -110.76 10.87
N ILE J 436 -10.41 -111.56 10.06
CA ILE J 436 -11.63 -112.27 10.53
C ILE J 436 -11.52 -113.80 10.60
N ALA J 437 -10.60 -114.37 9.83
CA ALA J 437 -10.35 -115.80 9.80
C ALA J 437 -9.03 -116.07 9.08
N TRP J 438 -8.59 -117.33 9.13
CA TRP J 438 -7.53 -117.82 8.25
C TRP J 438 -8.09 -119.03 7.56
N LYS J 439 -8.00 -119.02 6.24
CA LYS J 439 -8.61 -120.05 5.44
C LYS J 439 -7.55 -120.59 4.53
N ASP J 440 -7.31 -121.90 4.63
CA ASP J 440 -6.27 -122.58 3.86
C ASP J 440 -4.90 -121.93 4.06
N GLY J 441 -4.69 -121.45 5.29
CA GLY J 441 -3.40 -120.87 5.70
C GLY J 441 -3.25 -119.36 5.50
N LEU J 442 -4.25 -118.73 4.89
CA LEU J 442 -4.14 -117.36 4.47
C LEU J 442 -5.13 -116.47 5.21
N PRO J 443 -4.71 -115.24 5.56
CA PRO J 443 -5.63 -114.31 6.23
C PRO J 443 -6.80 -113.87 5.36
N VAL J 444 -7.89 -113.52 6.04
CA VAL J 444 -9.08 -112.94 5.41
C VAL J 444 -9.46 -111.73 6.23
N GLY J 445 -9.71 -110.63 5.51
CA GLY J 445 -10.12 -109.37 6.11
C GLY J 445 -11.59 -109.07 6.01
N GLY J 446 -12.14 -108.59 7.11
CA GLY J 446 -13.50 -108.05 7.11
C GLY J 446 -13.44 -106.52 7.12
N GLN J 447 -14.27 -105.91 6.28
CA GLN J 447 -14.30 -104.45 6.13
C GLN J 447 -15.49 -103.82 6.78
N LEU J 448 -15.25 -102.75 7.51
CA LEU J 448 -16.31 -101.92 8.01
C LEU J 448 -16.14 -100.47 7.49
N ILE J 449 -17.19 -99.96 6.82
CA ILE J 449 -17.22 -98.58 6.34
C ILE J 449 -18.08 -97.75 7.30
N GLY J 450 -17.51 -96.66 7.78
CA GLY J 450 -18.20 -95.79 8.72
C GLY J 450 -18.63 -94.44 8.11
N LYS J 451 -19.36 -93.66 8.91
CA LYS J 451 -19.81 -92.33 8.54
C LYS J 451 -18.62 -91.39 8.52
N HIS J 452 -18.74 -90.29 7.77
CA HIS J 452 -17.75 -89.21 7.85
C HIS J 452 -17.46 -88.90 9.30
N TRP J 453 -16.17 -88.96 9.66
CA TRP J 453 -15.67 -88.53 10.98
C TRP J 453 -15.88 -89.57 12.08
N ASP J 454 -16.42 -90.73 11.70
CA ASP J 454 -16.73 -91.79 12.68
C ASP J 454 -15.72 -92.94 12.70
N GLU J 455 -14.45 -92.60 12.78
CA GLU J 455 -13.38 -93.58 12.88
C GLU J 455 -13.49 -94.28 14.24
N THR J 456 -14.02 -93.58 15.23
CA THR J 456 -14.21 -94.15 16.54
C THR J 456 -14.94 -95.50 16.48
N THR J 457 -16.11 -95.49 15.84
CA THR J 457 -16.98 -96.66 15.80
C THR J 457 -16.24 -97.81 15.14
N LEU J 458 -15.66 -97.54 13.97
CA LEU J 458 -14.84 -98.49 13.26
C LEU J 458 -13.79 -99.08 14.18
N LEU J 459 -13.21 -98.24 15.02
CA LEU J 459 -12.13 -98.68 15.91
C LEU J 459 -12.69 -99.54 17.05
N GLN J 460 -13.80 -99.11 17.62
CA GLN J 460 -14.46 -99.84 18.70
C GLN J 460 -14.82 -101.28 18.29
N ILE J 461 -15.51 -101.44 17.16
CA ILE J 461 -15.86 -102.77 16.70
C ILE J 461 -14.60 -103.60 16.41
N SER J 462 -13.53 -102.94 15.96
CA SER J 462 -12.27 -103.66 15.75
C SER J 462 -11.72 -104.18 17.08
N TYR J 463 -11.84 -103.36 18.11
CA TYR J 463 -11.42 -103.74 19.44
C TYR J 463 -12.22 -104.91 19.99
N LEU J 464 -13.53 -104.86 19.82
CA LEU J 464 -14.39 -105.94 20.26
C LEU J 464 -14.07 -107.23 19.51
N TRP J 465 -13.88 -107.14 18.21
CA TRP J 465 -13.60 -108.33 17.46
C TRP J 465 -12.30 -109.03 17.83
N GLU J 466 -11.28 -108.27 18.24
CA GLU J 466 -9.97 -108.88 18.53
C GLU J 466 -9.98 -109.63 19.86
N GLN J 467 -10.86 -109.17 20.78
CA GLN J 467 -11.17 -109.88 22.02
C GLN J 467 -11.74 -111.27 21.75
N LYS J 468 -12.70 -111.35 20.83
CA LYS J 468 -13.29 -112.62 20.47
C LYS J 468 -12.28 -113.41 19.65
N PHE J 469 -11.53 -112.69 18.83
CA PHE J 469 -10.61 -113.41 17.95
C PHE J 469 -9.26 -112.72 17.88
N LYS J 470 -8.28 -113.36 18.53
CA LYS J 470 -6.97 -112.76 18.78
C LYS J 470 -5.96 -113.00 17.64
N HIS J 471 -6.17 -112.27 16.55
CA HIS J 471 -5.39 -112.41 15.32
C HIS J 471 -3.96 -111.93 15.50
N TYR J 472 -3.72 -111.15 16.55
CA TYR J 472 -2.42 -110.58 16.84
C TYR J 472 -1.41 -111.60 17.36
N GLU J 473 -1.90 -112.80 17.69
CA GLU J 473 -1.07 -113.91 18.15
C GLU J 473 -0.58 -114.76 16.99
N LYS J 474 -1.27 -114.68 15.86
CA LYS J 474 -0.86 -115.38 14.66
C LYS J 474 0.37 -114.68 14.02
N ILE J 475 1.56 -115.23 14.27
CA ILE J 475 2.82 -114.62 13.80
C ILE J 475 3.51 -115.50 12.76
N PRO J 476 3.72 -114.96 11.53
CA PRO J 476 4.30 -115.82 10.50
C PRO J 476 5.83 -115.87 10.63
N LEU J 477 6.46 -116.67 9.79
CA LEU J 477 7.91 -116.87 9.80
C LEU J 477 8.48 -117.05 11.21
N THR J 478 7.90 -118.04 11.90
CA THR J 478 8.32 -118.56 13.23
C THR J 478 8.50 -117.47 14.29
N GLU K 3 -10.70 -43.94 -45.31
CA GLU K 3 -10.33 -45.38 -45.29
C GLU K 3 -11.56 -46.31 -45.35
N LYS K 4 -11.43 -47.36 -46.16
CA LYS K 4 -12.49 -48.36 -46.37
C LYS K 4 -12.66 -49.32 -45.20
N TYR K 5 -11.62 -49.46 -44.38
CA TYR K 5 -11.57 -50.52 -43.36
C TYR K 5 -11.76 -50.06 -41.92
N GLU K 6 -11.71 -51.04 -41.02
CA GLU K 6 -11.93 -50.85 -39.61
C GLU K 6 -11.02 -51.82 -38.86
N ALA K 7 -10.45 -51.37 -37.75
CA ALA K 7 -9.62 -52.22 -36.93
C ALA K 7 -10.43 -52.78 -35.76
N VAL K 8 -10.29 -54.09 -35.55
CA VAL K 8 -10.88 -54.76 -34.37
C VAL K 8 -9.72 -55.33 -33.54
N ILE K 9 -9.54 -54.74 -32.37
CA ILE K 9 -8.39 -54.99 -31.54
C ILE K 9 -8.81 -55.42 -30.16
N GLY K 10 -8.19 -56.48 -29.66
CA GLY K 10 -8.40 -56.90 -28.29
C GLY K 10 -7.08 -57.18 -27.59
N LEU K 11 -7.11 -57.09 -26.27
CA LEU K 11 -5.91 -57.25 -25.47
C LEU K 11 -6.13 -58.24 -24.32
N GLU K 12 -5.08 -59.02 -24.02
CA GLU K 12 -5.06 -59.91 -22.86
C GLU K 12 -3.92 -59.43 -22.00
N ILE K 13 -4.25 -59.00 -20.80
CA ILE K 13 -3.30 -58.35 -19.94
C ILE K 13 -3.10 -59.17 -18.68
N HIS K 14 -1.84 -59.45 -18.36
CA HIS K 14 -1.56 -60.06 -17.07
C HIS K 14 -1.00 -58.98 -16.19
N VAL K 15 -1.51 -58.89 -14.98
CA VAL K 15 -1.14 -57.81 -14.09
C VAL K 15 -0.66 -58.42 -12.77
N GLN K 16 0.54 -58.05 -12.38
CA GLN K 16 1.15 -58.57 -11.18
C GLN K 16 0.58 -57.85 -9.99
N MET K 17 0.12 -58.61 -9.02
CA MET K 17 -0.46 -58.04 -7.82
C MET K 17 0.64 -57.71 -6.81
N ASP K 18 0.55 -56.50 -6.29
CA ASP K 18 1.47 -55.98 -5.29
C ASP K 18 1.25 -56.62 -3.93
N THR K 19 1.34 -57.95 -3.89
CA THR K 19 1.29 -58.69 -2.63
C THR K 19 2.72 -58.88 -2.10
N LYS K 20 2.86 -59.13 -0.80
CA LYS K 20 4.13 -59.50 -0.18
C LYS K 20 4.58 -60.88 -0.63
N THR K 21 3.59 -61.76 -0.81
CA THR K 21 3.78 -63.20 -0.90
C THR K 21 3.23 -63.79 -2.19
N LYS K 22 3.69 -64.98 -2.57
CA LYS K 22 3.19 -65.59 -3.80
C LYS K 22 1.70 -66.01 -3.71
N MET K 23 1.12 -66.43 -4.84
CA MET K 23 -0.29 -66.81 -4.85
C MET K 23 -0.62 -68.03 -3.95
N PHE K 24 0.22 -69.07 -4.05
CA PHE K 24 -0.10 -70.36 -3.44
C PHE K 24 0.87 -70.86 -2.39
N CYS K 25 1.75 -69.99 -1.91
CA CYS K 25 2.75 -70.31 -0.86
C CYS K 25 3.28 -69.00 -0.27
N GLY K 26 3.99 -69.08 0.83
CA GLY K 26 4.39 -67.88 1.57
C GLY K 26 5.76 -67.30 1.22
N CYS K 27 6.35 -67.75 0.12
CA CYS K 27 7.58 -67.09 -0.38
C CYS K 27 7.35 -65.62 -0.78
N LYS K 28 8.42 -64.82 -0.77
CA LYS K 28 8.32 -63.39 -1.05
C LYS K 28 8.24 -63.10 -2.52
N VAL K 29 7.48 -62.06 -2.83
CA VAL K 29 7.49 -61.45 -4.14
C VAL K 29 8.39 -60.22 -4.05
N GLU K 30 9.48 -60.21 -4.82
CA GLU K 30 10.36 -59.04 -4.91
C GLU K 30 11.13 -59.01 -6.22
N PHE K 31 11.58 -57.81 -6.63
CA PHE K 31 12.26 -57.66 -7.92
C PHE K 31 13.77 -57.79 -7.78
N GLY K 32 14.36 -58.51 -8.73
CA GLY K 32 15.81 -58.66 -8.85
C GLY K 32 16.55 -59.31 -7.68
N ALA K 33 15.94 -60.30 -7.02
CA ALA K 33 16.69 -61.06 -5.99
C ALA K 33 17.57 -62.09 -6.68
N GLU K 34 18.44 -62.76 -5.90
CA GLU K 34 19.36 -63.80 -6.39
C GLU K 34 18.68 -65.10 -6.81
N PRO K 35 19.07 -65.64 -7.98
CA PRO K 35 18.33 -66.73 -8.65
C PRO K 35 17.95 -67.85 -7.69
N ASN K 36 16.70 -68.30 -7.79
CA ASN K 36 16.14 -69.38 -6.96
C ASN K 36 16.36 -69.20 -5.45
N THR K 37 16.15 -68.02 -4.90
CA THR K 37 16.26 -67.91 -3.43
C THR K 37 14.93 -67.67 -2.71
N ASN K 38 13.96 -67.12 -3.45
CA ASN K 38 12.61 -66.99 -2.90
C ASN K 38 11.70 -68.15 -3.31
N VAL K 39 12.10 -69.34 -2.88
CA VAL K 39 11.64 -70.56 -3.47
C VAL K 39 11.34 -71.58 -2.35
N CYS K 40 10.44 -72.52 -2.62
CA CYS K 40 10.01 -73.51 -1.62
C CYS K 40 9.39 -74.70 -2.34
N PRO K 41 9.05 -75.78 -1.58
CA PRO K 41 8.53 -77.05 -2.14
C PRO K 41 7.29 -76.85 -3.00
N VAL K 42 6.42 -75.93 -2.58
CA VAL K 42 5.17 -75.62 -3.29
C VAL K 42 5.49 -74.97 -4.62
N CYS K 43 6.11 -73.79 -4.57
CA CYS K 43 6.45 -73.07 -5.81
C CYS K 43 7.49 -73.75 -6.65
N LEU K 44 8.23 -74.71 -6.08
CA LEU K 44 9.24 -75.45 -6.88
C LEU K 44 8.69 -76.63 -7.65
N GLY K 45 7.41 -76.93 -7.35
CA GLY K 45 6.68 -78.06 -7.93
C GLY K 45 7.28 -79.36 -7.46
N MET K 46 7.52 -79.45 -6.16
CA MET K 46 8.17 -80.62 -5.63
C MET K 46 7.15 -81.70 -5.31
N PRO K 47 7.57 -82.99 -5.33
CA PRO K 47 6.56 -84.02 -5.06
C PRO K 47 6.06 -83.87 -3.63
N GLY K 48 4.72 -83.96 -3.48
CA GLY K 48 4.02 -83.91 -2.19
C GLY K 48 3.64 -82.54 -1.69
N ALA K 49 3.91 -81.52 -2.50
CA ALA K 49 3.67 -80.13 -2.08
C ALA K 49 2.28 -79.58 -2.48
N LEU K 50 1.63 -78.81 -1.59
CA LEU K 50 0.25 -78.37 -1.80
C LEU K 50 0.01 -76.84 -1.74
N PRO K 51 -0.87 -76.30 -2.64
CA PRO K 51 -1.25 -74.87 -2.73
C PRO K 51 -2.18 -74.45 -1.65
N ILE K 52 -1.89 -73.28 -1.07
CA ILE K 52 -2.78 -72.59 -0.16
C ILE K 52 -2.97 -71.18 -0.70
N VAL K 53 -4.22 -70.81 -0.92
CA VAL K 53 -4.61 -69.52 -1.47
C VAL K 53 -4.27 -68.30 -0.59
N ASN K 54 -3.69 -67.30 -1.25
CA ASN K 54 -3.38 -65.98 -0.67
C ASN K 54 -4.64 -65.09 -0.54
N LYS K 55 -4.97 -64.73 0.70
CA LYS K 55 -6.16 -63.94 0.95
C LYS K 55 -6.11 -62.54 0.35
N ARG K 56 -4.97 -61.86 0.55
CA ARG K 56 -4.78 -60.53 -0.04
C ARG K 56 -4.86 -60.57 -1.55
N ALA K 57 -4.27 -61.58 -2.15
CA ALA K 57 -4.40 -61.77 -3.59
C ALA K 57 -5.89 -61.83 -4.00
N VAL K 58 -6.71 -62.46 -3.16
CA VAL K 58 -8.15 -62.54 -3.47
C VAL K 58 -8.85 -61.17 -3.29
N GLU K 59 -8.62 -60.52 -2.16
CA GLU K 59 -9.13 -59.18 -1.91
C GLU K 59 -8.77 -58.21 -3.04
N TYR K 60 -7.51 -58.25 -3.47
CA TYR K 60 -7.04 -57.33 -4.49
C TYR K 60 -7.71 -57.58 -5.82
N ALA K 61 -7.97 -58.84 -6.15
CA ALA K 61 -8.53 -59.10 -7.47
C ALA K 61 -10.03 -58.81 -7.50
N ILE K 62 -10.65 -58.80 -6.33
CA ILE K 62 -12.05 -58.38 -6.19
C ILE K 62 -12.10 -56.86 -6.40
N ARG K 63 -11.26 -56.14 -5.67
CA ARG K 63 -11.18 -54.69 -5.78
C ARG K 63 -10.92 -54.29 -7.24
N ALA K 64 -9.97 -54.95 -7.88
CA ALA K 64 -9.70 -54.64 -9.27
C ALA K 64 -10.92 -54.89 -10.11
N SER K 65 -11.70 -55.92 -9.76
CA SER K 65 -12.86 -56.31 -10.53
C SER K 65 -13.97 -55.28 -10.50
N LEU K 66 -14.17 -54.72 -9.31
CA LEU K 66 -15.13 -53.68 -9.07
C LEU K 66 -14.76 -52.37 -9.78
N ALA K 67 -13.48 -51.96 -9.66
CA ALA K 67 -12.97 -50.78 -10.36
C ALA K 67 -13.05 -50.90 -11.86
N LEU K 68 -13.06 -52.12 -12.38
CA LEU K 68 -13.30 -52.32 -13.79
C LEU K 68 -14.78 -52.59 -14.03
N ASN K 69 -15.61 -52.30 -13.02
CA ASN K 69 -17.08 -52.36 -13.13
C ASN K 69 -17.64 -53.74 -13.49
N CYS K 70 -16.96 -54.79 -13.04
CA CYS K 70 -17.33 -56.16 -13.38
C CYS K 70 -18.36 -56.69 -12.39
N GLU K 71 -19.15 -57.66 -12.84
CA GLU K 71 -19.93 -58.50 -11.94
C GLU K 71 -18.96 -59.52 -11.28
N VAL K 72 -18.86 -59.47 -9.95
CA VAL K 72 -18.02 -60.41 -9.20
C VAL K 72 -18.85 -61.60 -8.73
N HIS K 73 -18.45 -62.81 -9.16
CA HIS K 73 -19.16 -64.05 -8.85
C HIS K 73 -18.84 -64.69 -7.52
N GLU K 74 -19.89 -65.03 -6.79
CA GLU K 74 -19.78 -65.49 -5.41
C GLU K 74 -18.98 -66.79 -5.36
N GLU K 75 -19.05 -67.57 -6.44
CA GLU K 75 -18.35 -68.83 -6.53
C GLU K 75 -17.56 -68.89 -7.83
N SER K 76 -16.24 -69.05 -7.69
CA SER K 76 -15.31 -69.31 -8.81
C SER K 76 -14.39 -70.47 -8.44
N VAL K 77 -13.77 -71.07 -9.46
CA VAL K 77 -13.02 -72.29 -9.30
C VAL K 77 -11.67 -72.22 -9.99
N PHE K 78 -10.60 -72.52 -9.23
CA PHE K 78 -9.25 -72.71 -9.77
C PHE K 78 -9.11 -73.98 -10.57
N ALA K 79 -8.61 -73.87 -11.78
CA ALA K 79 -8.48 -75.00 -12.67
C ALA K 79 -7.03 -75.20 -13.08
N ARG K 80 -6.67 -76.41 -13.51
CA ARG K 80 -5.30 -76.72 -13.86
C ARG K 80 -5.06 -76.57 -15.33
N LYS K 81 -4.07 -75.75 -15.68
CA LYS K 81 -3.71 -75.50 -17.07
C LYS K 81 -2.40 -76.21 -17.38
N HIS K 82 -2.48 -77.20 -18.24
CA HIS K 82 -1.36 -78.08 -18.46
C HIS K 82 -0.57 -77.70 -19.69
N TYR K 83 0.75 -77.50 -19.52
CA TYR K 83 1.73 -77.52 -20.63
C TYR K 83 3.12 -77.87 -20.08
N PHE K 84 3.97 -78.45 -20.93
CA PHE K 84 5.37 -78.72 -20.54
C PHE K 84 6.33 -77.60 -20.96
N TYR K 85 6.92 -76.95 -19.95
CA TYR K 85 7.88 -75.86 -20.16
C TYR K 85 8.76 -75.62 -18.93
N PRO K 86 10.09 -75.49 -19.14
CA PRO K 86 11.11 -75.45 -18.10
C PRO K 86 10.86 -74.43 -17.02
N ASP K 87 10.19 -73.34 -17.35
CA ASP K 87 9.88 -72.32 -16.35
C ASP K 87 8.57 -72.57 -15.58
N LEU K 88 7.91 -73.70 -15.88
CA LEU K 88 6.65 -74.06 -15.23
C LEU K 88 6.77 -75.37 -14.44
N PRO K 89 7.08 -75.24 -13.14
CA PRO K 89 7.51 -76.33 -12.29
C PRO K 89 6.57 -77.54 -12.16
N LYS K 90 5.25 -77.34 -12.14
CA LYS K 90 4.31 -78.45 -11.91
C LYS K 90 3.83 -79.13 -13.15
N GLY K 91 4.07 -78.55 -14.30
CA GLY K 91 3.55 -79.15 -15.52
C GLY K 91 2.15 -78.64 -15.76
N TYR K 92 1.68 -77.81 -14.82
CA TYR K 92 0.45 -77.07 -15.03
C TYR K 92 0.51 -75.71 -14.35
N GLN K 93 -0.27 -74.76 -14.87
CA GLN K 93 -0.50 -73.52 -14.17
C GLN K 93 -1.88 -73.57 -13.49
N ILE K 94 -1.93 -73.21 -12.22
CA ILE K 94 -3.21 -73.05 -11.54
C ILE K 94 -3.81 -71.68 -11.91
N SER K 95 -4.87 -71.66 -12.72
CA SER K 95 -5.62 -70.43 -12.95
C SER K 95 -7.14 -70.61 -12.78
N GLN K 96 -7.95 -69.97 -13.63
CA GLN K 96 -9.38 -70.15 -13.65
C GLN K 96 -9.80 -70.24 -15.10
N TYR K 97 -10.93 -70.91 -15.35
CA TYR K 97 -11.36 -71.22 -16.71
C TYR K 97 -12.83 -70.83 -16.90
N GLU K 98 -13.72 -71.81 -17.09
CA GLU K 98 -15.13 -71.63 -16.76
C GLU K 98 -15.23 -71.33 -15.28
N LYS K 99 -16.04 -70.36 -14.93
CA LYS K 99 -16.11 -69.90 -13.54
C LYS K 99 -14.92 -69.05 -13.07
N PRO K 100 -14.65 -67.94 -13.78
CA PRO K 100 -13.71 -66.90 -13.34
C PRO K 100 -14.30 -66.03 -12.26
N LEU K 101 -13.45 -65.29 -11.58
CA LEU K 101 -13.87 -64.42 -10.49
C LEU K 101 -14.89 -63.33 -10.91
N ALA K 102 -14.66 -62.70 -12.06
CA ALA K 102 -15.46 -61.56 -12.48
C ALA K 102 -15.61 -61.50 -13.98
N THR K 103 -16.66 -60.79 -14.40
CA THR K 103 -17.18 -60.88 -15.75
C THR K 103 -17.95 -59.58 -16.08
N ASN K 104 -18.16 -59.29 -17.37
CA ASN K 104 -19.03 -58.18 -17.79
C ASN K 104 -18.70 -56.82 -17.13
N GLY K 105 -17.49 -56.32 -17.41
CA GLY K 105 -17.08 -54.99 -16.92
C GLY K 105 -16.71 -54.07 -18.07
N TRP K 106 -16.35 -52.84 -17.73
CA TRP K 106 -16.02 -51.87 -18.76
C TRP K 106 -15.00 -50.86 -18.27
N VAL K 107 -14.20 -50.36 -19.20
CA VAL K 107 -13.34 -49.23 -18.92
C VAL K 107 -13.63 -48.06 -19.86
N GLU K 108 -13.77 -46.86 -19.29
CA GLU K 108 -14.05 -45.66 -20.08
C GLU K 108 -12.78 -44.94 -20.56
N LEU K 109 -12.68 -44.79 -21.88
CA LEU K 109 -11.60 -44.02 -22.49
C LEU K 109 -11.99 -42.56 -22.82
N ASN K 110 -11.09 -41.63 -22.53
CA ASN K 110 -11.22 -40.25 -22.99
C ASN K 110 -10.34 -40.05 -24.22
N LEU K 111 -11.00 -39.75 -25.33
CA LEU K 111 -10.34 -39.63 -26.62
C LEU K 111 -9.80 -38.23 -26.82
N PRO K 112 -8.76 -38.07 -27.65
CA PRO K 112 -8.12 -36.76 -27.76
C PRO K 112 -8.95 -35.79 -28.60
N ASN K 113 -10.11 -36.23 -29.09
CA ASN K 113 -11.03 -35.35 -29.80
C ASN K 113 -12.26 -34.95 -29.03
N GLY K 114 -12.17 -35.07 -27.70
CA GLY K 114 -13.27 -34.72 -26.81
C GLY K 114 -14.14 -35.89 -26.38
N GLU K 115 -14.15 -36.95 -27.18
CA GLU K 115 -15.12 -38.02 -26.96
C GLU K 115 -14.75 -39.14 -25.99
N LYS K 116 -15.79 -39.68 -25.37
CA LYS K 116 -15.68 -40.75 -24.42
C LYS K 116 -16.19 -42.03 -25.07
N LYS K 117 -15.41 -43.10 -24.91
CA LYS K 117 -15.71 -44.40 -25.50
C LYS K 117 -15.59 -45.51 -24.42
N LYS K 118 -16.22 -46.66 -24.65
CA LYS K 118 -16.12 -47.79 -23.71
C LYS K 118 -15.47 -49.02 -24.29
N VAL K 119 -14.58 -49.61 -23.50
CA VAL K 119 -13.98 -50.92 -23.77
C VAL K 119 -14.44 -51.94 -22.71
N ARG K 120 -15.09 -53.02 -23.15
CA ARG K 120 -15.61 -54.04 -22.23
C ARG K 120 -14.53 -55.00 -21.77
N ILE K 121 -14.47 -55.18 -20.46
CA ILE K 121 -13.71 -56.23 -19.83
C ILE K 121 -14.54 -57.56 -19.87
N ARG K 122 -14.08 -58.48 -20.70
CA ARG K 122 -14.73 -59.79 -20.86
C ARG K 122 -14.61 -60.62 -19.60
N ARG K 123 -13.43 -60.63 -18.97
CA ARG K 123 -13.16 -61.39 -17.73
C ARG K 123 -11.96 -60.87 -16.91
N LEU K 124 -11.99 -61.18 -15.63
CA LEU K 124 -10.83 -61.07 -14.80
C LEU K 124 -10.77 -62.35 -13.94
N HIS K 125 -9.70 -63.13 -14.12
CA HIS K 125 -9.44 -64.24 -13.23
C HIS K 125 -8.10 -64.20 -12.52
N ILE K 126 -8.03 -64.88 -11.38
CA ILE K 126 -6.82 -65.04 -10.59
C ILE K 126 -5.97 -66.19 -11.12
N GLU K 127 -4.65 -65.99 -11.12
CA GLU K 127 -3.70 -67.04 -11.55
C GLU K 127 -2.25 -66.81 -11.06
N GLU K 128 -1.42 -67.84 -11.19
CA GLU K 128 -0.06 -67.76 -10.70
C GLU K 128 0.87 -67.66 -11.89
N ASP K 129 2.03 -67.03 -11.67
CA ASP K 129 2.99 -66.80 -12.73
C ASP K 129 3.96 -67.98 -12.85
N ALA K 130 4.56 -68.12 -14.02
CA ALA K 130 5.67 -69.02 -14.24
C ALA K 130 6.98 -68.34 -13.75
N GLY K 131 8.10 -69.06 -13.78
CA GLY K 131 9.42 -68.45 -13.55
C GLY K 131 9.98 -67.85 -14.85
N LYS K 132 11.30 -67.58 -14.86
CA LYS K 132 11.94 -66.89 -15.98
C LYS K 132 13.13 -67.65 -16.53
N ASN K 133 13.32 -67.59 -17.84
CA ASN K 133 14.46 -68.21 -18.50
C ASN K 133 15.51 -67.23 -19.00
N ILE K 134 16.79 -67.55 -18.74
CA ILE K 134 17.95 -66.90 -19.39
C ILE K 134 18.63 -67.90 -20.35
N HIS K 135 19.03 -67.46 -21.54
CA HIS K 135 19.73 -68.34 -22.46
C HIS K 135 21.21 -68.00 -22.50
N GLU K 136 22.04 -69.02 -22.28
CA GLU K 136 23.49 -68.87 -22.19
C GLU K 136 24.16 -70.00 -22.98
N GLY K 137 24.50 -69.71 -24.22
CA GLY K 137 25.13 -70.73 -25.07
C GLY K 137 24.10 -71.74 -25.53
N ASP K 138 24.39 -73.01 -25.32
CA ASP K 138 23.48 -74.09 -25.74
C ASP K 138 22.62 -74.65 -24.56
N LYS K 139 22.53 -73.86 -23.49
CA LYS K 139 21.72 -74.19 -22.34
C LYS K 139 20.72 -73.07 -22.01
N THR K 140 19.61 -73.40 -21.35
CA THR K 140 18.72 -72.39 -20.77
C THR K 140 18.90 -72.44 -19.27
N LEU K 141 18.93 -71.28 -18.62
CA LEU K 141 19.05 -71.25 -17.18
C LEU K 141 17.74 -70.78 -16.59
N VAL K 142 17.29 -71.48 -15.55
CA VAL K 142 15.94 -71.32 -15.04
C VAL K 142 15.93 -70.77 -13.63
N ASP K 143 15.47 -69.54 -13.48
CA ASP K 143 15.22 -68.92 -12.16
C ASP K 143 13.73 -68.99 -11.88
N LEU K 144 13.35 -69.69 -10.80
CA LEU K 144 11.95 -69.86 -10.42
C LEU K 144 11.53 -68.92 -9.30
N ASN K 145 12.22 -67.80 -9.10
CA ASN K 145 11.77 -66.82 -8.07
C ASN K 145 10.35 -66.29 -8.30
N ARG K 146 9.95 -66.26 -9.57
CA ARG K 146 8.71 -65.61 -10.01
C ARG K 146 7.55 -66.61 -10.20
N ALA K 147 7.88 -67.89 -10.41
CA ALA K 147 6.86 -68.97 -10.35
C ALA K 147 5.96 -68.84 -9.12
N GLY K 148 4.64 -68.75 -9.37
CA GLY K 148 3.65 -68.73 -8.30
C GLY K 148 3.25 -67.34 -7.86
N THR K 149 3.81 -66.32 -8.52
CA THR K 149 3.49 -64.92 -8.22
C THR K 149 2.08 -64.68 -8.71
N PRO K 150 1.27 -63.98 -7.92
CA PRO K 150 -0.14 -63.80 -8.28
C PRO K 150 -0.32 -62.86 -9.46
N LEU K 151 -1.21 -63.24 -10.37
CA LEU K 151 -1.56 -62.39 -11.49
C LEU K 151 -3.07 -62.26 -11.64
N MET K 152 -3.50 -61.14 -12.26
CA MET K 152 -4.87 -60.98 -12.70
C MET K 152 -4.81 -61.11 -14.18
N GLU K 153 -5.50 -62.10 -14.74
CA GLU K 153 -5.57 -62.09 -16.16
C GLU K 153 -6.78 -61.29 -16.54
N ILE K 154 -6.60 -60.26 -17.37
CA ILE K 154 -7.66 -59.36 -17.79
C ILE K 154 -7.84 -59.48 -19.29
N VAL K 155 -9.05 -59.83 -19.74
CA VAL K 155 -9.31 -59.99 -21.16
C VAL K 155 -10.38 -59.01 -21.64
N THR K 156 -10.14 -58.38 -22.77
CA THR K 156 -10.98 -57.33 -23.28
C THR K 156 -11.86 -57.91 -24.37
N GLU K 157 -13.09 -57.40 -24.52
CA GLU K 157 -13.85 -57.64 -25.76
C GLU K 157 -13.14 -56.90 -26.90
N PRO K 158 -13.34 -57.32 -28.16
CA PRO K 158 -12.56 -56.68 -29.23
C PRO K 158 -13.11 -55.29 -29.63
N ASP K 159 -13.21 -54.41 -28.64
CA ASP K 159 -13.89 -53.11 -28.75
C ASP K 159 -12.98 -51.94 -29.15
N ILE K 160 -11.67 -52.17 -29.07
CA ILE K 160 -10.67 -51.18 -29.42
C ILE K 160 -10.51 -51.09 -30.94
N ARG K 161 -10.44 -49.86 -31.44
CA ARG K 161 -10.52 -49.59 -32.88
C ARG K 161 -9.27 -48.94 -33.45
N THR K 162 -8.36 -48.54 -32.56
CA THR K 162 -7.22 -47.66 -32.91
C THR K 162 -5.93 -47.94 -32.10
N PRO K 163 -4.75 -47.96 -32.76
CA PRO K 163 -3.45 -48.03 -32.06
C PRO K 163 -3.37 -47.08 -30.86
N GLU K 164 -3.77 -45.82 -31.07
CA GLU K 164 -3.83 -44.83 -30.02
C GLU K 164 -4.73 -45.29 -28.87
N GLU K 165 -5.94 -45.78 -29.20
CA GLU K 165 -6.90 -46.26 -28.19
C GLU K 165 -6.33 -47.44 -27.40
N ALA K 166 -5.63 -48.32 -28.11
CA ALA K 166 -4.94 -49.44 -27.46
C ALA K 166 -4.01 -48.91 -26.36
N ARG K 167 -3.19 -47.92 -26.69
CA ARG K 167 -2.31 -47.30 -25.72
C ARG K 167 -3.10 -46.61 -24.62
N LEU K 168 -4.09 -45.81 -25.02
CA LEU K 168 -4.91 -45.07 -24.06
C LEU K 168 -5.63 -46.01 -23.11
N PHE K 169 -6.08 -47.16 -23.63
CA PHE K 169 -6.68 -48.19 -22.78
C PHE K 169 -5.68 -48.65 -21.73
N LEU K 170 -4.50 -49.03 -22.21
CA LEU K 170 -3.42 -49.49 -21.37
C LEU K 170 -3.07 -48.53 -20.27
N GLU K 171 -3.00 -47.24 -20.61
CA GLU K 171 -2.64 -46.23 -19.64
C GLU K 171 -3.70 -46.09 -18.56
N LYS K 172 -4.97 -46.12 -18.97
CA LYS K 172 -6.08 -46.00 -18.05
C LYS K 172 -6.15 -47.22 -17.13
N LEU K 173 -5.97 -48.41 -17.71
CA LEU K 173 -5.87 -49.63 -16.91
C LEU K 173 -4.76 -49.53 -15.87
N ARG K 174 -3.55 -49.16 -16.31
CA ARG K 174 -2.44 -48.92 -15.41
C ARG K 174 -2.86 -48.02 -14.27
N ASN K 175 -3.48 -46.90 -14.61
CA ASN K 175 -3.86 -45.89 -13.64
C ASN K 175 -4.96 -46.35 -12.68
N ILE K 176 -5.99 -47.04 -13.20
CA ILE K 176 -7.00 -47.69 -12.34
C ILE K 176 -6.35 -48.68 -11.32
N MET K 177 -5.47 -49.54 -11.82
CA MET K 177 -4.70 -50.43 -10.97
C MET K 177 -3.94 -49.69 -9.87
N ARG K 178 -3.19 -48.65 -10.27
CA ARG K 178 -2.42 -47.83 -9.34
C ARG K 178 -3.29 -47.12 -8.30
N TYR K 179 -4.37 -46.49 -8.75
CA TYR K 179 -5.31 -45.82 -7.86
C TYR K 179 -5.99 -46.79 -6.89
N ALA K 180 -6.49 -47.92 -7.41
CA ALA K 180 -7.04 -49.03 -6.61
C ALA K 180 -6.03 -49.54 -5.59
N GLY K 181 -4.74 -49.52 -5.95
CA GLY K 181 -3.65 -49.87 -5.04
C GLY K 181 -3.29 -51.33 -5.12
N VAL K 182 -3.64 -51.96 -6.24
CA VAL K 182 -3.54 -53.41 -6.38
C VAL K 182 -2.27 -53.90 -7.05
N SER K 183 -1.63 -53.04 -7.84
CA SER K 183 -0.46 -53.37 -8.65
C SER K 183 0.31 -52.09 -8.99
N LYS K 184 1.63 -52.19 -9.18
CA LYS K 184 2.43 -51.04 -9.67
C LYS K 184 2.29 -50.91 -11.18
N ALA K 185 2.03 -52.04 -11.82
CA ALA K 185 1.62 -52.12 -13.23
C ALA K 185 2.50 -51.38 -14.23
N ASP K 186 3.79 -51.34 -13.96
CA ASP K 186 4.76 -50.77 -14.91
C ASP K 186 5.35 -51.86 -15.78
N MET K 187 5.20 -51.72 -17.09
CA MET K 187 5.75 -52.70 -18.03
C MET K 187 7.26 -52.96 -17.91
N GLU K 188 8.03 -51.93 -17.53
CA GLU K 188 9.50 -52.01 -17.45
C GLU K 188 9.99 -53.09 -16.45
N LYS K 189 9.22 -53.35 -15.39
CA LYS K 189 9.61 -54.37 -14.42
C LYS K 189 8.77 -55.64 -14.59
N GLY K 190 8.08 -55.81 -15.73
CA GLY K 190 7.16 -56.86 -16.11
C GLY K 190 6.08 -57.09 -15.08
N GLN K 191 5.56 -56.06 -14.49
CA GLN K 191 4.43 -56.11 -13.59
C GLN K 191 3.14 -56.04 -14.39
N LEU K 192 3.30 -55.88 -15.70
CA LEU K 192 2.18 -55.81 -16.60
C LEU K 192 2.66 -56.30 -17.94
N ARG K 193 2.05 -57.38 -18.42
CA ARG K 193 2.31 -57.87 -19.77
C ARG K 193 1.05 -57.71 -20.60
N CYS K 194 1.22 -57.69 -21.91
CA CYS K 194 0.11 -57.48 -22.79
C CYS K 194 0.32 -58.18 -24.10
N ASP K 195 -0.59 -59.07 -24.45
CA ASP K 195 -0.61 -59.65 -25.79
C ASP K 195 -1.76 -59.03 -26.58
N ILE K 196 -1.57 -58.91 -27.87
CA ILE K 196 -2.45 -58.13 -28.72
C ILE K 196 -3.13 -59.06 -29.71
N ASN K 197 -4.42 -58.81 -29.95
CA ASN K 197 -5.20 -59.53 -30.94
C ASN K 197 -5.90 -58.53 -31.85
N VAL K 198 -5.79 -58.75 -33.15
CA VAL K 198 -6.24 -57.75 -34.13
C VAL K 198 -6.69 -58.32 -35.47
N SER K 199 -7.82 -57.83 -35.95
CA SER K 199 -8.34 -58.20 -37.26
C SER K 199 -8.88 -56.98 -37.97
N ILE K 200 -8.96 -57.04 -39.29
CA ILE K 200 -9.56 -55.95 -40.07
C ILE K 200 -10.91 -56.32 -40.68
N ARG K 201 -11.67 -55.31 -41.06
CA ARG K 201 -13.11 -55.44 -41.33
C ARG K 201 -13.55 -54.29 -42.25
N PRO K 202 -14.24 -54.61 -43.37
CA PRO K 202 -14.80 -53.51 -44.16
C PRO K 202 -15.68 -52.63 -43.28
N LYS K 203 -15.54 -51.31 -43.40
CA LYS K 203 -16.13 -50.37 -42.44
C LYS K 203 -17.62 -50.60 -42.21
N GLY K 204 -18.03 -50.48 -40.97
CA GLY K 204 -19.43 -50.62 -40.60
C GLY K 204 -20.04 -52.01 -40.79
N SER K 205 -19.24 -53.00 -41.21
CA SER K 205 -19.75 -54.39 -41.30
C SER K 205 -19.77 -55.04 -39.92
N LYS K 206 -20.52 -56.14 -39.78
CA LYS K 206 -20.73 -56.76 -38.47
C LYS K 206 -19.99 -58.08 -38.27
N GLU K 207 -19.46 -58.62 -39.37
CA GLU K 207 -18.66 -59.84 -39.34
C GLU K 207 -17.33 -59.59 -38.60
N PHE K 208 -16.63 -60.65 -38.17
CA PHE K 208 -15.24 -60.52 -37.70
C PHE K 208 -14.25 -61.12 -38.71
N GLY K 209 -13.16 -60.40 -38.99
CA GLY K 209 -12.11 -60.88 -39.89
C GLY K 209 -11.09 -61.80 -39.22
N THR K 210 -10.15 -62.32 -39.99
CA THR K 210 -9.14 -63.27 -39.47
C THR K 210 -8.23 -62.61 -38.44
N ARG K 211 -8.01 -63.33 -37.35
CA ARG K 211 -7.37 -62.80 -36.16
C ARG K 211 -5.87 -63.06 -36.11
N VAL K 212 -5.09 -62.02 -35.81
CA VAL K 212 -3.64 -62.16 -35.59
C VAL K 212 -3.27 -61.77 -34.17
N GLU K 213 -2.34 -62.52 -33.59
CA GLU K 213 -1.89 -62.34 -32.22
C GLU K 213 -0.46 -61.80 -32.26
N ILE K 214 -0.16 -60.78 -31.47
CA ILE K 214 1.22 -60.27 -31.38
C ILE K 214 1.68 -60.30 -29.94
N LYS K 215 2.74 -61.03 -29.65
CA LYS K 215 3.16 -61.23 -28.28
C LYS K 215 4.49 -60.57 -27.93
N ASN K 216 4.76 -60.46 -26.63
CA ASN K 216 5.94 -59.75 -26.13
C ASN K 216 6.11 -58.39 -26.79
N VAL K 217 5.19 -57.48 -26.50
CA VAL K 217 5.39 -56.08 -26.80
C VAL K 217 5.54 -55.41 -25.46
N ASN K 218 6.67 -54.74 -25.25
CA ASN K 218 7.12 -54.43 -23.89
C ASN K 218 6.91 -53.03 -23.33
N SER K 219 6.33 -52.13 -24.10
CA SER K 219 5.97 -50.80 -23.60
C SER K 219 4.65 -50.37 -24.24
N PHE K 220 3.96 -49.43 -23.60
CA PHE K 220 2.71 -48.93 -24.18
C PHE K 220 2.92 -48.35 -25.57
N ARG K 221 4.02 -47.60 -25.76
CA ARG K 221 4.35 -47.02 -27.08
C ARG K 221 4.62 -48.08 -28.12
N PHE K 222 5.20 -49.19 -27.69
CA PHE K 222 5.45 -50.30 -28.59
C PHE K 222 4.18 -51.04 -29.00
N VAL K 223 3.16 -51.03 -28.14
CA VAL K 223 1.87 -51.61 -28.55
C VAL K 223 1.24 -50.74 -29.62
N GLN K 224 1.34 -49.42 -29.47
CA GLN K 224 0.88 -48.50 -30.49
C GLN K 224 1.59 -48.73 -31.83
N LYS K 225 2.92 -48.91 -31.79
CA LYS K 225 3.70 -49.04 -33.02
C LYS K 225 3.46 -50.38 -33.69
N ALA K 226 3.45 -51.45 -32.89
CA ALA K 226 3.12 -52.80 -33.37
C ALA K 226 1.79 -52.78 -34.09
N LEU K 227 0.77 -52.17 -33.48
CA LEU K 227 -0.56 -52.05 -34.08
C LEU K 227 -0.60 -51.18 -35.33
N GLU K 228 -0.02 -49.98 -35.26
CA GLU K 228 0.12 -49.10 -36.42
C GLU K 228 0.60 -49.87 -37.67
N TYR K 229 1.69 -50.62 -37.51
CA TYR K 229 2.25 -51.39 -38.60
C TYR K 229 1.35 -52.54 -39.07
N GLU K 230 0.89 -53.34 -38.10
CA GLU K 230 0.11 -54.55 -38.36
C GLU K 230 -1.21 -54.25 -39.10
N ILE K 231 -1.91 -53.21 -38.68
CA ILE K 231 -3.13 -52.78 -39.37
C ILE K 231 -2.81 -52.41 -40.82
N GLU K 232 -1.73 -51.64 -41.02
CA GLU K 232 -1.31 -51.31 -42.37
C GLU K 232 -0.97 -52.58 -43.13
N ARG K 233 -0.24 -53.51 -42.50
CA ARG K 233 0.20 -54.75 -43.15
C ARG K 233 -0.96 -55.62 -43.60
N GLN K 234 -1.99 -55.74 -42.76
CA GLN K 234 -3.19 -56.51 -43.07
C GLN K 234 -3.98 -55.84 -44.18
N ILE K 235 -4.08 -54.51 -44.13
CA ILE K 235 -4.83 -53.75 -45.14
C ILE K 235 -4.21 -53.98 -46.52
N ASN K 236 -2.88 -53.88 -46.60
CA ASN K 236 -2.16 -54.18 -47.83
C ASN K 236 -2.52 -55.56 -48.32
N VAL K 237 -2.36 -56.57 -47.45
CA VAL K 237 -2.63 -57.97 -47.79
C VAL K 237 -3.98 -58.14 -48.46
N VAL K 238 -5.03 -57.68 -47.79
CA VAL K 238 -6.42 -57.80 -48.25
C VAL K 238 -6.69 -57.04 -49.56
N GLU K 239 -6.15 -55.81 -49.65
CA GLU K 239 -6.30 -54.96 -50.85
C GLU K 239 -5.51 -55.46 -52.05
N GLU K 240 -4.55 -56.35 -51.79
CA GLU K 240 -3.75 -56.96 -52.85
C GLU K 240 -4.35 -58.34 -53.22
N GLY K 241 -5.60 -58.56 -52.80
CA GLY K 241 -6.35 -59.76 -53.16
C GLY K 241 -6.15 -60.96 -52.24
N GLY K 242 -5.07 -60.93 -51.46
CA GLY K 242 -4.73 -62.03 -50.56
C GLY K 242 -5.59 -62.12 -49.31
N GLU K 243 -5.49 -63.24 -48.61
CA GLU K 243 -6.19 -63.39 -47.34
C GLU K 243 -5.19 -63.38 -46.20
N VAL K 244 -5.58 -62.70 -45.13
CA VAL K 244 -4.77 -62.66 -43.92
C VAL K 244 -4.82 -64.02 -43.19
N VAL K 245 -3.63 -64.53 -42.88
CA VAL K 245 -3.44 -65.86 -42.29
C VAL K 245 -3.37 -65.82 -40.75
N GLN K 246 -4.12 -66.72 -40.11
CA GLN K 246 -4.22 -66.76 -38.64
C GLN K 246 -2.95 -67.29 -37.95
N GLU K 247 -2.29 -66.42 -37.18
CA GLU K 247 -1.03 -66.76 -36.53
C GLU K 247 -0.69 -65.89 -35.33
N THR K 248 0.42 -66.24 -34.68
CA THR K 248 1.06 -65.36 -33.71
C THR K 248 2.25 -64.70 -34.41
N ARG K 249 2.55 -63.46 -34.04
CA ARG K 249 3.72 -62.74 -34.55
C ARG K 249 4.51 -62.11 -33.41
N THR K 250 5.70 -61.62 -33.74
CA THR K 250 6.52 -60.90 -32.77
C THR K 250 6.81 -59.50 -33.29
N PHE K 251 7.18 -58.62 -32.38
CA PHE K 251 7.50 -57.24 -32.72
C PHE K 251 8.93 -56.92 -32.35
N ASP K 252 9.68 -56.38 -33.30
CA ASP K 252 11.06 -55.93 -33.08
C ASP K 252 11.06 -54.41 -32.88
N PRO K 253 11.37 -53.93 -31.66
CA PRO K 253 11.31 -52.50 -31.43
C PRO K 253 12.26 -51.74 -32.36
N GLN K 254 13.46 -52.29 -32.58
CA GLN K 254 14.48 -51.68 -33.43
C GLN K 254 14.03 -51.37 -34.87
N THR K 255 13.24 -52.25 -35.47
CA THR K 255 12.77 -52.03 -36.85
C THR K 255 11.34 -51.51 -36.99
N GLY K 256 10.55 -51.60 -35.92
CA GLY K 256 9.15 -51.17 -35.93
C GLY K 256 8.22 -52.04 -36.77
N LYS K 257 8.59 -53.30 -36.96
CA LYS K 257 7.80 -54.22 -37.78
C LYS K 257 7.44 -55.50 -37.04
N THR K 258 6.33 -56.10 -37.45
CA THR K 258 5.88 -57.38 -36.90
C THR K 258 6.35 -58.50 -37.79
N TYR K 259 6.63 -59.66 -37.20
CA TYR K 259 7.20 -60.78 -37.94
C TYR K 259 6.53 -62.11 -37.64
N PRO K 260 6.25 -62.90 -38.70
CA PRO K 260 5.76 -64.27 -38.53
C PRO K 260 6.81 -65.10 -37.81
N MET K 261 6.46 -66.33 -37.43
CA MET K 261 7.37 -67.18 -36.69
C MET K 261 7.81 -68.41 -37.48
N ARG K 262 9.10 -68.74 -37.36
CA ARG K 262 9.67 -69.84 -38.13
C ARG K 262 9.08 -71.20 -37.74
N THR K 263 8.74 -71.35 -36.46
CA THR K 263 8.13 -72.58 -35.94
C THR K 263 6.60 -72.60 -36.13
N LYS K 264 6.12 -73.66 -36.80
CA LYS K 264 4.70 -73.91 -37.01
C LYS K 264 4.09 -74.74 -35.86
N GLU K 265 4.54 -74.46 -34.63
CA GLU K 265 4.09 -75.21 -33.45
C GLU K 265 2.70 -74.79 -32.98
N GLU K 266 1.70 -75.63 -33.25
CA GLU K 266 0.32 -75.40 -32.79
C GLU K 266 0.16 -75.57 -31.27
N ALA K 267 -0.89 -74.95 -30.73
CA ALA K 267 -1.23 -75.07 -29.31
C ALA K 267 -1.71 -76.49 -29.00
N GLU K 268 -1.49 -76.90 -27.75
CA GLU K 268 -1.89 -78.23 -27.30
C GLU K 268 -2.93 -78.13 -26.21
N ASP K 269 -3.98 -78.94 -26.33
CA ASP K 269 -5.11 -78.99 -25.41
C ASP K 269 -4.61 -78.85 -23.97
N TYR K 270 -5.12 -77.85 -23.26
CA TYR K 270 -4.66 -77.59 -21.91
C TYR K 270 -5.19 -78.55 -20.85
N ARG K 271 -6.11 -79.45 -21.24
CA ARG K 271 -6.69 -80.44 -20.33
C ARG K 271 -7.15 -79.81 -19.03
N TYR K 272 -8.01 -78.79 -19.13
CA TYR K 272 -8.55 -78.08 -17.96
C TYR K 272 -9.46 -78.94 -17.08
N PHE K 273 -9.36 -78.74 -15.77
CA PHE K 273 -10.27 -79.33 -14.84
C PHE K 273 -10.04 -78.75 -13.46
N PRO K 274 -11.05 -78.74 -12.57
CA PRO K 274 -10.82 -78.11 -11.27
C PRO K 274 -9.63 -78.73 -10.51
N ASP K 275 -8.74 -77.91 -9.96
CA ASP K 275 -7.64 -78.44 -9.17
C ASP K 275 -8.25 -79.15 -7.99
N PRO K 276 -7.96 -80.46 -7.82
CA PRO K 276 -8.48 -81.21 -6.68
C PRO K 276 -7.75 -80.93 -5.40
N ASP K 277 -6.70 -80.11 -5.45
CA ASP K 277 -6.02 -79.64 -4.23
C ASP K 277 -6.74 -78.47 -3.57
N LEU K 278 -7.69 -77.85 -4.27
CA LEU K 278 -8.38 -76.66 -3.78
C LEU K 278 -9.91 -76.78 -3.90
N VAL K 279 -10.60 -76.34 -2.85
CA VAL K 279 -12.04 -76.13 -2.89
C VAL K 279 -12.37 -74.87 -3.70
N PRO K 280 -13.62 -74.77 -4.21
CA PRO K 280 -14.10 -73.55 -4.87
C PRO K 280 -13.92 -72.28 -4.07
N LEU K 281 -13.59 -71.20 -4.78
CA LEU K 281 -13.43 -69.90 -4.17
C LEU K 281 -14.82 -69.31 -3.91
N LYS K 282 -15.14 -69.19 -2.64
CA LYS K 282 -16.44 -68.71 -2.24
C LYS K 282 -16.25 -67.35 -1.61
N VAL K 283 -16.80 -66.35 -2.30
CA VAL K 283 -16.72 -64.94 -1.91
C VAL K 283 -18.05 -64.46 -1.37
N LYS K 284 -18.15 -64.32 -0.06
CA LYS K 284 -19.33 -63.79 0.61
C LYS K 284 -19.73 -62.46 0.00
N LYS K 285 -21.03 -62.25 -0.16
CA LYS K 285 -21.58 -60.95 -0.57
C LYS K 285 -21.14 -59.83 0.38
N GLU K 286 -21.21 -60.12 1.67
CA GLU K 286 -20.84 -59.15 2.69
C GLU K 286 -19.40 -58.62 2.53
N TRP K 287 -18.54 -59.38 1.86
CA TRP K 287 -17.14 -59.02 1.62
C TRP K 287 -16.96 -58.10 0.42
N ILE K 288 -17.65 -58.42 -0.67
CA ILE K 288 -17.76 -57.53 -1.81
C ILE K 288 -18.24 -56.16 -1.33
N GLU K 289 -19.34 -56.15 -0.57
CA GLU K 289 -19.89 -54.93 0.02
C GLU K 289 -18.83 -54.09 0.74
N GLU K 290 -17.99 -54.76 1.53
CA GLU K 290 -16.95 -54.10 2.32
C GLU K 290 -15.84 -53.50 1.46
N ILE K 291 -15.49 -54.20 0.39
CA ILE K 291 -14.44 -53.75 -0.51
C ILE K 291 -14.95 -52.58 -1.33
N LYS K 292 -16.24 -52.66 -1.68
CA LYS K 292 -16.97 -51.62 -2.40
C LYS K 292 -17.03 -50.34 -1.56
N LYS K 293 -17.42 -50.49 -0.30
CA LYS K 293 -17.53 -49.39 0.64
C LYS K 293 -16.21 -48.65 0.85
N ASN K 294 -15.15 -49.39 0.98
CA ASN K 294 -13.80 -48.85 1.27
C ASN K 294 -12.87 -48.75 0.05
N MET K 295 -13.48 -48.70 -1.12
CA MET K 295 -12.78 -48.50 -2.37
C MET K 295 -11.98 -47.19 -2.35
N PRO K 296 -10.67 -47.21 -2.72
CA PRO K 296 -9.91 -45.96 -2.90
C PRO K 296 -10.50 -45.14 -4.03
N GLU K 297 -10.31 -43.82 -4.01
CA GLU K 297 -10.80 -42.98 -5.11
C GLU K 297 -10.10 -43.32 -6.44
N LEU K 298 -10.91 -43.42 -7.49
CA LEU K 298 -10.43 -43.78 -8.81
C LEU K 298 -10.25 -42.52 -9.66
N PRO K 299 -9.63 -42.64 -10.85
CA PRO K 299 -9.23 -41.45 -11.60
C PRO K 299 -10.38 -40.52 -12.03
N ASP K 300 -11.40 -41.06 -12.70
CA ASP K 300 -12.57 -40.27 -13.14
C ASP K 300 -13.29 -39.55 -12.01
N GLN K 301 -13.38 -40.19 -10.85
CA GLN K 301 -13.92 -39.55 -9.68
C GLN K 301 -13.02 -38.37 -9.27
N ARG K 302 -11.72 -38.60 -9.09
CA ARG K 302 -10.78 -37.53 -8.71
C ARG K 302 -10.81 -36.38 -9.71
N PHE K 303 -10.93 -36.70 -10.99
CA PHE K 303 -11.05 -35.72 -12.05
C PHE K 303 -12.15 -34.68 -11.77
N GLU K 304 -13.39 -35.12 -11.53
CA GLU K 304 -14.49 -34.20 -11.27
C GLU K 304 -14.39 -33.55 -9.90
N ARG K 305 -13.79 -34.22 -8.93
CA ARG K 305 -13.64 -33.67 -7.60
C ARG K 305 -12.67 -32.48 -7.57
N LEU K 306 -11.59 -32.56 -8.36
CA LEU K 306 -10.57 -31.49 -8.42
C LEU K 306 -11.12 -30.22 -9.05
N ILE K 307 -11.77 -30.37 -10.21
CA ILE K 307 -12.52 -29.29 -10.87
C ILE K 307 -13.48 -28.56 -9.93
N LYS K 308 -14.25 -29.30 -9.14
CA LYS K 308 -15.14 -28.69 -8.15
C LYS K 308 -14.37 -28.16 -6.94
N GLU K 309 -13.73 -29.05 -6.20
CA GLU K 309 -13.08 -28.73 -4.92
C GLU K 309 -11.99 -27.64 -5.00
N TYR K 310 -11.49 -27.37 -6.20
CA TYR K 310 -10.34 -26.48 -6.38
C TYR K 310 -10.50 -25.54 -7.59
N GLY K 311 -11.54 -25.76 -8.38
CA GLY K 311 -11.80 -24.96 -9.57
C GLY K 311 -10.80 -25.04 -10.69
N LEU K 312 -10.05 -26.13 -10.77
CA LEU K 312 -9.09 -26.33 -11.86
C LEU K 312 -9.78 -26.49 -13.21
N SER K 313 -9.05 -26.21 -14.27
CA SER K 313 -9.57 -26.42 -15.60
C SER K 313 -9.49 -27.90 -15.94
N GLU K 314 -10.07 -28.28 -17.07
CA GLU K 314 -10.00 -29.65 -17.54
C GLU K 314 -8.57 -30.07 -17.95
N TYR K 315 -7.77 -29.10 -18.37
CA TYR K 315 -6.37 -29.35 -18.75
C TYR K 315 -5.53 -29.58 -17.49
N GLU K 316 -5.81 -28.81 -16.47
CA GLU K 316 -5.06 -28.85 -15.22
C GLU K 316 -5.30 -30.15 -14.44
N ALA K 317 -6.56 -30.43 -14.14
CA ALA K 317 -6.97 -31.66 -13.45
C ALA K 317 -6.47 -32.92 -14.16
N GLY K 318 -6.55 -32.92 -15.49
CA GLY K 318 -6.07 -34.02 -16.34
C GLY K 318 -4.61 -34.40 -16.12
N ILE K 319 -3.75 -33.41 -16.05
CA ILE K 319 -2.34 -33.61 -15.70
C ILE K 319 -2.22 -34.18 -14.28
N LEU K 320 -2.95 -33.61 -13.35
CA LEU K 320 -2.84 -34.00 -11.95
C LEU K 320 -3.36 -35.40 -11.65
N VAL K 321 -4.18 -35.91 -12.56
CA VAL K 321 -4.89 -37.18 -12.37
C VAL K 321 -4.24 -38.32 -13.16
N ASN K 322 -3.75 -38.01 -14.38
CA ASN K 322 -2.96 -38.97 -15.17
C ASN K 322 -1.62 -39.39 -14.57
N HIS K 323 -1.09 -38.56 -13.69
CA HIS K 323 0.07 -38.91 -12.90
C HIS K 323 -0.32 -38.62 -11.47
N LYS K 324 -0.81 -39.67 -10.79
CA LYS K 324 -1.39 -39.56 -9.44
C LYS K 324 -0.53 -38.78 -8.47
N GLU K 325 0.79 -39.01 -8.53
CA GLU K 325 1.74 -38.44 -7.57
C GLU K 325 1.87 -36.92 -7.66
N VAL K 326 1.61 -36.38 -8.86
CA VAL K 326 1.51 -34.94 -9.09
C VAL K 326 0.31 -34.35 -8.33
N GLY K 327 -0.87 -34.93 -8.56
CA GLY K 327 -2.08 -34.60 -7.79
C GLY K 327 -1.95 -34.71 -6.28
N ASP K 328 -1.20 -35.70 -5.80
CA ASP K 328 -0.99 -35.88 -4.35
C ASP K 328 -0.04 -34.83 -3.80
N PHE K 329 0.92 -34.41 -4.63
CA PHE K 329 1.83 -33.32 -4.34
C PHE K 329 1.02 -32.03 -4.23
N PHE K 330 0.25 -31.73 -5.27
CA PHE K 330 -0.61 -30.57 -5.29
C PHE K 330 -1.48 -30.49 -4.04
N GLU K 331 -2.22 -31.55 -3.76
CA GLU K 331 -3.20 -31.54 -2.68
C GLU K 331 -2.58 -31.36 -1.31
N GLU K 332 -1.34 -31.80 -1.13
CA GLU K 332 -0.65 -31.64 0.16
C GLU K 332 0.02 -30.26 0.23
N ALA K 333 0.23 -29.64 -0.94
CA ALA K 333 0.69 -28.27 -1.00
C ALA K 333 -0.48 -27.34 -0.69
N VAL K 334 -1.57 -27.47 -1.43
CA VAL K 334 -2.75 -26.60 -1.29
C VAL K 334 -3.33 -26.70 0.11
N ARG K 335 -2.79 -27.61 0.90
CA ARG K 335 -3.21 -27.79 2.29
C ARG K 335 -2.41 -26.81 3.15
N HIS K 336 -1.12 -26.67 2.85
CA HIS K 336 -0.22 -25.75 3.56
C HIS K 336 -0.53 -24.27 3.32
N PHE K 337 -1.02 -23.94 2.13
CA PHE K 337 -1.45 -22.58 1.79
C PHE K 337 -2.61 -22.65 0.79
N LYS K 338 -3.77 -22.16 1.20
CA LYS K 338 -5.03 -22.39 0.47
C LYS K 338 -5.22 -21.55 -0.80
N GLU K 339 -4.21 -21.56 -1.68
CA GLU K 339 -4.31 -20.90 -2.99
C GLU K 339 -4.15 -21.91 -4.14
N PRO K 340 -5.25 -22.58 -4.52
CA PRO K 340 -5.21 -23.61 -5.56
C PRO K 340 -4.67 -23.08 -6.89
N LYS K 341 -5.30 -22.05 -7.44
CA LYS K 341 -4.93 -21.53 -8.77
C LYS K 341 -3.43 -21.14 -8.86
N GLY K 342 -2.90 -20.57 -7.79
CA GLY K 342 -1.50 -20.14 -7.77
C GLY K 342 -0.56 -21.33 -7.75
N ILE K 343 -0.91 -22.32 -6.94
CA ILE K 343 -0.07 -23.50 -6.77
C ILE K 343 -0.04 -24.39 -8.02
N VAL K 344 -1.16 -24.56 -8.71
CA VAL K 344 -1.15 -25.32 -9.97
C VAL K 344 -0.28 -24.70 -11.05
N ASN K 345 -0.27 -23.37 -11.11
CA ASN K 345 0.49 -22.65 -12.13
C ASN K 345 1.99 -22.92 -11.97
N TRP K 346 2.47 -22.67 -10.76
CA TRP K 346 3.88 -22.83 -10.42
C TRP K 346 4.35 -24.28 -10.45
N LEU K 347 3.43 -25.20 -10.15
CA LEU K 347 3.68 -26.64 -10.28
C LEU K 347 3.82 -27.10 -11.74
N ILE K 348 2.84 -26.77 -12.57
CA ILE K 348 2.82 -27.21 -13.95
C ILE K 348 3.84 -26.46 -14.81
N ASN K 349 3.93 -25.14 -14.60
CA ASN K 349 4.73 -24.27 -15.48
C ASN K 349 6.18 -24.09 -15.03
N ASP K 350 6.47 -24.39 -13.78
CA ASP K 350 7.82 -24.18 -13.27
C ASP K 350 8.49 -25.48 -12.77
N LEU K 351 7.98 -26.02 -11.67
CA LEU K 351 8.59 -27.17 -10.98
C LEU K 351 8.72 -28.45 -11.80
N LEU K 352 7.62 -28.89 -12.40
CA LEU K 352 7.62 -30.14 -13.18
C LEU K 352 8.68 -30.17 -14.28
N GLY K 353 8.90 -29.06 -14.98
CA GLY K 353 9.83 -29.05 -16.10
C GLY K 353 11.27 -29.00 -15.61
N LEU K 354 11.45 -28.39 -14.46
CA LEU K 354 12.77 -28.28 -13.85
C LEU K 354 13.23 -29.62 -13.28
N LEU K 355 12.28 -30.38 -12.76
CA LEU K 355 12.52 -31.76 -12.32
C LEU K 355 12.76 -32.71 -13.50
N ARG K 356 12.01 -32.53 -14.58
CA ARG K 356 12.23 -33.35 -15.74
C ARG K 356 13.67 -33.25 -16.23
N ASP K 357 14.18 -32.02 -16.27
CA ASP K 357 15.53 -31.71 -16.79
C ASP K 357 16.65 -32.40 -15.98
N LYS K 358 16.52 -32.34 -14.66
CA LYS K 358 17.43 -33.05 -13.77
C LYS K 358 17.20 -34.57 -13.77
N GLY K 359 16.01 -35.00 -14.20
CA GLY K 359 15.70 -36.42 -14.30
C GLY K 359 15.19 -37.01 -13.00
N ILE K 360 14.49 -36.18 -12.24
CA ILE K 360 13.98 -36.59 -10.93
C ILE K 360 12.44 -36.60 -10.86
N SER K 361 11.89 -37.69 -10.32
CA SER K 361 10.45 -37.89 -10.18
C SER K 361 9.89 -37.03 -9.05
N ILE K 362 8.59 -36.74 -9.14
CA ILE K 362 7.89 -35.88 -8.19
C ILE K 362 7.82 -36.47 -6.77
N GLU K 363 7.98 -37.78 -6.64
CA GLU K 363 8.03 -38.44 -5.32
C GLU K 363 9.31 -38.04 -4.62
N GLU K 364 10.34 -37.77 -5.41
CA GLU K 364 11.71 -37.58 -4.90
C GLU K 364 12.25 -36.14 -4.95
N SER K 365 11.40 -35.19 -5.35
CA SER K 365 11.85 -33.80 -5.53
C SER K 365 12.29 -33.14 -4.23
N PRO K 366 13.36 -32.32 -4.28
CA PRO K 366 13.83 -31.60 -3.10
C PRO K 366 12.84 -30.54 -2.68
N VAL K 367 12.02 -30.05 -3.61
CA VAL K 367 10.96 -29.11 -3.29
C VAL K 367 9.77 -29.93 -2.82
N LYS K 368 9.49 -29.84 -1.53
CA LYS K 368 8.33 -30.53 -0.96
C LYS K 368 7.06 -29.67 -1.11
N PRO K 369 5.87 -30.29 -1.04
CA PRO K 369 4.63 -29.53 -1.12
C PRO K 369 4.64 -28.30 -0.21
N GLU K 370 5.30 -28.39 0.93
CA GLU K 370 5.44 -27.28 1.89
C GLU K 370 6.16 -26.08 1.24
N HIS K 371 7.26 -26.38 0.56
CA HIS K 371 8.13 -25.38 -0.05
C HIS K 371 7.42 -24.64 -1.16
N LEU K 372 6.67 -25.36 -2.00
CA LEU K 372 5.95 -24.72 -3.09
C LEU K 372 4.81 -23.83 -2.56
N ALA K 373 4.11 -24.32 -1.55
CA ALA K 373 3.06 -23.55 -0.87
C ALA K 373 3.64 -22.29 -0.22
N GLU K 374 4.84 -22.43 0.37
CA GLU K 374 5.59 -21.30 0.92
C GLU K 374 6.02 -20.31 -0.17
N LEU K 375 6.59 -20.81 -1.27
CA LEU K 375 7.02 -19.96 -2.37
C LEU K 375 5.87 -19.15 -2.95
N VAL K 376 4.73 -19.81 -3.20
CA VAL K 376 3.54 -19.15 -3.80
C VAL K 376 2.88 -18.19 -2.81
N LYS K 377 3.19 -18.38 -1.52
CA LYS K 377 2.78 -17.46 -0.47
C LYS K 377 3.49 -16.11 -0.65
N LEU K 378 4.80 -16.19 -0.83
CA LEU K 378 5.66 -15.02 -1.01
C LEU K 378 5.37 -14.21 -2.28
N ILE K 379 4.91 -14.87 -3.34
CA ILE K 379 4.48 -14.18 -4.59
C ILE K 379 3.11 -13.49 -4.41
N LYS K 380 2.20 -14.14 -3.69
CA LYS K 380 0.84 -13.60 -3.51
C LYS K 380 0.85 -12.42 -2.52
N GLU K 381 1.70 -12.53 -1.50
CA GLU K 381 1.84 -11.48 -0.49
C GLU K 381 2.73 -10.34 -0.98
N LYS K 382 3.29 -10.50 -2.17
CA LYS K 382 4.13 -9.48 -2.81
C LYS K 382 5.49 -9.29 -2.15
N VAL K 383 5.91 -10.25 -1.31
CA VAL K 383 7.22 -10.21 -0.66
C VAL K 383 8.38 -10.34 -1.67
N ILE K 384 8.13 -11.05 -2.77
CA ILE K 384 9.03 -11.07 -3.92
C ILE K 384 8.26 -11.03 -5.22
N SER K 385 8.96 -10.75 -6.31
CA SER K 385 8.31 -10.64 -7.61
C SER K 385 8.39 -11.96 -8.35
N THR K 386 7.54 -12.09 -9.36
CA THR K 386 7.56 -13.23 -10.26
C THR K 386 8.99 -13.51 -10.73
N LYS K 387 9.68 -12.47 -11.19
CA LYS K 387 11.04 -12.60 -11.70
C LYS K 387 11.96 -13.26 -10.67
N ILE K 388 11.88 -12.77 -9.44
CA ILE K 388 12.70 -13.29 -8.34
C ILE K 388 12.28 -14.72 -8.04
N GLY K 389 10.96 -14.95 -8.00
CA GLY K 389 10.37 -16.26 -7.76
C GLY K 389 10.87 -17.35 -8.70
N LYS K 390 11.14 -16.98 -9.95
CA LYS K 390 11.65 -17.91 -10.94
C LYS K 390 13.14 -18.22 -10.75
N GLU K 391 13.85 -17.32 -10.08
CA GLU K 391 15.27 -17.51 -9.77
C GLU K 391 15.48 -18.41 -8.56
N VAL K 392 14.63 -18.23 -7.54
CA VAL K 392 14.71 -19.03 -6.31
C VAL K 392 14.21 -20.46 -6.47
N ILE K 393 13.17 -20.67 -7.29
CA ILE K 393 12.68 -22.02 -7.60
C ILE K 393 13.76 -22.89 -8.24
N LYS K 394 14.59 -22.29 -9.11
CA LYS K 394 15.69 -22.98 -9.75
C LYS K 394 16.74 -23.46 -8.75
N GLU K 395 16.96 -22.66 -7.71
CA GLU K 395 17.94 -22.96 -6.69
C GLU K 395 17.35 -23.91 -5.66
N MET K 396 16.03 -23.80 -5.46
CA MET K 396 15.27 -24.77 -4.65
C MET K 396 15.45 -26.20 -5.15
N VAL K 397 15.31 -26.37 -6.46
CA VAL K 397 15.54 -27.66 -7.12
C VAL K 397 17.02 -28.03 -7.01
N GLU K 398 17.88 -27.03 -7.23
CA GLU K 398 19.34 -27.20 -7.20
C GLU K 398 19.89 -27.59 -5.82
N THR K 399 19.40 -26.93 -4.78
CA THR K 399 19.91 -27.15 -3.44
C THR K 399 18.97 -28.05 -2.65
N GLY K 400 17.73 -27.61 -2.47
CA GLY K 400 16.77 -28.28 -1.59
C GLY K 400 16.40 -27.39 -0.43
N LYS K 401 16.92 -26.17 -0.45
CA LYS K 401 16.69 -25.22 0.62
C LYS K 401 15.29 -24.65 0.51
N THR K 402 14.71 -24.25 1.65
CA THR K 402 13.38 -23.64 1.65
C THR K 402 13.40 -22.32 0.87
N PRO K 403 12.22 -21.85 0.38
CA PRO K 403 12.20 -20.57 -0.32
C PRO K 403 12.63 -19.39 0.55
N SER K 404 12.18 -19.36 1.81
CA SER K 404 12.56 -18.30 2.75
C SER K 404 14.03 -18.40 3.21
N GLN K 405 14.61 -19.59 3.11
CA GLN K 405 16.04 -19.78 3.36
C GLN K 405 16.92 -19.02 2.37
N ILE K 406 16.61 -19.13 1.09
CA ILE K 406 17.43 -18.49 0.06
C ILE K 406 17.01 -17.04 -0.26
N VAL K 407 15.83 -16.63 0.21
CA VAL K 407 15.42 -15.22 0.18
C VAL K 407 16.33 -14.38 1.09
N GLU K 408 16.58 -14.89 2.30
CA GLU K 408 17.40 -14.21 3.29
C GLU K 408 18.88 -14.29 2.93
N GLU K 409 19.33 -15.49 2.56
CA GLU K 409 20.72 -15.74 2.14
C GLU K 409 21.15 -14.92 0.92
N LYS K 410 20.20 -14.31 0.20
CA LYS K 410 20.49 -13.57 -1.04
C LYS K 410 19.88 -12.16 -1.12
N GLY K 411 19.33 -11.68 -0.01
CA GLY K 411 18.70 -10.37 0.03
C GLY K 411 17.29 -10.40 -0.52
N LEU K 412 16.36 -9.77 0.20
CA LEU K 412 14.92 -9.81 -0.13
C LEU K 412 14.63 -9.51 -1.62
N VAL L 2 -8.33 -99.04 -30.77
CA VAL L 2 -7.94 -97.62 -30.89
C VAL L 2 -6.57 -97.49 -31.59
N ASP L 3 -6.47 -96.53 -32.50
CA ASP L 3 -5.35 -96.38 -33.45
C ASP L 3 -3.92 -96.38 -32.90
N ARG L 4 -2.97 -96.65 -33.77
CA ARG L 4 -1.56 -96.36 -33.52
C ARG L 4 -1.43 -94.86 -33.37
N GLU L 5 -1.96 -94.15 -34.36
CA GLU L 5 -2.12 -92.71 -34.40
C GLU L 5 -2.57 -92.12 -33.06
N TRP L 6 -3.60 -92.73 -32.48
CA TRP L 6 -4.18 -92.30 -31.21
C TRP L 6 -3.14 -92.35 -30.09
N VAL L 7 -2.51 -93.51 -29.94
CA VAL L 7 -1.50 -93.80 -28.93
C VAL L 7 -0.34 -92.79 -28.96
N LEU L 8 0.14 -92.50 -30.17
CA LEU L 8 1.22 -91.54 -30.42
C LEU L 8 0.86 -90.13 -29.98
N LYS L 9 -0.31 -89.68 -30.44
CA LYS L 9 -0.89 -88.38 -30.09
C LYS L 9 -0.98 -88.20 -28.59
N ILE L 10 -1.48 -89.22 -27.88
CA ILE L 10 -1.69 -89.12 -26.45
C ILE L 10 -0.35 -89.05 -25.74
N ALA L 11 0.58 -89.90 -26.16
CA ALA L 11 1.91 -90.00 -25.55
C ALA L 11 2.63 -88.68 -25.69
N LYS L 12 2.53 -88.11 -26.89
CA LYS L 12 3.11 -86.81 -27.18
C LYS L 12 2.61 -85.78 -26.18
N LEU L 13 1.30 -85.76 -25.95
CA LEU L 13 0.71 -84.78 -25.05
C LEU L 13 1.24 -84.95 -23.63
N ALA L 14 1.50 -86.19 -23.28
CA ALA L 14 1.98 -86.54 -21.95
C ALA L 14 3.52 -86.60 -21.87
N ARG L 15 4.19 -86.37 -22.99
CA ARG L 15 5.66 -86.38 -23.08
C ARG L 15 6.18 -87.76 -22.66
N LEU L 16 5.69 -88.78 -23.35
CA LEU L 16 6.26 -90.10 -23.24
C LEU L 16 6.76 -90.44 -24.63
N GLU L 17 8.07 -90.72 -24.73
CA GLU L 17 8.61 -91.21 -25.98
C GLU L 17 8.52 -92.73 -25.94
N LEU L 18 7.44 -93.25 -26.50
CA LEU L 18 7.16 -94.67 -26.39
C LEU L 18 8.09 -95.43 -27.30
N LYS L 19 8.60 -96.55 -26.80
CA LYS L 19 9.35 -97.48 -27.61
C LYS L 19 8.33 -98.32 -28.37
N GLU L 20 8.72 -98.79 -29.54
CA GLU L 20 7.86 -99.54 -30.46
C GLU L 20 7.14 -100.75 -29.83
N GLU L 21 7.78 -101.36 -28.83
CA GLU L 21 7.17 -102.44 -28.03
C GLU L 21 5.94 -101.93 -27.27
N GLU L 22 6.12 -100.83 -26.54
CA GLU L 22 5.07 -100.18 -25.73
C GLU L 22 3.87 -99.77 -26.58
N ILE L 23 4.15 -99.23 -27.76
CA ILE L 23 3.11 -98.82 -28.70
C ILE L 23 2.08 -99.94 -29.00
N GLU L 24 2.55 -101.12 -29.45
CA GLU L 24 1.65 -102.21 -29.79
C GLU L 24 0.93 -102.74 -28.55
N VAL L 25 1.67 -102.82 -27.45
CA VAL L 25 1.13 -103.34 -26.20
C VAL L 25 0.04 -102.42 -25.65
N PHE L 26 0.33 -101.12 -25.63
CA PHE L 26 -0.61 -100.17 -25.05
C PHE L 26 -1.83 -99.95 -25.96
N GLN L 27 -1.72 -100.33 -27.23
CA GLN L 27 -2.89 -100.24 -28.14
C GLN L 27 -3.98 -101.20 -27.70
N LYS L 28 -3.59 -102.42 -27.37
CA LYS L 28 -4.53 -103.45 -26.95
C LYS L 28 -4.99 -103.18 -25.52
N GLN L 29 -4.04 -102.92 -24.62
CA GLN L 29 -4.37 -102.76 -23.20
C GLN L 29 -5.32 -101.60 -22.93
N LEU L 30 -5.08 -100.47 -23.61
CA LEU L 30 -5.90 -99.27 -23.42
C LEU L 30 -7.28 -99.37 -24.12
N SER L 31 -7.33 -100.00 -25.30
CA SER L 31 -8.61 -100.41 -25.89
C SER L 31 -9.45 -101.23 -24.91
N ASP L 32 -8.82 -102.23 -24.28
CA ASP L 32 -9.48 -103.07 -23.31
C ASP L 32 -9.99 -102.25 -22.12
N ILE L 33 -9.10 -101.44 -21.53
CA ILE L 33 -9.45 -100.61 -20.38
C ILE L 33 -10.57 -99.62 -20.72
N LEU L 34 -10.51 -99.02 -21.91
CA LEU L 34 -11.56 -98.15 -22.37
C LEU L 34 -12.92 -98.85 -22.47
N ASP L 35 -12.91 -100.11 -22.90
CA ASP L 35 -14.10 -100.97 -22.93
C ASP L 35 -14.52 -101.35 -21.53
N PHE L 36 -13.55 -101.64 -20.68
CA PHE L 36 -13.81 -101.98 -19.30
C PHE L 36 -14.54 -100.88 -18.52
N ILE L 37 -14.18 -99.62 -18.76
CA ILE L 37 -14.68 -98.53 -17.93
C ILE L 37 -15.91 -97.83 -18.54
N ASP L 38 -16.30 -98.22 -19.74
CA ASP L 38 -17.42 -97.62 -20.44
C ASP L 38 -18.81 -98.10 -19.97
N GLN L 39 -19.08 -97.97 -18.68
CA GLN L 39 -20.34 -98.44 -18.11
C GLN L 39 -21.27 -97.29 -17.72
N LEU L 40 -20.77 -96.06 -17.76
CA LEU L 40 -21.43 -94.96 -17.09
C LEU L 40 -22.54 -94.26 -17.89
N LYS L 41 -22.52 -94.35 -19.22
CA LYS L 41 -23.58 -93.78 -20.06
C LYS L 41 -24.99 -94.11 -19.54
N GLU L 42 -25.16 -95.35 -19.07
CA GLU L 42 -26.45 -95.87 -18.59
C GLU L 42 -27.11 -95.03 -17.50
N LEU L 43 -26.31 -94.30 -16.72
CA LEU L 43 -26.85 -93.51 -15.63
C LEU L 43 -27.17 -92.09 -16.09
N ASP L 44 -28.15 -91.49 -15.41
CA ASP L 44 -28.60 -90.14 -15.71
C ASP L 44 -27.97 -89.20 -14.73
N THR L 45 -27.16 -88.27 -15.26
CA THR L 45 -26.41 -87.33 -14.42
C THR L 45 -26.68 -85.86 -14.75
N GLU L 46 -27.51 -85.60 -15.76
CA GLU L 46 -28.29 -84.36 -15.84
C GLU L 46 -28.92 -84.15 -14.48
N ASN L 47 -28.72 -83.00 -13.87
CA ASN L 47 -29.33 -82.77 -12.57
C ASN L 47 -28.64 -83.41 -11.39
N VAL L 48 -27.45 -83.95 -11.61
CA VAL L 48 -26.53 -84.31 -10.50
C VAL L 48 -25.34 -83.33 -10.47
N GLU L 49 -25.05 -82.76 -9.32
CA GLU L 49 -23.84 -81.92 -9.20
C GLU L 49 -22.55 -82.76 -9.01
N PRO L 50 -21.47 -82.45 -9.78
CA PRO L 50 -20.16 -83.09 -9.58
C PRO L 50 -19.74 -83.09 -8.13
N TYR L 51 -19.11 -84.18 -7.71
CA TYR L 51 -18.64 -84.37 -6.35
C TYR L 51 -17.63 -83.29 -5.87
N ILE L 52 -17.93 -82.64 -4.77
CA ILE L 52 -16.91 -81.87 -4.05
C ILE L 52 -17.00 -82.25 -2.59
N GLN L 53 -15.86 -82.23 -1.89
CA GLN L 53 -15.90 -82.37 -0.45
C GLN L 53 -16.67 -81.19 0.14
N GLU L 54 -17.40 -81.44 1.22
CA GLU L 54 -18.19 -80.39 1.88
C GLU L 54 -17.31 -79.44 2.70
N PHE L 55 -17.60 -78.14 2.62
CA PHE L 55 -16.81 -77.12 3.30
C PHE L 55 -17.59 -75.82 3.53
N GLU L 56 -17.44 -75.27 4.72
CA GLU L 56 -18.17 -74.08 5.07
C GLU L 56 -17.63 -72.87 4.31
N GLU L 57 -16.34 -72.58 4.51
CA GLU L 57 -15.68 -71.41 3.90
C GLU L 57 -14.39 -71.82 3.20
N THR L 58 -14.09 -71.16 2.07
CA THR L 58 -12.79 -71.36 1.41
C THR L 58 -11.63 -71.03 2.36
N PRO L 59 -10.69 -71.99 2.52
CA PRO L 59 -9.43 -71.89 3.26
C PRO L 59 -8.40 -70.99 2.57
N MET L 60 -7.97 -69.99 3.31
CA MET L 60 -7.09 -68.97 2.78
C MET L 60 -6.04 -68.71 3.83
N ARG L 61 -4.95 -68.08 3.40
CA ARG L 61 -3.78 -67.88 4.21
C ARG L 61 -3.50 -66.36 4.21
N GLU L 62 -3.17 -65.78 5.37
CA GLU L 62 -2.71 -64.39 5.42
C GLU L 62 -1.49 -64.15 4.51
N ASP L 63 -1.31 -62.91 4.06
CA ASP L 63 -0.19 -62.53 3.16
C ASP L 63 1.06 -62.18 3.96
N GLU L 64 1.61 -63.18 4.66
CA GLU L 64 2.82 -63.06 5.51
C GLU L 64 3.89 -63.99 4.96
N PRO L 65 5.12 -63.48 4.80
CA PRO L 65 6.24 -64.32 4.36
C PRO L 65 6.60 -65.47 5.32
N HIS L 66 6.96 -66.62 4.75
CA HIS L 66 7.42 -67.80 5.46
C HIS L 66 8.80 -68.13 4.94
N PRO L 67 9.75 -68.50 5.83
CA PRO L 67 11.14 -68.81 5.45
C PRO L 67 11.20 -69.67 4.22
N SER L 68 11.86 -69.18 3.17
CA SER L 68 12.04 -70.00 1.99
C SER L 68 12.96 -71.19 2.27
N LEU L 69 12.97 -72.12 1.34
CA LEU L 69 13.86 -73.27 1.39
C LEU L 69 15.28 -72.81 1.06
N ASP L 70 16.25 -73.25 1.87
CA ASP L 70 17.66 -72.97 1.64
C ASP L 70 18.01 -73.39 0.22
N ARG L 71 18.75 -72.56 -0.51
CA ARG L 71 18.94 -72.77 -1.94
C ARG L 71 19.73 -74.04 -2.30
N GLU L 72 20.57 -74.50 -1.37
CA GLU L 72 21.33 -75.76 -1.54
C GLU L 72 20.39 -76.94 -1.61
N LYS L 73 19.44 -77.00 -0.67
CA LYS L 73 18.43 -78.06 -0.60
C LYS L 73 17.41 -77.98 -1.74
N ALA L 74 17.16 -76.74 -2.18
CA ALA L 74 16.32 -76.52 -3.33
C ALA L 74 17.00 -76.95 -4.61
N LEU L 75 18.34 -76.94 -4.62
CA LEU L 75 19.08 -77.27 -5.84
C LEU L 75 19.72 -78.65 -5.81
N MET L 76 19.96 -79.19 -4.62
CA MET L 76 20.74 -80.43 -4.46
C MET L 76 20.36 -81.56 -5.36
N ASN L 77 19.07 -81.68 -5.65
CA ASN L 77 18.57 -82.79 -6.42
C ASN L 77 18.66 -82.57 -7.92
N ALA L 78 19.04 -81.37 -8.33
CA ALA L 78 19.02 -81.03 -9.75
C ALA L 78 20.00 -81.85 -10.62
N PRO L 79 19.50 -82.44 -11.70
CA PRO L 79 20.40 -83.05 -12.72
C PRO L 79 21.63 -82.21 -13.14
N GLU L 80 21.47 -80.89 -13.33
CA GLU L 80 22.54 -79.95 -13.70
C GLU L 80 22.20 -78.59 -13.17
N ARG L 81 23.08 -77.99 -12.38
CA ARG L 81 22.87 -76.64 -11.88
C ARG L 81 24.06 -75.69 -12.21
N LYS L 82 23.83 -74.37 -12.26
CA LYS L 82 24.91 -73.41 -12.52
C LYS L 82 24.60 -72.02 -11.97
N ASP L 83 25.49 -71.52 -11.12
CA ASP L 83 25.38 -70.17 -10.54
C ASP L 83 23.99 -69.86 -9.92
N GLY L 84 23.37 -70.86 -9.29
CA GLY L 84 22.07 -70.67 -8.65
C GLY L 84 20.87 -71.05 -9.54
N PHE L 85 21.14 -71.44 -10.77
CA PHE L 85 20.10 -71.74 -11.75
C PHE L 85 19.92 -73.23 -12.01
N PHE L 86 18.69 -73.65 -12.34
CA PHE L 86 18.49 -74.99 -12.86
C PHE L 86 18.97 -74.99 -14.29
N VAL L 87 19.65 -76.04 -14.70
CA VAL L 87 20.25 -76.10 -16.02
C VAL L 87 19.54 -77.13 -16.91
N VAL L 88 18.99 -76.67 -18.02
CA VAL L 88 18.50 -77.55 -19.06
C VAL L 88 19.02 -77.15 -20.43
N PRO L 89 18.83 -78.03 -21.42
CA PRO L 89 19.16 -77.71 -22.81
C PRO L 89 18.36 -76.51 -23.33
N ARG L 90 19.00 -75.69 -24.16
CA ARG L 90 18.40 -74.43 -24.58
C ARG L 90 16.98 -74.62 -25.07
N VAL L 91 16.13 -73.64 -24.82
CA VAL L 91 14.84 -73.52 -25.54
C VAL L 91 14.78 -72.28 -26.43
N VAL L 92 14.07 -72.40 -27.56
CA VAL L 92 13.92 -71.29 -28.51
C VAL L 92 12.76 -70.36 -28.13
N MET M 1 -84.54 19.07 -4.99
CA MET M 1 -83.81 20.29 -4.56
C MET M 1 -82.34 19.98 -4.18
N LEU M 2 -81.85 18.82 -4.64
CA LEU M 2 -80.44 18.36 -4.50
C LEU M 2 -80.10 17.68 -3.17
N TRP M 3 -80.18 18.40 -2.07
CA TRP M 3 -80.09 17.76 -0.78
C TRP M 3 -81.27 16.85 -0.54
N LYS M 4 -82.32 17.04 -1.33
CA LYS M 4 -83.53 16.23 -1.33
C LYS M 4 -83.35 14.95 -2.14
N LYS M 5 -82.19 14.82 -2.79
CA LYS M 5 -81.93 13.68 -3.67
C LYS M 5 -81.16 12.54 -3.00
N SER M 6 -81.41 11.32 -3.48
CA SER M 6 -80.72 10.13 -2.97
C SER M 6 -79.31 10.04 -3.57
N LEU M 7 -78.50 9.12 -3.04
CA LEU M 7 -77.15 8.90 -3.54
C LEU M 7 -77.15 8.37 -4.96
N SER M 8 -78.24 7.68 -5.34
CA SER M 8 -78.42 7.18 -6.70
C SER M 8 -78.66 8.32 -7.66
N GLU M 9 -79.59 9.20 -7.27
CA GLU M 9 -79.86 10.40 -8.04
C GLU M 9 -78.63 11.29 -8.09
N LEU M 10 -77.97 11.46 -6.94
CA LEU M 10 -76.75 12.25 -6.84
C LEU M 10 -75.60 11.72 -7.68
N ARG M 11 -75.38 10.41 -7.62
CA ARG M 11 -74.30 9.76 -8.36
C ARG M 11 -74.42 9.97 -9.85
N GLU M 12 -75.60 9.68 -10.39
CA GLU M 12 -75.82 9.80 -11.81
C GLU M 12 -75.58 11.23 -12.32
N LEU M 13 -76.00 12.22 -11.53
CA LEU M 13 -75.75 13.63 -11.83
C LEU M 13 -74.25 14.02 -11.75
N LEU M 14 -73.52 13.38 -10.84
CA LEU M 14 -72.08 13.65 -10.66
C LEU M 14 -71.25 12.98 -11.74
N LYS M 15 -71.64 11.76 -12.11
CA LYS M 15 -70.95 10.97 -13.11
C LYS M 15 -71.01 11.61 -14.48
N ARG M 16 -72.15 12.22 -14.80
CA ARG M 16 -72.35 12.91 -16.09
C ARG M 16 -72.14 14.42 -16.00
N GLY M 17 -71.47 14.87 -14.94
CA GLY M 17 -71.03 16.27 -14.81
C GLY M 17 -72.13 17.30 -14.65
N GLU M 18 -73.38 16.84 -14.68
CA GLU M 18 -74.55 17.72 -14.53
C GLU M 18 -74.43 18.54 -13.23
N VAL M 19 -73.74 17.95 -12.25
CA VAL M 19 -73.43 18.60 -11.00
C VAL M 19 -71.95 18.35 -10.60
N SER M 20 -71.42 19.22 -9.75
CA SER M 20 -70.08 19.08 -9.23
C SER M 20 -70.14 18.76 -7.74
N PRO M 21 -69.10 18.07 -7.21
CA PRO M 21 -68.98 17.78 -5.80
C PRO M 21 -69.20 19.02 -4.93
N LYS M 22 -68.69 20.17 -5.36
CA LYS M 22 -68.82 21.43 -4.63
C LYS M 22 -70.29 21.87 -4.48
N GLU M 23 -71.08 21.67 -5.52
CA GLU M 23 -72.49 22.04 -5.52
C GLU M 23 -73.28 21.20 -4.53
N VAL M 24 -73.04 19.88 -4.60
CA VAL M 24 -73.61 18.89 -3.67
C VAL M 24 -73.38 19.33 -2.23
N VAL M 25 -72.13 19.67 -1.93
CA VAL M 25 -71.74 20.13 -0.60
C VAL M 25 -72.44 21.45 -0.25
N GLU M 26 -72.46 22.38 -1.20
CA GLU M 26 -73.18 23.65 -1.04
C GLU M 26 -74.66 23.43 -0.73
N SER M 27 -75.30 22.53 -1.46
CA SER M 27 -76.70 22.16 -1.22
C SER M 27 -76.99 21.74 0.24
N PHE M 28 -76.24 20.74 0.72
CA PHE M 28 -76.39 20.22 2.07
C PHE M 28 -76.00 21.29 3.09
N TYR M 29 -75.02 22.12 2.73
CA TYR M 29 -74.58 23.23 3.56
C TYR M 29 -75.71 24.23 3.83
N ASP M 30 -76.48 24.52 2.78
CA ASP M 30 -77.63 25.43 2.89
C ASP M 30 -78.66 24.84 3.83
N ARG M 31 -79.04 23.58 3.55
CA ARG M 31 -79.95 22.80 4.38
C ARG M 31 -79.49 22.75 5.83
N TYR M 32 -78.18 22.62 6.02
CA TYR M 32 -77.54 22.73 7.33
C TYR M 32 -77.85 24.08 7.95
N ASN M 33 -77.65 25.15 7.17
CA ASN M 33 -77.91 26.53 7.61
C ASN M 33 -79.38 26.78 7.94
N GLN M 34 -80.27 26.16 7.16
CA GLN M 34 -81.72 26.14 7.45
C GLN M 34 -82.05 25.54 8.82
N THR M 35 -81.38 24.41 9.17
CA THR M 35 -81.90 23.55 10.22
C THR M 35 -81.03 23.61 11.46
N GLU M 36 -79.77 23.82 11.38
CA GLU M 36 -78.88 23.55 12.51
C GLU M 36 -79.25 24.28 13.79
N GLU M 37 -79.75 25.51 13.69
CA GLU M 37 -80.07 26.30 14.88
C GLU M 37 -81.14 25.61 15.71
N LYS M 38 -82.03 24.89 15.03
CA LYS M 38 -83.12 24.13 15.66
C LYS M 38 -82.64 22.76 16.15
N VAL M 39 -81.99 22.02 15.24
CA VAL M 39 -81.56 20.63 15.48
C VAL M 39 -80.27 20.46 16.33
N LYS M 40 -79.18 21.16 15.96
CA LYS M 40 -77.89 21.04 16.61
C LYS M 40 -77.26 19.63 16.46
N ALA M 41 -77.15 19.16 15.23
CA ALA M 41 -76.58 17.86 14.97
C ALA M 41 -75.05 17.82 15.17
N TYR M 42 -74.36 18.93 14.89
CA TYR M 42 -72.90 18.93 14.83
C TYR M 42 -72.16 19.55 16.02
N ILE M 43 -71.01 18.97 16.31
CA ILE M 43 -70.01 19.60 17.18
C ILE M 43 -69.09 20.46 16.31
N THR M 44 -68.61 19.86 15.23
CA THR M 44 -67.67 20.51 14.37
C THR M 44 -68.18 20.36 12.97
N PRO M 45 -68.82 21.41 12.44
CA PRO M 45 -69.22 21.40 11.03
C PRO M 45 -67.96 21.57 10.19
N LEU M 46 -67.87 20.84 9.09
CA LEU M 46 -66.68 20.91 8.26
C LEU M 46 -67.04 21.11 6.81
N TYR M 47 -68.20 21.72 6.56
CA TYR M 47 -68.69 21.98 5.20
C TYR M 47 -67.72 22.92 4.49
N GLY M 48 -67.25 23.93 5.24
CA GLY M 48 -66.20 24.83 4.79
C GLY M 48 -65.00 24.10 4.21
N LYS M 49 -64.44 23.18 5.01
CA LYS M 49 -63.29 22.42 4.57
C LYS M 49 -63.63 21.45 3.45
N ALA M 50 -64.82 20.87 3.49
CA ALA M 50 -65.25 19.92 2.48
C ALA M 50 -65.45 20.64 1.13
N LEU M 51 -65.94 21.88 1.18
CA LEU M 51 -66.02 22.74 -0.01
C LEU M 51 -64.69 22.85 -0.72
N LYS M 52 -63.64 23.13 0.04
CA LYS M 52 -62.28 23.20 -0.51
C LYS M 52 -61.75 21.86 -1.02
N GLN M 53 -62.00 20.77 -0.28
CA GLN M 53 -61.54 19.43 -0.68
C GLN M 53 -62.26 18.95 -1.93
N ALA M 54 -63.45 19.49 -2.14
CA ALA M 54 -64.27 19.14 -3.28
C ALA M 54 -63.65 19.63 -4.60
N GLU M 55 -62.99 20.80 -4.57
CA GLU M 55 -62.35 21.38 -5.76
C GLU M 55 -61.34 20.43 -6.39
N SER M 56 -60.60 19.71 -5.53
CA SER M 56 -59.54 18.80 -5.93
C SER M 56 -60.05 17.38 -6.26
N LEU M 57 -61.34 17.15 -6.02
CA LEU M 57 -61.96 15.86 -6.25
C LEU M 57 -62.31 15.71 -7.72
N LYS M 58 -61.72 14.70 -8.38
CA LYS M 58 -61.82 14.59 -9.84
C LYS M 58 -62.36 13.27 -10.38
N GLU M 59 -61.81 12.17 -9.90
CA GLU M 59 -62.17 10.82 -10.36
C GLU M 59 -63.64 10.47 -10.05
N ARG M 60 -64.49 10.50 -11.08
CA ARG M 60 -65.94 10.34 -10.89
C ARG M 60 -66.38 8.91 -10.56
N GLU M 61 -65.60 7.92 -10.97
CA GLU M 61 -66.01 6.53 -10.82
C GLU M 61 -65.78 5.94 -9.41
N LEU M 62 -65.20 6.75 -8.52
CA LEU M 62 -65.09 6.39 -7.12
C LEU M 62 -66.48 6.15 -6.50
N PRO M 63 -66.63 5.04 -5.75
CA PRO M 63 -67.96 4.56 -5.31
C PRO M 63 -68.79 5.58 -4.54
N LEU M 64 -68.13 6.49 -3.84
CA LEU M 64 -68.81 7.55 -3.11
C LEU M 64 -68.42 8.94 -3.61
N PHE M 65 -68.09 9.02 -4.90
CA PHE M 65 -67.46 10.21 -5.52
C PHE M 65 -67.71 11.57 -4.89
N GLY M 66 -68.95 12.03 -4.82
CA GLY M 66 -69.13 13.38 -4.34
C GLY M 66 -69.95 13.48 -3.09
N ILE M 67 -70.04 12.38 -2.36
CA ILE M 67 -71.04 12.25 -1.31
C ILE M 67 -70.60 12.84 0.01
N PRO M 68 -71.36 13.81 0.52
CA PRO M 68 -71.12 14.27 1.89
C PRO M 68 -71.48 13.17 2.87
N ILE M 69 -70.76 13.11 3.97
CA ILE M 69 -71.05 12.16 5.04
C ILE M 69 -70.70 12.76 6.38
N ALA M 70 -71.65 12.70 7.31
CA ALA M 70 -71.40 13.13 8.67
C ALA M 70 -70.76 11.97 9.39
N VAL M 71 -70.05 12.29 10.46
CA VAL M 71 -69.27 11.31 11.19
C VAL M 71 -69.40 11.63 12.68
N LYS M 72 -69.74 10.61 13.45
CA LYS M 72 -69.88 10.74 14.89
C LYS M 72 -68.53 11.19 15.50
N ASP M 73 -68.59 12.07 16.49
CA ASP M 73 -67.34 12.62 17.05
C ASP M 73 -66.63 11.73 18.08
N ASN M 74 -66.77 10.42 17.90
CA ASN M 74 -65.91 9.46 18.58
C ASN M 74 -65.16 8.64 17.51
N ILE M 75 -65.30 9.04 16.26
CA ILE M 75 -64.51 8.45 15.20
C ILE M 75 -63.46 9.49 14.75
N LEU M 76 -62.17 9.16 14.78
CA LEU M 76 -61.05 10.07 14.52
C LEU M 76 -60.99 10.46 13.05
N VAL M 77 -60.99 11.81 12.86
CA VAL M 77 -60.71 12.41 11.56
C VAL M 77 -59.49 13.31 11.73
N GLU M 78 -58.42 12.99 11.02
CA GLU M 78 -57.13 13.64 11.26
C GLU M 78 -57.08 15.13 10.92
N GLY M 79 -56.48 15.88 11.81
CA GLY M 79 -56.34 17.31 11.62
C GLY M 79 -57.49 18.06 12.25
N GLU M 80 -58.60 17.36 12.52
CA GLU M 80 -59.78 17.99 13.14
C GLU M 80 -59.99 17.45 14.52
N LYS M 81 -60.65 18.24 15.35
CA LYS M 81 -60.94 17.86 16.70
C LYS M 81 -61.82 16.59 16.78
N THR M 82 -61.48 15.70 17.71
CA THR M 82 -62.33 14.58 18.07
C THR M 82 -62.56 14.70 19.56
N THR M 83 -63.78 15.04 19.94
CA THR M 83 -64.07 15.42 21.33
C THR M 83 -64.78 14.33 22.14
N CYS M 84 -65.37 13.35 21.43
CA CYS M 84 -66.32 12.39 22.03
C CYS M 84 -67.34 13.12 22.90
N ALA M 85 -67.61 14.36 22.52
CA ALA M 85 -68.53 15.23 23.23
C ALA M 85 -68.15 15.32 24.70
N SER M 86 -66.86 15.32 24.97
CA SER M 86 -66.36 15.38 26.34
C SER M 86 -65.49 16.60 26.56
N LYS M 87 -65.42 17.05 27.82
CA LYS M 87 -64.57 18.18 28.18
C LYS M 87 -63.10 17.78 28.14
N ILE M 88 -62.81 16.54 28.48
CA ILE M 88 -61.44 16.07 28.61
C ILE M 88 -60.77 15.93 27.25
N LEU M 89 -61.54 16.16 26.18
CA LEU M 89 -61.11 15.82 24.84
C LEU M 89 -61.63 16.83 23.82
N GLU M 90 -62.21 17.91 24.32
CA GLU M 90 -62.33 19.15 23.55
C GLU M 90 -60.97 19.82 23.39
N ASN M 91 -60.58 20.08 22.15
CA ASN M 91 -59.27 20.64 21.84
C ASN M 91 -58.24 19.56 21.54
N PHE M 92 -58.67 18.30 21.63
CA PHE M 92 -57.87 17.20 21.13
C PHE M 92 -57.95 17.14 19.61
N VAL M 93 -56.84 17.45 18.95
CA VAL M 93 -56.77 17.29 17.51
C VAL M 93 -56.30 15.89 17.16
N ALA M 94 -57.06 15.22 16.30
CA ALA M 94 -56.78 13.85 15.93
C ALA M 94 -55.52 13.75 15.11
N PRO M 95 -54.53 12.98 15.58
CA PRO M 95 -53.26 12.68 14.89
C PRO M 95 -53.30 11.63 13.77
N TYR M 96 -54.42 10.93 13.60
CA TYR M 96 -54.55 9.92 12.52
C TYR M 96 -56.01 9.72 12.15
N ASP M 97 -56.22 9.10 11.00
CA ASP M 97 -57.55 8.70 10.53
C ASP M 97 -57.95 7.35 11.11
N ALA M 98 -59.17 7.25 11.62
CA ALA M 98 -59.78 5.95 11.85
C ALA M 98 -59.80 5.22 10.51
N THR M 99 -59.74 3.90 10.55
CA THR M 99 -59.65 3.10 9.32
C THR M 99 -60.84 3.33 8.40
N VAL M 100 -62.04 3.50 8.98
CA VAL M 100 -63.25 3.75 8.17
C VAL M 100 -63.16 5.09 7.42
N ILE M 101 -62.64 6.12 8.09
CA ILE M 101 -62.46 7.43 7.51
C ILE M 101 -61.45 7.37 6.36
N GLU M 102 -60.40 6.58 6.54
CA GLU M 102 -59.42 6.36 5.48
C GLU M 102 -60.09 5.71 4.28
N ARG M 103 -61.01 4.78 4.53
CA ARG M 103 -61.69 4.03 3.48
C ARG M 103 -62.77 4.85 2.78
N LEU M 104 -63.42 5.73 3.53
CA LEU M 104 -64.37 6.66 2.94
C LEU M 104 -63.66 7.69 2.06
N LYS M 105 -62.57 8.29 2.56
CA LYS M 105 -61.77 9.27 1.82
C LYS M 105 -61.31 8.68 0.52
N LYS M 106 -60.86 7.43 0.60
CA LYS M 106 -60.36 6.74 -0.56
C LYS M 106 -61.49 6.45 -1.54
N ALA M 107 -62.72 6.48 -1.05
CA ALA M 107 -63.89 6.18 -1.89
C ALA M 107 -64.51 7.46 -2.48
N GLY M 108 -63.89 8.60 -2.19
CA GLY M 108 -64.34 9.87 -2.69
C GLY M 108 -65.29 10.63 -1.81
N ALA M 109 -65.68 10.06 -0.69
CA ALA M 109 -66.63 10.75 0.18
C ALA M 109 -66.04 12.05 0.74
N LEU M 110 -66.91 12.92 1.22
CA LEU M 110 -66.46 14.17 1.80
C LEU M 110 -66.98 14.36 3.19
N ILE M 111 -66.06 14.35 4.14
CA ILE M 111 -66.45 14.47 5.54
C ILE M 111 -66.97 15.88 5.78
N VAL M 112 -68.23 15.98 6.19
CA VAL M 112 -68.92 17.23 6.22
C VAL M 112 -69.09 17.74 7.67
N GLY M 113 -68.72 16.91 8.64
CA GLY M 113 -68.71 17.36 10.01
C GLY M 113 -68.70 16.29 11.08
N LYS M 114 -68.54 16.75 12.30
CA LYS M 114 -68.43 15.85 13.40
C LYS M 114 -69.64 16.05 14.27
N THR M 115 -70.30 14.94 14.51
CA THR M 115 -71.69 14.90 14.93
C THR M 115 -71.85 14.73 16.43
N ASN M 116 -72.87 15.35 17.02
CA ASN M 116 -73.02 15.35 18.48
C ASN M 116 -73.39 13.94 18.98
N LEU M 117 -73.10 13.68 20.26
CA LEU M 117 -73.32 12.38 20.89
C LEU M 117 -73.41 12.52 22.38
N ASP M 118 -73.90 11.49 23.05
CA ASP M 118 -73.71 11.45 24.49
C ASP M 118 -72.19 11.30 24.70
N GLU M 119 -71.70 11.89 25.78
CA GLU M 119 -70.26 11.88 26.04
C GLU M 119 -69.74 10.44 26.15
N PHE M 120 -68.71 10.19 25.33
CA PHE M 120 -68.04 8.92 25.22
C PHE M 120 -69.03 7.85 24.88
N ALA M 121 -70.11 8.26 24.23
CA ALA M 121 -71.07 7.32 23.63
C ALA M 121 -71.94 6.57 24.66
N MET M 122 -72.07 7.17 25.83
CA MET M 122 -72.77 6.55 26.92
C MET M 122 -74.07 7.27 27.22
N GLY M 123 -75.17 6.72 26.71
CA GLY M 123 -76.53 7.24 26.96
C GLY M 123 -77.47 6.92 25.81
N SER M 124 -78.74 7.25 26.00
CA SER M 124 -79.77 6.88 25.00
C SER M 124 -80.56 8.06 24.41
N SER M 125 -80.02 9.27 24.51
CA SER M 125 -80.79 10.47 24.13
C SER M 125 -79.97 11.65 23.65
N THR M 126 -78.65 11.60 23.84
CA THR M 126 -77.70 12.68 23.49
C THR M 126 -77.67 13.83 24.50
N GLU M 127 -78.57 13.80 25.45
CA GLU M 127 -78.57 14.80 26.47
C GLU M 127 -77.26 14.85 27.22
N TYR M 128 -76.49 13.77 27.22
CA TYR M 128 -75.24 13.71 27.98
C TYR M 128 -74.01 14.23 27.21
N SER M 129 -74.24 14.74 26.01
CA SER M 129 -73.23 15.58 25.35
C SER M 129 -72.81 16.67 26.31
N ALA M 130 -71.50 16.84 26.48
CA ALA M 130 -70.96 17.81 27.42
C ALA M 130 -71.13 19.24 26.90
N PHE M 131 -71.56 19.36 25.65
CA PHE M 131 -71.64 20.64 24.98
C PHE M 131 -73.06 21.24 24.86
N PHE M 132 -73.98 20.43 24.34
CA PHE M 132 -75.36 20.82 24.09
C PHE M 132 -76.19 19.61 23.62
N PRO M 133 -77.53 19.61 23.89
CA PRO M 133 -78.43 18.59 23.35
C PRO M 133 -78.69 18.77 21.88
N THR M 134 -78.73 17.66 21.16
CA THR M 134 -79.33 17.61 19.84
C THR M 134 -80.83 17.35 20.02
N LYS M 135 -81.63 17.90 19.10
CA LYS M 135 -83.08 17.87 19.18
C LYS M 135 -83.69 17.07 18.01
N ASN M 136 -84.76 16.31 18.32
CA ASN M 136 -85.50 15.54 17.32
C ASN M 136 -86.21 16.46 16.32
N PRO M 137 -85.78 16.40 15.04
CA PRO M 137 -86.39 17.18 13.96
C PRO M 137 -87.89 16.95 13.72
N TRP M 138 -88.48 15.92 14.32
CA TRP M 138 -89.91 15.72 14.19
C TRP M 138 -90.67 16.33 15.35
N ASP M 139 -89.95 16.70 16.41
CA ASP M 139 -90.56 17.44 17.50
C ASP M 139 -89.40 17.88 18.39
N LEU M 140 -89.04 19.15 18.30
CA LEU M 140 -87.88 19.68 19.00
C LEU M 140 -88.05 19.66 20.50
N GLU M 141 -89.24 19.31 20.98
CA GLU M 141 -89.44 19.06 22.40
C GLU M 141 -88.93 17.65 22.78
N ARG M 142 -88.55 16.87 21.78
CA ARG M 142 -88.20 15.48 21.96
C ARG M 142 -86.76 15.11 21.60
N VAL M 143 -86.25 14.06 22.22
CA VAL M 143 -84.87 13.61 22.04
C VAL M 143 -84.72 12.84 20.73
N PRO M 144 -83.54 12.92 20.08
CA PRO M 144 -83.35 12.18 18.86
C PRO M 144 -82.82 10.78 19.14
N GLY M 145 -82.69 10.43 20.41
CA GLY M 145 -82.06 9.19 20.80
C GLY M 145 -80.57 9.34 21.10
N GLY M 146 -79.94 8.22 21.46
CA GLY M 146 -78.51 8.22 21.71
C GLY M 146 -77.89 6.84 21.67
N SER M 147 -76.57 6.79 21.58
CA SER M 147 -75.73 7.98 21.67
C SER M 147 -75.45 8.67 20.33
N SER M 148 -75.61 7.99 19.20
CA SER M 148 -75.48 8.67 17.89
C SER M 148 -76.63 9.66 17.54
N GLY M 149 -77.02 10.52 18.49
CA GLY M 149 -78.05 11.54 18.26
C GLY M 149 -77.93 12.42 17.01
N GLY M 150 -76.79 13.11 16.85
CA GLY M 150 -76.53 14.01 15.75
C GLY M 150 -76.42 13.31 14.42
N SER M 151 -75.96 12.07 14.42
CA SER M 151 -75.75 11.38 13.17
C SER M 151 -77.07 10.92 12.58
N ALA M 152 -78.01 10.58 13.48
CA ALA M 152 -79.39 10.26 13.11
C ALA M 152 -80.12 11.53 12.64
N ALA M 153 -80.12 12.55 13.49
CA ALA M 153 -80.79 13.82 13.25
C ALA M 153 -80.42 14.45 11.94
N SER M 154 -79.13 14.55 11.66
CA SER M 154 -78.67 15.22 10.45
C SER M 154 -79.11 14.45 9.23
N VAL M 155 -79.23 13.13 9.34
CA VAL M 155 -79.72 12.31 8.22
C VAL M 155 -81.25 12.44 8.08
N ALA M 156 -81.92 12.65 9.21
CA ALA M 156 -83.36 12.91 9.22
C ALA M 156 -83.72 14.24 8.53
N VAL M 157 -83.06 15.35 8.89
CA VAL M 157 -83.30 16.66 8.26
C VAL M 157 -82.64 16.75 6.91
N LEU M 158 -81.77 15.81 6.61
CA LEU M 158 -81.00 15.81 5.38
C LEU M 158 -79.99 16.96 5.23
N SER M 159 -79.42 17.42 6.34
CA SER M 159 -78.19 18.20 6.28
C SER M 159 -76.97 17.34 5.88
N ALA M 160 -77.18 16.02 5.89
CA ALA M 160 -76.28 15.06 5.26
C ALA M 160 -77.15 13.89 4.83
N PRO M 161 -76.82 13.26 3.69
CA PRO M 161 -77.68 12.18 3.20
C PRO M 161 -77.42 10.87 3.94
N VAL M 162 -76.20 10.70 4.41
CA VAL M 162 -75.75 9.43 4.97
C VAL M 162 -74.78 9.75 6.12
N SER M 163 -74.62 8.82 7.05
CA SER M 163 -73.95 9.12 8.29
C SER M 163 -73.28 7.88 8.90
N LEU M 164 -72.22 8.10 9.67
CA LEU M 164 -71.57 7.06 10.45
C LEU M 164 -71.87 7.28 11.91
N GLY M 165 -72.23 6.21 12.62
CA GLY M 165 -72.39 6.27 14.06
C GLY M 165 -71.68 5.08 14.66
N SER M 166 -71.81 4.87 15.96
CA SER M 166 -71.40 3.59 16.54
C SER M 166 -72.51 2.95 17.44
N ASP M 167 -72.51 1.63 17.57
CA ASP M 167 -73.52 0.93 18.37
C ASP M 167 -72.88 -0.02 19.40
N THR M 168 -72.98 0.31 20.67
CA THR M 168 -72.45 -0.56 21.73
C THR M 168 -73.59 -1.36 22.37
N GLY M 169 -74.76 -0.75 22.50
CA GLY M 169 -75.95 -1.40 23.01
C GLY M 169 -77.21 -0.82 22.43
N GLY M 170 -77.13 -0.42 21.16
CA GLY M 170 -78.28 0.16 20.47
C GLY M 170 -78.10 1.56 19.92
N SER M 171 -76.87 2.08 19.96
CA SER M 171 -76.59 3.51 19.66
C SER M 171 -76.68 3.96 18.22
N ILE M 172 -76.90 3.03 17.32
CA ILE M 172 -77.33 3.39 15.99
C ILE M 172 -78.85 3.17 15.88
N ARG M 173 -79.29 1.96 16.23
CA ARG M 173 -80.64 1.54 16.00
C ARG M 173 -81.69 2.41 16.72
N GLN M 174 -81.48 2.74 17.98
CA GLN M 174 -82.53 3.49 18.62
C GLN M 174 -82.63 4.95 18.17
N PRO M 175 -81.49 5.67 17.95
CA PRO M 175 -81.58 6.92 17.21
C PRO M 175 -82.24 6.81 15.83
N ALA M 176 -81.96 5.73 15.09
CA ALA M 176 -82.60 5.57 13.78
C ALA M 176 -84.12 5.44 13.98
N SER M 177 -84.54 4.74 15.03
CA SER M 177 -85.98 4.57 15.31
C SER M 177 -86.60 5.94 15.57
N PHE M 178 -86.07 6.64 16.57
CA PHE M 178 -86.54 7.95 17.01
C PHE M 178 -86.52 9.06 15.93
N CYS M 179 -85.61 8.97 14.98
CA CYS M 179 -85.49 10.02 13.96
C CYS M 179 -86.07 9.59 12.64
N GLY M 180 -86.66 8.40 12.63
CA GLY M 180 -87.37 7.96 11.46
C GLY M 180 -86.46 7.74 10.28
N VAL M 181 -85.29 7.17 10.53
CA VAL M 181 -84.35 6.79 9.47
C VAL M 181 -83.90 5.35 9.63
N ILE M 182 -83.29 4.81 8.59
CA ILE M 182 -82.63 3.50 8.66
C ILE M 182 -81.27 3.58 9.37
N GLY M 183 -81.02 2.65 10.28
CA GLY M 183 -79.72 2.52 10.90
C GLY M 183 -79.30 1.08 11.11
N ILE M 184 -78.09 0.74 10.69
CA ILE M 184 -77.61 -0.64 10.85
C ILE M 184 -76.36 -0.68 11.74
N LYS M 185 -76.34 -1.66 12.65
CA LYS M 185 -75.09 -2.11 13.28
C LYS M 185 -74.78 -3.49 12.72
N PRO M 186 -73.64 -3.65 12.04
CA PRO M 186 -73.29 -4.92 11.40
C PRO M 186 -72.72 -5.91 12.42
N THR M 187 -72.39 -7.12 11.96
CA THR M 187 -71.83 -8.17 12.82
C THR M 187 -70.58 -7.68 13.53
N TYR M 188 -70.41 -8.04 14.81
CA TYR M 188 -69.19 -7.65 15.51
C TYR M 188 -68.01 -8.26 14.80
N GLY M 189 -67.06 -7.42 14.39
CA GLY M 189 -65.92 -7.85 13.62
C GLY M 189 -66.00 -7.43 12.18
N ARG M 190 -67.16 -6.98 11.72
CA ARG M 190 -67.24 -6.63 10.31
C ARG M 190 -66.58 -5.30 9.93
N VAL M 191 -66.52 -4.39 10.88
CA VAL M 191 -66.00 -3.06 10.64
C VAL M 191 -64.94 -2.75 11.69
N SER M 192 -63.79 -2.26 11.24
CA SER M 192 -62.67 -1.98 12.11
C SER M 192 -63.01 -1.02 13.23
N ARG M 193 -62.39 -1.23 14.38
CA ARG M 193 -62.58 -0.36 15.52
C ARG M 193 -61.33 0.46 15.71
N TYR M 194 -60.45 0.48 14.71
CA TYR M 194 -59.25 1.32 14.74
C TYR M 194 -59.60 2.79 14.45
N GLY M 195 -59.41 3.63 15.45
CA GLY M 195 -59.77 5.02 15.37
C GLY M 195 -61.16 5.30 15.90
N LEU M 196 -61.82 4.27 16.46
CA LEU M 196 -63.08 4.44 17.15
C LEU M 196 -62.75 4.54 18.62
N VAL M 197 -63.01 5.68 19.22
CA VAL M 197 -62.73 5.80 20.64
C VAL M 197 -63.52 4.74 21.37
N ALA M 198 -62.79 3.83 22.00
CA ALA M 198 -63.39 2.65 22.62
C ALA M 198 -64.17 3.01 23.86
N PHE M 199 -65.38 2.43 23.92
CA PHE M 199 -66.28 2.42 25.06
C PHE M 199 -66.18 1.00 25.65
N ALA M 200 -66.83 0.04 24.97
CA ALA M 200 -66.75 -1.37 25.35
C ALA M 200 -66.28 -2.15 24.15
N SER M 201 -64.99 -2.51 24.18
CA SER M 201 -64.31 -3.11 23.05
C SER M 201 -64.98 -4.39 22.55
N SER M 202 -65.60 -5.15 23.46
CA SER M 202 -66.25 -6.42 23.09
C SER M 202 -67.66 -6.26 22.49
N LEU M 203 -68.20 -5.04 22.54
CA LEU M 203 -69.55 -4.70 22.07
C LEU M 203 -69.61 -3.61 20.97
N ASP M 204 -68.63 -2.70 20.91
CA ASP M 204 -68.58 -1.57 19.97
C ASP M 204 -68.63 -2.03 18.49
N GLN M 205 -69.43 -1.37 17.66
CA GLN M 205 -69.24 -1.40 16.20
C GLN M 205 -69.66 -0.06 15.54
N ILE M 206 -68.85 0.38 14.60
CA ILE M 206 -69.24 1.47 13.74
C ILE M 206 -70.37 0.92 12.87
N GLY M 207 -71.36 1.79 12.58
CA GLY M 207 -72.44 1.47 11.65
C GLY M 207 -72.88 2.68 10.84
N VAL M 208 -73.96 2.52 10.07
CA VAL M 208 -74.42 3.51 9.11
C VAL M 208 -75.89 3.95 9.29
N PHE M 209 -76.12 5.24 9.09
CA PHE M 209 -77.47 5.81 8.97
C PHE M 209 -77.70 6.24 7.53
N GLY M 210 -78.91 5.98 7.05
CA GLY M 210 -79.39 6.49 5.77
C GLY M 210 -80.92 6.53 5.69
N ARG M 211 -81.44 6.92 4.54
CA ARG M 211 -82.89 7.06 4.32
C ARG M 211 -83.36 6.02 3.34
N ARG M 212 -82.46 5.63 2.46
CA ARG M 212 -82.74 4.58 1.55
C ARG M 212 -81.77 3.41 1.77
N THR M 213 -82.28 2.20 1.63
CA THR M 213 -81.53 1.00 1.97
C THR M 213 -80.27 0.87 1.11
N GLU M 214 -80.32 1.37 -0.12
CA GLU M 214 -79.13 1.31 -0.98
C GLU M 214 -78.03 2.25 -0.48
N ASP M 215 -78.42 3.42 0.01
CA ASP M 215 -77.48 4.34 0.63
C ASP M 215 -76.69 3.61 1.72
N VAL M 216 -77.44 2.98 2.61
CA VAL M 216 -76.88 2.31 3.77
C VAL M 216 -76.02 1.11 3.36
N ALA M 217 -76.51 0.31 2.43
CA ALA M 217 -75.76 -0.84 1.94
C ALA M 217 -74.41 -0.47 1.35
N LEU M 218 -74.35 0.67 0.66
CA LEU M 218 -73.12 1.06 -0.02
C LEU M 218 -72.10 1.61 0.95
N VAL M 219 -72.52 2.50 1.85
CA VAL M 219 -71.58 3.06 2.82
C VAL M 219 -70.95 1.94 3.65
N LEU M 220 -71.78 0.97 4.04
CA LEU M 220 -71.33 -0.18 4.81
C LEU M 220 -70.35 -1.04 4.05
N GLU M 221 -70.64 -1.31 2.79
CA GLU M 221 -69.73 -2.09 1.98
C GLU M 221 -68.33 -1.42 1.94
N VAL M 222 -68.31 -0.10 1.77
CA VAL M 222 -67.06 0.65 1.67
C VAL M 222 -66.23 0.56 2.94
N ILE M 223 -66.86 0.76 4.10
CA ILE M 223 -66.13 0.83 5.36
C ILE M 223 -65.82 -0.54 5.99
N SER M 224 -66.46 -1.59 5.49
CA SER M 224 -66.35 -2.92 6.11
C SER M 224 -65.11 -3.64 5.64
N GLY M 225 -64.79 -4.75 6.31
CA GLY M 225 -63.69 -5.61 5.89
C GLY M 225 -62.50 -5.60 6.84
N TRP M 226 -61.66 -6.63 6.69
CA TRP M 226 -60.48 -6.87 7.53
C TRP M 226 -59.55 -5.66 7.65
N ASP M 227 -59.11 -5.38 8.87
CA ASP M 227 -58.11 -4.36 9.12
C ASP M 227 -56.98 -4.96 9.97
N GLU M 228 -55.75 -4.85 9.47
CA GLU M 228 -54.55 -5.36 10.17
C GLU M 228 -54.27 -4.62 11.47
N LYS M 229 -54.81 -3.41 11.58
CA LYS M 229 -54.64 -2.59 12.76
C LYS M 229 -55.67 -2.92 13.83
N ASP M 230 -56.55 -3.90 13.55
CA ASP M 230 -57.58 -4.36 14.50
C ASP M 230 -57.62 -5.88 14.66
N SER M 231 -57.27 -6.35 15.85
CA SER M 231 -57.16 -7.78 16.12
C SER M 231 -58.50 -8.50 16.08
N THR M 232 -59.57 -7.75 16.35
CA THR M 232 -60.90 -8.29 16.49
C THR M 232 -61.65 -8.27 15.16
N SER M 233 -61.09 -7.60 14.16
CA SER M 233 -61.72 -7.49 12.84
C SER M 233 -61.60 -8.83 12.14
N ALA M 234 -62.67 -9.28 11.48
CA ALA M 234 -62.67 -10.62 10.92
C ALA M 234 -62.09 -10.69 9.53
N LYS M 235 -61.39 -11.77 9.24
CA LYS M 235 -60.85 -12.02 7.92
C LYS M 235 -61.93 -12.72 7.12
N VAL M 236 -63.00 -12.00 6.84
CA VAL M 236 -64.14 -12.51 6.07
C VAL M 236 -64.37 -11.51 4.94
N PRO M 237 -64.56 -12.01 3.71
CA PRO M 237 -64.83 -11.12 2.59
C PRO M 237 -66.12 -10.32 2.76
N VAL M 238 -66.10 -9.09 2.27
CA VAL M 238 -67.25 -8.20 2.36
C VAL M 238 -68.19 -8.53 1.19
N PRO M 239 -69.45 -8.90 1.49
CA PRO M 239 -70.45 -9.14 0.42
C PRO M 239 -70.74 -7.88 -0.40
N GLU M 240 -71.03 -8.05 -1.68
CA GLU M 240 -71.40 -6.95 -2.56
C GLU M 240 -72.81 -6.48 -2.25
N TRP M 241 -72.96 -5.76 -1.15
CA TRP M 241 -74.29 -5.44 -0.63
C TRP M 241 -75.12 -4.55 -1.55
N SER M 242 -74.46 -3.63 -2.25
CA SER M 242 -75.12 -2.72 -3.18
C SER M 242 -75.85 -3.47 -4.28
N GLU M 243 -75.29 -4.61 -4.70
CA GLU M 243 -75.91 -5.45 -5.70
C GLU M 243 -76.81 -6.53 -5.08
N GLU M 244 -76.86 -6.57 -3.76
CA GLU M 244 -77.57 -7.66 -3.08
C GLU M 244 -78.90 -7.25 -2.46
N VAL M 245 -79.02 -6.00 -2.03
CA VAL M 245 -80.25 -5.50 -1.38
C VAL M 245 -81.49 -5.62 -2.24
N LYS M 246 -81.31 -5.42 -3.55
CA LYS M 246 -82.41 -5.40 -4.49
C LYS M 246 -83.00 -6.78 -4.77
N LYS M 247 -82.22 -7.83 -4.55
CA LYS M 247 -82.68 -9.21 -4.77
C LYS M 247 -83.73 -9.64 -3.72
N GLU M 248 -84.44 -10.73 -4.02
CA GLU M 248 -85.51 -11.21 -3.17
C GLU M 248 -85.38 -12.71 -2.94
N VAL M 249 -85.33 -13.11 -1.67
CA VAL M 249 -85.19 -14.52 -1.29
C VAL M 249 -86.55 -15.07 -0.82
N LYS M 250 -86.98 -16.17 -1.43
CA LYS M 250 -88.28 -16.74 -1.09
C LYS M 250 -88.32 -17.58 0.18
N GLY M 251 -89.45 -17.50 0.86
CA GLY M 251 -89.75 -18.34 2.01
C GLY M 251 -88.94 -18.04 3.25
N LEU M 252 -88.64 -16.77 3.47
CA LEU M 252 -87.91 -16.41 4.67
C LEU M 252 -88.84 -16.50 5.88
N LYS M 253 -88.25 -16.58 7.08
CA LYS M 253 -89.00 -16.78 8.32
C LYS M 253 -88.67 -15.75 9.38
N ILE M 254 -89.68 -15.29 10.10
CA ILE M 254 -89.48 -14.28 11.12
C ILE M 254 -89.92 -14.82 12.47
N GLY M 255 -89.04 -14.68 13.44
CA GLY M 255 -89.31 -15.15 14.77
C GLY M 255 -89.77 -14.02 15.65
N LEU M 256 -90.83 -14.28 16.41
CA LEU M 256 -91.27 -13.31 17.39
C LEU M 256 -91.04 -13.90 18.76
N PRO M 257 -90.04 -13.39 19.45
CA PRO M 257 -89.69 -13.97 20.75
C PRO M 257 -90.83 -13.89 21.73
N LYS M 258 -91.28 -15.05 22.24
CA LYS M 258 -92.34 -15.15 23.25
C LYS M 258 -92.04 -14.32 24.49
N GLU M 259 -90.76 -14.21 24.84
CA GLU M 259 -90.38 -13.50 26.06
C GLU M 259 -90.56 -12.01 25.87
N PHE M 260 -90.63 -11.56 24.62
CA PHE M 260 -90.81 -10.13 24.34
C PHE M 260 -92.26 -9.67 24.56
N PHE M 261 -93.22 -10.60 24.57
CA PHE M 261 -94.61 -10.25 24.81
C PHE M 261 -94.79 -9.76 26.22
N GLU M 262 -93.91 -10.17 27.11
CA GLU M 262 -93.98 -9.72 28.48
C GLU M 262 -93.41 -8.31 28.69
N TYR M 263 -92.86 -7.73 27.63
CA TYR M 263 -92.21 -6.42 27.72
C TYR M 263 -93.24 -5.34 27.61
N GLU M 264 -93.22 -4.38 28.53
CA GLU M 264 -94.09 -3.21 28.46
C GLU M 264 -93.82 -2.35 27.22
N LEU M 265 -94.78 -2.35 26.29
CA LEU M 265 -94.74 -1.50 25.10
C LEU M 265 -95.81 -0.41 25.15
N GLN M 266 -95.51 0.76 24.61
CA GLN M 266 -96.54 1.75 24.31
C GLN M 266 -97.46 1.22 23.24
N PRO M 267 -98.80 1.38 23.43
CA PRO M 267 -99.83 0.86 22.53
C PRO M 267 -99.65 1.30 21.09
N GLN M 268 -99.19 2.53 20.86
CA GLN M 268 -98.85 3.02 19.52
C GLN M 268 -97.73 2.20 18.87
N VAL M 269 -96.72 1.83 19.66
CA VAL M 269 -95.60 1.02 19.15
C VAL M 269 -96.11 -0.40 18.85
N LYS M 270 -96.83 -0.99 19.81
CA LYS M 270 -97.38 -2.32 19.60
C LYS M 270 -98.21 -2.38 18.32
N GLU M 271 -99.13 -1.42 18.17
CA GLU M 271 -100.00 -1.27 17.01
C GLU M 271 -99.20 -1.18 15.69
N ALA M 272 -98.21 -0.27 15.68
CA ALA M 272 -97.26 -0.10 14.57
C ALA M 272 -96.53 -1.39 14.20
N PHE M 273 -96.06 -2.11 15.25
CA PHE M 273 -95.32 -3.35 15.05
C PHE M 273 -96.19 -4.45 14.50
N GLU M 274 -97.38 -4.64 15.08
CA GLU M 274 -98.32 -5.66 14.61
C GLU M 274 -98.68 -5.46 13.15
N ASN M 275 -98.86 -4.20 12.75
CA ASN M 275 -99.16 -3.88 11.37
C ASN M 275 -97.99 -4.20 10.44
N PHE M 276 -96.78 -3.90 10.91
CA PHE M 276 -95.54 -4.20 10.17
C PHE M 276 -95.47 -5.69 9.87
N ILE M 277 -95.75 -6.49 10.90
CA ILE M 277 -95.75 -7.96 10.79
C ILE M 277 -96.87 -8.51 9.90
N LYS M 278 -98.10 -8.04 10.08
CA LYS M 278 -99.20 -8.46 9.22
C LYS M 278 -98.90 -8.13 7.77
N GLU M 279 -98.31 -6.97 7.53
CA GLU M 279 -97.98 -6.52 6.19
C GLU M 279 -96.88 -7.38 5.57
N LEU M 280 -95.93 -7.81 6.40
CA LEU M 280 -94.89 -8.75 6.00
C LEU M 280 -95.47 -10.13 5.75
N GLU M 281 -96.34 -10.60 6.66
CA GLU M 281 -97.09 -11.83 6.42
C GLU M 281 -97.75 -11.82 5.02
N LYS M 282 -98.47 -10.75 4.69
CA LYS M 282 -99.13 -10.61 3.37
C LYS M 282 -98.19 -10.78 2.20
N GLU M 283 -96.95 -10.33 2.38
CA GLU M 283 -95.93 -10.42 1.33
C GLU M 283 -95.28 -11.81 1.24
N GLY M 284 -95.63 -12.71 2.16
CA GLY M 284 -95.20 -14.11 2.06
C GLY M 284 -94.17 -14.60 3.08
N PHE M 285 -93.85 -13.77 4.06
CA PHE M 285 -93.00 -14.18 5.15
C PHE M 285 -93.80 -15.08 6.06
N GLU M 286 -93.20 -16.19 6.47
CA GLU M 286 -93.81 -17.04 7.49
C GLU M 286 -93.46 -16.48 8.85
N ILE M 287 -94.45 -16.35 9.72
CA ILE M 287 -94.25 -15.75 11.03
C ILE M 287 -94.40 -16.81 12.12
N LYS M 288 -93.36 -16.96 12.95
CA LYS M 288 -93.32 -17.99 13.98
C LYS M 288 -92.92 -17.42 15.30
N GLU M 289 -93.52 -17.91 16.38
CA GLU M 289 -93.07 -17.59 17.72
C GLU M 289 -91.79 -18.37 18.02
N VAL M 290 -90.79 -17.69 18.57
CA VAL M 290 -89.58 -18.38 19.05
C VAL M 290 -89.41 -18.16 20.53
N SER M 291 -88.54 -18.98 21.14
CA SER M 291 -88.13 -18.79 22.54
C SER M 291 -86.68 -18.30 22.63
N LEU M 292 -86.46 -17.37 23.54
CA LEU M 292 -85.12 -16.98 23.92
C LEU M 292 -85.18 -16.89 25.44
N PRO M 293 -85.05 -18.03 26.12
CA PRO M 293 -85.38 -18.06 27.55
C PRO M 293 -84.53 -17.15 28.41
N HIS M 294 -83.41 -16.65 27.87
CA HIS M 294 -82.48 -15.83 28.67
C HIS M 294 -82.48 -14.33 28.37
N VAL M 295 -83.08 -13.91 27.24
CA VAL M 295 -83.03 -12.50 26.84
C VAL M 295 -83.40 -11.51 27.89
N LYS M 296 -84.33 -11.84 28.76
CA LYS M 296 -84.73 -10.85 29.75
C LYS M 296 -83.54 -10.45 30.60
N TYR M 297 -82.51 -11.28 30.58
CA TYR M 297 -81.29 -11.01 31.35
C TYR M 297 -80.29 -10.09 30.60
N SER M 298 -80.59 -9.77 29.35
CA SER M 298 -79.69 -8.96 28.53
C SER M 298 -79.25 -7.70 29.26
N ILE M 299 -80.21 -7.00 29.86
CA ILE M 299 -80.01 -5.63 30.29
C ILE M 299 -79.01 -5.56 31.44
N PRO M 300 -79.20 -6.42 32.44
CA PRO M 300 -78.30 -6.48 33.60
C PRO M 300 -76.96 -7.11 33.23
N THR M 301 -76.98 -8.01 32.26
CA THR M 301 -75.74 -8.50 31.65
C THR M 301 -74.97 -7.32 31.06
N TYR M 302 -75.66 -6.50 30.25
CA TYR M 302 -75.03 -5.41 29.50
C TYR M 302 -74.49 -4.32 30.41
N TYR M 303 -75.24 -4.02 31.45
CA TYR M 303 -74.82 -2.97 32.35
C TYR M 303 -73.88 -3.43 33.43
N ILE M 304 -73.30 -4.61 33.24
CA ILE M 304 -72.10 -5.02 33.95
C ILE M 304 -70.94 -5.01 32.94
N ILE M 305 -71.13 -5.67 31.81
CA ILE M 305 -70.05 -5.74 30.83
C ILE M 305 -69.57 -4.36 30.34
N ALA M 306 -70.51 -3.58 29.79
CA ALA M 306 -70.21 -2.25 29.25
C ALA M 306 -69.48 -1.32 30.22
N PRO M 307 -70.07 -1.05 31.39
CA PRO M 307 -69.34 -0.26 32.40
C PRO M 307 -67.93 -0.77 32.75
N SER M 308 -67.73 -2.09 32.83
CA SER M 308 -66.42 -2.67 33.12
C SER M 308 -65.41 -2.30 32.05
N GLU M 309 -65.68 -2.71 30.82
CA GLU M 309 -64.77 -2.40 29.73
C GLU M 309 -64.55 -0.89 29.61
N ALA M 310 -65.59 -0.13 29.90
CA ALA M 310 -65.53 1.31 29.84
C ALA M 310 -64.57 1.88 30.86
N SER M 311 -64.54 1.32 32.06
CA SER M 311 -63.64 1.86 33.09
C SER M 311 -62.19 1.58 32.69
N SER M 312 -61.98 0.47 31.99
CA SER M 312 -60.64 0.12 31.55
C SER M 312 -60.25 1.02 30.41
N ASN M 313 -61.11 1.13 29.41
CA ASN M 313 -60.80 1.91 28.23
C ASN M 313 -60.71 3.41 28.45
N LEU M 314 -61.23 3.87 29.57
CA LEU M 314 -61.17 5.30 29.86
C LEU M 314 -60.04 5.66 30.82
N ALA M 315 -59.22 4.67 31.19
CA ALA M 315 -58.13 4.92 32.17
C ALA M 315 -57.02 5.79 31.56
N ARG M 316 -56.99 5.88 30.23
CA ARG M 316 -55.95 6.62 29.53
C ARG M 316 -56.12 8.14 29.53
N TYR M 317 -57.30 8.62 29.88
CA TYR M 317 -57.58 10.05 29.86
C TYR M 317 -57.17 10.59 31.20
N ASP M 318 -55.97 11.17 31.21
CA ASP M 318 -55.24 11.41 32.45
C ASP M 318 -54.41 12.67 32.49
N GLY M 319 -54.41 13.46 31.43
CA GLY M 319 -53.74 14.77 31.42
C GLY M 319 -52.25 14.70 31.15
N VAL M 320 -51.78 13.53 30.74
CA VAL M 320 -50.37 13.34 30.54
C VAL M 320 -50.02 13.57 29.09
N ARG M 321 -50.64 12.86 28.16
CA ARG M 321 -50.15 12.89 26.79
C ARG M 321 -50.97 13.77 25.82
N TYR M 322 -52.20 14.10 26.21
CA TYR M 322 -53.12 14.83 25.35
C TYR M 322 -54.32 15.28 26.15
N GLY M 323 -55.16 16.11 25.54
CA GLY M 323 -56.41 16.55 26.11
C GLY M 323 -56.34 17.43 27.34
N TYR M 324 -57.45 17.47 28.05
CA TYR M 324 -57.62 18.36 29.18
C TYR M 324 -56.73 18.01 30.35
N ARG M 325 -56.25 19.05 31.01
CA ARG M 325 -55.56 18.88 32.26
C ARG M 325 -56.02 19.97 33.22
N ALA M 326 -56.43 19.57 34.41
CA ALA M 326 -56.84 20.54 35.42
C ALA M 326 -55.75 21.60 35.63
N LYS M 327 -56.18 22.77 36.08
CA LYS M 327 -55.27 23.89 36.27
C LYS M 327 -54.53 23.85 37.60
N GLU M 328 -55.21 23.38 38.65
CA GLU M 328 -54.67 23.40 40.00
C GLU M 328 -54.41 22.00 40.58
N TYR M 329 -53.16 21.72 40.97
CA TYR M 329 -52.82 20.43 41.55
C TYR M 329 -51.49 20.43 42.30
N LYS M 330 -51.44 19.73 43.43
CA LYS M 330 -50.24 19.70 44.28
C LYS M 330 -49.31 18.53 44.00
N ASP M 331 -49.83 17.47 43.36
CA ASP M 331 -49.07 16.28 43.01
C ASP M 331 -49.69 15.56 41.82
N ILE M 332 -48.97 14.58 41.28
CA ILE M 332 -49.46 13.79 40.16
C ILE M 332 -50.83 13.14 40.46
N PHE M 333 -51.07 12.76 41.71
CA PHE M 333 -52.34 12.15 42.09
C PHE M 333 -53.48 13.13 41.88
N GLU M 334 -53.33 14.33 42.44
CA GLU M 334 -54.34 15.37 42.25
C GLU M 334 -54.45 15.73 40.79
N MET M 335 -53.34 15.79 40.09
CA MET M 335 -53.39 16.07 38.69
C MET M 335 -54.33 15.09 38.02
N TYR M 336 -54.09 13.80 38.28
CA TYR M 336 -54.87 12.70 37.69
C TYR M 336 -56.35 12.82 38.07
N ALA M 337 -56.60 12.86 39.37
CA ALA M 337 -57.94 12.79 39.94
C ALA M 337 -58.82 14.01 39.61
N ARG M 338 -58.18 15.16 39.46
CA ARG M 338 -58.88 16.42 39.17
C ARG M 338 -59.15 16.59 37.70
N THR M 339 -58.16 16.26 36.87
CA THR M 339 -58.36 16.27 35.44
C THR M 339 -59.60 15.45 35.10
N ARG M 340 -59.72 14.28 35.72
CA ARG M 340 -60.78 13.34 35.39
C ARG M 340 -62.13 13.72 36.00
N ASP M 341 -62.16 14.10 37.27
CA ASP M 341 -63.46 14.56 37.78
C ASP M 341 -64.00 15.74 37.02
N GLU M 342 -63.11 16.64 36.59
CA GLU M 342 -63.53 17.83 35.87
C GLU M 342 -63.78 17.58 34.41
N GLY M 343 -63.06 16.64 33.81
CA GLY M 343 -63.17 16.42 32.38
C GLY M 343 -64.25 15.43 31.95
N PHE M 344 -64.62 14.53 32.86
CA PHE M 344 -65.64 13.50 32.61
C PHE M 344 -67.03 13.98 33.05
N GLY M 345 -68.02 13.73 32.20
CA GLY M 345 -69.43 13.93 32.54
C GLY M 345 -70.01 12.93 33.55
N PRO M 346 -71.28 13.14 33.98
CA PRO M 346 -71.77 12.35 35.12
C PRO M 346 -72.14 10.90 34.77
N GLU M 347 -72.69 10.67 33.58
CA GLU M 347 -72.99 9.29 33.22
C GLU M 347 -71.69 8.52 33.07
N VAL M 348 -70.69 9.16 32.45
CA VAL M 348 -69.35 8.60 32.29
C VAL M 348 -68.76 8.27 33.65
N LYS M 349 -68.84 9.19 34.59
CA LYS M 349 -68.29 8.93 35.91
C LYS M 349 -68.97 7.77 36.61
N ARG M 350 -70.29 7.65 36.43
CA ARG M 350 -71.08 6.53 36.99
C ARG M 350 -70.64 5.14 36.47
N ARG M 351 -70.35 5.05 35.17
CA ARG M 351 -69.96 3.78 34.60
C ARG M 351 -68.50 3.44 34.92
N ILE M 352 -67.68 4.47 35.10
CA ILE M 352 -66.30 4.25 35.54
C ILE M 352 -66.32 3.64 36.92
N MET M 353 -67.08 4.23 37.84
CA MET M 353 -67.18 3.74 39.22
C MET M 353 -67.69 2.27 39.24
N LEU M 354 -68.82 2.05 38.58
CA LEU M 354 -69.34 0.71 38.37
C LEU M 354 -68.24 -0.24 37.90
N GLY M 355 -67.60 0.10 36.80
CA GLY M 355 -66.66 -0.79 36.15
C GLY M 355 -65.52 -1.21 37.06
N THR M 356 -64.95 -0.24 37.75
CA THR M 356 -63.81 -0.50 38.62
C THR M 356 -64.21 -1.37 39.81
N PHE M 357 -65.52 -1.39 40.11
CA PHE M 357 -66.05 -2.31 41.10
C PHE M 357 -66.28 -3.69 40.52
N ALA M 358 -66.98 -3.76 39.39
CA ALA M 358 -67.22 -5.02 38.69
C ALA M 358 -65.94 -5.83 38.41
N LEU M 359 -64.80 -5.14 38.27
CA LEU M 359 -63.54 -5.77 37.95
C LEU M 359 -62.66 -6.01 39.17
N SER M 360 -63.05 -5.40 40.27
CA SER M 360 -62.31 -5.56 41.49
C SER M 360 -62.33 -7.03 41.95
N ALA M 361 -61.16 -7.49 42.43
CA ALA M 361 -61.00 -8.84 42.93
C ALA M 361 -61.93 -9.01 44.12
N GLY M 362 -62.58 -10.17 44.20
CA GLY M 362 -63.62 -10.36 45.19
C GLY M 362 -65.01 -10.15 44.61
N TYR M 363 -65.13 -9.33 43.56
CA TYR M 363 -66.42 -9.15 42.89
C TYR M 363 -66.40 -9.50 41.42
N TYR M 364 -65.20 -9.66 40.88
CA TYR M 364 -65.02 -9.98 39.47
C TYR M 364 -65.82 -11.23 39.06
N ASP M 365 -65.74 -12.27 39.89
CA ASP M 365 -66.35 -13.59 39.65
C ASP M 365 -67.88 -13.53 39.58
N ALA M 366 -68.47 -12.75 40.49
CA ALA M 366 -69.91 -12.54 40.55
C ALA M 366 -70.44 -11.47 39.56
N TYR M 367 -69.59 -10.57 39.10
CA TYR M 367 -70.01 -9.54 38.18
C TYR M 367 -69.55 -9.78 36.75
N TYR M 368 -68.37 -9.27 36.39
CA TYR M 368 -67.87 -9.38 35.03
C TYR M 368 -67.84 -10.81 34.50
N LEU M 369 -67.20 -11.71 35.26
CA LEU M 369 -67.05 -13.09 34.82
C LEU M 369 -68.44 -13.74 34.63
N LYS M 370 -69.28 -13.61 35.66
CA LYS M 370 -70.64 -14.09 35.58
C LYS M 370 -71.39 -13.61 34.34
N ALA M 371 -71.30 -12.30 34.09
CA ALA M 371 -72.00 -11.65 33.00
C ALA M 371 -71.54 -12.18 31.66
N GLN M 372 -70.26 -12.53 31.58
CA GLN M 372 -69.68 -12.97 30.35
C GLN M 372 -70.14 -14.38 30.08
N LYS M 373 -70.53 -15.06 31.17
CA LYS M 373 -71.14 -16.39 31.08
C LYS M 373 -72.62 -16.35 30.64
N VAL M 374 -73.40 -15.56 31.35
CA VAL M 374 -74.79 -15.30 30.97
C VAL M 374 -74.88 -14.82 29.54
N ARG M 375 -73.84 -14.11 29.09
CA ARG M 375 -73.77 -13.57 27.77
C ARG M 375 -73.67 -14.68 26.73
N ARG M 376 -73.05 -15.81 27.12
CA ARG M 376 -72.98 -16.95 26.21
C ARG M 376 -74.29 -17.73 26.19
N LEU M 377 -74.95 -17.82 27.34
CA LEU M 377 -76.31 -18.34 27.40
C LEU M 377 -77.21 -17.61 26.40
N ILE M 378 -77.20 -16.27 26.45
CA ILE M 378 -78.01 -15.43 25.60
C ILE M 378 -77.66 -15.63 24.14
N THR M 379 -76.37 -15.71 23.86
CA THR M 379 -75.91 -15.89 22.49
C THR M 379 -76.52 -17.17 21.99
N ASN M 380 -76.46 -18.20 22.83
CA ASN M 380 -76.92 -19.56 22.50
C ASN M 380 -78.43 -19.65 22.24
N ASP M 381 -79.24 -18.94 23.04
CA ASP M 381 -80.65 -18.74 22.71
C ASP M 381 -80.80 -18.36 21.23
N PHE M 382 -80.04 -17.36 20.81
CA PHE M 382 -80.18 -16.89 19.45
C PHE M 382 -79.81 -17.93 18.44
N LEU M 383 -78.66 -18.57 18.63
CA LEU M 383 -78.16 -19.56 17.69
C LEU M 383 -79.14 -20.71 17.48
N LYS M 384 -79.82 -21.05 18.58
CA LYS M 384 -80.84 -22.10 18.60
C LYS M 384 -82.12 -21.65 17.87
N ALA M 385 -82.62 -20.47 18.23
CA ALA M 385 -83.74 -19.84 17.51
C ALA M 385 -83.47 -19.68 16.03
N PHE M 386 -82.21 -19.43 15.66
CA PHE M 386 -81.85 -19.25 14.26
C PHE M 386 -81.83 -20.54 13.48
N GLU M 387 -82.04 -21.65 14.18
CA GLU M 387 -82.20 -22.96 13.55
C GLU M 387 -83.58 -23.11 12.90
N GLU M 388 -84.58 -22.44 13.50
CA GLU M 388 -85.98 -22.46 13.06
C GLU M 388 -86.37 -21.26 12.17
N VAL M 389 -85.74 -20.10 12.37
CA VAL M 389 -86.13 -18.84 11.71
C VAL M 389 -84.91 -18.09 11.14
N ASP M 390 -85.15 -17.11 10.27
CA ASP M 390 -84.04 -16.39 9.60
C ASP M 390 -83.67 -15.02 10.20
N VAL M 391 -84.68 -14.32 10.73
CA VAL M 391 -84.44 -13.10 11.49
C VAL M 391 -85.41 -12.99 12.66
N ILE M 392 -85.02 -12.23 13.68
CA ILE M 392 -85.87 -12.03 14.85
C ILE M 392 -86.34 -10.58 14.95
N ALA M 393 -87.65 -10.40 14.95
CA ALA M 393 -88.24 -9.07 14.79
C ALA M 393 -88.83 -8.56 16.10
N SER M 394 -88.58 -7.30 16.42
CA SER M 394 -89.40 -6.57 17.38
C SER M 394 -89.44 -5.08 17.04
N PRO M 395 -90.24 -4.33 17.79
CA PRO M 395 -89.94 -2.93 18.09
C PRO M 395 -88.46 -2.73 18.40
N THR M 396 -87.84 -1.74 17.76
CA THR M 396 -86.53 -1.26 18.18
C THR M 396 -86.58 -0.67 19.60
N THR M 397 -87.71 -0.03 19.92
CA THR M 397 -87.83 0.70 21.18
C THR M 397 -89.24 0.51 21.78
N PRO M 398 -89.31 0.34 23.09
CA PRO M 398 -90.58 0.15 23.79
C PRO M 398 -91.53 1.36 23.75
N THR M 399 -91.00 2.56 23.51
CA THR M 399 -91.80 3.78 23.44
C THR M 399 -91.50 4.63 22.22
N LEU M 400 -92.37 5.62 22.01
CA LEU M 400 -92.13 6.74 21.10
C LEU M 400 -91.04 7.63 21.70
N PRO M 401 -90.30 8.39 20.85
CA PRO M 401 -89.39 9.45 21.28
C PRO M 401 -89.90 10.19 22.49
N PHE M 402 -89.14 10.17 23.58
CA PHE M 402 -89.55 10.82 24.81
C PHE M 402 -89.03 12.26 24.95
N LYS M 403 -89.43 12.95 26.01
CA LYS M 403 -89.10 14.36 26.15
C LYS M 403 -87.81 14.56 26.93
N PHE M 404 -87.15 15.71 26.66
CA PHE M 404 -85.94 16.11 27.36
C PHE M 404 -86.23 16.12 28.85
N GLY M 405 -85.24 15.74 29.67
CA GLY M 405 -85.39 15.72 31.11
C GLY M 405 -86.20 14.55 31.67
N GLU M 406 -86.83 13.77 30.78
CA GLU M 406 -87.73 12.70 31.20
C GLU M 406 -87.01 11.51 31.84
N ARG M 407 -85.78 11.25 31.39
CA ARG M 407 -85.03 10.08 31.82
C ARG M 407 -83.66 10.49 32.38
N LEU M 408 -83.62 11.68 32.97
CA LEU M 408 -82.41 12.20 33.60
C LEU M 408 -82.50 12.12 35.11
N GLU M 409 -83.72 11.96 35.62
CA GLU M 409 -83.92 11.90 37.07
C GLU M 409 -83.21 10.66 37.66
N ASN M 410 -83.72 9.47 37.34
CA ASN M 410 -83.07 8.23 37.69
C ASN M 410 -82.29 7.71 36.46
N PRO M 411 -80.95 7.60 36.57
CA PRO M 411 -80.13 7.08 35.49
C PRO M 411 -80.72 5.78 34.90
N ILE M 412 -81.33 4.96 35.77
CA ILE M 412 -81.93 3.67 35.40
C ILE M 412 -82.98 3.82 34.30
N GLU M 413 -83.79 4.87 34.39
CA GLU M 413 -84.83 5.14 33.39
C GLU M 413 -84.24 5.32 32.00
N MET M 414 -83.04 5.87 31.92
CA MET M 414 -82.34 5.95 30.65
C MET M 414 -81.94 4.55 30.13
N TYR M 415 -81.47 3.69 31.01
CA TYR M 415 -81.01 2.36 30.64
C TYR M 415 -82.14 1.53 30.02
N LEU M 416 -83.35 1.66 30.58
CA LEU M 416 -84.57 0.98 30.11
C LEU M 416 -84.94 1.26 28.65
N SER M 417 -84.34 2.28 28.04
CA SER M 417 -84.53 2.56 26.63
C SER M 417 -83.97 1.47 25.76
N ASP M 418 -83.02 0.71 26.33
CA ASP M 418 -82.15 -0.20 25.59
C ASP M 418 -82.59 -1.66 25.57
N ILE M 419 -83.70 -1.94 26.28
CA ILE M 419 -84.17 -3.31 26.54
C ILE M 419 -84.34 -4.17 25.31
N LEU M 420 -84.61 -3.58 24.15
CA LEU M 420 -84.81 -4.39 22.98
C LEU M 420 -83.61 -4.37 22.06
N THR M 421 -82.61 -3.55 22.42
CA THR M 421 -81.45 -3.32 21.54
C THR M 421 -80.17 -4.02 21.96
N VAL M 422 -79.95 -4.14 23.26
CA VAL M 422 -78.70 -4.69 23.78
C VAL M 422 -78.56 -6.17 23.45
N PRO M 423 -79.63 -6.95 23.40
CA PRO M 423 -79.46 -8.35 23.04
C PRO M 423 -78.55 -8.56 21.81
N ALA M 424 -78.66 -7.73 20.79
CA ALA M 424 -77.90 -7.99 19.57
C ALA M 424 -76.37 -7.73 19.74
N ASN M 425 -76.03 -6.81 20.62
CA ASN M 425 -74.62 -6.53 20.90
C ASN M 425 -73.97 -7.65 21.71
N LEU M 426 -74.72 -8.12 22.70
CA LEU M 426 -74.34 -9.26 23.53
C LEU M 426 -74.01 -10.47 22.67
N ALA M 427 -74.86 -10.78 21.72
CA ALA M 427 -74.63 -11.95 20.88
C ALA M 427 -73.69 -11.67 19.72
N GLY M 428 -73.25 -10.42 19.59
CA GLY M 428 -72.40 -10.01 18.48
C GLY M 428 -73.06 -10.09 17.10
N LEU M 429 -74.39 -10.02 17.07
CA LEU M 429 -75.18 -10.18 15.85
C LEU M 429 -75.44 -8.84 15.14
N PRO M 430 -75.65 -8.88 13.81
CA PRO M 430 -76.09 -7.69 13.11
C PRO M 430 -77.55 -7.36 13.45
N ALA M 431 -77.91 -6.08 13.39
CA ALA M 431 -79.27 -5.69 13.69
C ALA M 431 -79.57 -4.33 13.03
N ILE M 432 -80.76 -4.22 12.46
CA ILE M 432 -81.15 -3.02 11.75
C ILE M 432 -82.43 -2.43 12.36
N SER M 433 -82.52 -1.11 12.38
CA SER M 433 -83.76 -0.42 12.72
C SER M 433 -84.28 0.32 11.51
N ILE M 434 -85.55 0.06 11.23
CA ILE M 434 -86.23 0.39 9.98
C ILE M 434 -87.50 1.15 10.37
N PRO M 435 -87.80 2.28 9.71
CA PRO M 435 -88.99 3.05 10.10
C PRO M 435 -90.26 2.36 9.61
N ILE M 436 -91.22 2.16 10.51
CA ILE M 436 -92.39 1.31 10.20
C ILE M 436 -93.77 2.03 10.23
N ALA M 437 -93.83 3.14 10.94
CA ALA M 437 -95.02 3.96 11.02
C ALA M 437 -94.69 5.31 11.62
N TRP M 438 -95.67 6.22 11.56
CA TRP M 438 -95.61 7.47 12.29
C TRP M 438 -96.84 7.53 13.14
N LYS M 439 -96.65 7.73 14.43
CA LYS M 439 -97.73 7.61 15.35
C LYS M 439 -97.72 8.84 16.22
N ASP M 440 -98.80 9.61 16.18
CA ASP M 440 -98.91 10.88 16.90
C ASP M 440 -97.81 11.88 16.49
N GLY M 441 -97.42 11.79 15.21
CA GLY M 441 -96.41 12.67 14.63
C GLY M 441 -94.95 12.20 14.72
N LEU M 442 -94.74 11.07 15.41
CA LEU M 442 -93.40 10.61 15.75
C LEU M 442 -93.06 9.29 15.06
N PRO M 443 -91.80 9.13 14.62
CA PRO M 443 -91.38 7.88 13.97
C PRO M 443 -91.38 6.68 14.93
N VAL M 444 -91.63 5.49 14.37
CA VAL M 444 -91.53 4.23 15.10
C VAL M 444 -90.67 3.33 14.24
N GLY M 445 -89.67 2.72 14.90
CA GLY M 445 -88.78 1.75 14.27
C GLY M 445 -89.12 0.29 14.53
N GLY M 446 -89.02 -0.50 13.47
CA GLY M 446 -89.04 -1.95 13.57
C GLY M 446 -87.62 -2.50 13.46
N GLN M 447 -87.30 -3.46 14.33
CA GLN M 447 -85.95 -4.05 14.41
C GLN M 447 -85.94 -5.45 13.86
N LEU M 448 -84.91 -5.74 13.09
CA LEU M 448 -84.64 -7.10 12.64
C LEU M 448 -83.22 -7.48 13.06
N ILE M 449 -83.13 -8.58 13.80
CA ILE M 449 -81.84 -9.16 14.19
C ILE M 449 -81.54 -10.32 13.27
N GLY M 450 -80.35 -10.30 12.67
CA GLY M 450 -79.90 -11.36 11.76
C GLY M 450 -78.82 -12.28 12.34
N LYS M 451 -78.49 -13.32 11.59
CA LYS M 451 -77.43 -14.25 11.97
C LYS M 451 -76.07 -13.58 11.73
N HIS M 452 -75.05 -14.05 12.45
CA HIS M 452 -73.69 -13.61 12.22
C HIS M 452 -73.38 -13.59 10.72
N TRP M 453 -72.93 -12.43 10.23
CA TRP M 453 -72.50 -12.22 8.82
C TRP M 453 -73.64 -12.06 7.83
N ASP M 454 -74.88 -12.06 8.31
CA ASP M 454 -76.05 -11.98 7.42
C ASP M 454 -76.70 -10.60 7.39
N GLU M 455 -75.87 -9.59 7.17
CA GLU M 455 -76.34 -8.24 6.98
C GLU M 455 -77.19 -8.16 5.70
N THR M 456 -76.87 -8.99 4.73
CA THR M 456 -77.59 -9.03 3.48
C THR M 456 -79.10 -9.13 3.71
N THR M 457 -79.50 -10.14 4.45
CA THR M 457 -80.92 -10.40 4.65
C THR M 457 -81.60 -9.21 5.30
N LEU M 458 -80.99 -8.70 6.38
CA LEU M 458 -81.44 -7.52 7.05
C LEU M 458 -81.65 -6.40 6.06
N LEU M 459 -80.71 -6.29 5.12
CA LEU M 459 -80.76 -5.22 4.13
C LEU M 459 -81.89 -5.45 3.13
N GLN M 460 -82.04 -6.68 2.66
CA GLN M 460 -83.06 -7.01 1.69
C GLN M 460 -84.46 -6.71 2.22
N ILE M 461 -84.77 -7.18 3.41
CA ILE M 461 -86.08 -6.92 4.01
C ILE M 461 -86.29 -5.43 4.19
N SER M 462 -85.21 -4.70 4.46
CA SER M 462 -85.31 -3.26 4.61
C SER M 462 -85.69 -2.64 3.28
N TYR M 463 -85.07 -3.14 2.21
CA TYR M 463 -85.37 -2.69 0.87
C TYR M 463 -86.82 -2.99 0.46
N LEU M 464 -87.31 -4.17 0.81
CA LEU M 464 -88.68 -4.54 0.51
C LEU M 464 -89.65 -3.65 1.26
N TRP M 465 -89.36 -3.41 2.53
CA TRP M 465 -90.27 -2.64 3.33
C TRP M 465 -90.41 -1.20 2.84
N GLU M 466 -89.33 -0.61 2.29
CA GLU M 466 -89.38 0.80 1.89
C GLU M 466 -90.21 1.01 0.63
N GLN M 467 -90.25 -0.03 -0.21
CA GLN M 467 -91.13 -0.08 -1.38
C GLN M 467 -92.59 -0.04 -0.96
N LYS M 468 -92.97 -0.83 0.03
CA LYS M 468 -94.33 -0.81 0.56
C LYS M 468 -94.56 0.49 1.29
N PHE M 469 -93.49 0.96 1.95
CA PHE M 469 -93.69 2.12 2.79
C PHE M 469 -92.52 3.08 2.68
N LYS M 470 -92.77 4.17 1.96
CA LYS M 470 -91.72 5.11 1.54
C LYS M 470 -91.43 6.20 2.57
N HIS M 471 -90.75 5.79 3.64
CA HIS M 471 -90.45 6.65 4.79
C HIS M 471 -89.45 7.74 4.42
N TYR M 472 -88.77 7.54 3.30
CA TYR M 472 -87.72 8.46 2.85
C TYR M 472 -88.29 9.76 2.31
N GLU M 473 -89.61 9.78 2.11
CA GLU M 473 -90.33 10.96 1.64
C GLU M 473 -90.75 11.85 2.78
N LYS M 474 -90.85 11.29 3.98
CA LYS M 474 -91.21 12.09 5.15
C LYS M 474 -90.02 12.94 5.59
N ILE M 475 -90.04 14.23 5.24
CA ILE M 475 -88.94 15.15 5.54
C ILE M 475 -89.39 16.18 6.57
N PRO M 476 -88.72 16.21 7.74
CA PRO M 476 -89.13 17.16 8.76
C PRO M 476 -88.57 18.56 8.47
N LEU M 477 -88.96 19.53 9.29
CA LEU M 477 -88.55 20.93 9.13
C LEU M 477 -88.63 21.46 7.67
N THR M 478 -89.81 21.25 7.07
CA THR M 478 -90.21 21.80 5.77
C THR M 478 -89.30 21.39 4.62
N GLU N 3 -24.75 -21.54 61.84
CA GLU N 3 -25.93 -20.62 61.94
C GLU N 3 -27.26 -21.41 62.12
N LYS N 4 -28.11 -20.87 63.01
CA LYS N 4 -29.45 -21.43 63.33
C LYS N 4 -30.47 -21.27 62.20
N TYR N 5 -30.29 -20.22 61.38
CA TYR N 5 -31.31 -19.80 60.41
C TYR N 5 -31.07 -20.28 58.98
N GLU N 6 -32.01 -19.90 58.12
CA GLU N 6 -32.05 -20.31 56.73
C GLU N 6 -32.68 -19.14 55.96
N ALA N 7 -32.22 -18.90 54.75
CA ALA N 7 -32.76 -17.81 53.98
C ALA N 7 -33.60 -18.39 52.87
N VAL N 8 -34.84 -17.92 52.77
CA VAL N 8 -35.72 -18.27 51.66
C VAL N 8 -35.77 -17.09 50.69
N ILE N 9 -35.33 -17.33 49.46
CA ILE N 9 -35.18 -16.27 48.48
C ILE N 9 -35.86 -16.65 47.18
N GLY N 10 -36.64 -15.69 46.66
CA GLY N 10 -37.26 -15.81 45.36
C GLY N 10 -37.03 -14.56 44.56
N LEU N 11 -37.07 -14.68 43.25
CA LEU N 11 -36.81 -13.57 42.34
C LEU N 11 -37.89 -13.42 41.29
N GLU N 12 -38.14 -12.17 40.89
CA GLU N 12 -39.03 -11.85 39.78
C GLU N 12 -38.18 -11.12 38.77
N ILE N 13 -37.94 -11.76 37.64
CA ILE N 13 -37.05 -11.25 36.63
C ILE N 13 -37.87 -10.76 35.43
N HIS N 14 -37.60 -9.54 34.97
CA HIS N 14 -38.12 -9.13 33.68
C HIS N 14 -37.01 -9.16 32.65
N VAL N 15 -37.27 -9.75 31.50
CA VAL N 15 -36.24 -9.93 30.50
C VAL N 15 -36.71 -9.34 29.18
N GLN N 16 -35.95 -8.36 28.69
CA GLN N 16 -36.29 -7.70 27.46
C GLN N 16 -35.96 -8.61 26.31
N MET N 17 -36.89 -8.78 25.38
CA MET N 17 -36.69 -9.65 24.26
C MET N 17 -36.03 -8.90 23.10
N ASP N 18 -35.05 -9.53 22.50
CA ASP N 18 -34.33 -8.98 21.38
C ASP N 18 -35.14 -9.06 20.10
N THR N 19 -36.31 -8.42 20.11
CA THR N 19 -37.06 -8.24 18.87
C THR N 19 -36.66 -6.92 18.17
N LYS N 20 -36.98 -6.81 16.89
CA LYS N 20 -36.87 -5.54 16.17
C LYS N 20 -37.94 -4.54 16.64
N THR N 21 -39.14 -5.08 16.84
CA THR N 21 -40.38 -4.31 16.98
C THR N 21 -40.94 -4.49 18.39
N LYS N 22 -41.87 -3.63 18.82
CA LYS N 22 -42.46 -3.77 20.15
C LYS N 22 -43.52 -4.90 20.25
N MET N 23 -44.02 -5.16 21.45
CA MET N 23 -45.01 -6.23 21.67
C MET N 23 -46.34 -6.08 20.90
N PHE N 24 -46.83 -4.83 20.85
CA PHE N 24 -48.18 -4.59 20.38
C PHE N 24 -48.32 -3.64 19.18
N CYS N 25 -47.20 -3.12 18.70
CA CYS N 25 -47.16 -2.28 17.49
C CYS N 25 -45.82 -2.42 16.80
N GLY N 26 -45.69 -1.86 15.62
CA GLY N 26 -44.48 -2.03 14.81
C GLY N 26 -43.37 -1.01 15.03
N CYS N 27 -43.47 -0.21 16.08
CA CYS N 27 -42.39 0.70 16.48
C CYS N 27 -41.12 -0.09 16.84
N LYS N 28 -39.97 0.54 16.62
CA LYS N 28 -38.69 -0.09 16.85
C LYS N 28 -38.33 -0.17 18.32
N VAL N 29 -37.72 -1.30 18.69
CA VAL N 29 -37.01 -1.44 19.96
C VAL N 29 -35.55 -1.12 19.64
N GLU N 30 -35.00 -0.11 20.29
CA GLU N 30 -33.58 0.23 20.14
C GLU N 30 -33.11 1.08 21.30
N PHE N 31 -31.81 1.03 21.59
CA PHE N 31 -31.31 1.67 22.81
C PHE N 31 -30.78 3.09 22.55
N GLY N 32 -31.05 3.97 23.51
CA GLY N 32 -30.67 5.37 23.48
C GLY N 32 -30.99 6.12 22.19
N ALA N 33 -32.24 6.10 21.74
CA ALA N 33 -32.63 6.98 20.63
C ALA N 33 -33.12 8.30 21.22
N GLU N 34 -33.54 9.24 20.35
CA GLU N 34 -34.12 10.51 20.81
C GLU N 34 -35.51 10.36 21.45
N PRO N 35 -35.72 11.00 22.60
CA PRO N 35 -36.92 10.80 23.42
C PRO N 35 -38.20 10.94 22.61
N ASN N 36 -39.09 9.94 22.74
CA ASN N 36 -40.38 9.92 22.09
C ASN N 36 -40.28 9.98 20.56
N THR N 37 -39.36 9.23 19.98
CA THR N 37 -39.32 9.16 18.52
C THR N 37 -39.78 7.82 17.98
N ASN N 38 -39.60 6.75 18.78
CA ASN N 38 -40.05 5.39 18.42
C ASN N 38 -41.45 5.08 19.00
N VAL N 39 -42.44 5.80 18.48
CA VAL N 39 -43.67 6.04 19.20
C VAL N 39 -44.82 6.10 18.19
N CYS N 40 -46.03 5.72 18.62
CA CYS N 40 -47.22 5.69 17.75
C CYS N 40 -48.48 5.65 18.61
N PRO N 41 -49.67 5.78 17.97
CA PRO N 41 -50.94 5.88 18.71
C PRO N 41 -51.21 4.68 19.64
N VAL N 42 -50.82 3.48 19.21
CA VAL N 42 -50.90 2.26 20.02
C VAL N 42 -50.02 2.36 21.26
N CYS N 43 -48.69 2.45 21.08
CA CYS N 43 -47.80 2.51 22.23
C CYS N 43 -47.90 3.79 23.04
N LEU N 44 -48.60 4.80 22.51
CA LEU N 44 -48.74 6.07 23.23
C LEU N 44 -50.01 6.16 24.06
N GLY N 45 -50.87 5.15 23.89
CA GLY N 45 -52.11 5.06 24.64
C GLY N 45 -53.06 6.11 24.12
N MET N 46 -53.12 6.25 22.81
CA MET N 46 -54.01 7.20 22.22
C MET N 46 -55.41 6.63 22.06
N PRO N 47 -56.43 7.52 22.08
CA PRO N 47 -57.80 7.03 21.99
C PRO N 47 -57.99 6.35 20.64
N GLY N 48 -58.69 5.22 20.63
CA GLY N 48 -59.00 4.52 19.38
C GLY N 48 -57.92 3.58 18.90
N ALA N 49 -56.83 3.48 19.64
CA ALA N 49 -55.68 2.69 19.22
C ALA N 49 -55.67 1.23 19.75
N LEU N 50 -55.36 0.27 18.86
CA LEU N 50 -55.53 -1.16 19.16
C LEU N 50 -54.24 -1.98 19.11
N PRO N 51 -54.02 -2.84 20.14
CA PRO N 51 -52.86 -3.76 20.23
C PRO N 51 -52.89 -4.89 19.24
N ILE N 52 -51.74 -5.16 18.64
CA ILE N 52 -51.56 -6.29 17.74
C ILE N 52 -50.32 -7.11 18.16
N VAL N 53 -50.54 -8.38 18.48
CA VAL N 53 -49.50 -9.24 19.01
C VAL N 53 -48.36 -9.46 18.03
N ASN N 54 -47.13 -9.31 18.56
CA ASN N 54 -45.86 -9.56 17.88
C ASN N 54 -45.49 -11.07 17.80
N LYS N 55 -45.44 -11.63 16.60
CA LYS N 55 -45.22 -13.08 16.45
C LYS N 55 -43.91 -13.56 17.07
N ARG N 56 -42.81 -12.92 16.66
CA ARG N 56 -41.47 -13.29 17.13
C ARG N 56 -41.39 -13.17 18.65
N ALA N 57 -42.05 -12.18 19.23
CA ALA N 57 -42.08 -12.09 20.68
C ALA N 57 -42.70 -13.36 21.26
N VAL N 58 -43.74 -13.88 20.63
CA VAL N 58 -44.37 -15.11 21.08
C VAL N 58 -43.40 -16.29 20.86
N GLU N 59 -42.84 -16.39 19.65
CA GLU N 59 -41.84 -17.42 19.36
C GLU N 59 -40.72 -17.45 20.41
N TYR N 60 -40.14 -16.29 20.68
CA TYR N 60 -39.03 -16.21 21.62
C TYR N 60 -39.42 -16.63 23.01
N ALA N 61 -40.64 -16.29 23.42
CA ALA N 61 -41.08 -16.55 24.80
C ALA N 61 -41.41 -18.03 24.97
N ILE N 62 -41.77 -18.68 23.88
CA ILE N 62 -41.99 -20.12 23.90
C ILE N 62 -40.62 -20.80 24.04
N ARG N 63 -39.67 -20.38 23.21
CA ARG N 63 -38.31 -20.92 23.24
C ARG N 63 -37.68 -20.76 24.62
N ALA N 64 -37.77 -19.57 25.19
CA ALA N 64 -37.19 -19.36 26.51
C ALA N 64 -37.83 -20.27 27.54
N SER N 65 -39.11 -20.59 27.31
CA SER N 65 -39.92 -21.38 28.23
C SER N 65 -39.42 -22.83 28.30
N LEU N 66 -39.15 -23.36 27.12
CA LEU N 66 -38.66 -24.70 26.93
C LEU N 66 -37.23 -24.85 27.46
N ALA N 67 -36.37 -23.87 27.14
CA ALA N 67 -35.01 -23.82 27.66
C ALA N 67 -35.04 -23.75 29.17
N LEU N 68 -36.14 -23.28 29.74
CA LEU N 68 -36.26 -23.28 31.19
C LEU N 68 -37.07 -24.48 31.66
N ASN N 69 -37.23 -25.45 30.75
CA ASN N 69 -37.84 -26.76 31.06
C ASN N 69 -39.29 -26.66 31.56
N CYS N 70 -40.00 -25.62 31.10
CA CYS N 70 -41.37 -25.32 31.51
C CYS N 70 -42.35 -26.12 30.68
N GLU N 71 -43.55 -26.31 31.24
CA GLU N 71 -44.70 -26.78 30.46
C GLU N 71 -45.30 -25.55 29.78
N VAL N 72 -45.38 -25.61 28.46
CA VAL N 72 -45.94 -24.54 27.66
C VAL N 72 -47.43 -24.80 27.41
N HIS N 73 -48.28 -23.88 27.84
CA HIS N 73 -49.72 -24.03 27.68
C HIS N 73 -50.26 -23.57 26.34
N GLU N 74 -51.06 -24.44 25.74
CA GLU N 74 -51.55 -24.25 24.39
C GLU N 74 -52.42 -23.01 24.34
N GLU N 75 -53.10 -22.72 25.43
CA GLU N 75 -53.92 -21.54 25.47
C GLU N 75 -53.55 -20.67 26.67
N SER N 76 -53.21 -19.41 26.39
CA SER N 76 -53.03 -18.40 27.45
C SER N 76 -53.76 -17.10 27.05
N VAL N 77 -54.00 -16.27 28.04
CA VAL N 77 -54.78 -15.07 27.84
C VAL N 77 -54.05 -13.82 28.33
N PHE N 78 -53.94 -12.82 27.44
CA PHE N 78 -53.54 -11.45 27.84
C PHE N 78 -54.61 -10.79 28.70
N ALA N 79 -54.17 -10.19 29.79
CA ALA N 79 -55.06 -9.57 30.76
C ALA N 79 -54.59 -8.14 31.05
N ARG N 80 -55.48 -7.29 31.53
CA ARG N 80 -55.13 -5.91 31.74
C ARG N 80 -54.79 -5.68 33.20
N LYS N 81 -53.61 -5.13 33.45
CA LYS N 81 -53.18 -4.83 34.79
C LYS N 81 -53.23 -3.31 34.99
N HIS N 82 -54.11 -2.86 35.88
CA HIS N 82 -54.46 -1.45 35.98
C HIS N 82 -53.68 -0.74 37.07
N TYR N 83 -53.07 0.40 36.72
CA TYR N 83 -52.54 1.37 37.71
C TYR N 83 -52.22 2.71 37.03
N PHE N 84 -52.29 3.79 37.80
CA PHE N 84 -52.00 5.10 37.24
C PHE N 84 -50.54 5.50 37.53
N TYR N 85 -49.76 5.67 36.45
CA TYR N 85 -48.37 6.11 36.52
C TYR N 85 -47.93 6.69 35.17
N PRO N 86 -47.23 7.86 35.20
CA PRO N 86 -46.84 8.67 34.03
C PRO N 86 -46.09 7.94 32.94
N ASP N 87 -45.30 6.92 33.32
CA ASP N 87 -44.63 6.09 32.32
C ASP N 87 -45.50 5.02 31.69
N LEU N 88 -46.77 4.94 32.13
CA LEU N 88 -47.71 3.91 31.69
C LEU N 88 -48.92 4.50 30.98
N PRO N 89 -48.80 4.63 29.65
CA PRO N 89 -49.76 5.35 28.83
C PRO N 89 -51.26 4.97 28.95
N LYS N 90 -51.61 3.69 29.06
CA LYS N 90 -53.03 3.29 28.93
C LYS N 90 -53.82 3.28 30.22
N GLY N 91 -53.11 3.37 31.34
CA GLY N 91 -53.74 3.25 32.64
C GLY N 91 -53.74 1.78 33.00
N TYR N 92 -53.25 0.96 32.06
CA TYR N 92 -53.05 -0.45 32.33
C TYR N 92 -51.85 -1.02 31.61
N GLN N 93 -51.27 -2.08 32.17
CA GLN N 93 -50.30 -2.90 31.47
C GLN N 93 -50.95 -4.17 30.93
N ILE N 94 -50.66 -4.48 29.67
CA ILE N 94 -51.08 -5.75 29.10
C ILE N 94 -50.03 -6.82 29.44
N SER N 95 -50.41 -7.77 30.31
CA SER N 95 -49.60 -8.96 30.62
C SER N 95 -50.43 -10.25 30.53
N GLN N 96 -50.10 -11.20 31.42
CA GLN N 96 -50.92 -12.37 31.63
C GLN N 96 -51.06 -12.53 33.13
N TYR N 97 -52.13 -13.22 33.56
CA TYR N 97 -52.43 -13.36 34.97
C TYR N 97 -52.67 -14.83 35.33
N GLU N 98 -53.94 -15.27 35.33
CA GLU N 98 -54.24 -16.65 35.74
C GLU N 98 -54.14 -17.62 34.59
N LYS N 99 -53.70 -17.14 33.43
CA LYS N 99 -53.47 -18.03 32.31
C LYS N 99 -52.18 -17.68 31.57
N PRO N 100 -51.03 -17.98 32.21
CA PRO N 100 -49.69 -17.70 31.72
C PRO N 100 -49.27 -18.65 30.66
N LEU N 101 -48.34 -18.21 29.82
CA LEU N 101 -47.80 -19.01 28.73
C LEU N 101 -47.14 -20.32 29.19
N ALA N 102 -46.40 -20.27 30.29
CA ALA N 102 -45.62 -21.40 30.72
C ALA N 102 -45.45 -21.48 32.21
N THR N 103 -45.24 -22.72 32.67
CA THR N 103 -45.41 -23.06 34.07
C THR N 103 -44.51 -24.27 34.42
N ASN N 104 -44.21 -24.43 35.71
CA ASN N 104 -43.49 -25.64 36.23
C ASN N 104 -42.22 -25.99 35.44
N GLY N 105 -41.22 -25.12 35.55
CA GLY N 105 -39.88 -25.36 34.97
C GLY N 105 -38.81 -25.25 36.04
N TRP N 106 -37.55 -25.39 35.63
CA TRP N 106 -36.45 -25.39 36.57
C TRP N 106 -35.13 -24.95 35.95
N VAL N 107 -34.30 -24.33 36.77
CA VAL N 107 -32.92 -24.06 36.37
C VAL N 107 -31.90 -24.82 37.25
N GLU N 108 -30.89 -25.41 36.61
CA GLU N 108 -29.82 -26.11 37.35
C GLU N 108 -28.64 -25.19 37.62
N LEU N 109 -28.34 -25.01 38.90
CA LEU N 109 -27.14 -24.29 39.35
C LEU N 109 -25.91 -25.22 39.67
N ASN N 110 -24.76 -24.91 39.09
CA ASN N 110 -23.49 -25.53 39.53
C ASN N 110 -22.85 -24.72 40.65
N LEU N 111 -22.78 -25.36 41.81
CA LEU N 111 -22.28 -24.70 43.00
C LEU N 111 -20.74 -24.76 43.04
N PRO N 112 -20.12 -23.77 43.70
CA PRO N 112 -18.65 -23.70 43.68
C PRO N 112 -18.00 -24.73 44.62
N ASN N 113 -18.80 -25.66 45.16
CA ASN N 113 -18.33 -26.73 46.05
C ASN N 113 -18.52 -28.10 45.43
N GLY N 114 -18.80 -28.13 44.14
CA GLY N 114 -19.04 -29.39 43.43
C GLY N 114 -20.51 -29.68 43.13
N GLU N 115 -21.41 -29.31 44.06
CA GLU N 115 -22.83 -29.72 43.99
C GLU N 115 -23.70 -28.97 42.99
N LYS N 116 -24.69 -29.69 42.47
CA LYS N 116 -25.65 -29.14 41.55
C LYS N 116 -27.01 -29.03 42.27
N LYS N 117 -27.65 -27.87 42.14
CA LYS N 117 -28.94 -27.58 42.79
C LYS N 117 -29.99 -27.16 41.76
N LYS N 118 -31.26 -27.32 42.12
CA LYS N 118 -32.35 -26.86 41.25
C LYS N 118 -33.12 -25.69 41.81
N VAL N 119 -33.39 -24.72 40.94
CA VAL N 119 -34.30 -23.60 41.24
C VAL N 119 -35.46 -23.70 40.26
N ARG N 120 -36.68 -23.78 40.82
CA ARG N 120 -37.90 -23.89 40.01
C ARG N 120 -38.34 -22.57 39.41
N ILE N 121 -38.73 -22.60 38.16
CA ILE N 121 -39.51 -21.50 37.60
C ILE N 121 -41.02 -21.74 37.83
N ARG N 122 -41.64 -20.83 38.59
CA ARG N 122 -43.08 -20.85 38.86
C ARG N 122 -43.83 -20.47 37.61
N ARG N 123 -43.41 -19.40 36.93
CA ARG N 123 -44.10 -18.98 35.71
C ARG N 123 -43.26 -18.20 34.69
N LEU N 124 -43.65 -18.30 33.44
CA LEU N 124 -43.18 -17.39 32.44
C LEU N 124 -44.38 -16.80 31.69
N HIS N 125 -44.60 -15.49 31.86
CA HIS N 125 -45.58 -14.82 31.01
C HIS N 125 -45.07 -13.69 30.11
N ILE N 126 -45.78 -13.46 29.00
CA ILE N 126 -45.51 -12.35 28.09
C ILE N 126 -46.18 -11.07 28.58
N GLU N 127 -45.47 -9.96 28.41
CA GLU N 127 -45.97 -8.64 28.81
C GLU N 127 -45.17 -7.50 28.15
N GLU N 128 -45.67 -6.29 28.26
CA GLU N 128 -45.10 -5.13 27.59
C GLU N 128 -44.54 -4.25 28.67
N ASP N 129 -43.49 -3.51 28.33
CA ASP N 129 -42.83 -2.61 29.26
C ASP N 129 -43.51 -1.25 29.29
N ALA N 130 -43.34 -0.56 30.42
CA ALA N 130 -43.62 0.87 30.53
C ALA N 130 -42.52 1.74 29.86
N GLY N 131 -42.70 3.06 29.84
CA GLY N 131 -41.63 3.96 29.42
C GLY N 131 -40.73 4.37 30.58
N LYS N 132 -39.83 5.32 30.33
CA LYS N 132 -38.87 5.79 31.34
C LYS N 132 -39.10 7.23 31.76
N ASN N 133 -38.99 7.46 33.05
CA ASN N 133 -39.06 8.78 33.63
C ASN N 133 -37.67 9.36 33.92
N ILE N 134 -37.48 10.65 33.59
CA ILE N 134 -36.35 11.43 34.11
C ILE N 134 -36.90 12.53 35.01
N HIS N 135 -36.29 12.72 36.16
CA HIS N 135 -36.69 13.84 37.02
C HIS N 135 -35.75 15.02 36.85
N GLU N 136 -36.31 16.21 36.85
CA GLU N 136 -35.59 17.44 36.58
C GLU N 136 -36.31 18.56 37.31
N GLY N 137 -35.72 19.00 38.41
CA GLY N 137 -36.33 20.06 39.20
C GLY N 137 -37.62 19.56 39.83
N ASP N 138 -38.69 20.35 39.69
CA ASP N 138 -40.01 19.98 40.23
C ASP N 138 -40.91 19.33 39.17
N LYS N 139 -40.30 18.82 38.11
CA LYS N 139 -41.04 18.15 37.03
C LYS N 139 -40.46 16.75 36.67
N THR N 140 -41.31 15.81 36.23
CA THR N 140 -40.85 14.54 35.68
C THR N 140 -40.95 14.61 34.14
N LEU N 141 -39.96 14.07 33.45
CA LEU N 141 -39.91 14.08 32.00
C LEU N 141 -40.11 12.66 31.50
N VAL N 142 -41.07 12.46 30.60
CA VAL N 142 -41.46 11.12 30.21
C VAL N 142 -41.08 10.80 28.79
N ASP N 143 -40.21 9.81 28.65
CA ASP N 143 -39.91 9.25 27.35
C ASP N 143 -40.57 7.89 27.29
N LEU N 144 -41.46 7.70 26.31
CA LEU N 144 -42.17 6.46 26.10
C LEU N 144 -41.62 5.68 24.92
N ASN N 145 -40.32 5.77 24.66
CA ASN N 145 -39.71 4.92 23.62
C ASN N 145 -39.76 3.43 23.97
N ARG N 146 -39.67 3.16 25.26
CA ARG N 146 -39.58 1.79 25.76
C ARG N 146 -40.98 1.21 26.12
N ALA N 147 -41.98 2.06 26.27
CA ALA N 147 -43.36 1.60 26.46
C ALA N 147 -43.77 0.65 25.34
N GLY N 148 -44.25 -0.54 25.75
CA GLY N 148 -44.73 -1.58 24.85
C GLY N 148 -43.63 -2.53 24.40
N THR N 149 -42.46 -2.41 24.99
CA THR N 149 -41.37 -3.30 24.62
C THR N 149 -41.68 -4.64 25.26
N PRO N 150 -41.45 -5.74 24.53
CA PRO N 150 -41.83 -7.06 24.98
C PRO N 150 -40.95 -7.55 26.12
N LEU N 151 -41.60 -8.06 27.16
CA LEU N 151 -40.89 -8.60 28.29
C LEU N 151 -41.36 -10.01 28.60
N MET N 152 -40.41 -10.82 29.09
CA MET N 152 -40.71 -12.08 29.73
C MET N 152 -40.67 -11.82 31.21
N GLU N 153 -41.81 -11.91 31.87
CA GLU N 153 -41.72 -11.89 33.30
C GLU N 153 -41.50 -13.34 33.77
N ILE N 154 -40.46 -13.56 34.57
CA ILE N 154 -40.08 -14.90 35.06
C ILE N 154 -40.11 -14.92 36.58
N VAL N 155 -40.91 -15.79 37.16
CA VAL N 155 -41.04 -15.86 38.61
C VAL N 155 -40.51 -17.20 39.06
N THR N 156 -39.73 -17.19 40.13
CA THR N 156 -39.04 -18.34 40.68
C THR N 156 -39.80 -18.81 41.91
N GLU N 157 -39.73 -20.10 42.25
CA GLU N 157 -40.19 -20.52 43.59
C GLU N 157 -39.14 -20.09 44.61
N PRO N 158 -39.52 -19.94 45.90
CA PRO N 158 -38.52 -19.48 46.87
C PRO N 158 -37.50 -20.59 47.21
N ASP N 159 -36.84 -21.06 46.15
CA ASP N 159 -35.94 -22.19 46.18
C ASP N 159 -34.47 -21.80 46.48
N ILE N 160 -34.16 -20.51 46.38
CA ILE N 160 -32.80 -20.03 46.56
C ILE N 160 -32.54 -19.83 48.04
N ARG N 161 -31.30 -20.10 48.46
CA ARG N 161 -30.92 -20.23 49.87
C ARG N 161 -29.79 -19.31 50.28
N THR N 162 -29.08 -18.76 49.30
CA THR N 162 -27.81 -18.07 49.48
C THR N 162 -27.64 -16.87 48.51
N PRO N 163 -27.10 -15.74 49.00
CA PRO N 163 -26.78 -14.61 48.13
C PRO N 163 -26.03 -15.05 46.88
N GLU N 164 -24.99 -15.85 47.08
CA GLU N 164 -24.19 -16.33 45.97
C GLU N 164 -25.06 -17.13 44.99
N GLU N 165 -25.99 -17.91 45.54
CA GLU N 165 -26.91 -18.71 44.75
C GLU N 165 -27.77 -17.82 43.90
N ALA N 166 -28.24 -16.71 44.47
CA ALA N 166 -29.04 -15.73 43.72
C ALA N 166 -28.28 -15.27 42.48
N ARG N 167 -27.02 -14.85 42.69
CA ARG N 167 -26.18 -14.38 41.58
C ARG N 167 -25.91 -15.49 40.59
N LEU N 168 -25.59 -16.68 41.08
CA LEU N 168 -25.30 -17.80 40.20
C LEU N 168 -26.52 -18.17 39.34
N PHE N 169 -27.72 -18.04 39.95
CA PHE N 169 -28.98 -18.20 39.22
C PHE N 169 -29.11 -17.16 38.13
N LEU N 170 -29.00 -15.90 38.53
CA LEU N 170 -29.06 -14.79 37.59
C LEU N 170 -28.09 -14.95 36.42
N GLU N 171 -26.86 -15.38 36.71
CA GLU N 171 -25.86 -15.56 35.66
C GLU N 171 -26.20 -16.73 34.74
N LYS N 172 -26.77 -17.79 35.32
CA LYS N 172 -27.16 -18.97 34.57
C LYS N 172 -28.37 -18.63 33.66
N LEU N 173 -29.37 -17.94 34.23
CA LEU N 173 -30.49 -17.41 33.44
C LEU N 173 -30.05 -16.53 32.27
N ARG N 174 -29.16 -15.56 32.56
CA ARG N 174 -28.55 -14.72 31.53
C ARG N 174 -27.98 -15.53 30.39
N ASN N 175 -27.13 -16.49 30.72
CA ASN N 175 -26.47 -17.32 29.74
C ASN N 175 -27.41 -18.21 28.93
N ILE N 176 -28.42 -18.80 29.59
CA ILE N 176 -29.51 -19.50 28.85
C ILE N 176 -30.25 -18.60 27.83
N MET N 177 -30.63 -17.39 28.26
CA MET N 177 -31.26 -16.42 27.34
C MET N 177 -30.36 -16.12 26.17
N ARG N 178 -29.08 -15.84 26.46
CA ARG N 178 -28.07 -15.57 25.44
C ARG N 178 -27.84 -16.74 24.48
N TYR N 179 -27.71 -17.97 24.99
CA TYR N 179 -27.52 -19.14 24.14
C TYR N 179 -28.77 -19.44 23.31
N ALA N 180 -29.95 -19.25 23.90
CA ALA N 180 -31.23 -19.46 23.20
C ALA N 180 -31.41 -18.46 22.09
N GLY N 181 -30.81 -17.28 22.28
CA GLY N 181 -30.86 -16.20 21.29
C GLY N 181 -32.09 -15.32 21.44
N VAL N 182 -32.59 -15.19 22.66
CA VAL N 182 -33.87 -14.51 22.83
C VAL N 182 -33.69 -13.11 23.41
N SER N 183 -32.65 -12.92 24.20
CA SER N 183 -32.38 -11.65 24.85
C SER N 183 -30.86 -11.46 25.00
N LYS N 184 -30.39 -10.21 24.99
CA LYS N 184 -28.97 -9.91 25.32
C LYS N 184 -28.78 -9.91 26.84
N ALA N 185 -29.86 -9.66 27.56
CA ALA N 185 -29.96 -9.93 28.98
C ALA N 185 -28.86 -9.35 29.84
N ASP N 186 -28.34 -8.19 29.43
CA ASP N 186 -27.39 -7.47 30.26
C ASP N 186 -28.12 -6.44 31.08
N MET N 187 -27.92 -6.47 32.39
CA MET N 187 -28.52 -5.49 33.30
C MET N 187 -28.13 -4.02 33.03
N GLU N 188 -26.92 -3.83 32.46
CA GLU N 188 -26.36 -2.50 32.18
C GLU N 188 -27.25 -1.69 31.25
N LYS N 189 -27.84 -2.37 30.27
CA LYS N 189 -28.73 -1.71 29.31
C LYS N 189 -30.21 -1.89 29.69
N GLY N 190 -30.52 -2.30 30.92
CA GLY N 190 -31.80 -2.70 31.49
C GLY N 190 -32.51 -3.72 30.61
N GLN N 191 -31.83 -4.64 30.01
CA GLN N 191 -32.42 -5.78 29.32
C GLN N 191 -32.85 -6.86 30.32
N LEU N 192 -32.53 -6.65 31.59
CA LEU N 192 -32.82 -7.63 32.59
C LEU N 192 -32.97 -6.89 33.88
N ARG N 193 -34.19 -6.93 34.41
CA ARG N 193 -34.52 -6.32 35.69
C ARG N 193 -34.79 -7.44 36.68
N CYS N 194 -34.59 -7.16 37.95
CA CYS N 194 -34.74 -8.19 38.93
C CYS N 194 -35.19 -7.63 40.26
N ASP N 195 -36.32 -8.14 40.75
CA ASP N 195 -36.79 -7.81 42.08
C ASP N 195 -36.62 -9.01 42.98
N ILE N 196 -36.25 -8.74 44.22
CA ILE N 196 -35.83 -9.78 45.15
C ILE N 196 -36.83 -9.89 46.28
N ASN N 197 -37.23 -11.12 46.61
CA ASN N 197 -38.09 -11.35 47.76
C ASN N 197 -37.36 -12.32 48.69
N VAL N 198 -37.41 -12.04 49.99
CA VAL N 198 -36.58 -12.76 50.95
C VAL N 198 -37.15 -12.84 52.37
N SER N 199 -37.16 -14.06 52.91
CA SER N 199 -37.60 -14.31 54.28
C SER N 199 -36.59 -15.24 54.95
N ILE N 200 -36.54 -15.19 56.28
CA ILE N 200 -35.69 -16.09 57.05
C ILE N 200 -36.53 -17.10 57.84
N ARG N 201 -35.87 -18.16 58.30
CA ARG N 201 -36.55 -19.37 58.76
C ARG N 201 -35.58 -20.16 59.68
N PRO N 202 -36.03 -20.57 60.89
CA PRO N 202 -35.23 -21.55 61.65
C PRO N 202 -34.85 -22.77 60.81
N LYS N 203 -33.58 -23.18 60.85
CA LYS N 203 -33.06 -24.22 59.95
C LYS N 203 -33.87 -25.51 60.02
N GLY N 204 -34.10 -26.13 58.87
CA GLY N 204 -34.91 -27.32 58.79
C GLY N 204 -36.41 -27.14 59.06
N SER N 205 -36.84 -25.93 59.40
CA SER N 205 -38.29 -25.61 59.49
C SER N 205 -38.95 -25.63 58.11
N LYS N 206 -40.26 -25.91 58.08
CA LYS N 206 -41.01 -26.01 56.82
C LYS N 206 -41.97 -24.82 56.61
N GLU N 207 -42.25 -24.12 57.70
CA GLU N 207 -43.04 -22.89 57.67
C GLU N 207 -42.31 -21.79 56.89
N PHE N 208 -43.05 -20.82 56.36
CA PHE N 208 -42.43 -19.67 55.67
C PHE N 208 -42.47 -18.40 56.53
N GLY N 209 -41.32 -17.76 56.70
CA GLY N 209 -41.22 -16.50 57.46
C GLY N 209 -41.76 -15.32 56.69
N THR N 210 -41.90 -14.16 57.34
CA THR N 210 -42.48 -12.99 56.69
C THR N 210 -41.54 -12.40 55.65
N ARG N 211 -42.11 -12.00 54.52
CA ARG N 211 -41.33 -11.67 53.34
C ARG N 211 -41.09 -10.17 53.16
N VAL N 212 -39.85 -9.83 52.79
CA VAL N 212 -39.49 -8.48 52.37
C VAL N 212 -39.09 -8.51 50.91
N GLU N 213 -39.31 -7.40 50.23
CA GLU N 213 -39.00 -7.27 48.84
C GLU N 213 -38.03 -6.11 48.62
N ILE N 214 -36.99 -6.33 47.82
CA ILE N 214 -36.03 -5.27 47.50
C ILE N 214 -36.14 -4.92 46.03
N LYS N 215 -36.42 -3.65 45.73
CA LYS N 215 -36.59 -3.27 44.33
C LYS N 215 -35.41 -2.50 43.73
N ASN N 216 -35.31 -2.55 42.40
CA ASN N 216 -34.23 -1.90 41.63
C ASN N 216 -32.83 -2.17 42.21
N VAL N 217 -32.36 -3.39 41.99
CA VAL N 217 -30.99 -3.73 42.25
C VAL N 217 -30.44 -3.94 40.85
N ASN N 218 -29.37 -3.23 40.50
CA ASN N 218 -29.04 -3.02 39.08
C ASN N 218 -27.98 -3.89 38.42
N SER N 219 -27.33 -4.77 39.19
CA SER N 219 -26.23 -5.60 38.69
C SER N 219 -26.27 -6.92 39.42
N PHE N 220 -25.72 -7.96 38.80
CA PHE N 220 -25.65 -9.27 39.45
C PHE N 220 -24.94 -9.17 40.80
N ARG N 221 -23.86 -8.39 40.87
CA ARG N 221 -23.10 -8.21 42.12
C ARG N 221 -23.93 -7.51 43.20
N PHE N 222 -24.70 -6.49 42.81
CA PHE N 222 -25.51 -5.75 43.78
C PHE N 222 -26.63 -6.62 44.40
N VAL N 223 -27.16 -7.57 43.63
CA VAL N 223 -28.13 -8.52 44.18
C VAL N 223 -27.52 -9.34 45.31
N GLN N 224 -26.30 -9.83 45.10
CA GLN N 224 -25.59 -10.56 46.13
C GLN N 224 -25.34 -9.69 47.35
N LYS N 225 -24.95 -8.44 47.11
CA LYS N 225 -24.64 -7.52 48.19
C LYS N 225 -25.90 -7.14 48.96
N ALA N 226 -26.95 -6.75 48.22
CA ALA N 226 -28.24 -6.42 48.82
C ALA N 226 -28.69 -7.54 49.72
N LEU N 227 -28.76 -8.74 49.15
CA LEU N 227 -29.10 -9.95 49.89
C LEU N 227 -28.19 -10.18 51.09
N GLU N 228 -26.87 -10.21 50.86
CA GLU N 228 -25.90 -10.39 51.94
C GLU N 228 -26.29 -9.55 53.14
N TYR N 229 -26.55 -8.26 52.90
CA TYR N 229 -26.91 -7.35 53.96
C TYR N 229 -28.26 -7.73 54.58
N GLU N 230 -29.29 -7.83 53.73
CA GLU N 230 -30.69 -7.95 54.18
C GLU N 230 -30.92 -9.18 55.06
N ILE N 231 -30.27 -10.29 54.69
CA ILE N 231 -30.31 -11.52 55.48
C ILE N 231 -29.78 -11.25 56.89
N GLU N 232 -28.61 -10.62 56.97
CA GLU N 232 -28.05 -10.24 58.26
C GLU N 232 -29.01 -9.30 59.01
N ARG N 233 -29.60 -8.35 58.29
CA ARG N 233 -30.52 -7.37 58.88
C ARG N 233 -31.70 -8.05 59.54
N GLN N 234 -32.28 -9.03 58.84
CA GLN N 234 -33.43 -9.78 59.36
C GLN N 234 -33.06 -10.68 60.53
N ILE N 235 -31.93 -11.38 60.43
CA ILE N 235 -31.44 -12.24 61.53
C ILE N 235 -31.25 -11.42 62.81
N ASN N 236 -30.57 -10.28 62.71
CA ASN N 236 -30.41 -9.37 63.84
C ASN N 236 -31.75 -9.11 64.50
N VAL N 237 -32.74 -8.68 63.70
CA VAL N 237 -34.07 -8.29 64.20
C VAL N 237 -34.79 -9.40 65.00
N VAL N 238 -34.83 -10.61 64.44
CA VAL N 238 -35.48 -11.75 65.10
C VAL N 238 -34.77 -12.17 66.39
N GLU N 239 -33.42 -12.14 66.36
CA GLU N 239 -32.58 -12.52 67.52
C GLU N 239 -32.53 -11.44 68.59
N GLU N 240 -32.83 -10.20 68.19
CA GLU N 240 -33.06 -9.11 69.13
C GLU N 240 -34.46 -9.17 69.75
N GLY N 241 -35.21 -10.24 69.44
CA GLY N 241 -36.56 -10.45 69.97
C GLY N 241 -37.66 -9.79 69.15
N GLY N 242 -37.30 -9.15 68.04
CA GLY N 242 -38.25 -8.40 67.21
C GLY N 242 -38.94 -9.19 66.11
N GLU N 243 -40.00 -8.60 65.57
CA GLU N 243 -40.75 -9.17 64.44
C GLU N 243 -40.28 -8.51 63.16
N VAL N 244 -40.02 -9.32 62.15
CA VAL N 244 -39.68 -8.80 60.83
C VAL N 244 -40.97 -8.34 60.14
N VAL N 245 -40.97 -7.06 59.74
CA VAL N 245 -42.13 -6.40 59.16
C VAL N 245 -42.14 -6.55 57.64
N GLN N 246 -43.33 -6.80 57.09
CA GLN N 246 -43.49 -7.01 55.66
C GLN N 246 -43.53 -5.68 54.90
N GLU N 247 -42.61 -5.51 53.97
CA GLU N 247 -42.48 -4.26 53.19
C GLU N 247 -41.68 -4.39 51.89
N THR N 248 -41.60 -3.29 51.16
CA THR N 248 -40.63 -3.15 50.07
C THR N 248 -39.48 -2.28 50.58
N ARG N 249 -38.26 -2.52 50.08
CA ARG N 249 -37.08 -1.73 50.45
C ARG N 249 -36.24 -1.44 49.22
N THR N 250 -35.27 -0.53 49.35
CA THR N 250 -34.35 -0.27 48.25
C THR N 250 -32.90 -0.41 48.70
N PHE N 251 -32.00 -0.53 47.74
CA PHE N 251 -30.59 -0.77 48.01
C PHE N 251 -29.73 0.36 47.46
N ASP N 252 -28.89 0.93 48.33
CA ASP N 252 -27.90 1.95 47.95
C ASP N 252 -26.55 1.28 47.63
N PRO N 253 -26.16 1.26 46.34
CA PRO N 253 -24.89 0.63 45.99
C PRO N 253 -23.72 1.25 46.78
N GLN N 254 -23.75 2.59 46.90
CA GLN N 254 -22.72 3.36 47.62
C GLN N 254 -22.51 2.94 49.08
N THR N 255 -23.61 2.72 49.80
CA THR N 255 -23.55 2.35 51.22
C THR N 255 -23.57 0.83 51.47
N GLY N 256 -23.94 0.07 50.45
CA GLY N 256 -24.09 -1.38 50.57
C GLY N 256 -25.18 -1.82 51.55
N LYS N 257 -26.20 -0.97 51.74
CA LYS N 257 -27.29 -1.23 52.70
C LYS N 257 -28.69 -1.15 52.06
N THR N 258 -29.69 -1.71 52.75
CA THR N 258 -31.07 -1.65 52.27
C THR N 258 -31.94 -0.82 53.21
N TYR N 259 -32.85 -0.04 52.62
CA TYR N 259 -33.60 0.95 53.37
C TYR N 259 -35.11 0.80 53.21
N PRO N 260 -35.87 1.04 54.30
CA PRO N 260 -37.31 1.06 54.16
C PRO N 260 -37.67 2.27 53.33
N MET N 261 -38.95 2.46 53.03
CA MET N 261 -39.37 3.64 52.29
C MET N 261 -40.16 4.60 53.17
N ARG N 262 -40.03 5.90 52.85
CA ARG N 262 -40.70 6.97 53.61
C ARG N 262 -42.24 6.97 53.44
N THR N 263 -42.68 6.68 52.22
CA THR N 263 -44.10 6.59 51.86
C THR N 263 -44.70 5.21 52.16
N LYS N 264 -45.71 5.18 53.03
CA LYS N 264 -46.43 3.95 53.41
C LYS N 264 -47.54 3.63 52.40
N GLU N 265 -47.22 3.79 51.13
CA GLU N 265 -48.18 3.61 50.03
C GLU N 265 -48.41 2.14 49.69
N GLU N 266 -49.54 1.60 50.19
CA GLU N 266 -49.98 0.25 49.89
C GLU N 266 -50.36 0.06 48.42
N ALA N 267 -50.21 -1.18 47.94
CA ALA N 267 -50.58 -1.54 46.58
C ALA N 267 -52.11 -1.47 46.40
N GLU N 268 -52.53 -1.28 45.15
CA GLU N 268 -53.95 -1.20 44.82
C GLU N 268 -54.31 -2.30 43.87
N ASP N 269 -55.53 -2.82 44.05
CA ASP N 269 -56.12 -3.86 43.23
C ASP N 269 -55.87 -3.62 41.76
N TYR N 270 -55.32 -4.60 41.06
CA TYR N 270 -54.99 -4.41 39.67
C TYR N 270 -56.16 -4.58 38.73
N ARG N 271 -57.33 -4.94 39.27
CA ARG N 271 -58.57 -5.11 38.49
C ARG N 271 -58.35 -5.91 37.21
N TYR N 272 -57.63 -7.01 37.34
CA TYR N 272 -57.35 -7.93 36.23
C TYR N 272 -58.59 -8.41 35.49
N PHE N 273 -58.49 -8.50 34.18
CA PHE N 273 -59.50 -9.17 33.40
C PHE N 273 -59.00 -9.29 31.98
N PRO N 274 -59.42 -10.34 31.24
CA PRO N 274 -58.88 -10.49 29.91
C PRO N 274 -59.04 -9.22 29.09
N ASP N 275 -58.01 -8.83 28.36
CA ASP N 275 -58.10 -7.68 27.51
C ASP N 275 -59.09 -8.02 26.42
N PRO N 276 -60.18 -7.23 26.29
CA PRO N 276 -61.17 -7.43 25.26
C PRO N 276 -60.72 -7.03 23.89
N ASP N 277 -59.54 -6.42 23.75
CA ASP N 277 -59.00 -6.05 22.43
C ASP N 277 -58.28 -7.23 21.80
N LEU N 278 -58.04 -8.28 22.59
CA LEU N 278 -57.22 -9.42 22.17
C LEU N 278 -57.92 -10.74 22.46
N VAL N 279 -57.96 -11.63 21.46
CA VAL N 279 -58.38 -13.03 21.68
C VAL N 279 -57.29 -13.81 22.43
N PRO N 280 -57.68 -14.95 23.07
CA PRO N 280 -56.68 -15.86 23.69
C PRO N 280 -55.52 -16.27 22.79
N LEU N 281 -54.34 -16.35 23.38
CA LEU N 281 -53.14 -16.78 22.70
C LEU N 281 -53.24 -18.29 22.54
N LYS N 282 -53.41 -18.74 21.32
CA LYS N 282 -53.57 -20.13 21.06
C LYS N 282 -52.33 -20.63 20.37
N VAL N 283 -51.57 -21.48 21.08
CA VAL N 283 -50.30 -22.00 20.62
C VAL N 283 -50.43 -23.46 20.20
N LYS N 284 -50.40 -23.66 18.89
CA LYS N 284 -50.44 -25.00 18.31
C LYS N 284 -49.32 -25.89 18.87
N LYS N 285 -49.67 -27.15 19.15
CA LYS N 285 -48.70 -28.19 19.53
C LYS N 285 -47.57 -28.30 18.51
N GLU N 286 -47.93 -28.33 17.23
CA GLU N 286 -46.96 -28.47 16.14
C GLU N 286 -45.88 -27.37 16.10
N TRP N 287 -46.17 -26.23 16.71
CA TRP N 287 -45.24 -25.09 16.73
C TRP N 287 -44.28 -25.23 17.89
N ILE N 288 -44.79 -25.74 19.00
CA ILE N 288 -43.99 -26.08 20.15
C ILE N 288 -42.94 -27.13 19.79
N GLU N 289 -43.35 -28.18 19.06
CA GLU N 289 -42.43 -29.22 18.56
C GLU N 289 -41.35 -28.64 17.69
N GLU N 290 -41.73 -27.76 16.78
CA GLU N 290 -40.80 -27.17 15.81
C GLU N 290 -39.74 -26.28 16.50
N ILE N 291 -40.16 -25.54 17.51
CA ILE N 291 -39.22 -24.73 18.27
C ILE N 291 -38.28 -25.65 19.05
N LYS N 292 -38.83 -26.72 19.62
CA LYS N 292 -38.02 -27.71 20.33
C LYS N 292 -37.00 -28.36 19.39
N LYS N 293 -37.45 -28.76 18.21
CA LYS N 293 -36.63 -29.54 17.30
C LYS N 293 -35.43 -28.73 16.82
N ASN N 294 -35.63 -27.41 16.70
CA ASN N 294 -34.57 -26.53 16.23
C ASN N 294 -34.02 -25.64 17.35
N MET N 295 -34.25 -26.05 18.58
CA MET N 295 -33.62 -25.41 19.73
C MET N 295 -32.10 -25.40 19.58
N PRO N 296 -31.52 -24.20 19.66
CA PRO N 296 -30.06 -24.05 19.66
C PRO N 296 -29.46 -24.75 20.87
N GLU N 297 -28.20 -25.19 20.77
CA GLU N 297 -27.53 -25.86 21.88
C GLU N 297 -27.44 -24.94 23.09
N LEU N 298 -27.71 -25.49 24.26
CA LEU N 298 -27.77 -24.72 25.50
C LEU N 298 -26.49 -24.96 26.30
N PRO N 299 -26.24 -24.18 27.37
CA PRO N 299 -24.98 -24.26 28.13
C PRO N 299 -24.60 -25.66 28.66
N ASP N 300 -25.49 -26.29 29.42
CA ASP N 300 -25.21 -27.58 30.06
C ASP N 300 -24.89 -28.67 29.04
N GLN N 301 -25.57 -28.64 27.90
CA GLN N 301 -25.30 -29.56 26.80
C GLN N 301 -23.89 -29.34 26.27
N ARG N 302 -23.53 -28.07 26.00
CA ARG N 302 -22.24 -27.74 25.41
C ARG N 302 -21.12 -28.15 26.37
N PHE N 303 -21.29 -27.80 27.64
CA PHE N 303 -20.35 -28.21 28.66
C PHE N 303 -19.98 -29.71 28.56
N GLU N 304 -20.97 -30.60 28.51
CA GLU N 304 -20.65 -32.03 28.35
C GLU N 304 -20.05 -32.33 26.99
N ARG N 305 -20.55 -31.67 25.94
CA ARG N 305 -20.05 -31.95 24.59
C ARG N 305 -18.57 -31.58 24.42
N LEU N 306 -18.13 -30.50 25.04
CA LEU N 306 -16.72 -30.06 24.93
C LEU N 306 -15.77 -31.00 25.68
N ILE N 307 -16.18 -31.41 26.89
CA ILE N 307 -15.47 -32.43 27.67
C ILE N 307 -15.27 -33.72 26.87
N LYS N 308 -16.29 -34.15 26.15
CA LYS N 308 -16.20 -35.33 25.32
C LYS N 308 -15.44 -35.06 24.04
N GLU N 309 -15.93 -34.14 23.24
CA GLU N 309 -15.42 -33.90 21.89
C GLU N 309 -13.95 -33.43 21.81
N TYR N 310 -13.46 -32.81 22.88
CA TYR N 310 -12.15 -32.16 22.85
C TYR N 310 -11.30 -32.53 24.06
N GLY N 311 -11.86 -33.34 24.93
CA GLY N 311 -11.14 -33.82 26.10
C GLY N 311 -10.73 -32.75 27.09
N LEU N 312 -11.41 -31.61 27.05
CA LEU N 312 -11.11 -30.51 27.96
C LEU N 312 -11.43 -30.89 29.39
N SER N 313 -10.77 -30.23 30.33
CA SER N 313 -11.10 -30.42 31.74
C SER N 313 -12.38 -29.66 32.07
N GLU N 314 -12.94 -29.93 33.26
CA GLU N 314 -14.12 -29.19 33.69
C GLU N 314 -13.86 -27.70 33.89
N TYR N 315 -12.63 -27.36 34.25
CA TYR N 315 -12.21 -25.97 34.45
C TYR N 315 -12.18 -25.21 33.13
N GLU N 316 -11.69 -25.89 32.10
CA GLU N 316 -11.51 -25.31 30.78
C GLU N 316 -12.83 -25.10 30.05
N ALA N 317 -13.61 -26.19 29.96
CA ALA N 317 -14.94 -26.17 29.36
C ALA N 317 -15.86 -25.15 30.03
N GLY N 318 -15.75 -25.04 31.36
CA GLY N 318 -16.48 -24.03 32.13
C GLY N 318 -16.23 -22.59 31.68
N ILE N 319 -14.97 -22.26 31.45
CA ILE N 319 -14.60 -20.95 30.93
C ILE N 319 -15.16 -20.72 29.54
N LEU N 320 -15.11 -21.75 28.71
CA LEU N 320 -15.53 -21.63 27.31
C LEU N 320 -17.05 -21.57 27.11
N VAL N 321 -17.81 -21.93 28.15
CA VAL N 321 -19.26 -22.02 28.06
C VAL N 321 -19.94 -20.86 28.81
N ASN N 322 -19.38 -20.48 29.96
CA ASN N 322 -19.81 -19.29 30.67
C ASN N 322 -19.67 -18.00 29.87
N HIS N 323 -18.72 -17.96 28.95
CA HIS N 323 -18.63 -16.86 28.01
C HIS N 323 -18.68 -17.48 26.63
N LYS N 324 -19.88 -17.45 26.04
CA LYS N 324 -20.17 -18.21 24.82
C LYS N 324 -19.17 -17.95 23.72
N GLU N 325 -18.80 -16.68 23.55
CA GLU N 325 -17.98 -16.22 22.42
C GLU N 325 -16.54 -16.74 22.45
N VAL N 326 -16.05 -17.07 23.66
CA VAL N 326 -14.74 -17.72 23.83
C VAL N 326 -14.78 -19.17 23.28
N GLY N 327 -15.76 -19.95 23.73
CA GLY N 327 -16.04 -21.27 23.16
C GLY N 327 -16.19 -21.25 21.65
N ASP N 328 -16.87 -20.24 21.12
CA ASP N 328 -17.08 -20.10 19.66
C ASP N 328 -15.76 -19.86 18.96
N PHE N 329 -14.90 -19.05 19.60
CA PHE N 329 -13.56 -18.77 19.11
C PHE N 329 -12.77 -20.07 19.10
N PHE N 330 -12.78 -20.76 20.24
CA PHE N 330 -12.06 -22.01 20.39
C PHE N 330 -12.40 -23.00 19.31
N GLU N 331 -13.70 -23.24 19.08
CA GLU N 331 -14.13 -24.22 18.10
C GLU N 331 -13.80 -23.83 16.66
N GLU N 332 -13.73 -22.53 16.39
CA GLU N 332 -13.37 -22.05 15.05
C GLU N 332 -11.86 -22.19 14.84
N ALA N 333 -11.11 -22.12 15.93
CA ALA N 333 -9.68 -22.34 15.89
C ALA N 333 -9.37 -23.83 15.70
N VAL N 334 -9.89 -24.66 16.62
CA VAL N 334 -9.68 -26.12 16.58
C VAL N 334 -10.13 -26.73 15.25
N ARG N 335 -10.79 -25.92 14.44
CA ARG N 335 -11.25 -26.38 13.13
C ARG N 335 -10.11 -26.20 12.12
N HIS N 336 -9.25 -25.20 12.36
CA HIS N 336 -8.12 -24.89 11.47
C HIS N 336 -6.91 -25.78 11.72
N PHE N 337 -6.63 -26.04 12.99
CA PHE N 337 -5.58 -26.97 13.39
C PHE N 337 -6.11 -27.85 14.50
N LYS N 338 -6.29 -29.14 14.19
CA LYS N 338 -6.93 -30.10 15.09
C LYS N 338 -6.13 -30.44 16.37
N GLU N 339 -5.66 -29.41 17.08
CA GLU N 339 -4.94 -29.57 18.34
C GLU N 339 -5.69 -28.84 19.48
N PRO N 340 -6.71 -29.49 20.05
CA PRO N 340 -7.51 -28.91 21.13
C PRO N 340 -6.70 -28.46 22.34
N LYS N 341 -5.94 -29.38 22.93
CA LYS N 341 -5.19 -29.11 24.16
C LYS N 341 -4.25 -27.91 24.02
N GLY N 342 -3.54 -27.86 22.89
CA GLY N 342 -2.64 -26.76 22.59
C GLY N 342 -3.40 -25.46 22.52
N ILE N 343 -4.46 -25.44 21.70
CA ILE N 343 -5.27 -24.24 21.50
C ILE N 343 -5.93 -23.70 22.78
N VAL N 344 -6.48 -24.57 23.62
CA VAL N 344 -7.06 -24.07 24.89
C VAL N 344 -6.05 -23.40 25.78
N ASN N 345 -4.84 -23.96 25.84
CA ASN N 345 -3.73 -23.43 26.64
C ASN N 345 -3.41 -21.97 26.27
N TRP N 346 -3.07 -21.76 25.01
CA TRP N 346 -2.73 -20.45 24.47
C TRP N 346 -3.89 -19.44 24.50
N LEU N 347 -5.11 -19.93 24.32
CA LEU N 347 -6.32 -19.09 24.44
C LEU N 347 -6.55 -18.62 25.89
N ILE N 348 -6.58 -19.55 26.84
CA ILE N 348 -6.88 -19.22 28.22
C ILE N 348 -5.71 -18.56 28.93
N ASN N 349 -4.50 -19.07 28.71
CA ASN N 349 -3.32 -18.62 29.45
C ASN N 349 -2.62 -17.44 28.80
N ASP N 350 -2.82 -17.27 27.49
CA ASP N 350 -2.16 -16.19 26.76
C ASP N 350 -3.10 -15.08 26.25
N LEU N 351 -3.83 -15.40 25.18
CA LEU N 351 -4.64 -14.40 24.43
C LEU N 351 -5.68 -13.66 25.23
N LEU N 352 -6.45 -14.40 26.04
CA LEU N 352 -7.52 -13.84 26.85
C LEU N 352 -7.07 -12.70 27.75
N GLY N 353 -5.96 -12.89 28.46
CA GLY N 353 -5.45 -11.87 29.37
C GLY N 353 -4.81 -10.70 28.63
N LEU N 354 -4.31 -10.98 27.43
CA LEU N 354 -3.73 -9.94 26.62
C LEU N 354 -4.82 -9.00 26.10
N LEU N 355 -5.91 -9.60 25.59
CA LEU N 355 -7.10 -8.86 25.17
C LEU N 355 -7.76 -8.11 26.32
N ARG N 356 -7.82 -8.75 27.48
CA ARG N 356 -8.40 -8.11 28.64
C ARG N 356 -7.68 -6.80 28.95
N ASP N 357 -6.36 -6.81 28.82
CA ASP N 357 -5.52 -5.67 29.16
C ASP N 357 -5.67 -4.48 28.19
N LYS N 358 -5.78 -4.79 26.91
CA LYS N 358 -6.15 -3.81 25.88
C LYS N 358 -7.61 -3.31 26.00
N GLY N 359 -8.45 -4.06 26.71
CA GLY N 359 -9.87 -3.71 26.88
C GLY N 359 -10.76 -4.09 25.70
N ILE N 360 -10.31 -5.07 24.93
CA ILE N 360 -11.06 -5.55 23.78
C ILE N 360 -11.72 -6.93 24.00
N SER N 361 -12.93 -7.07 23.48
CA SER N 361 -13.70 -8.30 23.60
C SER N 361 -13.31 -9.30 22.51
N ILE N 362 -13.40 -10.60 22.84
CA ILE N 362 -13.02 -11.69 21.95
C ILE N 362 -13.72 -11.72 20.59
N GLU N 363 -14.88 -11.06 20.50
CA GLU N 363 -15.60 -10.92 19.23
C GLU N 363 -14.80 -10.01 18.30
N GLU N 364 -14.11 -9.04 18.88
CA GLU N 364 -13.42 -8.02 18.09
C GLU N 364 -11.87 -8.13 18.06
N SER N 365 -11.34 -9.24 18.58
CA SER N 365 -9.89 -9.41 18.70
C SER N 365 -9.19 -9.46 17.34
N PRO N 366 -8.02 -8.82 17.25
CA PRO N 366 -7.20 -8.83 16.03
C PRO N 366 -6.66 -10.22 15.74
N VAL N 367 -6.44 -11.02 16.78
CA VAL N 367 -6.06 -12.41 16.61
C VAL N 367 -7.33 -13.17 16.28
N LYS N 368 -7.40 -13.69 15.06
CA LYS N 368 -8.56 -14.44 14.61
C LYS N 368 -8.34 -15.93 14.92
N PRO N 369 -9.44 -16.71 15.04
CA PRO N 369 -9.26 -18.15 15.23
C PRO N 369 -8.26 -18.82 14.28
N GLU N 370 -8.08 -18.28 13.07
CA GLU N 370 -7.09 -18.80 12.11
C GLU N 370 -5.67 -18.54 12.62
N HIS N 371 -5.50 -17.42 13.29
CA HIS N 371 -4.19 -16.96 13.73
C HIS N 371 -3.69 -17.71 14.95
N LEU N 372 -4.59 -17.96 15.91
CA LEU N 372 -4.21 -18.79 17.03
C LEU N 372 -3.86 -20.21 16.59
N ALA N 373 -4.71 -20.79 15.75
CA ALA N 373 -4.50 -22.13 15.21
C ALA N 373 -3.15 -22.23 14.48
N GLU N 374 -2.77 -21.15 13.80
CA GLU N 374 -1.50 -21.04 13.09
C GLU N 374 -0.30 -20.91 14.06
N LEU N 375 -0.43 -20.02 15.03
CA LEU N 375 0.58 -19.89 16.08
C LEU N 375 0.85 -21.23 16.76
N VAL N 376 -0.22 -21.88 17.23
CA VAL N 376 -0.11 -23.17 17.91
C VAL N 376 0.47 -24.26 17.01
N LYS N 377 0.39 -24.05 15.70
CA LYS N 377 0.99 -24.99 14.73
C LYS N 377 2.53 -24.91 14.76
N LEU N 378 3.05 -23.69 14.81
CA LEU N 378 4.49 -23.44 14.82
C LEU N 378 5.18 -23.88 16.12
N ILE N 379 4.42 -23.92 17.21
CA ILE N 379 4.92 -24.42 18.50
C ILE N 379 4.98 -25.95 18.51
N LYS N 380 3.95 -26.58 17.94
CA LYS N 380 3.85 -28.05 17.90
C LYS N 380 4.90 -28.66 16.98
N GLU N 381 5.09 -28.04 15.81
CA GLU N 381 6.03 -28.51 14.79
C GLU N 381 7.45 -28.03 15.06
N LYS N 382 7.64 -27.36 16.20
CA LYS N 382 8.94 -26.90 16.68
C LYS N 382 9.63 -25.91 15.73
N VAL N 383 8.81 -25.19 14.97
CA VAL N 383 9.31 -24.13 14.09
C VAL N 383 9.75 -22.89 14.90
N ILE N 384 9.06 -22.62 16.00
CA ILE N 384 9.51 -21.63 16.99
C ILE N 384 9.33 -22.16 18.40
N SER N 385 10.12 -21.62 19.32
CA SER N 385 10.07 -22.03 20.71
C SER N 385 8.91 -21.36 21.43
N THR N 386 8.53 -21.91 22.58
CA THR N 386 7.54 -21.30 23.47
C THR N 386 7.93 -19.85 23.83
N LYS N 387 9.22 -19.64 24.12
CA LYS N 387 9.76 -18.30 24.43
C LYS N 387 9.49 -17.30 23.29
N ILE N 388 9.72 -17.75 22.07
CA ILE N 388 9.49 -16.95 20.86
C ILE N 388 7.99 -16.77 20.63
N GLY N 389 7.23 -17.85 20.86
CA GLY N 389 5.77 -17.86 20.75
C GLY N 389 5.06 -16.85 21.64
N LYS N 390 5.59 -16.64 22.85
CA LYS N 390 5.04 -15.66 23.78
C LYS N 390 5.40 -14.23 23.37
N GLU N 391 6.42 -14.09 22.52
CA GLU N 391 6.83 -12.79 21.98
C GLU N 391 5.98 -12.37 20.79
N VAL N 392 5.70 -13.32 19.91
CA VAL N 392 4.93 -13.03 18.70
C VAL N 392 3.42 -12.85 18.93
N ILE N 393 2.86 -13.58 19.90
CA ILE N 393 1.45 -13.40 20.30
C ILE N 393 1.19 -11.98 20.80
N LYS N 394 2.11 -11.46 21.60
CA LYS N 394 2.01 -10.09 22.14
C LYS N 394 1.92 -9.07 21.01
N GLU N 395 2.62 -9.36 19.91
CA GLU N 395 2.64 -8.45 18.77
C GLU N 395 1.49 -8.73 17.81
N MET N 396 1.04 -9.98 17.77
CA MET N 396 -0.21 -10.32 17.07
C MET N 396 -1.39 -9.52 17.62
N VAL N 397 -1.45 -9.38 18.95
CA VAL N 397 -2.41 -8.52 19.63
C VAL N 397 -2.18 -7.06 19.28
N GLU N 398 -0.91 -6.67 19.18
CA GLU N 398 -0.53 -5.27 18.93
C GLU N 398 -0.78 -4.79 17.51
N THR N 399 -0.54 -5.66 16.54
CA THR N 399 -0.59 -5.29 15.14
C THR N 399 -1.84 -5.83 14.48
N GLY N 400 -2.00 -7.15 14.53
CA GLY N 400 -3.07 -7.84 13.84
C GLY N 400 -2.51 -8.68 12.72
N LYS N 401 -1.19 -8.79 12.66
CA LYS N 401 -0.53 -9.55 11.61
C LYS N 401 -0.55 -11.04 11.95
N THR N 402 -0.46 -11.88 10.91
CA THR N 402 -0.41 -13.34 11.06
C THR N 402 0.81 -13.74 11.90
N PRO N 403 0.73 -14.87 12.62
CA PRO N 403 1.94 -15.42 13.25
C PRO N 403 3.11 -15.64 12.28
N SER N 404 2.85 -16.33 11.17
CA SER N 404 3.89 -16.58 10.16
C SER N 404 4.40 -15.29 9.48
N GLN N 405 3.56 -14.26 9.46
CA GLN N 405 3.94 -12.95 8.93
C GLN N 405 5.07 -12.32 9.75
N ILE N 406 4.88 -12.16 11.06
CA ILE N 406 5.91 -11.54 11.92
C ILE N 406 7.11 -12.45 12.23
N VAL N 407 6.94 -13.76 12.03
CA VAL N 407 8.04 -14.72 12.13
C VAL N 407 9.13 -14.42 11.08
N GLU N 408 8.73 -14.28 9.82
CA GLU N 408 9.67 -13.90 8.76
C GLU N 408 10.19 -12.47 8.95
N GLU N 409 9.26 -11.53 9.17
CA GLU N 409 9.57 -10.13 9.39
C GLU N 409 10.63 -9.88 10.47
N LYS N 410 10.80 -10.84 11.37
CA LYS N 410 11.80 -10.71 12.44
C LYS N 410 12.76 -11.90 12.58
N GLY N 411 12.85 -12.71 11.53
CA GLY N 411 13.75 -13.88 11.50
C GLY N 411 13.30 -15.02 12.41
N LEU N 412 13.38 -16.25 11.89
CA LEU N 412 12.83 -17.44 12.59
C LEU N 412 13.39 -17.65 14.00
N VAL O 2 -75.16 1.59 50.14
CA VAL O 2 -73.67 1.47 50.19
C VAL O 2 -72.98 2.73 50.75
N ASP O 3 -71.92 2.53 51.53
CA ASP O 3 -71.27 3.58 52.35
C ASP O 3 -70.79 4.84 51.63
N ARG O 4 -70.54 5.87 52.41
CA ARG O 4 -69.69 6.97 51.98
C ARG O 4 -68.29 6.41 51.69
N GLU O 5 -67.72 5.69 52.66
CA GLU O 5 -66.40 5.06 52.52
C GLU O 5 -66.24 4.33 51.19
N TRP O 6 -67.24 3.53 50.84
CA TRP O 6 -67.20 2.72 49.63
C TRP O 6 -66.98 3.62 48.42
N VAL O 7 -67.77 4.68 48.36
CA VAL O 7 -67.73 5.64 47.26
C VAL O 7 -66.36 6.32 47.14
N LEU O 8 -65.77 6.71 48.26
CA LEU O 8 -64.45 7.36 48.29
C LEU O 8 -63.36 6.37 47.85
N LYS O 9 -63.46 5.14 48.38
CA LYS O 9 -62.55 4.05 48.07
C LYS O 9 -62.56 3.75 46.59
N ILE O 10 -63.75 3.66 46.01
CA ILE O 10 -63.85 3.35 44.59
C ILE O 10 -63.34 4.52 43.74
N ALA O 11 -63.59 5.75 44.22
CA ALA O 11 -63.21 6.98 43.48
C ALA O 11 -61.69 7.10 43.42
N LYS O 12 -61.07 6.85 44.58
CA LYS O 12 -59.61 6.78 44.70
C LYS O 12 -59.01 5.86 43.66
N LEU O 13 -59.54 4.63 43.59
CA LEU O 13 -59.03 3.64 42.66
C LEU O 13 -59.09 4.10 41.22
N ALA O 14 -60.16 4.83 40.89
CA ALA O 14 -60.39 5.31 39.53
C ALA O 14 -59.89 6.76 39.26
N ARG O 15 -59.26 7.37 40.27
CA ARG O 15 -58.74 8.76 40.20
C ARG O 15 -59.80 9.80 39.80
N LEU O 16 -60.78 9.94 40.70
CA LEU O 16 -61.81 10.92 40.56
C LEU O 16 -61.85 11.60 41.90
N GLU O 17 -61.45 12.87 41.93
CA GLU O 17 -61.63 13.64 43.13
C GLU O 17 -63.08 14.14 43.13
N LEU O 18 -63.93 13.42 43.83
CA LEU O 18 -65.33 13.77 43.84
C LEU O 18 -65.55 15.01 44.68
N LYS O 19 -66.26 15.97 44.08
CA LYS O 19 -66.79 17.12 44.82
C LYS O 19 -67.89 16.61 45.75
N GLU O 20 -67.98 17.24 46.92
CA GLU O 20 -68.89 16.81 47.99
C GLU O 20 -70.34 16.50 47.53
N GLU O 21 -70.81 17.24 46.53
CA GLU O 21 -72.14 17.04 45.92
C GLU O 21 -72.29 15.68 45.21
N GLU O 22 -71.29 15.32 44.39
CA GLU O 22 -71.27 14.05 43.67
C GLU O 22 -71.26 12.85 44.61
N ILE O 23 -70.60 13.00 45.74
CA ILE O 23 -70.52 11.91 46.73
C ILE O 23 -71.92 11.50 47.24
N GLU O 24 -72.74 12.46 47.64
CA GLU O 24 -74.06 12.14 48.17
C GLU O 24 -74.97 11.60 47.08
N VAL O 25 -74.91 12.19 45.89
CA VAL O 25 -75.73 11.76 44.75
C VAL O 25 -75.31 10.39 44.27
N PHE O 26 -74.00 10.14 44.25
CA PHE O 26 -73.50 8.87 43.74
C PHE O 26 -73.76 7.74 44.72
N GLN O 27 -73.95 8.06 46.00
CA GLN O 27 -74.35 7.04 46.98
C GLN O 27 -75.68 6.42 46.63
N LYS O 28 -76.67 7.27 46.35
CA LYS O 28 -78.03 6.84 46.05
C LYS O 28 -78.10 6.22 44.66
N GLN O 29 -77.49 6.86 43.67
CA GLN O 29 -77.60 6.40 42.29
C GLN O 29 -76.97 5.05 42.08
N LEU O 30 -75.80 4.86 42.68
CA LEU O 30 -75.07 3.61 42.54
C LEU O 30 -75.69 2.46 43.33
N SER O 31 -76.20 2.75 44.54
CA SER O 31 -77.00 1.75 45.28
C SER O 31 -78.16 1.25 44.43
N ASP O 32 -78.89 2.19 43.84
CA ASP O 32 -80.03 1.90 43.00
C ASP O 32 -79.62 1.02 41.84
N ILE O 33 -78.58 1.46 41.11
CA ILE O 33 -78.07 0.72 39.96
C ILE O 33 -77.57 -0.69 40.34
N LEU O 34 -76.95 -0.79 41.51
CA LEU O 34 -76.51 -2.08 42.03
C LEU O 34 -77.66 -3.06 42.29
N ASP O 35 -78.73 -2.56 42.91
CA ASP O 35 -79.99 -3.32 43.02
C ASP O 35 -80.59 -3.59 41.65
N PHE O 36 -80.54 -2.61 40.77
CA PHE O 36 -81.09 -2.79 39.44
C PHE O 36 -80.47 -3.95 38.65
N ILE O 37 -79.17 -4.21 38.85
CA ILE O 37 -78.47 -5.16 38.00
C ILE O 37 -78.29 -6.54 38.65
N ASP O 38 -78.64 -6.65 39.93
CA ASP O 38 -78.55 -7.93 40.63
C ASP O 38 -79.69 -8.90 40.39
N GLN O 39 -79.78 -9.36 39.14
CA GLN O 39 -80.76 -10.34 38.72
C GLN O 39 -80.10 -11.68 38.37
N LEU O 40 -78.78 -11.71 38.37
CA LEU O 40 -78.07 -12.79 37.70
C LEU O 40 -77.74 -14.01 38.57
N LYS O 41 -77.75 -13.84 39.89
CA LYS O 41 -77.59 -14.98 40.81
C LYS O 41 -78.56 -16.13 40.48
N GLU O 42 -79.78 -15.76 40.11
CA GLU O 42 -80.85 -16.68 39.70
C GLU O 42 -80.41 -17.74 38.72
N LEU O 43 -79.39 -17.44 37.91
CA LEU O 43 -79.01 -18.35 36.84
C LEU O 43 -77.83 -19.21 37.21
N ASP O 44 -77.78 -20.39 36.60
CA ASP O 44 -76.74 -21.35 36.85
C ASP O 44 -75.71 -21.23 35.76
N THR O 45 -74.48 -20.84 36.15
CA THR O 45 -73.39 -20.62 35.19
C THR O 45 -72.17 -21.49 35.49
N GLU O 46 -72.38 -22.55 36.27
CA GLU O 46 -71.33 -23.49 36.66
C GLU O 46 -70.63 -24.14 35.49
N ASN O 47 -71.40 -24.63 34.53
CA ASN O 47 -70.82 -25.23 33.36
C ASN O 47 -70.98 -24.37 32.15
N VAL O 48 -70.89 -23.07 32.37
CA VAL O 48 -70.97 -22.10 31.26
C VAL O 48 -69.59 -21.48 30.99
N GLU O 49 -69.11 -21.59 29.75
CA GLU O 49 -67.90 -20.87 29.37
C GLU O 49 -68.18 -19.37 29.11
N PRO O 50 -67.42 -18.47 29.79
CA PRO O 50 -67.48 -17.04 29.49
C PRO O 50 -67.44 -16.76 27.99
N TYR O 51 -68.13 -15.71 27.56
CA TYR O 51 -68.27 -15.36 26.15
C TYR O 51 -66.94 -14.92 25.49
N ILE O 52 -66.58 -15.53 24.38
CA ILE O 52 -65.54 -14.98 23.52
C ILE O 52 -66.02 -15.09 22.12
N GLN O 53 -65.65 -14.13 21.28
CA GLN O 53 -65.93 -14.26 19.86
C GLN O 53 -65.13 -15.44 19.31
N GLU O 54 -65.64 -16.03 18.23
CA GLU O 54 -65.02 -17.20 17.64
C GLU O 54 -63.89 -16.82 16.69
N PHE O 55 -62.98 -17.75 16.46
CA PHE O 55 -61.71 -17.44 15.79
C PHE O 55 -60.86 -18.69 15.63
N GLU O 56 -60.26 -18.84 14.45
CA GLU O 56 -59.56 -20.08 14.10
C GLU O 56 -58.12 -20.04 14.57
N GLU O 57 -57.42 -18.96 14.25
CA GLU O 57 -56.06 -18.75 14.74
C GLU O 57 -55.95 -17.42 15.50
N THR O 58 -54.93 -17.33 16.34
CA THR O 58 -54.60 -16.06 16.99
C THR O 58 -53.95 -15.09 16.01
N PRO O 59 -54.60 -13.94 15.81
CA PRO O 59 -54.06 -12.89 14.92
C PRO O 59 -52.74 -12.34 15.43
N MET O 60 -51.72 -12.43 14.58
CA MET O 60 -50.38 -12.03 14.94
C MET O 60 -49.78 -11.27 13.81
N ARG O 61 -48.70 -10.56 14.11
CA ARG O 61 -48.08 -9.62 13.20
C ARG O 61 -46.60 -9.97 13.10
N GLU O 62 -46.01 -9.87 11.91
CA GLU O 62 -44.55 -10.06 11.75
C GLU O 62 -43.75 -8.98 12.50
N ASP O 63 -42.52 -9.33 12.87
CA ASP O 63 -41.62 -8.41 13.57
C ASP O 63 -40.89 -7.49 12.57
N GLU O 64 -41.68 -6.64 11.91
CA GLU O 64 -41.20 -5.67 10.91
C GLU O 64 -41.51 -4.27 11.38
N PRO O 65 -40.50 -3.37 11.38
CA PRO O 65 -40.76 -1.98 11.76
C PRO O 65 -41.75 -1.23 10.84
N HIS O 66 -42.66 -0.46 11.46
CA HIS O 66 -43.57 0.44 10.76
C HIS O 66 -43.21 1.88 11.12
N PRO O 67 -43.29 2.81 10.14
CA PRO O 67 -43.04 4.23 10.36
C PRO O 67 -43.70 4.75 11.63
N SER O 68 -42.90 5.20 12.58
CA SER O 68 -43.45 5.85 13.76
C SER O 68 -44.20 7.13 13.43
N LEU O 69 -45.00 7.58 14.38
CA LEU O 69 -45.72 8.85 14.26
C LEU O 69 -44.73 9.99 14.46
N ASP O 70 -44.77 11.00 13.59
CA ASP O 70 -43.90 12.18 13.73
C ASP O 70 -44.00 12.75 15.14
N ARG O 71 -42.86 13.06 15.76
CA ARG O 71 -42.82 13.42 17.17
C ARG O 71 -43.59 14.71 17.49
N GLU O 72 -43.70 15.60 16.51
CA GLU O 72 -44.47 16.86 16.69
C GLU O 72 -45.97 16.56 16.86
N LYS O 73 -46.49 15.65 16.02
CA LYS O 73 -47.87 15.16 16.13
C LYS O 73 -48.09 14.33 17.39
N ALA O 74 -47.09 13.52 17.75
CA ALA O 74 -47.11 12.77 19.00
C ALA O 74 -47.15 13.66 20.22
N LEU O 75 -46.61 14.86 20.09
CA LEU O 75 -46.48 15.78 21.21
C LEU O 75 -47.50 16.92 21.22
N MET O 76 -48.03 17.27 20.05
CA MET O 76 -48.88 18.45 19.85
C MET O 76 -50.01 18.63 20.85
N ASN O 77 -50.59 17.53 21.33
CA ASN O 77 -51.71 17.61 22.24
C ASN O 77 -51.30 17.73 23.70
N ALA O 78 -50.01 17.57 23.99
CA ALA O 78 -49.54 17.53 25.37
C ALA O 78 -49.80 18.83 26.15
N PRO O 79 -50.47 18.71 27.30
CA PRO O 79 -50.55 19.87 28.23
C PRO O 79 -49.22 20.67 28.43
N GLU O 80 -48.10 19.97 28.59
CA GLU O 80 -46.78 20.57 28.78
C GLU O 80 -45.70 19.67 28.20
N ARG O 81 -44.94 20.16 27.22
CA ARG O 81 -43.81 19.39 26.67
C ARG O 81 -42.41 20.10 26.85
N LYS O 82 -41.32 19.32 26.94
CA LYS O 82 -39.95 19.88 27.06
C LYS O 82 -38.90 18.96 26.43
N ASP O 83 -38.13 19.49 25.50
CA ASP O 83 -37.02 18.77 24.86
C ASP O 83 -37.38 17.38 24.26
N GLY O 84 -38.64 17.21 23.83
CA GLY O 84 -39.09 15.92 23.28
C GLY O 84 -39.75 14.97 24.29
N PHE O 85 -39.90 15.43 25.53
CA PHE O 85 -40.46 14.65 26.64
C PHE O 85 -41.82 15.17 27.04
N PHE O 86 -42.71 14.27 27.45
CA PHE O 86 -43.92 14.67 28.16
C PHE O 86 -43.61 15.17 29.56
N VAL O 87 -44.40 16.13 30.03
CA VAL O 87 -44.13 16.81 31.29
C VAL O 87 -45.35 16.79 32.20
N VAL O 88 -45.26 16.04 33.30
CA VAL O 88 -46.11 16.26 34.45
C VAL O 88 -45.30 16.72 35.66
N PRO O 89 -45.96 16.84 36.80
CA PRO O 89 -45.28 17.18 38.06
C PRO O 89 -44.45 16.02 38.58
N ARG O 90 -43.25 16.32 39.07
CA ARG O 90 -42.35 15.29 39.58
C ARG O 90 -43.06 14.18 40.36
N VAL O 91 -42.69 12.93 40.06
CA VAL O 91 -43.07 11.74 40.86
C VAL O 91 -41.89 11.29 41.73
N VAL O 92 -42.16 10.73 42.91
CA VAL O 92 -41.05 10.25 43.76
C VAL O 92 -40.66 8.79 43.44
N MET P 1 -6.95 -2.38 54.71
CA MET P 1 -8.15 -2.94 54.02
C MET P 1 -8.37 -4.43 54.37
N LEU P 2 -7.81 -4.84 55.52
CA LEU P 2 -8.01 -6.17 56.13
C LEU P 2 -7.12 -7.30 55.58
N TRP P 3 -7.27 -7.60 54.30
CA TRP P 3 -6.34 -8.53 53.68
C TRP P 3 -4.96 -7.87 53.54
N LYS P 4 -4.95 -6.54 53.72
CA LYS P 4 -3.74 -5.74 53.70
C LYS P 4 -3.05 -5.75 55.06
N LYS P 5 -3.68 -6.39 56.05
CA LYS P 5 -3.16 -6.39 57.42
C LYS P 5 -2.35 -7.64 57.77
N SER P 6 -1.41 -7.47 58.69
CA SER P 6 -0.56 -8.55 59.17
C SER P 6 -1.33 -9.42 60.14
N LEU P 7 -0.75 -10.57 60.52
CA LEU P 7 -1.38 -11.48 61.48
C LEU P 7 -1.42 -10.89 62.89
N SER P 8 -0.53 -9.94 63.16
CA SER P 8 -0.54 -9.23 64.45
C SER P 8 -1.72 -8.26 64.48
N GLU P 9 -1.86 -7.49 63.40
CA GLU P 9 -2.99 -6.59 63.23
C GLU P 9 -4.30 -7.40 63.23
N LEU P 10 -4.31 -8.50 62.50
CA LEU P 10 -5.49 -9.36 62.43
C LEU P 10 -5.86 -10.02 63.76
N ARG P 11 -4.85 -10.52 64.48
CA ARG P 11 -5.10 -11.22 65.74
C ARG P 11 -5.71 -10.29 66.78
N GLU P 12 -5.14 -9.10 66.91
CA GLU P 12 -5.63 -8.08 67.83
C GLU P 12 -7.11 -7.77 67.59
N LEU P 13 -7.46 -7.59 66.32
CA LEU P 13 -8.85 -7.37 65.90
C LEU P 13 -9.80 -8.56 66.16
N LEU P 14 -9.27 -9.77 66.04
CA LEU P 14 -10.07 -10.99 66.25
C LEU P 14 -10.27 -11.26 67.73
N LYS P 15 -9.24 -11.03 68.51
CA LYS P 15 -9.28 -11.29 69.95
C LYS P 15 -10.25 -10.37 70.66
N ARG P 16 -10.36 -9.12 70.18
CA ARG P 16 -11.28 -8.12 70.74
C ARG P 16 -12.59 -8.02 69.95
N GLY P 17 -12.87 -9.01 69.13
CA GLY P 17 -14.16 -9.13 68.45
C GLY P 17 -14.48 -8.06 67.43
N GLU P 18 -13.58 -7.09 67.26
CA GLU P 18 -13.74 -6.03 66.25
C GLU P 18 -14.01 -6.64 64.87
N VAL P 19 -13.47 -7.83 64.66
CA VAL P 19 -13.69 -8.60 63.44
C VAL P 19 -13.98 -10.06 63.77
N SER P 20 -14.62 -10.76 62.84
CA SER P 20 -14.89 -12.17 62.98
C SER P 20 -14.08 -12.97 61.94
N PRO P 21 -13.77 -14.24 62.25
CA PRO P 21 -13.07 -15.13 61.34
C PRO P 21 -13.66 -15.11 59.94
N LYS P 22 -14.99 -15.04 59.85
CA LYS P 22 -15.70 -15.05 58.58
C LYS P 22 -15.35 -13.82 57.72
N GLU P 23 -15.23 -12.68 58.37
CA GLU P 23 -14.92 -11.44 57.67
C GLU P 23 -13.52 -11.49 57.08
N VAL P 24 -12.57 -11.92 57.92
CA VAL P 24 -11.18 -12.15 57.52
C VAL P 24 -11.13 -12.99 56.25
N VAL P 25 -11.81 -14.14 56.27
CA VAL P 25 -11.88 -15.04 55.12
C VAL P 25 -12.52 -14.35 53.91
N GLU P 26 -13.63 -13.63 54.14
CA GLU P 26 -14.31 -12.82 53.10
C GLU P 26 -13.36 -11.79 52.46
N SER P 27 -12.57 -11.12 53.30
CA SER P 27 -11.58 -10.14 52.84
C SER P 27 -10.60 -10.74 51.83
N PHE P 28 -9.94 -11.83 52.23
CA PHE P 28 -8.95 -12.52 51.40
C PHE P 28 -9.62 -13.13 50.16
N TYR P 29 -10.86 -13.58 50.33
CA TYR P 29 -11.67 -14.04 49.21
C TYR P 29 -11.77 -12.96 48.12
N ASP P 30 -12.18 -11.77 48.53
CA ASP P 30 -12.32 -10.66 47.60
C ASP P 30 -11.07 -10.51 46.73
N ARG P 31 -9.91 -10.41 47.39
CA ARG P 31 -8.67 -10.12 46.69
C ARG P 31 -8.14 -11.35 45.96
N TYR P 32 -8.57 -12.53 46.40
CA TYR P 32 -8.57 -13.72 45.56
C TYR P 32 -9.36 -13.49 44.28
N ASN P 33 -10.61 -13.04 44.43
CA ASN P 33 -11.46 -12.71 43.27
C ASN P 33 -10.88 -11.62 42.38
N GLN P 34 -10.26 -10.62 42.99
CA GLN P 34 -9.54 -9.56 42.25
C GLN P 34 -8.39 -10.10 41.40
N THR P 35 -7.62 -11.08 41.96
CA THR P 35 -6.27 -11.38 41.49
C THR P 35 -6.24 -12.72 40.74
N GLU P 36 -6.98 -13.69 41.14
CA GLU P 36 -6.79 -15.07 40.71
C GLU P 36 -6.79 -15.30 39.21
N GLU P 37 -7.57 -14.54 38.45
CA GLU P 37 -7.66 -14.78 37.02
C GLU P 37 -6.33 -14.46 36.33
N LYS P 38 -5.60 -13.50 36.91
CA LYS P 38 -4.26 -13.10 36.42
C LYS P 38 -3.16 -14.04 36.95
N VAL P 39 -3.15 -14.27 38.26
CA VAL P 39 -2.11 -15.04 38.96
C VAL P 39 -2.24 -16.57 38.88
N LYS P 40 -3.43 -17.12 39.20
CA LYS P 40 -3.70 -18.57 39.18
C LYS P 40 -2.88 -19.34 40.25
N ALA P 41 -2.99 -18.88 41.49
CA ALA P 41 -2.26 -19.48 42.59
C ALA P 41 -2.81 -20.85 42.93
N TYR P 42 -4.12 -21.04 42.75
CA TYR P 42 -4.85 -22.20 43.34
C TYR P 42 -5.23 -23.28 42.37
N ILE P 43 -5.18 -24.52 42.86
CA ILE P 43 -5.79 -25.64 42.17
C ILE P 43 -7.21 -25.81 42.72
N THR P 44 -7.34 -25.79 44.04
CA THR P 44 -8.62 -25.95 44.67
C THR P 44 -8.76 -24.85 45.66
N PRO P 45 -9.58 -23.85 45.32
CA PRO P 45 -9.95 -22.79 46.24
C PRO P 45 -10.89 -23.37 47.27
N LEU P 46 -10.70 -23.02 48.54
CA LEU P 46 -11.57 -23.57 49.58
C LEU P 46 -12.10 -22.49 50.49
N TYR P 47 -12.16 -21.27 49.96
CA TYR P 47 -12.66 -20.11 50.69
C TYR P 47 -14.12 -20.34 51.06
N GLY P 48 -14.89 -20.88 50.11
CA GLY P 48 -16.26 -21.32 50.35
C GLY P 48 -16.39 -22.16 51.60
N LYS P 49 -15.59 -23.24 51.66
CA LYS P 49 -15.65 -24.17 52.79
C LYS P 49 -15.11 -23.54 54.06
N ALA P 50 -14.11 -22.66 53.90
CA ALA P 50 -13.50 -21.98 55.03
C ALA P 50 -14.49 -21.00 55.67
N LEU P 51 -15.28 -20.33 54.82
CA LEU P 51 -16.38 -19.48 55.27
C LEU P 51 -17.30 -20.22 56.23
N LYS P 52 -17.72 -21.43 55.84
CA LYS P 52 -18.57 -22.30 56.69
C LYS P 52 -17.88 -22.72 57.99
N GLN P 53 -16.61 -23.13 57.90
CA GLN P 53 -15.86 -23.57 59.07
C GLN P 53 -15.63 -22.44 60.05
N ALA P 54 -15.60 -21.22 59.51
CA ALA P 54 -15.38 -20.01 60.28
C ALA P 54 -16.51 -19.77 61.28
N GLU P 55 -17.75 -20.07 60.86
CA GLU P 55 -18.95 -19.92 61.70
C GLU P 55 -18.83 -20.62 63.05
N SER P 56 -18.25 -21.82 63.04
CA SER P 56 -18.12 -22.64 64.25
C SER P 56 -16.83 -22.39 65.01
N LEU P 57 -16.01 -21.48 64.50
CA LEU P 57 -14.76 -21.15 65.16
C LEU P 57 -15.02 -20.15 66.27
N LYS P 58 -14.65 -20.51 67.49
CA LYS P 58 -15.07 -19.76 68.68
C LYS P 58 -13.92 -19.26 69.58
N GLU P 59 -13.07 -20.20 69.98
CA GLU P 59 -12.02 -19.94 70.96
C GLU P 59 -10.95 -19.00 70.39
N ARG P 60 -10.97 -17.74 70.83
CA ARG P 60 -10.13 -16.68 70.25
C ARG P 60 -8.64 -16.79 70.59
N GLU P 61 -8.34 -17.42 71.73
CA GLU P 61 -6.95 -17.47 72.21
C GLU P 61 -6.07 -18.53 71.51
N LEU P 62 -6.67 -19.28 70.60
CA LEU P 62 -5.91 -20.20 69.74
C LEU P 62 -4.91 -19.42 68.89
N PRO P 63 -3.64 -19.91 68.89
CA PRO P 63 -2.49 -19.21 68.32
C PRO P 63 -2.71 -18.66 66.91
N LEU P 64 -3.51 -19.36 66.11
CA LEU P 64 -3.78 -18.89 64.75
C LEU P 64 -5.27 -18.64 64.51
N PHE P 65 -5.96 -18.23 65.57
CA PHE P 65 -7.42 -18.19 65.66
C PHE P 65 -8.21 -18.00 64.35
N GLY P 66 -8.03 -16.90 63.64
CA GLY P 66 -8.88 -16.72 62.48
C GLY P 66 -8.15 -16.69 61.18
N ILE P 67 -6.93 -17.24 61.17
CA ILE P 67 -5.99 -16.98 60.08
C ILE P 67 -6.19 -17.89 58.91
N PRO P 68 -6.49 -17.31 57.73
CA PRO P 68 -6.48 -18.10 56.49
C PRO P 68 -5.05 -18.58 56.20
N ILE P 69 -4.93 -19.77 55.63
CA ILE P 69 -3.63 -20.28 55.18
C ILE P 69 -3.80 -21.13 53.93
N ALA P 70 -2.99 -20.81 52.91
CA ALA P 70 -2.94 -21.63 51.72
C ALA P 70 -1.98 -22.78 51.98
N VAL P 71 -2.20 -23.87 51.27
CA VAL P 71 -1.42 -25.07 51.45
C VAL P 71 -1.10 -25.61 50.08
N LYS P 72 0.16 -26.03 49.91
CA LYS P 72 0.61 -26.59 48.66
C LYS P 72 -0.13 -27.91 48.42
N ASP P 73 -0.45 -28.19 47.16
CA ASP P 73 -1.27 -29.38 46.85
C ASP P 73 -0.51 -30.70 46.81
N ASN P 74 0.58 -30.79 47.56
CA ASN P 74 1.21 -32.06 47.89
C ASN P 74 1.14 -32.31 49.39
N ILE P 75 0.43 -31.45 50.09
CA ILE P 75 0.20 -31.69 51.49
C ILE P 75 -1.27 -32.11 51.63
N LEU P 76 -1.52 -33.27 52.25
CA LEU P 76 -2.88 -33.85 52.32
C LEU P 76 -3.79 -33.11 53.30
N VAL P 77 -4.94 -32.67 52.77
CA VAL P 77 -6.02 -32.10 53.54
C VAL P 77 -7.25 -32.98 53.35
N GLU P 78 -7.73 -33.54 54.45
CA GLU P 78 -8.76 -34.59 54.38
C GLU P 78 -10.11 -34.15 53.83
N GLY P 79 -10.69 -34.96 52.97
CA GLY P 79 -11.97 -34.66 52.42
C GLY P 79 -11.84 -33.89 51.13
N GLU P 80 -10.69 -33.24 50.91
CA GLU P 80 -10.46 -32.47 49.69
C GLU P 80 -9.42 -33.11 48.80
N LYS P 81 -9.51 -32.81 47.52
CA LYS P 81 -8.55 -33.32 46.54
C LYS P 81 -7.08 -32.91 46.86
N THR P 82 -6.17 -33.87 46.70
CA THR P 82 -4.75 -33.64 46.79
C THR P 82 -4.20 -34.17 45.47
N THR P 83 -3.86 -33.25 44.55
CA THR P 83 -3.50 -33.62 43.18
C THR P 83 -1.99 -33.73 42.88
N CYS P 84 -1.17 -33.10 43.73
CA CYS P 84 0.26 -32.87 43.44
C CYS P 84 0.41 -32.30 42.05
N ALA P 85 -0.62 -31.59 41.62
CA ALA P 85 -0.70 -31.04 40.28
C ALA P 85 -0.38 -32.11 39.24
N SER P 86 -0.85 -33.33 39.50
CA SER P 86 -0.71 -34.42 38.53
C SER P 86 -2.04 -34.94 38.01
N LYS P 87 -2.07 -35.35 36.75
CA LYS P 87 -3.18 -36.12 36.21
C LYS P 87 -3.40 -37.41 37.02
N ILE P 88 -2.31 -38.09 37.33
CA ILE P 88 -2.38 -39.41 37.95
C ILE P 88 -3.08 -39.34 39.31
N LEU P 89 -3.49 -38.14 39.69
CA LEU P 89 -3.87 -37.86 41.08
C LEU P 89 -4.81 -36.65 41.17
N GLU P 90 -5.45 -36.33 40.05
CA GLU P 90 -6.64 -35.49 40.07
C GLU P 90 -7.78 -36.40 40.43
N ASN P 91 -8.70 -35.90 41.25
CA ASN P 91 -9.80 -36.75 41.73
C ASN P 91 -9.40 -37.64 42.90
N PHE P 92 -8.13 -37.60 43.30
CA PHE P 92 -7.74 -38.26 44.53
C PHE P 92 -8.22 -37.46 45.73
N VAL P 93 -9.17 -37.99 46.49
CA VAL P 93 -9.61 -37.34 47.71
C VAL P 93 -8.82 -37.84 48.89
N ALA P 94 -8.21 -36.91 49.61
CA ALA P 94 -7.36 -37.26 50.72
C ALA P 94 -8.16 -37.93 51.82
N PRO P 95 -7.79 -39.15 52.24
CA PRO P 95 -8.39 -39.88 53.34
C PRO P 95 -7.90 -39.53 54.75
N TYR P 96 -6.91 -38.65 54.86
CA TYR P 96 -6.37 -38.26 56.18
C TYR P 96 -5.70 -36.87 56.10
N ASP P 97 -5.50 -36.27 57.26
CA ASP P 97 -4.76 -35.03 57.38
C ASP P 97 -3.26 -35.27 57.47
N ALA P 98 -2.47 -34.52 56.72
CA ALA P 98 -1.06 -34.40 57.00
C ALA P 98 -0.91 -33.89 58.43
N THR P 99 0.15 -34.27 59.13
CA THR P 99 0.31 -33.87 60.53
C THR P 99 0.32 -32.35 60.71
N VAL P 100 0.92 -31.62 59.75
CA VAL P 100 0.95 -30.15 59.83
C VAL P 100 -0.45 -29.54 59.75
N ILE P 101 -1.29 -30.10 58.88
CA ILE P 101 -2.65 -29.62 58.71
C ILE P 101 -3.45 -29.90 59.96
N GLU P 102 -3.19 -31.03 60.60
CA GLU P 102 -3.81 -31.37 61.86
C GLU P 102 -3.44 -30.32 62.91
N ARG P 103 -2.17 -29.93 62.91
CA ARG P 103 -1.65 -28.98 63.89
C ARG P 103 -2.08 -27.53 63.62
N LEU P 104 -2.24 -27.17 62.36
CA LEU P 104 -2.80 -25.89 62.00
C LEU P 104 -4.28 -25.79 62.38
N LYS P 105 -5.07 -26.83 62.04
CA LYS P 105 -6.50 -26.88 62.36
C LYS P 105 -6.69 -26.77 63.85
N LYS P 106 -5.84 -27.43 64.60
CA LYS P 106 -5.94 -27.41 66.04
C LYS P 106 -5.56 -26.03 66.58
N ALA P 107 -4.85 -25.25 65.76
CA ALA P 107 -4.37 -23.91 66.13
C ALA P 107 -5.35 -22.81 65.73
N GLY P 108 -6.46 -23.21 65.13
CA GLY P 108 -7.49 -22.30 64.70
C GLY P 108 -7.38 -21.83 63.27
N ALA P 109 -6.31 -22.21 62.57
CA ALA P 109 -6.15 -21.71 61.20
C ALA P 109 -7.30 -22.18 60.31
N LEU P 110 -7.47 -21.52 59.18
CA LEU P 110 -8.49 -21.94 58.24
C LEU P 110 -7.91 -22.16 56.87
N ILE P 111 -7.92 -23.40 56.42
CA ILE P 111 -7.32 -23.74 55.13
C ILE P 111 -8.18 -23.17 54.02
N VAL P 112 -7.62 -22.22 53.27
CA VAL P 112 -8.39 -21.52 52.25
C VAL P 112 -8.16 -22.02 50.84
N GLY P 113 -7.27 -22.98 50.67
CA GLY P 113 -7.10 -23.57 49.36
C GLY P 113 -5.85 -24.40 49.11
N LYS P 114 -5.84 -25.08 47.97
CA LYS P 114 -4.74 -25.97 47.62
C LYS P 114 -3.94 -25.41 46.44
N THR P 115 -2.65 -25.17 46.66
CA THR P 115 -1.90 -24.21 45.87
C THR P 115 -1.20 -24.90 44.70
N ASN P 116 -1.08 -24.18 43.58
CA ASN P 116 -0.47 -24.74 42.38
C ASN P 116 1.02 -25.04 42.59
N LEU P 117 1.52 -26.03 41.84
CA LEU P 117 2.93 -26.43 41.94
C LEU P 117 3.39 -27.13 40.69
N ASP P 118 4.70 -27.30 40.55
CA ASP P 118 5.20 -28.20 39.52
C ASP P 118 4.70 -29.60 39.92
N GLU P 119 4.40 -30.42 38.92
CA GLU P 119 3.91 -31.80 39.17
C GLU P 119 4.87 -32.60 40.08
N PHE P 120 4.30 -33.08 41.18
CA PHE P 120 5.01 -33.82 42.19
C PHE P 120 6.21 -33.06 42.73
N ALA P 121 6.12 -31.73 42.67
CA ALA P 121 7.09 -30.80 43.28
C ALA P 121 8.46 -30.81 42.59
N MET P 122 8.46 -31.20 41.33
CA MET P 122 9.68 -31.32 40.55
C MET P 122 9.77 -30.23 39.49
N GLY P 123 10.57 -29.20 39.79
CA GLY P 123 10.78 -28.07 38.86
C GLY P 123 11.05 -26.78 39.60
N SER P 124 11.42 -25.74 38.86
CA SER P 124 11.78 -24.46 39.50
C SER P 124 10.97 -23.25 39.00
N SER P 125 9.78 -23.50 38.46
CA SER P 125 9.01 -22.42 37.82
C SER P 125 7.48 -22.56 37.89
N THR P 126 7.01 -23.74 38.31
CA THR P 126 5.56 -24.11 38.31
C THR P 126 4.98 -24.40 36.92
N GLU P 127 5.75 -24.13 35.89
CA GLU P 127 5.31 -24.48 34.56
C GLU P 127 4.96 -25.96 34.39
N TYR P 128 5.52 -26.84 35.23
CA TYR P 128 5.25 -28.30 35.11
C TYR P 128 4.01 -28.79 35.87
N SER P 129 3.25 -27.85 36.44
CA SER P 129 1.90 -28.15 36.89
C SER P 129 1.15 -28.73 35.70
N ALA P 130 0.55 -29.90 35.90
CA ALA P 130 -0.22 -30.61 34.84
C ALA P 130 -1.48 -29.87 34.41
N PHE P 131 -1.84 -28.84 35.19
CA PHE P 131 -3.10 -28.13 35.02
C PHE P 131 -3.00 -26.77 34.33
N PHE P 132 -2.12 -25.92 34.85
CA PHE P 132 -1.89 -24.57 34.33
C PHE P 132 -0.73 -23.89 35.06
N PRO P 133 -0.02 -22.96 34.36
CA PRO P 133 1.01 -22.15 35.02
C PRO P 133 0.44 -21.13 35.99
N THR P 134 1.09 -20.98 37.15
CA THR P 134 0.91 -19.79 37.96
C THR P 134 1.87 -18.71 37.46
N LYS P 135 1.44 -17.45 37.58
CA LYS P 135 2.15 -16.29 37.05
C LYS P 135 2.67 -15.37 38.15
N ASN P 136 3.88 -14.80 37.95
CA ASN P 136 4.45 -13.80 38.86
C ASN P 136 3.60 -12.51 38.94
N PRO P 137 3.06 -12.21 40.13
CA PRO P 137 2.24 -11.02 40.29
C PRO P 137 3.00 -9.69 40.07
N TRP P 138 4.33 -9.73 39.99
CA TRP P 138 5.11 -8.51 39.71
C TRP P 138 5.39 -8.35 38.23
N ASP P 139 5.09 -9.39 37.48
CA ASP P 139 5.15 -9.32 36.03
C ASP P 139 4.63 -10.66 35.51
N LEU P 140 3.38 -10.65 35.06
CA LEU P 140 2.71 -11.88 34.68
C LEU P 140 3.32 -12.47 33.40
N GLU P 141 4.31 -11.82 32.80
CA GLU P 141 5.08 -12.45 31.73
C GLU P 141 6.18 -13.35 32.33
N ARG P 142 6.29 -13.32 33.66
CA ARG P 142 7.35 -14.03 34.37
C ARG P 142 6.86 -15.10 35.34
N VAL P 143 7.76 -16.03 35.60
CA VAL P 143 7.56 -17.21 36.42
C VAL P 143 7.59 -16.82 37.91
N PRO P 144 6.74 -17.44 38.77
CA PRO P 144 6.84 -17.14 40.21
C PRO P 144 7.83 -18.05 40.94
N GLY P 145 8.54 -18.86 40.18
CA GLY P 145 9.43 -19.87 40.77
C GLY P 145 8.77 -21.24 40.93
N GLY P 146 9.52 -22.21 41.41
CA GLY P 146 8.97 -23.54 41.69
C GLY P 146 9.81 -24.34 42.65
N SER P 147 9.22 -25.37 43.24
CA SER P 147 7.88 -25.85 42.88
C SER P 147 6.70 -25.22 43.64
N SER P 148 6.92 -24.68 44.83
CA SER P 148 5.86 -23.95 45.53
C SER P 148 5.39 -22.63 44.88
N GLY P 149 5.20 -22.60 43.56
CA GLY P 149 4.79 -21.38 42.84
C GLY P 149 3.57 -20.62 43.38
N GLY P 150 2.42 -21.31 43.47
CA GLY P 150 1.18 -20.77 43.97
C GLY P 150 1.21 -20.35 45.41
N SER P 151 2.00 -21.01 46.23
CA SER P 151 2.04 -20.67 47.65
C SER P 151 2.79 -19.39 47.90
N ALA P 152 3.76 -19.13 47.02
CA ALA P 152 4.54 -17.90 47.04
C ALA P 152 3.67 -16.76 46.50
N ALA P 153 3.17 -16.98 45.30
CA ALA P 153 2.31 -16.04 44.58
C ALA P 153 1.12 -15.54 45.41
N SER P 154 0.37 -16.44 46.02
CA SER P 154 -0.80 -16.04 46.77
C SER P 154 -0.40 -15.21 47.99
N VAL P 155 0.77 -15.47 48.55
CA VAL P 155 1.22 -14.65 49.67
C VAL P 155 1.71 -13.28 49.18
N ALA P 156 2.22 -13.26 47.96
CA ALA P 156 2.69 -12.04 47.33
C ALA P 156 1.54 -11.06 47.00
N VAL P 157 0.46 -11.53 46.35
CA VAL P 157 -0.70 -10.68 46.11
C VAL P 157 -1.55 -10.57 47.36
N LEU P 158 -1.25 -11.36 48.37
CA LEU P 158 -2.05 -11.38 49.59
C LEU P 158 -3.50 -11.89 49.43
N SER P 159 -3.75 -12.80 48.47
CA SER P 159 -4.96 -13.66 48.56
C SER P 159 -4.92 -14.65 49.74
N ALA P 160 -3.74 -14.77 50.36
CA ALA P 160 -3.58 -15.41 51.65
C ALA P 160 -2.39 -14.72 52.31
N PRO P 161 -2.45 -14.53 53.63
CA PRO P 161 -1.39 -13.83 54.34
C PRO P 161 -0.12 -14.68 54.51
N VAL P 162 -0.32 -15.98 54.64
CA VAL P 162 0.71 -16.90 55.07
C VAL P 162 0.45 -18.20 54.33
N SER P 163 1.48 -19.02 54.16
CA SER P 163 1.38 -20.15 53.24
C SER P 163 2.32 -21.31 53.62
N LEU P 164 1.91 -22.54 53.33
CA LEU P 164 2.77 -23.71 53.50
C LEU P 164 3.26 -24.16 52.13
N GLY P 165 4.56 -24.45 52.02
CA GLY P 165 5.10 -25.06 50.82
C GLY P 165 5.99 -26.22 51.24
N SER P 166 6.73 -26.78 50.29
CA SER P 166 7.77 -27.73 50.64
C SER P 166 9.08 -27.44 49.89
N ASP P 167 10.22 -27.81 50.48
CA ASP P 167 11.54 -27.52 49.89
C ASP P 167 12.41 -28.79 49.84
N THR P 168 12.63 -29.31 48.63
CA THR P 168 13.50 -30.47 48.42
C THR P 168 14.91 -30.01 47.94
N GLY P 169 14.94 -28.94 47.16
CA GLY P 169 16.19 -28.40 46.69
C GLY P 169 16.07 -26.92 46.45
N GLY P 170 15.28 -26.27 47.29
CA GLY P 170 15.04 -24.84 47.11
C GLY P 170 13.62 -24.43 46.78
N SER P 171 12.67 -25.33 46.93
CA SER P 171 11.35 -25.17 46.32
C SER P 171 10.47 -24.24 47.13
N ILE P 172 10.94 -23.86 48.31
CA ILE P 172 10.37 -22.75 49.05
C ILE P 172 11.15 -21.45 48.79
N ARG P 173 12.47 -21.55 48.85
CA ARG P 173 13.31 -20.35 48.96
C ARG P 173 13.35 -19.58 47.64
N GLN P 174 13.37 -20.31 46.53
CA GLN P 174 13.47 -19.70 45.20
C GLN P 174 12.17 -19.01 44.80
N PRO P 175 10.99 -19.65 45.06
CA PRO P 175 9.76 -18.89 44.85
C PRO P 175 9.60 -17.70 45.80
N ALA P 176 10.08 -17.79 47.05
CA ALA P 176 10.07 -16.61 47.91
C ALA P 176 10.90 -15.48 47.28
N SER P 177 12.04 -15.85 46.70
CA SER P 177 12.91 -14.87 46.10
C SER P 177 12.18 -14.20 44.91
N PHE P 178 11.76 -14.99 43.94
CA PHE P 178 11.05 -14.51 42.76
C PHE P 178 9.76 -13.70 43.05
N CYS P 179 9.04 -14.03 44.11
CA CYS P 179 7.76 -13.35 44.37
C CYS P 179 7.90 -12.28 45.43
N GLY P 180 9.12 -12.07 45.91
CA GLY P 180 9.36 -10.94 46.82
C GLY P 180 8.70 -11.14 48.16
N VAL P 181 8.90 -12.32 48.72
CA VAL P 181 8.23 -12.76 49.91
C VAL P 181 9.29 -13.46 50.76
N ILE P 182 9.06 -13.54 52.07
CA ILE P 182 9.90 -14.39 52.93
C ILE P 182 9.48 -15.87 52.86
N GLY P 183 10.47 -16.75 52.70
CA GLY P 183 10.24 -18.20 52.74
C GLY P 183 11.33 -18.96 53.49
N ILE P 184 10.92 -19.85 54.39
CA ILE P 184 11.89 -20.62 55.17
C ILE P 184 11.71 -22.12 54.95
N LYS P 185 12.84 -22.81 54.75
CA LYS P 185 12.90 -24.25 54.91
C LYS P 185 13.70 -24.55 56.17
N PRO P 186 13.05 -25.12 57.18
CA PRO P 186 13.68 -25.42 58.46
C PRO P 186 14.67 -26.61 58.40
N THR P 187 15.32 -26.92 59.51
CA THR P 187 16.22 -28.05 59.62
C THR P 187 15.53 -29.35 59.22
N TYR P 188 16.20 -30.20 58.45
CA TYR P 188 15.59 -31.49 58.13
C TYR P 188 15.36 -32.25 59.42
N GLY P 189 14.09 -32.59 59.64
CA GLY P 189 13.67 -33.29 60.85
C GLY P 189 12.82 -32.41 61.71
N ARG P 190 12.81 -31.09 61.45
CA ARG P 190 12.02 -30.21 62.31
C ARG P 190 10.49 -30.28 62.11
N VAL P 191 10.07 -30.59 60.89
CA VAL P 191 8.65 -30.61 60.54
C VAL P 191 8.33 -31.99 59.96
N SER P 192 7.24 -32.59 60.43
CA SER P 192 6.85 -33.93 60.02
C SER P 192 6.60 -34.02 58.54
N ARG P 193 6.95 -35.15 57.97
CA ARG P 193 6.72 -35.34 56.56
C ARG P 193 5.57 -36.31 56.36
N TYR P 194 4.81 -36.51 57.46
CA TYR P 194 3.59 -37.29 57.45
C TYR P 194 2.42 -36.59 56.75
N GLY P 195 2.04 -37.10 55.60
CA GLY P 195 1.01 -36.47 54.79
C GLY P 195 1.63 -35.55 53.75
N LEU P 196 2.96 -35.53 53.67
CA LEU P 196 3.61 -34.79 52.61
C LEU P 196 3.93 -35.78 51.51
N VAL P 197 3.28 -35.64 50.37
CA VAL P 197 3.54 -36.56 49.28
C VAL P 197 5.03 -36.52 49.00
N ALA P 198 5.70 -37.63 49.28
CA ALA P 198 7.16 -37.73 49.18
C ALA P 198 7.66 -37.64 47.75
N PHE P 199 8.71 -36.82 47.60
CA PHE P 199 9.52 -36.68 46.38
C PHE P 199 10.89 -37.33 46.70
N ALA P 200 11.69 -36.66 47.53
CA ALA P 200 12.93 -37.22 47.99
C ALA P 200 12.95 -37.17 49.50
N SER P 201 12.70 -38.32 50.12
CA SER P 201 12.46 -38.44 51.53
C SER P 201 13.61 -37.90 52.39
N SER P 202 14.84 -38.05 51.90
CA SER P 202 16.01 -37.61 52.64
C SER P 202 16.32 -36.09 52.49
N LEU P 203 15.56 -35.41 51.64
CA LEU P 203 15.73 -34.00 51.36
C LEU P 203 14.48 -33.11 51.60
N ASP P 204 13.25 -33.66 51.47
CA ASP P 204 11.95 -32.95 51.67
C ASP P 204 11.87 -32.26 53.04
N GLN P 205 11.37 -31.02 53.07
CA GLN P 205 10.77 -30.45 54.30
C GLN P 205 9.64 -29.48 53.93
N ILE P 206 8.56 -29.56 54.70
CA ILE P 206 7.54 -28.54 54.64
C ILE P 206 8.19 -27.28 55.22
N GLY P 207 7.80 -26.14 54.67
CA GLY P 207 8.19 -24.84 55.21
C GLY P 207 7.09 -23.79 55.03
N VAL P 208 7.43 -22.55 55.33
CA VAL P 208 6.47 -21.45 55.39
C VAL P 208 6.84 -20.23 54.53
N PHE P 209 5.81 -19.67 53.89
CA PHE P 209 5.90 -18.37 53.24
C PHE P 209 5.12 -17.33 54.05
N GLY P 210 5.67 -16.12 54.12
CA GLY P 210 5.02 -14.96 54.73
C GLY P 210 5.64 -13.65 54.27
N ARG P 211 5.09 -12.55 54.77
CA ARG P 211 5.54 -11.21 54.37
C ARG P 211 6.23 -10.50 55.53
N ARG P 212 5.85 -10.90 56.73
CA ARG P 212 6.51 -10.41 57.92
C ARG P 212 7.12 -11.58 58.67
N THR P 213 8.31 -11.37 59.24
CA THR P 213 9.08 -12.42 59.88
C THR P 213 8.33 -13.04 61.06
N GLU P 214 7.50 -12.26 61.73
CA GLU P 214 6.68 -12.80 62.83
C GLU P 214 5.62 -13.78 62.36
N ASP P 215 5.01 -13.49 61.20
CA ASP P 215 4.02 -14.37 60.62
C ASP P 215 4.67 -15.72 60.36
N VAL P 216 5.86 -15.68 59.74
CA VAL P 216 6.59 -16.88 59.38
C VAL P 216 7.03 -17.68 60.62
N ALA P 217 7.56 -16.97 61.60
CA ALA P 217 8.02 -17.61 62.84
C ALA P 217 6.90 -18.34 63.55
N LEU P 218 5.70 -17.76 63.51
CA LEU P 218 4.56 -18.32 64.23
C LEU P 218 4.02 -19.59 63.56
N VAL P 219 3.80 -19.53 62.26
CA VAL P 219 3.27 -20.68 61.55
C VAL P 219 4.24 -21.86 61.67
N LEU P 220 5.54 -21.58 61.56
CA LEU P 220 6.58 -22.61 61.75
C LEU P 220 6.54 -23.20 63.14
N GLU P 221 6.43 -22.36 64.17
CA GLU P 221 6.35 -22.88 65.53
C GLU P 221 5.19 -23.87 65.67
N VAL P 222 4.05 -23.52 65.06
CA VAL P 222 2.85 -24.33 65.20
C VAL P 222 3.01 -25.71 64.56
N ILE P 223 3.52 -25.75 63.33
CA ILE P 223 3.63 -27.00 62.59
C ILE P 223 4.86 -27.87 62.94
N SER P 224 5.83 -27.30 63.66
CA SER P 224 7.08 -27.97 63.92
C SER P 224 6.94 -28.92 65.08
N GLY P 225 7.96 -29.79 65.25
CA GLY P 225 8.04 -30.68 66.41
C GLY P 225 7.80 -32.14 66.09
N TRP P 226 8.23 -32.97 67.05
CA TRP P 226 8.18 -34.45 66.96
C TRP P 226 6.82 -35.03 66.52
N ASP P 227 6.86 -35.94 65.56
CA ASP P 227 5.69 -36.69 65.14
C ASP P 227 5.99 -38.20 65.19
N GLU P 228 5.20 -38.93 65.97
CA GLU P 228 5.33 -40.40 66.10
C GLU P 228 5.05 -41.13 64.80
N LYS P 229 4.33 -40.48 63.89
CA LYS P 229 4.04 -41.05 62.60
C LYS P 229 5.15 -40.80 61.59
N ASP P 230 6.22 -40.13 62.02
CA ASP P 230 7.40 -39.86 61.15
C ASP P 230 8.71 -40.27 61.83
N SER P 231 9.40 -41.26 61.26
CA SER P 231 10.63 -41.80 61.85
C SER P 231 11.80 -40.82 61.83
N THR P 232 11.77 -39.93 60.85
CA THR P 232 12.87 -39.05 60.56
C THR P 232 12.70 -37.73 61.27
N SER P 233 11.52 -37.52 61.89
CA SER P 233 11.23 -36.30 62.64
C SER P 233 11.98 -36.34 63.97
N ALA P 234 12.59 -35.21 64.36
CA ALA P 234 13.50 -35.19 65.49
C ALA P 234 12.81 -34.97 66.80
N LYS P 235 13.27 -35.67 67.84
CA LYS P 235 12.79 -35.49 69.21
C LYS P 235 13.52 -34.34 69.81
N VAL P 236 13.31 -33.15 69.27
CA VAL P 236 13.96 -31.93 69.74
C VAL P 236 12.86 -30.91 70.01
N PRO P 237 12.91 -30.26 71.18
CA PRO P 237 11.90 -29.24 71.53
C PRO P 237 11.84 -28.10 70.52
N VAL P 238 10.63 -27.59 70.26
CA VAL P 238 10.46 -26.48 69.33
C VAL P 238 10.74 -25.17 70.08
N PRO P 239 11.71 -24.36 69.61
CA PRO P 239 11.96 -23.06 70.23
C PRO P 239 10.75 -22.12 70.10
N GLU P 240 10.56 -21.25 71.08
CA GLU P 240 9.49 -20.26 71.05
C GLU P 240 9.83 -19.15 70.07
N TRP P 241 9.70 -19.45 68.78
CA TRP P 241 10.18 -18.54 67.73
C TRP P 241 9.49 -17.17 67.69
N SER P 242 8.19 -17.15 68.01
CA SER P 242 7.43 -15.88 68.02
C SER P 242 7.96 -14.88 69.03
N GLU P 243 8.50 -15.41 70.13
CA GLU P 243 9.13 -14.60 71.17
C GLU P 243 10.61 -14.37 70.94
N GLU P 244 11.16 -14.99 69.90
CA GLU P 244 12.60 -14.99 69.73
C GLU P 244 13.08 -14.13 68.56
N VAL P 245 12.24 -13.97 67.54
CA VAL P 245 12.57 -13.20 66.34
C VAL P 245 12.95 -11.76 66.64
N LYS P 246 12.26 -11.19 67.62
CA LYS P 246 12.37 -9.78 67.96
C LYS P 246 13.67 -9.45 68.70
N LYS P 247 14.26 -10.45 69.37
CA LYS P 247 15.53 -10.28 70.08
C LYS P 247 16.72 -10.04 69.13
N GLU P 248 17.84 -9.55 69.67
CA GLU P 248 19.01 -9.22 68.87
C GLU P 248 20.26 -9.74 69.56
N VAL P 249 21.04 -10.53 68.81
CA VAL P 249 22.28 -11.13 69.33
C VAL P 249 23.48 -10.37 68.78
N LYS P 250 24.37 -9.98 69.69
CA LYS P 250 25.52 -9.17 69.31
C LYS P 250 26.67 -9.98 68.74
N GLY P 251 27.36 -9.36 67.77
CA GLY P 251 28.59 -9.90 67.22
C GLY P 251 28.45 -11.14 66.38
N LEU P 252 27.33 -11.26 65.67
CA LEU P 252 27.15 -12.35 64.75
C LEU P 252 28.10 -12.23 63.54
N LYS P 253 28.34 -13.37 62.89
CA LYS P 253 29.29 -13.45 61.78
C LYS P 253 28.69 -14.06 60.50
N ILE P 254 29.02 -13.47 59.36
CA ILE P 254 28.45 -13.92 58.11
C ILE P 254 29.58 -14.36 57.17
N GLY P 255 29.41 -15.55 56.62
CA GLY P 255 30.40 -16.14 55.75
C GLY P 255 30.02 -15.97 54.30
N LEU P 256 30.97 -15.51 53.51
CA LEU P 256 30.74 -15.42 52.09
C LEU P 256 31.60 -16.46 51.44
N PRO P 257 30.99 -17.56 50.99
CA PRO P 257 31.79 -18.62 50.38
C PRO P 257 32.56 -18.18 49.16
N LYS P 258 33.90 -18.32 49.23
CA LYS P 258 34.81 -17.96 48.14
C LYS P 258 34.48 -18.66 46.84
N GLU P 259 33.95 -19.89 46.96
CA GLU P 259 33.63 -20.69 45.79
C GLU P 259 32.39 -20.12 45.07
N PHE P 260 31.61 -19.33 45.80
CA PHE P 260 30.43 -18.67 45.20
C PHE P 260 30.76 -17.48 44.29
N PHE P 261 31.97 -16.92 44.41
CA PHE P 261 32.38 -15.82 43.54
C PHE P 261 32.54 -16.28 42.12
N GLU P 262 32.81 -17.57 41.96
CA GLU P 262 32.98 -18.17 40.66
C GLU P 262 31.66 -18.38 39.93
N TYR P 263 30.54 -18.16 40.64
CA TYR P 263 29.21 -18.47 40.09
C TYR P 263 28.71 -17.32 39.25
N GLU P 264 28.27 -17.62 38.04
CA GLU P 264 27.67 -16.60 37.16
C GLU P 264 26.41 -15.99 37.80
N LEU P 265 26.51 -14.72 38.20
CA LEU P 265 25.35 -13.95 38.67
C LEU P 265 24.97 -12.85 37.68
N GLN P 266 23.67 -12.58 37.56
CA GLN P 266 23.21 -11.36 36.91
C GLN P 266 23.65 -10.14 37.74
N PRO P 267 24.11 -9.07 37.03
CA PRO P 267 24.68 -7.87 37.63
C PRO P 267 23.73 -7.21 38.64
N GLN P 268 22.44 -7.19 38.32
CA GLN P 268 21.41 -6.67 39.20
C GLN P 268 21.38 -7.44 40.53
N VAL P 269 21.52 -8.76 40.44
CA VAL P 269 21.52 -9.60 41.64
C VAL P 269 22.79 -9.33 42.44
N LYS P 270 23.93 -9.34 41.75
CA LYS P 270 25.20 -9.08 42.44
C LYS P 270 25.15 -7.76 43.21
N GLU P 271 24.72 -6.69 42.51
CA GLU P 271 24.54 -5.35 43.08
C GLU P 271 23.64 -5.32 44.32
N ALA P 272 22.44 -5.92 44.18
CA ALA P 272 21.47 -6.10 45.26
C ALA P 272 22.09 -6.82 46.45
N PHE P 273 22.86 -7.88 46.17
CA PHE P 273 23.47 -8.67 47.23
C PHE P 273 24.56 -7.91 47.96
N GLU P 274 25.45 -7.27 47.19
CA GLU P 274 26.55 -6.46 47.75
C GLU P 274 26.03 -5.38 48.70
N ASN P 275 24.92 -4.74 48.30
CA ASN P 275 24.27 -3.73 49.10
C ASN P 275 23.68 -4.29 50.39
N PHE P 276 23.05 -5.46 50.28
CA PHE P 276 22.49 -6.20 51.42
C PHE P 276 23.58 -6.45 52.47
N ILE P 277 24.74 -6.90 51.99
CA ILE P 277 25.90 -7.17 52.84
C ILE P 277 26.53 -5.90 53.45
N LYS P 278 26.74 -4.86 52.63
CA LYS P 278 27.25 -3.58 53.14
C LYS P 278 26.33 -3.03 54.22
N GLU P 279 25.02 -3.14 53.98
CA GLU P 279 24.00 -2.64 54.88
C GLU P 279 24.05 -3.42 56.20
N LEU P 280 24.29 -4.73 56.10
CA LEU P 280 24.46 -5.59 57.27
C LEU P 280 25.75 -5.30 58.03
N GLU P 281 26.83 -5.11 57.29
CA GLU P 281 28.09 -4.66 57.87
C GLU P 281 27.88 -3.39 58.71
N LYS P 282 27.21 -2.38 58.15
CA LYS P 282 26.95 -1.13 58.88
C LYS P 282 26.19 -1.34 60.19
N GLU P 283 25.34 -2.35 60.24
CA GLU P 283 24.58 -2.70 61.44
C GLU P 283 25.39 -3.50 62.47
N GLY P 284 26.63 -3.86 62.11
CA GLY P 284 27.54 -4.48 63.09
C GLY P 284 27.88 -5.95 62.89
N PHE P 285 27.42 -6.53 61.79
CA PHE P 285 27.77 -7.89 61.44
C PHE P 285 29.20 -7.89 60.95
N GLU P 286 29.99 -8.84 61.45
CA GLU P 286 31.30 -9.10 60.89
C GLU P 286 31.20 -9.97 59.65
N ILE P 287 31.81 -9.54 58.56
CA ILE P 287 31.73 -10.25 57.29
C ILE P 287 33.07 -10.92 56.95
N LYS P 288 33.03 -12.25 56.76
CA LYS P 288 34.22 -13.05 56.52
C LYS P 288 34.07 -13.92 55.29
N GLU P 289 35.16 -14.07 54.55
CA GLU P 289 35.20 -15.04 53.46
C GLU P 289 35.36 -16.43 54.06
N VAL P 290 34.55 -17.39 53.64
CA VAL P 290 34.77 -18.77 54.04
C VAL P 290 35.00 -19.66 52.83
N SER P 291 35.50 -20.88 53.10
CA SER P 291 35.65 -21.91 52.08
C SER P 291 34.64 -23.04 52.24
N LEU P 292 34.11 -23.48 51.10
CA LEU P 292 33.33 -24.72 51.02
C LEU P 292 33.85 -25.41 49.78
N PRO P 293 34.97 -26.11 49.93
CA PRO P 293 35.70 -26.61 48.76
C PRO P 293 34.88 -27.53 47.86
N HIS P 294 33.79 -28.08 48.40
CA HIS P 294 32.98 -29.09 47.68
C HIS P 294 31.63 -28.59 47.14
N VAL P 295 31.14 -27.43 47.59
CA VAL P 295 29.81 -26.96 47.14
C VAL P 295 29.56 -27.01 45.64
N LYS P 296 30.57 -26.71 44.84
CA LYS P 296 30.34 -26.68 43.40
C LYS P 296 29.76 -28.01 42.95
N TYR P 297 29.98 -29.05 43.74
CA TYR P 297 29.47 -30.39 43.42
C TYR P 297 28.01 -30.65 43.90
N SER P 298 27.40 -29.68 44.56
CA SER P 298 26.04 -29.81 45.07
C SER P 298 25.01 -30.20 43.99
N ILE P 299 25.10 -29.56 42.84
CA ILE P 299 24.09 -29.72 41.80
C ILE P 299 24.04 -31.13 41.25
N PRO P 300 25.21 -31.68 40.87
CA PRO P 300 25.22 -33.05 40.32
C PRO P 300 24.93 -34.09 41.42
N THR P 301 25.36 -33.82 42.64
CA THR P 301 25.02 -34.65 43.77
C THR P 301 23.50 -34.74 43.92
N TYR P 302 22.84 -33.57 43.86
CA TYR P 302 21.41 -33.46 44.10
C TYR P 302 20.64 -34.10 42.97
N TYR P 303 21.10 -33.91 41.76
CA TYR P 303 20.38 -34.45 40.63
C TYR P 303 20.72 -35.90 40.36
N ILE P 304 21.33 -36.54 41.37
CA ILE P 304 21.41 -37.98 41.43
C ILE P 304 20.54 -38.45 42.58
N ILE P 305 20.73 -37.89 43.75
CA ILE P 305 19.98 -38.31 44.90
C ILE P 305 18.47 -38.11 44.73
N ALA P 306 18.04 -36.90 44.39
CA ALA P 306 16.61 -36.56 44.23
C ALA P 306 15.87 -37.45 43.23
N PRO P 307 16.31 -37.50 41.97
CA PRO P 307 15.68 -38.43 41.03
C PRO P 307 15.68 -39.91 41.49
N SER P 308 16.69 -40.36 42.23
CA SER P 308 16.71 -41.75 42.74
C SER P 308 15.56 -41.98 43.71
N GLU P 309 15.54 -41.21 44.80
CA GLU P 309 14.50 -41.34 45.79
C GLU P 309 13.11 -41.11 45.18
N ALA P 310 13.05 -40.22 44.19
CA ALA P 310 11.84 -39.94 43.45
C ALA P 310 11.31 -41.19 42.76
N SER P 311 12.18 -41.93 42.11
CA SER P 311 11.73 -43.10 41.37
C SER P 311 11.13 -44.15 42.36
N SER P 312 11.72 -44.22 43.55
CA SER P 312 11.24 -45.17 44.53
C SER P 312 9.92 -44.68 45.08
N ASN P 313 9.86 -43.42 45.49
CA ASN P 313 8.65 -42.86 46.10
C ASN P 313 7.47 -42.76 45.15
N LEU P 314 7.73 -42.81 43.85
CA LEU P 314 6.66 -42.69 42.88
C LEU P 314 6.20 -44.03 42.30
N ALA P 315 6.75 -45.13 42.86
CA ALA P 315 6.44 -46.50 42.42
C ALA P 315 5.00 -46.88 42.75
N ARG P 316 4.44 -46.21 43.75
CA ARG P 316 3.12 -46.51 44.26
C ARG P 316 1.95 -46.05 43.39
N TYR P 317 2.21 -45.15 42.45
CA TYR P 317 1.16 -44.61 41.59
C TYR P 317 1.02 -45.54 40.43
N ASP P 318 0.01 -46.40 40.54
CA ASP P 318 -0.08 -47.61 39.70
C ASP P 318 -1.50 -48.03 39.29
N GLY P 319 -2.51 -47.27 39.66
CA GLY P 319 -3.88 -47.58 39.21
C GLY P 319 -4.56 -48.69 40.00
N VAL P 320 -3.94 -49.09 41.10
CA VAL P 320 -4.51 -50.19 41.87
C VAL P 320 -5.39 -49.70 42.98
N ARG P 321 -4.86 -48.91 43.89
CA ARG P 321 -5.60 -48.59 45.10
C ARG P 321 -6.28 -47.22 45.11
N TYR P 322 -5.84 -46.31 44.23
CA TYR P 322 -6.35 -44.93 44.15
C TYR P 322 -5.93 -44.27 42.86
N GLY P 323 -6.49 -43.07 42.62
CA GLY P 323 -6.11 -42.20 41.50
C GLY P 323 -6.40 -42.71 40.11
N TYR P 324 -5.67 -42.14 39.15
CA TYR P 324 -5.87 -42.40 37.74
C TYR P 324 -5.58 -43.83 37.33
N ARG P 325 -6.41 -44.32 36.43
CA ARG P 325 -6.19 -45.59 35.80
C ARG P 325 -6.51 -45.47 34.32
N ALA P 326 -5.55 -45.82 33.47
CA ALA P 326 -5.77 -45.80 32.03
C ALA P 326 -7.05 -46.59 31.66
N LYS P 327 -7.69 -46.16 30.57
CA LYS P 327 -8.93 -46.78 30.12
C LYS P 327 -8.75 -48.09 29.38
N GLU P 328 -7.69 -48.18 28.56
CA GLU P 328 -7.47 -49.41 27.78
C GLU P 328 -6.19 -50.16 28.10
N TYR P 329 -6.35 -51.44 28.38
CA TYR P 329 -5.24 -52.31 28.67
C TYR P 329 -5.58 -53.80 28.57
N LYS P 330 -4.62 -54.59 28.07
CA LYS P 330 -4.81 -56.02 27.83
C LYS P 330 -4.38 -56.90 28.99
N ASP P 331 -3.53 -56.37 29.87
CA ASP P 331 -3.03 -57.09 31.04
C ASP P 331 -2.61 -56.11 32.14
N ILE P 332 -2.27 -56.65 33.29
CA ILE P 332 -1.82 -55.83 34.41
C ILE P 332 -0.58 -54.98 34.06
N PHE P 333 0.32 -55.55 33.24
CA PHE P 333 1.52 -54.82 32.80
C PHE P 333 1.12 -53.56 32.06
N GLU P 334 0.29 -53.70 31.03
CA GLU P 334 -0.18 -52.55 30.29
C GLU P 334 -0.93 -51.61 31.21
N MET P 335 -1.73 -52.16 32.11
CA MET P 335 -2.47 -51.30 33.01
C MET P 335 -1.49 -50.41 33.72
N TYR P 336 -0.43 -51.02 34.26
CA TYR P 336 0.60 -50.32 35.02
C TYR P 336 1.27 -49.27 34.15
N ALA P 337 1.80 -49.71 33.01
CA ALA P 337 2.69 -48.87 32.22
C ALA P 337 1.98 -47.74 31.51
N ARG P 338 0.69 -47.95 31.23
CA ARG P 338 -0.13 -46.94 30.55
C ARG P 338 -0.69 -45.94 31.52
N THR P 339 -1.18 -46.40 32.66
CA THR P 339 -1.62 -45.51 33.72
C THR P 339 -0.52 -44.48 33.98
N ARG P 340 0.73 -44.96 34.06
CA ARG P 340 1.87 -44.13 34.45
C ARG P 340 2.37 -43.21 33.35
N ASP P 341 2.53 -43.73 32.14
CA ASP P 341 2.92 -42.86 31.02
C ASP P 341 1.89 -41.75 30.81
N GLU P 342 0.61 -42.06 31.02
CA GLU P 342 -0.44 -41.10 30.80
C GLU P 342 -0.67 -40.18 31.99
N GLY P 343 -0.38 -40.67 33.19
CA GLY P 343 -0.71 -39.93 34.40
C GLY P 343 0.41 -39.01 34.87
N PHE P 344 1.65 -39.37 34.51
CA PHE P 344 2.85 -38.58 34.88
C PHE P 344 3.24 -37.58 33.78
N GLY P 345 3.56 -36.36 34.22
CA GLY P 345 4.15 -35.32 33.38
C GLY P 345 5.59 -35.60 32.93
N PRO P 346 6.10 -34.79 31.98
CA PRO P 346 7.44 -35.03 31.40
C PRO P 346 8.65 -34.89 32.35
N GLU P 347 8.65 -33.89 33.21
CA GLU P 347 9.79 -33.75 34.12
C GLU P 347 9.80 -34.93 35.09
N VAL P 348 8.61 -35.28 35.58
CA VAL P 348 8.41 -36.43 36.46
C VAL P 348 8.91 -37.72 35.79
N LYS P 349 8.51 -37.93 34.54
CA LYS P 349 8.98 -39.11 33.82
C LYS P 349 10.49 -39.17 33.72
N ARG P 350 11.11 -38.01 33.46
CA ARG P 350 12.58 -37.89 33.33
C ARG P 350 13.33 -38.29 34.59
N ARG P 351 12.82 -37.87 35.74
CA ARG P 351 13.48 -38.17 37.00
C ARG P 351 13.24 -39.61 37.43
N ILE P 352 12.10 -40.16 37.03
CA ILE P 352 11.83 -41.57 37.26
C ILE P 352 12.83 -42.42 36.49
N MET P 353 13.02 -42.12 35.20
CA MET P 353 13.99 -42.86 34.37
C MET P 353 15.41 -42.77 34.95
N LEU P 354 15.84 -41.54 35.18
CA LEU P 354 17.12 -41.27 35.78
C LEU P 354 17.30 -42.04 37.11
N GLY P 355 16.29 -41.99 37.96
CA GLY P 355 16.36 -42.64 39.26
C GLY P 355 16.51 -44.14 39.18
N THR P 356 15.70 -44.78 38.32
CA THR P 356 15.72 -46.22 38.19
C THR P 356 17.07 -46.71 37.67
N PHE P 357 17.74 -45.86 36.90
CA PHE P 357 19.12 -46.08 36.46
C PHE P 357 20.11 -45.95 37.62
N ALA P 358 20.08 -44.80 38.28
CA ALA P 358 20.98 -44.51 39.39
C ALA P 358 20.97 -45.59 40.49
N LEU P 359 19.87 -46.33 40.60
CA LEU P 359 19.71 -47.35 41.64
C LEU P 359 19.95 -48.74 41.09
N SER P 360 20.00 -48.85 39.77
CA SER P 360 20.26 -50.13 39.16
C SER P 360 21.64 -50.69 39.59
N ALA P 361 21.67 -52.00 39.86
CA ALA P 361 22.89 -52.70 40.23
C ALA P 361 23.87 -52.51 39.09
N GLY P 362 25.13 -52.28 39.43
CA GLY P 362 26.10 -52.00 38.41
C GLY P 362 26.35 -50.50 38.28
N TYR P 363 25.36 -49.69 38.62
CA TYR P 363 25.53 -48.25 38.60
C TYR P 363 25.27 -47.59 39.93
N TYR P 364 24.69 -48.33 40.85
CA TYR P 364 24.36 -47.79 42.13
C TYR P 364 25.59 -47.21 42.85
N ASP P 365 26.70 -47.94 42.79
CA ASP P 365 27.97 -47.59 43.46
C ASP P 365 28.55 -46.28 42.95
N ALA P 366 28.53 -46.10 41.64
CA ALA P 366 29.02 -44.91 40.98
C ALA P 366 28.05 -43.70 41.05
N TYR P 367 26.75 -43.96 41.23
CA TYR P 367 25.78 -42.91 41.23
C TYR P 367 25.24 -42.62 42.63
N TYR P 368 24.17 -43.30 43.05
CA TYR P 368 23.53 -43.01 44.32
C TYR P 368 24.49 -43.10 45.51
N LEU P 369 25.20 -44.22 45.63
CA LEU P 369 26.10 -44.39 46.77
C LEU P 369 27.22 -43.32 46.76
N LYS P 370 27.83 -43.13 45.60
CA LYS P 370 28.83 -42.08 45.43
C LYS P 370 28.31 -40.71 45.88
N ALA P 371 27.10 -40.35 45.40
CA ALA P 371 26.46 -39.08 45.69
C ALA P 371 26.21 -38.90 47.17
N GLN P 372 25.88 -39.98 47.85
CA GLN P 372 25.56 -39.90 49.25
C GLN P 372 26.83 -39.71 50.05
N LYS P 373 27.96 -40.08 49.43
CA LYS P 373 29.26 -39.83 50.03
C LYS P 373 29.76 -38.38 49.83
N VAL P 374 29.73 -37.92 48.59
CA VAL P 374 29.99 -36.53 48.26
C VAL P 374 29.11 -35.60 49.06
N ARG P 375 27.89 -36.04 49.37
CA ARG P 375 26.96 -35.29 50.16
C ARG P 375 27.45 -35.12 51.59
N ARG P 376 28.24 -36.08 52.10
CA ARG P 376 28.83 -35.95 53.43
C ARG P 376 30.03 -35.00 53.42
N LEU P 377 30.79 -35.03 52.34
CA LEU P 377 31.86 -34.06 52.12
C LEU P 377 31.31 -32.62 52.19
N ILE P 378 30.24 -32.37 51.45
CA ILE P 378 29.59 -31.07 51.35
C ILE P 378 29.05 -30.66 52.71
N THR P 379 28.45 -31.60 53.42
CA THR P 379 27.90 -31.33 54.72
C THR P 379 29.02 -30.89 55.62
N ASN P 380 30.15 -31.59 55.50
CA ASN P 380 31.32 -31.33 56.32
C ASN P 380 32.00 -29.97 56.05
N ASP P 381 32.08 -29.55 54.78
CA ASP P 381 32.42 -28.17 54.42
C ASP P 381 31.66 -27.21 55.32
N PHE P 382 30.34 -27.37 55.40
CA PHE P 382 29.49 -26.47 56.14
C PHE P 382 29.81 -26.51 57.61
N LEU P 383 29.88 -27.69 58.19
CA LEU P 383 30.13 -27.82 59.64
C LEU P 383 31.43 -27.14 60.07
N LYS P 384 32.41 -27.21 59.18
CA LYS P 384 33.73 -26.61 59.41
C LYS P 384 33.64 -25.08 59.30
N ALA P 385 33.07 -24.61 58.18
CA ALA P 385 32.76 -23.19 58.00
C ALA P 385 31.98 -22.62 59.18
N PHE P 386 31.09 -23.42 59.77
CA PHE P 386 30.26 -22.92 60.87
C PHE P 386 31.05 -22.78 62.15
N GLU P 387 32.30 -23.22 62.11
CA GLU P 387 33.23 -23.09 63.25
C GLU P 387 33.73 -21.64 63.37
N GLU P 388 33.81 -20.97 62.21
CA GLU P 388 34.29 -19.59 62.09
C GLU P 388 33.14 -18.57 62.02
N VAL P 389 31.99 -18.95 61.47
CA VAL P 389 30.89 -17.99 61.18
C VAL P 389 29.55 -18.53 61.66
N ASP P 390 28.52 -17.68 61.71
CA ASP P 390 27.22 -18.10 62.24
C ASP P 390 26.16 -18.39 61.18
N VAL P 391 26.21 -17.65 60.08
CA VAL P 391 25.33 -17.97 58.99
C VAL P 391 26.14 -17.78 57.75
N ILE P 392 25.66 -18.31 56.65
CA ILE P 392 26.34 -18.19 55.41
C ILE P 392 25.36 -17.53 54.45
N ALA P 393 25.83 -16.50 53.76
CA ALA P 393 24.95 -15.68 52.93
C ALA P 393 25.30 -15.77 51.46
N SER P 394 24.28 -15.67 50.63
CA SER P 394 24.46 -15.56 49.21
C SER P 394 23.16 -15.03 48.60
N PRO P 395 23.18 -14.66 47.32
CA PRO P 395 21.90 -14.56 46.63
C PRO P 395 21.15 -15.90 46.72
N THR P 396 19.82 -15.84 46.72
CA THR P 396 19.00 -17.04 46.69
C THR P 396 19.07 -17.65 45.31
N THR P 397 19.22 -16.79 44.32
CA THR P 397 19.08 -17.15 42.92
C THR P 397 20.10 -16.38 42.12
N PRO P 398 20.72 -17.01 41.11
CA PRO P 398 21.68 -16.30 40.30
C PRO P 398 21.06 -15.24 39.38
N THR P 399 19.75 -15.33 39.11
CA THR P 399 19.08 -14.38 38.23
C THR P 399 17.81 -13.80 38.84
N LEU P 400 17.30 -12.76 38.16
CA LEU P 400 15.95 -12.25 38.37
C LEU P 400 14.96 -13.26 37.77
N PRO P 401 13.67 -13.24 38.25
CA PRO P 401 12.56 -13.98 37.67
C PRO P 401 12.63 -14.05 36.16
N PHE P 402 12.72 -15.25 35.61
CA PHE P 402 12.82 -15.39 34.16
C PHE P 402 11.45 -15.57 33.48
N LYS P 403 11.45 -15.64 32.16
CA LYS P 403 10.19 -15.68 31.44
C LYS P 403 9.73 -17.10 31.15
N PHE P 404 8.40 -17.26 30.98
CA PHE P 404 7.78 -18.51 30.61
C PHE P 404 8.44 -19.04 29.35
N GLY P 405 8.62 -20.36 29.29
CA GLY P 405 9.23 -21.00 28.12
C GLY P 405 10.74 -20.86 28.03
N GLU P 406 11.34 -20.09 28.93
CA GLU P 406 12.76 -19.75 28.85
C GLU P 406 13.66 -20.92 29.26
N ARG P 407 13.16 -21.79 30.13
CA ARG P 407 13.95 -22.89 30.65
C ARG P 407 13.23 -24.23 30.46
N LEU P 408 12.44 -24.30 29.40
CA LEU P 408 11.72 -25.51 29.06
C LEU P 408 12.36 -26.22 27.89
N GLU P 409 13.21 -25.51 27.17
CA GLU P 409 13.88 -26.11 26.01
C GLU P 409 14.81 -27.27 26.42
N ASN P 410 15.90 -26.95 27.14
CA ASN P 410 16.73 -27.98 27.75
C ASN P 410 16.39 -28.09 29.25
N PRO P 411 15.94 -29.29 29.68
CA PRO P 411 15.59 -29.52 31.08
C PRO P 411 16.69 -29.01 32.03
N ILE P 412 17.94 -29.11 31.57
CA ILE P 412 19.13 -28.73 32.34
C ILE P 412 19.09 -27.26 32.76
N GLU P 413 18.62 -26.40 31.86
CA GLU P 413 18.52 -24.96 32.13
C GLU P 413 17.62 -24.71 33.32
N MET P 414 16.62 -25.56 33.51
CA MET P 414 15.76 -25.49 34.68
C MET P 414 16.53 -25.85 35.95
N TYR P 415 17.38 -26.87 35.86
CA TYR P 415 18.14 -27.35 37.02
C TYR P 415 19.07 -26.29 37.56
N LEU P 416 19.68 -25.53 36.64
CA LEU P 416 20.62 -24.43 36.95
C LEU P 416 20.04 -23.29 37.80
N SER P 417 18.72 -23.27 37.97
CA SER P 417 18.06 -22.32 38.83
C SER P 417 18.40 -22.58 40.27
N ASP P 418 18.82 -23.82 40.54
CA ASP P 418 18.89 -24.37 41.89
C ASP P 418 20.27 -24.28 42.55
N ILE P 419 21.24 -23.77 41.78
CA ILE P 419 22.66 -23.83 42.14
C ILE P 419 23.01 -23.22 43.48
N LEU P 420 22.21 -22.29 43.96
CA LEU P 420 22.51 -21.69 45.25
C LEU P 420 21.65 -22.21 46.35
N THR P 421 20.67 -23.05 45.99
CA THR P 421 19.64 -23.52 46.94
C THR P 421 19.84 -24.96 47.44
N VAL P 422 20.31 -25.84 46.56
CA VAL P 422 20.39 -27.27 46.86
C VAL P 422 21.42 -27.53 47.96
N PRO P 423 22.50 -26.75 48.09
CA PRO P 423 23.46 -27.10 49.15
C PRO P 423 22.81 -27.23 50.52
N ALA P 424 21.85 -26.39 50.86
CA ALA P 424 21.26 -26.49 52.19
C ALA P 424 20.38 -27.77 52.41
N ASN P 425 19.77 -28.29 51.35
CA ASN P 425 19.03 -29.57 51.47
C ASN P 425 19.97 -30.75 51.68
N LEU P 426 21.05 -30.78 50.89
CA LEU P 426 22.10 -31.76 51.02
C LEU P 426 22.61 -31.82 52.42
N ALA P 427 22.90 -30.69 53.02
CA ALA P 427 23.49 -30.72 54.35
C ALA P 427 22.44 -30.84 55.44
N GLY P 428 21.17 -30.89 55.02
CA GLY P 428 20.05 -30.92 55.94
C GLY P 428 19.88 -29.68 56.81
N LEU P 429 20.40 -28.54 56.33
CA LEU P 429 20.46 -27.29 57.09
C LEU P 429 19.20 -26.38 56.93
N PRO P 430 18.84 -25.58 57.93
CA PRO P 430 17.85 -24.54 57.71
C PRO P 430 18.34 -23.47 56.72
N ALA P 431 17.42 -22.89 55.94
CA ALA P 431 17.80 -21.84 55.00
C ALA P 431 16.60 -20.93 54.71
N ILE P 432 16.85 -19.63 54.73
CA ILE P 432 15.79 -18.65 54.51
C ILE P 432 16.07 -17.80 53.30
N SER P 433 15.02 -17.45 52.56
CA SER P 433 15.12 -16.42 51.51
C SER P 433 14.34 -15.19 51.92
N ILE P 434 15.03 -14.05 51.96
CA ILE P 434 14.39 -12.79 52.35
C ILE P 434 14.62 -11.74 51.28
N PRO P 435 13.58 -10.93 51.01
CA PRO P 435 13.63 -9.96 49.91
C PRO P 435 14.59 -8.80 50.22
N ILE P 436 15.51 -8.54 49.31
CA ILE P 436 16.64 -7.61 49.58
C ILE P 436 16.66 -6.33 48.71
N ALA P 437 16.01 -6.40 47.56
CA ALA P 437 15.92 -5.28 46.64
C ALA P 437 14.83 -5.56 45.60
N TRP P 438 14.53 -4.54 44.80
CA TRP P 438 13.72 -4.69 43.61
C TRP P 438 14.52 -4.08 42.49
N LYS P 439 14.76 -4.85 41.45
CA LYS P 439 15.67 -4.44 40.39
C LYS P 439 14.94 -4.63 39.09
N ASP P 440 14.80 -3.52 38.34
CA ASP P 440 14.03 -3.50 37.10
C ASP P 440 12.61 -4.01 37.29
N GLY P 441 12.05 -3.69 38.46
CA GLY P 441 10.66 -4.06 38.78
C GLY P 441 10.45 -5.43 39.42
N LEU P 442 11.52 -6.20 39.59
CA LEU P 442 11.41 -7.58 40.03
C LEU P 442 12.09 -7.78 41.36
N PRO P 443 11.51 -8.61 42.25
CA PRO P 443 12.14 -8.89 43.53
C PRO P 443 13.45 -9.66 43.41
N VAL P 444 14.32 -9.46 44.40
CA VAL P 444 15.57 -10.21 44.54
C VAL P 444 15.61 -10.70 45.98
N GLY P 445 15.94 -11.99 46.13
CA GLY P 445 16.08 -12.63 47.44
C GLY P 445 17.51 -12.80 47.91
N GLY P 446 17.72 -12.53 49.18
CA GLY P 446 18.98 -12.84 49.83
C GLY P 446 18.78 -14.08 50.68
N GLN P 447 19.75 -15.00 50.62
CA GLN P 447 19.65 -16.26 51.34
C GLN P 447 20.60 -16.31 52.51
N LEU P 448 20.09 -16.81 53.63
CA LEU P 448 20.95 -17.11 54.76
C LEU P 448 20.80 -18.58 55.14
N ILE P 449 21.94 -19.29 55.23
CA ILE P 449 21.99 -20.70 55.63
C ILE P 449 22.47 -20.77 57.06
N GLY P 450 21.71 -21.42 57.92
CA GLY P 450 22.06 -21.53 59.34
C GLY P 450 22.52 -22.93 59.76
N LYS P 451 22.98 -23.04 61.00
CA LYS P 451 23.39 -24.30 61.61
C LYS P 451 22.15 -25.16 61.85
N HIS P 452 22.36 -26.48 61.95
CA HIS P 452 21.30 -27.41 62.33
C HIS P 452 20.62 -26.86 63.56
N TRP P 453 19.30 -26.72 63.48
CA TRP P 453 18.43 -26.35 64.60
C TRP P 453 18.45 -24.85 64.91
N ASP P 454 19.15 -24.08 64.09
CA ASP P 454 19.31 -22.64 64.32
C ASP P 454 18.41 -21.76 63.42
N GLU P 455 17.13 -22.10 63.38
CA GLU P 455 16.16 -21.33 62.62
C GLU P 455 15.98 -19.97 63.29
N THR P 456 16.18 -19.92 64.59
CA THR P 456 16.08 -18.69 65.34
C THR P 456 16.91 -17.57 64.68
N THR P 457 18.20 -17.83 64.54
CA THR P 457 19.14 -16.84 64.04
C THR P 457 18.71 -16.35 62.66
N LEU P 458 18.43 -17.30 61.78
CA LEU P 458 17.89 -17.00 60.46
C LEU P 458 16.68 -16.10 60.54
N LEU P 459 15.84 -16.33 61.55
CA LEU P 459 14.61 -15.55 61.71
C LEU P 459 14.91 -14.14 62.25
N GLN P 460 15.81 -14.07 63.23
CA GLN P 460 16.22 -12.79 63.80
C GLN P 460 16.79 -11.85 62.75
N ILE P 461 17.78 -12.30 61.98
CA ILE P 461 18.34 -11.46 60.91
C ILE P 461 17.26 -11.05 59.90
N SER P 462 16.29 -11.94 59.68
CA SER P 462 15.18 -11.65 58.79
C SER P 462 14.32 -10.51 59.34
N TYR P 463 14.10 -10.53 60.65
CA TYR P 463 13.36 -9.45 61.31
C TYR P 463 14.15 -8.15 61.29
N LEU P 464 15.44 -8.25 61.60
CA LEU P 464 16.32 -7.08 61.59
C LEU P 464 16.32 -6.39 60.22
N TRP P 465 16.27 -7.20 59.16
CA TRP P 465 16.39 -6.70 57.81
C TRP P 465 15.13 -5.93 57.39
N GLU P 466 13.97 -6.46 57.79
CA GLU P 466 12.69 -5.92 57.32
C GLU P 466 12.42 -4.54 57.93
N GLN P 467 12.99 -4.33 59.12
CA GLN P 467 13.04 -3.02 59.76
C GLN P 467 13.77 -1.99 58.90
N LYS P 468 14.95 -2.36 58.41
CA LYS P 468 15.70 -1.47 57.52
C LYS P 468 15.02 -1.38 56.18
N PHE P 469 14.44 -2.52 55.76
CA PHE P 469 13.85 -2.52 54.44
C PHE P 469 12.51 -3.24 54.43
N LYS P 470 11.45 -2.41 54.32
CA LYS P 470 10.07 -2.85 54.53
C LYS P 470 9.42 -3.40 53.26
N HIS P 471 9.82 -4.61 52.89
CA HIS P 471 9.41 -5.26 51.64
C HIS P 471 7.93 -5.69 51.68
N TYR P 472 7.38 -5.73 52.89
CA TYR P 472 5.98 -6.14 53.08
C TYR P 472 4.97 -5.10 52.65
N GLU P 473 5.47 -3.89 52.35
CA GLU P 473 4.63 -2.78 51.86
C GLU P 473 4.53 -2.80 50.35
N LYS P 474 5.49 -3.45 49.69
CA LYS P 474 5.45 -3.62 48.24
C LYS P 474 4.37 -4.66 47.85
N ILE P 475 3.20 -4.16 47.43
CA ILE P 475 2.07 -5.03 47.09
C ILE P 475 1.75 -4.95 45.60
N PRO P 476 1.81 -6.10 44.89
CA PRO P 476 1.59 -6.06 43.46
C PRO P 476 0.10 -6.07 43.14
N LEU P 477 -0.22 -5.93 41.85
CA LEU P 477 -1.61 -5.90 41.38
C LEU P 477 -2.51 -4.99 42.21
N THR P 478 -2.04 -3.75 42.36
CA THR P 478 -2.77 -2.61 42.95
C THR P 478 -3.28 -2.87 44.37
N GLU Q 3 24.30 -95.32 45.12
CA GLU Q 3 24.10 -94.15 44.23
C GLU Q 3 25.40 -93.35 44.00
N LYS Q 4 25.63 -92.99 42.74
CA LYS Q 4 26.80 -92.21 42.30
C LYS Q 4 26.74 -90.75 42.74
N TYR Q 5 25.52 -90.23 42.95
CA TYR Q 5 25.31 -88.79 43.17
C TYR Q 5 25.08 -88.33 44.60
N GLU Q 6 24.97 -87.02 44.74
CA GLU Q 6 24.78 -86.34 46.01
C GLU Q 6 23.80 -85.18 45.78
N ALA Q 7 22.93 -84.95 46.75
CA ALA Q 7 21.99 -83.84 46.68
C ALA Q 7 22.51 -82.68 47.49
N VAL Q 8 22.46 -81.49 46.88
CA VAL Q 8 22.75 -80.23 47.56
C VAL Q 8 21.44 -79.43 47.59
N ILE Q 9 20.94 -79.22 48.81
CA ILE Q 9 19.63 -78.66 49.01
C ILE Q 9 19.70 -77.47 49.97
N GLY Q 10 19.09 -76.36 49.54
CA GLY Q 10 18.95 -75.20 50.40
C GLY Q 10 17.52 -74.67 50.48
N LEU Q 11 17.21 -74.03 51.58
CA LEU Q 11 15.87 -73.49 51.83
C LEU Q 11 15.86 -72.00 52.18
N GLU Q 12 14.86 -71.30 51.66
CA GLU Q 12 14.56 -69.91 51.99
C GLU Q 12 13.23 -69.95 52.68
N ILE Q 13 13.23 -69.64 53.96
CA ILE Q 13 12.04 -69.73 54.79
C ILE Q 13 11.59 -68.34 55.25
N HIS Q 14 10.32 -68.01 55.06
CA HIS Q 14 9.77 -66.79 55.62
C HIS Q 14 8.89 -67.19 56.78
N VAL Q 15 9.08 -66.54 57.91
CA VAL Q 15 8.38 -66.91 59.14
C VAL Q 15 7.63 -65.69 59.67
N GLN Q 16 6.32 -65.84 59.84
CA GLN Q 16 5.46 -64.80 60.35
C GLN Q 16 5.64 -64.66 61.84
N MET Q 17 5.81 -63.43 62.29
CA MET Q 17 6.04 -63.18 63.70
C MET Q 17 4.72 -62.98 64.42
N ASP Q 18 4.60 -63.61 65.57
CA ASP Q 18 3.39 -63.56 66.38
C ASP Q 18 3.34 -62.26 67.16
N THR Q 19 3.29 -61.16 66.42
CA THR Q 19 3.11 -59.84 67.03
C THR Q 19 1.62 -59.47 66.95
N LYS Q 20 1.18 -58.53 67.77
CA LYS Q 20 -0.18 -58.00 67.69
C LYS Q 20 -0.35 -57.18 66.43
N THR Q 21 0.74 -56.53 66.04
CA THR Q 21 0.71 -55.42 65.08
C THR Q 21 1.63 -55.62 63.88
N LYS Q 22 1.36 -54.90 62.79
CA LYS Q 22 2.21 -55.01 61.60
C LYS Q 22 3.67 -54.52 61.81
N MET Q 23 4.55 -54.75 60.84
CA MET Q 23 5.95 -54.36 60.93
C MET Q 23 6.14 -52.82 61.03
N PHE Q 24 5.40 -52.09 60.18
CA PHE Q 24 5.66 -50.68 59.96
C PHE Q 24 4.50 -49.74 60.25
N CYS Q 25 3.47 -50.26 60.95
CA CYS Q 25 2.24 -49.51 61.27
C CYS Q 25 1.44 -50.28 62.31
N GLY Q 26 0.47 -49.63 62.92
CA GLY Q 26 -0.19 -50.20 64.11
C GLY Q 26 -1.45 -51.02 63.86
N CYS Q 27 -1.76 -51.32 62.60
CA CYS Q 27 -2.86 -52.25 62.30
C CYS Q 27 -2.62 -53.66 62.87
N LYS Q 28 -3.71 -54.38 63.12
CA LYS Q 28 -3.66 -55.69 63.74
C LYS Q 28 -3.26 -56.76 62.76
N VAL Q 29 -2.53 -57.73 63.28
CA VAL Q 29 -2.26 -58.97 62.57
C VAL Q 29 -3.25 -59.99 63.12
N GLU Q 30 -4.12 -60.51 62.26
CA GLU Q 30 -5.04 -61.59 62.65
C GLU Q 30 -5.46 -62.45 61.47
N PHE Q 31 -5.79 -63.72 61.74
CA PHE Q 31 -6.15 -64.63 60.66
C PHE Q 31 -7.62 -64.55 60.27
N GLY Q 32 -7.87 -64.56 58.97
CA GLY Q 32 -9.21 -64.59 58.38
C GLY Q 32 -10.17 -63.47 58.73
N ALA Q 33 -9.69 -62.23 58.87
CA ALA Q 33 -10.63 -61.11 59.04
C ALA Q 33 -11.28 -60.75 57.70
N GLU Q 34 -12.18 -59.77 57.73
CA GLU Q 34 -12.88 -59.24 56.55
C GLU Q 34 -11.98 -58.43 55.62
N PRO Q 35 -12.04 -58.68 54.32
CA PRO Q 35 -11.05 -58.15 53.36
C PRO Q 35 -10.83 -56.67 53.54
N ASN Q 36 -9.55 -56.25 53.62
CA ASN Q 36 -9.17 -54.84 53.71
C ASN Q 36 -9.80 -54.10 54.91
N THR Q 37 -9.81 -54.71 56.10
CA THR Q 37 -10.33 -53.97 57.26
C THR Q 37 -9.25 -53.65 58.27
N ASN Q 38 -8.17 -54.45 58.26
CA ASN Q 38 -7.00 -54.15 59.09
C ASN Q 38 -5.93 -53.38 58.32
N VAL Q 39 -6.29 -52.17 57.94
CA VAL Q 39 -5.62 -51.50 56.87
C VAL Q 39 -5.54 -50.00 57.23
N CYS Q 40 -4.51 -49.31 56.72
CA CYS Q 40 -4.27 -47.91 57.05
C CYS Q 40 -3.41 -47.30 55.96
N PRO Q 41 -3.18 -45.97 56.02
CA PRO Q 41 -2.48 -45.28 54.91
C PRO Q 41 -1.04 -45.77 54.70
N VAL Q 42 -0.38 -46.15 55.80
CA VAL Q 42 0.98 -46.70 55.74
C VAL Q 42 0.97 -47.99 54.98
N CYS Q 43 0.26 -48.98 55.51
CA CYS Q 43 0.26 -50.30 54.91
C CYS Q 43 -0.50 -50.36 53.61
N LEU Q 44 -1.28 -49.33 53.29
CA LEU Q 44 -1.98 -49.29 52.00
C LEU Q 44 -1.17 -48.68 50.88
N GLY Q 45 0.01 -48.15 51.26
CA GLY Q 45 0.93 -47.51 50.34
C GLY Q 45 0.32 -46.26 49.75
N MET Q 46 -0.28 -45.48 50.63
CA MET Q 46 -0.95 -44.27 50.22
C MET Q 46 0.05 -43.10 50.16
N PRO Q 47 -0.23 -42.07 49.32
CA PRO Q 47 0.75 -41.00 49.21
C PRO Q 47 0.88 -40.29 50.55
N GLY Q 48 2.14 -39.98 50.93
CA GLY Q 48 2.45 -39.24 52.13
C GLY Q 48 2.59 -40.08 53.37
N ALA Q 49 2.42 -41.39 53.25
CA ALA Q 49 2.43 -42.30 54.40
C ALA Q 49 3.84 -42.80 54.81
N LEU Q 50 4.13 -42.89 56.11
CA LEU Q 50 5.49 -43.24 56.56
C LEU Q 50 5.58 -44.43 57.52
N PRO Q 51 6.61 -45.31 57.30
CA PRO Q 51 6.90 -46.52 58.12
C PRO Q 51 7.51 -46.22 59.44
N ILE Q 52 6.99 -46.84 60.49
CA ILE Q 52 7.54 -46.77 61.85
C ILE Q 52 7.76 -48.20 62.36
N VAL Q 53 8.98 -48.50 62.75
CA VAL Q 53 9.40 -49.84 63.13
C VAL Q 53 8.74 -50.40 64.40
N ASN Q 54 8.21 -51.62 64.29
CA ASN Q 54 7.67 -52.39 65.43
C ASN Q 54 8.80 -52.93 66.35
N LYS Q 55 8.81 -52.48 67.59
CA LYS Q 55 9.85 -52.88 68.54
C LYS Q 55 9.84 -54.37 68.85
N ARG Q 56 8.65 -54.92 69.15
CA ARG Q 56 8.53 -56.36 69.43
C ARG Q 56 8.95 -57.18 68.23
N ALA Q 57 8.56 -56.72 67.04
CA ALA Q 57 9.05 -57.38 65.85
C ALA Q 57 10.59 -57.45 65.84
N VAL Q 58 11.26 -56.43 66.38
CA VAL Q 58 12.71 -56.42 66.39
C VAL Q 58 13.25 -57.38 67.48
N GLU Q 59 12.66 -57.31 68.67
CA GLU Q 59 13.03 -58.17 69.79
C GLU Q 59 12.91 -59.66 69.43
N TYR Q 60 11.84 -60.01 68.70
CA TYR Q 60 11.58 -61.38 68.34
C TYR Q 60 12.58 -61.87 67.34
N ALA Q 61 12.97 -61.02 66.40
CA ALA Q 61 13.87 -61.45 65.34
C ALA Q 61 15.28 -61.65 65.88
N ILE Q 62 15.57 -60.99 67.00
CA ILE Q 62 16.85 -61.12 67.67
C ILE Q 62 16.83 -62.46 68.38
N ARG Q 63 15.76 -62.70 69.14
CA ARG Q 63 15.59 -63.93 69.92
C ARG Q 63 15.70 -65.13 68.96
N ALA Q 64 14.99 -65.02 67.84
CA ALA Q 64 15.06 -66.04 66.82
C ALA Q 64 16.50 -66.24 66.39
N SER Q 65 17.22 -65.14 66.19
CA SER Q 65 18.59 -65.15 65.69
C SER Q 65 19.55 -65.89 66.61
N LEU Q 66 19.43 -65.61 67.89
CA LEU Q 66 20.22 -66.22 68.93
C LEU Q 66 19.91 -67.71 69.08
N ALA Q 67 18.62 -68.08 69.06
CA ALA Q 67 18.21 -69.48 69.11
C ALA Q 67 18.71 -70.27 67.93
N LEU Q 68 18.90 -69.61 66.80
CA LEU Q 68 19.56 -70.23 65.66
C LEU Q 68 21.07 -70.00 65.71
N ASN Q 69 21.59 -69.60 66.86
CA ASN Q 69 23.05 -69.48 67.08
C ASN Q 69 23.78 -68.54 66.10
N CYS Q 70 23.05 -67.55 65.60
CA CYS Q 70 23.56 -66.58 64.66
C CYS Q 70 24.36 -65.52 65.40
N GLU Q 71 25.25 -64.85 64.65
CA GLU Q 71 25.88 -63.61 65.10
C GLU Q 71 24.88 -62.47 64.82
N VAL Q 72 24.49 -61.75 65.87
CA VAL Q 72 23.58 -60.60 65.74
C VAL Q 72 24.38 -59.31 65.60
N HIS Q 73 24.18 -58.64 64.47
CA HIS Q 73 24.91 -57.42 64.13
C HIS Q 73 24.29 -56.17 64.71
N GLU Q 74 25.15 -55.39 65.36
CA GLU Q 74 24.75 -54.23 66.12
C GLU Q 74 24.06 -53.19 65.22
N GLU Q 75 24.42 -53.17 63.94
CA GLU Q 75 23.86 -52.21 63.03
C GLU Q 75 23.43 -52.90 61.74
N SER Q 76 22.13 -52.83 61.44
CA SER Q 76 21.59 -53.28 60.14
C SER Q 76 20.68 -52.22 59.54
N VAL Q 77 20.37 -52.38 58.27
CA VAL Q 77 19.74 -51.36 57.49
C VAL Q 77 18.64 -51.96 56.68
N PHE Q 78 17.43 -51.42 56.86
CA PHE Q 78 16.27 -51.68 56.02
C PHE Q 78 16.46 -51.09 54.64
N ALA Q 79 16.28 -51.90 53.62
CA ALA Q 79 16.47 -51.49 52.23
C ALA Q 79 15.17 -51.66 51.46
N ARG Q 80 15.07 -51.04 50.29
CA ARG Q 80 13.86 -51.06 49.54
C ARG Q 80 14.01 -52.01 48.40
N LYS Q 81 13.11 -52.98 48.33
CA LYS Q 81 13.13 -53.96 47.26
C LYS Q 81 11.98 -53.70 46.29
N HIS Q 82 12.33 -53.26 45.09
CA HIS Q 82 11.36 -52.83 44.11
C HIS Q 82 10.92 -53.96 43.21
N TYR Q 83 9.58 -54.14 43.12
CA TYR Q 83 8.91 -54.87 42.00
C TYR Q 83 7.45 -54.40 41.87
N PHE Q 84 6.91 -54.46 40.65
CA PHE Q 84 5.51 -54.12 40.44
C PHE Q 84 4.57 -55.34 40.50
N TYR Q 85 3.71 -55.37 41.52
CA TYR Q 85 2.74 -56.45 41.70
C TYR Q 85 1.57 -56.01 42.62
N PRO Q 86 0.32 -56.31 42.19
CA PRO Q 86 -0.94 -55.90 42.79
C PRO Q 86 -1.05 -56.09 44.29
N ASP Q 87 -0.37 -57.08 44.85
CA ASP Q 87 -0.43 -57.29 46.29
C ASP Q 87 0.67 -56.57 47.04
N LEU Q 88 1.45 -55.78 46.31
CA LEU Q 88 2.53 -55.00 46.89
C LEU Q 88 2.31 -53.48 46.70
N PRO Q 89 1.70 -52.87 47.73
CA PRO Q 89 1.17 -51.51 47.71
C PRO Q 89 2.15 -50.38 47.35
N LYS Q 90 3.37 -50.38 47.87
CA LYS Q 90 4.30 -49.26 47.60
C LYS Q 90 5.10 -49.38 46.32
N GLY Q 91 5.13 -50.56 45.72
CA GLY Q 91 5.96 -50.76 44.54
C GLY Q 91 7.36 -51.21 44.99
N TYR Q 92 7.48 -51.36 46.30
CA TYR Q 92 8.66 -51.94 46.90
C TYR Q 92 8.31 -52.64 48.22
N GLN Q 93 9.14 -53.62 48.58
CA GLN Q 93 9.06 -54.23 49.88
C GLN Q 93 10.24 -53.73 50.70
N ILE Q 94 9.97 -53.29 51.92
CA ILE Q 94 11.01 -52.93 52.84
C ILE Q 94 11.56 -54.21 53.48
N SER Q 95 12.78 -54.62 53.12
CA SER Q 95 13.48 -55.64 53.92
C SER Q 95 14.90 -55.24 54.29
N GLN Q 96 15.82 -56.19 54.34
CA GLN Q 96 17.23 -55.92 54.53
C GLN Q 96 17.98 -56.65 53.44
N TYR Q 97 19.18 -56.15 53.11
CA TYR Q 97 19.95 -56.65 51.97
C TYR Q 97 21.40 -56.95 52.39
N GLU Q 98 22.37 -56.10 51.99
CA GLU Q 98 23.64 -56.00 52.71
C GLU Q 98 23.35 -55.38 54.05
N LYS Q 99 24.02 -55.86 55.08
CA LYS Q 99 23.70 -55.46 56.44
C LYS Q 99 22.32 -56.01 56.91
N PRO Q 100 22.14 -57.34 56.85
CA PRO Q 100 21.02 -58.01 57.53
C PRO Q 100 21.29 -58.10 58.99
N LEU Q 101 20.26 -58.43 59.76
CA LEU Q 101 20.33 -58.43 61.22
C LEU Q 101 21.29 -59.45 61.82
N ALA Q 102 21.22 -60.69 61.33
CA ALA Q 102 22.02 -61.80 61.83
C ALA Q 102 22.56 -62.67 60.73
N THR Q 103 23.62 -63.39 61.06
CA THR Q 103 24.47 -64.04 60.06
C THR Q 103 25.23 -65.19 60.77
N ASN Q 104 25.71 -66.17 59.99
CA ASN Q 104 26.57 -67.25 60.54
C ASN Q 104 25.98 -68.01 61.77
N GLY Q 105 24.85 -68.69 61.57
CA GLY Q 105 24.27 -69.55 62.60
C GLY Q 105 24.11 -71.00 62.15
N TRP Q 106 23.56 -71.83 63.03
CA TRP Q 106 23.46 -73.23 62.71
C TRP Q 106 22.26 -73.88 63.41
N VAL Q 107 21.64 -74.83 62.73
CA VAL Q 107 20.63 -75.69 63.34
C VAL Q 107 21.10 -77.15 63.38
N GLU Q 108 20.98 -77.78 64.56
CA GLU Q 108 21.35 -79.19 64.72
C GLU Q 108 20.19 -80.14 64.46
N LEU Q 109 20.38 -81.01 63.48
CA LEU Q 109 19.43 -82.09 63.21
C LEU Q 109 19.77 -83.45 63.86
N ASN Q 110 18.75 -84.12 64.39
CA ASN Q 110 18.87 -85.50 64.83
C ASN Q 110 18.31 -86.43 63.78
N LEU Q 111 19.18 -87.31 63.29
CA LEU Q 111 18.85 -88.17 62.16
C LEU Q 111 18.25 -89.47 62.66
N PRO Q 112 17.42 -90.12 61.82
CA PRO Q 112 16.70 -91.32 62.27
C PRO Q 112 17.66 -92.49 62.46
N ASN Q 113 18.88 -92.38 61.93
CA ASN Q 113 19.86 -93.46 61.98
C ASN Q 113 20.83 -93.35 63.15
N GLY Q 114 20.57 -92.40 64.04
CA GLY Q 114 21.41 -92.22 65.22
C GLY Q 114 22.05 -90.85 65.31
N GLU Q 115 22.58 -90.36 64.19
CA GLU Q 115 23.62 -89.32 64.22
C GLU Q 115 23.12 -87.89 64.09
N LYS Q 116 23.91 -86.96 64.63
CA LYS Q 116 23.59 -85.55 64.60
C LYS Q 116 24.35 -84.83 63.48
N LYS Q 117 23.63 -83.99 62.75
CA LYS Q 117 24.17 -83.25 61.61
C LYS Q 117 23.87 -81.75 61.81
N LYS Q 118 24.63 -80.89 61.13
CA LYS Q 118 24.42 -79.42 61.21
C LYS Q 118 24.06 -78.79 59.89
N VAL Q 119 23.04 -77.94 59.91
CA VAL Q 119 22.67 -77.08 58.78
C VAL Q 119 22.94 -75.61 59.15
N ARG Q 120 23.73 -74.93 58.32
CA ARG Q 120 24.11 -73.55 58.58
C ARG Q 120 23.01 -72.60 58.16
N ILE Q 121 22.71 -71.68 59.04
CA ILE Q 121 21.91 -70.50 58.71
C ILE Q 121 22.82 -69.39 58.15
N ARG Q 122 22.63 -69.08 56.88
CA ARG Q 122 23.37 -68.03 56.18
C ARG Q 122 23.01 -66.63 56.69
N ARG Q 123 21.70 -66.33 56.79
CA ARG Q 123 21.20 -65.03 57.24
C ARG Q 123 19.79 -65.09 57.88
N LEU Q 124 19.53 -64.15 58.76
CA LEU Q 124 18.20 -63.87 59.19
C LEU Q 124 17.99 -62.35 59.07
N HIS Q 125 17.03 -61.95 58.26
CA HIS Q 125 16.67 -60.56 58.20
C HIS Q 125 15.17 -60.26 58.39
N ILE Q 126 14.89 -59.02 58.82
CA ILE Q 126 13.53 -58.53 59.07
C ILE Q 126 12.94 -57.95 57.83
N GLU Q 127 11.69 -58.29 57.56
CA GLU Q 127 10.98 -57.77 56.38
C GLU Q 127 9.44 -57.78 56.54
N GLU Q 128 8.74 -57.06 55.68
CA GLU Q 128 7.30 -56.94 55.77
C GLU Q 128 6.67 -57.77 54.66
N ASP Q 129 5.45 -58.27 54.93
CA ASP Q 129 4.76 -59.13 53.99
C ASP Q 129 3.94 -58.32 52.99
N ALA Q 130 3.72 -58.88 51.82
CA ALA Q 130 2.74 -58.41 50.87
C ALA Q 130 1.32 -58.87 51.29
N GLY Q 131 0.30 -58.49 50.52
CA GLY Q 131 -1.06 -58.96 50.80
C GLY Q 131 -1.36 -60.20 49.97
N LYS Q 132 -2.66 -60.55 49.88
CA LYS Q 132 -3.06 -61.77 49.18
C LYS Q 132 -3.96 -61.50 47.96
N ASN Q 133 -3.76 -62.26 46.91
CA ASN Q 133 -4.63 -62.22 45.75
C ASN Q 133 -5.63 -63.37 45.69
N ILE Q 134 -6.87 -63.07 45.30
CA ILE Q 134 -7.88 -64.08 44.91
C ILE Q 134 -8.22 -63.86 43.44
N HIS Q 135 -8.16 -64.90 42.63
CA HIS Q 135 -8.61 -64.79 41.24
C HIS Q 135 -10.08 -65.19 41.14
N GLU Q 136 -10.85 -64.41 40.40
CA GLU Q 136 -12.27 -64.63 40.22
C GLU Q 136 -12.65 -64.17 38.82
N GLY Q 137 -12.71 -65.10 37.89
CA GLY Q 137 -13.08 -64.75 36.53
C GLY Q 137 -11.90 -64.14 35.81
N ASP Q 138 -12.14 -63.06 35.06
CA ASP Q 138 -11.03 -62.33 34.41
C ASP Q 138 -10.43 -61.19 35.27
N LYS Q 139 -10.64 -61.26 36.58
CA LYS Q 139 -10.16 -60.25 37.51
C LYS Q 139 -9.40 -60.86 38.70
N THR Q 140 -8.48 -60.10 39.28
CA THR Q 140 -7.85 -60.46 40.56
C THR Q 140 -8.40 -59.56 41.66
N LEU Q 141 -8.69 -60.12 42.82
CA LEU Q 141 -9.22 -59.33 43.91
C LEU Q 141 -8.16 -59.29 45.00
N VAL Q 142 -7.85 -58.08 45.44
CA VAL Q 142 -6.70 -57.86 46.29
C VAL Q 142 -7.10 -57.49 47.69
N ASP Q 143 -6.72 -58.32 48.64
CA ASP Q 143 -6.91 -58.01 50.05
C ASP Q 143 -5.55 -57.67 50.64
N LEU Q 144 -5.44 -56.51 51.26
CA LEU Q 144 -4.19 -56.05 51.83
C LEU Q 144 -4.16 -56.12 53.35
N ASN Q 145 -5.01 -56.93 53.99
CA ASN Q 145 -4.87 -57.13 55.46
C ASN Q 145 -3.49 -57.65 55.90
N ARG Q 146 -2.82 -58.37 55.00
CA ARG Q 146 -1.57 -59.07 55.31
C ARG Q 146 -0.32 -58.25 54.92
N ALA Q 147 -0.46 -57.34 53.94
CA ALA Q 147 0.59 -56.34 53.63
C ALA Q 147 1.15 -55.64 54.87
N GLY Q 148 2.46 -55.78 55.11
CA GLY Q 148 3.15 -55.10 56.18
C GLY Q 148 3.30 -55.93 57.43
N THR Q 149 2.87 -57.18 57.36
CA THR Q 149 3.01 -58.16 58.45
C THR Q 149 4.48 -58.54 58.58
N PRO Q 150 4.99 -58.63 59.81
CA PRO Q 150 6.42 -58.86 59.98
C PRO Q 150 6.84 -60.29 59.69
N LEU Q 151 7.90 -60.40 58.89
CA LEU Q 151 8.52 -61.70 58.58
C LEU Q 151 10.00 -61.76 58.97
N MET Q 152 10.45 -62.96 59.32
CA MET Q 152 11.87 -63.26 59.42
C MET Q 152 12.16 -64.00 58.17
N GLU Q 153 13.05 -63.49 57.33
CA GLU Q 153 13.45 -64.28 56.20
C GLU Q 153 14.68 -65.04 56.61
N ILE Q 154 14.64 -66.36 56.49
CA ILE Q 154 15.74 -67.23 56.93
C ILE Q 154 16.33 -68.00 55.76
N VAL Q 155 17.61 -67.78 55.50
CA VAL Q 155 18.27 -68.47 54.38
C VAL Q 155 19.32 -69.47 54.89
N THR Q 156 19.26 -70.66 54.33
CA THR Q 156 20.10 -71.76 54.73
C THR Q 156 21.28 -71.84 53.77
N GLU Q 157 22.46 -72.22 54.26
CA GLU Q 157 23.53 -72.67 53.36
C GLU Q 157 23.10 -74.00 52.74
N PRO Q 158 23.66 -74.36 51.56
CA PRO Q 158 23.14 -75.58 50.93
C PRO Q 158 23.70 -76.89 51.55
N ASP Q 159 23.50 -77.07 52.85
CA ASP Q 159 24.07 -78.15 53.64
C ASP Q 159 23.20 -79.41 53.75
N ILE Q 160 21.94 -79.26 53.36
CA ILE Q 160 20.97 -80.33 53.42
C ILE Q 160 21.23 -81.29 52.26
N ARG Q 161 21.18 -82.58 52.56
CA ARG Q 161 21.62 -83.63 51.65
C ARG Q 161 20.50 -84.56 51.22
N THR Q 162 19.40 -84.53 51.96
CA THR Q 162 18.30 -85.50 51.76
C THR Q 162 16.87 -84.94 51.97
N PRO Q 163 15.89 -85.39 51.14
CA PRO Q 163 14.48 -85.03 51.34
C PRO Q 163 14.03 -85.14 52.81
N GLU Q 164 14.37 -86.23 53.47
CA GLU Q 164 14.02 -86.43 54.85
C GLU Q 164 14.62 -85.33 55.72
N GLU Q 165 15.91 -85.02 55.48
CA GLU Q 165 16.63 -83.94 56.17
C GLU Q 165 15.97 -82.59 55.99
N ALA Q 166 15.50 -82.32 54.77
CA ALA Q 166 14.78 -81.10 54.48
C ALA Q 166 13.60 -80.94 55.44
N ARG Q 167 12.76 -81.97 55.51
CA ARG Q 167 11.61 -81.98 56.42
C ARG Q 167 12.04 -81.89 57.87
N LEU Q 168 13.07 -82.66 58.26
CA LEU Q 168 13.49 -82.66 59.64
C LEU Q 168 14.08 -81.30 60.03
N PHE Q 169 14.70 -80.63 59.06
CA PHE Q 169 15.14 -79.24 59.29
C PHE Q 169 13.92 -78.37 59.57
N LEU Q 170 12.98 -78.39 58.62
CA LEU Q 170 11.74 -77.62 58.75
C LEU Q 170 11.06 -77.86 60.08
N GLU Q 171 11.00 -79.10 60.52
CA GLU Q 171 10.34 -79.46 61.75
C GLU Q 171 11.05 -78.85 62.95
N LYS Q 172 12.38 -78.87 62.94
CA LYS Q 172 13.20 -78.39 64.03
C LYS Q 172 13.13 -76.87 64.10
N LEU Q 173 13.20 -76.22 62.94
CA LEU Q 173 12.98 -74.78 62.84
C LEU Q 173 11.64 -74.35 63.46
N ARG Q 174 10.56 -74.99 63.03
CA ARG Q 174 9.24 -74.76 63.60
C ARG Q 174 9.26 -74.82 65.10
N ASN Q 175 9.86 -75.89 65.63
CA ASN Q 175 9.90 -76.14 67.05
C ASN Q 175 10.76 -75.12 67.81
N ILE Q 176 11.89 -74.73 67.24
CA ILE Q 176 12.73 -73.64 67.78
C ILE Q 176 11.93 -72.32 67.88
N MET Q 177 11.28 -71.94 66.79
CA MET Q 177 10.35 -70.83 66.74
C MET Q 177 9.28 -70.88 67.83
N ARG Q 178 8.59 -72.02 67.95
CA ARG Q 178 7.53 -72.19 68.94
C ARG Q 178 8.04 -72.13 70.38
N TYR Q 179 9.16 -72.80 70.64
CA TYR Q 179 9.81 -72.76 71.95
C TYR Q 179 10.32 -71.38 72.30
N ALA Q 180 10.99 -70.72 71.34
CA ALA Q 180 11.39 -69.31 71.49
C ALA Q 180 10.20 -68.39 71.77
N GLY Q 181 9.04 -68.73 71.23
CA GLY Q 181 7.80 -67.99 71.45
C GLY Q 181 7.59 -66.91 70.39
N VAL Q 182 8.26 -67.05 69.26
CA VAL Q 182 8.33 -65.95 68.31
C VAL Q 182 7.33 -66.04 67.16
N SER Q 183 6.85 -67.24 66.90
CA SER Q 183 5.96 -67.51 65.79
C SER Q 183 5.18 -68.81 66.05
N LYS Q 184 4.02 -68.95 65.43
CA LYS Q 184 3.24 -70.19 65.48
C LYS Q 184 3.77 -71.18 64.45
N ALA Q 185 4.28 -70.62 63.36
CA ALA Q 185 5.06 -71.35 62.37
C ALA Q 185 4.37 -72.54 61.77
N ASP Q 186 3.04 -72.52 61.72
CA ASP Q 186 2.32 -73.59 61.04
C ASP Q 186 2.08 -73.21 59.58
N MET Q 187 2.55 -74.04 58.67
CA MET Q 187 2.33 -73.83 57.22
C MET Q 187 0.86 -73.72 56.80
N GLU Q 188 -0.03 -74.41 57.51
CA GLU Q 188 -1.48 -74.41 57.22
C GLU Q 188 -2.12 -73.00 57.23
N LYS Q 189 -1.66 -72.14 58.14
CA LYS Q 189 -2.16 -70.77 58.20
C LYS Q 189 -1.22 -69.75 57.56
N GLY Q 190 -0.26 -70.19 56.76
CA GLY Q 190 0.85 -69.51 56.10
C GLY Q 190 1.66 -68.66 57.06
N GLN Q 191 1.88 -69.11 58.24
CA GLN Q 191 2.80 -68.50 59.16
C GLN Q 191 4.22 -68.95 58.89
N LEU Q 192 4.37 -69.83 57.91
CA LEU Q 192 5.65 -70.35 57.51
C LEU Q 192 5.57 -70.73 56.06
N ARG Q 193 6.43 -70.11 55.25
CA ARG Q 193 6.54 -70.45 53.84
C ARG Q 193 7.94 -70.95 53.56
N CYS Q 194 8.10 -71.69 52.49
CA CYS Q 194 9.37 -72.32 52.23
C CYS Q 194 9.59 -72.47 50.75
N ASP Q 195 10.68 -71.90 50.24
CA ASP Q 195 11.07 -72.17 48.86
C ASP Q 195 12.32 -73.04 48.85
N ILE Q 196 12.42 -73.89 47.86
CA ILE Q 196 13.40 -74.95 47.86
C ILE Q 196 14.41 -74.70 46.74
N ASN Q 197 15.69 -74.90 47.07
CA ASN Q 197 16.78 -74.83 46.10
C ASN Q 197 17.57 -76.13 46.14
N VAL Q 198 17.79 -76.71 44.96
CA VAL Q 198 18.39 -78.05 44.87
C VAL Q 198 19.19 -78.32 43.61
N SER Q 199 20.41 -78.83 43.82
CA SER Q 199 21.26 -79.26 42.71
C SER Q 199 21.86 -80.63 43.02
N ILE Q 200 22.32 -81.32 41.99
CA ILE Q 200 22.99 -82.61 42.14
C ILE Q 200 24.46 -82.56 41.73
N ARG Q 201 25.23 -83.51 42.24
CA ARG Q 201 26.69 -83.42 42.28
C ARG Q 201 27.28 -84.84 42.37
N PRO Q 202 28.19 -85.20 41.45
CA PRO Q 202 28.91 -86.48 41.62
C PRO Q 202 29.45 -86.62 43.04
N LYS Q 203 29.18 -87.77 43.67
CA LYS Q 203 29.44 -87.98 45.10
C LYS Q 203 30.84 -87.56 45.51
N GLY Q 204 30.92 -86.88 46.65
CA GLY Q 204 32.20 -86.45 47.20
C GLY Q 204 32.93 -85.36 46.43
N SER Q 205 32.36 -84.88 45.31
CA SER Q 205 32.97 -83.76 44.58
C SER Q 205 32.71 -82.43 45.31
N LYS Q 206 33.49 -81.40 44.99
CA LYS Q 206 33.44 -80.15 45.74
C LYS Q 206 32.75 -79.00 44.98
N GLU Q 207 32.60 -79.16 43.68
CA GLU Q 207 31.91 -78.21 42.83
C GLU Q 207 30.38 -78.22 43.12
N PHE Q 208 29.66 -77.17 42.72
CA PHE Q 208 28.19 -77.15 42.79
C PHE Q 208 27.55 -77.30 41.39
N GLY Q 209 26.53 -78.14 41.31
CA GLY Q 209 25.79 -78.36 40.04
C GLY Q 209 24.76 -77.27 39.80
N THR Q 210 24.10 -77.30 38.65
CA THR Q 210 23.16 -76.22 38.32
C THR Q 210 21.89 -76.27 39.18
N ARG Q 211 21.43 -75.10 39.58
CA ARG Q 211 20.47 -74.96 40.67
C ARG Q 211 19.04 -74.84 40.17
N VAL Q 212 18.12 -75.58 40.82
CA VAL Q 212 16.68 -75.47 40.53
C VAL Q 212 15.93 -75.02 41.78
N GLU Q 213 14.90 -74.19 41.57
CA GLU Q 213 14.14 -73.58 42.64
C GLU Q 213 12.69 -74.06 42.57
N ILE Q 214 12.13 -74.51 43.68
CA ILE Q 214 10.73 -74.97 43.68
C ILE Q 214 9.91 -74.18 44.68
N LYS Q 215 8.93 -73.44 44.19
CA LYS Q 215 8.16 -72.53 45.04
C LYS Q 215 6.73 -73.02 45.33
N ASN Q 216 6.15 -72.52 46.41
CA ASN Q 216 4.78 -72.85 46.80
C ASN Q 216 4.61 -74.34 47.11
N VAL Q 217 5.45 -74.85 48.00
CA VAL Q 217 5.25 -76.17 48.55
C VAL Q 217 4.67 -75.92 49.93
N ASN Q 218 3.48 -76.48 50.19
CA ASN Q 218 2.63 -75.97 51.27
C ASN Q 218 2.62 -76.72 52.60
N SER Q 219 3.33 -77.83 52.68
CA SER Q 219 3.41 -78.63 53.91
C SER Q 219 4.78 -79.27 54.04
N PHE Q 220 5.16 -79.63 55.26
CA PHE Q 220 6.45 -80.26 55.46
C PHE Q 220 6.58 -81.54 54.66
N ARG Q 221 5.50 -82.33 54.60
CA ARG Q 221 5.50 -83.59 53.83
C ARG Q 221 5.61 -83.34 52.34
N PHE Q 222 5.02 -82.25 51.87
CA PHE Q 222 5.11 -81.90 50.46
C PHE Q 222 6.51 -81.43 50.07
N VAL Q 223 7.26 -80.85 51.01
CA VAL Q 223 8.66 -80.51 50.70
C VAL Q 223 9.48 -81.80 50.52
N GLN Q 224 9.23 -82.79 51.37
CA GLN Q 224 9.84 -84.11 51.22
C GLN Q 224 9.49 -84.73 49.86
N LYS Q 225 8.21 -84.67 49.48
CA LYS Q 225 7.78 -85.31 48.25
C LYS Q 225 8.31 -84.61 47.01
N ALA Q 226 8.21 -83.28 46.98
CA ALA Q 226 8.79 -82.47 45.89
C ALA Q 226 10.29 -82.79 45.71
N LEU Q 227 11.04 -82.78 46.81
CA LEU Q 227 12.47 -83.12 46.78
C LEU Q 227 12.75 -84.54 46.32
N GLU Q 228 12.06 -85.53 46.88
CA GLU Q 228 12.17 -86.92 46.44
C GLU Q 228 12.10 -87.04 44.91
N TYR Q 229 11.10 -86.38 44.34
CA TYR Q 229 10.89 -86.44 42.90
C TYR Q 229 11.94 -85.66 42.10
N GLU Q 230 12.23 -84.44 42.53
CA GLU Q 230 13.15 -83.54 41.82
C GLU Q 230 14.57 -84.13 41.72
N ILE Q 231 15.07 -84.65 42.84
CA ILE Q 231 16.34 -85.37 42.87
C ILE Q 231 16.35 -86.52 41.86
N GLU Q 232 15.28 -87.30 41.83
CA GLU Q 232 15.13 -88.36 40.85
C GLU Q 232 15.17 -87.76 39.45
N ARG Q 233 14.39 -86.71 39.23
CA ARG Q 233 14.25 -86.10 37.91
C ARG Q 233 15.58 -85.56 37.36
N GLN Q 234 16.36 -84.95 38.24
CA GLN Q 234 17.66 -84.40 37.87
C GLN Q 234 18.66 -85.52 37.59
N ILE Q 235 18.65 -86.56 38.43
CA ILE Q 235 19.55 -87.70 38.24
C ILE Q 235 19.31 -88.34 36.89
N ASN Q 236 18.04 -88.61 36.57
CA ASN Q 236 17.68 -89.11 35.26
C ASN Q 236 18.30 -88.24 34.17
N VAL Q 237 18.01 -86.93 34.20
CA VAL Q 237 18.47 -85.99 33.17
C VAL Q 237 19.98 -86.10 32.91
N VAL Q 238 20.78 -86.01 33.97
CA VAL Q 238 22.25 -86.07 33.88
C VAL Q 238 22.77 -87.39 33.30
N GLU Q 239 22.15 -88.50 33.73
CA GLU Q 239 22.52 -89.85 33.31
C GLU Q 239 22.04 -90.20 31.89
N GLU Q 240 21.08 -89.42 31.36
CA GLU Q 240 20.65 -89.57 29.97
C GLU Q 240 21.54 -88.70 29.06
N GLY Q 241 22.58 -88.11 29.65
CA GLY Q 241 23.55 -87.29 28.91
C GLY Q 241 23.24 -85.80 28.83
N GLY Q 242 22.02 -85.42 29.17
CA GLY Q 242 21.59 -84.02 29.15
C GLY Q 242 22.07 -83.19 30.33
N GLU Q 243 21.95 -81.87 30.19
CA GLU Q 243 22.28 -80.97 31.28
C GLU Q 243 21.01 -80.42 31.92
N VAL Q 244 21.07 -80.29 33.24
CA VAL Q 244 19.97 -79.73 34.01
C VAL Q 244 19.90 -78.20 33.81
N VAL Q 245 18.71 -77.73 33.45
CA VAL Q 245 18.46 -76.32 33.13
C VAL Q 245 18.07 -75.52 34.37
N GLN Q 246 18.66 -74.33 34.51
CA GLN Q 246 18.41 -73.48 35.67
C GLN Q 246 17.06 -72.75 35.58
N GLU Q 247 16.18 -73.03 36.54
CA GLU Q 247 14.80 -72.53 36.52
C GLU Q 247 14.07 -72.61 37.85
N THR Q 248 12.90 -71.99 37.90
CA THR Q 248 11.95 -72.20 38.98
C THR Q 248 10.91 -73.24 38.52
N ARG Q 249 10.42 -74.05 39.47
CA ARG Q 249 9.38 -75.04 39.20
C ARG Q 249 8.27 -74.98 40.25
N THR Q 250 7.16 -75.65 39.96
CA THR Q 250 6.02 -75.74 40.87
C THR Q 250 5.77 -77.19 41.24
N PHE Q 251 5.10 -77.43 42.36
CA PHE Q 251 4.79 -78.78 42.81
C PHE Q 251 3.28 -78.96 42.96
N ASP Q 252 2.76 -80.01 42.33
CA ASP Q 252 1.34 -80.37 42.42
C ASP Q 252 1.16 -81.49 43.44
N PRO Q 253 0.51 -81.19 44.59
CA PRO Q 253 0.38 -82.21 45.63
C PRO Q 253 -0.36 -83.44 45.13
N GLN Q 254 -1.35 -83.24 44.24
CA GLN Q 254 -2.18 -84.33 43.73
C GLN Q 254 -1.42 -85.34 42.86
N THR Q 255 -0.49 -84.85 42.03
CA THR Q 255 0.32 -85.77 41.20
C THR Q 255 1.69 -86.18 41.76
N GLY Q 256 2.20 -85.43 42.73
CA GLY Q 256 3.51 -85.71 43.33
C GLY Q 256 4.70 -85.38 42.44
N LYS Q 257 4.48 -84.52 41.45
CA LYS Q 257 5.50 -84.16 40.47
C LYS Q 257 5.78 -82.67 40.42
N THR Q 258 7.00 -82.32 39.99
CA THR Q 258 7.41 -80.93 39.81
C THR Q 258 7.30 -80.55 38.34
N TYR Q 259 6.95 -79.29 38.09
CA TYR Q 259 6.67 -78.82 36.73
C TYR Q 259 7.35 -77.51 36.38
N PRO Q 260 7.98 -77.44 35.20
CA PRO Q 260 8.52 -76.18 34.67
C PRO Q 260 7.39 -75.19 34.47
N MET Q 261 7.74 -73.92 34.22
CA MET Q 261 6.72 -72.89 34.05
C MET Q 261 6.56 -72.46 32.60
N ARG Q 262 5.31 -72.16 32.23
CA ARG Q 262 4.98 -71.77 30.87
C ARG Q 262 5.59 -70.42 30.47
N THR Q 263 5.67 -69.51 31.44
CA THR Q 263 6.25 -68.16 31.24
C THR Q 263 7.78 -68.14 31.47
N LYS Q 264 8.51 -67.67 30.46
CA LYS Q 264 9.97 -67.47 30.54
C LYS Q 264 10.33 -66.08 31.12
N GLU Q 265 9.56 -65.64 32.12
CA GLU Q 265 9.74 -64.31 32.70
C GLU Q 265 10.92 -64.25 33.67
N GLU Q 266 12.02 -63.64 33.20
CA GLU Q 266 13.22 -63.38 34.01
C GLU Q 266 12.97 -62.39 35.16
N ALA Q 267 13.76 -62.53 36.23
CA ALA Q 267 13.73 -61.60 37.36
C ALA Q 267 14.29 -60.23 36.93
N GLU Q 268 13.77 -59.18 37.56
CA GLU Q 268 14.19 -57.82 37.25
C GLU Q 268 14.92 -57.22 38.45
N ASP Q 269 15.97 -56.45 38.17
CA ASP Q 269 16.82 -55.81 39.18
C ASP Q 269 15.97 -55.16 40.24
N TYR Q 270 16.19 -55.51 41.50
CA TYR Q 270 15.40 -54.98 42.60
C TYR Q 270 15.73 -53.53 43.02
N ARG Q 271 16.76 -52.93 42.42
CA ARG Q 271 17.17 -51.54 42.70
C ARG Q 271 17.24 -51.27 44.19
N TYR Q 272 17.96 -52.12 44.89
CA TYR Q 272 18.14 -52.01 46.34
C TYR Q 272 18.86 -50.73 46.74
N PHE Q 273 18.43 -50.13 47.85
CA PHE Q 273 19.12 -49.03 48.47
C PHE Q 273 18.49 -48.74 49.83
N PRO Q 274 19.24 -48.14 50.77
CA PRO Q 274 18.64 -47.96 52.10
C PRO Q 274 17.34 -47.14 52.03
N ASP Q 275 16.30 -47.55 52.75
CA ASP Q 275 15.08 -46.79 52.75
C ASP Q 275 15.39 -45.46 53.40
N PRO Q 276 15.21 -44.34 52.68
CA PRO Q 276 15.44 -43.01 53.22
C PRO Q 276 14.42 -42.58 54.24
N ASP Q 277 13.36 -43.38 54.41
CA ASP Q 277 12.36 -43.10 55.43
C ASP Q 277 12.76 -43.63 56.78
N LEU Q 278 13.83 -44.42 56.83
CA LEU Q 278 14.21 -45.08 58.08
C LEU Q 278 15.70 -44.95 58.31
N VAL Q 279 16.05 -44.71 59.57
CA VAL Q 279 17.42 -44.76 60.01
C VAL Q 279 17.90 -46.23 60.21
N PRO Q 280 19.23 -46.47 60.20
CA PRO Q 280 19.77 -47.78 60.56
C PRO Q 280 19.25 -48.36 61.86
N LEU Q 281 19.06 -49.68 61.86
CA LEU Q 281 18.62 -50.39 63.03
C LEU Q 281 19.85 -50.62 63.91
N LYS Q 282 19.90 -49.89 65.01
CA LYS Q 282 21.00 -50.01 65.93
C LYS Q 282 20.53 -50.80 67.12
N VAL Q 283 21.15 -51.97 67.27
CA VAL Q 283 20.85 -52.90 68.34
C VAL Q 283 21.95 -52.92 69.39
N LYS Q 284 21.68 -52.27 70.50
CA LYS Q 284 22.59 -52.23 71.61
C LYS Q 284 22.98 -53.61 72.07
N LYS Q 285 24.26 -53.77 72.38
CA LYS Q 285 24.85 -54.97 72.99
C LYS Q 285 24.08 -55.40 74.26
N GLU Q 286 23.81 -54.46 75.15
CA GLU Q 286 23.14 -54.72 76.41
C GLU Q 286 21.75 -55.34 76.23
N TRP Q 287 21.16 -55.15 75.05
CA TRP Q 287 19.83 -55.66 74.71
C TRP Q 287 19.90 -57.08 74.20
N ILE Q 288 20.93 -57.37 73.40
CA ILE Q 288 21.24 -58.73 73.02
C ILE Q 288 21.49 -59.53 74.30
N GLU Q 289 22.34 -59.00 75.19
CA GLU Q 289 22.63 -59.64 76.46
C GLU Q 289 21.37 -60.00 77.24
N GLU Q 290 20.41 -59.09 77.25
CA GLU Q 290 19.16 -59.24 78.00
C GLU Q 290 18.24 -60.32 77.42
N ILE Q 291 18.21 -60.38 76.09
CA ILE Q 291 17.36 -61.33 75.40
C ILE Q 291 17.96 -62.73 75.52
N LYS Q 292 19.30 -62.77 75.47
CA LYS Q 292 20.09 -63.98 75.71
C LYS Q 292 19.83 -64.54 77.12
N LYS Q 293 19.87 -63.66 78.11
CA LYS Q 293 19.69 -64.04 79.50
C LYS Q 293 18.30 -64.63 79.77
N ASN Q 294 17.30 -64.05 79.23
CA ASN Q 294 15.88 -64.45 79.46
C ASN Q 294 15.32 -65.29 78.30
N MET Q 295 16.20 -65.96 77.59
CA MET Q 295 15.80 -66.88 76.55
C MET Q 295 14.90 -67.98 77.15
N PRO Q 296 13.74 -68.27 76.51
CA PRO Q 296 12.93 -69.43 76.93
C PRO Q 296 13.69 -70.69 76.62
N GLU Q 297 13.39 -71.79 77.33
CA GLU Q 297 14.07 -73.06 77.10
C GLU Q 297 13.82 -73.63 75.69
N LEU Q 298 14.89 -74.10 75.07
CA LEU Q 298 14.84 -74.56 73.70
C LEU Q 298 14.76 -76.08 73.68
N PRO Q 299 14.45 -76.69 72.53
CA PRO Q 299 14.14 -78.12 72.49
C PRO Q 299 15.28 -79.06 72.98
N ASP Q 300 16.47 -78.95 72.37
CA ASP Q 300 17.64 -79.73 72.78
C ASP Q 300 17.95 -79.60 74.28
N GLN Q 301 17.76 -78.42 74.84
CA GLN Q 301 17.93 -78.23 76.28
C GLN Q 301 16.90 -79.07 77.03
N ARG Q 302 15.62 -78.91 76.69
CA ARG Q 302 14.52 -79.63 77.36
C ARG Q 302 14.79 -81.13 77.32
N PHE Q 303 15.18 -81.61 76.17
CA PHE Q 303 15.54 -82.99 75.95
C PHE Q 303 16.48 -83.57 77.02
N GLU Q 304 17.65 -82.98 77.21
CA GLU Q 304 18.56 -83.46 78.25
C GLU Q 304 18.00 -83.24 79.65
N ARG Q 305 17.29 -82.14 79.89
CA ARG Q 305 16.72 -81.87 81.21
C ARG Q 305 15.65 -82.90 81.66
N LEU Q 306 14.82 -83.35 80.72
CA LEU Q 306 13.77 -84.34 81.00
C LEU Q 306 14.39 -85.68 81.38
N ILE Q 307 15.34 -86.15 80.56
CA ILE Q 307 16.12 -87.36 80.84
C ILE Q 307 16.75 -87.35 82.24
N LYS Q 308 17.34 -86.23 82.64
CA LYS Q 308 17.88 -86.09 83.98
C LYS Q 308 16.78 -85.91 85.03
N GLU Q 309 16.06 -84.78 84.95
CA GLU Q 309 15.02 -84.42 85.94
C GLU Q 309 13.95 -85.48 86.24
N TYR Q 310 13.79 -86.45 85.34
CA TYR Q 310 12.66 -87.40 85.41
C TYR Q 310 13.07 -88.83 85.03
N GLY Q 311 14.29 -88.99 84.52
CA GLY Q 311 14.77 -90.30 84.12
C GLY Q 311 14.05 -90.92 82.95
N LEU Q 312 13.42 -90.11 82.10
CA LEU Q 312 12.78 -90.63 80.90
C LEU Q 312 13.80 -91.21 79.94
N SER Q 313 13.36 -92.14 79.11
CA SER Q 313 14.20 -92.65 78.06
C SER Q 313 14.31 -91.65 76.92
N GLU Q 314 15.21 -91.91 75.99
CA GLU Q 314 15.38 -91.06 74.81
C GLU Q 314 14.17 -91.08 73.86
N TYR Q 315 13.42 -92.18 73.88
CA TYR Q 315 12.19 -92.30 73.09
C TYR Q 315 11.09 -91.46 73.73
N GLU Q 316 11.04 -91.51 75.05
CA GLU Q 316 10.03 -90.81 75.83
C GLU Q 316 10.15 -89.29 75.74
N ALA Q 317 11.29 -88.76 76.19
CA ALA Q 317 11.58 -87.33 76.12
C ALA Q 317 11.37 -86.78 74.70
N GLY Q 318 11.84 -87.50 73.70
CA GLY Q 318 11.65 -87.15 72.28
C GLY Q 318 10.22 -86.84 71.87
N ILE Q 319 9.28 -87.69 72.28
CA ILE Q 319 7.87 -87.45 72.04
C ILE Q 319 7.40 -86.18 72.76
N LEU Q 320 7.82 -86.05 74.01
CA LEU Q 320 7.41 -84.94 74.86
C LEU Q 320 7.99 -83.59 74.44
N VAL Q 321 9.06 -83.63 73.65
CA VAL Q 321 9.79 -82.43 73.26
C VAL Q 321 9.40 -82.00 71.85
N ASN Q 322 9.24 -82.96 70.94
CA ASN Q 322 8.80 -82.70 69.56
C ASN Q 322 7.39 -82.14 69.43
N HIS Q 323 6.57 -82.35 70.45
CA HIS Q 323 5.28 -81.71 70.56
C HIS Q 323 5.32 -81.09 71.95
N LYS Q 324 5.64 -79.78 71.99
CA LYS Q 324 5.91 -79.09 73.25
C LYS Q 324 4.78 -79.22 74.24
N GLU Q 325 3.54 -79.15 73.75
CA GLU Q 325 2.34 -79.14 74.61
C GLU Q 325 2.14 -80.46 75.35
N VAL Q 326 2.63 -81.55 74.77
CA VAL Q 326 2.61 -82.88 75.42
C VAL Q 326 3.53 -82.90 76.64
N GLY Q 327 4.76 -82.41 76.48
CA GLY Q 327 5.70 -82.20 77.58
C GLY Q 327 5.23 -81.23 78.65
N ASP Q 328 4.45 -80.21 78.24
CA ASP Q 328 3.91 -79.23 79.19
C ASP Q 328 2.80 -79.86 80.03
N PHE Q 329 2.00 -80.71 79.38
CA PHE Q 329 0.95 -81.49 80.03
C PHE Q 329 1.62 -82.40 81.04
N PHE Q 330 2.58 -83.20 80.58
CA PHE Q 330 3.30 -84.10 81.44
C PHE Q 330 3.82 -83.40 82.69
N GLU Q 331 4.59 -82.33 82.51
CA GLU Q 331 5.24 -81.67 83.62
C GLU Q 331 4.26 -81.08 84.62
N GLU Q 332 3.08 -80.67 84.16
CA GLU Q 332 2.05 -80.15 85.05
C GLU Q 332 1.29 -81.27 85.78
N ALA Q 333 1.31 -82.46 85.19
CA ALA Q 333 0.77 -83.65 85.83
C ALA Q 333 1.74 -84.15 86.91
N VAL Q 334 3.01 -84.36 86.52
CA VAL Q 334 4.04 -84.89 87.42
C VAL Q 334 4.25 -83.98 88.62
N ARG Q 335 3.58 -82.83 88.60
CA ARG Q 335 3.64 -81.87 89.68
C ARG Q 335 2.60 -82.25 90.72
N HIS Q 336 1.39 -82.59 90.26
CA HIS Q 336 0.29 -83.02 91.12
C HIS Q 336 0.52 -84.37 91.81
N PHE Q 337 1.29 -85.25 91.17
CA PHE Q 337 1.68 -86.53 91.76
C PHE Q 337 3.04 -86.94 91.21
N LYS Q 338 4.04 -86.97 92.09
CA LYS Q 338 5.44 -87.12 91.69
C LYS Q 338 5.84 -88.55 91.24
N GLU Q 339 5.12 -89.07 90.26
CA GLU Q 339 5.42 -90.39 89.67
C GLU Q 339 5.66 -90.26 88.14
N PRO Q 340 6.90 -89.86 87.77
CA PRO Q 340 7.24 -89.61 86.39
C PRO Q 340 6.99 -90.82 85.51
N LYS Q 341 7.58 -91.96 85.87
CA LYS Q 341 7.50 -93.16 85.04
C LYS Q 341 6.06 -93.65 84.82
N GLY Q 342 5.25 -93.58 85.87
CA GLY Q 342 3.85 -93.97 85.77
C GLY Q 342 3.10 -93.08 84.82
N ILE Q 343 3.31 -91.78 84.96
CA ILE Q 343 2.60 -90.79 84.18
C ILE Q 343 2.97 -90.80 82.69
N VAL Q 344 4.25 -90.96 82.36
CA VAL Q 344 4.64 -91.07 80.95
C VAL Q 344 3.97 -92.23 80.26
N ASN Q 345 3.91 -93.37 80.95
CA ASN Q 345 3.33 -94.59 80.42
C ASN Q 345 1.87 -94.36 80.01
N TRP Q 346 1.08 -93.92 80.99
CA TRP Q 346 -0.35 -93.68 80.80
C TRP Q 346 -0.68 -92.55 79.84
N LEU Q 347 0.21 -91.55 79.76
CA LEU Q 347 0.12 -90.48 78.77
C LEU Q 347 0.40 -90.94 77.35
N ILE Q 348 1.50 -91.65 77.15
CA ILE Q 348 1.93 -92.06 75.82
C ILE Q 348 1.14 -93.27 75.31
N ASN Q 349 0.85 -94.22 76.20
CA ASN Q 349 0.26 -95.49 75.81
C ASN Q 349 -1.27 -95.48 75.84
N ASP Q 350 -1.85 -94.53 76.55
CA ASP Q 350 -3.31 -94.51 76.73
C ASP Q 350 -3.98 -93.23 76.21
N LEU Q 351 -3.71 -92.11 76.89
CA LEU Q 351 -4.36 -90.82 76.61
C LEU Q 351 -4.19 -90.30 75.18
N LEU Q 352 -2.95 -90.22 74.71
CA LEU Q 352 -2.65 -89.66 73.40
C LEU Q 352 -3.39 -90.37 72.27
N GLY Q 353 -3.55 -91.68 72.38
CA GLY Q 353 -4.21 -92.45 71.33
C GLY Q 353 -5.71 -92.24 71.39
N LEU Q 354 -6.23 -92.13 72.60
CA LEU Q 354 -7.65 -91.88 72.81
C LEU Q 354 -8.07 -90.51 72.29
N LEU Q 355 -7.23 -89.52 72.55
CA LEU Q 355 -7.43 -88.16 72.02
C LEU Q 355 -7.28 -88.10 70.50
N ARG Q 356 -6.32 -88.83 69.95
CA ARG Q 356 -6.15 -88.84 68.52
C ARG Q 356 -7.42 -89.31 67.83
N ASP Q 357 -8.06 -90.33 68.41
CA ASP Q 357 -9.26 -90.99 67.86
C ASP Q 357 -10.49 -90.05 67.81
N LYS Q 358 -10.73 -89.35 68.92
CA LYS Q 358 -11.76 -88.31 68.97
C LYS Q 358 -11.38 -87.06 68.16
N GLY Q 359 -10.11 -86.93 67.79
CA GLY Q 359 -9.64 -85.81 66.96
C GLY Q 359 -9.43 -84.55 67.77
N ILE Q 360 -9.03 -84.74 69.03
CA ILE Q 360 -8.83 -83.62 69.94
C ILE Q 360 -7.36 -83.45 70.36
N SER Q 361 -6.90 -82.20 70.33
CA SER Q 361 -5.54 -81.84 70.65
C SER Q 361 -5.34 -81.80 72.16
N ILE Q 362 -4.10 -82.06 72.59
CA ILE Q 362 -3.74 -82.15 74.01
C ILE Q 362 -3.96 -80.84 74.78
N GLU Q 363 -4.05 -79.72 74.06
CA GLU Q 363 -4.32 -78.42 74.69
C GLU Q 363 -5.76 -78.40 75.19
N GLU Q 364 -6.62 -79.16 74.52
CA GLU Q 364 -8.06 -79.11 74.76
C GLU Q 364 -8.68 -80.39 75.35
N SER Q 365 -7.86 -81.30 75.85
CA SER Q 365 -8.38 -82.59 76.32
C SER Q 365 -9.18 -82.45 77.60
N PRO Q 366 -10.28 -83.22 77.73
CA PRO Q 366 -11.10 -83.22 78.94
C PRO Q 366 -10.33 -83.77 80.12
N VAL Q 367 -9.37 -84.67 79.87
CA VAL Q 367 -8.48 -85.14 80.91
C VAL Q 367 -7.43 -84.07 81.11
N LYS Q 368 -7.50 -83.39 82.24
CA LYS Q 368 -6.50 -82.39 82.59
C LYS Q 368 -5.35 -83.09 83.30
N PRO Q 369 -4.15 -82.46 83.31
CA PRO Q 369 -2.99 -83.07 83.99
C PRO Q 369 -3.30 -83.57 85.40
N GLU Q 370 -4.17 -82.86 86.12
CA GLU Q 370 -4.58 -83.24 87.49
C GLU Q 370 -5.25 -84.63 87.48
N HIS Q 371 -6.10 -84.84 86.49
CA HIS Q 371 -6.88 -86.07 86.38
C HIS Q 371 -5.97 -87.27 86.13
N LEU Q 372 -5.03 -87.11 85.20
CA LEU Q 372 -4.09 -88.18 84.91
C LEU Q 372 -3.21 -88.50 86.12
N ALA Q 373 -2.75 -87.45 86.80
CA ALA Q 373 -1.96 -87.60 88.02
C ALA Q 373 -2.77 -88.28 89.13
N GLU Q 374 -4.05 -87.98 89.19
CA GLU Q 374 -4.97 -88.63 90.13
C GLU Q 374 -5.22 -90.09 89.74
N LEU Q 375 -5.46 -90.33 88.45
CA LEU Q 375 -5.67 -91.68 87.95
C LEU Q 375 -4.48 -92.58 88.25
N VAL Q 376 -3.26 -92.09 87.99
CA VAL Q 376 -2.03 -92.88 88.18
C VAL Q 376 -1.72 -93.08 89.66
N LYS Q 377 -2.30 -92.22 90.49
CA LYS Q 377 -2.23 -92.35 91.94
C LYS Q 377 -3.01 -93.60 92.39
N LEU Q 378 -4.18 -93.77 91.80
CA LEU Q 378 -5.07 -94.88 92.09
C LEU Q 378 -4.49 -96.26 91.69
N ILE Q 379 -3.74 -96.30 90.58
CA ILE Q 379 -3.05 -97.54 90.16
C ILE Q 379 -1.85 -97.89 91.05
N LYS Q 380 -1.09 -96.87 91.44
CA LYS Q 380 0.08 -97.09 92.25
C LYS Q 380 -0.32 -97.56 93.65
N GLU Q 381 -1.32 -96.90 94.24
CA GLU Q 381 -1.82 -97.20 95.58
C GLU Q 381 -2.64 -98.50 95.63
N LYS Q 382 -2.93 -99.05 94.46
CA LYS Q 382 -3.66 -100.32 94.32
C LYS Q 382 -5.16 -100.18 94.63
N VAL Q 383 -5.69 -98.97 94.57
CA VAL Q 383 -7.12 -98.76 94.79
C VAL Q 383 -7.96 -99.31 93.63
N ILE Q 384 -7.37 -99.33 92.44
CA ILE Q 384 -7.95 -100.03 91.29
C ILE Q 384 -6.86 -100.76 90.52
N SER Q 385 -7.28 -101.65 89.64
CA SER Q 385 -6.33 -102.43 88.86
C SER Q 385 -6.13 -101.79 87.50
N THR Q 386 -5.05 -102.19 86.83
CA THR Q 386 -4.75 -101.77 85.48
C THR Q 386 -5.99 -101.93 84.59
N LYS Q 387 -6.63 -103.09 84.68
CA LYS Q 387 -7.78 -103.38 83.84
C LYS Q 387 -8.87 -102.35 84.03
N ILE Q 388 -9.16 -102.06 85.29
CA ILE Q 388 -10.17 -101.07 85.67
C ILE Q 388 -9.73 -99.68 85.21
N GLY Q 389 -8.44 -99.39 85.43
CA GLY Q 389 -7.82 -98.12 85.03
C GLY Q 389 -7.95 -97.82 83.54
N LYS Q 390 -7.96 -98.86 82.73
CA LYS Q 390 -8.12 -98.69 81.29
C LYS Q 390 -9.56 -98.45 80.86
N GLU Q 391 -10.51 -98.80 81.73
CA GLU Q 391 -11.95 -98.61 81.47
C GLU Q 391 -12.41 -97.22 81.87
N VAL Q 392 -11.82 -96.70 82.94
CA VAL Q 392 -12.15 -95.37 83.45
C VAL Q 392 -11.53 -94.24 82.63
N ILE Q 393 -10.31 -94.48 82.10
CA ILE Q 393 -9.64 -93.50 81.24
C ILE Q 393 -10.42 -93.27 79.95
N LYS Q 394 -11.04 -94.32 79.43
CA LYS Q 394 -11.89 -94.24 78.24
C LYS Q 394 -13.08 -93.33 78.49
N GLU Q 395 -13.62 -93.41 79.70
CA GLU Q 395 -14.80 -92.66 80.06
C GLU Q 395 -14.42 -91.23 80.45
N MET Q 396 -13.21 -91.08 81.00
CA MET Q 396 -12.63 -89.78 81.27
C MET Q 396 -12.55 -88.93 80.00
N VAL Q 397 -12.07 -89.52 78.92
CA VAL Q 397 -12.03 -88.88 77.60
C VAL Q 397 -13.45 -88.64 77.10
N GLU Q 398 -14.35 -89.58 77.41
CA GLU Q 398 -15.74 -89.54 76.95
C GLU Q 398 -16.58 -88.49 77.65
N THR Q 399 -16.45 -88.42 78.98
CA THR Q 399 -17.25 -87.49 79.76
C THR Q 399 -16.47 -86.23 80.07
N GLY Q 400 -15.36 -86.38 80.80
CA GLY Q 400 -14.60 -85.26 81.34
C GLY Q 400 -14.58 -85.35 82.84
N LYS Q 401 -15.17 -86.41 83.39
CA LYS Q 401 -15.29 -86.58 84.82
C LYS Q 401 -13.95 -86.95 85.43
N THR Q 402 -13.78 -86.60 86.70
CA THR Q 402 -12.59 -86.96 87.49
C THR Q 402 -12.47 -88.48 87.50
N PRO Q 403 -11.22 -89.02 87.66
CA PRO Q 403 -11.12 -90.47 87.87
C PRO Q 403 -11.88 -90.95 89.10
N SER Q 404 -11.72 -90.27 90.23
CA SER Q 404 -12.42 -90.64 91.48
C SER Q 404 -13.93 -90.43 91.41
N GLN Q 405 -14.37 -89.51 90.56
CA GLN Q 405 -15.79 -89.31 90.26
C GLN Q 405 -16.46 -90.57 89.71
N ILE Q 406 -15.83 -91.20 88.72
CA ILE Q 406 -16.42 -92.36 88.07
C ILE Q 406 -16.10 -93.71 88.75
N VAL Q 407 -15.16 -93.68 89.70
CA VAL Q 407 -14.88 -94.85 90.56
C VAL Q 407 -16.05 -95.05 91.54
N GLU Q 408 -16.51 -93.94 92.13
CA GLU Q 408 -17.64 -93.95 93.06
C GLU Q 408 -18.94 -94.26 92.31
N GLU Q 409 -19.17 -93.51 91.23
CA GLU Q 409 -20.37 -93.67 90.39
C GLU Q 409 -20.56 -95.09 89.84
N LYS Q 410 -19.51 -95.92 89.86
CA LYS Q 410 -19.55 -97.27 89.26
C LYS Q 410 -19.01 -98.40 90.15
N GLY Q 411 -18.88 -98.14 91.44
CA GLY Q 411 -18.36 -99.15 92.37
C GLY Q 411 -16.85 -99.28 92.28
N LEU Q 412 -16.19 -99.27 93.44
CA LEU Q 412 -14.72 -99.32 93.51
C LEU Q 412 -14.09 -100.44 92.67
N VAL R 2 23.08 -42.33 24.13
CA VAL R 2 22.61 -43.57 24.82
C VAL R 2 21.47 -44.21 24.01
N ASP R 3 21.48 -45.53 23.91
CA ASP R 3 20.64 -46.30 22.99
C ASP R 3 19.13 -46.11 23.07
N ARG R 4 18.46 -46.43 21.97
CA ARG R 4 17.02 -46.65 21.98
C ARG R 4 16.74 -47.83 22.92
N GLU R 5 17.43 -48.93 22.67
CA GLU R 5 17.49 -50.13 23.51
C GLU R 5 17.51 -49.78 25.00
N TRP R 6 18.45 -48.90 25.36
CA TRP R 6 18.65 -48.44 26.73
C TRP R 6 17.37 -47.84 27.29
N VAL R 7 16.81 -46.89 26.53
CA VAL R 7 15.60 -46.18 26.90
C VAL R 7 14.42 -47.11 27.20
N LEU R 8 14.17 -48.07 26.30
CA LEU R 8 13.08 -49.05 26.43
C LEU R 8 13.23 -49.93 27.66
N LYS R 9 14.45 -50.40 27.88
CA LYS R 9 14.82 -51.24 29.01
C LYS R 9 14.53 -50.54 30.32
N ILE R 10 14.91 -49.26 30.42
CA ILE R 10 14.72 -48.49 31.65
C ILE R 10 13.24 -48.23 31.85
N ALA R 11 12.54 -47.90 30.79
CA ALA R 11 11.10 -47.59 30.83
C ALA R 11 10.32 -48.78 31.34
N LYS R 12 10.67 -49.94 30.79
CA LYS R 12 10.08 -51.21 31.19
C LYS R 12 10.24 -51.43 32.67
N LEU R 13 11.46 -51.24 33.18
CA LEU R 13 11.73 -51.42 34.61
C LEU R 13 10.89 -50.50 35.47
N ALA R 14 10.56 -49.33 34.91
CA ALA R 14 9.83 -48.29 35.63
C ALA R 14 8.34 -48.32 35.29
N ARG R 15 7.95 -49.25 34.40
CA ARG R 15 6.57 -49.39 33.95
C ARG R 15 6.07 -48.07 33.36
N LEU R 16 6.81 -47.58 32.36
CA LEU R 16 6.34 -46.47 31.56
C LEU R 16 6.26 -47.01 30.14
N GLU R 17 5.05 -47.01 29.58
CA GLU R 17 4.91 -47.40 28.21
C GLU R 17 5.07 -46.13 27.39
N LEU R 18 6.29 -45.90 26.91
CA LEU R 18 6.61 -44.65 26.25
C LEU R 18 6.00 -44.62 24.87
N LYS R 19 5.47 -43.45 24.51
CA LYS R 19 5.01 -43.23 23.16
C LYS R 19 6.25 -42.91 22.33
N GLU R 20 6.19 -43.23 21.05
CA GLU R 20 7.33 -43.12 20.14
C GLU R 20 8.02 -41.75 20.14
N GLU R 21 7.23 -40.70 20.31
CA GLU R 21 7.71 -39.32 20.46
C GLU R 21 8.64 -39.15 21.68
N GLU R 22 8.20 -39.67 22.83
CA GLU R 22 8.94 -39.60 24.09
C GLU R 22 10.28 -40.32 23.98
N ILE R 23 10.28 -41.45 23.30
CA ILE R 23 11.49 -42.23 23.08
C ILE R 23 12.63 -41.39 22.44
N GLU R 24 12.38 -40.79 21.26
CA GLU R 24 13.40 -40.02 20.57
C GLU R 24 13.87 -38.85 21.42
N VAL R 25 12.91 -38.19 22.08
CA VAL R 25 13.19 -37.02 22.91
C VAL R 25 14.02 -37.39 24.13
N PHE R 26 13.56 -38.40 24.87
CA PHE R 26 14.23 -38.79 26.09
C PHE R 26 15.61 -39.39 25.82
N GLN R 27 15.86 -39.84 24.60
CA GLN R 27 17.21 -40.29 24.20
C GLN R 27 18.23 -39.17 24.29
N LYS R 28 17.89 -38.02 23.73
CA LYS R 28 18.75 -36.84 23.74
C LYS R 28 18.79 -36.22 25.14
N GLN R 29 17.63 -35.97 25.73
CA GLN R 29 17.57 -35.28 27.02
C GLN R 29 18.34 -36.02 28.11
N LEU R 30 18.12 -37.33 28.19
CA LEU R 30 18.79 -38.15 29.21
C LEU R 30 20.30 -38.31 28.96
N SER R 31 20.69 -38.48 27.70
CA SER R 31 22.10 -38.39 27.29
C SER R 31 22.74 -37.11 27.81
N ASP R 32 22.09 -35.97 27.55
CA ASP R 32 22.58 -34.67 27.98
C ASP R 32 22.70 -34.61 29.50
N ILE R 33 21.63 -35.01 30.20
CA ILE R 33 21.60 -34.97 31.68
C ILE R 33 22.66 -35.89 32.27
N LEU R 34 22.88 -37.02 31.62
CA LEU R 34 23.96 -37.92 32.01
C LEU R 34 25.34 -37.28 31.89
N ASP R 35 25.59 -36.58 30.78
CA ASP R 35 26.80 -35.77 30.62
C ASP R 35 26.83 -34.63 31.64
N PHE R 36 25.68 -34.01 31.87
CA PHE R 36 25.57 -32.92 32.82
C PHE R 36 26.00 -33.28 34.25
N ILE R 37 25.63 -34.47 34.72
CA ILE R 37 25.83 -34.81 36.13
C ILE R 37 27.07 -35.67 36.38
N ASP R 38 27.82 -35.96 35.31
CA ASP R 38 29.03 -36.78 35.34
C ASP R 38 30.28 -36.04 35.82
N GLN R 39 30.20 -35.39 36.97
CA GLN R 39 31.29 -34.56 37.49
C GLN R 39 31.98 -35.22 38.68
N LEU R 40 31.41 -36.32 39.18
CA LEU R 40 31.77 -36.78 40.51
C LEU R 40 32.99 -37.73 40.59
N LYS R 41 33.36 -38.38 39.50
CA LYS R 41 34.54 -39.27 39.48
C LYS R 41 35.77 -38.55 40.06
N GLU R 42 35.94 -37.28 39.69
CA GLU R 42 37.07 -36.44 40.13
C GLU R 42 37.36 -36.46 41.64
N LEU R 43 36.34 -36.70 42.45
CA LEU R 43 36.54 -36.69 43.89
C LEU R 43 36.83 -38.06 44.48
N ASP R 44 37.63 -38.08 45.53
CA ASP R 44 38.01 -39.32 46.20
C ASP R 44 37.04 -39.57 47.32
N THR R 45 36.36 -40.71 47.24
CA THR R 45 35.28 -41.02 48.14
C THR R 45 35.54 -42.29 48.97
N GLU R 46 36.75 -42.83 48.81
CA GLU R 46 37.11 -44.15 49.31
C GLU R 46 37.14 -44.24 50.82
N ASN R 47 37.38 -43.12 51.49
CA ASN R 47 37.31 -43.09 52.93
C ASN R 47 36.26 -42.15 53.45
N VAL R 48 35.17 -42.03 52.69
CA VAL R 48 34.01 -41.24 53.12
C VAL R 48 32.80 -42.14 53.34
N GLU R 49 32.22 -42.08 54.54
CA GLU R 49 30.93 -42.74 54.80
C GLU R 49 29.73 -42.02 54.13
N PRO R 50 28.87 -42.77 53.42
CA PRO R 50 27.62 -42.21 52.90
C PRO R 50 26.84 -41.41 53.94
N TYR R 51 26.15 -40.39 53.48
CA TYR R 51 25.41 -39.48 54.32
C TYR R 51 24.18 -40.13 55.04
N ILE R 52 24.16 -40.05 56.36
CA ILE R 52 22.91 -40.29 57.08
C ILE R 52 22.66 -39.14 58.04
N GLN R 53 21.40 -38.77 58.23
CA GLN R 53 21.08 -37.86 59.30
C GLN R 53 21.59 -38.47 60.61
N GLU R 54 22.04 -37.61 61.51
CA GLU R 54 22.60 -38.04 62.77
C GLU R 54 21.47 -38.45 63.73
N PHE R 55 21.67 -39.49 64.52
CA PHE R 55 20.63 -39.98 65.44
C PHE R 55 21.19 -40.87 66.54
N GLU R 56 20.65 -40.72 67.74
CA GLU R 56 21.22 -41.42 68.88
C GLU R 56 20.73 -42.86 69.00
N GLU R 57 19.42 -43.07 68.84
CA GLU R 57 18.81 -44.40 68.94
C GLU R 57 17.78 -44.58 67.84
N THR R 58 17.71 -45.78 67.28
CA THR R 58 16.64 -46.10 66.35
C THR R 58 15.25 -45.89 66.99
N PRO R 59 14.40 -45.08 66.32
CA PRO R 59 12.99 -44.82 66.65
C PRO R 59 12.10 -46.03 66.38
N MET R 60 11.47 -46.51 67.44
CA MET R 60 10.65 -47.69 67.36
C MET R 60 9.34 -47.38 68.02
N ARG R 61 8.36 -48.27 67.82
CA ARG R 61 7.01 -48.06 68.30
C ARG R 61 6.59 -49.33 69.05
N GLU R 62 5.95 -49.19 70.19
CA GLU R 62 5.36 -50.33 70.91
C GLU R 62 4.38 -51.15 70.06
N ASP R 63 4.20 -52.43 70.40
CA ASP R 63 3.37 -53.34 69.62
C ASP R 63 1.90 -53.27 70.07
N GLU R 64 1.29 -52.10 69.84
CA GLU R 64 -0.10 -51.82 70.26
C GLU R 64 -0.93 -51.44 69.06
N PRO R 65 -2.14 -52.04 68.95
CA PRO R 65 -3.01 -51.69 67.82
C PRO R 65 -3.48 -50.23 67.81
N HIS R 66 -3.66 -49.69 66.61
CA HIS R 66 -4.16 -48.34 66.38
C HIS R 66 -5.32 -48.47 65.41
N PRO R 67 -6.44 -47.75 65.65
CA PRO R 67 -7.64 -47.81 64.82
C PRO R 67 -7.33 -47.77 63.35
N SER R 68 -7.66 -48.83 62.64
CA SER R 68 -7.50 -48.84 61.20
C SER R 68 -8.36 -47.79 60.52
N LEU R 69 -8.01 -47.52 59.27
CA LEU R 69 -8.77 -46.63 58.41
C LEU R 69 -10.08 -47.34 58.04
N ASP R 70 -11.20 -46.61 58.15
CA ASP R 70 -12.52 -47.13 57.81
C ASP R 70 -12.47 -47.62 56.40
N ARG R 71 -13.06 -48.78 56.13
CA ARG R 71 -12.87 -49.45 54.85
C ARG R 71 -13.45 -48.70 53.66
N GLU R 72 -14.46 -47.88 53.89
CA GLU R 72 -15.07 -47.04 52.85
C GLU R 72 -14.06 -46.04 52.33
N LYS R 73 -13.37 -45.37 53.26
CA LYS R 73 -12.31 -44.40 52.96
C LYS R 73 -11.04 -45.02 52.38
N ALA R 74 -10.78 -46.26 52.78
CA ALA R 74 -9.69 -47.03 52.24
C ALA R 74 -9.97 -47.42 50.81
N LEU R 75 -11.25 -47.55 50.46
CA LEU R 75 -11.61 -48.03 49.14
C LEU R 75 -12.12 -46.93 48.23
N MET R 76 -12.59 -45.83 48.81
CA MET R 76 -13.29 -44.77 48.05
C MET R 76 -12.61 -44.31 46.77
N ASN R 77 -11.27 -44.27 46.78
CA ASN R 77 -10.51 -43.79 45.65
C ASN R 77 -10.26 -44.83 44.57
N ALA R 78 -10.64 -46.07 44.83
CA ALA R 78 -10.25 -47.18 43.97
C ALA R 78 -10.92 -47.16 42.60
N PRO R 79 -10.12 -47.20 41.51
CA PRO R 79 -10.67 -47.35 40.16
C PRO R 79 -11.80 -48.40 39.99
N GLU R 80 -11.70 -49.53 40.72
CA GLU R 80 -12.71 -50.60 40.74
C GLU R 80 -12.64 -51.36 42.04
N ARG R 81 -13.76 -51.48 42.75
CA ARG R 81 -13.80 -52.28 43.96
C ARG R 81 -14.89 -53.37 43.93
N LYS R 82 -14.73 -54.45 44.70
CA LYS R 82 -15.76 -55.51 44.77
C LYS R 82 -15.72 -56.29 46.07
N ASP R 83 -16.86 -56.36 46.72
CA ASP R 83 -17.04 -57.10 48.00
C ASP R 83 -15.93 -56.84 49.05
N GLY R 84 -15.38 -55.63 49.04
CA GLY R 84 -14.34 -55.26 50.02
C GLY R 84 -12.93 -55.34 49.46
N PHE R 85 -12.80 -55.72 48.19
CA PHE R 85 -11.50 -55.98 47.55
C PHE R 85 -11.16 -54.91 46.51
N PHE R 86 -9.88 -54.59 46.37
CA PHE R 86 -9.43 -53.83 45.22
C PHE R 86 -9.51 -54.73 44.00
N VAL R 87 -9.95 -54.20 42.87
CA VAL R 87 -10.12 -55.06 41.70
C VAL R 87 -9.23 -54.63 40.57
N VAL R 88 -8.56 -55.60 39.96
CA VAL R 88 -7.61 -55.35 38.88
C VAL R 88 -7.74 -56.47 37.87
N PRO R 89 -7.26 -56.26 36.64
CA PRO R 89 -7.30 -57.41 35.74
C PRO R 89 -6.49 -58.56 36.28
N ARG R 90 -6.94 -59.79 35.99
CA ARG R 90 -6.28 -60.98 36.51
C ARG R 90 -4.77 -60.88 36.36
N VAL R 91 -4.05 -61.42 37.34
CA VAL R 91 -2.67 -61.85 37.13
C VAL R 91 -2.57 -63.38 37.10
N VAL R 92 -1.34 -63.89 37.02
CA VAL R 92 -1.12 -65.30 36.76
C VAL R 92 -0.26 -65.94 37.85
N MET S 1 74.68 -12.56 27.34
CA MET S 1 73.74 -13.35 28.20
C MET S 1 72.26 -12.98 27.95
N LEU S 2 71.99 -12.35 26.79
CA LEU S 2 70.62 -12.03 26.32
C LEU S 2 70.04 -10.72 26.90
N TRP S 3 69.80 -10.69 28.20
CA TRP S 3 69.44 -9.45 28.84
C TRP S 3 70.60 -8.47 28.78
N LYS S 4 71.79 -9.01 28.51
CA LYS S 4 73.02 -8.23 28.36
C LYS S 4 73.15 -7.66 26.95
N LYS S 5 72.20 -7.99 26.08
CA LYS S 5 72.30 -7.57 24.68
C LYS S 5 71.45 -6.33 24.36
N SER S 6 71.89 -5.57 23.35
CA SER S 6 71.19 -4.35 22.92
C SER S 6 70.00 -4.72 22.05
N LEU S 7 69.18 -3.71 21.72
CA LEU S 7 67.99 -3.92 20.88
C LEU S 7 68.37 -4.25 19.44
N SER S 8 69.58 -3.85 19.03
CA SER S 8 70.10 -4.20 17.71
C SER S 8 70.48 -5.68 17.68
N GLU S 9 71.20 -6.10 18.72
CA GLU S 9 71.56 -7.49 18.90
C GLU S 9 70.31 -8.36 19.07
N LEU S 10 69.38 -7.90 19.88
CA LEU S 10 68.13 -8.64 20.10
C LEU S 10 67.27 -8.76 18.84
N ARG S 11 67.15 -7.66 18.10
CA ARG S 11 66.33 -7.61 16.88
C ARG S 11 66.82 -8.61 15.85
N GLU S 12 68.11 -8.56 15.56
CA GLU S 12 68.76 -9.45 14.62
C GLU S 12 68.45 -10.92 14.96
N LEU S 13 68.61 -11.27 16.23
CA LEU S 13 68.30 -12.61 16.74
C LEU S 13 66.81 -13.01 16.63
N LEU S 14 65.92 -12.03 16.80
CA LEU S 14 64.48 -12.29 16.76
C LEU S 14 64.00 -12.40 15.33
N LYS S 15 64.56 -11.58 14.47
CA LYS S 15 64.20 -11.52 13.05
C LYS S 15 64.55 -12.83 12.33
N ARG S 16 65.69 -13.42 12.72
CA ARG S 16 66.17 -14.69 12.16
C ARG S 16 65.81 -15.90 13.03
N GLY S 17 64.85 -15.71 13.94
CA GLY S 17 64.28 -16.82 14.72
C GLY S 17 65.22 -17.51 15.67
N GLU S 18 66.48 -17.07 15.70
CA GLU S 18 67.48 -17.64 16.62
C GLU S 18 66.96 -17.59 18.06
N VAL S 19 66.10 -16.60 18.32
CA VAL S 19 65.46 -16.42 19.61
C VAL S 19 63.97 -16.07 19.43
N SER S 20 63.18 -16.36 20.46
CA SER S 20 61.76 -16.09 20.50
C SER S 20 61.46 -14.94 21.49
N PRO S 21 60.38 -14.19 21.26
CA PRO S 21 59.95 -13.15 22.17
C PRO S 21 59.84 -13.66 23.60
N LYS S 22 59.38 -14.89 23.77
CA LYS S 22 59.22 -15.48 25.09
C LYS S 22 60.56 -15.64 25.81
N GLU S 23 61.61 -16.04 25.06
CA GLU S 23 62.95 -16.23 25.62
C GLU S 23 63.49 -14.90 26.14
N VAL S 24 63.39 -13.88 25.30
CA VAL S 24 63.81 -12.52 25.62
C VAL S 24 63.18 -12.08 26.94
N VAL S 25 61.85 -12.25 27.04
CA VAL S 25 61.13 -11.89 28.27
C VAL S 25 61.64 -12.71 29.46
N GLU S 26 61.84 -14.02 29.23
CA GLU S 26 62.38 -14.93 30.27
C GLU S 26 63.74 -14.45 30.78
N SER S 27 64.59 -14.07 29.83
CA SER S 27 65.92 -13.54 30.12
C SER S 27 65.87 -12.38 31.11
N PHE S 28 65.12 -11.33 30.76
CA PHE S 28 64.98 -10.14 31.60
C PHE S 28 64.24 -10.46 32.90
N TYR S 29 63.29 -11.39 32.82
CA TYR S 29 62.58 -11.89 34.00
C TYR S 29 63.57 -12.46 35.04
N ASP S 30 64.54 -13.25 34.56
CA ASP S 30 65.62 -13.82 35.39
C ASP S 30 66.35 -12.70 36.11
N ARG S 31 66.86 -11.78 35.28
CA ARG S 31 67.64 -10.64 35.73
C ARG S 31 66.83 -9.80 36.71
N TYR S 32 65.52 -9.70 36.45
CA TYR S 32 64.56 -9.09 37.37
C TYR S 32 64.61 -9.83 38.69
N ASN S 33 64.51 -11.17 38.64
CA ASN S 33 64.56 -12.01 39.85
C ASN S 33 65.88 -11.93 40.61
N GLN S 34 66.98 -11.79 39.85
CA GLN S 34 68.32 -11.52 40.40
C GLN S 34 68.36 -10.24 41.23
N THR S 35 67.74 -9.15 40.72
CA THR S 35 68.05 -7.80 41.18
C THR S 35 66.91 -7.22 41.99
N GLU S 36 65.69 -7.53 41.72
CA GLU S 36 64.56 -6.78 42.23
C GLU S 36 64.50 -6.61 43.74
N GLU S 37 64.92 -7.63 44.48
CA GLU S 37 64.85 -7.54 45.93
C GLU S 37 65.78 -6.45 46.49
N LYS S 38 66.87 -6.18 45.76
CA LYS S 38 67.80 -5.11 46.13
C LYS S 38 67.31 -3.75 45.60
N VAL S 39 66.99 -3.71 44.31
CA VAL S 39 66.60 -2.51 43.54
C VAL S 39 65.19 -1.96 43.84
N LYS S 40 64.17 -2.80 43.63
CA LYS S 40 62.74 -2.46 43.80
C LYS S 40 62.29 -1.42 42.75
N ALA S 41 62.57 -1.73 41.49
CA ALA S 41 62.17 -0.87 40.38
C ALA S 41 60.65 -0.85 40.16
N TYR S 42 59.97 -1.97 40.40
CA TYR S 42 58.58 -2.12 39.96
C TYR S 42 57.52 -1.99 41.05
N ILE S 43 56.35 -1.48 40.66
CA ILE S 43 55.17 -1.56 41.50
C ILE S 43 54.40 -2.81 41.07
N THR S 44 54.27 -2.99 39.77
CA THR S 44 53.48 -4.07 39.26
C THR S 44 54.30 -4.70 38.18
N PRO S 45 54.98 -5.83 38.51
CA PRO S 45 55.70 -6.62 37.49
C PRO S 45 54.68 -7.30 36.61
N LEU S 46 54.92 -7.32 35.31
CA LEU S 46 53.97 -7.94 34.41
C LEU S 46 54.67 -8.92 33.49
N TYR S 47 55.83 -9.43 33.93
CA TYR S 47 56.62 -10.37 33.11
C TYR S 47 55.80 -11.63 32.86
N GLY S 48 55.05 -12.05 33.90
CA GLY S 48 54.09 -13.15 33.81
C GLY S 48 53.13 -12.96 32.64
N LYS S 49 52.48 -11.80 32.60
CA LYS S 49 51.51 -11.53 31.54
C LYS S 49 52.19 -11.31 30.18
N ALA S 50 53.39 -10.74 30.21
CA ALA S 50 54.17 -10.51 29.01
C ALA S 50 54.57 -11.84 28.38
N LEU S 51 54.95 -12.80 29.23
CA LEU S 51 55.23 -14.18 28.81
C LEU S 51 54.11 -14.74 27.94
N LYS S 52 52.87 -14.64 28.43
CA LYS S 52 51.68 -15.12 27.70
C LYS S 52 51.44 -14.34 26.41
N GLN S 53 51.62 -13.02 26.45
CA GLN S 53 51.39 -12.15 25.29
C GLN S 53 52.41 -12.45 24.21
N ALA S 54 53.57 -12.91 24.65
CA ALA S 54 54.68 -13.22 23.76
C ALA S 54 54.35 -14.39 22.83
N GLU S 55 53.60 -15.37 23.37
CA GLU S 55 53.17 -16.57 22.62
C GLU S 55 52.47 -16.20 21.31
N SER S 56 51.60 -15.19 21.36
CA SER S 56 50.80 -14.81 20.20
C SER S 56 51.46 -13.75 19.34
N LEU S 57 52.66 -13.31 19.74
CA LEU S 57 53.42 -12.33 18.96
C LEU S 57 54.13 -13.02 17.80
N LYS S 58 53.79 -12.62 16.57
CA LYS S 58 54.34 -13.34 15.43
C LYS S 58 55.05 -12.51 14.37
N GLU S 59 54.48 -11.38 13.97
CA GLU S 59 55.10 -10.58 12.90
C GLU S 59 56.43 -9.94 13.35
N ARG S 60 57.54 -10.47 12.80
CA ARG S 60 58.89 -10.10 13.25
C ARG S 60 59.33 -8.70 12.78
N GLU S 61 58.76 -8.25 11.66
CA GLU S 61 59.12 -6.97 11.02
C GLU S 61 58.69 -5.73 11.81
N LEU S 62 57.86 -5.95 12.82
CA LEU S 62 57.43 -4.87 13.70
C LEU S 62 58.65 -4.20 14.36
N PRO S 63 58.70 -2.86 14.32
CA PRO S 63 59.85 -2.08 14.76
C PRO S 63 60.41 -2.45 16.14
N LEU S 64 59.54 -2.85 17.07
CA LEU S 64 59.97 -3.26 18.40
C LEU S 64 59.59 -4.70 18.70
N PHE S 65 59.61 -5.53 17.67
CA PHE S 65 59.04 -6.88 17.68
C PHE S 65 58.99 -7.60 19.03
N GLY S 66 60.14 -7.89 19.64
CA GLY S 66 60.07 -8.70 20.85
C GLY S 66 60.53 -8.00 22.09
N ILE S 67 60.57 -6.67 22.04
CA ILE S 67 61.27 -5.90 23.05
C ILE S 67 60.46 -5.70 24.32
N PRO S 68 60.99 -6.15 25.46
CA PRO S 68 60.41 -5.76 26.75
C PRO S 68 60.58 -4.26 26.96
N ILE S 69 59.62 -3.64 27.62
CA ILE S 69 59.73 -2.22 27.99
C ILE S 69 59.01 -1.99 29.29
N ALA S 70 59.68 -1.34 30.23
CA ALA S 70 59.03 -0.98 31.47
C ALA S 70 58.38 0.36 31.25
N VAL S 71 57.39 0.67 32.08
CA VAL S 71 56.59 1.85 31.93
C VAL S 71 56.32 2.44 33.30
N LYS S 72 56.48 3.74 33.41
CA LYS S 72 56.26 4.44 34.66
C LYS S 72 54.79 4.31 35.06
N ASP S 73 54.53 4.17 36.35
CA ASP S 73 53.15 3.92 36.78
C ASP S 73 52.25 5.19 36.88
N ASN S 74 52.52 6.18 36.05
CA ASN S 74 51.55 7.23 35.81
C ASN S 74 51.21 7.28 34.32
N ILE S 75 51.61 6.25 33.60
CA ILE S 75 51.15 6.08 32.24
C ILE S 75 50.19 4.87 32.25
N LEU S 76 48.99 5.07 31.68
CA LEU S 76 47.89 4.11 31.80
C LEU S 76 48.09 2.92 30.89
N VAL S 77 48.11 1.74 31.50
CA VAL S 77 48.10 0.48 30.74
C VAL S 77 46.78 -0.23 31.07
N GLU S 78 45.98 -0.45 30.03
CA GLU S 78 44.63 -0.99 30.15
C GLU S 78 44.54 -2.39 30.83
N GLY S 79 43.66 -2.53 31.80
CA GLY S 79 43.46 -3.80 32.45
C GLY S 79 44.36 -4.00 33.63
N GLU S 80 45.42 -3.20 33.74
CA GLU S 80 46.33 -3.28 34.90
C GLU S 80 46.27 -2.02 35.75
N LYS S 81 46.63 -2.17 37.01
CA LYS S 81 46.63 -1.06 37.93
C LYS S 81 47.54 0.08 37.46
N THR S 82 47.04 1.31 37.59
CA THR S 82 47.84 2.51 37.46
C THR S 82 47.72 3.26 38.78
N THR S 83 48.78 3.24 39.59
CA THR S 83 48.70 3.75 40.94
C THR S 83 49.24 5.18 41.13
N CYS S 84 50.09 5.64 40.18
CA CYS S 84 50.91 6.86 40.34
C CYS S 84 51.61 6.81 41.67
N ALA S 85 51.85 5.60 42.14
CA ALA S 85 52.55 5.39 43.38
C ALA S 85 51.80 6.08 44.50
N SER S 86 50.47 6.09 44.40
CA SER S 86 49.59 6.75 45.39
C SER S 86 48.63 5.78 46.05
N LYS S 87 48.37 5.98 47.35
CA LYS S 87 47.26 5.28 48.04
C LYS S 87 45.92 5.61 47.39
N ILE S 88 45.78 6.83 46.88
CA ILE S 88 44.48 7.28 46.36
C ILE S 88 44.16 6.58 45.05
N LEU S 89 45.17 5.94 44.47
CA LEU S 89 44.96 5.23 43.22
C LEU S 89 45.46 3.78 43.23
N GLU S 90 45.73 3.22 44.40
CA GLU S 90 46.02 1.78 44.40
C GLU S 90 44.70 1.07 44.21
N ASN S 91 44.72 -0.01 43.45
CA ASN S 91 43.45 -0.67 43.06
C ASN S 91 42.66 0.04 41.96
N PHE S 92 43.20 1.15 41.43
CA PHE S 92 42.63 1.74 40.24
C PHE S 92 43.06 0.95 39.02
N VAL S 93 42.14 0.25 38.40
CA VAL S 93 42.42 -0.48 37.16
C VAL S 93 42.18 0.43 35.98
N ALA S 94 43.21 0.57 35.14
CA ALA S 94 43.11 1.48 34.01
C ALA S 94 42.09 0.98 33.01
N PRO S 95 41.10 1.83 32.67
CA PRO S 95 40.06 1.58 31.64
C PRO S 95 40.45 1.83 30.20
N TYR S 96 41.64 2.36 29.95
CA TYR S 96 42.09 2.64 28.56
C TYR S 96 43.63 2.66 28.49
N ASP S 97 44.16 2.54 27.27
CA ASP S 97 45.59 2.70 27.00
C ASP S 97 45.97 4.16 26.84
N ALA S 98 47.04 4.61 27.49
CA ALA S 98 47.68 5.84 27.09
C ALA S 98 48.07 5.71 25.63
N THR S 99 48.09 6.81 24.87
CA THR S 99 48.37 6.73 23.43
C THR S 99 49.74 6.11 23.14
N VAL S 100 50.73 6.38 24.00
CA VAL S 100 52.07 5.82 23.82
C VAL S 100 52.07 4.30 23.94
N ILE S 101 51.33 3.78 24.91
CA ILE S 101 51.20 2.35 25.14
C ILE S 101 50.51 1.69 23.94
N GLU S 102 49.50 2.37 23.41
CA GLU S 102 48.84 1.93 22.21
C GLU S 102 49.85 1.78 21.06
N ARG S 103 50.73 2.77 20.94
CA ARG S 103 51.70 2.82 19.86
C ARG S 103 52.86 1.85 20.03
N LEU S 104 53.24 1.61 21.28
CA LEU S 104 54.23 0.60 21.61
C LEU S 104 53.69 -0.80 21.29
N LYS S 105 52.48 -1.10 21.78
CA LYS S 105 51.80 -2.40 21.57
C LYS S 105 51.69 -2.67 20.09
N LYS S 106 51.33 -1.64 19.34
CA LYS S 106 51.20 -1.76 17.90
C LYS S 106 52.56 -2.03 17.26
N ALA S 107 53.64 -1.67 17.96
CA ALA S 107 55.02 -1.80 17.44
C ALA S 107 55.67 -3.14 17.82
N GLY S 108 54.89 -3.97 18.51
CA GLY S 108 55.36 -5.28 18.97
C GLY S 108 55.96 -5.31 20.36
N ALA S 109 56.13 -4.16 20.99
CA ALA S 109 56.75 -4.13 22.30
C ALA S 109 55.95 -4.95 23.31
N LEU S 110 56.59 -5.32 24.40
CA LEU S 110 55.88 -6.04 25.43
C LEU S 110 56.05 -5.39 26.80
N ILE S 111 54.96 -4.90 27.33
CA ILE S 111 55.02 -4.15 28.57
C ILE S 111 55.33 -5.12 29.68
N VAL S 112 56.49 -4.98 30.30
CA VAL S 112 56.87 -5.96 31.32
C VAL S 112 56.68 -5.50 32.74
N GLY S 113 56.20 -4.28 32.94
CA GLY S 113 55.88 -3.84 34.30
C GLY S 113 55.65 -2.36 34.51
N LYS S 114 55.12 -2.04 35.67
CA LYS S 114 54.82 -0.67 35.99
C LYS S 114 55.77 -0.29 37.07
N THR S 115 56.50 0.78 36.81
CA THR S 115 57.69 1.08 37.57
C THR S 115 57.45 2.12 38.65
N ASN S 116 58.25 2.07 39.70
CA ASN S 116 58.04 2.91 40.86
C ASN S 116 58.32 4.39 40.52
N LEU S 117 57.78 5.29 41.34
CA LEU S 117 57.93 6.73 41.15
C LEU S 117 57.65 7.47 42.44
N ASP S 118 58.05 8.74 42.48
CA ASP S 118 57.54 9.64 43.50
C ASP S 118 56.03 9.75 43.26
N GLU S 119 55.26 9.85 44.35
CA GLU S 119 53.82 9.91 44.24
C GLU S 119 53.39 11.07 43.33
N PHE S 120 52.64 10.69 42.30
CA PHE S 120 52.07 11.60 41.35
C PHE S 120 53.17 12.40 40.67
N ALA S 121 54.37 11.78 40.62
CA ALA S 121 55.50 12.27 39.82
C ALA S 121 56.13 13.53 40.43
N MET S 122 55.92 13.73 41.72
CA MET S 122 56.38 14.93 42.39
C MET S 122 57.51 14.62 43.38
N GLY S 123 58.74 14.87 42.94
CA GLY S 123 59.94 14.65 43.76
C GLY S 123 61.17 14.37 42.90
N SER S 124 62.33 14.29 43.54
CA SER S 124 63.59 14.09 42.79
C SER S 124 64.44 12.84 43.19
N SER S 125 63.80 11.85 43.80
CA SER S 125 64.52 10.75 44.47
C SER S 125 63.76 9.43 44.53
N THR S 126 62.44 9.48 44.32
CA THR S 126 61.54 8.31 44.41
C THR S 126 61.19 7.94 45.86
N GLU S 127 61.83 8.58 46.81
CA GLU S 127 61.49 8.36 48.21
C GLU S 127 60.01 8.59 48.49
N TYR S 128 59.34 9.41 47.68
CA TYR S 128 57.93 9.79 47.94
C TYR S 128 56.89 8.86 47.32
N SER S 129 57.37 7.75 46.74
CA SER S 129 56.52 6.60 46.43
C SER S 129 55.78 6.24 47.69
N ALA S 130 54.45 6.14 47.61
CA ALA S 130 53.62 5.80 48.77
C ALA S 130 53.82 4.34 49.23
N PHE S 131 54.53 3.57 48.42
CA PHE S 131 54.66 2.14 48.62
C PHE S 131 56.02 1.71 49.20
N PHE S 132 57.11 2.13 48.54
CA PHE S 132 58.48 1.78 48.92
C PHE S 132 59.48 2.55 48.07
N PRO S 133 60.68 2.82 48.64
CA PRO S 133 61.78 3.45 47.88
C PRO S 133 62.40 2.50 46.87
N THR S 134 62.67 3.00 45.66
CA THR S 134 63.60 2.32 44.74
C THR S 134 65.03 2.72 45.15
N LYS S 135 65.98 1.80 44.96
CA LYS S 135 67.39 2.02 45.35
C LYS S 135 68.34 2.09 44.14
N ASN S 136 69.38 2.93 44.23
CA ASN S 136 70.40 3.06 43.17
C ASN S 136 71.23 1.77 43.03
N PRO S 137 71.15 1.11 41.88
CA PRO S 137 71.92 -0.11 41.62
C PRO S 137 73.45 0.03 41.69
N TRP S 138 73.96 1.26 41.72
CA TRP S 138 75.40 1.47 41.83
C TRP S 138 75.80 1.70 43.28
N ASP S 139 74.81 1.94 44.13
CA ASP S 139 75.05 1.96 45.56
C ASP S 139 73.67 2.04 46.26
N LEU S 140 73.25 0.90 46.81
CA LEU S 140 71.89 0.80 47.35
C LEU S 140 71.70 1.63 48.61
N GLU S 141 72.75 2.31 49.07
CA GLU S 141 72.62 3.35 50.10
C GLU S 141 72.17 4.69 49.47
N ARG S 142 72.13 4.71 48.14
CA ARG S 142 71.84 5.93 47.40
C ARG S 142 70.56 5.89 46.54
N VAL S 143 70.05 7.09 46.28
CA VAL S 143 68.81 7.37 45.60
C VAL S 143 69.03 7.18 44.09
N PRO S 144 68.04 6.62 43.37
CA PRO S 144 68.19 6.55 41.90
C PRO S 144 67.75 7.83 41.20
N GLY S 145 67.33 8.82 41.97
CA GLY S 145 66.72 10.02 41.43
C GLY S 145 65.20 9.92 41.33
N GLY S 146 64.58 11.02 40.85
CA GLY S 146 63.13 11.03 40.68
C GLY S 146 62.64 12.09 39.73
N SER S 147 61.37 11.97 39.30
CA SER S 147 60.42 10.98 39.82
C SER S 147 60.45 9.60 39.12
N SER S 148 60.90 9.53 37.86
CA SER S 148 61.03 8.22 37.20
C SER S 148 62.16 7.29 37.76
N GLY S 149 62.26 7.14 39.08
CA GLY S 149 63.29 6.31 39.72
C GLY S 149 63.39 4.87 39.20
N GLY S 150 62.28 4.14 39.26
CA GLY S 150 62.21 2.75 38.84
C GLY S 150 62.49 2.55 37.37
N SER S 151 62.13 3.52 36.54
CA SER S 151 62.30 3.33 35.11
C SER S 151 63.76 3.47 34.72
N ALA S 152 64.48 4.28 35.51
CA ALA S 152 65.90 4.50 35.32
C ALA S 152 66.63 3.26 35.82
N ALA S 153 66.35 2.93 37.07
CA ALA S 153 66.98 1.81 37.77
C ALA S 153 66.88 0.48 37.00
N SER S 154 65.69 0.15 36.52
CA SER S 154 65.50 -1.12 35.84
C SER S 154 66.26 -1.13 34.53
N VAL S 155 66.45 0.03 33.92
CA VAL S 155 67.28 0.07 32.73
C VAL S 155 68.77 0.01 33.09
N ALA S 156 69.10 0.53 34.27
CA ALA S 156 70.49 0.46 34.73
C ALA S 156 70.93 -0.98 35.02
N VAL S 157 70.11 -1.74 35.78
CA VAL S 157 70.39 -3.15 36.07
C VAL S 157 70.06 -4.05 34.91
N LEU S 158 69.36 -3.50 33.93
CA LEU S 158 68.94 -4.25 32.76
C LEU S 158 67.91 -5.36 33.06
N SER S 159 67.05 -5.14 34.06
CA SER S 159 65.80 -5.91 34.16
C SER S 159 64.82 -5.51 33.07
N ALA S 160 65.12 -4.41 32.38
CA ALA S 160 64.49 -4.06 31.11
C ALA S 160 65.53 -3.27 30.32
N PRO S 161 65.54 -3.42 29.00
CA PRO S 161 66.57 -2.75 28.19
C PRO S 161 66.26 -1.28 27.98
N VAL S 162 64.96 -0.97 27.94
CA VAL S 162 64.50 0.35 27.53
C VAL S 162 63.27 0.66 28.38
N SER S 163 62.94 1.93 28.53
CA SER S 163 62.00 2.33 29.56
C SER S 163 61.27 3.62 29.17
N LEU S 164 60.04 3.79 29.66
CA LEU S 164 59.30 5.03 29.51
C LEU S 164 59.22 5.70 30.88
N GLY S 165 59.51 6.99 30.92
CA GLY S 165 59.31 7.83 32.11
C GLY S 165 58.54 9.09 31.69
N SER S 166 58.39 10.03 32.62
CA SER S 166 57.87 11.34 32.25
C SER S 166 58.78 12.43 32.86
N ASP S 167 58.80 13.62 32.24
CA ASP S 167 59.69 14.72 32.65
C ASP S 167 58.88 16.03 32.78
N THR S 168 58.68 16.49 34.00
CA THR S 168 57.97 17.73 34.24
C THR S 168 58.96 18.88 34.61
N GLY S 169 59.98 18.53 35.37
CA GLY S 169 61.08 19.45 35.68
C GLY S 169 62.41 18.72 35.82
N GLY S 170 62.61 17.71 34.98
CA GLY S 170 63.83 16.89 35.06
C GLY S 170 63.67 15.39 35.33
N SER S 171 62.43 14.91 35.37
CA SER S 171 62.12 13.56 35.91
C SER S 171 62.55 12.35 35.08
N ILE S 172 63.04 12.61 33.88
CA ILE S 172 63.77 11.61 33.13
C ILE S 172 65.28 11.86 33.30
N ARG S 173 65.73 13.08 32.99
CA ARG S 173 67.17 13.37 32.94
C ARG S 173 67.91 13.14 34.27
N GLN S 174 67.36 13.60 35.38
CA GLN S 174 68.12 13.49 36.61
C GLN S 174 68.27 12.02 37.07
N PRO S 175 67.18 11.21 36.97
CA PRO S 175 67.27 9.76 37.08
C PRO S 175 68.29 9.12 36.14
N ALA S 176 68.30 9.54 34.88
CA ALA S 176 69.26 9.01 33.93
C ALA S 176 70.68 9.33 34.42
N SER S 177 70.85 10.52 34.98
CA SER S 177 72.18 10.94 35.41
C SER S 177 72.61 10.05 36.57
N PHE S 178 71.77 9.99 37.61
CA PHE S 178 72.03 9.19 38.81
C PHE S 178 72.23 7.67 38.57
N CYS S 179 71.54 7.12 37.57
CA CYS S 179 71.63 5.66 37.37
C CYS S 179 72.57 5.34 36.25
N GLY S 180 73.21 6.36 35.69
CA GLY S 180 74.25 6.12 34.69
C GLY S 180 73.69 5.56 33.41
N VAL S 181 72.62 6.17 32.93
CA VAL S 181 71.95 5.69 31.76
C VAL S 181 71.52 6.91 30.93
N ILE S 182 71.20 6.68 29.66
CA ILE S 182 70.72 7.75 28.78
C ILE S 182 69.22 8.01 29.01
N GLY S 183 68.83 9.28 29.12
CA GLY S 183 67.43 9.65 29.24
C GLY S 183 67.07 10.94 28.52
N ILE S 184 66.06 10.90 27.67
CA ILE S 184 65.67 12.07 26.92
C ILE S 184 64.24 12.49 27.25
N LYS S 185 64.04 13.80 27.41
CA LYS S 185 62.70 14.40 27.34
C LYS S 185 62.65 15.24 26.10
N PRO S 186 61.77 14.88 25.16
CA PRO S 186 61.66 15.56 23.86
C PRO S 186 61.01 16.93 23.97
N THR S 187 60.89 17.62 22.84
CA THR S 187 60.21 18.92 22.80
C THR S 187 58.79 18.80 23.33
N TYR S 188 58.36 19.79 24.10
CA TYR S 188 56.95 19.81 24.53
C TYR S 188 56.01 19.81 23.32
N GLY S 189 55.17 18.77 23.25
CA GLY S 189 54.24 18.61 22.15
C GLY S 189 54.65 17.49 21.22
N ARG S 190 55.86 16.95 21.38
CA ARG S 190 56.29 15.87 20.52
C ARG S 190 55.65 14.50 20.85
N VAL S 191 55.33 14.29 22.13
CA VAL S 191 54.73 13.05 22.57
C VAL S 191 53.38 13.34 23.24
N SER S 192 52.36 12.58 22.89
CA SER S 192 51.02 12.81 23.40
C SER S 192 50.98 12.68 24.91
N ARG S 193 50.14 13.49 25.55
CA ARG S 193 49.94 13.41 27.00
C ARG S 193 48.66 12.66 27.35
N TYR S 194 48.04 12.05 26.33
CA TYR S 194 46.84 11.26 26.54
C TYR S 194 47.15 9.95 27.25
N GLY S 195 46.59 9.79 28.45
CA GLY S 195 46.85 8.63 29.25
C GLY S 195 48.02 8.84 30.18
N LEU S 196 48.58 10.05 30.19
CA LEU S 196 49.60 10.35 31.19
C LEU S 196 48.90 11.07 32.30
N VAL S 197 48.93 10.51 33.49
CA VAL S 197 48.30 11.20 34.60
C VAL S 197 48.98 12.54 34.71
N ALA S 198 48.22 13.60 34.45
CA ALA S 198 48.73 14.99 34.51
C ALA S 198 49.13 15.46 35.90
N PHE S 199 50.32 16.06 35.93
CA PHE S 199 50.89 16.77 37.07
C PHE S 199 50.82 18.27 36.69
N ALA S 200 51.66 18.69 35.73
CA ALA S 200 51.63 20.06 35.19
C ALA S 200 51.51 19.97 33.70
N SER S 201 50.28 20.18 33.22
CA SER S 201 49.96 20.01 31.81
C SER S 201 50.88 20.80 30.88
N SER S 202 51.27 22.00 31.31
CA SER S 202 52.09 22.87 30.45
C SER S 202 53.61 22.51 30.44
N LEU S 203 54.00 21.56 31.30
CA LEU S 203 55.40 21.15 31.49
C LEU S 203 55.68 19.66 31.24
N ASP S 204 54.68 18.78 31.46
CA ASP S 204 54.78 17.32 31.35
C ASP S 204 55.21 16.86 29.94
N GLN S 205 56.13 15.90 29.85
CA GLN S 205 56.29 15.08 28.64
C GLN S 205 56.78 13.65 28.95
N ILE S 206 56.19 12.69 28.28
CA ILE S 206 56.72 11.36 28.32
C ILE S 206 58.06 11.42 27.62
N GLY S 207 59.01 10.62 28.13
CA GLY S 207 60.31 10.41 27.50
C GLY S 207 60.83 9.00 27.67
N VAL S 208 62.09 8.77 27.25
CA VAL S 208 62.66 7.44 27.11
C VAL S 208 63.99 7.27 27.83
N PHE S 209 64.17 6.14 28.51
CA PHE S 209 65.46 5.74 29.06
C PHE S 209 66.00 4.57 28.26
N GLY S 210 67.31 4.59 28.01
CA GLY S 210 68.05 3.48 27.40
C GLY S 210 69.54 3.52 27.74
N ARG S 211 70.30 2.57 27.19
CA ARG S 211 71.73 2.49 27.45
C ARG S 211 72.53 2.78 26.21
N ARG S 212 71.93 2.52 25.06
CA ARG S 212 72.53 2.91 23.79
C ARG S 212 71.64 3.92 23.08
N THR S 213 72.28 4.90 22.43
CA THR S 213 71.53 6.00 21.82
C THR S 213 70.53 5.53 20.78
N GLU S 214 70.82 4.41 20.13
CA GLU S 214 69.91 3.88 19.13
C GLU S 214 68.63 3.31 19.73
N ASP S 215 68.77 2.68 20.89
CA ASP S 215 67.62 2.15 21.62
C ASP S 215 66.67 3.30 21.91
N VAL S 216 67.21 4.37 22.49
CA VAL S 216 66.45 5.56 22.86
C VAL S 216 65.82 6.25 21.64
N ALA S 217 66.59 6.42 20.57
CA ALA S 217 66.07 7.05 19.35
C ALA S 217 64.89 6.29 18.73
N LEU S 218 64.90 4.96 18.83
CA LEU S 218 63.86 4.14 18.26
C LEU S 218 62.58 4.18 19.07
N VAL S 219 62.69 4.01 20.38
CA VAL S 219 61.49 4.01 21.23
C VAL S 219 60.80 5.37 21.09
N LEU S 220 61.58 6.44 21.09
CA LEU S 220 61.07 7.80 20.86
C LEU S 220 60.36 7.97 19.53
N GLU S 221 60.97 7.51 18.45
CA GLU S 221 60.32 7.62 17.16
C GLU S 221 58.94 6.94 17.18
N VAL S 222 58.86 5.78 17.84
CA VAL S 222 57.62 5.01 17.85
C VAL S 222 56.49 5.73 18.59
N ILE S 223 56.80 6.25 19.77
CA ILE S 223 55.77 6.87 20.61
C ILE S 223 55.44 8.33 20.24
N SER S 224 56.25 8.96 19.41
CA SER S 224 56.10 10.38 19.12
C SER S 224 55.09 10.62 18.02
N GLY S 225 54.72 11.89 17.86
CA GLY S 225 53.82 12.31 16.79
C GLY S 225 52.43 12.70 17.25
N TRP S 226 51.73 13.39 16.34
CA TRP S 226 50.43 13.99 16.60
C TRP S 226 49.39 12.99 17.10
N ASP S 227 48.61 13.41 18.08
CA ASP S 227 47.52 12.63 18.62
C ASP S 227 46.29 13.51 18.68
N GLU S 228 45.22 13.07 18.02
CA GLU S 228 43.91 13.76 18.01
C GLU S 228 43.28 13.88 19.40
N LYS S 229 43.66 12.99 20.31
CA LYS S 229 43.10 13.01 21.64
C LYS S 229 43.87 13.97 22.54
N ASP S 230 44.83 14.69 21.94
CA ASP S 230 45.66 15.65 22.69
C ASP S 230 45.79 17.00 22.01
N SER S 231 45.20 18.04 22.61
CA SER S 231 45.17 19.37 21.97
C SER S 231 46.55 20.02 21.86
N THR S 232 47.43 19.65 22.78
CA THR S 232 48.72 20.26 22.90
C THR S 232 49.77 19.55 22.06
N SER S 233 49.40 18.40 21.51
CA SER S 233 50.32 17.60 20.69
C SER S 233 50.49 18.27 19.34
N ALA S 234 51.73 18.36 18.86
CA ALA S 234 52.06 19.12 17.67
C ALA S 234 51.80 18.36 16.40
N LYS S 235 51.28 19.07 15.39
CA LYS S 235 51.10 18.51 14.05
C LYS S 235 52.40 18.70 13.28
N VAL S 236 53.43 18.00 13.72
CA VAL S 236 54.77 18.08 13.14
C VAL S 236 55.18 16.64 12.86
N PRO S 237 55.69 16.37 11.66
CA PRO S 237 56.17 15.01 11.34
C PRO S 237 57.33 14.55 12.23
N VAL S 238 57.32 13.26 12.58
CA VAL S 238 58.38 12.66 13.40
C VAL S 238 59.58 12.35 12.52
N PRO S 239 60.76 12.94 12.85
CA PRO S 239 62.00 12.61 12.14
C PRO S 239 62.37 11.13 12.30
N GLU S 240 62.99 10.57 11.26
CA GLU S 240 63.43 9.18 11.29
C GLU S 240 64.69 9.08 12.12
N TRP S 241 64.51 9.12 13.43
CA TRP S 241 65.63 9.24 14.34
C TRP S 241 66.60 8.06 14.34
N SER S 242 66.09 6.84 14.16
CA SER S 242 66.98 5.66 14.15
C SER S 242 67.93 5.67 12.95
N GLU S 243 67.54 6.34 11.87
CA GLU S 243 68.42 6.55 10.73
C GLU S 243 69.26 7.84 10.85
N GLU S 244 69.02 8.62 11.87
CA GLU S 244 69.63 9.94 11.94
C GLU S 244 70.73 10.07 13.00
N VAL S 245 70.63 9.27 14.07
CA VAL S 245 71.61 9.32 15.18
C VAL S 245 73.03 9.04 14.75
N LYS S 246 73.17 8.14 13.78
CA LYS S 246 74.45 7.64 13.33
C LYS S 246 75.21 8.65 12.48
N LYS S 247 74.47 9.58 11.86
CA LYS S 247 75.07 10.66 11.05
C LYS S 247 75.88 11.66 11.88
N GLU S 248 76.73 12.44 11.20
CA GLU S 248 77.59 13.41 11.88
C GLU S 248 77.55 14.75 11.17
N VAL S 249 77.21 15.80 11.91
CA VAL S 249 77.11 17.14 11.34
C VAL S 249 78.32 17.98 11.75
N LYS S 250 78.97 18.59 10.76
CA LYS S 250 80.20 19.34 10.99
C LYS S 250 79.98 20.74 11.53
N GLY S 251 80.91 21.16 12.40
CA GLY S 251 80.98 22.53 12.89
C GLY S 251 79.89 22.92 13.85
N LEU S 252 79.40 21.97 14.65
CA LEU S 252 78.39 22.27 15.65
C LEU S 252 79.01 23.10 16.78
N LYS S 253 78.14 23.79 17.54
CA LYS S 253 78.60 24.70 18.57
C LYS S 253 77.92 24.44 19.90
N ILE S 254 78.67 24.55 20.99
CA ILE S 254 78.15 24.29 22.31
C ILE S 254 78.28 25.52 23.17
N GLY S 255 77.16 25.91 23.79
CA GLY S 255 77.12 27.07 24.64
C GLY S 255 77.26 26.68 26.09
N LEU S 256 78.12 27.41 26.80
CA LEU S 256 78.27 27.20 28.23
C LEU S 256 77.75 28.44 28.91
N PRO S 257 76.54 28.35 29.46
CA PRO S 257 75.94 29.52 30.09
C PRO S 257 76.81 30.11 31.20
N LYS S 258 77.15 31.38 31.07
CA LYS S 258 77.99 32.09 32.05
C LYS S 258 77.33 32.07 33.40
N GLU S 259 75.99 32.09 33.42
CA GLU S 259 75.24 32.19 34.67
C GLU S 259 75.32 30.88 35.43
N PHE S 260 75.66 29.80 34.73
CA PHE S 260 75.82 28.49 35.37
C PHE S 260 77.16 28.35 36.14
N PHE S 261 78.12 29.22 35.86
CA PHE S 261 79.38 29.21 36.61
C PHE S 261 79.15 29.57 38.05
N GLU S 262 78.10 30.34 38.31
CA GLU S 262 77.85 30.74 39.68
C GLU S 262 77.11 29.69 40.47
N TYR S 263 76.77 28.57 39.83
CA TYR S 263 76.01 27.49 40.50
C TYR S 263 76.94 26.57 41.29
N GLU S 264 76.62 26.34 42.56
CA GLU S 264 77.37 25.38 43.40
C GLU S 264 77.39 23.96 42.79
N LEU S 265 78.55 23.53 42.30
CA LEU S 265 78.77 22.17 41.81
C LEU S 265 79.68 21.38 42.75
N GLN S 266 79.41 20.08 42.91
CA GLN S 266 80.40 19.17 43.50
C GLN S 266 81.62 19.08 42.59
N PRO S 267 82.84 19.14 43.18
CA PRO S 267 84.12 19.09 42.47
C PRO S 267 84.23 17.93 41.50
N GLN S 268 83.76 16.75 41.90
CA GLN S 268 83.70 15.59 40.99
C GLN S 268 82.87 15.84 39.75
N VAL S 269 81.72 16.53 39.93
CA VAL S 269 80.82 16.81 38.82
C VAL S 269 81.49 17.82 37.90
N LYS S 270 82.02 18.89 38.51
CA LYS S 270 82.76 19.93 37.76
C LYS S 270 83.85 19.31 36.88
N GLU S 271 84.71 18.51 37.51
CA GLU S 271 85.80 17.76 36.88
C GLU S 271 85.33 16.90 35.71
N ALA S 272 84.31 16.09 35.98
CA ALA S 272 83.69 15.23 34.96
C ALA S 272 83.15 16.04 33.79
N PHE S 273 82.48 17.15 34.09
CA PHE S 273 81.91 18.02 33.05
C PHE S 273 82.97 18.69 32.19
N GLU S 274 83.99 19.28 32.84
CA GLU S 274 85.17 19.87 32.15
C GLU S 274 85.85 18.91 31.19
N ASN S 275 86.05 17.67 31.62
CA ASN S 275 86.65 16.67 30.75
C ASN S 275 85.74 16.33 29.58
N PHE S 276 84.44 16.26 29.84
CA PHE S 276 83.43 15.96 28.84
C PHE S 276 83.52 16.99 27.71
N ILE S 277 83.65 18.24 28.12
CA ILE S 277 83.74 19.37 27.20
C ILE S 277 85.08 19.42 26.44
N LYS S 278 86.19 19.20 27.16
CA LYS S 278 87.53 19.13 26.52
C LYS S 278 87.58 18.03 25.47
N GLU S 279 87.01 16.90 25.79
CA GLU S 279 87.02 15.79 24.87
C GLU S 279 86.13 16.06 23.66
N LEU S 280 85.06 16.83 23.87
CA LEU S 280 84.21 17.28 22.77
C LEU S 280 84.93 18.31 21.92
N GLU S 281 85.62 19.23 22.57
CA GLU S 281 86.49 20.19 21.86
C GLU S 281 87.47 19.47 20.93
N LYS S 282 88.17 18.46 21.46
CA LYS S 282 89.11 17.66 20.69
C LYS S 282 88.48 17.05 19.44
N GLU S 283 87.20 16.70 19.53
CA GLU S 283 86.47 16.09 18.42
C GLU S 283 85.98 17.11 17.39
N GLY S 284 86.16 18.40 17.68
CA GLY S 284 85.87 19.45 16.70
C GLY S 284 84.69 20.36 16.99
N PHE S 285 84.10 20.22 18.17
CA PHE S 285 83.03 21.08 18.58
C PHE S 285 83.63 22.43 18.96
N GLU S 286 83.01 23.52 18.50
CA GLU S 286 83.41 24.83 18.96
C GLU S 286 82.70 25.14 20.26
N ILE S 287 83.44 25.62 21.24
CA ILE S 287 82.93 25.81 22.58
C ILE S 287 82.87 27.31 22.89
N LYS S 288 81.67 27.83 23.17
CA LYS S 288 81.42 29.26 23.39
C LYS S 288 80.67 29.55 24.66
N GLU S 289 81.05 30.61 25.35
CA GLU S 289 80.29 31.02 26.51
C GLU S 289 79.04 31.76 26.02
N VAL S 290 77.87 31.46 26.59
CA VAL S 290 76.65 32.23 26.28
C VAL S 290 76.05 32.83 27.52
N SER S 291 75.11 33.76 27.32
CA SER S 291 74.35 34.36 28.42
C SER S 291 72.89 33.90 28.40
N LEU S 292 72.37 33.66 29.59
CA LEU S 292 70.95 33.42 29.80
C LEU S 292 70.65 34.23 31.05
N PRO S 293 70.47 35.56 30.89
CA PRO S 293 70.42 36.43 32.06
C PRO S 293 69.33 36.09 33.08
N HIS S 294 68.34 35.28 32.66
CA HIS S 294 67.17 34.98 33.52
C HIS S 294 67.13 33.58 34.14
N VAL S 295 67.95 32.64 33.63
CA VAL S 295 67.87 31.25 34.12
C VAL S 295 67.88 31.08 35.59
N LYS S 296 68.61 31.92 36.30
CA LYS S 296 68.68 31.76 37.74
C LYS S 296 67.29 31.79 38.34
N TYR S 297 66.33 32.33 37.60
CA TYR S 297 64.95 32.41 38.08
C TYR S 297 64.10 31.18 37.75
N SER S 298 64.69 30.22 37.06
CA SER S 298 63.96 29.04 36.60
C SER S 298 63.23 28.36 37.76
N ILE S 299 63.91 28.28 38.90
CA ILE S 299 63.49 27.37 39.96
C ILE S 299 62.26 27.89 40.69
N PRO S 300 62.32 29.16 41.09
CA PRO S 300 61.14 29.83 41.66
C PRO S 300 59.98 29.88 40.66
N THR S 301 60.29 30.14 39.40
CA THR S 301 59.29 30.12 38.35
C THR S 301 58.58 28.77 38.32
N TYR S 302 59.36 27.69 38.34
CA TYR S 302 58.84 26.33 38.22
C TYR S 302 58.03 25.96 39.44
N TYR S 303 58.49 26.37 40.59
CA TYR S 303 57.82 25.97 41.81
C TYR S 303 56.67 26.87 42.16
N ILE S 304 56.25 27.68 41.18
CA ILE S 304 54.95 28.33 41.21
C ILE S 304 54.08 27.66 40.18
N ILE S 305 54.55 27.59 38.94
CA ILE S 305 53.77 27.00 37.89
C ILE S 305 53.34 25.56 38.17
N ALA S 306 54.30 24.67 38.41
CA ALA S 306 54.04 23.24 38.62
C ALA S 306 53.02 22.98 39.73
N PRO S 307 53.28 23.44 40.98
CA PRO S 307 52.27 23.28 42.02
C PRO S 307 50.88 23.82 41.66
N SER S 308 50.81 24.93 40.90
CA SER S 308 49.53 25.48 40.50
C SER S 308 48.79 24.50 39.64
N GLU S 309 49.37 24.13 38.52
CA GLU S 309 48.70 23.23 37.60
C GLU S 309 48.41 21.88 38.29
N ALA S 310 49.31 21.49 39.21
CA ALA S 310 49.15 20.30 40.04
C ALA S 310 47.88 20.34 40.86
N SER S 311 47.62 21.46 41.51
CA SER S 311 46.44 21.50 42.38
C SER S 311 45.15 21.44 41.54
N SER S 312 45.22 21.95 40.31
CA SER S 312 44.07 21.87 39.43
C SER S 312 43.90 20.45 38.94
N ASN S 313 44.99 19.87 38.46
CA ASN S 313 44.99 18.52 37.90
C ASN S 313 44.65 17.39 38.88
N LEU S 314 44.82 17.66 40.17
CA LEU S 314 44.56 16.65 41.18
C LEU S 314 43.22 16.86 41.89
N ALA S 315 42.44 17.82 41.40
CA ALA S 315 41.11 18.12 41.95
C ALA S 315 40.12 16.95 41.75
N ARG S 316 40.41 16.10 40.76
CA ARG S 316 39.51 15.02 40.38
C ARG S 316 39.56 13.79 41.28
N TYR S 317 40.56 13.71 42.15
CA TYR S 317 40.76 12.57 43.01
C TYR S 317 39.98 12.86 44.26
N ASP S 318 38.76 12.29 44.30
CA ASP S 318 37.70 12.72 45.23
C ASP S 318 36.79 11.60 45.77
N GLY S 319 37.03 10.35 45.40
CA GLY S 319 36.25 9.24 45.97
C GLY S 319 34.88 9.04 45.36
N VAL S 320 34.61 9.72 44.26
CA VAL S 320 33.31 9.65 43.64
C VAL S 320 33.29 8.66 42.51
N ARG S 321 34.16 8.78 41.51
CA ARG S 321 34.04 7.91 40.35
C ARG S 321 35.04 6.70 40.28
N TYR S 322 36.10 6.73 41.10
CA TYR S 322 37.16 5.72 41.06
C TYR S 322 38.11 5.88 42.24
N GLY S 323 39.00 4.90 42.43
CA GLY S 323 40.04 4.95 43.44
C GLY S 323 39.57 4.99 44.88
N TYR S 324 40.47 5.43 45.74
CA TYR S 324 40.27 5.39 47.17
C TYR S 324 39.13 6.26 47.67
N ARG S 325 38.42 5.74 48.66
CA ARG S 325 37.44 6.51 49.40
C ARG S 325 37.58 6.19 50.85
N ALA S 326 37.69 7.22 51.67
CA ALA S 326 37.76 7.06 53.11
C ALA S 326 36.60 6.21 53.63
N LYS S 327 36.82 5.51 54.74
CA LYS S 327 35.78 4.64 55.27
C LYS S 327 34.77 5.37 56.16
N GLU S 328 35.23 6.38 56.90
CA GLU S 328 34.34 7.11 57.83
C GLU S 328 34.08 8.55 57.41
N TYR S 329 32.80 8.90 57.26
CA TYR S 329 32.43 10.26 56.89
C TYR S 329 30.96 10.60 57.17
N LYS S 330 30.68 11.79 57.68
CA LYS S 330 29.31 12.20 58.01
C LYS S 330 28.55 12.92 56.87
N ASP S 331 29.30 13.46 55.90
CA ASP S 331 28.75 14.21 54.78
C ASP S 331 29.67 14.15 53.58
N ILE S 332 29.21 14.62 52.43
CA ILE S 332 30.03 14.64 51.23
C ILE S 332 31.32 15.45 51.43
N PHE S 333 31.25 16.50 52.24
CA PHE S 333 32.42 17.33 52.52
C PHE S 333 33.52 16.51 53.17
N GLU S 334 33.18 15.86 54.29
CA GLU S 334 34.13 14.93 54.94
C GLU S 334 34.57 13.84 54.00
N MET S 335 33.65 13.30 53.21
CA MET S 335 34.05 12.25 52.29
C MET S 335 35.19 12.75 51.42
N TYR S 336 35.01 13.93 50.85
CA TYR S 336 35.98 14.58 49.98
C TYR S 336 37.30 14.78 50.72
N ALA S 337 37.23 15.54 51.81
CA ALA S 337 38.39 16.03 52.53
C ALA S 337 39.20 14.93 53.22
N ARG S 338 38.52 13.83 53.57
CA ARG S 338 39.17 12.68 54.24
C ARG S 338 39.78 11.74 53.24
N THR S 339 39.03 11.44 52.19
CA THR S 339 39.57 10.64 51.10
C THR S 339 40.93 11.21 50.69
N ARG S 340 40.98 12.54 50.54
CA ARG S 340 42.13 13.23 49.97
C ARG S 340 43.30 13.36 50.97
N ASP S 341 43.01 13.77 52.19
CA ASP S 341 44.05 13.80 53.21
C ASP S 341 44.68 12.44 53.44
N GLU S 342 43.88 11.38 53.32
CA GLU S 342 44.33 10.02 53.55
C GLU S 342 44.98 9.39 52.35
N GLY S 343 44.55 9.79 51.16
CA GLY S 343 45.00 9.15 49.93
C GLY S 343 46.24 9.79 49.33
N PHE S 344 46.45 11.08 49.66
CA PHE S 344 47.58 11.87 49.14
C PHE S 344 48.76 11.85 50.09
N GLY S 345 49.96 11.63 49.53
CA GLY S 345 51.21 11.73 50.29
C GLY S 345 51.59 13.17 50.63
N PRO S 346 52.70 13.36 51.40
CA PRO S 346 52.98 14.70 51.93
C PRO S 346 53.49 15.69 50.88
N GLU S 347 54.35 15.25 49.97
CA GLU S 347 54.86 16.16 48.96
C GLU S 347 53.68 16.65 48.12
N VAL S 348 52.81 15.71 47.77
CA VAL S 348 51.62 16.01 46.99
C VAL S 348 50.72 17.01 47.71
N LYS S 349 50.48 16.78 49.00
CA LYS S 349 49.66 17.69 49.76
C LYS S 349 50.25 19.09 49.79
N ARG S 350 51.58 19.17 49.87
CA ARG S 350 52.29 20.45 49.90
C ARG S 350 52.07 21.27 48.62
N ARG S 351 52.13 20.60 47.49
CA ARG S 351 52.03 21.30 46.24
C ARG S 351 50.58 21.65 45.94
N ILE S 352 49.64 20.83 46.44
CA ILE S 352 48.22 21.15 46.34
C ILE S 352 47.93 22.45 47.08
N MET S 353 48.39 22.55 48.32
CA MET S 353 48.18 23.74 49.12
C MET S 353 48.79 24.97 48.45
N LEU S 354 50.07 24.86 48.06
CA LEU S 354 50.78 25.95 47.41
C LEU S 354 50.05 26.39 46.13
N GLY S 355 49.62 25.40 45.34
CA GLY S 355 48.93 25.68 44.10
C GLY S 355 47.68 26.52 44.30
N THR S 356 46.79 26.06 45.18
CA THR S 356 45.49 26.68 45.34
C THR S 356 45.61 28.09 45.90
N PHE S 357 46.74 28.38 46.52
CA PHE S 357 47.09 29.74 46.90
C PHE S 357 47.60 30.53 45.69
N ALA S 358 48.57 29.96 44.99
CA ALA S 358 49.08 30.56 43.75
C ALA S 358 47.98 31.01 42.76
N LEU S 359 46.85 30.31 42.78
CA LEU S 359 45.75 30.56 41.83
C LEU S 359 44.64 31.39 42.47
N SER S 360 44.70 31.54 43.79
CA SER S 360 43.68 32.30 44.49
C SER S 360 43.69 33.76 44.02
N ALA S 361 42.48 34.31 43.85
CA ALA S 361 42.30 35.70 43.42
C ALA S 361 42.94 36.57 44.47
N GLY S 362 43.63 37.61 44.04
CA GLY S 362 44.41 38.38 44.99
C GLY S 362 45.88 38.00 44.98
N TYR S 363 46.18 36.76 44.58
CA TYR S 363 47.57 36.32 44.52
C TYR S 363 47.96 35.78 43.17
N TYR S 364 46.95 35.53 42.35
CA TYR S 364 47.15 34.99 41.04
C TYR S 364 48.13 35.82 40.19
N ASP S 365 47.95 37.15 40.24
CA ASP S 365 48.70 38.15 39.48
C ASP S 365 50.19 38.15 39.82
N ALA S 366 50.47 38.11 41.10
CA ALA S 366 51.83 38.08 41.61
C ALA S 366 52.53 36.69 41.56
N TYR S 367 51.72 35.62 41.47
CA TYR S 367 52.26 34.27 41.46
C TYR S 367 52.19 33.62 40.09
N TYR S 368 51.10 32.92 39.80
CA TYR S 368 51.00 32.15 38.56
C TYR S 368 51.20 33.04 37.33
N LEU S 369 50.47 34.16 37.28
CA LEU S 369 50.54 35.06 36.13
C LEU S 369 51.97 35.58 35.94
N LYS S 370 52.53 36.12 37.01
CA LYS S 370 53.89 36.59 36.99
C LYS S 370 54.86 35.54 36.50
N ALA S 371 54.73 34.31 37.02
CA ALA S 371 55.64 33.22 36.70
C ALA S 371 55.54 32.85 35.24
N GLN S 372 54.36 32.97 34.66
CA GLN S 372 54.14 32.60 33.28
C GLN S 372 54.78 33.64 32.40
N LYS S 373 54.95 34.84 32.97
CA LYS S 373 55.65 35.93 32.30
C LYS S 373 57.17 35.77 32.34
N VAL S 374 57.71 35.61 33.55
CA VAL S 374 59.12 35.29 33.72
C VAL S 374 59.52 34.07 32.87
N ARG S 375 58.58 33.16 32.68
CA ARG S 375 58.81 31.95 31.91
C ARG S 375 59.06 32.29 30.46
N ARG S 376 58.45 33.37 29.97
CA ARG S 376 58.67 33.81 28.59
C ARG S 376 60.02 34.51 28.46
N LEU S 377 60.38 35.29 29.47
CA LEU S 377 61.72 35.86 29.56
C LEU S 377 62.79 34.76 29.40
N ILE S 378 62.67 33.69 30.21
CA ILE S 378 63.59 32.56 30.24
C ILE S 378 63.61 31.88 28.89
N THR S 379 62.45 31.62 28.33
CA THR S 379 62.37 31.02 27.01
C THR S 379 63.16 31.87 26.03
N ASN S 380 63.02 33.19 26.12
CA ASN S 380 63.64 34.13 25.18
C ASN S 380 65.16 34.16 25.27
N ASP S 381 65.70 34.10 26.50
CA ASP S 381 67.14 33.86 26.71
C ASP S 381 67.59 32.74 25.81
N PHE S 382 66.89 31.61 25.87
CA PHE S 382 67.33 30.44 25.12
C PHE S 382 67.27 30.69 23.63
N LEU S 383 66.18 31.30 23.17
CA LEU S 383 65.98 31.52 21.73
C LEU S 383 67.10 32.39 21.14
N LYS S 384 67.53 33.35 21.96
CA LYS S 384 68.61 34.29 21.61
C LYS S 384 69.99 33.60 21.63
N ALA S 385 70.29 32.88 22.72
CA ALA S 385 71.49 32.04 22.78
C ALA S 385 71.56 31.04 21.64
N PHE S 386 70.41 30.55 21.19
CA PHE S 386 70.42 29.56 20.13
C PHE S 386 70.70 30.20 18.77
N GLU S 387 70.81 31.52 18.75
CA GLU S 387 71.19 32.23 17.53
C GLU S 387 72.71 32.07 17.28
N GLU S 388 73.46 31.95 18.36
CA GLU S 388 74.93 31.82 18.33
C GLU S 388 75.43 30.37 18.37
N VAL S 389 74.63 29.48 18.94
CA VAL S 389 75.09 28.17 19.41
C VAL S 389 74.04 27.11 19.08
N ASP S 390 74.40 25.84 19.06
CA ASP S 390 73.44 24.82 18.63
C ASP S 390 72.85 23.96 19.74
N VAL S 391 73.61 23.76 20.79
CA VAL S 391 73.10 23.07 21.95
C VAL S 391 73.72 23.79 23.11
N ILE S 392 73.13 23.61 24.27
CA ILE S 392 73.60 24.24 25.47
C ILE S 392 73.94 23.11 26.43
N ALA S 393 75.15 23.13 27.00
CA ALA S 393 75.58 22.01 27.83
C ALA S 393 75.83 22.42 29.24
N SER S 394 75.60 21.48 30.14
CA SER S 394 75.89 21.66 31.53
C SER S 394 75.90 20.28 32.16
N PRO S 395 76.35 20.17 33.43
CA PRO S 395 76.03 18.99 34.19
C PRO S 395 74.50 18.84 34.27
N THR S 396 74.02 17.60 34.37
CA THR S 396 72.59 17.35 34.53
C THR S 396 72.19 17.66 35.95
N THR S 397 73.12 17.46 36.88
CA THR S 397 72.87 17.58 38.30
C THR S 397 74.08 18.22 38.98
N PRO S 398 73.84 19.06 39.98
CA PRO S 398 74.96 19.69 40.67
C PRO S 398 75.77 18.73 41.56
N THR S 399 75.17 17.60 41.94
CA THR S 399 75.89 16.63 42.78
C THR S 399 75.85 15.22 42.23
N LEU S 400 76.67 14.36 42.82
CA LEU S 400 76.55 12.91 42.70
C LEU S 400 75.28 12.44 43.45
N PRO S 401 74.74 11.24 43.08
CA PRO S 401 73.64 10.58 43.77
C PRO S 401 73.77 10.70 45.25
N PHE S 402 72.76 11.25 45.91
CA PHE S 402 72.83 11.48 47.35
C PHE S 402 72.17 10.33 48.13
N LYS S 403 72.26 10.38 49.46
CA LYS S 403 71.75 9.28 50.25
C LYS S 403 70.28 9.43 50.66
N PHE S 404 69.62 8.30 50.93
CA PHE S 404 68.26 8.28 51.46
C PHE S 404 68.19 9.14 52.71
N GLY S 405 67.07 9.81 52.91
CA GLY S 405 66.85 10.68 54.06
C GLY S 405 67.58 12.01 54.02
N GLU S 406 68.46 12.19 53.02
CA GLU S 406 69.31 13.38 52.96
C GLU S 406 68.57 14.67 52.60
N ARG S 407 67.49 14.53 51.84
CA ARG S 407 66.76 15.70 51.34
C ARG S 407 65.28 15.59 51.68
N LEU S 408 64.97 14.92 52.79
CA LEU S 408 63.60 14.77 53.25
C LEU S 408 63.33 15.71 54.43
N GLU S 409 64.41 16.17 55.05
CA GLU S 409 64.35 17.11 56.15
C GLU S 409 63.58 18.39 55.76
N ASN S 410 64.22 19.24 54.94
CA ASN S 410 63.59 20.41 54.35
C ASN S 410 63.17 20.07 52.91
N PRO S 411 61.86 20.19 52.61
CA PRO S 411 61.36 19.89 51.27
C PRO S 411 62.17 20.64 50.23
N ILE S 412 62.61 21.85 50.58
CA ILE S 412 63.38 22.74 49.69
C ILE S 412 64.66 22.11 49.18
N GLU S 413 65.33 21.35 50.05
CA GLU S 413 66.60 20.68 49.70
C GLU S 413 66.36 19.69 48.57
N MET S 414 65.16 19.13 48.51
CA MET S 414 64.78 18.26 47.41
C MET S 414 64.62 19.05 46.09
N TYR S 415 64.02 20.24 46.16
CA TYR S 415 63.79 21.06 44.96
C TYR S 415 65.11 21.51 44.29
N LEU S 416 66.10 21.79 45.13
CA LEU S 416 67.44 22.19 44.67
C LEU S 416 68.17 21.17 43.80
N SER S 417 67.65 19.94 43.75
CA SER S 417 68.13 18.90 42.84
C SER S 417 67.89 19.25 41.40
N ASP S 418 66.90 20.12 41.17
CA ASP S 418 66.36 20.35 39.83
C ASP S 418 66.91 21.57 39.13
N ILE S 419 67.84 22.29 39.80
CA ILE S 419 68.34 23.59 39.34
C ILE S 419 68.90 23.62 37.92
N LEU S 420 69.35 22.48 37.43
CA LEU S 420 69.93 22.48 36.11
C LEU S 420 69.00 21.86 35.11
N THR S 421 67.87 21.33 35.58
CA THR S 421 66.90 20.57 34.76
C THR S 421 65.63 21.32 34.39
N VAL S 422 65.09 22.12 35.30
CA VAL S 422 63.80 22.78 35.09
C VAL S 422 63.87 23.78 33.94
N PRO S 423 64.97 24.50 33.71
CA PRO S 423 64.98 25.44 32.58
C PRO S 423 64.45 24.86 31.27
N ALA S 424 64.73 23.60 30.96
CA ALA S 424 64.34 23.08 29.66
C ALA S 424 62.82 22.81 29.57
N ASN S 425 62.19 22.52 30.71
CA ASN S 425 60.74 22.33 30.73
C ASN S 425 59.98 23.66 30.57
N LEU S 426 60.49 24.67 31.28
CA LEU S 426 60.00 26.04 31.18
C LEU S 426 59.98 26.53 29.76
N ALA S 427 61.07 26.30 29.04
CA ALA S 427 61.18 26.78 27.68
C ALA S 427 60.55 25.84 26.69
N GLY S 428 60.07 24.70 27.18
CA GLY S 428 59.48 23.68 26.33
C GLY S 428 60.44 22.99 25.39
N LEU S 429 61.74 23.00 25.74
CA LEU S 429 62.82 22.50 24.89
C LEU S 429 63.14 21.00 25.10
N PRO S 430 63.67 20.34 24.06
CA PRO S 430 64.19 19.00 24.31
C PRO S 430 65.49 19.05 25.12
N ALA S 431 65.78 18.00 25.87
CA ALA S 431 66.98 17.94 26.71
C ALA S 431 67.34 16.48 27.02
N ILE S 432 68.62 16.17 26.87
CA ILE S 432 69.10 14.80 27.05
C ILE S 432 70.07 14.72 28.21
N SER S 433 69.98 13.65 29.00
CA SER S 433 71.04 13.32 29.97
C SER S 433 71.85 12.12 29.52
N ILE S 434 73.17 12.31 29.42
CA ILE S 434 74.07 11.30 28.93
C ILE S 434 75.13 11.04 30.01
N PRO S 435 75.52 9.75 30.21
CA PRO S 435 76.54 9.46 31.23
C PRO S 435 77.94 9.87 30.74
N ILE S 436 78.68 10.63 31.56
CA ILE S 436 79.95 11.22 31.11
C ILE S 436 81.19 10.76 31.92
N ALA S 437 80.95 10.19 33.10
CA ALA S 437 82.00 9.73 33.97
C ALA S 437 81.42 8.92 35.11
N TRP S 438 82.32 8.22 35.83
CA TRP S 438 82.04 7.54 37.09
C TRP S 438 83.01 8.10 38.10
N LYS S 439 82.48 8.68 39.16
CA LYS S 439 83.30 9.39 40.11
C LYS S 439 82.98 8.83 41.45
N ASP S 440 83.98 8.25 42.10
CA ASP S 440 83.83 7.62 43.42
C ASP S 440 82.75 6.53 43.39
N GLY S 441 82.69 5.85 42.25
CA GLY S 441 81.79 4.71 42.04
C GLY S 441 80.42 5.04 41.48
N LEU S 442 80.15 6.33 41.30
CA LEU S 442 78.81 6.82 40.99
C LEU S 442 78.75 7.49 39.62
N PRO S 443 77.65 7.27 38.87
CA PRO S 443 77.47 7.91 37.57
C PRO S 443 77.35 9.44 37.67
N VAL S 444 77.79 10.09 36.60
CA VAL S 444 77.66 11.53 36.43
C VAL S 444 77.10 11.76 35.04
N GLY S 445 76.03 12.56 34.96
CA GLY S 445 75.38 12.87 33.71
C GLY S 445 75.76 14.23 33.16
N GLY S 446 75.98 14.28 31.85
CA GLY S 446 76.11 15.53 31.13
C GLY S 446 74.81 15.83 30.40
N GLN S 447 74.40 17.09 30.41
CA GLN S 447 73.13 17.51 29.82
C GLN S 447 73.33 18.34 28.58
N LEU S 448 72.54 18.06 27.57
CA LEU S 448 72.53 18.88 26.38
C LEU S 448 71.09 19.34 26.11
N ILE S 449 70.90 20.67 26.01
CA ILE S 449 69.60 21.25 25.71
C ILE S 449 69.60 21.68 24.26
N GLY S 450 68.60 21.23 23.52
CA GLY S 450 68.49 21.55 22.10
C GLY S 450 67.39 22.54 21.79
N LYS S 451 67.34 22.95 20.54
CA LYS S 451 66.30 23.83 20.04
C LYS S 451 65.00 23.04 19.90
N HIS S 452 63.87 23.74 19.91
CA HIS S 452 62.57 23.12 19.68
C HIS S 452 62.67 22.26 18.45
N TRP S 453 62.26 21.00 18.61
CA TRP S 453 62.16 20.02 17.51
C TRP S 453 63.50 19.40 17.08
N ASP S 454 64.58 19.82 17.74
CA ASP S 454 65.91 19.32 17.40
C ASP S 454 66.42 18.19 18.31
N GLU S 455 65.58 17.18 18.51
CA GLU S 455 65.97 15.98 19.24
C GLU S 455 67.09 15.23 18.49
N THR S 456 67.06 15.33 17.17
CA THR S 456 68.10 14.75 16.33
C THR S 456 69.52 15.04 16.81
N THR S 457 69.82 16.33 16.90
CA THR S 457 71.13 16.82 17.29
C THR S 457 71.55 16.29 18.67
N LEU S 458 70.67 16.45 19.65
CA LEU S 458 70.87 15.88 20.97
C LEU S 458 71.22 14.41 20.87
N LEU S 459 70.56 13.72 19.95
CA LEU S 459 70.75 12.28 19.82
C LEU S 459 72.09 11.95 19.16
N GLN S 460 72.44 12.73 18.15
CA GLN S 460 73.67 12.51 17.45
C GLN S 460 74.86 12.66 18.38
N ILE S 461 74.95 13.78 19.08
CA ILE S 461 76.02 13.99 20.04
C ILE S 461 76.06 12.86 21.06
N SER S 462 74.88 12.33 21.42
CA SER S 462 74.82 11.24 22.39
C SER S 462 75.49 10.01 21.80
N TYR S 463 75.22 9.79 20.52
CA TYR S 463 75.81 8.67 19.80
C TYR S 463 77.34 8.79 19.66
N LEU S 464 77.82 9.99 19.37
CA LEU S 464 79.24 10.20 19.26
C LEU S 464 79.90 10.02 20.63
N TRP S 465 79.28 10.52 21.68
CA TRP S 465 79.90 10.41 22.99
C TRP S 465 80.03 8.97 23.47
N GLU S 466 79.08 8.10 23.11
CA GLU S 466 79.12 6.70 23.57
C GLU S 466 80.22 5.88 22.89
N GLN S 467 80.55 6.29 21.66
CA GLN S 467 81.69 5.77 20.92
C GLN S 467 83.00 6.02 21.66
N LYS S 468 83.18 7.27 22.11
CA LYS S 468 84.37 7.63 22.87
C LYS S 468 84.32 6.97 24.22
N PHE S 469 83.10 6.92 24.78
CA PHE S 469 82.96 6.47 26.15
C PHE S 469 81.78 5.50 26.30
N LYS S 470 82.11 4.22 26.36
CA LYS S 470 81.13 3.13 26.32
C LYS S 470 80.50 2.84 27.69
N HIS S 471 79.59 3.71 28.13
CA HIS S 471 78.95 3.63 29.44
C HIS S 471 77.99 2.44 29.52
N TYR S 472 77.59 1.94 28.36
CA TYR S 472 76.64 0.84 28.28
C TYR S 472 77.23 -0.49 28.73
N GLU S 473 78.56 -0.52 28.89
CA GLU S 473 79.26 -1.71 29.36
C GLU S 473 79.36 -1.77 30.88
N LYS S 474 79.19 -0.63 31.54
CA LYS S 474 79.20 -0.60 32.99
C LYS S 474 77.86 -1.10 33.53
N ILE S 475 77.85 -2.35 34.01
CA ILE S 475 76.64 -3.00 34.48
C ILE S 475 76.72 -3.26 35.98
N PRO S 476 75.75 -2.71 36.74
CA PRO S 476 75.83 -2.86 38.19
C PRO S 476 75.30 -4.21 38.61
N LEU S 477 75.41 -4.51 39.89
CA LEU S 477 74.92 -5.76 40.46
C LEU S 477 75.31 -7.00 39.65
N THR S 478 76.61 -7.06 39.36
CA THR S 478 77.31 -8.21 38.74
C THR S 478 76.70 -8.65 37.41
N GLU T 3 3.49 54.10 42.19
CA GLU T 3 4.54 53.39 42.97
C GLU T 3 5.87 54.19 43.01
N LYS T 4 6.44 54.30 44.21
CA LYS T 4 7.66 55.07 44.48
C LYS T 4 8.97 54.42 43.96
N TYR T 5 9.00 53.09 43.93
CA TYR T 5 10.21 52.34 43.60
C TYR T 5 10.33 51.91 42.15
N GLU T 6 11.38 51.13 41.88
CA GLU T 6 11.76 50.71 40.54
C GLU T 6 12.50 49.39 40.72
N ALA T 7 12.21 48.43 39.85
CA ALA T 7 12.85 47.12 39.93
C ALA T 7 13.98 47.06 38.93
N VAL T 8 15.17 46.74 39.43
CA VAL T 8 16.30 46.49 38.55
C VAL T 8 16.54 44.98 38.50
N ILE T 9 16.47 44.42 37.30
CA ILE T 9 16.48 42.99 37.13
C ILE T 9 17.45 42.60 36.05
N GLY T 10 18.37 41.69 36.38
CA GLY T 10 19.25 41.07 35.40
C GLY T 10 19.12 39.56 35.46
N LEU T 11 19.49 38.91 34.36
CA LEU T 11 19.38 37.46 34.23
C LEU T 11 20.65 36.76 33.74
N GLU T 12 20.92 35.57 34.26
CA GLU T 12 22.02 34.70 33.76
C GLU T 12 21.44 33.44 33.16
N ILE T 13 21.56 33.30 31.87
CA ILE T 13 20.88 32.26 31.17
C ILE T 13 21.91 31.27 30.66
N HIS T 14 21.65 29.97 30.85
CA HIS T 14 22.51 28.97 30.27
C HIS T 14 21.73 28.30 29.14
N VAL T 15 22.30 28.22 27.95
CA VAL T 15 21.57 27.75 26.80
C VAL T 15 22.28 26.53 26.21
N GLN T 16 21.56 25.42 26.13
CA GLN T 16 22.15 24.20 25.70
C GLN T 16 22.19 24.17 24.19
N MET T 17 23.35 23.87 23.64
CA MET T 17 23.55 23.88 22.21
C MET T 17 23.13 22.57 21.57
N ASP T 18 22.37 22.69 20.50
CA ASP T 18 21.84 21.57 19.76
C ASP T 18 22.94 20.93 18.89
N THR T 19 24.01 20.50 19.54
CA THR T 19 25.07 19.75 18.84
C THR T 19 24.82 18.23 18.94
N LYS T 20 25.33 17.46 17.98
CA LYS T 20 25.31 15.99 18.10
C LYS T 20 26.17 15.54 19.30
N THR T 21 27.32 16.22 19.46
CA THR T 21 28.40 15.78 20.37
C THR T 21 28.59 16.73 21.55
N LYS T 22 29.28 16.25 22.59
CA LYS T 22 29.60 17.07 23.76
C LYS T 22 30.64 18.17 23.45
N MET T 23 30.92 19.03 24.41
CA MET T 23 31.83 20.16 24.15
C MET T 23 33.30 19.76 23.90
N PHE T 24 33.78 18.82 24.71
CA PHE T 24 35.20 18.47 24.76
C PHE T 24 35.53 17.00 24.48
N CYS T 25 34.54 16.25 23.98
CA CYS T 25 34.70 14.83 23.60
C CYS T 25 33.57 14.41 22.70
N GLY T 26 33.74 13.33 21.97
CA GLY T 26 32.77 12.91 20.96
C GLY T 26 31.60 12.05 21.43
N CYS T 27 31.32 12.05 22.73
CA CYS T 27 30.10 11.42 23.25
C CYS T 27 28.83 12.17 22.81
N LYS T 28 27.75 11.41 22.63
CA LYS T 28 26.50 11.97 22.13
C LYS T 28 25.82 12.81 23.19
N VAL T 29 25.23 13.90 22.72
CA VAL T 29 24.27 14.71 23.47
C VAL T 29 22.87 14.22 23.09
N GLU T 30 22.12 13.70 24.07
CA GLU T 30 20.74 13.27 23.85
C GLU T 30 19.94 13.25 25.15
N PHE T 31 18.62 13.35 25.03
CA PHE T 31 17.74 13.42 26.21
C PHE T 31 17.20 12.04 26.61
N GLY T 32 17.27 11.78 27.91
CA GLY T 32 16.71 10.58 28.53
C GLY T 32 17.30 9.22 28.15
N ALA T 33 18.62 9.11 28.04
CA ALA T 33 19.22 7.78 27.84
C ALA T 33 19.42 7.10 29.20
N GLU T 34 19.85 5.83 29.18
CA GLU T 34 20.17 5.06 30.39
C GLU T 34 21.37 5.65 31.14
N PRO T 35 21.27 5.73 32.48
CA PRO T 35 22.22 6.48 33.28
C PRO T 35 23.65 6.10 32.98
N ASN T 36 24.52 7.10 32.75
CA ASN T 36 25.93 6.91 32.43
C ASN T 36 26.20 5.98 31.25
N THR T 37 25.51 6.17 30.13
CA THR T 37 25.88 5.45 28.90
C THR T 37 26.56 6.29 27.83
N ASN T 38 26.22 7.58 27.72
CA ASN T 38 26.95 8.50 26.82
C ASN T 38 28.14 9.19 27.53
N VAL T 39 29.19 8.40 27.77
CA VAL T 39 30.15 8.75 28.77
C VAL T 39 31.48 8.17 28.33
N CYS T 40 32.59 8.81 28.74
CA CYS T 40 33.96 8.43 28.32
C CYS T 40 34.99 9.03 29.30
N PRO T 41 36.28 8.66 29.14
CA PRO T 41 37.35 9.09 30.05
C PRO T 41 37.41 10.60 30.18
N VAL T 42 37.27 11.30 29.05
CA VAL T 42 37.27 12.76 29.05
C VAL T 42 36.17 13.32 29.95
N CYS T 43 34.92 13.04 29.58
CA CYS T 43 33.77 13.66 30.23
C CYS T 43 33.53 13.06 31.61
N LEU T 44 34.22 11.96 31.91
CA LEU T 44 34.08 11.29 33.19
C LEU T 44 35.09 11.81 34.19
N GLY T 45 35.98 12.68 33.74
CA GLY T 45 37.02 13.25 34.60
C GLY T 45 37.97 12.17 35.04
N MET T 46 38.44 11.37 34.09
CA MET T 46 39.31 10.26 34.44
C MET T 46 40.77 10.66 34.27
N PRO T 47 41.67 10.01 35.06
CA PRO T 47 43.04 10.50 35.05
C PRO T 47 43.64 10.29 33.66
N GLY T 48 44.38 11.30 33.20
CA GLY T 48 45.08 11.25 31.91
C GLY T 48 44.25 11.63 30.72
N ALA T 49 42.99 11.95 30.94
CA ALA T 49 42.07 12.26 29.86
C ALA T 49 42.11 13.76 29.48
N LEU T 50 42.04 14.07 28.18
CA LEU T 50 42.23 15.45 27.70
C LEU T 50 41.06 16.02 26.86
N PRO T 51 40.72 17.32 27.07
CA PRO T 51 39.61 18.01 26.38
C PRO T 51 39.98 18.36 24.96
N ILE T 52 39.03 18.23 24.04
CA ILE T 52 39.20 18.67 22.66
C ILE T 52 37.96 19.45 22.19
N VAL T 53 38.16 20.70 21.81
CA VAL T 53 37.07 21.60 21.40
C VAL T 53 36.23 21.11 20.22
N ASN T 54 34.91 21.10 20.46
CA ASN T 54 33.88 20.90 19.45
C ASN T 54 33.76 22.08 18.46
N LYS T 55 34.05 21.84 17.18
CA LYS T 55 34.00 22.91 16.19
C LYS T 55 32.62 23.54 16.05
N ARG T 56 31.58 22.69 15.96
CA ARG T 56 30.19 23.16 15.78
C ARG T 56 29.73 23.96 16.98
N ALA T 57 30.10 23.52 18.17
CA ALA T 57 29.79 24.31 19.32
C ALA T 57 30.36 25.73 19.18
N VAL T 58 31.57 25.85 18.64
CA VAL T 58 32.19 27.16 18.45
C VAL T 58 31.44 27.92 17.37
N GLU T 59 31.07 27.23 16.29
CA GLU T 59 30.20 27.82 15.26
C GLU T 59 28.88 28.40 15.81
N TYR T 60 28.12 27.58 16.55
CA TYR T 60 26.83 28.02 17.06
C TYR T 60 26.99 29.17 18.03
N ALA T 61 28.05 29.18 18.82
CA ALA T 61 28.18 30.24 19.84
C ALA T 61 28.53 31.56 19.18
N ILE T 62 29.18 31.49 18.03
CA ILE T 62 29.46 32.71 17.28
C ILE T 62 28.16 33.23 16.65
N ARG T 63 27.44 32.36 15.95
CA ARG T 63 26.15 32.67 15.38
C ARG T 63 25.20 33.24 16.43
N ALA T 64 25.09 32.58 17.56
CA ALA T 64 24.28 33.12 18.64
C ALA T 64 24.73 34.52 19.05
N SER T 65 26.04 34.74 19.05
CA SER T 65 26.60 35.98 19.56
C SER T 65 26.26 37.17 18.65
N LEU T 66 26.27 36.91 17.35
CA LEU T 66 25.95 37.87 16.31
C LEU T 66 24.46 38.18 16.29
N ALA T 67 23.62 37.14 16.36
CA ALA T 67 22.17 37.29 16.48
C ALA T 67 21.81 38.15 17.67
N LEU T 68 22.67 38.17 18.69
CA LEU T 68 22.42 39.00 19.85
C LEU T 68 23.20 40.30 19.74
N ASN T 69 23.66 40.59 18.52
CA ASN T 69 24.36 41.85 18.19
C ASN T 69 25.58 42.13 19.07
N CYS T 70 26.29 41.07 19.45
CA CYS T 70 27.49 41.19 20.24
C CYS T 70 28.70 41.41 19.37
N GLU T 71 29.74 41.99 19.96
CA GLU T 71 31.07 42.01 19.33
C GLU T 71 31.74 40.64 19.62
N VAL T 72 32.11 39.92 18.57
CA VAL T 72 32.81 38.64 18.74
C VAL T 72 34.32 38.86 18.64
N HIS T 73 35.03 38.43 19.68
CA HIS T 73 36.46 38.58 19.83
C HIS T 73 37.26 37.49 19.18
N GLU T 74 38.17 37.89 18.32
CA GLU T 74 38.94 36.97 17.53
C GLU T 74 39.76 36.01 18.44
N GLU T 75 40.09 36.45 19.66
CA GLU T 75 40.77 35.58 20.62
C GLU T 75 40.06 35.56 21.96
N SER T 76 39.64 34.35 22.38
CA SER T 76 39.11 34.12 23.74
C SER T 76 39.77 32.89 24.32
N VAL T 77 39.64 32.75 25.63
CA VAL T 77 40.36 31.75 26.40
C VAL T 77 39.47 30.93 27.33
N PHE T 78 39.53 29.62 27.16
CA PHE T 78 38.90 28.67 28.10
C PHE T 78 39.66 28.67 29.41
N ALA T 79 38.95 28.93 30.49
CA ALA T 79 39.54 28.97 31.84
C ALA T 79 38.95 27.86 32.72
N ARG T 80 39.61 27.57 33.82
CA ARG T 80 39.17 26.51 34.67
C ARG T 80 38.45 27.06 35.84
N LYS T 81 37.22 26.63 36.04
CA LYS T 81 36.42 27.10 37.16
C LYS T 81 36.29 25.99 38.22
N HIS T 82 36.91 26.20 39.38
CA HIS T 82 37.11 25.14 40.35
C HIS T 82 36.04 25.12 41.44
N TYR T 83 35.36 23.97 41.62
CA TYR T 83 34.50 23.69 42.79
C TYR T 83 34.23 22.17 42.96
N PHE T 84 34.05 21.73 44.21
CA PHE T 84 33.82 20.32 44.51
C PHE T 84 32.34 19.98 44.63
N TYR T 85 31.85 19.17 43.70
CA TYR T 85 30.44 18.73 43.67
C TYR T 85 30.27 17.49 42.78
N PRO T 86 29.54 16.48 43.31
CA PRO T 86 29.39 15.16 42.75
C PRO T 86 29.00 15.15 41.30
N ASP T 87 28.29 16.17 40.83
CA ASP T 87 27.92 16.21 39.41
C ASP T 87 28.98 16.84 38.54
N LEU T 88 30.13 17.17 39.14
CA LEU T 88 31.24 17.82 38.42
C LEU T 88 32.52 17.00 38.51
N PRO T 89 32.74 16.17 37.47
CA PRO T 89 33.79 15.17 37.36
C PRO T 89 35.26 15.64 37.53
N LYS T 90 35.68 16.77 36.93
CA LYS T 90 37.10 17.17 37.08
C LYS T 90 37.43 17.93 38.33
N GLY T 91 36.45 18.42 39.06
CA GLY T 91 36.75 19.29 40.21
C GLY T 91 36.81 20.74 39.72
N TYR T 92 36.49 20.89 38.45
CA TYR T 92 36.41 22.19 37.82
C TYR T 92 35.56 22.14 36.56
N GLN T 93 34.89 23.26 36.26
CA GLN T 93 34.22 23.48 34.98
C GLN T 93 35.13 24.26 34.04
N ILE T 94 35.21 23.81 32.80
CA ILE T 94 35.87 24.57 31.75
C ILE T 94 34.85 25.54 31.12
N SER T 95 35.11 26.84 31.30
CA SER T 95 34.29 27.90 30.71
C SER T 95 35.21 28.99 30.17
N GLN T 96 34.73 30.23 30.20
CA GLN T 96 35.54 31.39 29.94
C GLN T 96 35.32 32.38 31.06
N TYR T 97 36.26 33.31 31.22
CA TYR T 97 36.27 34.25 32.33
C TYR T 97 36.63 35.68 31.83
N GLU T 98 37.79 36.23 32.17
CA GLU T 98 38.26 37.39 31.39
C GLU T 98 38.49 36.80 30.00
N LYS T 99 38.39 37.58 28.96
CA LYS T 99 38.51 36.99 27.61
C LYS T 99 37.37 35.98 27.23
N PRO T 100 36.09 36.43 27.32
CA PRO T 100 34.93 35.69 26.82
C PRO T 100 34.81 35.85 25.32
N LEU T 101 34.00 35.01 24.68
CA LEU T 101 33.90 35.00 23.22
C LEU T 101 33.23 36.25 22.65
N ALA T 102 32.20 36.75 23.32
CA ALA T 102 31.44 37.88 22.81
C ALA T 102 30.97 38.77 23.92
N THR T 103 30.78 40.04 23.57
CA THR T 103 30.57 41.11 24.53
C THR T 103 29.74 42.22 23.87
N ASN T 104 29.12 43.08 24.69
CA ASN T 104 28.43 44.30 24.23
C ASN T 104 27.32 44.05 23.19
N GLY T 105 26.29 43.28 23.55
CA GLY T 105 25.17 43.03 22.66
C GLY T 105 23.84 43.58 23.20
N TRP T 106 22.75 43.26 22.50
CA TRP T 106 21.42 43.71 22.91
C TRP T 106 20.28 42.88 22.33
N VAL T 107 19.22 42.77 23.12
CA VAL T 107 17.96 42.22 22.64
C VAL T 107 16.86 43.30 22.63
N GLU T 108 16.07 43.32 21.56
CA GLU T 108 14.92 44.24 21.48
C GLU T 108 13.59 43.61 21.93
N LEU T 109 13.00 44.22 22.94
CA LEU T 109 11.69 43.84 23.48
C LEU T 109 10.49 44.67 22.94
N ASN T 110 9.47 43.98 22.42
CA ASN T 110 8.21 44.63 22.06
C ASN T 110 7.21 44.49 23.21
N LEU T 111 6.88 45.64 23.79
CA LEU T 111 6.04 45.70 24.99
C LEU T 111 4.54 45.69 24.61
N PRO T 112 3.65 45.28 25.55
CA PRO T 112 2.24 45.13 25.14
C PRO T 112 1.52 46.47 25.05
N ASN T 113 2.23 47.56 25.29
CA ASN T 113 1.66 48.90 25.20
C ASN T 113 2.17 49.68 23.99
N GLY T 114 2.73 48.97 23.02
CA GLY T 114 3.21 49.59 21.77
C GLY T 114 4.70 49.88 21.71
N GLU T 115 5.32 50.03 22.88
CA GLU T 115 6.72 50.46 22.95
C GLU T 115 7.79 49.35 22.81
N LYS T 116 8.89 49.71 22.13
CA LYS T 116 10.05 48.84 21.97
C LYS T 116 11.13 49.27 22.98
N LYS T 117 11.73 48.28 23.64
CA LYS T 117 12.78 48.52 24.65
C LYS T 117 14.02 47.68 24.32
N LYS T 118 15.17 48.09 24.85
CA LYS T 118 16.39 47.31 24.67
C LYS T 118 16.93 46.75 25.98
N VAL T 119 17.31 45.47 25.95
CA VAL T 119 18.06 44.89 27.05
C VAL T 119 19.43 44.45 26.54
N ARG T 120 20.48 44.90 27.24
CA ARG T 120 21.85 44.61 26.82
C ARG T 120 22.32 43.22 27.22
N ILE T 121 22.93 42.53 26.28
CA ILE T 121 23.74 41.39 26.61
C ILE T 121 25.16 41.83 27.02
N ARG T 122 25.50 41.56 28.27
CA ARG T 122 26.86 41.83 28.81
C ARG T 122 27.94 40.89 28.27
N ARG T 123 27.58 39.63 27.99
CA ARG T 123 28.55 38.58 27.70
C ARG T 123 27.86 37.30 27.17
N LEU T 124 28.50 36.67 26.22
CA LEU T 124 28.17 35.31 25.89
C LEU T 124 29.49 34.52 25.90
N HIS T 125 29.69 33.64 26.87
CA HIS T 125 30.78 32.69 26.72
C HIS T 125 30.37 31.22 26.55
N ILE T 126 31.34 30.45 26.07
CA ILE T 126 31.23 29.01 25.87
C ILE T 126 31.65 28.28 27.13
N GLU T 127 30.91 27.22 27.46
CA GLU T 127 31.25 26.37 28.60
C GLU T 127 30.51 25.05 28.58
N GLU T 128 30.91 24.13 29.45
CA GLU T 128 30.37 22.80 29.40
C GLU T 128 29.49 22.59 30.63
N ASP T 129 28.53 21.67 30.51
CA ASP T 129 27.56 21.39 31.56
C ASP T 129 28.14 20.42 32.61
N ALA T 130 27.55 20.45 33.80
CA ALA T 130 27.76 19.40 34.79
C ALA T 130 26.81 18.19 34.52
N GLY T 131 26.87 17.15 35.35
CA GLY T 131 25.92 16.02 35.24
C GLY T 131 24.69 16.27 36.11
N LYS T 132 23.85 15.26 36.30
CA LYS T 132 22.66 15.41 37.17
C LYS T 132 22.58 14.44 38.34
N ASN T 133 22.17 14.97 39.47
CA ASN T 133 21.93 14.18 40.68
C ASN T 133 20.44 13.83 40.87
N ILE T 134 20.20 12.57 41.23
CA ILE T 134 18.89 12.09 41.69
C ILE T 134 19.05 11.70 43.16
N HIS T 135 18.11 12.09 44.01
CA HIS T 135 18.21 11.80 45.44
C HIS T 135 17.25 10.67 45.80
N GLU T 136 17.76 9.73 46.59
CA GLU T 136 17.07 8.47 46.88
C GLU T 136 17.51 7.98 48.27
N GLY T 137 16.75 8.35 49.27
CA GLY T 137 17.06 7.91 50.62
C GLY T 137 18.16 8.76 51.20
N ASP T 138 19.20 8.13 51.74
CA ASP T 138 20.35 8.85 52.29
C ASP T 138 21.53 8.96 51.27
N LYS T 139 21.24 8.66 50.02
CA LYS T 139 22.22 8.68 48.94
C LYS T 139 21.82 9.57 47.75
N THR T 140 22.84 10.08 47.03
CA THR T 140 22.62 10.78 45.77
C THR T 140 23.14 9.90 44.64
N LEU T 141 22.32 9.77 43.60
CA LEU T 141 22.68 8.97 42.44
C LEU T 141 23.09 9.89 41.33
N VAL T 142 24.25 9.65 40.74
CA VAL T 142 24.85 10.58 39.80
C VAL T 142 24.93 10.04 38.38
N ASP T 143 24.19 10.63 37.45
CA ASP T 143 24.32 10.29 36.03
C ASP T 143 25.11 11.40 35.35
N LEU T 144 26.24 11.08 34.77
CA LEU T 144 27.06 12.07 34.13
C LEU T 144 26.89 12.06 32.62
N ASN T 145 25.73 11.63 32.13
CA ASN T 145 25.43 11.73 30.69
C ASN T 145 25.47 13.16 30.17
N ARG T 146 25.17 14.10 31.05
CA ARG T 146 25.03 15.50 30.68
C ARG T 146 26.33 16.31 30.88
N ALA T 147 27.19 15.88 31.81
CA ALA T 147 28.54 16.45 31.99
C ALA T 147 29.25 16.65 30.65
N GLY T 148 29.68 17.90 30.42
CA GLY T 148 30.40 18.29 29.21
C GLY T 148 29.55 18.65 28.00
N THR T 149 28.24 18.85 28.23
CA THR T 149 27.35 19.22 27.13
C THR T 149 27.51 20.73 26.95
N PRO T 150 27.61 21.20 25.70
CA PRO T 150 27.95 22.59 25.44
C PRO T 150 26.86 23.56 25.87
N LEU T 151 27.27 24.60 26.58
CA LEU T 151 26.36 25.65 27.00
C LEU T 151 26.86 27.02 26.54
N MET T 152 25.93 27.93 26.26
CA MET T 152 26.29 29.31 26.11
C MET T 152 25.88 29.90 27.45
N GLU T 153 26.81 30.48 28.21
CA GLU T 153 26.36 31.26 29.33
C GLU T 153 26.09 32.65 28.82
N ILE T 154 24.89 33.17 29.10
CA ILE T 154 24.42 34.50 28.61
C ILE T 154 24.06 35.41 29.79
N VAL T 155 24.75 36.52 29.91
CA VAL T 155 24.53 37.42 31.03
C VAL T 155 24.00 38.76 30.50
N THR T 156 23.09 39.35 31.25
CA THR T 156 22.31 40.49 30.86
C THR T 156 22.80 41.63 31.72
N GLU T 157 22.79 42.85 31.22
CA GLU T 157 22.98 44.02 32.09
C GLU T 157 21.69 44.19 32.92
N PRO T 158 21.73 44.90 34.05
CA PRO T 158 20.45 44.93 34.79
C PRO T 158 19.42 45.94 34.19
N ASP T 159 19.06 45.73 32.92
CA ASP T 159 18.23 46.65 32.14
C ASP T 159 16.72 46.39 32.21
N ILE T 160 16.33 45.18 32.66
CA ILE T 160 14.95 44.75 32.75
C ILE T 160 14.32 45.40 33.95
N ARG T 161 13.08 45.85 33.78
CA ARG T 161 12.42 46.70 34.74
C ARG T 161 11.18 46.07 35.36
N THR T 162 10.66 45.02 34.74
CA THR T 162 9.35 44.50 35.08
C THR T 162 9.24 42.97 34.94
N PRO T 163 8.48 42.31 35.84
CA PRO T 163 8.31 40.85 35.78
C PRO T 163 7.88 40.38 34.41
N GLU T 164 7.02 41.15 33.75
CA GLU T 164 6.54 40.76 32.45
C GLU T 164 7.67 40.84 31.43
N GLU T 165 8.50 41.88 31.57
CA GLU T 165 9.64 42.13 30.70
C GLU T 165 10.64 41.00 30.78
N ALA T 166 10.89 40.55 32.01
CA ALA T 166 11.71 39.39 32.25
C ALA T 166 11.24 38.22 31.40
N ARG T 167 9.94 37.91 31.44
CA ARG T 167 9.39 36.79 30.68
C ARG T 167 9.44 37.07 29.19
N LEU T 168 9.10 38.30 28.82
CA LEU T 168 9.15 38.69 27.42
C LEU T 168 10.58 38.60 26.88
N PHE T 169 11.55 38.90 27.75
CA PHE T 169 12.98 38.73 27.41
C PHE T 169 13.31 37.29 27.07
N LEU T 170 13.01 36.41 28.03
CA LEU T 170 13.20 34.97 27.89
C LEU T 170 12.54 34.42 26.65
N GLU T 171 11.35 34.91 26.33
CA GLU T 171 10.60 34.45 25.17
C GLU T 171 11.31 34.83 23.87
N LYS T 172 11.87 36.05 23.83
CA LYS T 172 12.51 36.59 22.64
C LYS T 172 13.89 35.94 22.47
N LEU T 173 14.63 35.82 23.57
CA LEU T 173 15.85 34.98 23.59
C LEU T 173 15.58 33.59 23.03
N ARG T 174 14.63 32.88 23.62
CA ARG T 174 14.25 31.57 23.13
C ARG T 174 14.04 31.60 21.61
N ASN T 175 13.27 32.58 21.16
CA ASN T 175 12.89 32.62 19.76
C ASN T 175 14.06 32.94 18.82
N ILE T 176 14.98 33.79 19.28
CA ILE T 176 16.21 34.07 18.52
C ILE T 176 17.10 32.81 18.39
N MET T 177 17.35 32.16 19.54
CA MET T 177 18.04 30.88 19.59
C MET T 177 17.43 29.90 18.60
N ARG T 178 16.10 29.77 18.63
CA ARG T 178 15.40 28.84 17.73
C ARG T 178 15.51 29.20 16.25
N TYR T 179 15.40 30.49 15.93
CA TYR T 179 15.52 30.99 14.57
C TYR T 179 16.95 30.83 14.05
N ALA T 180 17.91 31.12 14.92
CA ALA T 180 19.35 30.91 14.63
C ALA T 180 19.66 29.46 14.31
N GLY T 181 18.98 28.55 14.99
CA GLY T 181 19.13 27.12 14.78
C GLY T 181 20.20 26.58 15.71
N VAL T 182 20.39 27.26 16.83
CA VAL T 182 21.51 26.94 17.70
C VAL T 182 21.10 26.06 18.87
N SER T 183 19.87 26.23 19.32
CA SER T 183 19.35 25.48 20.46
C SER T 183 17.82 25.37 20.34
N LYS T 184 17.24 24.38 21.01
CA LYS T 184 15.78 24.21 21.03
C LYS T 184 15.19 25.04 22.17
N ALA T 185 16.01 25.27 23.18
CA ALA T 185 15.77 26.31 24.18
C ALA T 185 14.48 26.18 24.94
N ASP T 186 13.91 24.98 24.98
CA ASP T 186 12.73 24.71 25.79
C ASP T 186 13.15 24.44 27.24
N MET T 187 12.69 25.29 28.16
CA MET T 187 12.96 25.09 29.58
C MET T 187 12.55 23.69 30.10
N GLU T 188 11.48 23.13 29.53
CA GLU T 188 10.94 21.79 29.92
C GLU T 188 11.99 20.65 29.94
N LYS T 189 12.83 20.61 28.91
CA LYS T 189 13.87 19.59 28.80
C LYS T 189 15.19 20.12 29.36
N GLY T 190 15.17 21.21 30.13
CA GLY T 190 16.28 21.97 30.68
C GLY T 190 17.31 22.33 29.63
N GLN T 191 16.91 22.66 28.43
CA GLN T 191 17.74 23.22 27.40
C GLN T 191 17.96 24.73 27.60
N LEU T 192 17.41 25.27 28.67
CA LEU T 192 17.50 26.67 29.00
C LEU T 192 17.25 26.81 30.46
N ARG T 193 18.27 27.24 31.19
CA ARG T 193 18.12 27.55 32.60
C ARG T 193 18.23 29.05 32.76
N CYS T 194 17.78 29.55 33.90
CA CYS T 194 17.78 30.97 34.13
C CYS T 194 17.83 31.31 35.60
N ASP T 195 18.92 31.96 36.01
CA ASP T 195 19.04 32.47 37.37
C ASP T 195 18.70 33.95 37.30
N ILE T 196 18.09 34.45 38.37
CA ILE T 196 17.51 35.78 38.39
C ILE T 196 18.22 36.62 39.43
N ASN T 197 18.49 37.88 39.10
CA ASN T 197 19.15 38.82 40.01
C ASN T 197 18.31 40.08 40.08
N VAL T 198 17.93 40.49 41.30
CA VAL T 198 16.96 41.58 41.44
C VAL T 198 17.19 42.49 42.63
N SER T 199 17.15 43.79 42.36
CA SER T 199 17.28 44.84 43.36
C SER T 199 16.16 45.85 43.16
N ILE T 200 15.86 46.61 44.21
CA ILE T 200 14.90 47.74 44.08
C ILE T 200 15.57 49.08 44.36
N ARG T 201 14.94 50.14 43.87
CA ARG T 201 15.56 51.45 43.80
C ARG T 201 14.48 52.53 43.83
N PRO T 202 14.68 53.60 44.64
CA PRO T 202 13.81 54.79 44.55
C PRO T 202 13.72 55.25 43.10
N LYS T 203 12.49 55.36 42.58
CA LYS T 203 12.26 55.72 41.18
C LYS T 203 13.17 56.87 40.74
N GLY T 204 13.79 56.72 39.56
CA GLY T 204 14.63 57.77 38.99
C GLY T 204 16.04 57.88 39.57
N SER T 205 16.30 57.25 40.72
CA SER T 205 17.66 57.15 41.28
C SER T 205 18.61 56.41 40.33
N LYS T 206 19.91 56.74 40.42
CA LYS T 206 20.93 56.15 39.54
C LYS T 206 21.81 55.11 40.23
N GLU T 207 21.78 55.11 41.55
CA GLU T 207 22.49 54.12 42.36
C GLU T 207 21.79 52.73 42.31
N PHE T 208 22.50 51.67 42.69
CA PHE T 208 21.92 50.32 42.68
C PHE T 208 21.67 49.82 44.11
N GLY T 209 20.47 49.29 44.34
CA GLY T 209 20.11 48.70 45.64
C GLY T 209 20.69 47.29 45.74
N THR T 210 20.64 46.71 46.94
CA THR T 210 21.29 45.42 47.16
C THR T 210 20.58 44.29 46.46
N ARG T 211 21.39 43.30 46.06
CA ARG T 211 20.99 42.28 45.08
C ARG T 211 20.64 40.92 45.70
N VAL T 212 19.52 40.34 45.22
CA VAL T 212 19.11 38.99 45.60
C VAL T 212 19.09 38.11 44.36
N GLU T 213 19.60 36.90 44.52
CA GLU T 213 19.54 35.96 43.43
C GLU T 213 18.49 34.88 43.72
N ILE T 214 17.68 34.57 42.72
CA ILE T 214 16.68 33.49 42.85
C ILE T 214 17.02 32.36 41.87
N LYS T 215 17.23 31.16 42.41
CA LYS T 215 17.69 30.05 41.57
C LYS T 215 16.66 28.93 41.29
N ASN T 216 16.93 28.20 40.21
CA ASN T 216 16.06 27.12 39.69
C ASN T 216 14.58 27.50 39.63
N VAL T 217 14.29 28.47 38.77
CA VAL T 217 12.93 28.79 38.44
C VAL T 217 12.76 28.20 37.04
N ASN T 218 11.76 27.31 36.89
CA ASN T 218 11.76 26.32 35.80
C ASN T 218 10.91 26.57 34.55
N SER T 219 10.09 27.64 34.56
CA SER T 219 9.28 28.02 33.40
C SER T 219 9.29 29.52 33.26
N PHE T 220 9.03 30.00 32.05
CA PHE T 220 8.95 31.44 31.81
C PHE T 220 7.91 32.05 32.73
N ARG T 221 6.74 31.40 32.84
CA ARG T 221 5.69 31.83 33.74
C ARG T 221 6.17 31.91 35.18
N PHE T 222 6.89 30.88 35.61
CA PHE T 222 7.43 30.84 36.97
C PHE T 222 8.41 31.99 37.30
N VAL T 223 9.19 32.45 36.32
CA VAL T 223 10.10 33.59 36.56
C VAL T 223 9.33 34.89 36.76
N GLN T 224 8.23 35.05 36.00
CA GLN T 224 7.30 36.16 36.20
C GLN T 224 6.74 36.15 37.62
N LYS T 225 6.28 34.98 38.07
CA LYS T 225 5.67 34.86 39.39
C LYS T 225 6.67 35.07 40.51
N ALA T 226 7.84 34.41 40.41
CA ALA T 226 8.91 34.58 41.39
C ALA T 226 9.27 36.06 41.52
N LEU T 227 9.46 36.69 40.37
CA LEU T 227 9.73 38.12 40.31
C LEU T 227 8.63 38.99 40.89
N GLU T 228 7.38 38.76 40.47
CA GLU T 228 6.21 39.51 40.98
C GLU T 228 6.21 39.55 42.50
N TYR T 229 6.42 38.38 43.10
CA TYR T 229 6.46 38.25 44.53
C TYR T 229 7.67 38.95 45.15
N GLU T 230 8.85 38.69 44.61
CA GLU T 230 10.10 39.16 45.24
C GLU T 230 10.16 40.69 45.31
N ILE T 231 9.77 41.34 44.21
CA ILE T 231 9.62 42.81 44.18
C ILE T 231 8.71 43.27 45.32
N GLU T 232 7.57 42.60 45.48
CA GLU T 232 6.65 42.85 46.60
C GLU T 232 7.37 42.66 47.94
N ARG T 233 8.05 41.52 48.09
CA ARG T 233 8.75 41.20 49.32
C ARG T 233 9.76 42.29 49.66
N GLN T 234 10.53 42.71 48.65
CA GLN T 234 11.58 43.72 48.82
C GLN T 234 11.02 45.10 49.17
N ILE T 235 9.97 45.53 48.47
CA ILE T 235 9.35 46.82 48.77
C ILE T 235 8.82 46.84 50.21
N ASN T 236 8.08 45.78 50.57
CA ASN T 236 7.62 45.55 51.95
C ASN T 236 8.74 45.86 52.93
N VAL T 237 9.81 45.06 52.87
CA VAL T 237 10.97 45.16 53.77
C VAL T 237 11.47 46.61 53.91
N VAL T 238 11.70 47.28 52.78
CA VAL T 238 12.27 48.63 52.78
C VAL T 238 11.35 49.67 53.42
N GLU T 239 10.05 49.63 53.08
CA GLU T 239 9.09 50.60 53.63
C GLU T 239 8.65 50.29 55.06
N GLU T 240 8.96 49.09 55.55
CA GLU T 240 8.82 48.78 56.96
C GLU T 240 10.06 49.20 57.75
N GLY T 241 10.90 50.04 57.12
CA GLY T 241 12.11 50.61 57.74
C GLY T 241 13.32 49.69 57.80
N GLY T 242 13.23 48.53 57.14
CA GLY T 242 14.30 47.51 57.17
C GLY T 242 15.21 47.44 55.95
N GLU T 243 16.34 46.75 56.11
CA GLU T 243 17.31 46.57 55.02
C GLU T 243 17.08 45.25 54.31
N VAL T 244 17.12 45.29 52.97
CA VAL T 244 17.06 44.06 52.18
C VAL T 244 18.44 43.39 52.20
N VAL T 245 18.48 42.12 52.60
CA VAL T 245 19.74 41.38 52.78
C VAL T 245 20.17 40.64 51.51
N GLN T 246 21.48 40.63 51.24
CA GLN T 246 22.03 39.99 50.07
C GLN T 246 22.17 38.46 50.22
N GLU T 247 21.46 37.72 49.38
CA GLU T 247 21.36 36.27 49.52
C GLU T 247 20.93 35.62 48.21
N THR T 248 21.04 34.30 48.17
CA THR T 248 20.34 33.52 47.16
C THR T 248 19.02 33.01 47.77
N ARG T 249 17.98 32.88 46.94
CA ARG T 249 16.66 32.40 47.35
C ARG T 249 16.12 31.37 46.38
N THR T 250 15.12 30.60 46.83
CA THR T 250 14.48 29.60 45.98
C THR T 250 13.00 29.91 45.82
N PHE T 251 12.38 29.33 44.80
CA PHE T 251 10.97 29.59 44.48
C PHE T 251 10.15 28.28 44.42
N ASP T 252 9.02 28.25 45.15
CA ASP T 252 8.08 27.11 45.09
C ASP T 252 6.90 27.42 44.18
N PRO T 253 6.81 26.71 43.04
CA PRO T 253 5.68 26.86 42.12
C PRO T 253 4.34 26.79 42.89
N GLN T 254 4.18 25.73 43.69
CA GLN T 254 2.96 25.47 44.49
C GLN T 254 2.45 26.67 45.30
N THR T 255 3.36 27.38 45.96
CA THR T 255 2.98 28.48 46.83
C THR T 255 3.13 29.87 46.20
N GLY T 256 3.85 29.94 45.08
CA GLY T 256 4.14 31.22 44.40
C GLY T 256 5.07 32.16 45.17
N LYS T 257 5.80 31.61 46.14
CA LYS T 257 6.65 32.41 47.02
C LYS T 257 8.14 32.06 46.89
N THR T 258 8.99 32.99 47.34
CA THR T 258 10.44 32.77 47.40
C THR T 258 10.91 32.65 48.85
N TYR T 259 11.88 31.78 49.08
CA TYR T 259 12.37 31.49 50.43
C TYR T 259 13.90 31.62 50.55
N PRO T 260 14.37 32.19 51.66
CA PRO T 260 15.79 32.16 51.97
C PRO T 260 16.20 30.71 52.22
N MET T 261 17.50 30.44 52.30
CA MET T 261 17.95 29.07 52.51
C MET T 261 18.48 28.83 53.92
N ARG T 262 18.33 27.60 54.39
CA ARG T 262 18.72 27.22 55.75
C ARG T 262 20.25 27.13 55.93
N THR T 263 20.97 26.97 54.82
CA THR T 263 22.43 26.87 54.83
C THR T 263 23.14 28.19 54.47
N LYS T 264 23.83 28.77 55.46
CA LYS T 264 24.66 29.98 55.30
C LYS T 264 26.03 29.67 54.62
N GLU T 265 25.95 28.90 53.53
CA GLU T 265 27.13 28.45 52.79
C GLU T 265 27.56 29.45 51.72
N GLU T 266 28.62 30.21 52.04
CA GLU T 266 29.21 31.20 51.13
C GLU T 266 29.80 30.53 49.89
N ALA T 267 29.96 31.29 48.82
CA ALA T 267 30.71 30.81 47.67
C ALA T 267 32.22 30.78 47.98
N GLU T 268 32.96 30.06 47.14
CA GLU T 268 34.40 29.91 47.32
C GLU T 268 35.10 30.32 46.05
N ASP T 269 36.22 31.05 46.23
CA ASP T 269 37.12 31.44 45.16
C ASP T 269 37.16 30.37 44.07
N TYR T 270 36.82 30.74 42.83
CA TYR T 270 36.85 29.76 41.76
C TYR T 270 38.24 29.41 41.21
N ARG T 271 39.28 30.09 41.72
CA ARG T 271 40.67 29.91 41.32
C ARG T 271 40.84 29.78 39.80
N TYR T 272 40.21 30.69 39.07
CA TYR T 272 40.30 30.77 37.60
C TYR T 272 41.73 30.89 37.05
N PHE T 273 41.94 30.30 35.88
CA PHE T 273 43.19 30.42 35.16
C PHE T 273 43.12 29.67 33.86
N PRO T 274 43.88 30.11 32.84
CA PRO T 274 43.66 29.45 31.54
C PRO T 274 43.89 27.94 31.65
N ASP T 275 43.05 27.13 31.04
CA ASP T 275 43.26 25.71 31.07
C ASP T 275 44.52 25.43 30.29
N PRO T 276 45.51 24.78 30.91
CA PRO T 276 46.73 24.46 30.19
C PRO T 276 46.60 23.29 29.24
N ASP T 277 45.42 22.64 29.15
CA ASP T 277 45.26 21.58 28.15
C ASP T 277 44.80 22.13 26.82
N LEU T 278 44.46 23.41 26.79
CA LEU T 278 43.89 24.04 25.59
C LEU T 278 44.61 25.35 25.28
N VAL T 279 44.92 25.54 24.00
CA VAL T 279 45.37 26.82 23.49
C VAL T 279 44.19 27.80 23.43
N PRO T 280 44.47 29.12 23.42
CA PRO T 280 43.40 30.09 23.19
C PRO T 280 42.58 29.82 21.95
N LEU T 281 41.28 30.11 22.06
CA LEU T 281 40.35 29.96 20.96
C LEU T 281 40.55 31.14 20.02
N LYS T 282 41.07 30.88 18.83
CA LYS T 282 41.34 31.93 17.88
C LYS T 282 40.36 31.86 16.72
N VAL T 283 39.53 32.90 16.63
CA VAL T 283 38.47 32.96 15.64
C VAL T 283 38.84 33.89 14.49
N LYS T 284 39.12 33.32 13.33
CA LYS T 284 39.42 34.12 12.14
C LYS T 284 38.29 35.11 11.81
N LYS T 285 38.66 36.32 11.40
CA LYS T 285 37.68 37.31 10.93
C LYS T 285 36.88 36.76 9.76
N GLU T 286 37.54 35.99 8.91
CA GLU T 286 36.94 35.42 7.71
C GLU T 286 35.80 34.48 8.05
N TRP T 287 35.89 33.86 9.22
CA TRP T 287 34.88 32.91 9.71
C TRP T 287 33.64 33.63 10.25
N ILE T 288 33.88 34.74 10.94
CA ILE T 288 32.81 35.63 11.38
C ILE T 288 32.01 36.18 10.18
N GLU T 289 32.71 36.73 9.18
CA GLU T 289 32.10 37.19 7.93
C GLU T 289 31.18 36.13 7.30
N GLU T 290 31.63 34.88 7.33
CA GLU T 290 30.93 33.76 6.70
C GLU T 290 29.68 33.31 7.46
N ILE T 291 29.72 33.38 8.78
CA ILE T 291 28.55 33.07 9.60
C ILE T 291 27.54 34.20 9.46
N LYS T 292 28.05 35.43 9.46
CA LYS T 292 27.27 36.67 9.25
C LYS T 292 26.48 36.60 7.95
N LYS T 293 27.20 36.34 6.85
CA LYS T 293 26.64 36.27 5.51
C LYS T 293 25.54 35.22 5.40
N ASN T 294 25.77 34.08 5.98
CA ASN T 294 24.87 32.92 5.84
C ASN T 294 23.91 32.79 6.99
N MET T 295 23.80 33.86 7.76
CA MET T 295 22.91 33.87 8.91
C MET T 295 21.49 33.60 8.44
N PRO T 296 20.80 32.60 9.06
CA PRO T 296 19.35 32.38 8.85
C PRO T 296 18.54 33.62 9.24
N GLU T 297 17.35 33.79 8.65
CA GLU T 297 16.47 34.92 9.00
C GLU T 297 16.04 34.89 10.47
N LEU T 298 16.11 36.07 11.07
CA LEU T 298 15.81 36.23 12.48
C LEU T 298 14.40 36.77 12.62
N PRO T 299 13.81 36.67 13.82
CA PRO T 299 12.42 37.06 14.07
C PRO T 299 12.05 38.46 13.56
N ASP T 300 12.73 39.50 14.08
CA ASP T 300 12.47 40.89 13.69
C ASP T 300 12.54 41.12 12.18
N GLN T 301 13.46 40.44 11.50
CA GLN T 301 13.53 40.50 10.04
C GLN T 301 12.27 39.87 9.42
N ARG T 302 11.90 38.66 9.84
CA ARG T 302 10.73 37.96 9.27
C ARG T 302 9.48 38.80 9.44
N PHE T 303 9.28 39.32 10.65
CA PHE T 303 8.16 40.21 10.98
C PHE T 303 7.87 41.32 9.96
N GLU T 304 8.90 42.07 9.56
CA GLU T 304 8.73 43.14 8.56
C GLU T 304 8.52 42.56 7.16
N ARG T 305 9.15 41.43 6.87
CA ARG T 305 9.05 40.79 5.56
C ARG T 305 7.63 40.23 5.28
N LEU T 306 7.00 39.63 6.30
CA LEU T 306 5.64 39.11 6.14
C LEU T 306 4.66 40.26 5.89
N ILE T 307 4.69 41.28 6.75
CA ILE T 307 3.94 42.54 6.54
C ILE T 307 4.02 43.08 5.11
N LYS T 308 5.23 43.17 4.55
CA LYS T 308 5.37 43.65 3.19
C LYS T 308 5.05 42.61 2.14
N GLU T 309 5.80 41.52 2.10
CA GLU T 309 5.62 40.46 1.09
C GLU T 309 4.17 39.92 0.96
N TYR T 310 3.38 40.01 2.04
CA TYR T 310 2.06 39.36 2.09
C TYR T 310 0.94 40.29 2.57
N GLY T 311 1.30 41.51 2.95
CA GLY T 311 0.32 42.47 3.44
C GLY T 311 -0.40 42.06 4.71
N LEU T 312 0.21 41.21 5.54
CA LEU T 312 -0.40 40.83 6.81
C LEU T 312 -0.41 41.98 7.78
N SER T 313 -1.27 41.89 8.77
CA SER T 313 -1.34 42.90 9.79
C SER T 313 -0.31 42.56 10.86
N GLU T 314 0.04 43.55 11.68
CA GLU T 314 0.94 43.34 12.81
C GLU T 314 0.44 42.31 13.83
N TYR T 315 -0.89 42.11 13.86
CA TYR T 315 -1.49 41.07 14.67
C TYR T 315 -1.17 39.67 14.11
N GLU T 316 -1.35 39.53 12.80
CA GLU T 316 -1.21 38.26 12.13
C GLU T 316 0.24 37.75 12.08
N ALA T 317 1.14 38.62 11.59
CA ALA T 317 2.57 38.31 11.49
C ALA T 317 3.20 37.96 12.85
N GLY T 318 2.81 38.70 13.89
CA GLY T 318 3.28 38.45 15.25
C GLY T 318 3.00 37.02 15.65
N ILE T 319 1.79 36.56 15.38
CA ILE T 319 1.43 35.17 15.61
C ILE T 319 2.35 34.21 14.82
N LEU T 320 2.51 34.48 13.52
CA LEU T 320 3.25 33.59 12.64
C LEU T 320 4.72 33.49 13.07
N VAL T 321 5.21 34.54 13.71
CA VAL T 321 6.65 34.73 13.89
C VAL T 321 7.09 34.35 15.29
N ASN T 322 6.17 34.50 16.25
CA ASN T 322 6.41 34.03 17.61
C ASN T 322 6.39 32.51 17.71
N HIS T 323 5.69 31.86 16.78
CA HIS T 323 5.71 30.42 16.66
C HIS T 323 6.16 30.10 15.25
N LYS T 324 7.46 29.84 15.11
CA LYS T 324 8.12 29.78 13.80
C LYS T 324 7.42 28.82 12.87
N GLU T 325 6.97 27.69 13.42
CA GLU T 325 6.50 26.58 12.62
C GLU T 325 5.12 26.87 12.00
N VAL T 326 4.40 27.80 12.61
CA VAL T 326 3.16 28.36 12.06
C VAL T 326 3.49 29.20 10.82
N GLY T 327 4.45 30.11 10.95
CA GLY T 327 4.90 30.92 9.82
C GLY T 327 5.41 30.10 8.65
N ASP T 328 6.08 28.99 8.95
CA ASP T 328 6.65 28.14 7.89
C ASP T 328 5.53 27.37 7.22
N PHE T 329 4.53 26.97 8.02
CA PHE T 329 3.32 26.33 7.52
C PHE T 329 2.63 27.30 6.55
N PHE T 330 2.38 28.52 7.03
CA PHE T 330 1.78 29.57 6.22
C PHE T 330 2.48 29.79 4.89
N GLU T 331 3.81 29.91 4.93
CA GLU T 331 4.56 30.27 3.73
C GLU T 331 4.59 29.12 2.74
N GLU T 332 4.50 27.89 3.23
CA GLU T 332 4.46 26.74 2.35
C GLU T 332 3.05 26.58 1.77
N ALA T 333 2.05 26.99 2.54
CA ALA T 333 0.68 27.02 2.06
C ALA T 333 0.46 28.10 1.00
N VAL T 334 0.82 29.35 1.30
CA VAL T 334 0.68 30.46 0.36
C VAL T 334 1.45 30.21 -0.95
N ARG T 335 2.35 29.24 -0.91
CA ARG T 335 3.15 28.88 -2.06
C ARG T 335 2.28 28.12 -3.07
N HIS T 336 1.42 27.22 -2.57
CA HIS T 336 0.52 26.39 -3.41
C HIS T 336 -0.67 27.16 -4.01
N PHE T 337 -1.24 28.07 -3.22
CA PHE T 337 -2.30 28.97 -3.70
C PHE T 337 -2.03 30.40 -3.23
N LYS T 338 -1.74 31.30 -4.16
CA LYS T 338 -1.27 32.65 -3.82
C LYS T 338 -2.35 33.60 -3.29
N GLU T 339 -3.13 33.10 -2.31
CA GLU T 339 -4.10 33.91 -1.59
C GLU T 339 -3.68 34.00 -0.12
N PRO T 340 -2.81 34.99 0.19
CA PRO T 340 -2.26 35.11 1.53
C PRO T 340 -3.34 35.42 2.56
N LYS T 341 -4.17 36.42 2.25
CA LYS T 341 -5.16 36.94 3.20
C LYS T 341 -6.25 35.92 3.57
N GLY T 342 -6.68 35.13 2.59
CA GLY T 342 -7.56 34.00 2.85
C GLY T 342 -6.91 32.99 3.78
N ILE T 343 -5.68 32.60 3.43
CA ILE T 343 -4.97 31.56 4.17
C ILE T 343 -4.70 31.89 5.64
N VAL T 344 -4.20 33.10 5.93
CA VAL T 344 -4.01 33.52 7.33
C VAL T 344 -5.28 33.44 8.15
N ASN T 345 -6.40 33.80 7.52
CA ASN T 345 -7.69 33.72 8.16
C ASN T 345 -7.99 32.28 8.59
N TRP T 346 -8.07 31.37 7.62
CA TRP T 346 -8.42 29.97 7.88
C TRP T 346 -7.44 29.23 8.79
N LEU T 347 -6.15 29.58 8.68
CA LEU T 347 -5.11 29.12 9.60
C LEU T 347 -5.33 29.59 11.04
N ILE T 348 -5.38 30.90 11.24
CA ILE T 348 -5.51 31.49 12.58
C ILE T 348 -6.85 31.20 13.23
N ASN T 349 -7.91 31.27 12.44
CA ASN T 349 -9.28 31.25 12.97
C ASN T 349 -9.94 29.87 13.04
N ASP T 350 -9.37 28.93 12.30
CA ASP T 350 -9.95 27.61 12.20
C ASP T 350 -9.01 26.49 12.60
N LEU T 351 -7.97 26.31 11.79
CA LEU T 351 -6.97 25.25 11.95
C LEU T 351 -6.29 25.22 13.31
N LEU T 352 -5.59 26.30 13.64
CA LEU T 352 -4.88 26.40 14.90
C LEU T 352 -5.70 25.95 16.10
N GLY T 353 -6.96 26.37 16.19
CA GLY T 353 -7.78 26.08 17.36
C GLY T 353 -8.29 24.65 17.36
N LEU T 354 -8.49 24.12 16.17
CA LEU T 354 -8.89 22.73 15.99
C LEU T 354 -7.79 21.79 16.49
N LEU T 355 -6.56 22.03 16.01
CA LEU T 355 -5.35 21.34 16.46
C LEU T 355 -5.09 21.49 17.97
N ARG T 356 -5.25 22.71 18.50
CA ARG T 356 -5.06 22.92 19.93
C ARG T 356 -5.93 21.96 20.74
N ASP T 357 -7.17 21.78 20.28
CA ASP T 357 -8.20 20.98 20.96
C ASP T 357 -7.89 19.48 20.99
N LYS T 358 -7.47 18.96 19.84
CA LYS T 358 -6.94 17.58 19.73
C LYS T 358 -5.59 17.39 20.46
N GLY T 359 -4.84 18.47 20.64
CA GLY T 359 -3.56 18.47 21.37
C GLY T 359 -2.36 18.24 20.48
N ILE T 360 -2.52 18.58 19.22
CA ILE T 360 -1.52 18.30 18.19
C ILE T 360 -0.78 19.56 17.69
N SER T 361 0.55 19.48 17.61
CA SER T 361 1.38 20.59 17.16
C SER T 361 1.32 20.74 15.64
N ILE T 362 1.49 21.99 15.19
CA ILE T 362 1.44 22.37 13.76
C ILE T 362 2.44 21.61 12.87
N GLU T 363 3.51 21.09 13.48
CA GLU T 363 4.48 20.24 12.79
C GLU T 363 3.80 18.96 12.38
N GLU T 364 2.97 18.45 13.31
CA GLU T 364 2.38 17.11 13.24
C GLU T 364 0.95 17.05 12.64
N SER T 365 0.39 18.20 12.26
CA SER T 365 -1.01 18.27 11.79
C SER T 365 -1.30 17.47 10.51
N PRO T 366 -2.46 16.77 10.49
CA PRO T 366 -2.91 16.02 9.33
C PRO T 366 -3.18 16.93 8.13
N VAL T 367 -3.67 18.14 8.39
CA VAL T 367 -3.84 19.14 7.33
C VAL T 367 -2.44 19.70 7.04
N LYS T 368 -1.97 19.41 5.84
CA LYS T 368 -0.67 19.90 5.40
C LYS T 368 -0.88 21.19 4.61
N PRO T 369 0.11 22.10 4.59
CA PRO T 369 0.01 23.35 3.83
C PRO T 369 -0.71 23.27 2.48
N GLU T 370 -0.61 22.14 1.80
CA GLU T 370 -1.28 21.93 0.51
C GLU T 370 -2.81 21.87 0.69
N HIS T 371 -3.23 21.21 1.76
CA HIS T 371 -4.64 20.98 2.05
C HIS T 371 -5.37 22.27 2.34
N LEU T 372 -4.80 23.07 3.24
CA LEU T 372 -5.36 24.38 3.55
C LEU T 372 -5.42 25.25 2.29
N ALA T 373 -4.34 25.23 1.51
CA ALA T 373 -4.26 25.97 0.25
C ALA T 373 -5.34 25.51 -0.73
N GLU T 374 -5.61 24.20 -0.72
CA GLU T 374 -6.67 23.62 -1.53
C GLU T 374 -8.05 24.08 -1.04
N LEU T 375 -8.30 23.93 0.27
CA LEU T 375 -9.56 24.35 0.89
C LEU T 375 -9.86 25.83 0.67
N VAL T 376 -8.87 26.69 0.89
CA VAL T 376 -9.05 28.13 0.68
C VAL T 376 -9.27 28.48 -0.80
N LYS T 377 -8.79 27.62 -1.70
CA LYS T 377 -9.07 27.76 -3.13
C LYS T 377 -10.57 27.53 -3.44
N LEU T 378 -11.11 26.44 -2.89
CA LEU T 378 -12.54 26.09 -2.99
C LEU T 378 -13.51 27.18 -2.51
N ILE T 379 -13.15 27.86 -1.41
CA ILE T 379 -13.94 28.98 -0.88
C ILE T 379 -13.89 30.20 -1.80
N LYS T 380 -12.69 30.51 -2.29
CA LYS T 380 -12.48 31.66 -3.16
C LYS T 380 -13.23 31.48 -4.49
N GLU T 381 -13.13 30.27 -5.06
CA GLU T 381 -13.71 30.00 -6.37
C GLU T 381 -15.21 29.69 -6.28
N LYS T 382 -15.74 29.80 -5.07
CA LYS T 382 -17.17 29.63 -4.80
C LYS T 382 -17.68 28.20 -5.04
N VAL T 383 -16.77 27.23 -4.96
CA VAL T 383 -17.11 25.83 -5.19
C VAL T 383 -17.88 25.27 -3.99
N ILE T 384 -17.47 25.69 -2.79
CA ILE T 384 -18.23 25.46 -1.57
C ILE T 384 -18.38 26.74 -0.76
N SER T 385 -19.25 26.66 0.23
CA SER T 385 -19.60 27.81 1.05
C SER T 385 -18.77 27.79 2.33
N THR T 386 -18.58 28.98 2.90
CA THR T 386 -17.94 29.12 4.20
C THR T 386 -18.54 28.12 5.19
N LYS T 387 -19.88 28.04 5.21
CA LYS T 387 -20.59 27.11 6.09
C LYS T 387 -20.10 25.67 5.90
N ILE T 388 -19.97 25.28 4.64
CA ILE T 388 -19.55 23.94 4.26
C ILE T 388 -18.06 23.76 4.60
N GLY T 389 -17.26 24.77 4.23
CA GLY T 389 -15.84 24.80 4.54
C GLY T 389 -15.50 24.54 6.00
N LYS T 390 -16.33 25.04 6.90
CA LYS T 390 -16.09 24.89 8.33
C LYS T 390 -16.39 23.48 8.81
N GLU T 391 -17.21 22.77 8.03
CA GLU T 391 -17.56 21.37 8.31
C GLU T 391 -16.49 20.41 7.76
N VAL T 392 -15.91 20.77 6.61
CA VAL T 392 -14.88 19.94 5.98
C VAL T 392 -13.49 20.07 6.65
N ILE T 393 -13.14 21.28 7.07
CA ILE T 393 -11.91 21.50 7.86
C ILE T 393 -11.96 20.70 9.16
N LYS T 394 -13.15 20.54 9.73
CA LYS T 394 -13.32 19.79 10.96
C LYS T 394 -12.99 18.32 10.77
N GLU T 395 -13.32 17.83 9.58
CA GLU T 395 -13.12 16.43 9.29
C GLU T 395 -11.75 16.20 8.67
N MET T 396 -11.21 17.22 7.99
CA MET T 396 -9.80 17.23 7.59
C MET T 396 -8.92 16.90 8.79
N VAL T 397 -9.16 17.61 9.89
CA VAL T 397 -8.45 17.37 11.13
C VAL T 397 -8.77 15.99 11.69
N GLU T 398 -10.05 15.63 11.70
CA GLU T 398 -10.52 14.34 12.23
C GLU T 398 -9.92 13.13 11.51
N THR T 399 -9.83 13.22 10.18
CA THR T 399 -9.36 12.09 9.36
C THR T 399 -7.96 12.28 8.80
N GLY T 400 -7.77 13.33 8.00
CA GLY T 400 -6.52 13.54 7.29
C GLY T 400 -6.73 13.53 5.79
N LYS T 401 -7.98 13.35 5.36
CA LYS T 401 -8.29 13.34 3.94
C LYS T 401 -8.24 14.75 3.35
N THR T 402 -8.00 14.84 2.05
CA THR T 402 -7.91 16.12 1.33
C THR T 402 -9.26 16.87 1.32
N PRO T 403 -9.23 18.22 1.19
CA PRO T 403 -10.48 18.99 0.99
C PRO T 403 -11.36 18.45 -0.14
N SER T 404 -10.79 18.24 -1.31
CA SER T 404 -11.57 17.72 -2.46
C SER T 404 -11.97 16.24 -2.31
N GLN T 405 -11.23 15.51 -1.48
CA GLN T 405 -11.59 14.13 -1.14
C GLN T 405 -12.96 14.06 -0.43
N ILE T 406 -13.11 14.78 0.67
CA ILE T 406 -14.39 14.82 1.42
C ILE T 406 -15.52 15.59 0.72
N VAL T 407 -15.14 16.49 -0.20
CA VAL T 407 -16.11 17.21 -1.03
C VAL T 407 -16.90 16.25 -1.92
N GLU T 408 -16.20 15.33 -2.58
CA GLU T 408 -16.88 14.31 -3.39
C GLU T 408 -17.59 13.24 -2.52
N GLU T 409 -16.87 12.71 -1.54
CA GLU T 409 -17.37 11.60 -0.74
C GLU T 409 -18.75 11.91 -0.18
N LYS T 410 -19.12 13.19 -0.19
CA LYS T 410 -20.29 13.66 0.54
C LYS T 410 -21.08 14.68 -0.28
N GLY T 411 -20.69 14.84 -1.54
CA GLY T 411 -21.44 15.66 -2.47
C GLY T 411 -21.14 17.14 -2.33
N LEU T 412 -21.08 17.83 -3.45
CA LEU T 412 -20.15 18.95 -3.61
C LEU T 412 -20.63 20.17 -2.85
N VAL U 2 53.36 32.11 58.48
CA VAL U 2 51.95 32.18 57.99
C VAL U 2 50.99 31.40 58.91
N ASP U 3 49.81 31.96 59.16
CA ASP U 3 48.86 31.51 60.21
C ASP U 3 48.41 30.04 60.19
N ARG U 4 47.90 29.59 61.34
CA ARG U 4 47.13 28.36 61.43
C ARG U 4 45.89 28.53 60.58
N GLU U 5 45.16 29.61 60.85
CA GLU U 5 43.97 30.04 60.13
C GLU U 5 44.14 29.98 58.60
N TRP U 6 45.30 30.43 58.14
CA TRP U 6 45.65 30.43 56.73
C TRP U 6 45.67 29.01 56.20
N VAL U 7 46.31 28.12 56.95
CA VAL U 7 46.47 26.73 56.56
C VAL U 7 45.11 26.01 56.44
N LEU U 8 44.27 26.18 57.46
CA LEU U 8 42.88 25.66 57.45
C LEU U 8 42.01 26.17 56.29
N LYS U 9 42.13 27.47 56.01
CA LYS U 9 41.40 28.13 54.94
C LYS U 9 41.76 27.54 53.58
N ILE U 10 43.07 27.37 53.36
CA ILE U 10 43.56 26.84 52.10
C ILE U 10 43.19 25.37 51.99
N ALA U 11 43.34 24.63 53.10
CA ALA U 11 43.02 23.21 53.18
C ALA U 11 41.57 22.96 52.81
N LYS U 12 40.69 23.79 53.38
CA LYS U 12 39.26 23.73 53.09
C LYS U 12 39.00 23.94 51.62
N LEU U 13 39.61 24.98 51.07
CA LEU U 13 39.42 25.29 49.65
C LEU U 13 39.78 24.08 48.83
N ALA U 14 40.82 23.37 49.30
CA ALA U 14 41.39 22.24 48.58
C ALA U 14 40.81 20.87 49.03
N ARG U 15 39.92 20.88 50.03
CA ARG U 15 39.27 19.65 50.51
C ARG U 15 40.30 18.64 51.02
N LEU U 16 41.06 19.09 52.01
CA LEU U 16 41.99 18.26 52.73
C LEU U 16 41.62 18.45 54.18
N GLU U 17 41.13 17.38 54.81
CA GLU U 17 40.88 17.48 56.24
C GLU U 17 42.17 17.15 56.95
N LEU U 18 42.92 18.19 57.30
CA LEU U 18 44.25 17.99 57.84
C LEU U 18 44.20 17.44 59.24
N LYS U 19 45.07 16.47 59.50
CA LYS U 19 45.29 15.98 60.85
C LYS U 19 46.17 16.98 61.57
N GLU U 20 45.99 17.09 62.88
CA GLU U 20 46.66 18.10 63.69
C GLU U 20 48.20 18.19 63.51
N GLU U 21 48.85 17.04 63.27
CA GLU U 21 50.31 16.97 63.02
C GLU U 21 50.69 17.74 61.75
N GLU U 22 49.92 17.52 60.68
CA GLU U 22 50.12 18.12 59.37
C GLU U 22 49.99 19.64 59.43
N ILE U 23 48.96 20.10 60.14
CA ILE U 23 48.73 21.52 60.38
C ILE U 23 49.98 22.27 60.94
N GLU U 24 50.66 21.69 61.93
CA GLU U 24 51.84 22.32 62.51
C GLU U 24 53.02 22.27 61.56
N VAL U 25 53.22 21.11 60.93
CA VAL U 25 54.31 20.89 59.97
C VAL U 25 54.18 21.77 58.72
N PHE U 26 52.98 21.80 58.14
CA PHE U 26 52.74 22.57 56.93
C PHE U 26 52.75 24.07 57.17
N GLN U 27 52.67 24.49 58.42
CA GLN U 27 52.87 25.89 58.73
C GLN U 27 54.30 26.34 58.43
N LYS U 28 55.28 25.64 59.00
CA LYS U 28 56.67 25.99 58.78
C LYS U 28 57.09 25.70 57.34
N GLN U 29 56.71 24.54 56.82
CA GLN U 29 57.14 24.12 55.49
C GLN U 29 56.63 25.05 54.39
N LEU U 30 55.41 25.54 54.55
CA LEU U 30 54.81 26.44 53.55
C LEU U 30 55.36 27.87 53.64
N SER U 31 55.54 28.36 54.85
CA SER U 31 56.27 29.61 55.06
C SER U 31 57.64 29.55 54.39
N ASP U 32 58.38 28.47 54.61
CA ASP U 32 59.72 28.31 54.05
C ASP U 32 59.65 28.39 52.54
N ILE U 33 58.77 27.60 51.95
CA ILE U 33 58.65 27.56 50.49
C ILE U 33 58.17 28.90 49.92
N LEU U 34 57.29 29.58 50.64
CA LEU U 34 56.84 30.92 50.22
C LEU U 34 57.97 31.95 50.17
N ASP U 35 58.85 31.90 51.17
CA ASP U 35 60.07 32.71 51.18
C ASP U 35 60.99 32.21 50.09
N PHE U 36 61.07 30.89 49.96
CA PHE U 36 61.93 30.31 48.97
C PHE U 36 61.59 30.79 47.55
N ILE U 37 60.31 30.82 47.21
CA ILE U 37 59.93 31.10 45.83
C ILE U 37 59.79 32.60 45.52
N ASP U 38 59.88 33.41 46.56
CA ASP U 38 59.65 34.84 46.46
C ASP U 38 60.82 35.66 45.90
N GLN U 39 61.27 35.35 44.69
CA GLN U 39 62.38 36.07 44.07
C GLN U 39 61.93 36.89 42.84
N LEU U 40 60.70 36.69 42.40
CA LEU U 40 60.29 37.19 41.09
C LEU U 40 59.96 38.70 41.03
N LYS U 41 59.66 39.33 42.17
CA LYS U 41 59.33 40.77 42.20
C LYS U 41 60.39 41.64 41.51
N GLU U 42 61.66 41.31 41.76
CA GLU U 42 62.80 42.01 41.17
C GLU U 42 62.73 42.27 39.67
N LEU U 43 62.01 41.42 38.94
CA LEU U 43 61.95 41.51 37.49
C LEU U 43 60.75 42.29 37.03
N ASP U 44 60.91 42.98 35.90
CA ASP U 44 59.85 43.81 35.34
C ASP U 44 59.13 43.04 34.26
N THR U 45 57.83 42.82 34.47
CA THR U 45 57.03 41.98 33.58
C THR U 45 55.74 42.66 33.08
N GLU U 46 55.56 43.94 33.43
CA GLU U 46 54.81 44.89 32.62
C GLU U 46 55.41 44.82 31.22
N ASN U 47 54.59 44.63 30.21
CA ASN U 47 55.14 44.53 28.85
C ASN U 47 55.75 43.20 28.48
N VAL U 48 55.60 42.21 29.36
CA VAL U 48 55.90 40.81 28.99
C VAL U 48 54.59 39.99 28.87
N GLU U 49 54.39 39.31 27.75
CA GLU U 49 53.20 38.42 27.60
C GLU U 49 53.40 37.06 28.32
N PRO U 50 52.39 36.59 29.08
CA PRO U 50 52.49 35.27 29.70
C PRO U 50 52.80 34.21 28.65
N TYR U 51 53.57 33.20 29.06
CA TYR U 51 54.00 32.13 28.18
C TYR U 51 52.83 31.30 27.61
N ILE U 52 52.81 31.15 26.30
CA ILE U 52 51.98 30.12 25.69
C ILE U 52 52.77 29.47 24.58
N GLN U 53 52.45 28.20 24.28
CA GLN U 53 53.12 27.49 23.21
C GLN U 53 52.69 28.02 21.84
N GLU U 54 53.56 27.90 20.85
CA GLU U 54 53.26 28.34 19.49
C GLU U 54 52.14 27.50 18.89
N PHE U 55 51.42 28.06 17.92
CA PHE U 55 50.28 27.38 17.31
C PHE U 55 49.59 28.25 16.26
N GLU U 56 49.40 27.68 15.07
CA GLU U 56 48.85 28.44 13.96
C GLU U 56 47.34 28.67 14.09
N GLU U 57 46.60 27.61 14.44
CA GLU U 57 45.17 27.70 14.69
C GLU U 57 44.79 26.98 15.96
N THR U 58 43.67 27.38 16.55
CA THR U 58 43.05 26.58 17.60
C THR U 58 42.65 25.21 17.05
N PRO U 59 43.22 24.12 17.63
CA PRO U 59 42.87 22.73 17.29
C PRO U 59 41.42 22.39 17.66
N MET U 60 40.68 21.92 16.66
CA MET U 60 39.27 21.68 16.82
C MET U 60 38.91 20.36 16.20
N ARG U 61 37.77 19.82 16.62
CA ARG U 61 37.36 18.48 16.29
C ARG U 61 35.96 18.56 15.68
N GLU U 62 35.68 17.75 14.68
CA GLU U 62 34.35 17.74 14.04
C GLU U 62 33.25 17.24 14.99
N ASP U 63 32.00 17.63 14.73
CA ASP U 63 30.90 17.21 15.60
C ASP U 63 30.33 15.83 15.21
N GLU U 64 31.15 14.80 15.38
CA GLU U 64 30.80 13.42 15.07
C GLU U 64 30.96 12.58 16.30
N PRO U 65 29.93 11.78 16.64
CA PRO U 65 30.01 10.90 17.80
C PRO U 65 31.12 9.82 17.75
N HIS U 66 31.82 9.65 18.86
CA HIS U 66 32.81 8.58 19.03
C HIS U 66 32.20 7.57 19.99
N PRO U 67 32.44 6.26 19.75
CA PRO U 67 31.91 5.21 20.62
C PRO U 67 32.27 5.49 22.06
N SER U 68 31.25 5.60 22.90
CA SER U 68 31.42 5.83 24.32
C SER U 68 32.07 4.65 25.00
N LEU U 69 32.47 4.88 26.24
CA LEU U 69 33.06 3.85 27.06
C LEU U 69 31.92 2.94 27.52
N ASP U 70 32.14 1.62 27.46
CA ASP U 70 31.21 0.65 28.03
C ASP U 70 30.93 1.00 29.48
N ARG U 71 29.65 1.05 29.87
CA ARG U 71 29.25 1.50 31.21
C ARG U 71 29.84 0.66 32.35
N GLU U 72 30.14 -0.61 32.07
CA GLU U 72 30.76 -1.50 33.05
C GLU U 72 32.18 -1.04 33.42
N LYS U 73 32.98 -0.73 32.40
CA LYS U 73 34.34 -0.18 32.55
C LYS U 73 34.35 1.22 33.16
N ALA U 74 33.31 2.00 32.81
CA ALA U 74 33.09 3.32 33.37
C ALA U 74 32.72 3.27 34.84
N LEU U 75 32.12 2.15 35.25
CA LEU U 75 31.66 2.00 36.63
C LEU U 75 32.54 1.11 37.51
N MET U 76 33.38 0.27 36.90
CA MET U 76 34.17 -0.71 37.63
C MET U 76 34.98 -0.18 38.79
N ASN U 77 35.54 1.03 38.67
CA ASN U 77 36.40 1.56 39.70
C ASN U 77 35.65 2.27 40.82
N ALA U 78 34.33 2.37 40.67
CA ALA U 78 33.51 3.18 41.56
C ALA U 78 33.37 2.63 42.98
N PRO U 79 33.72 3.41 44.00
CA PRO U 79 33.50 2.95 45.37
C PRO U 79 32.12 2.33 45.64
N GLU U 80 31.07 2.93 45.09
CA GLU U 80 29.68 2.47 45.28
C GLU U 80 28.88 2.74 44.04
N ARG U 81 28.19 1.74 43.49
CA ARG U 81 27.36 1.99 42.32
C ARG U 81 25.91 1.44 42.46
N LYS U 82 24.95 2.04 41.73
CA LYS U 82 23.52 1.59 41.80
C LYS U 82 22.74 1.84 40.53
N ASP U 83 22.21 0.78 39.96
CA ASP U 83 21.34 0.88 38.79
C ASP U 83 21.93 1.70 37.64
N GLY U 84 23.26 1.70 37.49
CA GLY U 84 23.94 2.48 36.44
C GLY U 84 24.48 3.84 36.91
N PHE U 85 24.30 4.16 38.19
CA PHE U 85 24.63 5.46 38.81
C PHE U 85 25.83 5.35 39.76
N PHE U 86 26.69 6.38 39.76
CA PHE U 86 27.65 6.55 40.84
C PHE U 86 26.89 6.87 42.10
N VAL U 87 27.33 6.35 43.23
CA VAL U 87 26.58 6.60 44.46
C VAL U 87 27.44 7.32 45.47
N VAL U 88 26.86 8.30 46.14
CA VAL U 88 27.59 9.10 47.13
C VAL U 88 26.59 9.45 48.20
N PRO U 89 27.07 9.84 49.39
CA PRO U 89 26.09 10.25 50.38
C PRO U 89 25.30 11.42 49.82
N ARG U 90 24.00 11.44 50.13
CA ARG U 90 23.09 12.49 49.69
C ARG U 90 23.69 13.88 49.87
N VAL U 91 23.44 14.74 48.88
CA VAL U 91 23.76 16.18 48.96
C VAL U 91 22.45 17.01 49.00
N VAL U 92 22.36 17.98 49.91
CA VAL U 92 21.11 18.74 50.03
C VAL U 92 20.99 19.87 48.98
N MET V 1 -13.98 33.52 43.72
CA MET V 1 -12.58 33.66 43.20
C MET V 1 -12.32 35.07 42.61
N LEU V 2 -13.14 36.04 43.06
CA LEU V 2 -12.96 37.49 42.80
C LEU V 2 -13.59 37.98 41.49
N TRP V 3 -13.06 37.52 40.37
CA TRP V 3 -13.70 37.80 39.09
C TRP V 3 -15.04 37.06 39.02
N LYS V 4 -15.22 36.12 39.94
CA LYS V 4 -16.45 35.33 40.07
C LYS V 4 -17.48 36.08 40.92
N LYS V 5 -17.08 37.22 41.47
CA LYS V 5 -17.96 37.97 42.35
C LYS V 5 -18.73 39.12 41.68
N SER V 6 -19.90 39.44 42.20
CA SER V 6 -20.74 40.50 41.66
C SER V 6 -20.23 41.84 42.14
N LEU V 7 -20.78 42.93 41.61
CA LEU V 7 -20.36 44.28 41.99
C LEU V 7 -20.75 44.62 43.42
N SER V 8 -21.76 43.93 43.95
CA SER V 8 -22.18 44.11 45.34
C SER V 8 -21.14 43.48 46.24
N GLU V 9 -20.74 42.26 45.89
CA GLU V 9 -19.71 41.52 46.60
C GLU V 9 -18.39 42.28 46.51
N LEU V 10 -18.06 42.75 45.31
CA LEU V 10 -16.82 43.50 45.10
C LEU V 10 -16.79 44.84 45.81
N ARG V 11 -17.90 45.58 45.78
CA ARG V 11 -17.99 46.88 46.42
C ARG V 11 -17.77 46.79 47.92
N GLU V 12 -18.45 45.85 48.58
CA GLU V 12 -18.31 45.67 50.03
C GLU V 12 -16.85 45.37 50.43
N LEU V 13 -16.19 44.51 49.65
CA LEU V 13 -14.76 44.20 49.82
C LEU V 13 -13.83 45.41 49.59
N LEU V 14 -14.19 46.28 48.65
CA LEU V 14 -13.37 47.42 48.29
C LEU V 14 -13.53 48.54 49.30
N LYS V 15 -14.76 48.70 49.77
CA LYS V 15 -15.13 49.76 50.69
C LYS V 15 -14.47 49.53 52.07
N ARG V 16 -14.35 48.26 52.45
CA ARG V 16 -13.71 47.86 53.72
C ARG V 16 -12.23 47.44 53.55
N GLY V 17 -11.65 47.80 52.42
CA GLY V 17 -10.22 47.61 52.18
C GLY V 17 -9.72 46.18 52.09
N GLU V 18 -10.64 45.22 52.29
CA GLU V 18 -10.31 43.79 52.19
C GLU V 18 -9.63 43.50 50.85
N VAL V 19 -9.97 44.30 49.84
CA VAL V 19 -9.32 44.22 48.55
C VAL V 19 -9.04 45.63 48.00
N SER V 20 -8.11 45.71 47.06
CA SER V 20 -7.76 46.97 46.39
C SER V 20 -8.18 46.92 44.92
N PRO V 21 -8.38 48.10 44.31
CA PRO V 21 -8.75 48.20 42.90
C PRO V 21 -7.79 47.41 42.01
N LYS V 22 -6.51 47.46 42.35
CA LYS V 22 -5.46 46.78 41.59
C LYS V 22 -5.68 45.27 41.55
N GLU V 23 -6.07 44.69 42.69
CA GLU V 23 -6.31 43.25 42.79
C GLU V 23 -7.48 42.84 41.92
N VAL V 24 -8.58 43.59 42.04
CA VAL V 24 -9.79 43.40 41.23
C VAL V 24 -9.40 43.33 39.76
N VAL V 25 -8.66 44.34 39.29
CA VAL V 25 -8.20 44.39 37.90
C VAL V 25 -7.34 43.17 37.56
N GLU V 26 -6.42 42.82 38.47
CA GLU V 26 -5.54 41.65 38.31
C GLU V 26 -6.36 40.36 38.16
N SER V 27 -7.40 40.22 39.00
CA SER V 27 -8.32 39.09 38.95
C SER V 27 -8.90 38.89 37.55
N PHE V 28 -9.55 39.93 37.04
CA PHE V 28 -10.18 39.88 35.73
C PHE V 28 -9.15 39.75 34.63
N TYR V 29 -7.97 40.35 34.84
CA TYR V 29 -6.84 40.23 33.91
C TYR V 29 -6.47 38.76 33.71
N ASP V 30 -6.37 38.03 34.82
CA ASP V 30 -6.00 36.61 34.75
C ASP V 30 -7.07 35.84 33.98
N ARG V 31 -8.33 36.06 34.36
CA ARG V 31 -9.50 35.48 33.69
C ARG V 31 -9.52 35.83 32.20
N TYR V 32 -9.09 37.06 31.90
CA TYR V 32 -8.86 37.52 30.53
C TYR V 32 -7.82 36.60 29.88
N ASN V 33 -6.69 36.41 30.57
CA ASN V 33 -5.57 35.57 30.08
C ASN V 33 -5.96 34.10 29.90
N GLN V 34 -6.81 33.60 30.80
CA GLN V 34 -7.43 32.27 30.69
C GLN V 34 -8.24 32.09 29.39
N THR V 35 -9.03 33.13 29.02
CA THR V 35 -10.15 32.98 28.09
C THR V 35 -9.83 33.60 26.74
N GLU V 36 -9.12 34.68 26.68
CA GLU V 36 -9.08 35.50 25.49
C GLU V 36 -8.68 34.82 24.20
N GLU V 37 -7.76 33.88 24.27
CA GLU V 37 -7.28 33.20 23.08
C GLU V 37 -8.40 32.40 22.39
N LYS V 38 -9.35 31.93 23.19
CA LYS V 38 -10.52 31.21 22.68
C LYS V 38 -11.61 32.21 22.24
N VAL V 39 -11.94 33.15 23.15
CA VAL V 39 -13.04 34.12 22.99
C VAL V 39 -12.78 35.26 22.00
N LYS V 40 -11.71 36.03 22.24
CA LYS V 40 -11.34 37.20 21.42
C LYS V 40 -12.33 38.36 21.58
N ALA V 41 -12.63 38.70 22.81
CA ALA V 41 -13.55 39.78 23.11
C ALA V 41 -12.99 41.17 22.73
N TYR V 42 -11.68 41.37 22.91
CA TYR V 42 -11.12 42.72 22.82
C TYR V 42 -10.35 43.05 21.55
N ILE V 43 -10.42 44.33 21.18
CA ILE V 43 -9.54 44.87 20.16
C ILE V 43 -8.30 45.42 20.87
N THR V 44 -8.53 46.18 21.93
CA THR V 44 -7.44 46.81 22.61
C THR V 44 -7.67 46.57 24.07
N PRO V 45 -6.90 45.62 24.64
CA PRO V 45 -6.96 45.32 26.07
C PRO V 45 -6.23 46.42 26.79
N LEU V 46 -6.77 46.90 27.89
CA LEU V 46 -6.12 48.00 28.57
C LEU V 46 -6.01 47.70 30.05
N TYR V 47 -5.94 46.40 30.37
CA TYR V 47 -5.78 45.97 31.77
C TYR V 47 -4.48 46.49 32.32
N GLY V 48 -3.44 46.49 31.47
CA GLY V 48 -2.14 47.07 31.78
C GLY V 48 -2.28 48.51 32.26
N LYS V 49 -2.95 49.33 31.47
CA LYS V 49 -3.12 50.74 31.80
C LYS V 49 -4.07 50.93 33.00
N ALA V 50 -5.06 50.04 33.12
CA ALA V 50 -6.02 50.09 34.21
C ALA V 50 -5.32 49.77 35.53
N LEU V 51 -4.40 48.80 35.49
CA LEU V 51 -3.51 48.47 36.61
C LEU V 51 -2.84 49.71 37.19
N LYS V 52 -2.23 50.51 36.32
CA LYS V 52 -1.57 51.75 36.74
C LYS V 52 -2.55 52.81 37.26
N GLN V 53 -3.70 52.96 36.58
CA GLN V 53 -4.78 53.89 36.98
C GLN V 53 -5.33 53.55 38.35
N ALA V 54 -5.29 52.26 38.67
CA ALA V 54 -5.82 51.75 39.91
C ALA V 54 -5.03 52.23 41.12
N GLU V 55 -3.71 52.38 40.95
CA GLU V 55 -2.81 52.79 42.02
C GLU V 55 -3.23 54.13 42.59
N SER V 56 -3.65 55.04 41.72
CA SER V 56 -4.02 56.41 42.12
C SER V 56 -5.50 56.54 42.51
N LEU V 57 -6.25 55.44 42.40
CA LEU V 57 -7.66 55.42 42.76
C LEU V 57 -7.79 55.29 44.28
N LYS V 58 -8.41 56.28 44.91
CA LYS V 58 -8.47 56.25 46.37
C LYS V 58 -9.84 56.41 47.03
N GLU V 59 -10.66 57.36 46.58
CA GLU V 59 -11.97 57.58 47.24
C GLU V 59 -12.93 56.40 47.02
N ARG V 60 -13.16 55.64 48.08
CA ARG V 60 -13.90 54.38 48.00
C ARG V 60 -15.41 54.56 47.82
N GLU V 61 -15.95 55.70 48.25
CA GLU V 61 -17.40 55.93 48.20
C GLU V 61 -17.94 56.25 46.79
N LEU V 62 -17.05 56.35 45.82
CA LEU V 62 -17.44 56.51 44.42
C LEU V 62 -18.29 55.32 43.99
N PRO V 63 -19.46 55.58 43.37
CA PRO V 63 -20.46 54.55 43.02
C PRO V 63 -19.90 53.33 42.32
N LEU V 64 -18.89 53.50 41.47
CA LEU V 64 -18.27 52.35 40.81
C LEU V 64 -16.79 52.19 41.18
N PHE V 65 -16.48 52.54 42.42
CA PHE V 65 -15.08 52.72 42.89
C PHE V 65 -13.99 51.88 42.21
N GLY V 66 -14.06 50.57 42.26
CA GLY V 66 -12.95 49.79 41.73
C GLY V 66 -13.32 48.91 40.56
N ILE V 67 -14.43 49.23 39.92
CA ILE V 67 -15.05 48.30 38.99
C ILE V 67 -14.42 48.36 37.59
N PRO V 68 -13.90 47.23 37.13
CA PRO V 68 -13.49 47.12 35.72
C PRO V 68 -14.73 47.19 34.83
N ILE V 69 -14.57 47.74 33.63
CA ILE V 69 -15.68 47.81 32.69
C ILE V 69 -15.12 47.81 31.28
N ALA V 70 -15.60 46.90 30.46
CA ALA V 70 -15.23 46.88 29.06
C ALA V 70 -16.11 47.88 28.33
N VAL V 71 -15.64 48.33 27.18
CA VAL V 71 -16.30 49.34 26.41
C VAL V 71 -16.18 48.99 24.94
N LYS V 72 -17.30 49.08 24.25
CA LYS V 72 -17.37 48.81 22.83
C LYS V 72 -16.47 49.81 22.07
N ASP V 73 -15.81 49.34 21.02
CA ASP V 73 -14.82 50.20 20.37
C ASP V 73 -15.40 51.13 19.31
N ASN V 74 -16.64 51.55 19.52
CA ASN V 74 -17.19 52.70 18.82
C ASN V 74 -17.55 53.82 19.82
N ILE V 75 -17.16 53.61 21.07
CA ILE V 75 -17.29 54.64 22.10
C ILE V 75 -15.89 55.17 22.37
N LEU V 76 -15.69 56.48 22.28
CA LEU V 76 -14.36 57.09 22.34
C LEU V 76 -13.81 57.14 23.72
N VAL V 77 -12.59 56.60 23.87
CA VAL V 77 -11.80 56.70 25.10
C VAL V 77 -10.55 57.48 24.74
N GLU V 78 -10.33 58.59 25.41
CA GLU V 78 -9.24 59.47 24.98
C GLU V 78 -7.85 58.91 25.24
N GLY V 79 -6.99 59.07 24.24
CA GLY V 79 -5.63 58.66 24.34
C GLY V 79 -5.46 57.26 23.80
N GLU V 80 -6.56 56.51 23.65
CA GLU V 80 -6.49 55.14 23.12
C GLU V 80 -7.22 55.03 21.82
N LYS V 81 -6.82 54.07 21.01
CA LYS V 81 -7.43 53.87 19.72
C LYS V 81 -8.95 53.62 19.82
N THR V 82 -9.69 54.24 18.92
CA THR V 82 -11.08 53.88 18.68
C THR V 82 -11.15 53.51 17.21
N THR V 83 -11.35 52.22 16.98
CA THR V 83 -11.25 51.62 15.66
C THR V 83 -12.61 51.43 14.96
N CYS V 84 -13.69 51.34 15.76
CA CYS V 84 -14.99 50.89 15.28
C CYS V 84 -14.82 49.60 14.48
N ALA V 85 -13.76 48.86 14.81
CA ALA V 85 -13.37 47.62 14.17
C ALA V 85 -13.29 47.82 12.66
N SER V 86 -12.75 48.98 12.27
CA SER V 86 -12.57 49.35 10.87
C SER V 86 -11.11 49.59 10.51
N LYS V 87 -10.74 49.20 9.31
CA LYS V 87 -9.43 49.58 8.74
C LYS V 87 -9.31 51.11 8.66
N ILE V 88 -10.43 51.77 8.33
CA ILE V 88 -10.40 53.20 8.08
C ILE V 88 -10.17 53.98 9.37
N LEU V 89 -10.27 53.30 10.51
CA LEU V 89 -10.01 53.92 11.79
C LEU V 89 -9.05 53.17 12.70
N GLU V 90 -8.30 52.22 12.17
CA GLU V 90 -7.22 51.66 12.99
C GLU V 90 -6.13 52.71 13.05
N ASN V 91 -5.52 52.84 14.22
CA ASN V 91 -4.53 53.93 14.43
C ASN V 91 -5.15 55.32 14.64
N PHE V 92 -6.49 55.41 14.62
CA PHE V 92 -7.12 56.62 15.08
C PHE V 92 -7.09 56.68 16.60
N VAL V 93 -6.34 57.62 17.14
CA VAL V 93 -6.27 57.86 18.57
C VAL V 93 -7.33 58.87 18.97
N ALA V 94 -8.20 58.50 19.90
CA ALA V 94 -9.32 59.33 20.28
C ALA V 94 -8.84 60.56 21.02
N PRO V 95 -9.20 61.75 20.51
CA PRO V 95 -8.88 63.10 21.03
C PRO V 95 -9.75 63.58 22.19
N TYR V 96 -10.80 62.84 22.53
CA TYR V 96 -11.70 63.25 23.63
C TYR V 96 -12.43 62.02 24.17
N ASP V 97 -12.98 62.13 25.40
CA ASP V 97 -13.86 61.12 25.99
C ASP V 97 -15.29 61.27 25.51
N ALA V 98 -15.90 60.18 25.11
CA ALA V 98 -17.37 60.12 25.04
C ALA V 98 -17.93 60.51 26.40
N THR V 99 -19.11 61.12 26.42
CA THR V 99 -19.71 61.60 27.67
C THR V 99 -19.90 60.49 28.71
N VAL V 100 -20.27 59.30 28.25
CA VAL V 100 -20.43 58.15 29.13
C VAL V 100 -19.12 57.75 29.82
N ILE V 101 -18.01 57.77 29.07
CA ILE V 101 -16.70 57.40 29.61
C ILE V 101 -16.25 58.43 30.64
N GLU V 102 -16.56 59.70 30.38
CA GLU V 102 -16.35 60.80 31.32
C GLU V 102 -17.07 60.51 32.63
N ARG V 103 -18.32 60.07 32.52
CA ARG V 103 -19.16 59.83 33.68
C ARG V 103 -18.78 58.56 34.43
N LEU V 104 -18.35 57.52 33.72
CA LEU V 104 -17.82 56.34 34.37
C LEU V 104 -16.51 56.61 35.10
N LYS V 105 -15.57 57.30 34.43
CA LYS V 105 -14.29 57.68 35.03
C LYS V 105 -14.53 58.45 36.31
N LYS V 106 -15.50 59.36 36.26
CA LYS V 106 -15.82 60.19 37.41
C LYS V 106 -16.41 59.34 38.52
N ALA V 107 -16.95 58.17 38.14
CA ALA V 107 -17.64 57.28 39.09
C ALA V 107 -16.67 56.26 39.69
N GLY V 108 -15.41 56.34 39.29
CA GLY V 108 -14.37 55.45 39.78
C GLY V 108 -14.15 54.21 38.95
N ALA V 109 -14.94 54.01 37.91
CA ALA V 109 -14.78 52.81 37.10
C ALA V 109 -13.40 52.77 36.44
N LEU V 110 -13.00 51.59 35.98
CA LEU V 110 -11.72 51.47 35.32
C LEU V 110 -11.89 50.80 33.98
N ILE V 111 -11.63 51.54 32.92
CA ILE V 111 -11.83 50.99 31.60
C ILE V 111 -10.75 49.97 31.35
N VAL V 112 -11.14 48.71 31.17
CA VAL V 112 -10.11 47.68 30.97
C VAL V 112 -9.95 47.21 29.56
N GLY V 113 -10.69 47.81 28.62
CA GLY V 113 -10.44 47.49 27.22
C GLY V 113 -11.49 47.85 26.18
N LYS V 114 -11.08 47.76 24.93
CA LYS V 114 -11.92 48.14 23.83
C LYS V 114 -12.33 46.89 23.16
N THR V 115 -13.64 46.73 23.07
CA THR V 115 -14.33 45.50 22.79
C THR V 115 -14.61 45.30 21.29
N ASN V 116 -14.50 44.06 20.80
CA ASN V 116 -14.69 43.82 19.36
C ASN V 116 -16.18 44.04 18.95
N LEU V 117 -16.41 44.31 17.67
CA LEU V 117 -17.74 44.59 17.12
C LEU V 117 -17.77 44.34 15.65
N ASP V 118 -18.98 44.30 15.08
CA ASP V 118 -19.07 44.37 13.64
C ASP V 118 -18.61 45.79 13.25
N GLU V 119 -17.99 45.90 12.09
CA GLU V 119 -17.42 47.18 11.64
C GLU V 119 -18.51 48.25 11.60
N PHE V 120 -18.26 49.30 12.37
CA PHE V 120 -19.12 50.48 12.48
C PHE V 120 -20.49 50.08 13.01
N ALA V 121 -20.50 48.96 13.73
CA ALA V 121 -21.69 48.49 14.47
C ALA V 121 -22.82 47.96 13.57
N MET V 122 -22.45 47.56 12.35
CA MET V 122 -23.37 47.08 11.37
C MET V 122 -23.26 45.55 11.19
N GLY V 123 -24.19 44.82 11.81
CA GLY V 123 -24.26 43.37 11.71
C GLY V 123 -24.82 42.75 12.97
N SER V 124 -25.09 41.43 12.90
CA SER V 124 -25.74 40.72 14.03
C SER V 124 -24.91 39.55 14.65
N SER V 125 -23.58 39.54 14.47
CA SER V 125 -22.77 38.34 14.78
C SER V 125 -21.31 38.64 15.14
N THR V 126 -20.85 39.84 14.78
CA THR V 126 -19.45 40.28 15.00
C THR V 126 -18.46 39.78 13.94
N GLU V 127 -18.93 38.86 13.08
CA GLU V 127 -18.13 38.40 11.96
C GLU V 127 -17.61 39.53 11.09
N TYR V 128 -18.30 40.67 11.07
CA TYR V 128 -17.88 41.80 10.18
C TYR V 128 -16.88 42.76 10.84
N SER V 129 -16.39 42.40 12.03
CA SER V 129 -15.17 43.02 12.57
C SER V 129 -14.10 42.89 11.50
N ALA V 130 -13.44 44.01 11.17
CA ALA V 130 -12.43 44.01 10.10
C ALA V 130 -11.13 43.32 10.57
N PHE V 131 -11.07 42.98 11.85
CA PHE V 131 -9.87 42.42 12.45
C PHE V 131 -9.92 40.90 12.71
N PHE V 132 -10.99 40.45 13.37
CA PHE V 132 -11.18 39.06 13.75
C PHE V 132 -12.56 38.84 14.36
N PRO V 133 -13.13 37.61 14.17
CA PRO V 133 -14.38 37.24 14.87
C PRO V 133 -14.20 37.02 16.35
N THR V 134 -15.15 37.49 17.13
CA THR V 134 -15.29 37.08 18.53
C THR V 134 -16.15 35.83 18.52
N LYS V 135 -15.94 34.94 19.49
CA LYS V 135 -16.56 33.62 19.52
C LYS V 135 -17.43 33.44 20.78
N ASN V 136 -18.56 32.72 20.64
CA ASN V 136 -19.48 32.41 21.73
C ASN V 136 -18.81 31.49 22.77
N PRO V 137 -18.58 32.01 23.98
CA PRO V 137 -18.03 31.23 25.10
C PRO V 137 -18.84 30.00 25.54
N TRP V 138 -20.05 29.82 25.04
CA TRP V 138 -20.81 28.62 25.36
C TRP V 138 -20.70 27.60 24.22
N ASP V 139 -20.20 28.02 23.07
CA ASP V 139 -19.80 27.10 22.01
C ASP V 139 -19.01 27.91 20.98
N LEU V 140 -17.69 27.74 21.00
CA LEU V 140 -16.80 28.53 20.14
C LEU V 140 -16.97 28.23 18.65
N GLU V 141 -17.85 27.29 18.30
CA GLU V 141 -18.26 27.12 16.90
C GLU V 141 -19.39 28.10 16.57
N ARG V 142 -19.87 28.81 17.59
CA ARG V 142 -21.02 29.68 17.46
C ARG V 142 -20.73 31.18 17.69
N VAL V 143 -21.56 32.00 17.06
CA VAL V 143 -21.47 33.46 17.03
C VAL V 143 -21.95 34.00 18.38
N PRO V 144 -21.33 35.09 18.87
CA PRO V 144 -21.77 35.70 20.15
C PRO V 144 -22.90 36.73 19.93
N GLY V 145 -23.31 36.89 18.66
CA GLY V 145 -24.25 37.94 18.26
C GLY V 145 -23.53 39.22 17.86
N GLY V 146 -24.31 40.24 17.50
CA GLY V 146 -23.73 41.53 17.10
C GLY V 146 -24.73 42.67 17.10
N SER V 147 -24.24 43.90 17.10
CA SER V 147 -22.83 44.21 16.86
C SER V 147 -21.96 44.24 18.11
N SER V 148 -22.53 44.47 19.31
CA SER V 148 -21.74 44.37 20.54
C SER V 148 -21.24 42.95 20.93
N GLY V 149 -20.71 42.18 19.99
CA GLY V 149 -20.20 40.83 20.24
C GLY V 149 -19.25 40.67 21.45
N GLY V 150 -18.15 41.42 21.44
CA GLY V 150 -17.14 41.32 22.47
C GLY V 150 -17.58 41.80 23.81
N SER V 151 -18.52 42.73 23.85
CA SER V 151 -18.94 43.30 25.12
C SER V 151 -19.83 42.32 25.86
N ALA V 152 -20.54 41.52 25.07
CA ALA V 152 -21.44 40.49 25.58
C ALA V 152 -20.55 39.36 26.07
N ALA V 153 -19.72 38.85 25.15
CA ALA V 153 -18.81 37.75 25.41
C ALA V 153 -17.97 37.93 26.68
N SER V 154 -17.38 39.10 26.83
CA SER V 154 -16.44 39.30 27.91
C SER V 154 -17.19 39.33 29.22
N VAL V 155 -18.44 39.76 29.18
CA VAL V 155 -19.27 39.72 30.38
C VAL V 155 -19.74 38.28 30.66
N ALA V 156 -19.93 37.50 29.60
CA ALA V 156 -20.31 36.11 29.72
C ALA V 156 -19.19 35.27 30.39
N VAL V 157 -17.95 35.38 29.89
CA VAL V 157 -16.80 34.68 30.48
C VAL V 157 -16.31 35.34 31.77
N LEU V 158 -16.80 36.53 32.04
CA LEU V 158 -16.40 37.32 33.19
C LEU V 158 -14.94 37.78 33.16
N SER V 159 -14.38 37.98 31.96
CA SER V 159 -13.17 38.81 31.80
C SER V 159 -13.43 40.29 32.15
N ALA V 160 -14.70 40.68 32.19
CA ALA V 160 -15.14 41.91 32.89
C ALA V 160 -16.54 41.64 33.41
N PRO V 161 -16.89 42.25 34.56
CA PRO V 161 -18.20 41.98 35.18
C PRO V 161 -19.34 42.67 34.45
N VAL V 162 -19.06 43.85 33.92
CA VAL V 162 -20.07 44.72 33.32
C VAL V 162 -19.47 45.34 32.05
N SER V 163 -20.31 45.86 31.17
CA SER V 163 -19.87 46.20 29.84
C SER V 163 -20.79 47.29 29.25
N LEU V 164 -20.22 48.13 28.39
CA LEU V 164 -20.99 49.06 27.60
C LEU V 164 -21.04 48.56 26.16
N GLY V 165 -22.22 48.61 25.54
CA GLY V 165 -22.38 48.37 24.11
C GLY V 165 -23.23 49.50 23.52
N SER V 166 -23.60 49.38 22.24
CA SER V 166 -24.61 50.26 21.67
C SER V 166 -25.69 49.44 20.94
N ASP V 167 -26.90 50.02 20.81
CA ASP V 167 -28.06 49.32 20.23
C ASP V 167 -28.74 50.23 19.18
N THR V 168 -28.60 49.91 17.90
CA THR V 168 -29.27 50.65 16.86
C THR V 168 -30.52 49.85 16.41
N GLY V 169 -30.42 48.53 16.38
CA GLY V 169 -31.52 47.68 15.99
C GLY V 169 -31.43 46.33 16.67
N GLY V 170 -30.95 46.36 17.91
CA GLY V 170 -30.85 45.14 18.72
C GLY V 170 -29.43 44.75 19.15
N SER V 171 -28.49 45.66 18.98
CA SER V 171 -27.07 45.29 18.95
C SER V 171 -26.53 45.10 20.36
N ILE V 172 -27.30 45.52 21.36
CA ILE V 172 -27.10 45.07 22.73
C ILE V 172 -27.90 43.80 23.01
N ARG V 173 -29.15 43.79 22.57
CA ARG V 173 -30.14 42.87 23.12
C ARG V 173 -29.94 41.45 22.60
N GLN V 174 -29.58 41.35 21.32
CA GLN V 174 -29.35 40.06 20.70
C GLN V 174 -28.07 39.38 21.23
N PRO V 175 -26.96 40.14 21.38
CA PRO V 175 -25.74 39.62 21.98
C PRO V 175 -25.98 39.10 23.40
N ALA V 176 -26.77 39.86 24.17
CA ALA V 176 -27.11 39.44 25.52
C ALA V 176 -27.83 38.09 25.47
N SER V 177 -28.72 37.94 24.49
CA SER V 177 -29.49 36.72 24.38
C SER V 177 -28.54 35.54 24.10
N PHE V 178 -27.79 35.64 23.00
CA PHE V 178 -26.79 34.63 22.58
C PHE V 178 -25.70 34.30 23.63
N CYS V 179 -25.29 35.26 24.43
CA CYS V 179 -24.20 35.00 25.37
C CYS V 179 -24.73 34.74 26.78
N GLY V 180 -26.05 34.64 26.92
CA GLY V 180 -26.62 34.25 28.20
C GLY V 180 -26.36 35.26 29.29
N VAL V 181 -26.56 36.53 28.96
CA VAL V 181 -26.24 37.66 29.83
C VAL V 181 -27.39 38.68 29.74
N ILE V 182 -27.52 39.54 30.76
CA ILE V 182 -28.48 40.65 30.73
C ILE V 182 -27.96 41.80 29.87
N GLY V 183 -28.79 42.34 28.97
CA GLY V 183 -28.46 43.53 28.23
C GLY V 183 -29.63 44.47 28.01
N ILE V 184 -29.42 45.75 28.30
CA ILE V 184 -30.50 46.72 28.18
C ILE V 184 -30.11 47.80 27.20
N LYS V 185 -31.08 48.22 26.39
CA LYS V 185 -31.00 49.47 25.64
C LYS V 185 -32.09 50.35 26.19
N PRO V 186 -31.73 51.47 26.82
CA PRO V 186 -32.69 52.38 27.43
C PRO V 186 -33.47 53.21 26.40
N THR V 187 -34.40 54.04 26.89
CA THR V 187 -35.19 54.91 26.01
C THR V 187 -34.30 55.80 25.18
N TYR V 188 -34.69 56.00 23.93
CA TYR V 188 -33.93 56.90 23.08
C TYR V 188 -33.91 58.29 23.69
N GLY V 189 -32.71 58.81 23.96
CA GLY V 189 -32.56 60.09 24.62
C GLY V 189 -32.08 59.94 26.05
N ARG V 190 -32.10 58.73 26.60
CA ARG V 190 -31.71 58.62 28.01
C ARG V 190 -30.18 58.66 28.24
N VAL V 191 -29.44 58.21 27.25
CA VAL V 191 -27.99 58.27 27.36
C VAL V 191 -27.40 59.06 26.18
N SER V 192 -26.44 59.92 26.47
CA SER V 192 -25.83 60.77 25.45
C SER V 192 -25.15 60.00 24.33
N ARG V 193 -25.20 60.56 23.13
CA ARG V 193 -24.54 59.91 22.01
C ARG V 193 -23.31 60.71 21.65
N TYR V 194 -22.89 61.57 22.58
CA TYR V 194 -21.66 62.34 22.43
C TYR V 194 -20.43 61.44 22.65
N GLY V 195 -19.70 61.20 21.57
CA GLY V 195 -18.53 60.35 21.63
C GLY V 195 -18.88 58.94 21.20
N LEU V 196 -20.10 58.75 20.72
CA LEU V 196 -20.48 57.46 20.19
C LEU V 196 -20.42 57.60 18.70
N VAL V 197 -19.57 56.80 18.06
CA VAL V 197 -19.43 56.91 16.64
C VAL V 197 -20.77 56.58 16.05
N ALA V 198 -21.40 57.60 15.44
CA ALA V 198 -22.75 57.51 14.91
C ALA V 198 -22.87 56.55 13.74
N PHE V 199 -23.88 55.70 13.85
CA PHE V 199 -24.34 54.81 12.79
C PHE V 199 -25.66 55.41 12.25
N ALA V 200 -26.75 55.25 13.03
CA ALA V 200 -28.03 55.88 12.72
C ALA V 200 -28.44 56.70 13.91
N SER V 201 -28.23 58.02 13.78
CA SER V 201 -28.41 58.97 14.85
C SER V 201 -29.79 58.90 15.50
N SER V 202 -30.83 58.65 14.68
CA SER V 202 -32.21 58.58 15.21
C SER V 202 -32.59 57.26 15.92
N LEU V 203 -31.69 56.28 15.90
CA LEU V 203 -31.92 54.94 16.44
C LEU V 203 -30.90 54.54 17.52
N ASP V 204 -29.67 55.07 17.42
CA ASP V 204 -28.54 54.67 18.25
C ASP V 204 -28.83 54.91 19.74
N GLN V 205 -28.37 53.99 20.60
CA GLN V 205 -28.21 54.31 22.00
C GLN V 205 -27.13 53.43 22.64
N ILE V 206 -26.35 54.03 23.52
CA ILE V 206 -25.47 53.26 24.37
C ILE V 206 -26.38 52.51 25.34
N GLY V 207 -25.93 51.31 25.74
CA GLY V 207 -26.58 50.53 26.81
C GLY V 207 -25.58 49.67 27.56
N VAL V 208 -26.10 48.78 28.40
CA VAL V 208 -25.29 48.04 29.36
C VAL V 208 -25.48 46.52 29.33
N PHE V 209 -24.37 45.78 29.47
CA PHE V 209 -24.41 44.34 29.72
C PHE V 209 -23.98 44.08 31.14
N GLY V 210 -24.67 43.12 31.77
CA GLY V 210 -24.30 42.57 33.08
C GLY V 210 -24.86 41.16 33.32
N ARG V 211 -24.57 40.59 34.48
CA ARG V 211 -25.07 39.25 34.80
C ARG V 211 -26.08 39.31 35.93
N ARG V 212 -25.99 40.35 36.73
CA ARG V 212 -26.98 40.60 37.77
C ARG V 212 -27.69 41.92 37.48
N THR V 213 -29.00 41.96 37.71
CA THR V 213 -29.82 43.12 37.36
C THR V 213 -29.38 44.39 38.08
N GLU V 214 -28.82 44.24 39.28
CA GLU V 214 -28.35 45.41 40.01
C GLU V 214 -27.08 46.00 39.37
N ASP V 215 -26.21 45.12 38.86
CA ASP V 215 -25.00 45.54 38.14
C ASP V 215 -25.43 46.46 36.99
N VAL V 216 -26.38 45.97 36.18
CA VAL V 216 -26.88 46.69 35.02
C VAL V 216 -27.57 47.99 35.42
N ALA V 217 -28.39 47.93 36.45
CA ALA V 217 -29.14 49.10 36.88
C ALA V 217 -28.21 50.24 37.34
N LEU V 218 -27.07 49.88 37.92
CA LEU V 218 -26.16 50.89 38.46
C LEU V 218 -25.33 51.53 37.37
N VAL V 219 -24.78 50.72 36.48
CA VAL V 219 -23.96 51.25 35.38
C VAL V 219 -24.82 52.20 34.54
N LEU V 220 -26.07 51.82 34.29
CA LEU V 220 -27.01 52.64 33.54
C LEU V 220 -27.32 53.96 34.25
N GLU V 221 -27.54 53.91 35.55
CA GLU V 221 -27.82 55.12 36.30
C GLU V 221 -26.67 56.11 36.15
N VAL V 222 -25.44 55.60 36.20
CA VAL V 222 -24.27 56.44 36.17
C VAL V 222 -24.12 57.15 34.82
N ILE V 223 -24.26 56.41 33.72
CA ILE V 223 -24.04 56.98 32.41
C ILE V 223 -25.23 57.76 31.82
N SER V 224 -26.40 57.65 32.44
CA SER V 224 -27.61 58.25 31.88
C SER V 224 -27.76 59.71 32.25
N GLY V 225 -28.72 60.38 31.63
CA GLY V 225 -29.01 61.77 31.96
C GLY V 225 -28.57 62.78 30.91
N TRP V 226 -29.12 63.98 31.05
CA TRP V 226 -28.96 65.06 30.08
C TRP V 226 -27.49 65.41 29.81
N ASP V 227 -27.18 65.64 28.54
CA ASP V 227 -25.86 66.11 28.13
C ASP V 227 -26.02 67.29 27.19
N GLU V 228 -25.40 68.42 27.56
CA GLU V 228 -25.44 69.67 26.78
C GLU V 228 -24.75 69.53 25.43
N LYS V 229 -23.86 68.54 25.31
CA LYS V 229 -23.13 68.28 24.08
C LYS V 229 -23.96 67.44 23.12
N ASP V 230 -25.17 67.03 23.54
CA ASP V 230 -26.09 66.20 22.74
C ASP V 230 -27.50 66.78 22.64
N SER V 231 -27.89 67.23 21.46
CA SER V 231 -29.19 67.88 21.26
C SER V 231 -30.39 66.94 21.46
N THR V 232 -30.16 65.65 21.25
CA THR V 232 -31.26 64.68 21.29
C THR V 232 -31.40 64.07 22.68
N SER V 233 -30.48 64.41 23.58
CA SER V 233 -30.49 63.86 24.93
C SER V 233 -31.59 64.56 25.70
N ALA V 234 -32.37 63.80 26.47
CA ALA V 234 -33.56 64.33 27.13
C ALA V 234 -33.24 65.04 28.42
N LYS V 235 -33.95 66.13 28.66
CA LYS V 235 -33.89 66.85 29.93
C LYS V 235 -34.88 66.21 30.90
N VAL V 236 -34.60 64.96 31.27
CA VAL V 236 -35.47 64.16 32.15
C VAL V 236 -34.56 63.63 33.26
N PRO V 237 -34.99 63.76 34.52
CA PRO V 237 -34.17 63.24 35.62
C PRO V 237 -33.98 61.72 35.56
N VAL V 238 -32.79 61.25 35.94
CA VAL V 238 -32.51 59.83 35.96
C VAL V 238 -33.08 59.22 37.25
N PRO V 239 -33.98 58.22 37.11
CA PRO V 239 -34.50 57.53 38.29
C PRO V 239 -33.41 56.75 39.04
N GLU V 240 -33.58 56.64 40.34
CA GLU V 240 -32.61 55.96 41.19
C GLU V 240 -32.79 54.46 41.01
N TRP V 241 -32.30 53.94 39.90
CA TRP V 241 -32.55 52.54 39.53
C TRP V 241 -31.96 51.49 40.47
N SER V 242 -30.81 51.78 41.07
CA SER V 242 -30.17 50.85 42.00
C SER V 242 -31.08 50.59 43.22
N GLU V 243 -31.83 51.62 43.60
CA GLU V 243 -32.78 51.50 44.70
C GLU V 243 -34.16 51.04 44.26
N GLU V 244 -34.35 50.88 42.95
CA GLU V 244 -35.71 50.65 42.44
C GLU V 244 -35.92 49.23 41.93
N VAL V 245 -34.85 48.58 41.44
CA VAL V 245 -34.92 47.23 40.89
C VAL V 245 -35.48 46.22 41.88
N LYS V 246 -35.13 46.40 43.15
CA LYS V 246 -35.43 45.43 44.20
C LYS V 246 -36.92 45.48 44.62
N LYS V 247 -37.58 46.62 44.35
CA LYS V 247 -39.01 46.78 44.62
C LYS V 247 -39.91 45.90 43.75
N GLU V 248 -41.15 45.73 44.18
CA GLU V 248 -42.12 44.85 43.52
C GLU V 248 -43.42 45.60 43.31
N VAL V 249 -43.88 45.69 42.07
CA VAL V 249 -45.14 46.37 41.76
C VAL V 249 -46.25 45.34 41.45
N LYS V 250 -47.37 45.45 42.15
CA LYS V 250 -48.50 44.54 42.02
C LYS V 250 -49.35 44.74 40.75
N GLY V 251 -49.82 43.63 40.22
CA GLY V 251 -50.79 43.62 39.14
C GLY V 251 -50.29 44.15 37.82
N LEU V 252 -49.02 43.91 37.50
CA LEU V 252 -48.48 44.29 36.22
C LEU V 252 -49.03 43.40 35.10
N LYS V 253 -48.99 43.89 33.86
CA LYS V 253 -49.58 43.16 32.74
C LYS V 253 -48.59 43.00 31.58
N ILE V 254 -48.67 41.85 30.91
CA ILE V 254 -47.74 41.53 29.85
C ILE V 254 -48.51 41.23 28.60
N GLY V 255 -48.11 41.91 27.52
CA GLY V 255 -48.76 41.78 26.24
C GLY V 255 -48.00 40.82 25.36
N LEU V 256 -48.73 39.93 24.72
CA LEU V 256 -48.15 39.03 23.76
C LEU V 256 -48.69 39.41 22.41
N PRO V 257 -47.88 40.08 21.61
CA PRO V 257 -48.33 40.51 20.29
C PRO V 257 -48.85 39.38 19.43
N LYS V 258 -50.13 39.44 19.03
CA LYS V 258 -50.75 38.45 18.14
C LYS V 258 -49.97 38.26 16.86
N GLU V 259 -49.36 39.34 16.39
CA GLU V 259 -48.70 39.36 15.09
C GLU V 259 -47.38 38.60 15.21
N PHE V 260 -46.89 38.44 16.43
CA PHE V 260 -45.65 37.67 16.67
C PHE V 260 -45.86 36.14 16.58
N PHE V 261 -47.11 35.68 16.69
CA PHE V 261 -47.42 34.25 16.54
C PHE V 261 -47.06 33.80 15.15
N GLU V 262 -47.15 34.68 14.17
CA GLU V 262 -46.91 34.28 12.81
C GLU V 262 -45.42 34.27 12.45
N TYR V 263 -44.58 34.61 13.42
CA TYR V 263 -43.13 34.67 13.24
C TYR V 263 -42.53 33.30 13.40
N GLU V 264 -41.75 32.85 12.41
CA GLU V 264 -41.05 31.56 12.53
C GLU V 264 -40.04 31.57 13.72
N LEU V 265 -40.33 30.76 14.73
CA LEU V 265 -39.42 30.54 15.87
C LEU V 265 -38.87 29.12 15.87
N GLN V 266 -37.64 28.95 16.34
CA GLN V 266 -37.15 27.61 16.64
C GLN V 266 -37.90 27.05 17.84
N PRO V 267 -38.32 25.77 17.75
CA PRO V 267 -39.06 25.05 18.80
C PRO V 267 -38.46 25.19 20.18
N GLN V 268 -37.14 25.16 20.27
CA GLN V 268 -36.42 25.36 21.52
C GLN V 268 -36.71 26.74 22.11
N VAL V 269 -36.74 27.76 21.25
CA VAL V 269 -36.99 29.15 21.67
C VAL V 269 -38.45 29.28 22.12
N LYS V 270 -39.36 28.77 21.29
CA LYS V 270 -40.80 28.72 21.57
C LYS V 270 -41.04 28.17 22.97
N GLU V 271 -40.53 26.95 23.20
CA GLU V 271 -40.64 26.23 24.47
C GLU V 271 -40.12 27.02 25.66
N ALA V 272 -38.92 27.58 25.49
CA ALA V 272 -38.27 28.40 26.50
C ALA V 272 -39.10 29.63 26.85
N PHE V 273 -39.67 30.26 25.81
CA PHE V 273 -40.48 31.45 25.98
C PHE V 273 -41.81 31.15 26.68
N GLU V 274 -42.52 30.14 26.20
CA GLU V 274 -43.78 29.67 26.84
C GLU V 274 -43.61 29.37 28.33
N ASN V 275 -42.50 28.72 28.68
CA ASN V 275 -42.21 28.43 30.07
C ASN V 275 -41.91 29.69 30.88
N PHE V 276 -41.19 30.64 30.26
CA PHE V 276 -40.88 31.94 30.87
C PHE V 276 -42.19 32.65 31.25
N ILE V 277 -43.14 32.62 30.33
CA ILE V 277 -44.46 33.25 30.50
C ILE V 277 -45.35 32.54 31.55
N LYS V 278 -45.43 31.21 31.48
CA LYS V 278 -46.18 30.42 32.46
C LYS V 278 -45.65 30.69 33.85
N GLU V 279 -44.33 30.75 33.98
CA GLU V 279 -43.70 30.91 35.26
C GLU V 279 -43.95 32.33 35.78
N LEU V 280 -44.06 33.29 34.86
CA LEU V 280 -44.44 34.67 35.21
C LEU V 280 -45.91 34.77 35.58
N GLU V 281 -46.76 34.07 34.83
CA GLU V 281 -48.16 33.92 35.20
C GLU V 281 -48.32 33.42 36.65
N LYS V 282 -47.62 32.35 37.00
CA LYS V 282 -47.64 31.80 38.36
C LYS V 282 -47.28 32.83 39.44
N GLU V 283 -46.39 33.77 39.10
CA GLU V 283 -45.97 34.81 40.05
C GLU V 283 -46.97 35.98 40.13
N GLY V 284 -47.99 35.95 39.29
CA GLY V 284 -49.10 36.90 39.42
C GLY V 284 -49.22 37.95 38.33
N PHE V 285 -48.43 37.81 37.28
CA PHE V 285 -48.53 38.70 36.14
C PHE V 285 -49.77 38.29 35.36
N GLU V 286 -50.58 39.28 34.97
CA GLU V 286 -51.66 39.01 34.03
C GLU V 286 -51.15 39.01 32.60
N ILE V 287 -51.53 38.00 31.84
CA ILE V 287 -51.00 37.77 30.51
C ILE V 287 -52.10 38.01 29.49
N LYS V 288 -51.90 38.96 28.58
CA LYS V 288 -52.92 39.37 27.60
C LYS V 288 -52.37 39.38 26.19
N GLU V 289 -53.19 39.00 25.24
CA GLU V 289 -52.80 39.15 23.84
C GLU V 289 -53.01 40.59 23.44
N VAL V 290 -52.03 41.20 22.78
CA VAL V 290 -52.22 42.54 22.21
C VAL V 290 -52.04 42.53 20.70
N SER V 291 -52.47 43.61 20.05
CA SER V 291 -52.26 43.79 18.62
C SER V 291 -51.24 44.90 18.37
N LEU V 292 -50.41 44.68 17.36
CA LEU V 292 -49.53 45.69 16.81
C LEU V 292 -49.62 45.48 15.32
N PRO V 293 -50.71 45.95 14.71
CA PRO V 293 -50.98 45.63 13.30
C PRO V 293 -49.86 45.95 12.32
N HIS V 294 -48.92 46.82 12.71
CA HIS V 294 -47.87 47.28 11.80
C HIS V 294 -46.47 46.67 12.01
N VAL V 295 -46.21 46.06 13.18
CA VAL V 295 -44.86 45.53 13.48
C VAL V 295 -44.20 44.71 12.40
N LYS V 296 -44.96 43.93 11.66
CA LYS V 296 -44.32 43.09 10.65
C LYS V 296 -43.52 43.96 9.69
N TYR V 297 -43.87 45.23 9.63
CA TYR V 297 -43.15 46.17 8.78
C TYR V 297 -41.86 46.75 9.37
N SER V 298 -41.57 46.43 10.63
CA SER V 298 -40.38 46.94 11.32
C SER V 298 -39.04 46.72 10.59
N ILE V 299 -38.84 45.52 10.07
CA ILE V 299 -37.61 45.19 9.35
C ILE V 299 -37.39 46.05 8.09
N PRO V 300 -38.36 46.09 7.16
CA PRO V 300 -38.05 46.89 5.94
C PRO V 300 -37.97 48.39 6.27
N THR V 301 -38.72 48.80 7.27
CA THR V 301 -38.64 50.16 7.73
C THR V 301 -37.20 50.46 8.20
N TYR V 302 -36.68 49.54 9.03
CA TYR V 302 -35.38 49.73 9.65
C TYR V 302 -34.27 49.70 8.60
N TYR V 303 -34.43 48.83 7.64
CA TYR V 303 -33.39 48.67 6.64
C TYR V 303 -33.51 49.64 5.51
N ILE V 304 -34.31 50.68 5.76
CA ILE V 304 -34.28 51.92 4.95
C ILE V 304 -33.68 53.03 5.80
N ILE V 305 -34.30 53.28 6.95
CA ILE V 305 -33.82 54.31 7.84
C ILE V 305 -32.31 54.18 8.19
N ALA V 306 -31.92 53.04 8.76
CA ALA V 306 -30.55 52.83 9.24
C ALA V 306 -29.46 53.01 8.15
N PRO V 307 -29.52 52.26 7.04
CA PRO V 307 -28.57 52.55 5.98
C PRO V 307 -28.55 53.99 5.48
N SER V 308 -29.70 54.67 5.46
CA SER V 308 -29.74 56.06 5.02
C SER V 308 -28.91 56.93 5.95
N GLU V 309 -29.25 56.90 7.22
CA GLU V 309 -28.56 57.72 8.19
C GLU V 309 -27.08 57.34 8.23
N ALA V 310 -26.81 56.06 8.00
CA ALA V 310 -25.44 55.56 8.01
C ALA V 310 -24.63 56.13 6.84
N SER V 311 -25.23 56.25 5.67
CA SER V 311 -24.49 56.81 4.54
C SER V 311 -24.13 58.29 4.81
N SER V 312 -25.00 58.98 5.55
CA SER V 312 -24.75 60.36 5.88
C SER V 312 -23.64 60.42 6.90
N ASN V 313 -23.82 59.68 8.00
CA ASN V 313 -22.86 59.70 9.09
C ASN V 313 -21.46 59.19 8.81
N LEU V 314 -21.30 58.46 7.71
CA LEU V 314 -20.02 57.92 7.37
C LEU V 314 -19.37 58.68 6.22
N ALA V 315 -19.97 59.81 5.82
CA ALA V 315 -19.39 60.65 4.75
C ALA V 315 -18.09 61.32 5.20
N ARG V 316 -17.87 61.36 6.51
CA ARG V 316 -16.76 62.08 7.09
C ARG V 316 -15.42 61.34 7.04
N TYR V 317 -15.46 60.05 6.73
CA TYR V 317 -14.28 59.21 6.72
C TYR V 317 -13.77 59.28 5.30
N ASP V 318 -12.71 60.08 5.12
CA ASP V 318 -12.34 60.65 3.82
C ASP V 318 -10.84 60.80 3.63
N GLY V 319 -10.04 60.55 4.66
CA GLY V 319 -8.58 60.64 4.54
C GLY V 319 -8.02 62.04 4.65
N VAL V 320 -8.85 62.99 5.06
CA VAL V 320 -8.42 64.36 5.16
C VAL V 320 -7.97 64.68 6.56
N ARG V 321 -8.79 64.50 7.57
CA ARG V 321 -8.43 65.01 8.90
C ARG V 321 -7.88 63.97 9.91
N TYR V 322 -8.14 62.69 9.64
CA TYR V 322 -7.78 61.61 10.54
C TYR V 322 -7.88 60.26 9.84
N GLY V 323 -7.42 59.20 10.50
CA GLY V 323 -7.57 57.83 10.01
C GLY V 323 -6.86 57.45 8.73
N TYR V 324 -7.32 56.38 8.15
CA TYR V 324 -6.68 55.78 6.99
C TYR V 324 -6.74 56.68 5.77
N ARG V 325 -5.65 56.65 5.01
CA ARG V 325 -5.63 57.24 3.68
C ARG V 325 -4.89 56.31 2.74
N ALA V 326 -5.51 56.03 1.61
CA ALA V 326 -4.89 55.18 0.59
C ALA V 326 -3.51 55.70 0.22
N LYS V 327 -2.63 54.79 -0.20
CA LYS V 327 -1.27 55.16 -0.59
C LYS V 327 -1.16 55.74 -1.99
N GLU V 328 -1.94 55.22 -2.93
CA GLU V 328 -1.82 55.61 -4.35
C GLU V 328 -3.04 56.39 -4.83
N TYR V 329 -2.82 57.59 -5.36
CA TYR V 329 -3.89 58.40 -5.91
C TYR V 329 -3.41 59.55 -6.81
N LYS V 330 -4.12 59.79 -7.91
CA LYS V 330 -3.73 60.87 -8.85
C LYS V 330 -4.39 62.23 -8.57
N ASP V 331 -5.52 62.24 -7.83
CA ASP V 331 -6.30 63.44 -7.53
C ASP V 331 -7.08 63.28 -6.23
N ILE V 332 -7.67 64.35 -5.77
CA ILE V 332 -8.50 64.30 -4.56
C ILE V 332 -9.66 63.30 -4.69
N PHE V 333 -10.19 63.16 -5.90
CA PHE V 333 -11.29 62.24 -6.11
C PHE V 333 -10.86 60.82 -5.80
N GLU V 334 -9.73 60.42 -6.41
CA GLU V 334 -9.18 59.09 -6.15
C GLU V 334 -8.77 58.93 -4.72
N MET V 335 -8.20 59.97 -4.13
CA MET V 335 -7.82 59.87 -2.74
C MET V 335 -9.04 59.47 -1.94
N TYR V 336 -10.15 60.15 -2.20
CA TYR V 336 -11.43 59.96 -1.53
C TYR V 336 -11.95 58.55 -1.73
N ALA V 337 -12.16 58.21 -3.00
CA ALA V 337 -12.83 57.00 -3.39
C ALA V 337 -12.05 55.74 -3.07
N ARG V 338 -10.71 55.84 -3.02
CA ARG V 338 -9.84 54.70 -2.73
C ARG V 338 -9.67 54.51 -1.24
N THR V 339 -9.46 55.61 -0.53
CA THR V 339 -9.41 55.53 0.91
C THR V 339 -10.64 54.79 1.43
N ARG V 340 -11.81 55.08 0.84
CA ARG V 340 -13.08 54.56 1.35
C ARG V 340 -13.33 53.14 0.90
N ASP V 341 -13.11 52.85 -0.37
CA ASP V 341 -13.23 51.46 -0.81
C ASP V 341 -12.30 50.52 -0.07
N GLU V 342 -11.11 51.02 0.27
CA GLU V 342 -10.12 50.21 0.97
C GLU V 342 -10.31 50.16 2.47
N GLY V 343 -10.87 51.22 3.04
CA GLY V 343 -10.96 51.32 4.50
C GLY V 343 -12.25 50.79 5.07
N PHE V 344 -13.29 50.73 4.24
CA PHE V 344 -14.61 50.24 4.66
C PHE V 344 -14.79 48.76 4.31
N GLY V 345 -15.32 48.00 5.29
CA GLY V 345 -15.76 46.61 5.08
C GLY V 345 -16.96 46.43 4.16
N PRO V 346 -17.32 45.16 3.85
CA PRO V 346 -18.36 45.01 2.82
C PRO V 346 -19.80 45.28 3.31
N GLU V 347 -20.10 45.01 4.57
CA GLU V 347 -21.45 45.27 5.07
C GLU V 347 -21.66 46.79 5.10
N VAL V 348 -20.63 47.47 5.57
CA VAL V 348 -20.59 48.91 5.60
C VAL V 348 -20.77 49.51 4.19
N LYS V 349 -20.01 49.01 3.23
CA LYS V 349 -20.17 49.53 1.87
C LYS V 349 -21.56 49.31 1.32
N ARG V 350 -22.17 48.17 1.68
CA ARG V 350 -23.55 47.82 1.28
C ARG V 350 -24.63 48.83 1.79
N ARG V 351 -24.48 49.26 3.03
CA ARG V 351 -25.44 50.17 3.62
C ARG V 351 -25.19 51.59 3.18
N ILE V 352 -23.93 51.93 2.87
CA ILE V 352 -23.61 53.22 2.27
C ILE V 352 -24.27 53.35 0.90
N MET V 353 -24.12 52.35 0.04
CA MET V 353 -24.73 52.41 -1.28
C MET V 353 -26.26 52.52 -1.17
N LEU V 354 -26.85 51.65 -0.35
CA LEU V 354 -28.27 51.64 -0.11
C LEU V 354 -28.76 53.01 0.40
N GLY V 355 -28.05 53.56 1.37
CA GLY V 355 -28.42 54.84 1.95
C GLY V 355 -28.50 55.94 0.92
N THR V 356 -27.42 56.15 0.18
CA THR V 356 -27.31 57.28 -0.73
C THR V 356 -28.29 57.15 -1.89
N PHE V 357 -28.84 55.96 -2.07
CA PHE V 357 -29.98 55.76 -2.96
C PHE V 357 -31.28 56.17 -2.28
N ALA V 358 -31.49 55.67 -1.06
CA ALA V 358 -32.69 55.99 -0.29
C ALA V 358 -32.89 57.49 -0.10
N LEU V 359 -31.80 58.26 -0.17
CA LEU V 359 -31.82 59.70 0.07
C LEU V 359 -31.80 60.48 -1.21
N SER V 360 -31.50 59.79 -2.29
CA SER V 360 -31.46 60.45 -3.57
C SER V 360 -32.84 61.01 -3.92
N ALA V 361 -32.82 62.21 -4.51
CA ALA V 361 -34.03 62.89 -4.95
C ALA V 361 -34.65 62.01 -5.99
N GLY V 362 -35.97 61.89 -5.95
CA GLY V 362 -36.62 60.95 -6.85
C GLY V 362 -36.96 59.64 -6.15
N TYR V 363 -36.18 59.28 -5.10
CA TYR V 363 -36.47 58.07 -4.33
C TYR V 363 -36.66 58.36 -2.85
N TYR V 364 -36.27 59.56 -2.43
CA TYR V 364 -36.38 59.95 -1.04
C TYR V 364 -37.78 59.77 -0.47
N ASP V 365 -38.78 60.21 -1.25
CA ASP V 365 -40.21 60.18 -0.88
C ASP V 365 -40.77 58.78 -0.65
N ALA V 366 -40.42 57.87 -1.54
CA ALA V 366 -40.82 56.48 -1.48
C ALA V 366 -39.99 55.64 -0.49
N TYR V 367 -38.77 56.07 -0.19
CA TYR V 367 -37.91 55.34 0.72
C TYR V 367 -37.84 55.96 2.11
N TYR V 368 -36.90 56.88 2.32
CA TYR V 368 -36.65 57.42 3.66
C TYR V 368 -37.88 58.09 4.24
N LEU V 369 -38.50 58.99 3.46
CA LEU V 369 -39.65 59.72 4.03
C LEU V 369 -40.80 58.75 4.31
N LYS V 370 -41.12 57.90 3.35
CA LYS V 370 -42.07 56.82 3.60
C LYS V 370 -41.83 56.02 4.89
N ALA V 371 -40.58 55.57 5.06
CA ALA V 371 -40.19 54.77 6.21
C ALA V 371 -40.40 55.51 7.52
N GLN V 372 -40.17 56.82 7.48
CA GLN V 372 -40.22 57.60 8.68
C GLN V 372 -41.66 57.79 9.05
N LYS V 373 -42.53 57.64 8.04
CA LYS V 373 -43.97 57.63 8.24
C LYS V 373 -44.49 56.31 8.83
N VAL V 374 -44.19 55.21 8.11
CA VAL V 374 -44.46 53.86 8.64
C VAL V 374 -43.91 53.68 10.07
N ARG V 375 -42.84 54.40 10.39
CA ARG V 375 -42.21 54.35 11.69
C ARG V 375 -43.09 54.95 12.77
N ARG V 376 -43.88 55.95 12.37
CA ARG V 376 -44.83 56.56 13.30
C ARG V 376 -46.06 55.67 13.51
N LEU V 377 -46.51 55.03 12.43
CA LEU V 377 -47.54 54.00 12.55
C LEU V 377 -47.15 52.94 13.61
N ILE V 378 -45.94 52.39 13.47
CA ILE V 378 -45.41 51.36 14.37
C ILE V 378 -45.34 51.85 15.79
N THR V 379 -44.85 53.07 15.94
CA THR V 379 -44.71 53.67 17.26
C THR V 379 -46.08 53.72 17.90
N ASN V 380 -47.08 54.06 17.08
CA ASN V 380 -48.45 54.25 17.54
C ASN V 380 -49.12 52.95 17.97
N ASP V 381 -48.92 51.88 17.20
CA ASP V 381 -49.29 50.53 17.64
C ASP V 381 -48.86 50.38 19.09
N PHE V 382 -47.61 50.69 19.40
CA PHE V 382 -47.10 50.43 20.73
C PHE V 382 -47.81 51.28 21.76
N LEU V 383 -47.92 52.57 21.50
CA LEU V 383 -48.55 53.51 22.44
C LEU V 383 -49.97 53.10 22.78
N LYS V 384 -50.67 52.55 21.79
CA LYS V 384 -52.03 52.04 21.97
C LYS V 384 -52.06 50.74 22.80
N ALA V 385 -51.22 49.77 22.42
CA ALA V 385 -51.03 48.55 23.20
C ALA V 385 -50.62 48.83 24.63
N PHE V 386 -49.85 49.89 24.86
CA PHE V 386 -49.42 50.21 26.21
C PHE V 386 -50.54 50.81 27.04
N GLU V 387 -51.70 51.02 26.40
CA GLU V 387 -52.90 51.49 27.12
C GLU V 387 -53.52 50.35 27.93
N GLU V 388 -53.36 49.13 27.42
CA GLU V 388 -53.92 47.94 28.01
C GLU V 388 -52.91 47.15 28.87
N VAL V 389 -51.62 47.21 28.52
CA VAL V 389 -50.58 46.39 29.20
C VAL V 389 -49.38 47.24 29.63
N ASP V 390 -48.50 46.67 30.46
CA ASP V 390 -47.37 47.44 30.97
C ASP V 390 -46.02 47.18 30.27
N VAL V 391 -45.83 45.97 29.77
CA VAL V 391 -44.61 45.62 29.07
C VAL V 391 -45.06 44.67 27.99
N ILE V 392 -44.24 44.52 26.97
CA ILE V 392 -44.55 43.63 25.88
C ILE V 392 -43.43 42.60 25.83
N ALA V 393 -43.79 41.33 25.78
CA ALA V 393 -42.79 40.30 25.84
C ALA V 393 -42.74 39.45 24.58
N SER V 394 -41.54 39.00 24.25
CA SER V 394 -41.36 38.02 23.22
C SER V 394 -39.97 37.41 23.40
N PRO V 395 -39.65 36.38 22.61
CA PRO V 395 -38.25 35.98 22.52
C PRO V 395 -37.43 37.15 22.01
N THR V 396 -36.16 37.24 22.42
CA THR V 396 -35.24 38.28 21.92
C THR V 396 -34.85 37.95 20.49
N THR V 397 -34.81 36.66 20.21
CA THR V 397 -34.28 36.14 18.95
C THR V 397 -35.11 34.94 18.50
N PRO V 398 -35.36 34.83 17.20
CA PRO V 398 -36.10 33.69 16.66
C PRO V 398 -35.39 32.34 16.79
N THR V 399 -34.06 32.38 16.93
CA THR V 399 -33.26 31.15 16.97
C THR V 399 -32.27 31.15 18.11
N LEU V 400 -31.70 29.98 18.34
CA LEU V 400 -30.48 29.81 19.15
C LEU V 400 -29.27 30.38 18.38
N PRO V 401 -28.21 30.78 19.12
CA PRO V 401 -26.92 31.19 18.55
C PRO V 401 -26.55 30.33 17.36
N PHE V 402 -26.35 30.96 16.22
CA PHE V 402 -26.05 30.22 14.98
C PHE V 402 -24.54 30.06 14.71
N LYS V 403 -24.19 29.32 13.66
CA LYS V 403 -22.76 29.05 13.41
C LYS V 403 -22.13 30.13 12.54
N PHE V 404 -20.80 30.31 12.71
CA PHE V 404 -19.99 31.16 11.84
C PHE V 404 -20.21 30.78 10.39
N GLY V 405 -20.25 31.76 9.50
CA GLY V 405 -20.45 31.53 8.07
C GLY V 405 -21.88 31.24 7.66
N GLU V 406 -22.77 31.10 8.64
CA GLU V 406 -24.12 30.62 8.35
C GLU V 406 -25.01 31.70 7.74
N ARG V 407 -24.71 32.97 8.05
CA ARG V 407 -25.51 34.10 7.60
C ARG V 407 -24.65 35.14 6.86
N LEU V 408 -23.57 34.66 6.24
CA LEU V 408 -22.68 35.51 5.43
C LEU V 408 -22.95 35.32 3.95
N GLU V 409 -23.59 34.21 3.60
CA GLU V 409 -23.88 33.95 2.18
C GLU V 409 -24.75 35.07 1.57
N ASN V 410 -26.03 35.14 1.96
CA ASN V 410 -26.91 36.27 1.64
C ASN V 410 -26.95 37.24 2.83
N PRO V 411 -26.59 38.54 2.59
CA PRO V 411 -26.58 39.51 3.67
C PRO V 411 -27.95 39.61 4.34
N ILE V 412 -29.02 39.34 3.57
CA ILE V 412 -30.40 39.33 4.08
C ILE V 412 -30.61 38.38 5.25
N GLU V 413 -29.99 37.20 5.18
CA GLU V 413 -30.10 36.20 6.24
C GLU V 413 -29.58 36.78 7.55
N MET V 414 -28.65 37.71 7.45
CA MET V 414 -28.11 38.37 8.64
C MET V 414 -29.13 39.34 9.24
N TYR V 415 -29.84 40.04 8.36
CA TYR V 415 -30.85 41.03 8.79
C TYR V 415 -31.99 40.39 9.55
N LEU V 416 -32.42 39.22 9.08
CA LEU V 416 -33.51 38.45 9.71
C LEU V 416 -33.26 38.04 11.18
N SER V 417 -32.04 38.23 11.67
CA SER V 417 -31.75 38.01 13.08
C SER V 417 -32.41 39.05 13.95
N ASP V 418 -32.79 40.18 13.33
CA ASP V 418 -33.20 41.39 14.07
C ASP V 418 -34.71 41.59 14.15
N ILE V 419 -35.46 40.66 13.55
CA ILE V 419 -36.92 40.75 13.43
C ILE V 419 -37.65 41.04 14.74
N LEU V 420 -37.09 40.67 15.87
CA LEU V 420 -37.80 40.85 17.13
C LEU V 420 -37.21 41.99 17.93
N THR V 421 -36.14 42.57 17.38
CA THR V 421 -35.35 43.56 18.12
C THR V 421 -35.51 44.99 17.60
N VAL V 422 -35.68 45.14 16.30
CA VAL V 422 -35.74 46.43 15.64
C VAL V 422 -36.98 47.22 16.06
N PRO V 423 -38.15 46.59 16.28
CA PRO V 423 -39.31 47.39 16.64
C PRO V 423 -39.03 48.37 17.79
N ALA V 424 -38.26 47.98 18.78
CA ALA V 424 -38.06 48.84 19.95
C ALA V 424 -37.25 50.12 19.62
N ASN V 425 -36.33 50.00 18.67
CA ASN V 425 -35.52 51.14 18.24
C ASN V 425 -36.36 52.14 17.44
N LEU V 426 -37.17 51.59 16.54
CA LEU V 426 -38.08 52.36 15.72
C LEU V 426 -38.99 53.20 16.59
N ALA V 427 -39.54 52.61 17.64
CA ALA V 427 -40.46 53.36 18.48
C ALA V 427 -39.73 54.16 19.55
N GLY V 428 -38.40 54.07 19.57
CA GLY V 428 -37.58 54.76 20.57
C GLY V 428 -37.75 54.27 21.99
N LEU V 429 -38.25 53.05 22.13
CA LEU V 429 -38.60 52.44 23.41
C LEU V 429 -37.44 51.73 24.10
N PRO V 430 -37.45 51.65 25.44
CA PRO V 430 -36.47 50.83 26.10
C PRO V 430 -36.81 49.34 25.94
N ALA V 431 -35.79 48.50 25.92
CA ALA V 431 -36.00 47.05 25.76
C ALA V 431 -34.84 46.27 26.41
N ILE V 432 -35.19 45.22 27.12
CA ILE V 432 -34.18 44.43 27.84
C ILE V 432 -34.21 43.01 27.33
N SER V 433 -33.02 42.40 27.25
CA SER V 433 -32.93 40.95 26.99
C SER V 433 -32.40 40.27 28.22
N ILE V 434 -33.13 39.25 28.66
CA ILE V 434 -32.88 38.56 29.91
C ILE V 434 -32.76 37.07 29.61
N PRO V 435 -31.81 36.38 30.26
CA PRO V 435 -31.63 34.94 29.94
C PRO V 435 -32.74 34.11 30.60
N ILE V 436 -33.41 33.27 29.82
CA ILE V 436 -34.63 32.58 30.28
C ILE V 436 -34.52 31.03 30.34
N ALA V 437 -33.59 30.46 29.59
CA ALA V 437 -33.32 29.04 29.61
C ALA V 437 -31.98 28.73 28.93
N TRP V 438 -31.55 27.48 29.03
CA TRP V 438 -30.45 26.94 28.24
C TRP V 438 -30.97 25.76 27.50
N LYS V 439 -30.79 25.76 26.19
CA LYS V 439 -31.45 24.78 25.38
C LYS V 439 -30.42 24.22 24.44
N ASP V 440 -30.14 22.91 24.58
CA ASP V 440 -29.10 22.24 23.81
C ASP V 440 -27.72 22.88 24.04
N GLY V 441 -27.52 23.35 25.28
CA GLY V 441 -26.26 23.95 25.74
C GLY V 441 -26.12 25.46 25.52
N LEU V 442 -27.13 26.06 24.89
CA LEU V 442 -27.07 27.41 24.38
C LEU V 442 -28.06 28.33 25.10
N PRO V 443 -27.63 29.58 25.41
CA PRO V 443 -28.54 30.53 26.06
C PRO V 443 -29.73 30.91 25.17
N VAL V 444 -30.84 31.25 25.83
CA VAL V 444 -32.04 31.78 25.18
C VAL V 444 -32.45 33.01 25.98
N GLY V 445 -32.67 34.10 25.23
CA GLY V 445 -33.09 35.38 25.82
C GLY V 445 -34.58 35.66 25.67
N GLY V 446 -35.16 36.15 26.77
CA GLY V 446 -36.50 36.71 26.73
C GLY V 446 -36.41 38.23 26.68
N GLN V 447 -37.26 38.85 25.86
CA GLN V 447 -37.27 40.31 25.71
C GLN V 447 -38.48 40.94 26.32
N LEU V 448 -38.26 42.06 26.99
CA LEU V 448 -39.35 42.88 27.47
C LEU V 448 -39.18 44.29 26.92
N ILE V 449 -40.22 44.79 26.25
CA ILE V 449 -40.22 46.15 25.75
C ILE V 449 -41.09 46.98 26.66
N GLY V 450 -40.53 48.08 27.17
CA GLY V 450 -41.26 48.98 28.07
C GLY V 450 -41.73 50.29 27.45
N LYS V 451 -42.48 51.08 28.21
CA LYS V 451 -42.94 52.41 27.81
C LYS V 451 -41.77 53.39 27.85
N HIS V 452 -41.85 54.46 27.06
CA HIS V 452 -40.83 55.49 27.11
C HIS V 452 -40.58 55.87 28.57
N TRP V 453 -39.31 55.83 28.96
CA TRP V 453 -38.84 56.28 30.30
C TRP V 453 -39.06 55.24 31.40
N ASP V 454 -39.59 54.09 31.02
CA ASP V 454 -39.96 53.04 31.99
C ASP V 454 -38.93 51.90 32.06
N GLU V 455 -37.65 52.25 32.17
CA GLU V 455 -36.59 51.28 32.31
C GLU V 455 -36.69 50.60 33.68
N THR V 456 -37.26 51.30 34.66
CA THR V 456 -37.49 50.75 35.98
C THR V 456 -38.21 49.39 35.92
N THR V 457 -39.36 49.37 35.26
CA THR V 457 -40.19 48.19 35.22
C THR V 457 -39.46 47.04 34.57
N LEU V 458 -38.85 47.32 33.42
CA LEU V 458 -38.02 46.34 32.73
C LEU V 458 -36.96 45.76 33.67
N LEU V 459 -36.38 46.62 34.48
CA LEU V 459 -35.35 46.18 35.40
C LEU V 459 -35.93 45.35 36.55
N GLN V 460 -37.08 45.79 37.07
CA GLN V 460 -37.74 45.11 38.16
C GLN V 460 -38.07 43.65 37.78
N ILE V 461 -38.73 43.47 36.65
CA ILE V 461 -39.06 42.14 36.19
C ILE V 461 -37.80 41.30 35.96
N SER V 462 -36.71 41.93 35.52
CA SER V 462 -35.45 41.23 35.33
C SER V 462 -34.90 40.74 36.66
N TYR V 463 -35.04 41.57 37.70
CA TYR V 463 -34.62 41.19 39.03
C TYR V 463 -35.46 40.05 39.60
N LEU V 464 -36.77 40.09 39.39
CA LEU V 464 -37.62 39.02 39.86
C LEU V 464 -37.26 37.73 39.13
N TRP V 465 -37.05 37.81 37.83
CA TRP V 465 -36.76 36.61 37.06
C TRP V 465 -35.48 35.92 37.49
N GLU V 466 -34.46 36.69 37.87
CA GLU V 466 -33.16 36.10 38.23
C GLU V 466 -33.22 35.35 39.57
N GLN V 467 -34.12 35.80 40.45
CA GLN V 467 -34.42 35.12 41.73
C GLN V 467 -34.94 33.73 41.46
N LYS V 468 -35.92 33.63 40.55
CA LYS V 468 -36.47 32.33 40.21
C LYS V 468 -35.43 31.55 39.42
N PHE V 469 -34.66 32.28 38.63
CA PHE V 469 -33.77 31.59 37.68
C PHE V 469 -32.40 32.25 37.63
N LYS V 470 -31.45 31.62 38.32
CA LYS V 470 -30.14 32.21 38.62
C LYS V 470 -29.14 31.98 37.49
N HIS V 471 -29.33 32.68 36.38
CA HIS V 471 -28.49 32.52 35.18
C HIS V 471 -27.06 33.02 35.38
N TYR V 472 -26.86 33.82 36.42
CA TYR V 472 -25.57 34.42 36.72
C TYR V 472 -24.58 33.40 37.26
N GLU V 473 -25.09 32.20 37.60
CA GLU V 473 -24.25 31.11 38.09
C GLU V 473 -23.71 30.26 36.96
N LYS V 474 -24.37 30.30 35.81
CA LYS V 474 -23.89 29.57 34.64
C LYS V 474 -22.67 30.29 34.03
N ILE V 475 -21.48 29.75 34.31
CA ILE V 475 -20.23 30.36 33.85
C ILE V 475 -19.56 29.46 32.80
N PRO V 476 -19.31 29.99 31.61
CA PRO V 476 -18.72 29.14 30.58
C PRO V 476 -17.20 29.07 30.75
N LEU V 477 -16.56 28.26 29.92
CA LEU V 477 -15.09 28.08 29.96
C LEU V 477 -14.53 27.88 31.38
N THR V 478 -15.15 26.91 32.08
CA THR V 478 -14.74 26.42 33.41
C THR V 478 -14.58 27.52 34.46
N GLU W 3 -32.75 99.47 -26.93
CA GLU W 3 -32.36 98.04 -26.79
C GLU W 3 -33.59 97.11 -26.87
N LYS W 4 -33.45 96.03 -27.65
CA LYS W 4 -34.52 95.02 -27.85
C LYS W 4 -34.78 94.11 -26.65
N TYR W 5 -33.74 93.88 -25.86
CA TYR W 5 -33.78 92.87 -24.80
C TYR W 5 -33.99 93.41 -23.42
N GLU W 6 -33.83 92.52 -22.45
CA GLU W 6 -34.09 92.79 -21.06
C GLU W 6 -33.20 91.84 -20.26
N ALA W 7 -32.62 92.32 -19.17
CA ALA W 7 -31.79 91.48 -18.34
C ALA W 7 -32.61 91.00 -17.16
N VAL W 8 -32.60 89.70 -16.92
CA VAL W 8 -33.26 89.12 -15.75
C VAL W 8 -32.20 88.59 -14.81
N ILE W 9 -32.06 89.23 -13.66
CA ILE W 9 -30.96 88.98 -12.75
C ILE W 9 -31.48 88.58 -11.38
N GLY W 10 -30.90 87.52 -10.81
CA GLY W 10 -31.14 87.11 -9.43
C GLY W 10 -29.82 86.88 -8.74
N LEU W 11 -29.80 86.94 -7.41
CA LEU W 11 -28.57 86.86 -6.65
C LEU W 11 -28.73 85.94 -5.47
N GLU W 12 -27.64 85.27 -5.11
CA GLU W 12 -27.63 84.34 -3.98
C GLU W 12 -26.55 84.80 -3.04
N ILE W 13 -26.94 85.29 -1.89
CA ILE W 13 -26.01 85.97 -1.02
C ILE W 13 -25.80 85.16 0.25
N HIS W 14 -24.55 85.02 0.68
CA HIS W 14 -24.25 84.39 1.95
C HIS W 14 -23.66 85.42 2.88
N VAL W 15 -24.27 85.60 4.03
CA VAL W 15 -23.94 86.67 4.92
C VAL W 15 -23.50 86.09 6.23
N GLN W 16 -22.30 86.46 6.63
CA GLN W 16 -21.75 85.97 7.85
C GLN W 16 -22.30 86.69 9.06
N MET W 17 -22.84 85.94 10.00
CA MET W 17 -23.45 86.50 11.18
C MET W 17 -22.40 86.91 12.20
N ASP W 18 -22.52 88.12 12.70
CA ASP W 18 -21.58 88.66 13.67
C ASP W 18 -21.85 88.09 15.07
N THR W 19 -21.72 86.78 15.21
CA THR W 19 -21.77 86.14 16.53
C THR W 19 -20.33 85.93 17.06
N LYS W 20 -20.22 85.68 18.36
CA LYS W 20 -18.95 85.35 18.99
C LYS W 20 -18.55 83.91 18.66
N THR W 21 -19.57 83.06 18.53
CA THR W 21 -19.42 81.60 18.49
C THR W 21 -19.88 81.02 17.15
N LYS W 22 -19.37 79.84 16.79
CA LYS W 22 -19.84 79.18 15.55
C LYS W 22 -21.33 78.70 15.65
N MET W 23 -21.89 78.23 14.55
CA MET W 23 -23.30 77.83 14.49
C MET W 23 -23.64 76.63 15.41
N PHE W 24 -22.75 75.64 15.41
CA PHE W 24 -23.08 74.35 16.00
C PHE W 24 -22.15 73.88 17.11
N CYS W 25 -21.27 74.78 17.56
CA CYS W 25 -20.34 74.56 18.68
C CYS W 25 -19.80 75.87 19.20
N GLY W 26 -19.13 75.83 20.34
CA GLY W 26 -18.68 77.03 21.04
C GLY W 26 -17.31 77.61 20.66
N CYS W 27 -16.74 77.17 19.54
CA CYS W 27 -15.52 77.78 19.03
C CYS W 27 -15.74 79.22 18.58
N LYS W 28 -14.70 80.05 18.71
CA LYS W 28 -14.77 81.46 18.38
C LYS W 28 -14.85 81.69 16.88
N VAL W 29 -15.69 82.65 16.50
CA VAL W 29 -15.66 83.21 15.17
C VAL W 29 -14.70 84.42 15.20
N GLU W 30 -13.62 84.38 14.43
CA GLU W 30 -12.73 85.54 14.31
C GLU W 30 -11.84 85.52 13.08
N PHE W 31 -11.50 86.71 12.57
CA PHE W 31 -10.72 86.79 11.32
C PHE W 31 -9.19 86.81 11.53
N GLY W 32 -8.49 86.08 10.65
CA GLY W 32 -7.03 85.99 10.65
C GLY W 32 -6.32 85.32 11.83
N ALA W 33 -6.94 84.30 12.44
CA ALA W 33 -6.25 83.58 13.49
C ALA W 33 -5.29 82.56 12.86
N GLU W 34 -4.44 81.93 13.68
CA GLU W 34 -3.55 80.83 13.24
C GLU W 34 -4.34 79.61 12.76
N PRO W 35 -3.96 79.07 11.60
CA PRO W 35 -4.72 77.98 10.97
C PRO W 35 -5.05 76.86 11.93
N ASN W 36 -6.33 76.46 11.92
CA ASN W 36 -6.85 75.35 12.71
C ASN W 36 -6.62 75.52 14.19
N THR W 37 -6.86 76.73 14.69
CA THR W 37 -6.78 77.00 16.12
C THR W 37 -8.16 77.13 16.82
N ASN W 38 -9.15 77.68 16.12
CA ASN W 38 -10.49 77.84 16.68
C ASN W 38 -11.40 76.66 16.29
N VAL W 39 -11.10 75.51 16.88
CA VAL W 39 -11.49 74.27 16.24
C VAL W 39 -11.77 73.22 17.33
N CYS W 40 -12.64 72.25 17.03
CA CYS W 40 -13.06 71.28 18.03
C CYS W 40 -13.61 70.05 17.33
N PRO W 41 -13.93 68.98 18.09
CA PRO W 41 -14.50 67.74 17.51
C PRO W 41 -15.76 67.96 16.66
N VAL W 42 -16.61 68.88 17.09
CA VAL W 42 -17.84 69.18 16.37
C VAL W 42 -17.55 69.77 14.99
N CYS W 43 -16.83 70.89 14.97
CA CYS W 43 -16.64 71.65 13.75
C CYS W 43 -15.53 71.04 12.88
N LEU W 44 -14.83 70.06 13.44
CA LEU W 44 -13.76 69.38 12.71
C LEU W 44 -14.28 68.12 12.02
N GLY W 45 -15.55 67.81 12.24
CA GLY W 45 -16.18 66.65 11.62
C GLY W 45 -15.55 65.38 12.16
N MET W 46 -15.38 65.34 13.49
CA MET W 46 -14.79 64.20 14.13
C MET W 46 -15.82 63.11 14.45
N PRO W 47 -15.40 61.84 14.47
CA PRO W 47 -16.33 60.77 14.83
C PRO W 47 -16.95 61.00 16.20
N GLY W 48 -18.27 60.85 16.31
CA GLY W 48 -18.96 60.95 17.59
C GLY W 48 -19.37 62.32 18.02
N ALA W 49 -19.10 63.32 17.18
CA ALA W 49 -19.35 64.73 17.55
C ALA W 49 -20.76 65.29 17.13
N LEU W 50 -21.42 66.00 18.05
CA LEU W 50 -22.82 66.41 17.85
C LEU W 50 -23.06 67.94 17.80
N PRO W 51 -23.85 68.42 16.81
CA PRO W 51 -24.20 69.85 16.66
C PRO W 51 -25.11 70.38 17.75
N ILE W 52 -24.86 71.60 18.19
CA ILE W 52 -25.75 72.30 19.12
C ILE W 52 -26.04 73.72 18.61
N VAL W 53 -27.29 73.98 18.24
CA VAL W 53 -27.72 75.28 17.70
C VAL W 53 -27.40 76.47 18.60
N ASN W 54 -26.81 77.50 17.97
CA ASN W 54 -26.51 78.81 18.58
C ASN W 54 -27.76 79.70 18.65
N LYS W 55 -28.14 80.09 19.86
CA LYS W 55 -29.33 80.91 20.07
C LYS W 55 -29.29 82.25 19.33
N ARG W 56 -28.16 82.96 19.48
CA ARG W 56 -27.94 84.25 18.87
C ARG W 56 -27.97 84.15 17.36
N ALA W 57 -27.43 83.08 16.83
CA ALA W 57 -27.47 82.92 15.39
C ALA W 57 -28.94 82.90 14.99
N VAL W 58 -29.76 82.23 15.79
CA VAL W 58 -31.17 82.11 15.47
C VAL W 58 -31.86 83.46 15.62
N GLU W 59 -31.57 84.16 16.72
CA GLU W 59 -32.09 85.49 16.98
C GLU W 59 -31.72 86.42 15.83
N TYR W 60 -30.44 86.46 15.48
CA TYR W 60 -30.01 87.35 14.41
C TYR W 60 -30.69 87.06 13.10
N ALA W 61 -30.98 85.80 12.82
CA ALA W 61 -31.49 85.42 11.50
C ALA W 61 -32.98 85.74 11.41
N ILE W 62 -33.65 85.72 12.55
CA ILE W 62 -35.03 86.19 12.66
C ILE W 62 -35.08 87.70 12.41
N ARG W 63 -34.28 88.45 13.17
CA ARG W 63 -34.13 89.88 12.95
C ARG W 63 -33.83 90.24 11.49
N ALA W 64 -32.87 89.58 10.87
CA ALA W 64 -32.61 89.85 9.47
C ALA W 64 -33.85 89.64 8.60
N SER W 65 -34.61 88.60 8.94
CA SER W 65 -35.74 88.17 8.13
C SER W 65 -36.85 89.23 8.13
N LEU W 66 -37.15 89.73 9.32
CA LEU W 66 -38.11 90.78 9.53
C LEU W 66 -37.66 92.06 8.85
N ALA W 67 -36.38 92.42 9.06
CA ALA W 67 -35.83 93.61 8.45
C ALA W 67 -35.90 93.48 6.95
N LEU W 68 -35.96 92.26 6.44
CA LEU W 68 -36.16 92.08 5.01
C LEU W 68 -37.62 91.80 4.64
N ASN W 69 -38.53 92.09 5.58
CA ASN W 69 -40.00 91.99 5.39
C ASN W 69 -40.52 90.61 4.99
N CYS W 70 -39.83 89.59 5.51
CA CYS W 70 -40.11 88.20 5.25
C CYS W 70 -41.14 87.70 6.24
N GLU W 71 -41.90 86.70 5.81
CA GLU W 71 -42.71 85.90 6.73
C GLU W 71 -41.79 84.88 7.41
N VAL W 72 -41.66 84.97 8.74
CA VAL W 72 -40.87 84.06 9.54
C VAL W 72 -41.73 82.88 10.01
N HIS W 73 -41.32 81.67 9.64
CA HIS W 73 -42.07 80.45 9.96
C HIS W 73 -41.72 79.87 11.29
N GLU W 74 -42.76 79.57 12.05
CA GLU W 74 -42.63 79.23 13.45
C GLU W 74 -41.95 77.84 13.58
N GLU W 75 -42.01 77.03 12.52
CA GLU W 75 -41.24 75.81 12.49
C GLU W 75 -40.44 75.67 11.20
N SER W 76 -39.12 75.54 11.34
CA SER W 76 -38.25 75.22 10.22
C SER W 76 -37.30 74.08 10.62
N VAL W 77 -36.69 73.48 9.62
CA VAL W 77 -35.91 72.27 9.82
C VAL W 77 -34.53 72.35 9.15
N PHE W 78 -33.49 72.04 9.94
CA PHE W 78 -32.11 71.82 9.45
C PHE W 78 -31.96 70.53 8.67
N ALA W 79 -31.51 70.64 7.42
CA ALA W 79 -31.29 69.49 6.57
C ALA W 79 -29.80 69.30 6.31
N ARG W 80 -29.41 68.11 5.91
CA ARG W 80 -28.05 67.80 5.59
C ARG W 80 -27.87 67.91 4.11
N LYS W 81 -26.90 68.73 3.71
CA LYS W 81 -26.55 68.90 2.30
C LYS W 81 -25.20 68.23 2.04
N HIS W 82 -25.21 67.20 1.21
CA HIS W 82 -24.06 66.27 1.08
C HIS W 82 -23.20 66.57 -0.14
N TYR W 83 -21.89 66.72 0.08
CA TYR W 83 -20.92 66.74 -1.02
C TYR W 83 -19.52 66.53 -0.46
N PHE W 84 -18.61 66.01 -1.30
CA PHE W 84 -17.25 65.71 -0.82
C PHE W 84 -16.30 66.80 -1.26
N TYR W 85 -15.70 67.47 -0.28
CA TYR W 85 -14.75 68.55 -0.55
C TYR W 85 -13.96 68.88 0.71
N PRO W 86 -12.60 68.98 0.58
CA PRO W 86 -11.63 69.07 1.66
C PRO W 86 -11.90 70.13 2.71
N ASP W 87 -12.52 71.25 2.32
CA ASP W 87 -12.92 72.27 3.33
C ASP W 87 -14.24 72.00 4.04
N LEU W 88 -14.89 70.88 3.71
CA LEU W 88 -16.16 70.47 4.32
C LEU W 88 -15.99 69.19 5.11
N PRO W 89 -15.73 69.34 6.42
CA PRO W 89 -15.36 68.27 7.33
C PRO W 89 -16.34 67.04 7.46
N LYS W 90 -17.66 67.26 7.46
CA LYS W 90 -18.60 66.16 7.71
C LYS W 90 -19.01 65.38 6.47
N GLY W 91 -18.84 65.97 5.30
CA GLY W 91 -19.29 65.33 4.07
C GLY W 91 -20.65 65.91 3.78
N TYR W 92 -21.11 66.72 4.73
CA TYR W 92 -22.33 67.48 4.55
C TYR W 92 -22.24 68.85 5.19
N GLN W 93 -22.96 69.79 4.59
CA GLN W 93 -23.26 71.07 5.19
C GLN W 93 -24.64 70.99 5.82
N ILE W 94 -24.74 71.37 7.09
CA ILE W 94 -26.05 71.55 7.71
C ILE W 94 -26.64 72.92 7.32
N SER W 95 -27.73 72.89 6.56
CA SER W 95 -28.48 74.09 6.18
C SER W 95 -29.98 73.95 6.39
N GLN W 96 -30.76 74.53 5.49
CA GLN W 96 -32.20 74.37 5.45
C GLN W 96 -32.62 74.26 4.01
N TYR W 97 -33.71 73.57 3.76
CA TYR W 97 -34.09 73.20 2.42
C TYR W 97 -35.58 73.52 2.19
N GLU W 98 -36.44 72.50 2.16
CA GLU W 98 -37.87 72.74 2.36
C GLU W 98 -38.03 73.06 3.83
N LYS W 99 -38.85 74.05 4.13
CA LYS W 99 -38.94 74.53 5.51
C LYS W 99 -37.72 75.37 5.97
N PRO W 100 -37.40 76.43 5.20
CA PRO W 100 -36.50 77.52 5.64
C PRO W 100 -37.13 78.42 6.67
N LEU W 101 -36.32 79.20 7.35
CA LEU W 101 -36.78 80.12 8.38
C LEU W 101 -37.72 81.23 7.84
N ALA W 102 -37.42 81.78 6.66
CA ALA W 102 -38.12 82.96 6.17
C ALA W 102 -38.35 82.93 4.70
N THR W 103 -39.44 83.59 4.31
CA THR W 103 -39.94 83.53 2.96
C THR W 103 -40.71 84.83 2.61
N ASN W 104 -40.88 85.08 1.31
CA ASN W 104 -41.79 86.14 0.85
C ASN W 104 -41.45 87.53 1.44
N GLY W 105 -40.26 88.03 1.12
CA GLY W 105 -39.85 89.34 1.57
C GLY W 105 -39.51 90.27 0.42
N TRP W 106 -39.01 91.46 0.76
CA TRP W 106 -38.68 92.44 -0.24
C TRP W 106 -37.69 93.47 0.27
N VAL W 107 -36.85 93.92 -0.66
CA VAL W 107 -36.02 95.11 -0.44
C VAL W 107 -36.38 96.20 -1.44
N GLU W 108 -36.49 97.42 -0.94
CA GLU W 108 -36.75 98.57 -1.80
C GLU W 108 -35.48 99.35 -2.21
N LEU W 109 -35.30 99.46 -3.52
CA LEU W 109 -34.20 100.20 -4.12
C LEU W 109 -34.58 101.63 -4.55
N ASN W 110 -33.73 102.58 -4.18
CA ASN W 110 -33.85 103.95 -4.68
C ASN W 110 -32.92 104.11 -5.86
N LEU W 111 -33.53 104.38 -7.01
CA LEU W 111 -32.83 104.44 -8.29
C LEU W 111 -32.29 105.84 -8.55
N PRO W 112 -31.21 105.95 -9.36
CA PRO W 112 -30.54 107.25 -9.48
C PRO W 112 -31.35 108.22 -10.36
N ASN W 113 -32.50 107.80 -10.84
CA ASN W 113 -33.32 108.66 -11.67
C ASN W 113 -34.63 109.03 -10.96
N GLY W 114 -34.63 108.92 -9.64
CA GLY W 114 -35.78 109.29 -8.83
C GLY W 114 -36.66 108.15 -8.37
N GLU W 115 -36.75 107.09 -9.18
CA GLU W 115 -37.74 106.04 -8.91
C GLU W 115 -37.36 104.97 -7.89
N LYS W 116 -38.40 104.38 -7.32
CA LYS W 116 -38.23 103.37 -6.31
C LYS W 116 -38.73 102.03 -6.84
N LYS W 117 -37.94 100.98 -6.60
CA LYS W 117 -38.22 99.66 -7.13
C LYS W 117 -38.17 98.62 -6.00
N LYS W 118 -38.84 97.49 -6.20
CA LYS W 118 -38.75 96.38 -5.25
C LYS W 118 -38.09 95.16 -5.85
N VAL W 119 -37.20 94.59 -5.06
CA VAL W 119 -36.60 93.29 -5.32
C VAL W 119 -37.04 92.34 -4.20
N ARG W 120 -37.66 91.23 -4.60
CA ARG W 120 -38.17 90.24 -3.64
C ARG W 120 -37.08 89.33 -3.08
N ILE W 121 -37.17 89.09 -1.78
CA ILE W 121 -36.41 88.05 -1.14
C ILE W 121 -37.23 86.74 -1.15
N ARG W 122 -36.75 85.78 -1.94
CA ARG W 122 -37.37 84.46 -2.10
C ARG W 122 -37.27 83.65 -0.81
N ARG W 123 -36.08 83.61 -0.19
CA ARG W 123 -35.89 82.90 1.07
C ARG W 123 -34.72 83.45 1.89
N LEU W 124 -34.81 83.27 3.19
CA LEU W 124 -33.67 83.40 4.04
C LEU W 124 -33.56 82.14 4.92
N HIS W 125 -32.49 81.37 4.76
CA HIS W 125 -32.23 80.27 5.69
C HIS W 125 -30.92 80.34 6.48
N ILE W 126 -30.90 79.67 7.63
CA ILE W 126 -29.71 79.51 8.45
C ILE W 126 -28.86 78.33 7.98
N GLU W 127 -27.56 78.54 7.91
CA GLU W 127 -26.61 77.47 7.57
C GLU W 127 -25.20 77.72 8.11
N GLU W 128 -24.35 76.72 7.98
CA GLU W 128 -22.99 76.79 8.50
C GLU W 128 -22.03 76.88 7.35
N ASP W 129 -20.91 77.56 7.59
CA ASP W 129 -19.86 77.76 6.60
C ASP W 129 -18.91 76.53 6.49
N ALA W 130 -18.31 76.38 5.31
CA ALA W 130 -17.14 75.52 5.10
C ALA W 130 -15.86 76.24 5.61
N GLY W 131 -14.70 75.58 5.52
CA GLY W 131 -13.41 76.24 5.82
C GLY W 131 -12.77 76.82 4.57
N LYS W 132 -11.49 77.21 4.64
CA LYS W 132 -10.80 77.69 3.44
C LYS W 132 -9.60 76.85 3.00
N ASN W 133 -9.43 76.73 1.69
CA ASN W 133 -8.24 76.12 1.12
C ASN W 133 -7.23 77.17 0.65
N ILE W 134 -5.95 76.90 0.93
CA ILE W 134 -4.81 77.57 0.29
C ILE W 134 -4.12 76.57 -0.65
N HIS W 135 -3.78 76.99 -1.86
CA HIS W 135 -2.99 76.14 -2.76
C HIS W 135 -1.51 76.46 -2.69
N GLU W 136 -0.70 75.42 -2.55
CA GLU W 136 0.75 75.56 -2.42
C GLU W 136 1.45 74.40 -3.13
N GLY W 137 1.82 74.64 -4.37
CA GLY W 137 2.52 73.62 -5.13
C GLY W 137 1.55 72.56 -5.63
N ASP W 138 1.86 71.30 -5.36
CA ASP W 138 1.01 70.19 -5.80
C ASP W 138 0.06 69.75 -4.66
N LYS W 139 -0.04 70.58 -3.64
CA LYS W 139 -0.90 70.31 -2.48
C LYS W 139 -1.91 71.44 -2.18
N THR W 140 -2.98 71.11 -1.44
CA THR W 140 -3.89 72.11 -0.93
C THR W 140 -3.81 72.08 0.59
N LEU W 141 -3.71 73.24 1.20
CA LEU W 141 -3.64 73.34 2.66
C LEU W 141 -4.98 73.80 3.22
N VAL W 142 -5.48 73.08 4.20
CA VAL W 142 -6.85 73.27 4.66
C VAL W 142 -6.89 73.89 6.03
N ASP W 143 -7.48 75.08 6.11
CA ASP W 143 -7.74 75.72 7.40
C ASP W 143 -9.24 75.60 7.70
N LEU W 144 -9.60 74.94 8.79
CA LEU W 144 -10.98 74.74 9.17
C LEU W 144 -11.40 75.65 10.30
N ASN W 145 -10.74 76.80 10.41
CA ASN W 145 -11.18 77.83 11.34
C ASN W 145 -12.57 78.39 11.04
N ARG W 146 -12.86 78.55 9.76
CA ARG W 146 -14.11 79.16 9.35
C ARG W 146 -15.27 78.15 9.28
N ALA W 147 -14.95 76.86 9.10
CA ALA W 147 -15.95 75.78 9.11
C ALA W 147 -16.90 75.87 10.29
N GLY W 148 -18.20 75.90 9.96
CA GLY W 148 -19.27 75.97 10.96
C GLY W 148 -19.60 77.37 11.42
N THR W 149 -19.07 78.37 10.75
CA THR W 149 -19.42 79.76 11.04
C THR W 149 -20.86 79.96 10.53
N PRO W 150 -21.70 80.70 11.28
CA PRO W 150 -23.09 80.91 10.88
C PRO W 150 -23.26 81.81 9.67
N LEU W 151 -24.08 81.37 8.73
CA LEU W 151 -24.39 82.13 7.54
C LEU W 151 -25.90 82.28 7.36
N MET W 152 -26.33 83.38 6.75
CA MET W 152 -27.70 83.50 6.28
C MET W 152 -27.65 83.32 4.78
N GLU W 153 -28.29 82.31 4.23
CA GLU W 153 -28.32 82.29 2.80
C GLU W 153 -29.55 83.06 2.38
N ILE W 154 -29.38 84.09 1.54
CA ILE W 154 -30.45 84.95 1.06
C ILE W 154 -30.59 84.83 -0.45
N VAL W 155 -31.79 84.49 -0.91
CA VAL W 155 -31.98 84.29 -2.34
C VAL W 155 -33.05 85.25 -2.82
N THR W 156 -32.76 85.88 -3.95
CA THR W 156 -33.53 86.94 -4.53
C THR W 156 -34.40 86.32 -5.58
N GLU W 157 -35.57 86.88 -5.88
CA GLU W 157 -36.29 86.51 -7.11
C GLU W 157 -35.61 87.18 -8.30
N PRO W 158 -35.76 86.63 -9.52
CA PRO W 158 -35.09 87.32 -10.63
C PRO W 158 -35.70 88.68 -10.98
N ASP W 159 -35.74 89.56 -9.97
CA ASP W 159 -36.42 90.85 -10.05
C ASP W 159 -35.54 92.02 -10.52
N ILE W 160 -34.22 91.82 -10.50
CA ILE W 160 -33.24 92.84 -10.84
C ILE W 160 -33.09 92.89 -12.35
N ARG W 161 -32.88 94.11 -12.89
CA ARG W 161 -32.90 94.34 -14.33
C ARG W 161 -31.65 94.97 -14.91
N THR W 162 -30.75 95.44 -14.06
CA THR W 162 -29.62 96.30 -14.48
C THR W 162 -28.38 96.04 -13.63
N PRO W 163 -27.17 96.08 -14.26
CA PRO W 163 -25.93 95.91 -13.48
C PRO W 163 -25.86 96.87 -12.30
N GLU W 164 -26.23 98.12 -12.52
CA GLU W 164 -26.21 99.12 -11.47
C GLU W 164 -27.14 98.71 -10.34
N GLU W 165 -28.33 98.22 -10.72
CA GLU W 165 -29.35 97.73 -9.80
C GLU W 165 -28.86 96.57 -8.95
N ALA W 166 -28.08 95.67 -9.58
CA ALA W 166 -27.44 94.58 -8.84
C ALA W 166 -26.59 95.15 -7.71
N ARG W 167 -25.70 96.10 -8.05
CA ARG W 167 -24.86 96.78 -7.06
C ARG W 167 -25.65 97.54 -6.01
N LEU W 168 -26.64 98.30 -6.48
CA LEU W 168 -27.50 99.06 -5.55
C LEU W 168 -28.27 98.15 -4.58
N PHE W 169 -28.69 96.98 -5.08
CA PHE W 169 -29.29 95.98 -4.22
C PHE W 169 -28.33 95.55 -3.11
N LEU W 170 -27.12 95.17 -3.52
CA LEU W 170 -26.14 94.67 -2.58
C LEU W 170 -25.74 95.69 -1.52
N GLU W 171 -25.62 96.95 -1.94
CA GLU W 171 -25.31 98.06 -1.04
C GLU W 171 -26.40 98.24 0.02
N LYS W 172 -27.65 98.09 -0.40
CA LYS W 172 -28.81 98.28 0.48
C LYS W 172 -28.93 97.12 1.46
N LEU W 173 -28.82 95.90 0.96
CA LEU W 173 -28.73 94.71 1.80
C LEU W 173 -27.63 94.82 2.85
N ARG W 174 -26.43 95.21 2.41
CA ARG W 174 -25.34 95.41 3.33
C ARG W 174 -25.80 96.37 4.41
N ASN W 175 -26.41 97.48 4.02
CA ASN W 175 -26.78 98.53 4.94
C ASN W 175 -27.89 98.10 5.89
N ILE W 176 -28.91 97.43 5.36
CA ILE W 176 -29.89 96.78 6.26
C ILE W 176 -29.24 95.85 7.31
N MET W 177 -28.34 94.98 6.87
CA MET W 177 -27.60 94.08 7.76
C MET W 177 -26.80 94.80 8.83
N ARG W 178 -26.06 95.82 8.41
CA ARG W 178 -25.30 96.63 9.34
C ARG W 178 -26.19 97.38 10.31
N TYR W 179 -27.26 98.00 9.80
CA TYR W 179 -28.21 98.73 10.64
C TYR W 179 -28.92 97.83 11.63
N ALA W 180 -29.39 96.67 11.15
CA ALA W 180 -29.98 95.65 12.00
C ALA W 180 -29.02 95.16 13.10
N GLY W 181 -27.72 95.22 12.81
CA GLY W 181 -26.69 94.86 13.77
C GLY W 181 -26.35 93.38 13.70
N VAL W 182 -26.63 92.75 12.56
CA VAL W 182 -26.53 91.30 12.47
C VAL W 182 -25.23 90.81 11.84
N SER W 183 -24.62 91.66 11.01
CA SER W 183 -23.40 91.29 10.31
C SER W 183 -22.63 92.55 9.93
N LYS W 184 -21.32 92.42 9.74
CA LYS W 184 -20.48 93.53 9.24
C LYS W 184 -20.55 93.61 7.72
N ALA W 185 -20.87 92.47 7.11
CA ALA W 185 -21.26 92.37 5.71
C ALA W 185 -20.33 93.05 4.71
N ASP W 186 -19.04 93.08 5.02
CA ASP W 186 -18.03 93.63 4.10
C ASP W 186 -17.44 92.50 3.27
N MET W 187 -17.60 92.59 1.95
CA MET W 187 -17.01 91.61 1.04
C MET W 187 -15.50 91.46 1.21
N GLU W 188 -14.84 92.54 1.64
CA GLU W 188 -13.38 92.55 1.86
C GLU W 188 -12.94 91.42 2.81
N LYS W 189 -13.67 91.23 3.90
CA LYS W 189 -13.30 90.25 4.91
C LYS W 189 -14.02 88.92 4.69
N GLY W 190 -14.70 88.80 3.54
CA GLY W 190 -15.55 87.72 3.08
C GLY W 190 -16.71 87.45 4.03
N GLN W 191 -17.25 88.48 4.61
CA GLN W 191 -18.43 88.40 5.43
C GLN W 191 -19.66 88.46 4.55
N LEU W 192 -19.45 88.61 3.26
CA LEU W 192 -20.52 88.62 2.31
C LEU W 192 -19.99 88.06 1.01
N ARG W 193 -20.67 87.05 0.50
CA ARG W 193 -20.33 86.45 -0.76
C ARG W 193 -21.53 86.61 -1.67
N CYS W 194 -21.34 86.44 -2.96
CA CYS W 194 -22.42 86.69 -3.87
C CYS W 194 -22.22 85.93 -5.14
N ASP W 195 -23.17 85.06 -5.47
CA ASP W 195 -23.15 84.39 -6.75
C ASP W 195 -24.26 85.00 -7.57
N ILE W 196 -24.04 85.10 -8.88
CA ILE W 196 -24.95 85.83 -9.75
C ILE W 196 -25.59 84.88 -10.76
N ASN W 197 -26.89 85.06 -11.00
CA ASN W 197 -27.63 84.30 -12.00
C ASN W 197 -28.21 85.29 -12.98
N VAL W 198 -28.11 84.99 -14.27
CA VAL W 198 -28.53 85.98 -15.28
C VAL W 198 -28.97 85.40 -16.61
N SER W 199 -30.13 85.87 -17.06
CA SER W 199 -30.70 85.51 -18.35
C SER W 199 -31.14 86.76 -19.09
N ILE W 200 -31.30 86.67 -20.41
CA ILE W 200 -31.87 87.76 -21.18
C ILE W 200 -33.16 87.31 -21.84
N ARG W 201 -33.91 88.30 -22.31
CA ARG W 201 -35.30 88.11 -22.66
C ARG W 201 -35.67 89.25 -23.60
N PRO W 202 -36.28 88.94 -24.75
CA PRO W 202 -36.89 90.02 -25.56
C PRO W 202 -37.78 90.93 -24.70
N LYS W 203 -37.66 92.25 -24.88
CA LYS W 203 -38.34 93.21 -24.00
C LYS W 203 -39.84 92.94 -23.89
N GLY W 204 -40.37 93.01 -22.68
CA GLY W 204 -41.80 92.81 -22.44
C GLY W 204 -42.29 91.37 -22.49
N SER W 205 -41.44 90.44 -22.92
CA SER W 205 -41.75 88.99 -22.86
C SER W 205 -41.94 88.49 -21.43
N LYS W 206 -42.75 87.45 -21.26
CA LYS W 206 -43.01 86.94 -19.93
C LYS W 206 -42.36 85.59 -19.62
N GLU W 207 -41.77 84.96 -20.62
CA GLU W 207 -41.00 83.74 -20.39
C GLU W 207 -39.55 84.05 -19.97
N PHE W 208 -38.84 83.04 -19.46
CA PHE W 208 -37.45 83.22 -19.03
C PHE W 208 -36.48 82.61 -20.02
N GLY W 209 -35.40 83.33 -20.28
CA GLY W 209 -34.29 82.82 -21.09
C GLY W 209 -33.41 81.92 -20.27
N THR W 210 -32.45 81.29 -20.92
CA THR W 210 -31.56 80.33 -20.25
C THR W 210 -30.55 81.03 -19.35
N ARG W 211 -30.29 80.40 -18.20
CA ARG W 211 -29.63 80.99 -17.06
C ARG W 211 -28.13 80.66 -16.98
N VAL W 212 -27.31 81.70 -16.77
CA VAL W 212 -25.87 81.54 -16.55
C VAL W 212 -25.54 82.00 -15.14
N GLU W 213 -24.72 81.22 -14.45
CA GLU W 213 -24.28 81.60 -13.11
C GLU W 213 -22.84 82.12 -13.13
N ILE W 214 -22.58 83.24 -12.47
CA ILE W 214 -21.21 83.74 -12.33
C ILE W 214 -20.79 83.64 -10.87
N LYS W 215 -19.73 82.91 -10.58
CA LYS W 215 -19.32 82.68 -9.19
C LYS W 215 -18.06 83.44 -8.75
N ASN W 216 -17.92 83.57 -7.43
CA ASN W 216 -16.80 84.31 -6.80
C ASN W 216 -16.40 85.62 -7.49
N VAL W 217 -17.32 86.57 -7.46
CA VAL W 217 -17.06 87.94 -7.80
C VAL W 217 -16.96 88.59 -6.43
N ASN W 218 -15.94 89.43 -6.23
CA ASN W 218 -15.46 89.77 -4.88
C ASN W 218 -15.73 91.16 -4.32
N SER W 219 -16.23 92.07 -5.15
CA SER W 219 -16.61 93.41 -4.72
C SER W 219 -17.92 93.77 -5.40
N PHE W 220 -18.66 94.72 -4.80
CA PHE W 220 -19.90 95.20 -5.40
C PHE W 220 -19.61 95.76 -6.77
N ARG W 221 -18.48 96.47 -6.90
CA ARG W 221 -18.06 97.04 -8.17
C ARG W 221 -17.85 95.95 -9.21
N PHE W 222 -17.22 94.86 -8.77
CA PHE W 222 -16.95 93.71 -9.65
C PHE W 222 -18.22 93.01 -10.13
N VAL W 223 -19.27 92.96 -9.30
CA VAL W 223 -20.52 92.36 -9.78
C VAL W 223 -21.16 93.22 -10.88
N GLN W 224 -21.06 94.54 -10.76
CA GLN W 224 -21.53 95.43 -11.80
C GLN W 224 -20.78 95.15 -13.10
N LYS W 225 -19.46 94.95 -12.99
CA LYS W 225 -18.62 94.75 -14.16
C LYS W 225 -18.92 93.42 -14.82
N ALA W 226 -18.97 92.38 -13.99
CA ALA W 226 -19.26 91.04 -14.47
C ALA W 226 -20.57 91.06 -15.24
N LEU W 227 -21.60 91.61 -14.62
CA LEU W 227 -22.92 91.69 -15.24
C LEU W 227 -22.90 92.52 -16.49
N GLU W 228 -22.34 93.73 -16.40
CA GLU W 228 -22.15 94.61 -17.56
C GLU W 228 -21.64 93.88 -18.77
N TYR W 229 -20.56 93.12 -18.59
CA TYR W 229 -19.99 92.35 -19.67
C TYR W 229 -20.88 91.18 -20.12
N GLU W 230 -21.34 90.39 -19.14
CA GLU W 230 -22.08 89.16 -19.41
C GLU W 230 -23.36 89.41 -20.20
N ILE W 231 -24.10 90.44 -19.83
CA ILE W 231 -25.29 90.87 -20.59
C ILE W 231 -24.95 91.10 -22.06
N GLU W 232 -23.92 91.92 -22.32
CA GLU W 232 -23.43 92.11 -23.68
C GLU W 232 -23.01 90.79 -24.31
N ARG W 233 -22.30 89.95 -23.56
CA ARG W 233 -21.85 88.66 -24.08
C ARG W 233 -23.04 87.87 -24.61
N GLN W 234 -24.08 87.76 -23.78
CA GLN W 234 -25.30 87.02 -24.12
C GLN W 234 -26.07 87.65 -25.27
N ILE W 235 -26.21 88.98 -25.25
CA ILE W 235 -26.86 89.70 -26.35
C ILE W 235 -26.16 89.41 -27.69
N ASN W 236 -24.83 89.53 -27.71
CA ASN W 236 -24.03 89.15 -28.87
C ASN W 236 -24.43 87.77 -29.39
N VAL W 237 -24.37 86.77 -28.50
CA VAL W 237 -24.66 85.37 -28.83
C VAL W 237 -26.01 85.23 -29.52
N VAL W 238 -27.07 85.71 -28.89
CA VAL W 238 -28.44 85.55 -29.39
C VAL W 238 -28.68 86.27 -30.72
N GLU W 239 -28.06 87.43 -30.90
CA GLU W 239 -28.22 88.20 -32.14
C GLU W 239 -27.38 87.65 -33.30
N GLU W 240 -26.30 86.94 -32.98
CA GLU W 240 -25.51 86.23 -34.00
C GLU W 240 -26.23 84.96 -34.48
N GLY W 241 -27.39 84.68 -33.88
CA GLY W 241 -28.19 83.50 -34.21
C GLY W 241 -27.93 82.29 -33.32
N GLY W 242 -27.12 82.46 -32.29
CA GLY W 242 -26.76 81.37 -31.39
C GLY W 242 -27.71 81.22 -30.20
N GLU W 243 -27.58 80.09 -29.51
CA GLU W 243 -28.30 79.88 -28.26
C GLU W 243 -27.32 80.06 -27.13
N VAL W 244 -27.75 80.75 -26.09
CA VAL W 244 -26.92 80.90 -24.89
C VAL W 244 -26.98 79.59 -24.08
N VAL W 245 -25.80 79.09 -23.70
CA VAL W 245 -25.67 77.80 -23.05
C VAL W 245 -25.63 77.90 -21.52
N GLN W 246 -26.38 77.03 -20.86
CA GLN W 246 -26.49 77.02 -19.42
C GLN W 246 -25.24 76.46 -18.74
N GLU W 247 -24.58 77.29 -17.94
CA GLU W 247 -23.33 76.91 -17.27
C GLU W 247 -23.00 77.84 -16.11
N THR W 248 -21.93 77.51 -15.39
CA THR W 248 -21.32 78.44 -14.46
C THR W 248 -20.08 79.06 -15.12
N ARG W 249 -19.79 80.31 -14.80
CA ARG W 249 -18.62 81.00 -15.33
C ARG W 249 -17.88 81.72 -14.23
N THR W 250 -16.71 82.24 -14.58
CA THR W 250 -15.87 83.00 -13.66
C THR W 250 -15.55 84.39 -14.21
N PHE W 251 -15.22 85.31 -13.31
CA PHE W 251 -14.91 86.68 -13.69
C PHE W 251 -13.47 86.99 -13.33
N ASP W 252 -12.69 87.47 -14.30
CA ASP W 252 -11.36 87.98 -13.99
C ASP W 252 -11.39 89.50 -13.87
N PRO W 253 -11.10 90.01 -12.66
CA PRO W 253 -11.08 91.44 -12.38
C PRO W 253 -10.17 92.18 -13.37
N GLN W 254 -8.95 91.66 -13.53
CA GLN W 254 -7.92 92.25 -14.40
C GLN W 254 -8.37 92.47 -15.84
N THR W 255 -9.10 91.50 -16.40
CA THR W 255 -9.60 91.61 -17.78
C THR W 255 -11.01 92.18 -17.89
N GLY W 256 -11.73 92.18 -16.77
CA GLY W 256 -13.14 92.59 -16.75
C GLY W 256 -14.03 91.71 -17.63
N LYS W 257 -13.63 90.45 -17.79
CA LYS W 257 -14.36 89.49 -18.64
C LYS W 257 -14.81 88.27 -17.85
N THR W 258 -15.77 87.55 -18.42
CA THR W 258 -16.28 86.31 -17.83
C THR W 258 -15.92 85.11 -18.69
N TYR W 259 -15.49 84.03 -18.05
CA TYR W 259 -14.97 82.86 -18.76
C TYR W 259 -15.66 81.55 -18.38
N PRO W 260 -15.94 80.68 -19.38
CA PRO W 260 -16.47 79.35 -19.09
C PRO W 260 -15.41 78.55 -18.35
N MET W 261 -15.75 77.35 -17.90
CA MET W 261 -14.79 76.54 -17.17
C MET W 261 -14.32 75.36 -18.00
N ARG W 262 -13.04 75.04 -17.84
CA ARG W 262 -12.42 73.93 -18.58
C ARG W 262 -12.95 72.57 -18.12
N THR W 263 -13.34 72.51 -16.85
CA THR W 263 -13.90 71.31 -16.23
C THR W 263 -15.43 71.22 -16.43
N LYS W 264 -15.84 70.15 -17.11
CA LYS W 264 -17.25 69.88 -17.43
C LYS W 264 -17.95 69.11 -16.29
N GLU W 265 -17.76 69.61 -15.07
CA GLU W 265 -18.20 68.89 -13.87
C GLU W 265 -19.59 69.30 -13.40
N GLU W 266 -20.58 68.45 -13.70
CA GLU W 266 -21.98 68.64 -13.27
C GLU W 266 -22.13 68.52 -11.76
N ALA W 267 -23.17 69.14 -11.22
CA ALA W 267 -23.46 69.03 -9.80
C ALA W 267 -23.96 67.62 -9.47
N GLU W 268 -23.96 67.30 -8.19
CA GLU W 268 -24.36 65.98 -7.75
C GLU W 268 -25.46 66.15 -6.71
N ASP W 269 -26.53 65.35 -6.85
CA ASP W 269 -27.68 65.36 -5.93
C ASP W 269 -27.21 65.46 -4.49
N TYR W 270 -27.75 66.44 -3.77
CA TYR W 270 -27.31 66.72 -2.42
C TYR W 270 -27.87 65.79 -1.37
N ARG W 271 -28.76 64.87 -1.75
CA ARG W 271 -29.34 63.87 -0.84
C ARG W 271 -29.82 64.52 0.44
N TYR W 272 -30.63 65.56 0.29
CA TYR W 272 -31.14 66.32 1.44
C TYR W 272 -32.07 65.51 2.36
N PHE W 273 -31.96 65.74 3.66
CA PHE W 273 -32.90 65.15 4.58
C PHE W 273 -32.71 65.71 5.98
N PRO W 274 -33.76 65.71 6.81
CA PRO W 274 -33.64 66.40 8.12
C PRO W 274 -32.48 65.85 8.93
N ASP W 275 -31.62 66.71 9.42
CA ASP W 275 -30.52 66.24 10.23
C ASP W 275 -31.08 65.51 11.45
N PRO W 276 -30.82 64.18 11.55
CA PRO W 276 -31.32 63.41 12.69
C PRO W 276 -30.67 63.77 14.01
N ASP W 277 -29.60 64.59 13.98
CA ASP W 277 -28.96 65.03 15.22
C ASP W 277 -29.68 66.22 15.82
N LEU W 278 -30.61 66.81 15.06
CA LEU W 278 -31.30 68.02 15.50
C LEU W 278 -32.82 67.90 15.34
N VAL W 279 -33.55 68.38 16.36
CA VAL W 279 -35.01 68.57 16.26
C VAL W 279 -35.37 69.81 15.44
N PRO W 280 -36.64 69.91 15.00
CA PRO W 280 -37.06 71.10 14.24
C PRO W 280 -36.90 72.37 15.04
N LEU W 281 -36.54 73.45 14.36
CA LEU W 281 -36.37 74.73 14.98
C LEU W 281 -37.77 75.30 15.16
N LYS W 282 -38.17 75.44 16.42
CA LYS W 282 -39.49 75.94 16.75
C LYS W 282 -39.35 77.35 17.29
N VAL W 283 -39.87 78.31 16.54
CA VAL W 283 -39.79 79.72 16.88
C VAL W 283 -41.13 80.18 17.43
N LYS W 284 -41.19 80.44 18.72
CA LYS W 284 -42.39 80.97 19.37
C LYS W 284 -42.82 82.30 18.77
N LYS W 285 -44.13 82.50 18.57
CA LYS W 285 -44.63 83.79 18.07
C LYS W 285 -44.21 84.95 18.99
N GLU W 286 -44.18 84.67 20.28
CA GLU W 286 -43.85 85.66 21.30
C GLU W 286 -42.44 86.21 21.16
N TRP W 287 -41.55 85.40 20.58
CA TRP W 287 -40.14 85.78 20.34
C TRP W 287 -39.96 86.63 19.08
N ILE W 288 -40.70 86.29 18.03
CA ILE W 288 -40.81 87.13 16.83
C ILE W 288 -41.34 88.53 17.17
N GLU W 289 -42.42 88.58 17.95
CA GLU W 289 -43.01 89.80 18.50
C GLU W 289 -41.96 90.65 19.23
N GLU W 290 -41.17 90.02 20.07
CA GLU W 290 -40.19 90.70 20.89
C GLU W 290 -39.03 91.28 20.08
N ILE W 291 -38.66 90.58 19.02
CA ILE W 291 -37.59 91.02 18.14
C ILE W 291 -38.08 92.15 17.23
N LYS W 292 -39.34 92.06 16.82
CA LYS W 292 -40.03 93.08 16.03
C LYS W 292 -40.17 94.40 16.80
N LYS W 293 -40.61 94.29 18.04
CA LYS W 293 -40.80 95.42 18.94
C LYS W 293 -39.48 96.15 19.22
N ASN W 294 -38.41 95.37 19.34
CA ASN W 294 -37.08 95.91 19.68
C ASN W 294 -36.12 96.02 18.51
N MET W 295 -36.67 96.05 17.31
CA MET W 295 -35.86 96.16 16.11
C MET W 295 -35.10 97.48 16.16
N PRO W 296 -33.77 97.46 15.89
CA PRO W 296 -33.02 98.71 15.69
C PRO W 296 -33.58 99.51 14.49
N GLU W 297 -33.23 100.79 14.41
CA GLU W 297 -33.75 101.63 13.33
C GLU W 297 -33.09 101.26 12.01
N LEU W 298 -33.90 101.19 10.96
CA LEU W 298 -33.43 100.75 9.64
C LEU W 298 -33.23 101.93 8.71
N PRO W 299 -32.45 101.75 7.63
CA PRO W 299 -32.08 102.87 6.78
C PRO W 299 -33.23 103.78 6.33
N ASP W 300 -34.30 103.20 5.77
CA ASP W 300 -35.40 103.98 5.17
C ASP W 300 -36.19 104.77 6.18
N GLN W 301 -36.35 104.18 7.36
CA GLN W 301 -36.90 104.89 8.51
C GLN W 301 -36.01 106.07 8.90
N ARG W 302 -34.70 105.83 9.10
CA ARG W 302 -33.78 106.91 9.49
C ARG W 302 -33.84 108.07 8.49
N PHE W 303 -33.84 107.74 7.21
CA PHE W 303 -33.88 108.72 6.13
C PHE W 303 -34.99 109.74 6.28
N GLU W 304 -36.23 109.28 6.50
CA GLU W 304 -37.36 110.18 6.70
C GLU W 304 -37.29 110.89 8.04
N ARG W 305 -36.73 110.24 9.05
CA ARG W 305 -36.64 110.83 10.38
C ARG W 305 -35.72 112.05 10.38
N LEU W 306 -34.60 111.97 9.66
CA LEU W 306 -33.62 113.05 9.65
C LEU W 306 -34.11 114.26 8.87
N ILE W 307 -34.74 114.00 7.73
CA ILE W 307 -35.47 115.02 6.94
C ILE W 307 -36.48 115.82 7.79
N LYS W 308 -37.21 115.13 8.65
CA LYS W 308 -38.13 115.77 9.59
C LYS W 308 -37.45 116.37 10.81
N GLU W 309 -36.71 115.57 11.56
CA GLU W 309 -36.21 115.99 12.85
C GLU W 309 -35.15 117.12 12.78
N TYR W 310 -34.54 117.27 11.62
CA TYR W 310 -33.38 118.15 11.45
C TYR W 310 -33.47 118.99 10.19
N GLY W 311 -34.53 118.78 9.41
CA GLY W 311 -34.77 119.55 8.20
C GLY W 311 -33.70 119.46 7.12
N LEU W 312 -33.02 118.31 7.05
CA LEU W 312 -31.97 118.10 6.07
C LEU W 312 -32.56 117.85 4.70
N SER W 313 -31.76 118.10 3.67
CA SER W 313 -32.17 117.81 2.31
C SER W 313 -32.00 116.32 2.04
N GLU W 314 -32.67 115.82 1.02
CA GLU W 314 -32.58 114.42 0.63
C GLU W 314 -31.16 114.02 0.21
N TYR W 315 -30.39 115.02 -0.22
CA TYR W 315 -29.01 114.82 -0.57
C TYR W 315 -28.22 114.58 0.70
N GLU W 316 -28.48 115.43 1.68
CA GLU W 316 -27.75 115.41 2.93
C GLU W 316 -28.03 114.13 3.72
N ALA W 317 -29.32 113.84 3.90
CA ALA W 317 -29.76 112.65 4.64
C ALA W 317 -29.25 111.34 4.03
N GLY W 318 -29.23 111.29 2.70
CA GLY W 318 -28.72 110.11 1.98
C GLY W 318 -27.28 109.79 2.33
N ILE W 319 -26.44 110.81 2.39
CA ILE W 319 -25.04 110.66 2.75
C ILE W 319 -24.92 110.08 4.17
N LEU W 320 -25.69 110.66 5.09
CA LEU W 320 -25.62 110.31 6.50
C LEU W 320 -26.19 108.94 6.81
N VAL W 321 -26.99 108.41 5.91
CA VAL W 321 -27.74 107.17 6.13
C VAL W 321 -27.06 106.01 5.42
N ASN W 322 -26.54 106.30 4.22
CA ASN W 322 -25.75 105.32 3.48
C ASN W 322 -24.44 104.89 4.13
N HIS W 323 -23.86 105.78 4.92
CA HIS W 323 -22.74 105.48 5.79
C HIS W 323 -23.19 105.78 7.21
N LYS W 324 -23.70 104.75 7.89
CA LYS W 324 -24.33 104.89 9.19
C LYS W 324 -23.49 105.71 10.17
N GLU W 325 -22.19 105.46 10.21
CA GLU W 325 -21.30 106.07 11.21
C GLU W 325 -21.16 107.58 11.07
N VAL W 326 -21.52 108.12 9.90
CA VAL W 326 -21.58 109.56 9.66
C VAL W 326 -22.86 110.15 10.24
N GLY W 327 -24.00 109.50 9.99
CA GLY W 327 -25.23 109.85 10.65
C GLY W 327 -25.07 109.88 12.15
N ASP W 328 -24.44 108.85 12.71
CA ASP W 328 -24.24 108.74 14.17
C ASP W 328 -23.35 109.85 14.71
N PHE W 329 -22.36 110.25 13.92
CA PHE W 329 -21.47 111.35 14.25
C PHE W 329 -22.27 112.65 14.28
N PHE W 330 -22.99 112.90 13.19
CA PHE W 330 -23.84 114.05 13.05
C PHE W 330 -24.73 114.23 14.24
N GLU W 331 -25.41 113.15 14.63
CA GLU W 331 -26.39 113.24 15.68
C GLU W 331 -25.77 113.43 17.06
N GLU W 332 -24.59 112.88 17.29
CA GLU W 332 -23.91 113.09 18.56
C GLU W 332 -23.41 114.54 18.63
N ALA W 333 -23.13 115.11 17.46
CA ALA W 333 -22.72 116.52 17.36
C ALA W 333 -23.91 117.48 17.59
N VAL W 334 -24.99 117.27 16.85
CA VAL W 334 -26.20 118.10 16.99
C VAL W 334 -26.70 118.09 18.43
N ARG W 335 -26.30 117.06 19.18
CA ARG W 335 -26.73 116.93 20.55
C ARG W 335 -25.99 117.96 21.41
N HIS W 336 -24.73 118.23 21.05
CA HIS W 336 -23.89 119.20 21.78
C HIS W 336 -24.17 120.66 21.46
N PHE W 337 -24.57 120.93 20.22
CA PHE W 337 -25.01 122.26 19.80
C PHE W 337 -26.12 122.11 18.75
N LYS W 338 -27.33 122.56 19.08
CA LYS W 338 -28.51 122.31 18.25
C LYS W 338 -28.58 123.19 16.99
N GLU W 339 -27.51 123.14 16.21
CA GLU W 339 -27.45 123.84 14.93
C GLU W 339 -27.24 122.81 13.80
N PRO W 340 -28.34 122.15 13.38
CA PRO W 340 -28.25 121.07 12.42
C PRO W 340 -27.72 121.54 11.07
N LYS W 341 -28.29 122.60 10.52
CA LYS W 341 -27.91 123.04 9.18
C LYS W 341 -26.43 123.40 9.09
N GLY W 342 -25.93 124.01 10.16
CA GLY W 342 -24.53 124.40 10.23
C GLY W 342 -23.61 123.20 10.36
N ILE W 343 -23.99 122.24 11.19
CA ILE W 343 -23.17 121.04 11.41
C ILE W 343 -23.09 120.13 10.17
N VAL W 344 -24.21 119.88 9.48
CA VAL W 344 -24.12 119.09 8.25
C VAL W 344 -23.22 119.75 7.24
N ASN W 345 -23.25 121.08 7.20
CA ASN W 345 -22.41 121.82 6.27
C ASN W 345 -20.93 121.52 6.49
N TRP W 346 -20.47 121.75 7.71
CA TRP W 346 -19.05 121.59 8.07
C TRP W 346 -18.57 120.14 8.08
N LEU W 347 -19.51 119.22 8.37
CA LEU W 347 -19.28 117.78 8.25
C LEU W 347 -19.09 117.33 6.81
N ILE W 348 -20.09 117.58 5.97
CA ILE W 348 -20.06 117.14 4.57
C ILE W 348 -19.03 117.88 3.73
N ASN W 349 -18.93 119.19 3.93
CA ASN W 349 -18.14 120.04 3.03
C ASN W 349 -16.69 120.12 3.50
N ASP W 350 -16.48 119.96 4.79
CA ASP W 350 -15.14 120.16 5.34
C ASP W 350 -14.47 118.91 5.94
N LEU W 351 -15.03 118.39 7.03
CA LEU W 351 -14.41 117.27 7.76
C LEU W 351 -14.24 115.95 6.98
N LEU W 352 -15.30 115.50 6.32
CA LEU W 352 -15.28 114.27 5.55
C LEU W 352 -14.15 114.21 4.50
N GLY W 353 -13.90 115.31 3.82
CA GLY W 353 -12.89 115.32 2.78
C GLY W 353 -11.49 115.44 3.35
N LEU W 354 -11.39 116.03 4.54
CA LEU W 354 -10.11 116.14 5.22
C LEU W 354 -9.63 114.80 5.77
N LEU W 355 -10.57 114.00 6.28
CA LEU W 355 -10.31 112.63 6.74
C LEU W 355 -10.01 111.70 5.58
N ARG W 356 -10.76 111.84 4.49
CA ARG W 356 -10.53 111.06 3.28
C ARG W 356 -9.08 111.12 2.84
N ASP W 357 -8.54 112.35 2.82
CA ASP W 357 -7.16 112.66 2.40
C ASP W 357 -6.09 112.02 3.29
N LYS W 358 -6.29 112.09 4.60
CA LYS W 358 -5.44 111.40 5.57
C LYS W 358 -5.65 109.88 5.53
N GLY W 359 -6.81 109.44 5.06
CA GLY W 359 -7.14 108.02 4.94
C GLY W 359 -7.71 107.45 6.22
N ILE W 360 -8.28 108.32 7.07
CA ILE W 360 -8.90 107.86 8.31
C ILE W 360 -10.45 107.85 8.30
N SER W 361 -11.01 106.81 8.94
CA SER W 361 -12.44 106.57 8.97
C SER W 361 -13.08 107.42 10.05
N ILE W 362 -14.36 107.79 9.85
CA ILE W 362 -15.10 108.67 10.75
C ILE W 362 -15.24 108.13 12.18
N GLU W 363 -15.25 106.81 12.32
CA GLU W 363 -15.25 106.19 13.64
C GLU W 363 -13.99 106.60 14.39
N GLU W 364 -12.88 106.70 13.65
CA GLU W 364 -11.53 106.92 14.18
C GLU W 364 -11.00 108.38 14.19
N SER W 365 -11.82 109.34 13.75
CA SER W 365 -11.34 110.72 13.54
C SER W 365 -10.92 111.42 14.83
N PRO W 366 -9.86 112.27 14.75
CA PRO W 366 -9.43 113.04 15.90
C PRO W 366 -10.46 114.10 16.29
N VAL W 367 -11.20 114.61 15.31
CA VAL W 367 -12.27 115.55 15.58
C VAL W 367 -13.46 114.76 16.07
N LYS W 368 -13.75 114.85 17.36
CA LYS W 368 -14.90 114.19 17.95
C LYS W 368 -16.16 115.00 17.69
N PRO W 369 -17.35 114.35 17.71
CA PRO W 369 -18.60 115.11 17.57
C PRO W 369 -18.64 116.40 18.38
N GLU W 370 -18.02 116.40 19.56
CA GLU W 370 -18.00 117.56 20.48
C GLU W 370 -17.21 118.73 19.88
N HIS W 371 -16.14 118.40 19.18
CA HIS W 371 -15.23 119.39 18.61
C HIS W 371 -15.82 120.11 17.42
N LEU W 372 -16.55 119.39 16.57
CA LEU W 372 -17.22 119.99 15.44
C LEU W 372 -18.37 120.90 15.91
N ALA W 373 -19.14 120.40 16.88
CA ALA W 373 -20.23 121.15 17.49
C ALA W 373 -19.71 122.43 18.12
N GLU W 374 -18.53 122.35 18.73
CA GLU W 374 -17.87 123.51 19.30
C GLU W 374 -17.37 124.48 18.23
N LEU W 375 -16.72 123.94 17.21
CA LEU W 375 -16.22 124.77 16.13
C LEU W 375 -17.36 125.56 15.47
N VAL W 376 -18.44 124.86 15.14
CA VAL W 376 -19.59 125.47 14.47
C VAL W 376 -20.27 126.49 15.36
N LYS W 377 -20.12 126.32 16.67
CA LYS W 377 -20.61 127.28 17.65
C LYS W 377 -19.89 128.65 17.52
N LEU W 378 -18.57 128.61 17.38
CA LEU W 378 -17.74 129.79 17.17
C LEU W 378 -17.99 130.51 15.84
N ILE W 379 -18.37 129.76 14.81
CA ILE W 379 -18.75 130.33 13.52
C ILE W 379 -20.10 131.03 13.60
N LYS W 380 -21.06 130.42 14.29
CA LYS W 380 -22.40 131.01 14.45
C LYS W 380 -22.37 132.26 15.36
N GLU W 381 -21.70 132.14 16.52
CA GLU W 381 -21.61 133.23 17.50
C GLU W 381 -20.61 134.32 17.09
N LYS W 382 -20.09 134.20 15.88
CA LYS W 382 -19.21 135.19 15.25
C LYS W 382 -17.89 135.44 16.00
N VAL W 383 -17.47 134.47 16.80
CA VAL W 383 -16.19 134.51 17.51
C VAL W 383 -15.00 134.46 16.53
N ILE W 384 -15.08 133.58 15.53
CA ILE W 384 -14.15 133.58 14.40
C ILE W 384 -14.87 133.60 13.05
N SER W 385 -14.10 133.81 11.98
CA SER W 385 -14.66 133.90 10.65
C SER W 385 -14.54 132.55 9.94
N THR W 386 -15.42 132.35 8.96
CA THR W 386 -15.37 131.21 8.06
C THR W 386 -13.92 130.91 7.62
N LYS W 387 -13.21 131.94 7.17
CA LYS W 387 -11.82 131.80 6.70
C LYS W 387 -10.91 131.19 7.76
N ILE W 388 -11.05 131.67 8.99
CA ILE W 388 -10.27 131.19 10.12
C ILE W 388 -10.77 129.82 10.57
N GLY W 389 -12.08 129.62 10.50
CA GLY W 389 -12.68 128.31 10.74
C GLY W 389 -12.16 127.21 9.84
N LYS W 390 -11.91 127.54 8.58
CA LYS W 390 -11.38 126.56 7.63
C LYS W 390 -9.90 126.27 7.85
N GLU W 391 -9.22 127.19 8.54
CA GLU W 391 -7.80 127.05 8.88
C GLU W 391 -7.64 126.17 10.13
N VAL W 392 -8.54 126.35 11.09
CA VAL W 392 -8.46 125.62 12.34
C VAL W 392 -9.00 124.18 12.27
N ILE W 393 -9.92 123.93 11.32
CA ILE W 393 -10.41 122.57 11.07
C ILE W 393 -9.28 121.68 10.49
N LYS W 394 -8.46 122.26 9.61
CA LYS W 394 -7.33 121.56 9.01
C LYS W 394 -6.30 121.12 10.05
N GLU W 395 -6.19 121.89 11.11
CA GLU W 395 -5.24 121.62 12.15
C GLU W 395 -5.86 120.75 13.25
N MET W 396 -7.16 120.92 13.48
CA MET W 396 -7.93 120.00 14.32
C MET W 396 -7.72 118.56 13.87
N VAL W 397 -7.79 118.35 12.56
CA VAL W 397 -7.54 117.05 11.96
C VAL W 397 -6.07 116.66 12.10
N GLU W 398 -5.19 117.64 11.93
CA GLU W 398 -3.74 117.44 11.99
C GLU W 398 -3.24 117.07 13.39
N THR W 399 -3.80 117.72 14.41
CA THR W 399 -3.32 117.59 15.78
C THR W 399 -4.26 116.72 16.62
N GLY W 400 -5.51 117.15 16.73
CA GLY W 400 -6.47 116.50 17.60
C GLY W 400 -6.87 117.40 18.74
N LYS W 401 -6.48 118.66 18.65
CA LYS W 401 -6.80 119.63 19.69
C LYS W 401 -8.19 120.24 19.45
N THR W 402 -8.84 120.69 20.52
CA THR W 402 -10.16 121.33 20.44
C THR W 402 -10.09 122.60 19.59
N PRO W 403 -11.20 123.00 18.95
CA PRO W 403 -11.20 124.29 18.26
C PRO W 403 -10.77 125.46 19.15
N SER W 404 -11.36 125.57 20.34
CA SER W 404 -11.01 126.68 21.25
C SER W 404 -9.58 126.61 21.82
N GLN W 405 -9.00 125.41 21.84
CA GLN W 405 -7.59 125.24 22.18
C GLN W 405 -6.67 126.01 21.22
N ILE W 406 -6.78 125.69 19.91
CA ILE W 406 -5.94 126.33 18.87
C ILE W 406 -6.29 127.79 18.55
N VAL W 407 -7.53 128.21 18.86
CA VAL W 407 -7.92 129.62 18.78
C VAL W 407 -7.05 130.44 19.74
N GLU W 408 -6.97 129.97 20.98
CA GLU W 408 -6.15 130.61 22.01
C GLU W 408 -4.68 130.52 21.64
N GLU W 409 -4.22 129.30 21.36
CA GLU W 409 -2.83 129.05 20.98
C GLU W 409 -2.32 129.91 19.80
N LYS W 410 -3.24 130.51 19.05
CA LYS W 410 -2.88 131.26 17.86
C LYS W 410 -3.67 132.56 17.78
N GLY W 411 -4.23 132.99 18.91
CA GLY W 411 -4.85 134.30 19.01
C GLY W 411 -6.15 134.38 18.23
N LEU W 412 -7.15 135.01 18.84
CA LEU W 412 -8.54 134.74 18.50
C LEU W 412 -8.88 135.23 17.10
N VAL X 2 -30.61 45.02 -11.27
CA VAL X 2 -30.24 46.46 -11.41
C VAL X 2 -28.86 46.65 -12.08
N ASP X 3 -28.80 47.60 -13.03
CA ASP X 3 -27.66 47.78 -13.93
C ASP X 3 -26.29 47.88 -13.28
N ARG X 4 -25.26 47.69 -14.11
CA ARG X 4 -23.89 47.99 -13.70
C ARG X 4 -23.78 49.49 -13.57
N GLU X 5 -24.27 50.20 -14.59
CA GLU X 5 -24.36 51.66 -14.59
C GLU X 5 -24.92 52.21 -13.28
N TRP X 6 -25.97 51.56 -12.77
CA TRP X 6 -26.57 51.95 -11.52
C TRP X 6 -25.54 51.87 -10.39
N VAL X 7 -24.82 50.76 -10.31
CA VAL X 7 -23.88 50.53 -9.22
C VAL X 7 -22.71 51.53 -9.22
N LEU X 8 -22.16 51.78 -10.42
CA LEU X 8 -21.13 52.80 -10.64
C LEU X 8 -21.57 54.21 -10.24
N LYS X 9 -22.73 54.63 -10.74
CA LYS X 9 -23.32 55.95 -10.45
C LYS X 9 -23.50 56.21 -8.96
N ILE X 10 -23.94 55.19 -8.24
CA ILE X 10 -24.19 55.32 -6.81
C ILE X 10 -22.88 55.31 -6.05
N ALA X 11 -21.93 54.52 -6.53
CA ALA X 11 -20.59 54.44 -5.91
C ALA X 11 -19.84 55.76 -6.07
N LYS X 12 -19.94 56.34 -7.25
CA LYS X 12 -19.40 57.66 -7.54
C LYS X 12 -19.89 58.67 -6.53
N LEU X 13 -21.22 58.76 -6.37
CA LEU X 13 -21.84 59.69 -5.45
C LEU X 13 -21.31 59.54 -4.04
N ALA X 14 -21.06 58.28 -3.65
CA ALA X 14 -20.59 57.94 -2.32
C ALA X 14 -19.03 57.90 -2.17
N ARG X 15 -18.32 58.11 -3.27
CA ARG X 15 -16.84 58.08 -3.28
C ARG X 15 -16.30 56.72 -2.82
N LEU X 16 -16.64 55.72 -3.63
CA LEU X 16 -16.14 54.37 -3.47
C LEU X 16 -15.68 53.99 -4.84
N GLU X 17 -14.38 53.82 -5.00
CA GLU X 17 -13.86 53.25 -6.23
C GLU X 17 -13.99 51.73 -6.11
N LEU X 18 -15.04 51.18 -6.72
CA LEU X 18 -15.29 49.77 -6.55
C LEU X 18 -14.29 48.97 -7.38
N LYS X 19 -13.74 47.92 -6.78
CA LYS X 19 -12.94 46.94 -7.49
C LYS X 19 -13.91 46.06 -8.24
N GLU X 20 -13.46 45.50 -9.36
CA GLU X 20 -14.35 44.79 -10.30
C GLU X 20 -15.12 43.59 -9.69
N GLU X 21 -14.51 42.96 -8.69
CA GLU X 21 -15.14 41.89 -7.92
C GLU X 21 -16.35 42.40 -7.13
N GLU X 22 -16.23 43.59 -6.54
CA GLU X 22 -17.33 44.23 -5.79
C GLU X 22 -18.51 44.66 -6.69
N ILE X 23 -18.22 45.21 -7.85
CA ILE X 23 -19.26 45.60 -8.81
C ILE X 23 -20.25 44.47 -9.15
N GLU X 24 -19.75 43.26 -9.39
CA GLU X 24 -20.62 42.13 -9.73
C GLU X 24 -21.40 41.66 -8.51
N VAL X 25 -20.72 41.42 -7.40
CA VAL X 25 -21.36 40.98 -6.15
C VAL X 25 -22.45 41.96 -5.69
N PHE X 26 -22.16 43.26 -5.77
CA PHE X 26 -23.09 44.28 -5.29
C PHE X 26 -24.30 44.46 -6.18
N GLN X 27 -24.20 44.07 -7.45
CA GLN X 27 -25.37 44.07 -8.34
C GLN X 27 -26.46 43.10 -7.86
N LYS X 28 -26.03 41.90 -7.45
CA LYS X 28 -26.97 40.89 -6.99
C LYS X 28 -27.43 41.23 -5.58
N GLN X 29 -26.49 41.36 -4.66
CA GLN X 29 -26.81 41.66 -3.27
C GLN X 29 -27.79 42.86 -3.14
N LEU X 30 -27.55 43.92 -3.89
CA LEU X 30 -28.37 45.12 -3.81
C LEU X 30 -29.75 44.97 -4.43
N SER X 31 -29.82 44.33 -5.61
CA SER X 31 -31.13 43.94 -6.16
C SER X 31 -31.95 43.13 -5.16
N ASP X 32 -31.29 42.18 -4.48
CA ASP X 32 -31.98 41.34 -3.52
C ASP X 32 -32.51 42.18 -2.38
N ILE X 33 -31.64 43.04 -1.84
CA ILE X 33 -32.00 43.90 -0.73
C ILE X 33 -33.13 44.87 -1.13
N LEU X 34 -33.09 45.36 -2.36
CA LEU X 34 -34.16 46.24 -2.79
C LEU X 34 -35.52 45.57 -2.88
N ASP X 35 -35.54 44.28 -3.24
CA ASP X 35 -36.76 43.50 -3.26
C ASP X 35 -37.14 43.11 -1.86
N PHE X 36 -36.14 42.85 -1.04
CA PHE X 36 -36.38 42.49 0.35
C PHE X 36 -37.14 43.58 1.10
N ILE X 37 -36.83 44.85 0.82
CA ILE X 37 -37.41 45.97 1.57
C ILE X 37 -38.65 46.60 0.97
N ASP X 38 -38.97 46.25 -0.28
CA ASP X 38 -40.17 46.74 -0.95
C ASP X 38 -41.52 46.25 -0.39
N GLN X 39 -41.76 46.39 0.90
CA GLN X 39 -43.03 45.97 1.51
C GLN X 39 -43.98 47.13 1.76
N LEU X 40 -43.46 48.35 1.76
CA LEU X 40 -44.15 49.47 2.37
C LEU X 40 -45.23 50.16 1.50
N LYS X 41 -45.22 49.97 0.17
CA LYS X 41 -46.25 50.56 -0.69
C LYS X 41 -47.66 50.23 -0.24
N GLU X 42 -47.87 48.96 0.10
CA GLU X 42 -49.11 48.43 0.65
C GLU X 42 -49.77 49.37 1.64
N LEU X 43 -48.97 50.04 2.46
CA LEU X 43 -49.49 50.87 3.50
C LEU X 43 -49.83 52.27 3.00
N ASP X 44 -50.89 52.85 3.57
CA ASP X 44 -51.31 54.21 3.25
C ASP X 44 -50.69 55.13 4.28
N THR X 45 -49.93 56.11 3.77
CA THR X 45 -49.17 57.03 4.62
C THR X 45 -49.38 58.52 4.28
N GLU X 46 -50.18 58.80 3.26
CA GLU X 46 -50.95 60.06 3.20
C GLU X 46 -51.57 60.28 4.56
N ASN X 47 -51.52 61.50 5.07
CA ASN X 47 -52.12 61.75 6.37
C ASN X 47 -51.43 61.07 7.54
N VAL X 48 -50.25 60.53 7.33
CA VAL X 48 -49.33 60.24 8.45
C VAL X 48 -48.15 61.22 8.47
N GLU X 49 -47.87 61.77 9.64
CA GLU X 49 -46.70 62.62 9.84
C GLU X 49 -45.44 61.79 10.13
N PRO X 50 -44.35 62.02 9.35
CA PRO X 50 -43.06 61.37 9.56
C PRO X 50 -42.62 61.46 11.00
N TYR X 51 -42.02 60.36 11.51
CA TYR X 51 -41.55 60.25 12.90
C TYR X 51 -40.57 61.32 13.33
N ILE X 52 -40.80 61.95 14.47
CA ILE X 52 -39.74 62.72 15.10
C ILE X 52 -39.92 62.47 16.56
N GLN X 53 -38.84 62.52 17.32
CA GLN X 53 -38.98 62.34 18.74
C GLN X 53 -39.72 63.57 19.29
N GLU X 54 -40.39 63.38 20.42
CA GLU X 54 -41.13 64.44 21.09
C GLU X 54 -40.17 65.45 21.68
N PHE X 55 -40.64 66.69 21.82
CA PHE X 55 -39.85 67.78 22.44
C PHE X 55 -40.69 69.05 22.58
N GLU X 56 -40.62 69.66 23.75
CA GLU X 56 -41.39 70.88 24.01
C GLU X 56 -40.82 72.08 23.25
N GLU X 57 -39.53 72.31 23.45
CA GLU X 57 -38.83 73.42 22.81
C GLU X 57 -37.63 72.92 22.04
N THR X 58 -37.19 73.70 21.05
CA THR X 58 -35.92 73.41 20.42
C THR X 58 -34.77 73.74 21.40
N PRO X 59 -33.89 72.75 21.67
CA PRO X 59 -32.66 72.89 22.46
C PRO X 59 -31.61 73.81 21.78
N MET X 60 -31.28 74.88 22.47
CA MET X 60 -30.37 75.85 21.93
C MET X 60 -29.31 76.13 22.95
N ARG X 61 -28.26 76.81 22.52
CA ARG X 61 -27.10 77.05 23.36
C ARG X 61 -26.75 78.53 23.30
N GLU X 62 -26.39 79.10 24.44
CA GLU X 62 -25.94 80.48 24.52
C GLU X 62 -24.74 80.74 23.59
N ASP X 63 -24.58 82.00 23.16
CA ASP X 63 -23.45 82.41 22.32
C ASP X 63 -22.20 82.74 23.14
N GLU X 64 -21.65 81.73 23.81
CA GLU X 64 -20.42 81.88 24.62
C GLU X 64 -19.33 80.93 24.15
N PRO X 65 -18.08 81.44 24.01
CA PRO X 65 -16.94 80.61 23.60
C PRO X 65 -16.58 79.48 24.58
N HIS X 66 -16.41 78.27 24.04
CA HIS X 66 -15.90 77.11 24.77
C HIS X 66 -14.46 76.88 24.34
N PRO X 67 -13.57 76.53 25.30
CA PRO X 67 -12.17 76.23 24.98
C PRO X 67 -12.08 75.26 23.82
N SER X 68 -11.41 75.70 22.76
CA SER X 68 -11.17 74.89 21.59
C SER X 68 -10.27 73.68 21.87
N LEU X 69 -10.23 72.78 20.91
CA LEU X 69 -9.35 71.64 20.96
C LEU X 69 -7.94 72.11 20.66
N ASP X 70 -7.00 71.72 21.51
CA ASP X 70 -5.59 71.91 21.29
C ASP X 70 -5.20 71.46 19.87
N ARG X 71 -4.40 72.30 19.19
CA ARG X 71 -4.14 72.12 17.76
C ARG X 71 -3.31 70.88 17.44
N GLU X 72 -2.51 70.43 18.41
CA GLU X 72 -1.70 69.24 18.23
C GLU X 72 -2.59 67.99 18.20
N LYS X 73 -3.54 67.93 19.15
CA LYS X 73 -4.56 66.86 19.23
C LYS X 73 -5.47 66.90 18.04
N ALA X 74 -5.79 68.10 17.58
CA ALA X 74 -6.61 68.27 16.40
C ALA X 74 -5.92 67.78 15.13
N LEU X 75 -4.59 67.84 15.08
CA LEU X 75 -3.86 67.52 13.87
C LEU X 75 -3.20 66.14 13.91
N MET X 76 -2.92 65.65 15.11
CA MET X 76 -2.19 64.38 15.34
C MET X 76 -2.58 63.17 14.52
N ASN X 77 -3.85 63.06 14.16
CA ASN X 77 -4.31 61.93 13.36
C ASN X 77 -4.22 62.18 11.87
N ALA X 78 -3.86 63.40 11.48
CA ALA X 78 -3.88 63.77 10.08
C ALA X 78 -2.86 62.96 9.26
N PRO X 79 -3.34 62.35 8.18
CA PRO X 79 -2.43 61.68 7.26
C PRO X 79 -1.19 62.52 6.89
N GLU X 80 -1.36 63.82 6.64
CA GLU X 80 -0.26 64.73 6.26
C GLU X 80 -0.56 66.13 6.73
N ARG X 81 0.31 66.72 7.54
CA ARG X 81 0.11 68.08 8.01
C ARG X 81 1.26 69.06 7.69
N LYS X 82 0.97 70.37 7.65
CA LYS X 82 2.00 71.37 7.32
C LYS X 82 1.66 72.74 7.87
N ASP X 83 2.53 73.24 8.73
CA ASP X 83 2.44 74.61 9.24
C ASP X 83 1.10 74.92 9.92
N GLY X 84 0.45 73.91 10.48
CA GLY X 84 -0.90 74.08 11.09
C GLY X 84 -2.09 73.74 10.18
N PHE X 85 -1.81 73.32 8.96
CA PHE X 85 -2.85 73.02 7.99
C PHE X 85 -2.93 71.53 7.68
N PHE X 86 -4.13 71.05 7.40
CA PHE X 86 -4.32 69.74 6.84
C PHE X 86 -3.83 69.77 5.42
N VAL X 87 -3.11 68.74 5.02
CA VAL X 87 -2.61 68.72 3.66
C VAL X 87 -3.29 67.61 2.87
N VAL X 88 -3.72 67.97 1.67
CA VAL X 88 -4.35 67.04 0.74
C VAL X 88 -3.81 67.36 -0.64
N PRO X 89 -3.93 66.42 -1.59
CA PRO X 89 -3.51 66.80 -2.93
C PRO X 89 -4.27 68.02 -3.43
N ARG X 90 -3.59 68.89 -4.16
CA ARG X 90 -4.19 70.10 -4.71
C ARG X 90 -5.54 69.85 -5.39
N VAL X 91 -6.49 70.77 -5.15
CA VAL X 91 -7.81 70.80 -5.82
C VAL X 91 -7.86 71.99 -6.79
N VAL X 92 -8.51 71.82 -7.93
CA VAL X 92 -8.62 72.94 -8.89
C VAL X 92 -9.77 73.89 -8.51
N GLN Y . 62.94 18.61 -34.62
CA GLN Y . 62.25 17.75 -33.63
C GLN Y . 61.30 16.83 -34.37
O GLN Y . 60.69 17.24 -35.34
CB GLN Y . 61.54 18.59 -32.54
CG GLN Y . 60.85 17.81 -31.45
CD GLN Y . 60.26 18.70 -30.37
OE1 GLN Y . 60.99 19.21 -29.48
OXT GLN Y . 61.11 15.66 -34.03
MG MG Z . 59.84 -15.83 -25.45
ZN ZN AA . 46.89 -3.61 -17.37
N GLN BA . -28.94 48.45 -51.29
CA GLN BA . -27.51 48.61 -51.64
C GLN BA . -26.88 49.72 -50.80
O GLN BA . -27.59 50.52 -50.19
CB GLN BA . -27.33 48.88 -53.16
CG GLN BA . -25.90 49.03 -53.63
CD GLN BA . -25.82 49.18 -55.13
OE1 GLN BA . -25.93 48.22 -55.89
OXT GLN BA . -25.65 49.82 -50.73
ZN ZN CA . 2.57 48.35 -58.40
N GLN DA . 2.49 -5.09 -29.74
CA GLN DA . 1.07 -5.40 -30.12
C GLN DA . 0.20 -5.76 -28.91
O GLN DA . 0.72 -6.39 -28.01
CB GLN DA . 1.05 -6.57 -31.10
CG GLN DA . -0.28 -6.94 -31.58
CD GLN DA . -0.20 -8.04 -32.61
OE1 GLN DA . 0.15 -7.80 -33.79
OXT GLN DA . -1.01 -5.49 -28.84
MG MG EA . -31.66 6.05 -35.81
ZN ZN FA . -26.24 -11.32 -42.90
N GLN GA . -6.72 -99.02 -7.55
CA GLN GA . -5.81 -97.98 -7.01
C GLN GA . -4.50 -97.98 -7.78
O GLN GA . -3.97 -99.04 -8.10
CB GLN GA . -5.54 -98.19 -5.52
CG GLN GA . -4.66 -97.15 -4.87
CD GLN GA . -4.50 -97.35 -3.37
OE1 GLN GA . -5.40 -97.03 -2.56
OXT GLN GA . -3.92 -96.92 -8.07
MG MG HA . -2.51 -65.97 -18.62
ZN ZN IA . 7.07 -70.80 -2.16
N GLN JA . -77.78 3.52 25.72
CA GLN JA . -76.46 2.89 25.46
C GLN JA . -75.33 3.41 26.39
O GLN JA . -75.39 4.48 26.96
CB GLN JA . -76.09 3.03 23.97
CG GLN JA . -74.78 2.38 23.61
CD GLN JA . -74.46 2.43 22.12
OE1 GLN JA . -74.99 1.66 21.30
OXT GLN JA . -74.29 2.75 26.58
MG MG KA . -44.06 -7.50 35.28
ZN ZN LA . -45.88 1.96 18.56
N GLN MA . 14.99 -28.18 41.60
CA GLN MA . 14.36 -29.08 42.61
C GLN MA . 13.43 -30.08 41.95
O GLN MA . 12.60 -29.73 41.12
CB GLN MA . 13.63 -28.30 43.73
CG GLN MA . 13.01 -29.14 44.83
CD GLN MA . 12.39 -28.33 45.96
OE1 GLN MA . 13.07 -27.80 46.84
OXT GLN MA . 13.44 -31.26 42.28
MG MG NA . 11.52 -62.73 51.36
ZN ZN OA . -1.45 -50.24 58.92
N GLN PA . 61.53 18.51 39.89
CA GLN PA . 60.20 17.87 39.78
C GLN PA . 59.69 17.41 41.15
O GLN PA . 60.44 17.38 42.11
CB GLN PA . 60.23 16.71 38.77
CG GLN PA . 58.90 16.03 38.55
CD GLN PA . 58.96 14.96 37.48
OE1 GLN PA . 58.95 15.27 36.28
OXT GLN PA . 58.51 17.08 41.32
MG MG QA . 27.59 29.35 33.86
ZN ZN RA . 32.83 11.74 26.74
N GLN SA . -28.60 44.24 13.03
CA GLN SA . -28.30 45.69 13.24
C GLN SA . -27.25 46.11 12.25
O GLN SA . -26.55 45.25 11.73
CB GLN SA . -27.91 46.00 14.71
CG GLN SA . -27.65 47.42 15.03
CD GLN SA . -27.37 47.65 16.50
OE1 GLN SA . -28.27 47.66 17.35
OXT GLN SA . -27.09 47.29 11.96
MG MG TA . -25.76 78.61 0.98
ZN ZN UA . -15.98 73.92 17.49
#